data_7NFE
#
_entry.id   7NFE
#
_cell.length_a   1.00
_cell.length_b   1.00
_cell.length_c   1.00
_cell.angle_alpha   90.00
_cell.angle_beta   90.00
_cell.angle_gamma   90.00
#
_symmetry.space_group_name_H-M   'P 1'
#
loop_
_entity.id
_entity.type
_entity.pdbx_description
1 polymer 'DNA-dependent protein kinase catalytic subunit,DNA-dependent protein kinase catalytic subunit,DNA-dependent protein kinase catalytic subunit'
2 polymer 'X-ray repair cross-complementing protein 6'
3 polymer 'X-ray repair cross-complementing protein 5'
4 polymer 'Non-homologous end-joining factor 1'
5 polymer 'DNA repair protein XRCC4'
6 polymer 'DNA ligase 4'
7 polymer "DNA (5'-D(P*AP*AP*TP*AP*AP*AP*CP*TP*AP*AP*AP*AP*AP*CP*TP*AP*TP*TP*AP*TP*TP*AP*TP*G)-3')"
8 polymer "DNA (5'-D(P*TP*AP*AP*TP*AP*AP*TP*AP*GP*TP*TP*TP*TP*TP*AP*GP*TP*TP*TP*AP*TP*TP*AP*G)-3')"
#
loop_
_entity_poly.entity_id
_entity_poly.type
_entity_poly.pdbx_seq_one_letter_code
_entity_poly.pdbx_strand_id
1 'polypeptide(L)'
;MAGSGAGVRCSLLRLQETLSAADRCGAALAGHQLIRGLGQECVLSSSPAVLALQTSLVFSRDFGLLVFVRKSLNSIEFRE
CREEILKFLCIFLEKMGQKIAPYSVEIKNTCTSVYTKDRAAKCKIPALDLLIKLLQTFRSSRLMDEFKIGELFSKFYGEL
ALKKKIPDTVLEKVYELLGLLGEVHPSEMINNAENLFRAFLGELKTQMTSAVREPKLPVLAGCLKGLSSLLCNFTKSMEE
DPQTSREIFNFVLKAIRPQIDLKRYAVPSAGLRLFALHASQFSTCLLDNYVSLFEVLLKWCAHTNVELKKAALSALESFL
KQVSNMVAKNAEMHKNKLQYFMEQFYGIIRNVDSNNKELSIAIRGYGLFAGPCKVINAKDVDFMYVELIQRCKQMFLTQT
DTGDDRVYQMPSFLQSVASVLLYLDTVPEVYTPVLEHLVVMQIDSFPQYSPKMQLVCCRAIVKVFLALAAKGPVLRNCIS
TVVHQGLIRICSKPVVLPKGPESESEDHRASGEVRTGKWKVPTYKDYVDLFRHLLSSDQMMDSILADEAFFSVNSSSESL
NHLLYDEFVKSVLKIVEKLDLTLEIQTVGEQENGDEAPGVWMIPTSDPAANLHPAKPKDFSAFINLVEFCREILPEKQAE
FFEPWVYSFSYELILQSTRLPLISGFYKLLSITVRNAKKIKYFEGVSPKSLKHSPEDPEKYSCFALFVKFGKEVAVKMKQ
YKDELLASCLTFLLSLPHNIIELDVRAYVPALQMAFKLGLSYTPLAEVGLNALEEWSIYIDRHVMQPYYKDILPCLDGYL
KTSALSDETKNNWEVSALSRAAQKGFNKVVLKHLKKTKNLSSNEAISLEEIRIRVVQMLGSLGGQINKNLLTVTSSDEMM
KSYVAWDREKRLSFAVPFREMKPVIFLDVFLPRVTELALTASDRQTKVAACELLHSMVMFMLGKATQMPEGGQGAPPMYQ
LYKRTFPVLLRLACDVDQVTRQLYEPLVMQLIHWFTNNKKFESQDTVALLEAILDGIVDPVDSTLRDFCGRCIREFLKWS
IKQITPQQQEKSPVNTKSLFKRLYSLALHPNAFKRLGASLAFNNIYREFREEESLVEQFVFEALVIYMESLALAHADEKS
LGTIQQCCDAIDHLCRIIEKKHVSLNKAKKRRLPRGFPPSASLCLLDLVKWLLAHCGRPQTECRHKSIELFYKFVPLLPG
NRSPNLWLKDVLKEEGVSFLINTFEGGGCGQPSGILAQPTLLYLRGPFSLQATLCWLDLLLAALECYNTFIGERTVGALQ
VLGTEAQSSLLKAVAFFLESIAMHDIIAAEKCFGTGAAGNRTSPQEGERYNYSKCTVVVRIMEFTTTLLNTSPEGWKLLK
KDLCNTHLMRVLVQTLCEPASIGFNIGDVQVMAHLPDVCVNLMKALKMSPYKDILETHLREKITAQSIEELCAVNLYGPD
AQVDRSRLAAVVSACKQLHRAGLLHNILPSQSTDLHHSVGTELLSLVYKGIAPGDERQCLPSLDLSCKQLASGLLELAFA
FGGLCERLVSLLLNPAVLSTASLGSSQGSVIHFSHGEYFYSLFSETINTELLKNLDLAVLELMQSSVDNTKMVSAVLNGM
LDQSFRERANQKHQGLKLATTILQHWKKCDSWWAKDSPLETKMAVLALLAKILQIDSSVSFNTSHGSFPEVFTTYISLLA
DTKLDLHLKGQAVTLLPFFTSLTGGSLEELRRVLEQLIVAHFPMQSREFPPGTPRFNNYVDCMKKFLDALELSQSPMLLE
LMTEVLCREQQHVMEELFQSSFRRIARRGSCVTQVGLLESVYEMFRKDDPRLSFTRQSFVDRSLLTLLWHCSLDALREFF
STIVVDAIDVLKSRFTKLNESTFDTQITKKMGYYKILDVMYSRLPKDDVHAKESKINQVFHGSCITEGNELTKTLIKLCY
DAFTENMAGENQLLERRRLYHCAAYNCAISVICCVFNELKFYQGFLFSEKPEKNLLIFENLIDLKRRYNFPVEVEVPMER
KKKYIEIRKEAREAANGDSDGPSYMSSLSYLADSTLSEEMSQFDFSTGVQSYSYSSQDPRPATGRFRRREQRDPTVHDDV
LELEMDELNRHECMAPLTALVKHMHRSLGPPQGEEDSVPRDLPSWMKFLHGKLGNPIVPLNIRLFLAKLVINTEEVFRPY
AKHWLSPLLQLAASENNGGEGIHYMVVEIVATILSWTGLATPTGVPKDEVLANRLLNFLMKHVFHPKRAVFRHNLEIIKT
LVECWKDCLSIPYRLIFEKFSGKDPNSKDNSVGIQLLGIVMANDLPPYDPQCGIQSSEYFQALVNNMSFVRYKEVYAAAA
EVLGLILRYVMERKNILEESLCELVAKQLKQHQNTMEDKFIVCLNKVTKSFPPLADRFMNAVFFLLPKFHGVLKTLCLEV
VLCRVEGMTELYFQLKSKDFVQVMRHRDDERQKVCLDIIYKMMPKLKPVELRELLNPVVEFVSHPSTTCREQMYNILMWI
HDNYRDPESETDNDSQEIFKLAKDVLIQGLIDENPGLQLIIRNFWSHETRLPSNTLDRLLALNSLYSPKIEVHFLSLATN
FLLEMTSMSPDYPNPMFEHPLSECEFQEYTIDSDWRFRSTVLTPMFVETQASQGTLQTRTQEGSLSARWPVAGQIRATQQ
QHDFTLTQTADGRSSFDWLTGSSTDPLVDHTSPSSDSLLFAHKRSERLQRAPLKSVGPDFGKKRLGLPGDEVDNKVKGAA
GRTDLLRLRRRFMRDQEKLSLMYARKGVAEQKREKEIKSELKMKQDAQVVLYRSYRHGDLPDIQIKHSSLITPLQAVAQR
DPIIAKQLFSSLFSGILKEMDKFKTLSEKNNITQKLLQDFNRFLNTTFSFFPPFVSCIQDISCQHAALLSLDPAAVSAGC
LASLQQPVGIRLLEEALLRLLPAELPAKRVRGKARLPPDVLRWVELAKLYRSIGEYDVLRGIFTSEIGTKQITQSALLAE
ARSDYSEAAKQYDEALNKQDWVDGEPTEAEKDFWELASLDCYNHLAEWKSLEYCSTASIDSENPPDLNKIWSEPFYQETY
LPYMIRSKLKLLLQGEADQSLLTFIDKAMHGELQKAILELHYSQELSLLYLLQDDVDRAKYYIQNGIQSFMQNYSSIDVL
LHQSRLTKLQSVQALTEIQEFISFISKQGNLSSQVPLKRLLNTWTNRYPDAKMDPMNIWDDIITNRCFFLSKIEEKLTPL
PEDNSMNVDQDGDPSDRMEVQEQEEDISSLIRSCKFSMKMKMIDSARKQNNFSLAMKLLKELHKESKTRDDWLVSWVQSY
CRLSHCRSRSQGCSEQVLTVLKTVSLLDENNVSSYLSKNILAFRDQNILLGTTYRIIANALSSEPACLAEIEEDKARRIL
ELSGSSSEDSEKVIAGLYQRAFQHLSEAVQAAEEEAQPPSWSCGPAAGVIDAYMTLADFCDQQLRKEEENASVIDSAELQ
AYPALVVEKMLKALKLNSNEARLKFPRLLQIIERYPEETLSLMTKEISSVPCWQFISWISHMVALLDKDQAVAVQHSVEE
ITDNYPQAIVYPFIISSESYSFKDTSTGHKNKEFVARIKSKLDQGGVIQDFINALDQLSNPELLFKDWSNDVRAELAKTP
VNKKNIEKMYERMYAALGDPKAPGLGAFRRKFIQTFGKEFDKHFGKGGSKLLRMKLSDFNDITNMLLLKMNKDSKPPGNL
KECSPWMSDFKVEFLRNELEIPGQYDGRGKPLPEYHVRIAGFDERVTVMASLRRPKRIIIRGHDEREHPFLVKGGEDLRQ
DQRVEQLFQVMNGILAQDSACSQRALQLRTYSVVPMTSRLGLIEWLENTVTLKDLLLNTMSQEEKAAYLSDPRAPPCEYK
DWLTKMSGKHDVGAYMLMYKGANRTETVTSFRKRESKVPADLLKRAFVRMSTSPEAFLALRSHFASSHALICISHWILGI
GDRHLNNFMVAMETGGVIGIDFGHAFGSATQFLPVPELMPFRLTRQFINLMLPMKETGLMYSIMVHALRAFRSDPGLLTN
TMDVFVKEPSFDWKNFEQKMLKKGGSWIQEINVAEKNWYPRQKICYAKRKLAGANPAVITCDELLLGHEKAPAFRDYVAV
ARGSKDHNIRAQEPESGLSEETQVKCLMDQATDPNILGRTWEGWEPWM(UNK)(UNK)(UNK)(UNK)(UNK)(UNK)
(UNK)(UNK)(UNK)(UNK)(UNK)(UNK)(UNK)(UNK)(UNK)(UNK)(UNK)(UNK)(UNK)(UNK)(UNK)(UNK)
(UNK)(UNK)(UNK)(UNK)(UNK)(UNK)
;
A
2 'polypeptide(L)'
;MSGWESYYKTEGDEEAEEEQEENLEASGDYKYSGRDSLIFLVDASKAMFESQSEDELTPFDMSIQCIQSVYISKIISSDR
DLLAVVFYGTEKDKNSVNFKNIYVLQELDNPGAKRILELDQFKGQQGQKRFQDMMGHGSDYSLSEVLWVCANLFSDVQFK
MSHKRIMLFTNEDNPHGNDSAKASRARTKAGDLRDTGIFLDLMHLKKPGGFDISLFYRDIISIAEDEDLRVHFEESSKLE
DLLRKVRAKETRKRALSRLKLKLNKDIVISVGIYNLVQKALKPPPIKLYRETNEPVKTKTRTFNTSTGGLLLPSDTKRSQ
IYGSRQIILEKEETEELKRFDDPGLMLMGFKPLVLLKKHHYLRPSLFVYPEESLVIGSSTLFSALLIKCLEKEVAALCRY
TPRRNIPPYFVALVPQEEELDDQKIQVTPPGFQLVFLPFADDKRKMPFTEKIMATPEQVGKMKAIVEKLRFTYRSDSFEN
PVLQQHFRNLEALALDLMEPEQAVDLTLPKVEAMNKRLGSLVDEFKELVYPPDYNPEGKVTKRKHDNEGSGSKRPKVEYS
EEELKTHISKGTLGKFTVPMLKEACRAYGLKSGLKKQELLEALTKHFQD
;
B
3 'polypeptide(L)'
;MVRSGNKAAVVLCMDVGFTMSNSIPGIESPFEQAKKVITMFVQRQVFAENKDEIALVLFGTDGTDNPLSGGDQYQNITVH
RHLMLPDFDLLEDIESKIQPGSQQADFLDALIVSMDVIQHETIGKKFEKRHIEIFTDLSSRFSKSQLDIIIHSLKKCDIS
LQFFLPFSLGKEDGSGDRGDGPFRLGGHGPSFPLKGITEQQKEGLEIVKMVMISLEGEDGLDEIYSFSESLRKLCVFKKI
ERHSIHWPCRLTIGSNLSIRIAAYKSILQERVKKTWTVVDAKTLKKEDIQKETVYCLNDDDETEVLKEDIIQGFRYGSDI
VPFSKVDEEQMKYKSEGKCFSVLGFCKSSQVQRRFFMGNQVLKVFAARDDEAAAVALSSLIHALDDLDMVAIVRYAYDKR
ANPQVGVAFPHIKHNYECLVYVQLPFMEDLRQYMFSSLKNSKKYAPTEAQLNAVDALIDSMSLAKKDEKTDTLEDLFPTT
KIPNPRFQRLFQCLLHRALHPREPLPPIQQHIWNMLNPPAEVTTKSQIPLSKIKTLFPLIEAKKKDQVTAQEIFQDNHED
GPTAKKLKTEQGGAHFSVSSLAEGSVTSVGSVNPAENFRVLVKQKKASFEEASNQLINHIEQFLDTNETPYFMKSIDCIR
AFREEAIKFSEEQRFNNFLKALQEKVEIKQLNHFWEIVVQDGITLITKEEASGSSVTAEEAKKFLAPKDKPSGDTAAVFE
EGGDVDDLLDMI
;
C
4 'polypeptide(L)'
;MEELEQGLLMQPWAWLQLAENSLLAKVFITKQGYALLVSDLQQVWHEQVDTSVVSQRAKELNKRLTAPPAAFLCHLDNLL
RPLLKDAAHPSEATFSCDCVADALILRVRSELSGLPFYWNFHCMLASPSLVSQHLIRPLMGMSLALQCQVRELATLLHMK
DLEIQDYQESGATLIRDRLKTEPFEENSFLEQFMIEKLPEACSIGDGKPFVMNLQDLYMAVTTQEVQVGQKHQGAGDPHT
SNSASLQGIDSQCVNQPEQLVSSAPTLSAPEKESTGTSGPLQRPQLSKVKRKKPRGLFS
;
F,G
5 'polypeptide(L)'
;MERKISRIHLVSEPSITHFLQVSWEKTLESGFVITLTDGHSAWTGTVSESEISQEADDMAMEKGKYVGELRKALLSGAGP
ADVYTFNFSKESCYFFFEKNLKDVSFRLGSFNLEKVENPAEVIRELICYCLDTIAENQAKNEHLQKENERLLRDWNDVQG
RFEKCVSAKEALETDLYKRFILVLNEKKTKIRSLHNKLLNAAQEREKDIKQEGETAICSEMTADRDPVYDESTDEESENQ
TDLSGLASAAVSKDDSIISSLDVTDIAPSRKRRQRMQRNLGTEPKMAPQENQLQEKENSRPDSSLPETSKKEHISAENMS
LETLRNSSPEDLFDEI
;
H,I
6 'polypeptide(L)'
;MAASQTSQTVASHVPFADLCSTLERIQKSKGRAEKIRHFREFLDSWRKFHDALHKNHKDVTDSFYPAMRLILPQLERERM
AYGIKETMLAKLYIELLNLPRDGKDALKLLNYRTPTGTHGDAGDFAMIAYFVLKPRCLQKGSLTIQQVNDLLDSIASNNS
AKRKDLIKKSLLQLITQSSALEQKWLIRMIIKDLKLGVSQQTIFSVFHNDAAELHNVTTDLEKVCRQLHDPSVGLSDISI
TLFSAFKPMLAAIADIEHIEKDMKHQSFYIETKLDGERMQMHKDGDVYKYFSRNGYNYTDQFGASPTEGSLTPFIHNAFK
ADIQICILDGEMMAYNPNTQTFMQKGTKFDIKRMVEDSDLQTCYCVFDVLMVNNKKLGHETLRKRYEILSSIFTPIPGRI
EIVQKTQAHTKNEVIDALNEAIDKREEGIMVKQPLSIYKPDKRGEGWLKIKPEYVSGLMDELDILIVGGYWGKGSRGGMM
SHFLCAVAEKPPPGEKPSVFHTLSRVGSGCTMKELYDLGLKLAKYWKPFHRKAPPSSILCGTEKPEVYIEPCNSVIVQIK
AAEIVPSDMYKTGCTLRFPRIEKIRDDKEWHECMTLDDLEQLRGKASGKLASKHLYIGGDDEPQEKKRKAAPKMKKVIGI
IEHLKAPNLTNVNKISNIFEDVEFCVMSGTDSQPKPDLENRIAEFGGYIVQNPGPDTYCVIAGSENIRVKNIILSNKHDV
VKPAWLLECFKTKSFVPWQPRFMIHMCPSTKEHFAREYDCYGDSYFIDTDLNQLKEVFSGIKNSNEQTPEEMASLIADLE
YRYSWDCSPLSMFRRHTVYLDSYAVINDLSTKNEGTRLAIKALELRFHGAKVVSCLAEGVSHVIIGEDHSRVADFKAFRR
TFKRKFKILKESWVTDSIDKCELQEENQYLI
;
J
7 'polydeoxyribonucleotide'
;(DA)(DA)(DT)(DA)(DA)(DA)(DC)(DT)(DA)(DA)(DA)(DA)(DA)(DC)(DT)(DA)(DT)(DT)(DA)(DT)
(DT)(DA)(DT)(DG)
;
D
8 'polydeoxyribonucleotide'
;(DT)(DA)(DA)(DT)(DA)(DA)(DT)(DA)(DG)(DT)(DT)(DT)(DT)(DT)(DA)(DG)(DT)(DT)(DT)(DA)
(DT)(DT)(DA)(DG)
;
E
#
# COMPACT_ATOMS: atom_id res chain seq x y z
N CYS A 10 -3.82 -5.46 -9.34
CA CYS A 10 -4.29 -4.54 -8.31
C CYS A 10 -3.22 -3.51 -7.97
N SER A 11 -3.59 -2.51 -7.18
CA SER A 11 -2.65 -1.47 -6.77
C SER A 11 -1.49 -2.06 -5.97
N LEU A 12 -1.79 -3.03 -5.09
CA LEU A 12 -0.74 -3.64 -4.28
C LEU A 12 0.29 -4.33 -5.16
N LEU A 13 -0.18 -5.06 -6.18
CA LEU A 13 0.72 -5.73 -7.11
C LEU A 13 1.68 -4.74 -7.77
N ARG A 14 1.13 -3.67 -8.35
CA ARG A 14 1.96 -2.72 -9.08
C ARG A 14 2.92 -2.00 -8.16
N LEU A 15 2.46 -1.57 -6.98
CA LEU A 15 3.34 -0.88 -6.05
C LEU A 15 4.45 -1.79 -5.54
N GLN A 16 4.12 -3.05 -5.23
CA GLN A 16 5.14 -3.98 -4.77
C GLN A 16 6.16 -4.26 -5.86
N GLU A 17 5.71 -4.43 -7.10
CA GLU A 17 6.64 -4.66 -8.19
C GLU A 17 7.51 -3.43 -8.45
N THR A 18 6.94 -2.23 -8.33
CA THR A 18 7.74 -1.02 -8.47
C THR A 18 8.81 -0.92 -7.39
N LEU A 19 8.44 -1.23 -6.14
CA LEU A 19 9.42 -1.21 -5.06
C LEU A 19 10.49 -2.27 -5.28
N SER A 20 10.10 -3.45 -5.77
CA SER A 20 11.07 -4.49 -6.07
C SER A 20 12.05 -4.04 -7.15
N ALA A 21 11.53 -3.39 -8.20
CA ALA A 21 12.41 -2.85 -9.24
C ALA A 21 13.28 -1.73 -8.70
N ALA A 22 12.81 -1.00 -7.69
CA ALA A 22 13.60 0.08 -7.12
C ALA A 22 14.86 -0.42 -6.43
N ASP A 23 14.93 -1.69 -6.08
CA ASP A 23 16.11 -2.26 -5.45
C ASP A 23 17.30 -2.26 -6.39
N GLY A 26 21.36 4.95 -1.97
CA GLY A 26 20.19 4.57 -2.74
C GLY A 26 19.52 3.30 -2.25
N ALA A 27 20.34 2.30 -1.91
CA ALA A 27 19.80 1.05 -1.39
C ALA A 27 19.08 1.27 -0.06
N ALA A 28 19.64 2.10 0.81
CA ALA A 28 18.99 2.40 2.08
C ALA A 28 17.66 3.12 1.86
N LEU A 29 17.63 4.09 0.94
CA LEU A 29 16.38 4.79 0.64
C LEU A 29 15.37 3.86 0.01
N ALA A 30 15.83 2.95 -0.86
CA ALA A 30 14.93 1.94 -1.43
C ALA A 30 14.34 1.07 -0.33
N GLY A 31 15.16 0.67 0.64
CA GLY A 31 14.64 -0.11 1.75
C GLY A 31 13.63 0.66 2.58
N HIS A 32 13.90 1.94 2.82
CA HIS A 32 12.98 2.78 3.58
C HIS A 32 11.63 2.90 2.88
N GLN A 33 11.65 3.20 1.60
CA GLN A 33 10.38 3.32 0.87
C GLN A 33 9.68 1.97 0.79
N LEU A 34 10.44 0.89 0.63
CA LEU A 34 9.83 -0.44 0.58
C LEU A 34 9.14 -0.77 1.89
N ILE A 35 9.79 -0.51 3.02
CA ILE A 35 9.19 -0.86 4.30
C ILE A 35 7.99 0.03 4.59
N ARG A 36 8.06 1.31 4.23
CA ARG A 36 6.91 2.19 4.48
C ARG A 36 5.71 1.77 3.64
N GLY A 37 5.94 1.51 2.34
CA GLY A 37 4.87 1.04 1.49
C GLY A 37 4.32 -0.30 1.92
N LEU A 38 5.20 -1.21 2.40
CA LEU A 38 4.73 -2.49 2.88
C LEU A 38 3.88 -2.34 4.13
N GLY A 39 4.26 -1.45 5.04
CA GLY A 39 3.42 -1.20 6.20
C GLY A 39 2.06 -0.63 5.82
N GLN A 40 2.05 0.31 4.87
CA GLN A 40 0.79 0.87 4.41
C GLN A 40 -0.09 -0.19 3.76
N GLU A 41 0.50 -1.02 2.90
CA GLU A 41 -0.26 -2.08 2.24
C GLU A 41 -0.70 -3.17 3.20
N CYS A 42 0.05 -3.39 4.29
CA CYS A 42 -0.35 -4.37 5.29
C CYS A 42 -1.53 -3.86 6.11
N VAL A 43 -1.47 -2.60 6.55
CA VAL A 43 -2.61 -2.06 7.29
C VAL A 43 -3.82 -1.87 6.40
N LEU A 44 -3.62 -1.71 5.09
CA LEU A 44 -4.76 -1.68 4.17
C LEU A 44 -5.31 -3.07 3.92
N SER A 45 -4.43 -4.08 3.83
CA SER A 45 -4.85 -5.44 3.50
C SER A 45 -5.47 -6.14 4.69
N SER A 46 -5.43 -5.56 5.89
CA SER A 46 -6.09 -6.12 7.06
C SER A 46 -7.58 -5.79 7.02
N SER A 47 -8.22 -6.18 5.93
CA SER A 47 -9.62 -5.90 5.65
C SER A 47 -10.28 -7.16 5.12
N PRO A 48 -11.58 -7.32 5.34
CA PRO A 48 -12.29 -8.51 4.85
C PRO A 48 -12.65 -8.46 3.37
N ALA A 49 -12.08 -7.54 2.59
CA ALA A 49 -12.38 -7.48 1.17
C ALA A 49 -11.90 -8.74 0.47
N VAL A 50 -12.84 -9.50 -0.09
CA VAL A 50 -12.50 -10.77 -0.73
C VAL A 50 -11.62 -10.54 -1.95
N LEU A 51 -11.86 -9.47 -2.69
CA LEU A 51 -11.01 -9.14 -3.83
C LEU A 51 -9.58 -8.86 -3.39
N ALA A 52 -9.42 -8.12 -2.29
CA ALA A 52 -8.09 -7.88 -1.75
C ALA A 52 -7.43 -9.17 -1.30
N LEU A 53 -8.20 -10.05 -0.66
CA LEU A 53 -7.65 -11.33 -0.23
C LEU A 53 -7.16 -12.15 -1.42
N GLN A 54 -7.95 -12.19 -2.50
CA GLN A 54 -7.56 -12.97 -3.66
C GLN A 54 -6.37 -12.35 -4.38
N THR A 55 -6.32 -11.01 -4.47
CA THR A 55 -5.19 -10.40 -5.13
C THR A 55 -3.90 -10.55 -4.33
N SER A 56 -3.99 -10.55 -2.99
CA SER A 56 -2.80 -10.87 -2.19
C SER A 56 -2.43 -12.34 -2.35
N LEU A 57 -3.42 -13.22 -2.43
CA LEU A 57 -3.17 -14.64 -2.60
C LEU A 57 -2.43 -14.92 -3.90
N VAL A 58 -2.82 -14.23 -4.97
CA VAL A 58 -2.11 -14.40 -6.24
C VAL A 58 -0.82 -13.58 -6.30
N PHE A 59 -0.71 -12.53 -5.48
CA PHE A 59 0.53 -11.78 -5.37
C PHE A 59 1.59 -12.56 -4.61
N SER A 60 1.18 -13.55 -3.81
CA SER A 60 2.14 -14.41 -3.15
C SER A 60 3.16 -14.98 -4.13
N ARG A 61 2.77 -15.17 -5.40
CA ARG A 61 3.74 -15.50 -6.44
C ARG A 61 4.76 -14.40 -6.60
N ASP A 62 4.33 -13.14 -6.58
CA ASP A 62 5.21 -11.99 -6.64
C ASP A 62 5.66 -11.54 -5.26
N PHE A 63 5.43 -12.35 -4.24
CA PHE A 63 5.89 -12.05 -2.88
C PHE A 63 7.15 -12.82 -2.50
N GLY A 64 7.35 -14.01 -3.06
CA GLY A 64 8.62 -14.68 -2.88
C GLY A 64 9.77 -13.90 -3.47
N LEU A 65 9.53 -13.24 -4.60
CA LEU A 65 10.57 -12.38 -5.17
C LEU A 65 10.89 -11.22 -4.22
N LEU A 66 9.91 -10.77 -3.44
CA LEU A 66 10.15 -9.67 -2.51
C LEU A 66 11.30 -9.96 -1.55
N VAL A 67 11.52 -11.24 -1.21
CA VAL A 67 12.74 -11.62 -0.51
C VAL A 67 13.83 -12.04 -1.49
N PHE A 68 13.47 -12.50 -2.70
CA PHE A 68 14.49 -12.78 -3.70
C PHE A 68 15.06 -11.49 -4.29
N VAL A 69 14.21 -10.51 -4.61
CA VAL A 69 14.70 -9.21 -5.07
C VAL A 69 15.31 -8.42 -3.93
N ARG A 70 15.06 -8.84 -2.68
CA ARG A 70 15.78 -8.34 -1.53
C ARG A 70 17.25 -8.76 -1.54
N LYS A 71 17.61 -9.68 -2.44
CA LYS A 71 18.90 -10.29 -2.70
C LYS A 71 19.24 -11.36 -1.67
N SER A 72 18.45 -11.52 -0.60
CA SER A 72 18.70 -12.52 0.42
C SER A 72 20.16 -12.51 0.86
N LEU A 73 20.75 -11.32 0.99
CA LEU A 73 22.15 -11.15 1.30
C LEU A 73 22.38 -10.80 2.77
N ASN A 74 21.33 -10.79 3.58
CA ASN A 74 21.37 -10.31 4.96
C ASN A 74 21.90 -8.87 5.03
N SER A 75 21.72 -8.10 3.96
CA SER A 75 22.18 -6.72 3.93
C SER A 75 21.30 -5.85 4.82
N ILE A 76 21.92 -4.98 5.60
CA ILE A 76 21.18 -4.14 6.54
C ILE A 76 20.29 -3.15 5.79
N GLU A 77 20.74 -2.63 4.66
CA GLU A 77 19.90 -1.70 3.89
C GLU A 77 18.60 -2.33 3.45
N PHE A 78 18.59 -3.65 3.23
CA PHE A 78 17.37 -4.41 3.01
C PHE A 78 17.03 -5.29 4.22
N ARG A 79 17.78 -5.17 5.32
CA ARG A 79 17.40 -5.86 6.55
C ARG A 79 16.08 -5.34 7.07
N GLU A 80 15.85 -4.02 6.95
CA GLU A 80 14.56 -3.46 7.29
C GLU A 80 13.45 -4.07 6.43
N CYS A 81 13.75 -4.33 5.16
CA CYS A 81 12.77 -5.01 4.30
C CYS A 81 12.46 -6.40 4.83
N ARG A 82 13.48 -7.10 5.32
CA ARG A 82 13.24 -8.41 5.91
C ARG A 82 12.36 -8.30 7.15
N GLU A 83 12.64 -7.31 8.00
CA GLU A 83 11.80 -7.10 9.18
C GLU A 83 10.35 -6.83 8.77
N GLU A 84 10.17 -6.01 7.73
CA GLU A 84 8.84 -5.64 7.30
C GLU A 84 8.08 -6.83 6.72
N ILE A 85 8.75 -7.63 5.90
CA ILE A 85 8.06 -8.79 5.30
C ILE A 85 7.74 -9.82 6.39
N LEU A 86 8.64 -9.99 7.36
CA LEU A 86 8.35 -10.94 8.44
C LEU A 86 7.20 -10.46 9.32
N LYS A 87 7.14 -9.16 9.63
CA LYS A 87 6.02 -8.68 10.43
C LYS A 87 4.71 -8.74 9.63
N PHE A 88 4.80 -8.54 8.31
CA PHE A 88 3.62 -8.71 7.45
C PHE A 88 3.12 -10.15 7.50
N LEU A 89 4.05 -11.11 7.44
CA LEU A 89 3.66 -12.51 7.57
C LEU A 89 3.06 -12.79 8.94
N CYS A 90 3.62 -12.19 9.99
CA CYS A 90 3.06 -12.34 11.33
C CYS A 90 1.64 -11.78 11.40
N ILE A 91 1.39 -10.65 10.74
CA ILE A 91 0.04 -10.11 10.66
C ILE A 91 -0.87 -11.09 9.95
N PHE A 92 -0.41 -11.67 8.83
CA PHE A 92 -1.19 -12.65 8.09
C PHE A 92 -1.00 -14.07 8.58
N LEU A 93 -0.61 -14.26 9.85
CA LEU A 93 -0.63 -15.58 10.45
C LEU A 93 -2.01 -16.21 10.37
N GLU A 94 -3.06 -15.42 10.57
CA GLU A 94 -4.41 -15.94 10.65
C GLU A 94 -4.93 -16.30 9.26
N LYS A 95 -6.22 -16.66 9.20
CA LYS A 95 -6.81 -17.25 8.01
C LYS A 95 -7.43 -16.22 7.08
N MET A 96 -6.65 -15.21 6.69
CA MET A 96 -6.97 -14.40 5.52
C MET A 96 -6.15 -14.81 4.30
N GLY A 97 -4.95 -15.35 4.53
CA GLY A 97 -4.27 -16.15 3.52
C GLY A 97 -4.58 -17.61 3.75
N GLN A 98 -5.86 -17.92 3.95
CA GLN A 98 -6.28 -19.24 4.43
C GLN A 98 -5.92 -20.35 3.45
N LYS A 99 -5.68 -20.04 2.18
CA LYS A 99 -5.28 -21.07 1.22
C LYS A 99 -3.88 -21.54 1.56
N ILE A 100 -3.76 -22.79 1.97
CA ILE A 100 -2.50 -23.33 2.49
C ILE A 100 -1.79 -24.21 1.47
N ALA A 101 -2.51 -25.11 0.81
CA ALA A 101 -1.88 -26.14 0.01
C ALA A 101 -0.98 -25.59 -1.11
N PRO A 102 -1.42 -24.65 -1.95
CA PRO A 102 -0.52 -24.20 -3.03
C PRO A 102 0.65 -23.36 -2.54
N TYR A 103 0.59 -22.81 -1.33
CA TYR A 103 1.64 -21.90 -0.87
C TYR A 103 2.45 -22.45 0.30
N SER A 104 2.00 -23.54 0.94
CA SER A 104 2.70 -24.03 2.12
C SER A 104 4.13 -24.45 1.79
N VAL A 105 4.30 -25.18 0.69
CA VAL A 105 5.61 -25.68 0.32
C VAL A 105 6.57 -24.53 0.02
N GLU A 106 6.11 -23.55 -0.76
CA GLU A 106 6.99 -22.43 -1.10
C GLU A 106 7.30 -21.57 0.11
N ILE A 107 6.32 -21.34 0.99
CA ILE A 107 6.60 -20.59 2.21
C ILE A 107 7.61 -21.32 3.08
N LYS A 108 7.46 -22.63 3.27
CA LYS A 108 8.39 -23.35 4.14
C LYS A 108 9.78 -23.39 3.51
N ASN A 109 9.87 -23.56 2.19
CA ASN A 109 11.19 -23.54 1.55
C ASN A 109 11.85 -22.18 1.70
N THR A 110 11.09 -21.10 1.47
CA THR A 110 11.66 -19.76 1.60
C THR A 110 12.09 -19.48 3.02
N CYS A 111 11.27 -19.86 4.01
CA CYS A 111 11.63 -19.59 5.39
C CYS A 111 12.86 -20.37 5.81
N THR A 112 12.94 -21.64 5.42
CA THR A 112 14.13 -22.43 5.74
C THR A 112 15.38 -21.85 5.08
N SER A 113 15.26 -21.42 3.82
CA SER A 113 16.40 -20.81 3.15
C SER A 113 16.83 -19.52 3.83
N VAL A 114 15.87 -18.69 4.23
CA VAL A 114 16.20 -17.43 4.89
C VAL A 114 16.85 -17.68 6.24
N TYR A 115 16.32 -18.64 7.01
CA TYR A 115 16.92 -18.94 8.30
C TYR A 115 18.31 -19.56 8.14
N THR A 116 18.54 -20.30 7.06
CA THR A 116 19.86 -20.88 6.83
C THR A 116 20.91 -19.79 6.66
N LYS A 117 20.56 -18.72 5.96
CA LYS A 117 21.45 -17.59 5.77
C LYS A 117 21.30 -16.57 6.90
N LYS A 124 18.36 -13.90 14.09
CA LYS A 124 17.83 -12.65 14.60
C LYS A 124 16.30 -12.69 14.68
N ILE A 125 15.67 -11.52 14.77
CA ILE A 125 14.23 -11.40 14.94
C ILE A 125 13.49 -12.02 13.76
N PRO A 126 13.91 -11.80 12.50
CA PRO A 126 13.26 -12.52 11.39
C PRO A 126 13.33 -14.04 11.54
N ALA A 127 14.38 -14.58 12.15
CA ALA A 127 14.44 -16.02 12.38
C ALA A 127 13.31 -16.48 13.29
N LEU A 128 13.08 -15.74 14.39
CA LEU A 128 11.98 -16.08 15.28
C LEU A 128 10.64 -15.92 14.59
N ASP A 129 10.49 -14.88 13.76
CA ASP A 129 9.25 -14.69 13.02
C ASP A 129 9.01 -15.86 12.06
N LEU A 130 10.06 -16.32 11.38
CA LEU A 130 9.95 -17.50 10.52
C LEU A 130 9.56 -18.73 11.32
N LEU A 131 10.12 -18.88 12.53
CA LEU A 131 9.74 -20.00 13.39
C LEU A 131 8.27 -19.94 13.75
N ILE A 132 7.76 -18.73 14.05
CA ILE A 132 6.34 -18.58 14.36
C ILE A 132 5.49 -18.91 13.15
N LYS A 133 5.91 -18.48 11.97
CA LYS A 133 5.21 -18.84 10.74
C LYS A 133 5.18 -20.35 10.55
N LEU A 134 6.31 -21.00 10.79
CA LEU A 134 6.37 -22.46 10.68
C LEU A 134 5.41 -23.12 11.66
N LEU A 135 5.36 -22.64 12.90
CA LEU A 135 4.47 -23.21 13.89
C LEU A 135 3.01 -23.04 13.46
N GLN A 136 2.66 -21.85 12.98
CA GLN A 136 1.29 -21.62 12.53
C GLN A 136 0.94 -22.52 11.35
N THR A 137 1.87 -22.69 10.41
CA THR A 137 1.61 -23.59 9.28
C THR A 137 1.43 -25.03 9.76
N PHE A 138 2.27 -25.47 10.70
CA PHE A 138 2.12 -26.83 11.22
C PHE A 138 0.80 -27.01 11.94
N ARG A 139 0.26 -25.95 12.54
CA ARG A 139 -1.06 -26.05 13.16
C ARG A 139 -2.19 -25.96 12.14
N SER A 140 -1.96 -25.29 11.00
CA SER A 140 -3.00 -25.05 10.01
C SER A 140 -2.81 -25.83 8.72
N SER A 141 -1.58 -25.92 8.21
CA SER A 141 -1.26 -26.59 6.96
C SER A 141 -0.63 -27.96 7.22
N ARG A 142 -1.18 -28.69 8.19
CA ARG A 142 -0.57 -29.93 8.68
C ARG A 142 -0.23 -30.89 7.55
N LEU A 143 -1.21 -31.16 6.67
CA LEU A 143 -1.08 -32.27 5.73
C LEU A 143 0.05 -32.04 4.72
N MET A 144 0.02 -30.90 4.01
CA MET A 144 1.07 -30.60 3.04
C MET A 144 2.45 -30.56 3.70
N ASP A 145 2.60 -29.77 4.77
CA ASP A 145 3.93 -29.51 5.31
C ASP A 145 4.51 -30.73 6.02
N GLU A 146 3.65 -31.58 6.59
CA GLU A 146 4.15 -32.77 7.27
C GLU A 146 4.77 -33.77 6.29
N PHE A 147 4.48 -33.66 5.00
CA PHE A 147 5.18 -34.46 4.00
C PHE A 147 6.64 -34.07 3.88
N LYS A 148 7.01 -32.85 4.25
CA LYS A 148 8.36 -32.33 4.12
C LYS A 148 8.91 -31.89 5.47
N ILE A 149 8.62 -32.66 6.52
CA ILE A 149 8.99 -32.26 7.87
C ILE A 149 10.24 -32.98 8.37
N GLY A 150 10.49 -34.20 7.90
CA GLY A 150 11.60 -34.97 8.44
C GLY A 150 12.95 -34.33 8.16
N GLU A 151 13.16 -33.83 6.94
CA GLU A 151 14.43 -33.21 6.60
C GLU A 151 14.66 -31.94 7.40
N LEU A 152 13.60 -31.13 7.59
CA LEU A 152 13.74 -29.93 8.42
C LEU A 152 14.03 -30.28 9.86
N PHE A 153 13.36 -31.32 10.39
CA PHE A 153 13.65 -31.79 11.73
C PHE A 153 15.12 -32.17 11.87
N SER A 154 15.63 -32.95 10.91
CA SER A 154 17.03 -33.37 10.98
C SER A 154 17.97 -32.17 10.89
N LYS A 155 17.67 -31.22 9.99
CA LYS A 155 18.53 -30.05 9.83
C LYS A 155 18.57 -29.21 11.11
N PHE A 156 17.41 -28.98 11.72
CA PHE A 156 17.38 -28.16 12.92
C PHE A 156 17.98 -28.90 14.11
N TYR A 157 17.80 -30.22 14.19
CA TYR A 157 18.47 -31.00 15.22
C TYR A 157 19.97 -30.92 15.08
N GLY A 158 20.47 -30.97 13.85
CA GLY A 158 21.89 -30.77 13.64
C GLY A 158 22.35 -29.39 14.03
N GLU A 159 21.55 -28.37 13.71
CA GLU A 159 21.92 -26.99 14.03
C GLU A 159 22.00 -26.78 15.53
N LEU A 160 21.01 -27.27 16.28
CA LEU A 160 21.07 -27.14 17.74
C LEU A 160 22.21 -27.98 18.31
N ALA A 161 22.54 -29.10 17.66
CA ALA A 161 23.72 -29.88 18.00
C ALA A 161 24.98 -29.35 17.35
N LEU A 162 24.96 -28.09 16.91
CA LEU A 162 26.10 -27.44 16.28
C LEU A 162 26.43 -26.17 17.04
N LYS A 163 27.72 -25.86 17.13
CA LYS A 163 28.16 -24.69 17.87
C LYS A 163 27.70 -23.41 17.17
N LYS A 164 27.76 -22.31 17.91
CA LYS A 164 27.29 -20.98 17.51
C LYS A 164 25.76 -20.93 17.52
N LYS A 165 25.12 -22.07 17.77
CA LYS A 165 23.71 -22.05 18.13
C LYS A 165 23.52 -21.61 19.57
N ILE A 166 24.54 -21.80 20.43
CA ILE A 166 24.45 -21.33 21.80
C ILE A 166 24.23 -19.82 21.88
N PRO A 167 24.95 -18.97 21.12
CA PRO A 167 24.59 -17.55 21.11
C PRO A 167 23.19 -17.33 20.58
N ASP A 168 22.28 -16.97 21.47
CA ASP A 168 20.87 -16.78 21.13
C ASP A 168 20.13 -16.20 22.33
N THR A 169 19.10 -15.41 22.08
CA THR A 169 18.31 -14.79 23.14
C THR A 169 16.86 -15.23 23.11
N VAL A 170 16.25 -15.31 21.93
CA VAL A 170 14.90 -15.83 21.77
C VAL A 170 14.81 -16.91 20.71
N LEU A 171 15.93 -17.22 20.03
CA LEU A 171 15.92 -18.28 19.02
C LEU A 171 15.67 -19.64 19.63
N GLU A 172 15.78 -19.77 20.96
CA GLU A 172 15.57 -21.05 21.62
C GLU A 172 14.15 -21.57 21.42
N LYS A 173 13.21 -20.71 21.03
CA LYS A 173 11.87 -21.17 20.70
C LYS A 173 11.88 -22.24 19.61
N VAL A 174 13.00 -22.39 18.89
CA VAL A 174 13.15 -23.49 17.96
C VAL A 174 13.00 -24.83 18.68
N TYR A 175 13.36 -24.88 19.97
CA TYR A 175 13.18 -26.11 20.73
C TYR A 175 11.71 -26.49 20.81
N GLU A 176 10.86 -25.52 21.17
CA GLU A 176 9.42 -25.76 21.14
C GLU A 176 8.95 -26.08 19.72
N LEU A 177 9.57 -25.45 18.72
CA LEU A 177 9.26 -25.77 17.33
C LEU A 177 9.57 -27.22 16.96
N LEU A 178 10.54 -27.84 17.65
CA LEU A 178 10.84 -29.24 17.37
C LEU A 178 9.64 -30.13 17.67
N GLY A 179 9.08 -30.01 18.87
CA GLY A 179 7.91 -30.78 19.23
C GLY A 179 6.73 -30.37 18.38
N LEU A 180 6.15 -31.32 17.65
CA LEU A 180 5.05 -31.03 16.74
C LEU A 180 3.96 -32.09 16.91
N LEU A 181 2.73 -31.62 17.11
CA LEU A 181 1.57 -32.50 17.19
C LEU A 181 0.77 -32.52 15.90
N GLY A 182 0.80 -31.43 15.13
CA GLY A 182 0.14 -31.39 13.83
C GLY A 182 0.85 -32.15 12.73
N GLU A 183 2.10 -32.55 12.96
CA GLU A 183 2.82 -33.35 11.97
C GLU A 183 2.25 -34.76 11.93
N VAL A 184 2.52 -35.45 10.81
CA VAL A 184 2.15 -36.85 10.70
C VAL A 184 2.95 -37.74 11.65
N HIS A 185 4.02 -37.19 12.24
CA HIS A 185 4.94 -37.93 13.10
C HIS A 185 5.50 -39.15 12.39
N PRO A 186 6.34 -38.95 11.37
CA PRO A 186 6.98 -40.10 10.72
C PRO A 186 8.03 -40.73 11.61
N SER A 187 8.76 -41.71 11.09
CA SER A 187 9.79 -42.37 11.88
C SER A 187 10.94 -41.42 12.23
N GLU A 188 11.00 -40.25 11.58
CA GLU A 188 12.11 -39.31 11.78
C GLU A 188 12.36 -39.03 13.25
N MET A 189 11.37 -38.45 13.94
CA MET A 189 11.53 -38.22 15.37
C MET A 189 11.16 -39.43 16.21
N ILE A 190 10.53 -40.45 15.62
CA ILE A 190 10.33 -41.70 16.35
C ILE A 190 11.67 -42.37 16.64
N ASN A 191 12.55 -42.43 15.63
CA ASN A 191 13.89 -42.94 15.88
C ASN A 191 14.69 -42.01 16.77
N ASN A 192 14.48 -40.70 16.63
CA ASN A 192 15.17 -39.72 17.45
C ASN A 192 14.50 -39.51 18.80
N ALA A 193 13.39 -40.20 19.07
CA ALA A 193 12.65 -39.99 20.31
C ALA A 193 13.55 -40.12 21.53
N GLU A 194 14.36 -41.18 21.58
CA GLU A 194 15.32 -41.31 22.68
C GLU A 194 16.31 -40.16 22.69
N ASN A 195 16.88 -39.85 21.52
CA ASN A 195 17.82 -38.74 21.42
C ASN A 195 17.16 -37.42 21.77
N LEU A 196 15.93 -37.21 21.29
CA LEU A 196 15.22 -35.99 21.61
C LEU A 196 15.02 -35.85 23.11
N PHE A 197 14.52 -36.91 23.77
CA PHE A 197 14.28 -36.84 25.19
C PHE A 197 15.57 -36.60 25.97
N ARG A 198 16.65 -37.30 25.59
CA ARG A 198 17.92 -37.11 26.27
C ARG A 198 18.42 -35.67 26.13
N ALA A 199 18.37 -35.13 24.91
CA ALA A 199 18.82 -33.76 24.69
C ALA A 199 17.96 -32.77 25.45
N PHE A 200 16.65 -32.98 25.48
CA PHE A 200 15.76 -32.03 26.13
C PHE A 200 15.95 -32.07 27.64
N LEU A 201 16.12 -33.26 28.23
CA LEU A 201 16.38 -33.30 29.67
C LEU A 201 17.74 -32.72 30.00
N GLY A 202 18.73 -32.92 29.12
CA GLY A 202 20.03 -32.31 29.35
C GLY A 202 19.99 -30.79 29.35
N GLU A 203 19.32 -30.22 28.35
CA GLU A 203 19.20 -28.76 28.31
C GLU A 203 18.26 -28.24 29.39
N LEU A 204 17.29 -29.04 29.85
CA LEU A 204 16.54 -28.66 31.05
C LEU A 204 17.48 -28.54 32.24
N LYS A 205 18.25 -29.60 32.51
CA LYS A 205 19.24 -29.57 33.58
C LYS A 205 20.13 -28.35 33.47
N THR A 206 20.55 -28.02 32.26
CA THR A 206 21.27 -26.77 32.03
C THR A 206 20.42 -25.57 32.47
N GLN A 207 19.11 -25.62 32.19
CA GLN A 207 18.25 -24.48 32.47
C GLN A 207 18.10 -24.22 33.97
N MET A 208 17.83 -25.26 34.77
CA MET A 208 17.48 -24.97 36.16
C MET A 208 18.55 -25.37 37.17
N THR A 209 19.27 -26.48 36.97
CA THR A 209 20.12 -27.02 38.02
C THR A 209 21.13 -25.99 38.50
N SER A 210 21.26 -25.90 39.82
CA SER A 210 21.97 -24.80 40.47
C SER A 210 23.40 -24.70 39.98
N ALA A 211 23.79 -23.50 39.55
CA ALA A 211 25.16 -23.21 39.15
C ALA A 211 25.38 -21.70 39.21
N VAL A 212 26.64 -21.30 39.21
CA VAL A 212 27.02 -19.89 39.23
C VAL A 212 27.24 -19.35 37.82
N ARG A 213 27.83 -20.15 36.94
CA ARG A 213 28.04 -19.70 35.56
C ARG A 213 26.73 -19.40 34.87
N GLU A 214 25.74 -20.26 35.05
CA GLU A 214 24.42 -20.05 34.46
C GLU A 214 23.48 -19.51 35.54
N PRO A 215 23.02 -18.27 35.44
CA PRO A 215 22.15 -17.72 36.49
C PRO A 215 20.68 -18.01 36.24
N LYS A 216 20.32 -18.30 35.00
CA LYS A 216 18.94 -18.55 34.62
C LYS A 216 18.90 -18.99 33.17
N LEU A 217 17.70 -19.38 32.72
CA LEU A 217 17.40 -19.66 31.33
C LEU A 217 15.88 -19.54 31.13
N PRO A 218 15.30 -18.35 31.37
CA PRO A 218 13.84 -18.24 31.43
C PRO A 218 13.14 -18.56 30.11
N VAL A 219 13.52 -17.86 29.05
CA VAL A 219 12.91 -18.12 27.74
C VAL A 219 13.25 -19.54 27.28
N LEU A 220 14.47 -19.99 27.55
CA LEU A 220 14.84 -21.37 27.25
C LEU A 220 13.98 -22.35 28.05
N ALA A 221 13.74 -22.04 29.33
CA ALA A 221 12.88 -22.91 30.13
C ALA A 221 11.46 -22.97 29.55
N GLY A 222 10.92 -21.83 29.14
CA GLY A 222 9.58 -21.81 28.59
C GLY A 222 9.48 -22.57 27.28
N CYS A 223 10.45 -22.37 26.39
CA CYS A 223 10.45 -23.12 25.13
C CYS A 223 10.62 -24.61 25.39
N LEU A 224 11.40 -24.99 26.41
CA LEU A 224 11.54 -26.40 26.75
C LEU A 224 10.22 -26.97 27.28
N LYS A 225 9.50 -26.20 28.10
CA LYS A 225 8.19 -26.67 28.57
C LYS A 225 7.23 -26.87 27.39
N GLY A 226 7.20 -25.90 26.46
CA GLY A 226 6.36 -26.06 25.29
C GLY A 226 6.75 -27.27 24.46
N LEU A 227 8.06 -27.47 24.28
CA LEU A 227 8.55 -28.61 23.51
C LEU A 227 8.16 -29.93 24.17
N SER A 228 8.32 -30.02 25.49
CA SER A 228 7.93 -31.23 26.20
C SER A 228 6.43 -31.48 26.08
N SER A 229 5.63 -30.41 26.18
CA SER A 229 4.19 -30.55 26.02
C SER A 229 3.84 -31.09 24.64
N LEU A 230 4.47 -30.53 23.60
CA LEU A 230 4.14 -30.95 22.24
C LEU A 230 4.64 -32.35 21.92
N LEU A 231 5.78 -32.76 22.50
CA LEU A 231 6.34 -34.07 22.19
C LEU A 231 5.82 -35.18 23.10
N CYS A 232 5.21 -34.84 24.23
CA CYS A 232 4.68 -35.90 25.08
C CYS A 232 3.42 -36.55 24.50
N ASN A 233 3.04 -36.17 23.28
CA ASN A 233 1.94 -36.84 22.61
C ASN A 233 2.19 -38.34 22.49
N PHE A 234 3.43 -38.75 22.30
CA PHE A 234 3.79 -40.15 22.44
C PHE A 234 3.77 -40.51 23.93
N THR A 235 3.00 -41.54 24.28
CA THR A 235 2.66 -41.81 25.68
C THR A 235 3.75 -42.64 26.34
N LYS A 236 4.32 -42.11 27.42
CA LYS A 236 5.26 -42.83 28.29
C LYS A 236 4.82 -42.50 29.72
N SER A 237 3.93 -43.32 30.29
CA SER A 237 3.46 -43.03 31.64
C SER A 237 4.40 -43.59 32.71
N MET A 238 4.48 -44.93 32.80
CA MET A 238 5.14 -45.59 33.91
C MET A 238 6.25 -46.55 33.48
N GLU A 239 6.57 -46.62 32.18
CA GLU A 239 7.44 -47.67 31.69
C GLU A 239 8.85 -47.57 32.27
N GLU A 240 9.38 -46.36 32.38
CA GLU A 240 10.77 -46.17 32.77
C GLU A 240 10.89 -45.05 33.81
N ASP A 241 12.07 -44.97 34.41
CA ASP A 241 12.42 -43.97 35.42
C ASP A 241 12.59 -42.56 34.85
N PRO A 242 13.08 -42.37 33.60
CA PRO A 242 13.11 -41.03 33.03
C PRO A 242 11.78 -40.30 33.09
N GLN A 243 10.68 -41.05 33.15
CA GLN A 243 9.38 -40.43 33.40
C GLN A 243 9.37 -39.73 34.76
N THR A 244 9.94 -40.37 35.78
CA THR A 244 10.08 -39.72 37.07
C THR A 244 11.01 -38.51 36.99
N SER A 245 12.00 -38.55 36.10
CA SER A 245 12.86 -37.38 35.91
C SER A 245 12.07 -36.21 35.35
N ARG A 246 11.21 -36.47 34.36
CA ARG A 246 10.35 -35.41 33.85
C ARG A 246 9.40 -34.91 34.94
N GLU A 247 8.87 -35.83 35.75
CA GLU A 247 7.99 -35.44 36.84
C GLU A 247 8.70 -34.51 37.81
N ILE A 248 9.92 -34.86 38.22
CA ILE A 248 10.63 -34.03 39.18
C ILE A 248 11.08 -32.72 38.56
N PHE A 249 11.36 -32.71 37.25
CA PHE A 249 11.65 -31.44 36.58
C PHE A 249 10.43 -30.51 36.62
N ASN A 250 9.26 -31.06 36.31
CA ASN A 250 8.04 -30.26 36.41
C ASN A 250 7.81 -29.80 37.84
N PHE A 251 8.08 -30.67 38.81
CA PHE A 251 7.86 -30.33 40.21
C PHE A 251 8.78 -29.20 40.66
N VAL A 252 10.06 -29.27 40.30
CA VAL A 252 10.97 -28.20 40.69
C VAL A 252 10.68 -26.92 39.92
N LEU A 253 10.07 -27.03 38.74
CA LEU A 253 9.63 -25.82 38.04
C LEU A 253 8.45 -25.17 38.76
N LYS A 254 7.48 -25.97 39.19
CA LYS A 254 6.23 -25.40 39.69
C LYS A 254 6.30 -25.06 41.18
N ALA A 255 7.17 -25.74 41.93
CA ALA A 255 7.14 -25.66 43.39
C ALA A 255 7.45 -24.25 43.89
N ILE A 256 8.68 -23.79 43.63
CA ILE A 256 9.15 -22.51 44.15
C ILE A 256 9.39 -21.59 42.96
N ARG A 257 8.60 -20.52 42.88
CA ARG A 257 8.73 -19.51 41.83
C ARG A 257 8.72 -18.13 42.47
N PRO A 258 9.82 -17.73 43.09
CA PRO A 258 9.86 -16.40 43.73
C PRO A 258 9.63 -15.26 42.75
N GLN A 259 10.10 -15.40 41.51
CA GLN A 259 9.87 -14.37 40.50
C GLN A 259 8.39 -14.31 40.15
N ILE A 260 7.88 -13.11 39.92
CA ILE A 260 6.47 -12.90 39.62
C ILE A 260 6.21 -13.40 38.20
N ASP A 261 5.43 -14.48 38.08
CA ASP A 261 5.15 -15.06 36.77
C ASP A 261 4.28 -14.15 35.90
N LEU A 262 3.62 -13.16 36.48
CA LEU A 262 2.73 -12.29 35.71
C LEU A 262 3.50 -11.42 34.73
N LYS A 263 4.74 -11.04 35.06
CA LYS A 263 5.52 -10.13 34.22
C LYS A 263 6.23 -10.93 33.13
N ARG A 264 5.41 -11.57 32.29
CA ARG A 264 5.87 -12.38 31.16
C ARG A 264 6.83 -13.49 31.59
N TYR A 265 6.73 -13.93 32.84
CA TYR A 265 7.55 -15.01 33.38
C TYR A 265 6.69 -16.23 33.71
N ALA A 266 5.76 -16.56 32.82
CA ALA A 266 4.75 -17.57 33.06
C ALA A 266 5.22 -18.96 32.65
N VAL A 267 6.53 -19.18 32.67
CA VAL A 267 7.10 -20.51 32.42
C VAL A 267 6.47 -21.55 33.34
N PRO A 268 6.29 -21.28 34.64
CA PRO A 268 5.53 -22.24 35.46
C PRO A 268 4.12 -22.49 34.95
N SER A 269 3.46 -21.47 34.40
CA SER A 269 2.14 -21.70 33.82
C SER A 269 2.20 -22.67 32.65
N ALA A 270 3.21 -22.51 31.78
CA ALA A 270 3.38 -23.44 30.66
C ALA A 270 3.68 -24.85 31.15
N GLY A 271 4.50 -24.96 32.19
CA GLY A 271 4.78 -26.28 32.75
C GLY A 271 3.55 -26.94 33.34
N LEU A 272 2.74 -26.17 34.06
CA LEU A 272 1.49 -26.70 34.59
C LEU A 272 0.54 -27.10 33.47
N ARG A 273 0.51 -26.32 32.39
CA ARG A 273 -0.30 -26.66 31.23
C ARG A 273 0.15 -27.99 30.65
N LEU A 274 1.46 -28.16 30.48
CA LEU A 274 2.00 -29.40 29.95
C LEU A 274 1.67 -30.58 30.85
N PHE A 275 1.80 -30.40 32.17
CA PHE A 275 1.45 -31.47 33.10
C PHE A 275 -0.02 -31.81 33.00
N ALA A 276 -0.88 -30.80 32.85
CA ALA A 276 -2.31 -31.05 32.69
C ALA A 276 -2.60 -31.85 31.42
N LEU A 277 -1.92 -31.52 30.32
CA LEU A 277 -2.09 -32.29 29.09
C LEU A 277 -1.63 -33.72 29.25
N HIS A 278 -0.73 -34.01 30.18
CA HIS A 278 -0.15 -35.34 30.33
C HIS A 278 -0.10 -35.74 31.79
N ALA A 279 -1.19 -35.50 32.53
CA ALA A 279 -1.26 -35.93 33.91
C ALA A 279 -1.21 -37.45 34.04
N SER A 280 -1.81 -38.16 33.08
CA SER A 280 -1.77 -39.62 33.11
C SER A 280 -0.35 -40.14 32.95
N GLN A 281 0.53 -39.37 32.34
CA GLN A 281 1.92 -39.79 32.17
C GLN A 281 2.69 -39.82 33.48
N PHE A 282 2.13 -39.28 34.56
CA PHE A 282 2.80 -39.25 35.86
C PHE A 282 1.82 -39.64 36.97
N SER A 283 1.04 -40.70 36.73
CA SER A 283 -0.02 -41.07 37.67
C SER A 283 0.54 -41.41 39.04
N THR A 284 1.34 -42.48 39.12
CA THR A 284 1.93 -42.85 40.40
C THR A 284 2.88 -41.78 40.92
N CYS A 285 3.53 -41.04 40.01
CA CYS A 285 4.43 -39.98 40.42
C CYS A 285 3.70 -38.92 41.24
N LEU A 286 2.53 -38.48 40.76
CA LEU A 286 1.73 -37.55 41.54
C LEU A 286 1.06 -38.23 42.72
N LEU A 287 0.80 -39.54 42.63
CA LEU A 287 0.16 -40.24 43.73
C LEU A 287 1.07 -40.33 44.95
N ASP A 288 2.39 -40.45 44.73
CA ASP A 288 3.31 -40.64 45.85
C ASP A 288 3.25 -39.48 46.83
N ASN A 289 3.71 -38.31 46.41
CA ASN A 289 3.63 -37.08 47.21
C ASN A 289 2.40 -36.26 46.86
N TYR A 290 1.23 -36.91 46.94
CA TYR A 290 -0.01 -36.28 46.48
C TYR A 290 -0.36 -35.05 47.31
N VAL A 291 -0.12 -35.08 48.61
CA VAL A 291 -0.43 -33.92 49.45
C VAL A 291 0.39 -32.72 49.03
N SER A 292 1.69 -32.90 48.81
CA SER A 292 2.56 -31.78 48.45
C SER A 292 2.06 -31.12 47.17
N LEU A 293 1.78 -31.93 46.14
CA LEU A 293 1.23 -31.38 44.91
C LEU A 293 -0.16 -30.79 45.15
N PHE A 294 -0.91 -31.34 46.12
CA PHE A 294 -2.24 -30.80 46.39
C PHE A 294 -2.17 -29.35 46.86
N GLU A 295 -1.36 -29.09 47.89
CA GLU A 295 -1.27 -27.70 48.35
C GLU A 295 -0.49 -26.82 47.36
N VAL A 296 0.46 -27.39 46.61
CA VAL A 296 1.13 -26.61 45.58
C VAL A 296 0.13 -26.14 44.54
N LEU A 297 -0.76 -27.03 44.11
CA LEU A 297 -1.81 -26.64 43.18
C LEU A 297 -2.77 -25.65 43.80
N LEU A 298 -3.04 -25.78 45.10
CA LEU A 298 -3.90 -24.80 45.77
C LEU A 298 -3.29 -23.41 45.71
N LYS A 299 -1.99 -23.29 46.02
CA LYS A 299 -1.35 -21.98 45.91
C LYS A 299 -1.32 -21.50 44.46
N TRP A 300 -1.05 -22.40 43.52
CA TRP A 300 -0.95 -21.98 42.12
C TRP A 300 -2.28 -21.46 41.58
N CYS A 301 -3.38 -22.14 41.90
CA CYS A 301 -4.69 -21.64 41.52
C CYS A 301 -5.10 -20.44 42.35
N ALA A 302 -4.46 -20.23 43.50
CA ALA A 302 -4.69 -19.02 44.29
C ALA A 302 -3.92 -17.82 43.76
N HIS A 303 -3.07 -18.00 42.75
CA HIS A 303 -2.27 -16.90 42.23
C HIS A 303 -3.15 -15.87 41.52
N THR A 304 -2.64 -14.63 41.47
CA THR A 304 -3.40 -13.53 40.88
C THR A 304 -3.44 -13.60 39.37
N ASN A 305 -2.33 -13.97 38.73
CA ASN A 305 -2.25 -13.96 37.27
C ASN A 305 -3.27 -14.92 36.67
N VAL A 306 -4.02 -14.42 35.69
CA VAL A 306 -5.10 -15.21 35.10
C VAL A 306 -4.57 -16.42 34.36
N GLU A 307 -3.41 -16.27 33.70
CA GLU A 307 -2.82 -17.41 32.99
C GLU A 307 -2.45 -18.52 33.95
N LEU A 308 -1.99 -18.16 35.16
CA LEU A 308 -1.68 -19.18 36.17
C LEU A 308 -2.92 -19.93 36.60
N LYS A 309 -4.01 -19.20 36.88
CA LYS A 309 -5.21 -19.85 37.41
C LYS A 309 -5.81 -20.83 36.41
N LYS A 310 -5.94 -20.41 35.14
CA LYS A 310 -6.60 -21.27 34.16
C LYS A 310 -5.86 -22.59 33.99
N ALA A 311 -4.52 -22.54 33.96
CA ALA A 311 -3.74 -23.78 33.89
C ALA A 311 -3.85 -24.55 35.21
N ALA A 312 -3.74 -23.85 36.33
CA ALA A 312 -3.74 -24.54 37.62
C ALA A 312 -5.07 -25.22 37.90
N LEU A 313 -6.19 -24.56 37.62
CA LEU A 313 -7.49 -25.19 37.79
C LEU A 313 -7.63 -26.42 36.91
N SER A 314 -7.21 -26.29 35.64
CA SER A 314 -7.21 -27.44 34.75
C SER A 314 -6.25 -28.52 35.25
N ALA A 315 -5.07 -28.11 35.71
CA ALA A 315 -4.12 -29.08 36.25
C ALA A 315 -4.66 -29.74 37.51
N LEU A 316 -5.30 -28.96 38.39
CA LEU A 316 -5.88 -29.53 39.60
C LEU A 316 -6.96 -30.55 39.27
N GLU A 317 -7.84 -30.21 38.32
CA GLU A 317 -8.87 -31.16 37.91
C GLU A 317 -8.26 -32.41 37.29
N SER A 318 -7.25 -32.23 36.45
CA SER A 318 -6.56 -33.39 35.88
C SER A 318 -5.86 -34.20 36.96
N PHE A 319 -5.24 -33.51 37.92
CA PHE A 319 -4.61 -34.21 39.04
C PHE A 319 -5.65 -34.96 39.87
N LEU A 320 -6.77 -34.30 40.15
CA LEU A 320 -7.85 -34.98 40.87
C LEU A 320 -8.52 -36.04 40.00
N LYS A 321 -8.43 -35.89 38.67
CA LYS A 321 -8.92 -36.93 37.77
C LYS A 321 -8.17 -38.23 37.98
N GLN A 322 -6.84 -38.14 38.13
CA GLN A 322 -6.03 -39.34 38.26
C GLN A 322 -6.30 -40.07 39.56
N VAL A 323 -6.36 -39.33 40.69
CA VAL A 323 -6.49 -39.98 41.99
C VAL A 323 -7.79 -40.77 42.07
N SER A 324 -8.80 -40.38 41.31
CA SER A 324 -10.01 -41.18 41.22
C SER A 324 -9.71 -42.54 40.58
N ASN A 325 -8.85 -42.55 39.57
CA ASN A 325 -8.54 -43.80 38.87
C ASN A 325 -7.80 -44.78 39.78
N MET A 326 -6.77 -44.30 40.48
CA MET A 326 -6.05 -45.18 41.39
C MET A 326 -6.92 -45.60 42.57
N VAL A 327 -7.94 -44.81 42.89
CA VAL A 327 -8.88 -45.19 43.95
C VAL A 327 -9.60 -46.48 43.59
N ALA A 328 -10.02 -46.59 42.33
CA ALA A 328 -10.71 -47.79 41.85
C ALA A 328 -9.71 -48.87 41.45
N GLU A 332 -9.41 -48.99 49.13
CA GLU A 332 -8.18 -49.76 49.00
C GLU A 332 -7.03 -48.87 48.55
N MET A 333 -5.82 -49.23 48.98
CA MET A 333 -4.60 -48.52 48.61
C MET A 333 -4.70 -47.04 48.96
N HIS A 334 -5.24 -46.24 48.05
CA HIS A 334 -5.45 -44.82 48.26
C HIS A 334 -6.68 -44.52 49.09
N LYS A 335 -7.20 -45.51 49.81
CA LYS A 335 -8.36 -45.29 50.67
C LYS A 335 -8.08 -44.22 51.70
N ASN A 336 -6.86 -44.21 52.25
CA ASN A 336 -6.48 -43.14 53.16
C ASN A 336 -6.45 -41.78 52.46
N LYS A 337 -5.89 -41.73 51.25
CA LYS A 337 -5.88 -40.48 50.49
C LYS A 337 -7.28 -40.08 50.07
N LEU A 338 -8.10 -41.06 49.68
CA LEU A 338 -9.49 -40.77 49.33
C LEU A 338 -10.24 -40.19 50.51
N GLN A 339 -10.06 -40.76 51.69
CA GLN A 339 -10.70 -40.22 52.89
C GLN A 339 -10.14 -38.87 53.27
N TYR A 340 -8.85 -38.64 53.02
CA TYR A 340 -8.25 -37.32 53.27
C TYR A 340 -8.91 -36.25 52.42
N PHE A 341 -9.03 -36.50 51.11
CA PHE A 341 -9.70 -35.53 50.24
C PHE A 341 -11.19 -35.43 50.58
N MET A 342 -11.80 -36.55 50.97
CA MET A 342 -13.20 -36.52 51.38
C MET A 342 -13.41 -35.61 52.58
N GLU A 343 -12.53 -35.72 53.58
CA GLU A 343 -12.62 -34.87 54.75
C GLU A 343 -12.37 -33.41 54.40
N GLN A 344 -11.38 -33.15 53.53
CA GLN A 344 -11.15 -31.77 53.11
C GLN A 344 -12.38 -31.19 52.43
N PHE A 345 -13.00 -31.96 51.53
CA PHE A 345 -14.18 -31.48 50.83
C PHE A 345 -15.35 -31.28 51.79
N TYR A 346 -15.53 -32.18 52.75
CA TYR A 346 -16.55 -32.00 53.76
C TYR A 346 -16.31 -30.71 54.54
N GLY A 347 -15.06 -30.46 54.92
CA GLY A 347 -14.77 -29.24 55.66
C GLY A 347 -15.01 -27.98 54.85
N ILE A 348 -14.75 -28.04 53.55
CA ILE A 348 -14.82 -26.84 52.72
C ILE A 348 -16.16 -26.64 52.03
N ILE A 349 -17.08 -27.61 52.10
CA ILE A 349 -18.41 -27.46 51.52
C ILE A 349 -19.51 -27.55 52.58
N ARG A 350 -19.39 -28.46 53.54
CA ARG A 350 -20.37 -28.51 54.61
C ARG A 350 -20.19 -27.39 55.61
N ASN A 351 -19.01 -26.79 55.65
CA ASN A 351 -18.77 -25.52 56.32
C ASN A 351 -18.46 -24.48 55.26
N VAL A 352 -19.01 -23.28 55.43
CA VAL A 352 -18.93 -22.25 54.40
C VAL A 352 -17.48 -21.82 54.20
N ASP A 353 -17.06 -21.79 52.94
CA ASP A 353 -15.70 -21.41 52.57
C ASP A 353 -15.69 -19.99 51.98
N SER A 354 -14.53 -19.34 52.12
CA SER A 354 -14.40 -17.97 51.63
C SER A 354 -14.33 -17.89 50.11
N ASN A 355 -13.85 -18.94 49.45
CA ASN A 355 -13.68 -18.94 48.01
C ASN A 355 -14.75 -19.81 47.36
N ASN A 356 -15.43 -19.26 46.36
CA ASN A 356 -16.41 -20.03 45.60
C ASN A 356 -15.72 -21.05 44.70
N LYS A 357 -14.55 -20.70 44.15
CA LYS A 357 -13.78 -21.66 43.38
C LYS A 357 -13.32 -22.83 44.26
N GLU A 358 -13.17 -22.59 45.56
CA GLU A 358 -12.91 -23.70 46.47
C GLU A 358 -14.07 -24.68 46.49
N LEU A 359 -15.30 -24.16 46.52
CA LEU A 359 -16.47 -25.01 46.41
C LEU A 359 -16.51 -25.71 45.05
N SER A 360 -16.09 -25.01 44.00
CA SER A 360 -16.06 -25.61 42.67
C SER A 360 -15.11 -26.80 42.61
N ILE A 361 -13.91 -26.64 43.17
CA ILE A 361 -12.96 -27.75 43.17
C ILE A 361 -13.45 -28.87 44.09
N ALA A 362 -14.11 -28.53 45.19
CA ALA A 362 -14.66 -29.56 46.07
C ALA A 362 -15.71 -30.40 45.36
N ILE A 363 -16.63 -29.73 44.64
CA ILE A 363 -17.67 -30.47 43.93
C ILE A 363 -17.09 -31.22 42.74
N ARG A 364 -16.04 -30.68 42.11
CA ARG A 364 -15.36 -31.41 41.05
C ARG A 364 -14.74 -32.70 41.58
N GLY A 365 -14.09 -32.63 42.73
CA GLY A 365 -13.57 -33.84 43.36
C GLY A 365 -14.67 -34.80 43.75
N TYR A 366 -15.79 -34.27 44.24
CA TYR A 366 -16.97 -35.10 44.50
C TYR A 366 -17.38 -35.87 43.26
N GLY A 367 -17.49 -35.18 42.13
CA GLY A 367 -17.85 -35.85 40.89
C GLY A 367 -16.83 -36.88 40.48
N LEU A 368 -15.55 -36.58 40.67
CA LEU A 368 -14.51 -37.55 40.37
C LEU A 368 -14.49 -38.69 41.38
N PHE A 369 -14.87 -38.41 42.63
CA PHE A 369 -14.97 -39.45 43.65
C PHE A 369 -16.26 -40.24 43.58
N ALA A 370 -17.10 -39.99 42.56
CA ALA A 370 -18.39 -40.65 42.47
C ALA A 370 -18.25 -42.16 42.48
N GLY A 371 -17.32 -42.70 41.69
CA GLY A 371 -17.01 -44.11 41.70
C GLY A 371 -16.44 -44.59 43.03
N PRO A 372 -15.41 -43.88 43.55
CA PRO A 372 -14.89 -44.22 44.87
C PRO A 372 -15.93 -44.22 45.97
N CYS A 373 -16.65 -43.09 46.13
CA CYS A 373 -17.67 -43.04 47.17
C CYS A 373 -18.83 -43.99 46.89
N LYS A 374 -19.04 -44.39 45.64
CA LYS A 374 -20.06 -45.37 45.32
C LYS A 374 -19.66 -46.76 45.80
N VAL A 375 -18.42 -47.16 45.52
CA VAL A 375 -17.95 -48.44 46.03
C VAL A 375 -17.72 -48.39 47.53
N ILE A 376 -17.68 -47.19 48.12
CA ILE A 376 -17.64 -47.06 49.57
C ILE A 376 -19.05 -47.21 50.15
N ASN A 377 -19.95 -46.32 49.77
CA ASN A 377 -21.33 -46.37 50.28
C ASN A 377 -22.22 -45.56 49.35
N ALA A 378 -23.19 -46.23 48.73
CA ALA A 378 -24.12 -45.54 47.83
C ALA A 378 -25.08 -44.63 48.59
N LYS A 379 -25.40 -44.97 49.84
CA LYS A 379 -26.23 -44.09 50.65
C LYS A 379 -25.52 -42.76 50.90
N ASP A 380 -24.22 -42.80 51.17
CA ASP A 380 -23.45 -41.56 51.26
C ASP A 380 -23.43 -40.83 49.93
N VAL A 381 -23.46 -41.55 48.82
CA VAL A 381 -23.55 -40.91 47.51
C VAL A 381 -24.85 -40.13 47.39
N ASP A 382 -25.96 -40.73 47.81
CA ASP A 382 -27.24 -40.02 47.80
C ASP A 382 -27.19 -38.81 48.71
N PHE A 383 -26.58 -38.96 49.88
CA PHE A 383 -26.50 -37.84 50.83
C PHE A 383 -25.71 -36.67 50.26
N MET A 384 -24.55 -36.96 49.66
CA MET A 384 -23.77 -35.87 49.08
C MET A 384 -24.45 -35.28 47.86
N TYR A 385 -25.17 -36.09 47.09
CA TYR A 385 -25.95 -35.55 45.98
C TYR A 385 -27.03 -34.59 46.49
N VAL A 386 -27.68 -34.96 47.59
CA VAL A 386 -28.68 -34.07 48.18
C VAL A 386 -28.03 -32.77 48.61
N GLU A 387 -26.86 -32.85 49.24
CA GLU A 387 -26.14 -31.64 49.64
C GLU A 387 -25.81 -30.77 48.43
N LEU A 388 -25.37 -31.40 47.34
CA LEU A 388 -25.05 -30.65 46.12
C LEU A 388 -26.30 -29.97 45.56
N ILE A 389 -27.44 -30.66 45.58
CA ILE A 389 -28.68 -30.07 45.11
C ILE A 389 -29.05 -28.86 45.97
N GLN A 390 -28.90 -28.98 47.29
CA GLN A 390 -29.18 -27.85 48.16
C GLN A 390 -28.26 -26.68 47.83
N ARG A 391 -26.97 -26.96 47.65
CA ARG A 391 -26.02 -25.90 47.34
C ARG A 391 -26.38 -25.19 46.03
N CYS A 392 -26.67 -25.98 44.99
CA CYS A 392 -26.98 -25.39 43.69
C CYS A 392 -28.27 -24.59 43.75
N LYS A 393 -29.30 -25.09 44.44
CA LYS A 393 -30.52 -24.30 44.59
C LYS A 393 -30.32 -23.09 45.47
N GLN A 394 -29.26 -23.06 46.29
CA GLN A 394 -28.99 -21.89 47.10
C GLN A 394 -28.28 -20.80 46.30
N MET A 395 -27.08 -21.11 45.79
CA MET A 395 -26.27 -20.06 45.18
C MET A 395 -26.74 -19.64 43.79
N PHE A 396 -27.60 -20.43 43.14
CA PHE A 396 -28.05 -20.09 41.79
C PHE A 396 -29.53 -19.77 41.68
N LEU A 397 -30.39 -20.41 42.48
CA LEU A 397 -31.82 -20.15 42.44
C LEU A 397 -32.25 -19.09 43.46
N THR A 398 -31.30 -18.24 43.90
CA THR A 398 -31.63 -17.21 44.88
C THR A 398 -32.44 -16.05 44.30
N GLN A 399 -32.55 -15.96 42.98
CA GLN A 399 -33.34 -14.91 42.35
C GLN A 399 -34.50 -15.50 41.54
N GLY A 403 -27.89 -9.10 43.73
CA GLY A 403 -28.46 -10.43 43.56
C GLY A 403 -27.44 -11.53 43.67
N ASP A 404 -26.91 -11.96 42.53
CA ASP A 404 -25.91 -13.02 42.49
C ASP A 404 -24.94 -12.75 41.36
N ASP A 405 -23.65 -13.08 41.60
CA ASP A 405 -22.61 -12.90 40.61
C ASP A 405 -21.82 -14.19 40.39
N ARG A 406 -22.42 -15.34 40.70
CA ARG A 406 -21.75 -16.65 40.62
C ARG A 406 -22.14 -17.41 39.37
N VAL A 407 -22.36 -16.70 38.26
CA VAL A 407 -22.78 -17.34 37.02
C VAL A 407 -21.67 -18.25 36.49
N TYR A 408 -20.41 -17.83 36.65
CA TYR A 408 -19.30 -18.60 36.12
C TYR A 408 -19.20 -19.97 36.78
N GLN A 409 -19.57 -20.08 38.05
CA GLN A 409 -19.48 -21.36 38.76
C GLN A 409 -20.66 -22.27 38.48
N MET A 410 -21.74 -21.77 37.86
CA MET A 410 -22.88 -22.61 37.55
C MET A 410 -22.54 -23.78 36.64
N PRO A 411 -21.78 -23.62 35.54
CA PRO A 411 -21.42 -24.80 34.75
C PRO A 411 -20.65 -25.83 35.54
N SER A 412 -19.76 -25.40 36.44
CA SER A 412 -19.02 -26.34 37.27
C SER A 412 -19.96 -27.14 38.17
N PHE A 413 -20.93 -26.46 38.78
CA PHE A 413 -21.89 -27.15 39.63
C PHE A 413 -22.73 -28.14 38.82
N LEU A 414 -23.15 -27.73 37.62
CA LEU A 414 -23.92 -28.64 36.76
C LEU A 414 -23.11 -29.87 36.39
N GLN A 415 -21.83 -29.67 36.03
CA GLN A 415 -20.97 -30.80 35.69
C GLN A 415 -20.76 -31.72 36.87
N SER A 416 -20.56 -31.16 38.06
CA SER A 416 -20.40 -31.98 39.25
C SER A 416 -21.66 -32.78 39.56
N VAL A 417 -22.82 -32.15 39.42
CA VAL A 417 -24.08 -32.85 39.65
C VAL A 417 -24.25 -33.98 38.64
N ALA A 418 -23.92 -33.72 37.38
CA ALA A 418 -23.97 -34.78 36.36
C ALA A 418 -23.04 -35.92 36.72
N SER A 419 -21.81 -35.60 37.17
CA SER A 419 -20.85 -36.64 37.49
C SER A 419 -21.33 -37.50 38.64
N VAL A 420 -21.85 -36.87 39.70
CA VAL A 420 -22.31 -37.64 40.84
C VAL A 420 -23.57 -38.44 40.48
N LEU A 421 -24.42 -37.91 39.60
CA LEU A 421 -25.62 -38.63 39.19
C LEU A 421 -25.30 -39.80 38.29
N LEU A 422 -24.17 -39.73 37.56
CA LEU A 422 -23.80 -40.81 36.64
C LEU A 422 -23.69 -42.15 37.36
N TYR A 423 -22.92 -42.19 38.45
CA TYR A 423 -22.82 -43.40 39.24
C TYR A 423 -24.08 -43.64 40.07
N LEU A 424 -24.83 -42.58 40.36
CA LEU A 424 -26.07 -42.73 41.11
C LEU A 424 -27.10 -43.47 40.28
N ASP A 425 -27.82 -44.39 40.92
CA ASP A 425 -28.81 -45.21 40.23
C ASP A 425 -30.25 -44.78 40.49
N THR A 426 -30.55 -44.25 41.67
CA THR A 426 -31.89 -43.83 42.03
C THR A 426 -31.83 -42.43 42.61
N VAL A 427 -32.80 -41.60 42.25
CA VAL A 427 -32.82 -40.20 42.68
C VAL A 427 -34.20 -39.87 43.26
N PRO A 428 -34.26 -39.12 44.36
CA PRO A 428 -35.55 -38.62 44.85
C PRO A 428 -36.21 -37.71 43.82
N GLU A 429 -37.53 -37.83 43.70
CA GLU A 429 -38.26 -37.05 42.71
C GLU A 429 -38.39 -35.58 43.10
N VAL A 430 -38.15 -35.24 44.37
CA VAL A 430 -38.32 -33.86 44.82
C VAL A 430 -37.30 -32.95 44.14
N TYR A 431 -36.08 -33.42 43.95
CA TYR A 431 -35.01 -32.60 43.41
C TYR A 431 -35.05 -32.47 41.88
N THR A 432 -35.83 -33.31 41.21
CA THR A 432 -35.88 -33.28 39.75
C THR A 432 -36.37 -31.93 39.20
N PRO A 433 -37.49 -31.37 39.67
CA PRO A 433 -37.90 -30.05 39.14
C PRO A 433 -36.87 -28.97 39.37
N VAL A 434 -36.16 -29.00 40.50
CA VAL A 434 -35.05 -28.09 40.72
C VAL A 434 -33.99 -28.31 39.65
N LEU A 435 -33.75 -29.58 39.28
CA LEU A 435 -32.76 -29.86 38.25
C LEU A 435 -33.16 -29.25 36.91
N GLU A 436 -34.43 -29.42 36.51
CA GLU A 436 -34.86 -28.81 35.25
C GLU A 436 -34.77 -27.30 35.30
N HIS A 437 -35.18 -26.69 36.43
CA HIS A 437 -35.14 -25.24 36.53
C HIS A 437 -33.71 -24.72 36.44
N LEU A 438 -32.77 -25.39 37.11
CA LEU A 438 -31.37 -24.94 37.05
C LEU A 438 -30.77 -25.17 35.68
N VAL A 439 -31.15 -26.25 35.00
CA VAL A 439 -30.66 -26.48 33.64
C VAL A 439 -31.17 -25.38 32.71
N VAL A 440 -32.45 -25.00 32.87
CA VAL A 440 -33.01 -23.91 32.07
C VAL A 440 -32.27 -22.61 32.37
N MET A 441 -31.96 -22.36 33.65
CA MET A 441 -31.19 -21.19 34.02
C MET A 441 -29.82 -21.20 33.36
N GLN A 442 -29.17 -22.37 33.33
CA GLN A 442 -27.87 -22.49 32.68
C GLN A 442 -27.98 -22.19 31.19
N ILE A 443 -29.03 -22.70 30.54
CA ILE A 443 -29.24 -22.39 29.12
C ILE A 443 -29.42 -20.90 28.91
N ASP A 444 -30.20 -20.26 29.78
CA ASP A 444 -30.40 -18.82 29.67
C ASP A 444 -29.09 -18.05 29.85
N SER A 445 -28.27 -18.47 30.81
CA SER A 445 -27.02 -17.78 31.10
C SER A 445 -25.89 -18.15 30.16
N PHE A 446 -26.09 -19.15 29.30
CA PHE A 446 -25.06 -19.57 28.35
C PHE A 446 -24.47 -18.42 27.53
N PRO A 447 -25.26 -17.52 26.93
CA PRO A 447 -24.64 -16.42 26.18
C PRO A 447 -23.74 -15.53 27.03
N GLN A 448 -24.07 -15.32 28.30
CA GLN A 448 -23.24 -14.49 29.16
C GLN A 448 -21.88 -15.13 29.39
N TYR A 449 -21.78 -16.44 29.29
CA TYR A 449 -20.52 -17.12 29.47
C TYR A 449 -19.56 -16.81 28.32
N SER A 450 -18.26 -16.87 28.62
CA SER A 450 -17.24 -16.66 27.61
C SER A 450 -17.23 -17.84 26.63
N PRO A 451 -16.65 -17.66 25.44
CA PRO A 451 -16.66 -18.76 24.47
C PRO A 451 -16.05 -20.06 25.00
N LYS A 452 -14.96 -19.98 25.75
CA LYS A 452 -14.45 -21.17 26.41
C LYS A 452 -15.42 -21.65 27.49
N MET A 453 -15.97 -20.72 28.27
CA MET A 453 -17.02 -21.07 29.22
C MET A 453 -18.25 -21.58 28.50
N GLN A 454 -18.56 -21.04 27.33
CA GLN A 454 -19.67 -21.57 26.54
C GLN A 454 -19.44 -23.00 26.14
N LEU A 455 -18.22 -23.32 25.70
CA LEU A 455 -17.90 -24.69 25.30
C LEU A 455 -17.96 -25.65 26.48
N VAL A 456 -17.41 -25.24 27.63
CA VAL A 456 -17.47 -26.13 28.79
C VAL A 456 -18.91 -26.27 29.29
N CYS A 457 -19.73 -25.23 29.12
CA CYS A 457 -21.15 -25.34 29.45
C CYS A 457 -21.84 -26.34 28.53
N CYS A 458 -21.51 -26.31 27.23
CA CYS A 458 -22.06 -27.30 26.31
C CYS A 458 -21.64 -28.71 26.71
N ARG A 459 -20.37 -28.89 27.09
CA ARG A 459 -19.90 -30.20 27.53
C ARG A 459 -20.64 -30.66 28.78
N ALA A 460 -20.83 -29.76 29.74
CA ALA A 460 -21.58 -30.12 30.94
C ALA A 460 -23.02 -30.47 30.63
N ILE A 461 -23.64 -29.74 29.69
CA ILE A 461 -25.03 -30.00 29.33
C ILE A 461 -25.14 -31.37 28.67
N VAL A 462 -24.27 -31.68 27.72
CA VAL A 462 -24.34 -32.98 27.08
C VAL A 462 -24.04 -34.08 28.09
N LYS A 463 -23.15 -33.81 29.06
CA LYS A 463 -22.85 -34.79 30.09
C LYS A 463 -24.07 -35.09 30.96
N VAL A 464 -24.76 -34.04 31.40
CA VAL A 464 -25.93 -34.24 32.26
C VAL A 464 -27.05 -34.90 31.48
N PHE A 465 -27.19 -34.56 30.19
CA PHE A 465 -28.19 -35.22 29.36
C PHE A 465 -27.87 -36.71 29.19
N LEU A 466 -26.59 -37.05 29.00
CA LEU A 466 -26.21 -38.46 28.92
C LEU A 466 -26.49 -39.17 30.23
N ALA A 467 -26.23 -38.50 31.36
CA ALA A 467 -26.53 -39.09 32.66
C ALA A 467 -28.04 -39.35 32.81
N LEU A 468 -28.85 -38.39 32.39
CA LEU A 468 -30.31 -38.58 32.40
C LEU A 468 -30.74 -39.67 31.44
N ALA A 469 -29.96 -39.94 30.42
CA ALA A 469 -30.26 -40.98 29.42
C ALA A 469 -30.07 -42.39 29.95
N ALA A 470 -29.91 -42.59 31.26
CA ALA A 470 -29.80 -43.91 31.87
C ALA A 470 -30.87 -44.09 32.94
N LYS A 471 -32.08 -43.59 32.68
CA LYS A 471 -33.17 -43.67 33.64
C LYS A 471 -34.44 -44.24 33.01
N GLY A 472 -35.55 -44.18 33.74
CA GLY A 472 -36.82 -44.65 33.24
C GLY A 472 -37.63 -43.54 32.61
N PRO A 473 -38.73 -43.15 33.25
CA PRO A 473 -39.51 -42.00 32.75
C PRO A 473 -38.70 -40.72 32.71
N VAL A 474 -37.70 -40.58 33.59
CA VAL A 474 -36.84 -39.41 33.59
C VAL A 474 -36.06 -39.32 32.29
N LEU A 475 -35.82 -40.46 31.63
CA LEU A 475 -34.96 -40.49 30.46
C LEU A 475 -35.50 -39.64 29.32
N ARG A 476 -36.81 -39.54 29.19
CA ARG A 476 -37.36 -38.79 28.06
C ARG A 476 -38.23 -37.61 28.46
N ASN A 477 -39.16 -37.79 29.40
CA ASN A 477 -40.10 -36.73 29.73
C ASN A 477 -39.39 -35.51 30.32
N CYS A 478 -38.45 -35.75 31.23
CA CYS A 478 -37.73 -34.63 31.86
C CYS A 478 -36.98 -33.82 30.81
N ILE A 479 -36.25 -34.49 29.92
CA ILE A 479 -35.52 -33.78 28.88
C ILE A 479 -36.48 -33.10 27.91
N SER A 480 -37.66 -33.70 27.68
CA SER A 480 -38.67 -33.03 26.84
C SER A 480 -39.09 -31.71 27.47
N THR A 481 -39.34 -31.71 28.78
CA THR A 481 -39.66 -30.47 29.46
C THR A 481 -38.50 -29.49 29.37
N VAL A 482 -37.27 -29.99 29.52
CA VAL A 482 -36.10 -29.13 29.45
C VAL A 482 -36.02 -28.42 28.10
N VAL A 483 -36.14 -29.19 27.01
CA VAL A 483 -35.96 -28.60 25.70
C VAL A 483 -37.13 -27.68 25.36
N HIS A 484 -38.35 -28.06 25.75
CA HIS A 484 -39.50 -27.20 25.49
C HIS A 484 -39.37 -25.88 26.22
N GLN A 485 -38.99 -25.92 27.50
CA GLN A 485 -38.81 -24.69 28.26
C GLN A 485 -37.63 -23.87 27.72
N GLY A 486 -36.57 -24.53 27.27
CA GLY A 486 -35.46 -23.80 26.68
C GLY A 486 -35.86 -23.07 25.42
N LEU A 487 -36.65 -23.72 24.55
CA LEU A 487 -37.16 -23.05 23.37
C LEU A 487 -38.10 -21.90 23.73
N ILE A 488 -38.92 -22.10 24.78
CA ILE A 488 -39.79 -21.03 25.24
C ILE A 488 -38.97 -19.83 25.71
N ARG A 489 -37.90 -20.08 26.46
CA ARG A 489 -37.03 -18.99 26.90
C ARG A 489 -36.36 -18.30 25.71
N ILE A 490 -35.91 -19.09 24.73
CA ILE A 490 -35.24 -18.52 23.57
C ILE A 490 -36.19 -17.61 22.79
N CYS A 491 -37.42 -18.08 22.57
CA CYS A 491 -38.39 -17.26 21.84
C CYS A 491 -38.85 -16.07 22.65
N SER A 492 -38.93 -16.21 23.99
CA SER A 492 -39.35 -15.12 24.86
C SER A 492 -38.31 -14.03 24.98
N LYS A 493 -37.08 -14.26 24.51
CA LYS A 493 -36.06 -13.23 24.52
C LYS A 493 -36.51 -12.07 23.63
N PRO A 494 -36.10 -10.84 23.96
CA PRO A 494 -36.56 -9.68 23.16
C PRO A 494 -36.19 -9.84 21.70
N VAL A 495 -37.17 -9.59 20.82
CA VAL A 495 -36.97 -9.76 19.40
C VAL A 495 -36.00 -8.71 18.88
N VAL A 496 -35.05 -9.12 18.05
CA VAL A 496 -34.07 -8.21 17.47
C VAL A 496 -34.44 -7.97 16.01
N LEU A 497 -34.27 -6.74 15.56
CA LEU A 497 -34.63 -6.35 14.21
C LEU A 497 -33.92 -5.05 13.83
N PRO A 498 -33.58 -4.85 12.55
CA PRO A 498 -32.92 -3.62 12.10
C PRO A 498 -33.83 -2.40 12.22
N TRP A 519 -24.22 -9.07 32.87
CA TRP A 519 -25.56 -9.42 32.43
C TRP A 519 -25.96 -8.60 31.21
N LYS A 520 -25.48 -9.00 30.04
CA LYS A 520 -25.81 -8.33 28.79
C LYS A 520 -27.06 -8.95 28.17
N VAL A 521 -27.63 -8.23 27.21
CA VAL A 521 -28.86 -8.67 26.55
C VAL A 521 -28.52 -9.79 25.56
N PRO A 522 -29.09 -10.99 25.73
CA PRO A 522 -28.80 -12.08 24.81
C PRO A 522 -29.79 -12.14 23.65
N THR A 523 -29.28 -12.52 22.49
CA THR A 523 -30.08 -12.68 21.28
C THR A 523 -30.19 -14.15 20.91
N TYR A 524 -31.15 -14.45 20.04
CA TYR A 524 -31.28 -15.81 19.54
C TYR A 524 -30.07 -16.25 18.75
N LYS A 525 -29.36 -15.32 18.12
CA LYS A 525 -28.12 -15.64 17.43
C LYS A 525 -27.01 -16.06 18.38
N ASP A 526 -27.17 -15.84 19.69
CA ASP A 526 -26.19 -16.33 20.64
C ASP A 526 -26.39 -17.81 20.94
N TYR A 527 -27.57 -18.35 20.66
CA TYR A 527 -27.86 -19.75 20.93
C TYR A 527 -27.62 -20.66 19.73
N VAL A 528 -27.30 -20.11 18.55
CA VAL A 528 -27.17 -20.95 17.37
C VAL A 528 -26.03 -21.95 17.52
N ASP A 529 -24.88 -21.48 18.02
CA ASP A 529 -23.75 -22.37 18.22
C ASP A 529 -24.04 -23.40 19.31
N LEU A 530 -24.76 -22.99 20.36
CA LEU A 530 -25.13 -23.93 21.42
C LEU A 530 -25.92 -25.10 20.85
N PHE A 531 -26.93 -24.81 20.04
CA PHE A 531 -27.73 -25.90 19.47
C PHE A 531 -26.95 -26.67 18.41
N ARG A 532 -26.06 -26.01 17.67
CA ARG A 532 -25.20 -26.73 16.74
C ARG A 532 -24.37 -27.77 17.48
N HIS A 533 -23.76 -27.39 18.60
CA HIS A 533 -23.01 -28.35 19.40
C HIS A 533 -23.93 -29.42 19.98
N LEU A 534 -25.11 -29.03 20.45
CA LEU A 534 -26.04 -30.00 21.01
C LEU A 534 -26.40 -31.07 20.00
N LEU A 535 -26.58 -30.68 18.73
CA LEU A 535 -26.94 -31.60 17.68
C LEU A 535 -25.75 -32.16 16.92
N SER A 536 -24.53 -31.79 17.31
CA SER A 536 -23.34 -32.26 16.59
C SER A 536 -22.20 -32.73 17.47
N SER A 537 -22.24 -32.53 18.79
CA SER A 537 -21.09 -32.87 19.65
C SER A 537 -21.04 -34.38 19.84
N ASP A 538 -20.72 -35.08 18.75
CA ASP A 538 -20.43 -36.51 18.85
C ASP A 538 -19.06 -36.78 19.44
N GLN A 539 -18.19 -35.78 19.50
CA GLN A 539 -16.87 -35.92 20.11
C GLN A 539 -16.88 -35.59 21.59
N MET A 540 -17.90 -34.86 22.07
CA MET A 540 -17.98 -34.57 23.50
C MET A 540 -18.49 -35.77 24.28
N MET A 541 -19.53 -36.44 23.77
CA MET A 541 -20.21 -37.48 24.55
C MET A 541 -19.29 -38.68 24.78
N ASP A 542 -18.60 -39.15 23.73
CA ASP A 542 -17.72 -40.30 23.89
C ASP A 542 -16.52 -39.95 24.76
N SER A 543 -15.98 -38.75 24.61
CA SER A 543 -14.87 -38.32 25.44
C SER A 543 -15.28 -38.28 26.91
N ILE A 544 -16.49 -37.81 27.20
CA ILE A 544 -16.97 -37.76 28.57
C ILE A 544 -17.19 -39.17 29.11
N LEU A 545 -17.87 -40.03 28.34
CA LEU A 545 -18.17 -41.37 28.81
C LEU A 545 -16.94 -42.27 28.82
N ALA A 546 -15.82 -41.82 28.28
CA ALA A 546 -14.58 -42.58 28.41
C ALA A 546 -14.11 -42.70 29.86
N ASP A 547 -14.66 -41.89 30.76
CA ASP A 547 -14.28 -41.92 32.17
C ASP A 547 -15.09 -42.93 32.98
N GLU A 548 -16.13 -43.53 32.40
CA GLU A 548 -16.96 -44.48 33.13
C GLU A 548 -17.68 -45.38 32.14
N ALA A 549 -17.61 -46.68 32.38
CA ALA A 549 -18.30 -47.65 31.54
C ALA A 549 -19.79 -47.69 31.87
N SER A 555 -25.01 -48.74 28.95
CA SER A 555 -26.38 -48.27 28.80
C SER A 555 -26.68 -47.90 27.35
N SER A 556 -27.65 -47.02 27.15
CA SER A 556 -28.01 -46.56 25.81
C SER A 556 -26.89 -45.67 25.28
N SER A 557 -26.12 -46.19 24.33
CA SER A 557 -24.97 -45.48 23.77
C SER A 557 -25.28 -44.83 22.42
N GLU A 558 -26.56 -44.69 22.09
CA GLU A 558 -26.93 -44.03 20.85
C GLU A 558 -26.53 -42.56 20.89
N SER A 559 -26.22 -42.02 19.71
CA SER A 559 -25.87 -40.61 19.60
C SER A 559 -27.02 -39.74 20.06
N LEU A 560 -26.85 -39.03 21.18
CA LEU A 560 -27.91 -38.17 21.71
C LEU A 560 -28.28 -37.07 20.73
N ASN A 561 -27.39 -36.70 19.82
CA ASN A 561 -27.72 -35.71 18.80
C ASN A 561 -28.96 -36.13 18.01
N HIS A 562 -29.11 -37.43 17.77
CA HIS A 562 -30.33 -37.93 17.15
C HIS A 562 -31.54 -37.68 18.04
N LEU A 563 -31.45 -38.09 19.31
CA LEU A 563 -32.55 -37.90 20.24
C LEU A 563 -32.82 -36.42 20.46
N LEU A 564 -31.78 -35.61 20.62
CA LEU A 564 -31.97 -34.18 20.80
C LEU A 564 -32.61 -33.54 19.57
N TYR A 565 -32.18 -33.95 18.38
CA TYR A 565 -32.80 -33.45 17.15
C TYR A 565 -34.28 -33.76 17.10
N ASP A 566 -34.63 -35.04 17.33
CA ASP A 566 -36.02 -35.45 17.28
C ASP A 566 -36.84 -34.70 18.33
N GLU A 567 -36.28 -34.56 19.54
CA GLU A 567 -37.02 -33.98 20.65
C GLU A 567 -37.18 -32.48 20.48
N PHE A 568 -36.17 -31.82 19.93
CA PHE A 568 -36.32 -30.42 19.56
C PHE A 568 -37.37 -30.24 18.48
N VAL A 569 -37.42 -31.16 17.51
CA VAL A 569 -38.42 -31.06 16.45
C VAL A 569 -39.83 -31.16 17.03
N LYS A 570 -40.05 -32.13 17.93
CA LYS A 570 -41.38 -32.28 18.51
C LYS A 570 -41.73 -31.09 19.41
N SER A 571 -40.75 -30.55 20.14
CA SER A 571 -41.01 -29.36 20.94
C SER A 571 -41.39 -28.18 20.06
N VAL A 572 -40.70 -28.01 18.93
CA VAL A 572 -41.02 -26.94 18.00
C VAL A 572 -42.43 -27.11 17.46
N LEU A 573 -42.81 -28.34 17.14
CA LEU A 573 -44.18 -28.60 16.68
C LEU A 573 -45.20 -28.22 17.75
N LYS A 574 -44.92 -28.58 19.01
CA LYS A 574 -45.83 -28.20 20.09
C LYS A 574 -45.93 -26.69 20.20
N ILE A 575 -44.80 -25.99 20.11
CA ILE A 575 -44.83 -24.53 20.21
C ILE A 575 -45.64 -23.92 19.08
N VAL A 576 -45.45 -24.43 17.86
CA VAL A 576 -46.17 -23.89 16.71
C VAL A 576 -47.68 -24.11 16.87
N GLU A 577 -48.07 -25.32 17.25
CA GLU A 577 -49.49 -25.60 17.39
C GLU A 577 -50.12 -24.90 18.59
N LYS A 578 -49.31 -24.52 19.58
CA LYS A 578 -49.86 -23.84 20.76
C LYS A 578 -50.17 -22.38 20.47
N LEU A 579 -49.35 -21.71 19.67
CA LEU A 579 -49.47 -20.28 19.47
C LEU A 579 -50.71 -19.94 18.65
N ASP A 580 -51.22 -18.73 18.86
CA ASP A 580 -52.32 -18.18 18.07
C ASP A 580 -51.87 -16.83 17.52
N LEU A 581 -51.94 -16.68 16.19
CA LEU A 581 -51.47 -15.48 15.52
C LEU A 581 -52.54 -14.90 14.60
N THR A 582 -53.79 -14.96 15.01
CA THR A 582 -54.87 -14.41 14.20
C THR A 582 -54.76 -12.89 14.12
N LEU A 583 -55.24 -12.34 13.00
CA LEU A 583 -55.16 -10.92 12.73
C LEU A 583 -56.48 -10.23 13.08
N GLU A 584 -56.38 -9.01 13.56
CA GLU A 584 -57.53 -8.22 13.99
C GLU A 584 -57.59 -6.91 13.23
N ILE A 585 -58.79 -6.53 12.79
CA ILE A 585 -58.96 -5.25 12.10
C ILE A 585 -58.82 -4.11 13.10
N GLN A 586 -58.62 -2.90 12.57
CA GLN A 586 -58.53 -1.71 13.40
C GLN A 586 -59.88 -1.01 13.48
N MET A 602 -62.81 2.89 8.75
CA MET A 602 -63.03 4.28 8.39
C MET A 602 -62.87 4.49 6.88
N ILE A 603 -61.98 3.70 6.28
CA ILE A 603 -61.72 3.79 4.84
C ILE A 603 -61.71 2.40 4.23
N PRO A 604 -62.44 2.17 3.14
CA PRO A 604 -62.35 0.87 2.46
C PRO A 604 -60.95 0.64 1.91
N THR A 605 -60.49 -0.61 2.03
CA THR A 605 -59.17 -1.00 1.57
C THR A 605 -59.27 -2.26 0.73
N SER A 606 -58.36 -2.38 -0.23
CA SER A 606 -58.29 -3.55 -1.10
C SER A 606 -57.08 -4.44 -0.81
N ASP A 607 -56.01 -3.88 -0.26
CA ASP A 607 -54.85 -4.69 0.10
C ASP A 607 -55.21 -5.62 1.25
N PRO A 608 -54.99 -6.94 1.12
CA PRO A 608 -55.31 -7.85 2.23
C PRO A 608 -54.48 -7.61 3.47
N ALA A 609 -53.33 -6.94 3.36
CA ALA A 609 -52.44 -6.69 4.49
C ALA A 609 -52.58 -5.27 5.02
N ALA A 610 -53.78 -4.70 4.98
CA ALA A 610 -54.03 -3.34 5.43
C ALA A 610 -55.05 -3.34 6.56
N ASN A 611 -54.84 -2.44 7.52
CA ASN A 611 -55.75 -2.26 8.66
C ASN A 611 -55.93 -3.57 9.44
N LEU A 612 -54.81 -4.24 9.72
CA LEU A 612 -54.84 -5.49 10.46
C LEU A 612 -53.68 -5.52 11.45
N HIS A 613 -53.89 -6.25 12.55
CA HIS A 613 -52.88 -6.39 13.59
C HIS A 613 -53.16 -7.68 14.35
N PRO A 614 -52.14 -8.29 14.95
CA PRO A 614 -52.38 -9.51 15.73
C PRO A 614 -52.87 -9.19 17.14
N ALA A 615 -53.76 -10.04 17.64
CA ALA A 615 -54.25 -9.89 19.01
C ALA A 615 -53.18 -10.20 20.04
N LYS A 616 -52.13 -10.91 19.65
CA LYS A 616 -51.04 -11.31 20.56
C LYS A 616 -49.72 -10.86 19.97
N PRO A 617 -49.43 -9.55 20.01
CA PRO A 617 -48.17 -9.06 19.43
C PRO A 617 -46.94 -9.68 20.07
N LYS A 618 -46.98 -9.94 21.38
CA LYS A 618 -45.86 -10.62 22.03
C LYS A 618 -45.67 -12.02 21.45
N ASP A 619 -46.76 -12.77 21.27
CA ASP A 619 -46.66 -14.07 20.62
C ASP A 619 -46.21 -13.94 19.17
N PHE A 620 -46.63 -12.88 18.48
CA PHE A 620 -46.19 -12.67 17.10
C PHE A 620 -44.67 -12.50 17.05
N SER A 621 -44.13 -11.65 17.92
CA SER A 621 -42.68 -11.43 17.96
C SER A 621 -41.95 -12.70 18.38
N ALA A 622 -42.51 -13.44 19.34
CA ALA A 622 -41.89 -14.69 19.76
C ALA A 622 -41.85 -15.70 18.61
N PHE A 623 -42.93 -15.79 17.84
CA PHE A 623 -42.95 -16.68 16.68
C PHE A 623 -41.93 -16.25 15.64
N ILE A 624 -41.81 -14.94 15.40
CA ILE A 624 -40.83 -14.45 14.43
C ILE A 624 -39.42 -14.81 14.88
N ASN A 625 -39.12 -14.60 16.16
CA ASN A 625 -37.82 -14.96 16.69
C ASN A 625 -37.57 -16.46 16.57
N LEU A 626 -38.60 -17.26 16.85
CA LEU A 626 -38.47 -18.72 16.77
C LEU A 626 -38.16 -19.16 15.35
N VAL A 627 -38.88 -18.61 14.36
CA VAL A 627 -38.63 -19.02 12.98
C VAL A 627 -37.26 -18.54 12.51
N GLU A 628 -36.83 -17.36 12.96
CA GLU A 628 -35.47 -16.91 12.63
C GLU A 628 -34.43 -17.86 13.21
N PHE A 629 -34.65 -18.31 14.45
CA PHE A 629 -33.74 -19.27 15.06
C PHE A 629 -33.72 -20.58 14.29
N CYS A 630 -34.90 -21.06 13.87
CA CYS A 630 -34.99 -22.30 13.12
C CYS A 630 -34.25 -22.18 11.79
N ARG A 631 -34.41 -21.05 11.11
CA ARG A 631 -33.72 -20.83 9.84
C ARG A 631 -32.22 -21.05 9.97
N GLU A 632 -31.66 -20.69 11.12
CA GLU A 632 -30.23 -20.87 11.34
C GLU A 632 -29.89 -22.30 11.73
N ILE A 633 -30.66 -22.88 12.66
CA ILE A 633 -30.21 -24.13 13.27
C ILE A 633 -30.64 -25.35 12.44
N LEU A 634 -31.91 -25.42 12.04
CA LEU A 634 -32.47 -26.64 11.48
C LEU A 634 -31.85 -27.04 10.14
N PRO A 635 -31.79 -26.16 9.13
CA PRO A 635 -31.30 -26.61 7.82
C PRO A 635 -29.85 -27.05 7.82
N GLU A 636 -29.06 -26.62 8.80
CA GLU A 636 -27.64 -26.98 8.83
C GLU A 636 -27.46 -28.49 8.96
N LYS A 637 -28.11 -29.09 9.96
CA LYS A 637 -27.96 -30.51 10.20
C LYS A 637 -28.79 -31.31 9.18
N GLN A 638 -28.22 -32.43 8.75
CA GLN A 638 -28.85 -33.23 7.69
C GLN A 638 -30.11 -33.92 8.22
N ALA A 639 -31.13 -33.98 7.36
CA ALA A 639 -32.48 -34.34 7.79
C ALA A 639 -32.78 -35.83 7.73
N GLU A 640 -31.79 -36.72 7.84
CA GLU A 640 -32.10 -38.14 7.89
C GLU A 640 -32.92 -38.47 9.13
N PHE A 641 -32.60 -37.83 10.26
CA PHE A 641 -33.44 -37.97 11.45
C PHE A 641 -34.77 -37.26 11.27
N PHE A 642 -34.78 -36.15 10.52
CA PHE A 642 -36.01 -35.44 10.20
C PHE A 642 -36.81 -36.13 9.10
N GLU A 643 -36.20 -37.06 8.37
CA GLU A 643 -36.90 -37.75 7.29
C GLU A 643 -38.21 -38.39 7.72
N PRO A 644 -38.30 -39.11 8.85
CA PRO A 644 -39.62 -39.58 9.29
C PRO A 644 -40.60 -38.45 9.56
N TRP A 645 -40.11 -37.30 10.03
CA TRP A 645 -40.98 -36.17 10.34
C TRP A 645 -41.44 -35.39 9.12
N VAL A 646 -40.85 -35.64 7.94
CA VAL A 646 -41.09 -34.78 6.80
C VAL A 646 -42.58 -34.71 6.48
N TYR A 647 -43.23 -35.88 6.38
CA TYR A 647 -44.65 -35.89 6.04
C TYR A 647 -45.48 -35.19 7.11
N SER A 648 -45.29 -35.57 8.38
CA SER A 648 -46.09 -34.98 9.45
C SER A 648 -45.80 -33.49 9.62
N PHE A 649 -44.52 -33.10 9.57
CA PHE A 649 -44.17 -31.70 9.72
C PHE A 649 -44.78 -30.87 8.60
N SER A 650 -44.64 -31.32 7.35
CA SER A 650 -45.22 -30.60 6.23
C SER A 650 -46.73 -30.54 6.34
N TYR A 651 -47.36 -31.64 6.74
CA TYR A 651 -48.81 -31.67 6.85
C TYR A 651 -49.30 -30.66 7.89
N GLU A 652 -48.65 -30.62 9.06
CA GLU A 652 -49.03 -29.66 10.08
C GLU A 652 -48.81 -28.24 9.61
N LEU A 653 -47.67 -27.97 8.95
CA LEU A 653 -47.40 -26.64 8.44
C LEU A 653 -48.45 -26.19 7.44
N ILE A 654 -48.84 -27.08 6.53
CA ILE A 654 -49.83 -26.72 5.52
C ILE A 654 -51.20 -26.53 6.15
N LEU A 655 -51.54 -27.35 7.14
CA LEU A 655 -52.80 -27.15 7.86
C LEU A 655 -52.84 -25.78 8.52
N GLN A 656 -51.73 -25.38 9.16
CA GLN A 656 -51.70 -24.07 9.80
C GLN A 656 -51.70 -22.94 8.78
N SER A 657 -51.08 -23.18 7.62
CA SER A 657 -50.94 -22.11 6.64
C SER A 657 -52.28 -21.66 6.08
N THR A 658 -53.17 -22.60 5.80
CA THR A 658 -54.44 -22.26 5.17
C THR A 658 -55.27 -21.33 6.06
N ARG A 659 -55.27 -21.58 7.37
CA ARG A 659 -56.03 -20.73 8.27
C ARG A 659 -55.51 -19.29 8.27
N LEU A 660 -54.19 -19.13 8.31
CA LEU A 660 -53.54 -17.82 8.34
C LEU A 660 -52.50 -17.77 7.24
N PRO A 661 -52.91 -17.47 6.00
CA PRO A 661 -51.97 -17.49 4.87
C PRO A 661 -51.16 -16.22 4.69
N LEU A 662 -51.11 -15.33 5.68
CA LEU A 662 -50.40 -14.06 5.56
C LEU A 662 -49.25 -13.98 6.56
N ILE A 663 -48.58 -15.10 6.81
CA ILE A 663 -47.44 -15.15 7.71
C ILE A 663 -46.24 -15.69 6.95
N SER A 664 -45.18 -14.87 6.86
CA SER A 664 -44.00 -15.27 6.11
C SER A 664 -43.25 -16.43 6.77
N GLY A 665 -43.29 -16.51 8.10
CA GLY A 665 -42.55 -17.54 8.80
C GLY A 665 -42.96 -18.94 8.37
N PHE A 666 -44.25 -19.14 8.11
CA PHE A 666 -44.73 -20.42 7.61
C PHE A 666 -44.04 -20.77 6.30
N TYR A 667 -43.98 -19.81 5.37
CA TYR A 667 -43.35 -20.07 4.08
C TYR A 667 -41.85 -20.33 4.22
N LYS A 668 -41.18 -19.57 5.10
CA LYS A 668 -39.74 -19.80 5.29
C LYS A 668 -39.48 -21.20 5.88
N LEU A 669 -40.27 -21.58 6.88
CA LEU A 669 -40.10 -22.90 7.49
C LEU A 669 -40.39 -24.00 6.48
N LEU A 670 -41.45 -23.85 5.69
CA LEU A 670 -41.73 -24.86 4.67
C LEU A 670 -40.67 -24.89 3.59
N SER A 671 -40.06 -23.74 3.27
CA SER A 671 -38.97 -23.72 2.30
C SER A 671 -37.77 -24.47 2.81
N ILE A 672 -37.39 -24.27 4.07
CA ILE A 672 -36.26 -25.03 4.60
C ILE A 672 -36.63 -26.51 4.71
N THR A 673 -37.90 -26.81 4.97
CA THR A 673 -38.36 -28.19 4.99
C THR A 673 -38.17 -28.86 3.64
N VAL A 674 -38.60 -28.20 2.55
CA VAL A 674 -38.45 -28.79 1.23
C VAL A 674 -36.98 -28.82 0.82
N ARG A 675 -36.18 -27.87 1.29
CA ARG A 675 -34.74 -27.94 1.04
C ARG A 675 -34.14 -29.20 1.66
N ASN A 676 -34.51 -29.49 2.92
CA ASN A 676 -34.05 -30.72 3.55
C ASN A 676 -34.57 -31.95 2.82
N ALA A 677 -35.82 -31.90 2.37
CA ALA A 677 -36.38 -33.02 1.63
C ALA A 677 -35.60 -33.29 0.35
N LYS A 678 -35.21 -32.22 -0.36
CA LYS A 678 -34.36 -32.38 -1.53
C LYS A 678 -33.00 -32.95 -1.14
N LYS A 679 -32.44 -32.48 -0.02
CA LYS A 679 -31.15 -33.00 0.44
C LYS A 679 -31.23 -34.48 0.77
N ILE A 680 -32.41 -34.97 1.17
CA ILE A 680 -32.56 -36.39 1.52
C ILE A 680 -33.20 -37.20 0.41
N LYS A 681 -33.49 -36.59 -0.74
CA LYS A 681 -34.07 -37.29 -1.90
C LYS A 681 -35.37 -37.99 -1.53
N TYR A 682 -36.22 -37.31 -0.75
CA TYR A 682 -37.48 -37.90 -0.33
C TYR A 682 -38.38 -38.18 -1.53
N PHE A 683 -38.79 -37.13 -2.24
CA PHE A 683 -39.62 -37.28 -3.43
C PHE A 683 -38.83 -37.61 -4.68
N GLU A 684 -37.50 -37.46 -4.66
CA GLU A 684 -36.71 -37.65 -5.86
C GLU A 684 -36.77 -39.07 -6.41
N GLY A 685 -37.05 -40.05 -5.56
CA GLY A 685 -37.25 -41.42 -5.99
C GLY A 685 -38.71 -41.80 -6.13
N VAL A 686 -39.63 -40.84 -6.04
CA VAL A 686 -41.07 -41.12 -6.07
C VAL A 686 -41.68 -40.42 -7.26
N SER A 687 -42.51 -41.16 -7.99
CA SER A 687 -43.24 -40.63 -9.14
C SER A 687 -44.73 -40.94 -8.99
N PRO A 688 -45.60 -40.07 -9.50
CA PRO A 688 -47.05 -40.28 -9.44
C PRO A 688 -47.49 -41.54 -10.18
N ASP A 697 -44.38 -45.16 -0.47
CA ASP A 697 -45.39 -45.36 0.56
C ASP A 697 -46.59 -44.44 0.33
N PRO A 698 -47.76 -44.89 0.79
CA PRO A 698 -48.95 -44.02 0.68
C PRO A 698 -48.78 -42.67 1.36
N GLU A 699 -48.06 -42.64 2.49
CA GLU A 699 -47.80 -41.37 3.16
C GLU A 699 -46.95 -40.45 2.28
N LYS A 700 -45.92 -41.00 1.64
CA LYS A 700 -45.08 -40.20 0.75
C LYS A 700 -45.87 -39.69 -0.45
N TYR A 701 -46.69 -40.56 -1.03
CA TYR A 701 -47.54 -40.15 -2.16
C TYR A 701 -48.49 -39.03 -1.76
N SER A 702 -49.13 -39.18 -0.60
CA SER A 702 -50.05 -38.15 -0.12
C SER A 702 -49.32 -36.85 0.14
N CYS A 703 -48.13 -36.91 0.73
CA CYS A 703 -47.35 -35.70 0.99
C CYS A 703 -46.97 -35.01 -0.31
N PHE A 704 -46.55 -35.78 -1.32
CA PHE A 704 -46.17 -35.18 -2.60
C PHE A 704 -47.38 -34.52 -3.27
N ALA A 705 -48.51 -35.20 -3.26
CA ALA A 705 -49.72 -34.61 -3.85
C ALA A 705 -50.14 -33.36 -3.10
N LEU A 706 -50.02 -33.39 -1.76
CA LEU A 706 -50.37 -32.22 -0.96
C LEU A 706 -49.44 -31.05 -1.27
N PHE A 707 -48.14 -31.32 -1.45
CA PHE A 707 -47.22 -30.27 -1.88
C PHE A 707 -47.62 -29.71 -3.23
N VAL A 708 -47.98 -30.57 -4.17
CA VAL A 708 -48.39 -30.11 -5.50
C VAL A 708 -49.59 -29.18 -5.38
N LYS A 709 -50.62 -29.62 -4.66
CA LYS A 709 -51.81 -28.79 -4.50
C LYS A 709 -51.49 -27.47 -3.81
N PHE A 710 -50.73 -27.53 -2.70
CA PHE A 710 -50.42 -26.32 -1.95
C PHE A 710 -49.63 -25.34 -2.79
N GLY A 711 -48.66 -25.83 -3.56
CA GLY A 711 -47.96 -24.95 -4.49
C GLY A 711 -48.90 -24.36 -5.51
N LYS A 712 -49.93 -25.12 -5.91
CA LYS A 712 -50.91 -24.58 -6.85
C LYS A 712 -51.63 -23.37 -6.26
N GLU A 713 -52.20 -23.50 -5.05
CA GLU A 713 -52.88 -22.31 -4.54
C GLU A 713 -51.91 -21.22 -4.12
N VAL A 714 -50.67 -21.56 -3.79
CA VAL A 714 -49.67 -20.52 -3.53
C VAL A 714 -49.41 -19.71 -4.80
N ALA A 715 -49.26 -20.38 -5.94
CA ALA A 715 -49.10 -19.68 -7.20
C ALA A 715 -50.34 -18.89 -7.56
N VAL A 716 -51.51 -19.34 -7.11
CA VAL A 716 -52.73 -18.56 -7.32
C VAL A 716 -52.70 -17.28 -6.49
N LYS A 717 -52.36 -17.40 -5.21
CA LYS A 717 -52.48 -16.29 -4.27
C LYS A 717 -51.27 -15.36 -4.26
N MET A 718 -50.18 -15.72 -4.94
CA MET A 718 -48.96 -14.91 -4.90
C MET A 718 -49.16 -13.50 -5.44
N LYS A 719 -50.21 -13.26 -6.22
CA LYS A 719 -50.37 -11.97 -6.88
C LYS A 719 -50.68 -10.83 -5.92
N GLN A 720 -50.98 -11.11 -4.65
CA GLN A 720 -51.43 -10.09 -3.72
C GLN A 720 -50.47 -9.88 -2.55
N TYR A 721 -49.18 -10.16 -2.73
CA TYR A 721 -48.21 -10.05 -1.66
C TYR A 721 -47.14 -9.02 -2.00
N LYS A 722 -46.37 -8.64 -0.98
CA LYS A 722 -45.39 -7.56 -1.08
C LYS A 722 -44.20 -7.91 -0.19
N ASP A 723 -43.39 -6.90 0.13
CA ASP A 723 -42.12 -7.08 0.81
C ASP A 723 -42.24 -7.99 2.02
N GLU A 724 -41.19 -8.80 2.22
CA GLU A 724 -40.94 -9.72 3.34
C GLU A 724 -42.04 -10.77 3.49
N LEU A 725 -43.03 -10.74 2.59
CA LEU A 725 -44.02 -11.81 2.48
C LEU A 725 -44.00 -12.43 1.09
N LEU A 726 -44.08 -11.61 0.05
CA LEU A 726 -43.91 -12.09 -1.31
C LEU A 726 -42.56 -12.77 -1.49
N ALA A 727 -41.52 -12.21 -0.87
CA ALA A 727 -40.20 -12.83 -0.97
C ALA A 727 -40.20 -14.23 -0.37
N SER A 728 -40.82 -14.38 0.81
CA SER A 728 -40.86 -15.68 1.46
C SER A 728 -41.65 -16.68 0.62
N CYS A 729 -42.82 -16.27 0.11
CA CYS A 729 -43.62 -17.19 -0.68
C CYS A 729 -42.90 -17.58 -1.96
N LEU A 730 -42.22 -16.63 -2.60
CA LEU A 730 -41.46 -16.95 -3.80
C LEU A 730 -40.32 -17.91 -3.50
N THR A 731 -39.59 -17.68 -2.41
CA THR A 731 -38.50 -18.59 -2.06
C THR A 731 -39.02 -20.00 -1.81
N PHE A 732 -40.15 -20.11 -1.12
CA PHE A 732 -40.75 -21.43 -0.93
C PHE A 732 -41.15 -22.06 -2.26
N LEU A 733 -41.77 -21.26 -3.14
CA LEU A 733 -42.30 -21.80 -4.39
C LEU A 733 -41.19 -22.30 -5.31
N LEU A 734 -40.09 -21.55 -5.40
CA LEU A 734 -39.01 -21.95 -6.30
C LEU A 734 -38.18 -23.10 -5.74
N SER A 735 -38.32 -23.40 -4.45
CA SER A 735 -37.53 -24.46 -3.83
C SER A 735 -38.13 -25.84 -4.01
N LEU A 736 -39.26 -25.96 -4.69
CA LEU A 736 -39.89 -27.27 -4.89
C LEU A 736 -39.00 -28.16 -5.77
N PRO A 737 -39.09 -29.48 -5.60
CA PRO A 737 -38.20 -30.38 -6.34
C PRO A 737 -38.50 -30.41 -7.83
N HIS A 738 -37.61 -31.05 -8.60
CA HIS A 738 -37.75 -31.13 -10.05
C HIS A 738 -38.97 -31.94 -10.48
N ASN A 739 -39.56 -32.73 -9.59
CA ASN A 739 -40.75 -33.51 -9.92
C ASN A 739 -42.05 -32.74 -9.70
N ILE A 740 -42.17 -32.04 -8.58
CA ILE A 740 -43.38 -31.25 -8.32
C ILE A 740 -43.49 -30.12 -9.33
N ILE A 741 -42.39 -29.42 -9.59
CA ILE A 741 -42.40 -28.33 -10.56
C ILE A 741 -42.66 -28.85 -11.97
N GLU A 742 -42.24 -30.09 -12.25
CA GLU A 742 -42.36 -30.65 -13.60
C GLU A 742 -43.79 -30.56 -14.12
N LEU A 743 -44.78 -30.71 -13.24
CA LEU A 743 -46.17 -30.62 -13.64
C LEU A 743 -46.61 -29.16 -13.67
N ASP A 744 -47.15 -28.73 -14.80
CA ASP A 744 -47.70 -27.38 -14.98
C ASP A 744 -46.66 -26.31 -14.67
N VAL A 745 -45.61 -26.33 -15.50
CA VAL A 745 -44.54 -25.34 -15.36
C VAL A 745 -45.06 -23.93 -15.59
N ARG A 746 -45.93 -23.77 -16.60
CA ARG A 746 -46.43 -22.45 -16.95
C ARG A 746 -47.19 -21.80 -15.79
N ALA A 747 -47.68 -22.58 -14.83
CA ALA A 747 -48.29 -21.99 -13.65
C ALA A 747 -47.26 -21.23 -12.83
N TYR A 748 -46.07 -21.80 -12.64
CA TYR A 748 -45.01 -21.15 -11.88
C TYR A 748 -44.18 -20.20 -12.70
N VAL A 749 -44.34 -20.22 -14.03
CA VAL A 749 -43.54 -19.32 -14.88
C VAL A 749 -43.72 -17.85 -14.51
N PRO A 750 -44.94 -17.30 -14.39
CA PRO A 750 -45.05 -15.88 -14.01
C PRO A 750 -44.44 -15.58 -12.65
N ALA A 751 -44.57 -16.51 -11.70
CA ALA A 751 -43.92 -16.33 -10.41
C ALA A 751 -42.41 -16.26 -10.55
N LEU A 752 -41.84 -17.14 -11.38
CA LEU A 752 -40.39 -17.10 -11.61
C LEU A 752 -39.97 -15.79 -12.25
N GLN A 753 -40.72 -15.32 -13.25
CA GLN A 753 -40.36 -14.08 -13.93
C GLN A 753 -40.44 -12.89 -12.98
N MET A 754 -41.49 -12.82 -12.18
CA MET A 754 -41.62 -11.71 -11.25
C MET A 754 -40.54 -11.78 -10.17
N ALA A 755 -40.18 -13.00 -9.73
CA ALA A 755 -39.09 -13.16 -8.79
C ALA A 755 -37.78 -12.67 -9.39
N PHE A 756 -37.54 -12.98 -10.67
CA PHE A 756 -36.32 -12.52 -11.33
C PHE A 756 -36.29 -11.00 -11.42
N LYS A 757 -37.39 -10.37 -11.83
CA LYS A 757 -37.38 -8.92 -11.99
C LYS A 757 -37.28 -8.22 -10.63
N LEU A 758 -37.92 -8.78 -9.59
CA LEU A 758 -37.80 -8.20 -8.26
C LEU A 758 -36.43 -8.44 -7.65
N GLY A 759 -35.75 -9.51 -8.08
CA GLY A 759 -34.44 -9.83 -7.55
C GLY A 759 -33.37 -8.82 -7.90
N LEU A 760 -33.61 -8.00 -8.94
CA LEU A 760 -32.66 -6.95 -9.27
C LEU A 760 -32.51 -5.95 -8.13
N SER A 761 -33.54 -5.83 -7.29
CA SER A 761 -33.47 -5.00 -6.10
C SER A 761 -33.11 -5.78 -4.85
N TYR A 762 -33.50 -7.05 -4.78
CA TYR A 762 -33.23 -7.92 -3.64
C TYR A 762 -32.47 -9.15 -4.14
N THR A 763 -31.17 -9.18 -3.88
CA THR A 763 -30.32 -10.24 -4.45
C THR A 763 -30.74 -11.66 -4.08
N PRO A 764 -31.13 -11.99 -2.83
CA PRO A 764 -31.44 -13.40 -2.53
C PRO A 764 -32.55 -13.98 -3.38
N LEU A 765 -33.57 -13.18 -3.73
CA LEU A 765 -34.62 -13.66 -4.61
C LEU A 765 -34.07 -14.02 -5.98
N ALA A 766 -33.19 -13.18 -6.52
CA ALA A 766 -32.57 -13.48 -7.80
C ALA A 766 -31.73 -14.75 -7.72
N GLU A 767 -31.00 -14.91 -6.62
CA GLU A 767 -30.20 -16.12 -6.45
C GLU A 767 -31.07 -17.37 -6.41
N VAL A 768 -32.17 -17.31 -5.66
CA VAL A 768 -33.06 -18.47 -5.57
C VAL A 768 -33.67 -18.78 -6.93
N GLY A 769 -34.13 -17.75 -7.65
CA GLY A 769 -34.69 -17.97 -8.96
C GLY A 769 -33.67 -18.55 -9.93
N LEU A 770 -32.43 -18.07 -9.86
CA LEU A 770 -31.37 -18.60 -10.72
C LEU A 770 -31.10 -20.07 -10.40
N ASN A 771 -31.07 -20.43 -9.12
CA ASN A 771 -30.89 -21.83 -8.76
C ASN A 771 -32.04 -22.69 -9.26
N ALA A 772 -33.26 -22.17 -9.16
CA ALA A 772 -34.41 -22.89 -9.69
C ALA A 772 -34.29 -23.09 -11.19
N LEU A 773 -33.83 -22.05 -11.90
CA LEU A 773 -33.63 -22.18 -13.34
C LEU A 773 -32.59 -23.24 -13.65
N GLU A 774 -31.48 -23.27 -12.90
CA GLU A 774 -30.48 -24.31 -13.08
C GLU A 774 -31.08 -25.69 -12.90
N GLU A 775 -31.83 -25.87 -11.81
CA GLU A 775 -32.42 -27.17 -11.53
C GLU A 775 -33.37 -27.60 -12.64
N TRP A 776 -34.22 -26.67 -13.10
CA TRP A 776 -35.17 -26.99 -14.16
C TRP A 776 -34.45 -27.36 -15.46
N SER A 777 -33.38 -26.63 -15.77
CA SER A 777 -32.61 -26.94 -16.98
C SER A 777 -31.94 -28.31 -16.87
N ILE A 778 -31.49 -28.66 -15.67
CA ILE A 778 -30.73 -29.90 -15.50
C ILE A 778 -31.64 -31.12 -15.63
N TYR A 779 -32.67 -31.21 -14.79
CA TYR A 779 -33.43 -32.45 -14.68
C TYR A 779 -34.58 -32.54 -15.68
N ILE A 780 -35.33 -31.46 -15.88
CA ILE A 780 -36.52 -31.53 -16.72
C ILE A 780 -36.11 -31.68 -18.19
N ASP A 781 -36.95 -32.39 -18.94
CA ASP A 781 -36.62 -32.72 -20.33
C ASP A 781 -36.54 -31.47 -21.19
N ARG A 782 -35.68 -31.53 -22.21
CA ARG A 782 -35.48 -30.40 -23.11
C ARG A 782 -36.56 -30.35 -24.19
N HIS A 783 -37.82 -30.44 -23.79
CA HIS A 783 -38.92 -30.30 -24.75
C HIS A 783 -40.10 -29.50 -24.21
N VAL A 784 -40.02 -28.96 -22.99
CA VAL A 784 -41.17 -28.27 -22.42
C VAL A 784 -40.81 -26.85 -22.01
N MET A 785 -39.52 -26.59 -21.75
CA MET A 785 -39.10 -25.22 -21.46
C MET A 785 -38.92 -24.38 -22.71
N GLN A 786 -38.85 -25.00 -23.89
CA GLN A 786 -38.71 -24.24 -25.13
C GLN A 786 -39.82 -23.20 -25.31
N PRO A 787 -41.10 -23.51 -25.08
CA PRO A 787 -42.11 -22.44 -25.11
C PRO A 787 -42.04 -21.49 -23.92
N TYR A 788 -41.13 -21.71 -22.97
CA TYR A 788 -41.00 -20.84 -21.80
C TYR A 788 -39.71 -20.03 -21.76
N TYR A 789 -38.64 -20.49 -22.41
CA TYR A 789 -37.44 -19.67 -22.51
C TYR A 789 -37.76 -18.33 -23.16
N LYS A 790 -38.66 -18.34 -24.15
CA LYS A 790 -38.93 -17.16 -24.96
C LYS A 790 -39.35 -15.96 -24.12
N ASP A 791 -39.99 -16.21 -22.97
CA ASP A 791 -40.35 -15.11 -22.08
C ASP A 791 -39.56 -15.11 -20.77
N ILE A 792 -38.98 -16.24 -20.37
CA ILE A 792 -38.12 -16.24 -19.18
C ILE A 792 -36.87 -15.41 -19.43
N LEU A 793 -36.22 -15.63 -20.56
CA LEU A 793 -34.97 -14.92 -20.85
C LEU A 793 -35.14 -13.39 -20.92
N PRO A 794 -36.17 -12.83 -21.56
CA PRO A 794 -36.32 -11.36 -21.53
C PRO A 794 -36.44 -10.79 -20.14
N CYS A 795 -37.11 -11.49 -19.22
CA CYS A 795 -37.19 -11.03 -17.84
C CYS A 795 -35.83 -11.05 -17.15
N LEU A 796 -34.85 -11.75 -17.71
CA LEU A 796 -33.49 -11.78 -17.20
C LEU A 796 -32.64 -10.62 -17.72
N ASP A 797 -33.19 -9.80 -18.63
CA ASP A 797 -32.41 -8.71 -19.22
C ASP A 797 -31.94 -7.71 -18.17
N GLY A 798 -32.65 -7.60 -17.05
CA GLY A 798 -32.25 -6.65 -16.03
C GLY A 798 -30.91 -7.01 -15.40
N TYR A 799 -30.63 -8.30 -15.23
CA TYR A 799 -29.41 -8.72 -14.55
C TYR A 799 -28.16 -8.37 -15.34
N LEU A 800 -28.29 -8.21 -16.66
CA LEU A 800 -27.12 -7.96 -17.51
C LEU A 800 -27.12 -6.58 -18.15
N LYS A 801 -28.20 -6.22 -18.86
CA LYS A 801 -28.24 -4.93 -19.55
C LYS A 801 -28.22 -3.77 -18.58
N THR A 802 -29.10 -3.80 -17.58
CA THR A 802 -29.19 -2.69 -16.63
C THR A 802 -27.97 -2.64 -15.71
N SER A 803 -27.43 -3.80 -15.35
CA SER A 803 -26.28 -3.86 -14.44
C SER A 803 -25.02 -3.44 -15.19
N ALA A 804 -24.63 -2.18 -15.02
CA ALA A 804 -23.44 -1.65 -15.66
C ALA A 804 -22.23 -1.82 -14.75
N ALA A 845 -24.30 -11.73 2.62
CA ALA A 845 -25.13 -11.63 1.43
C ALA A 845 -24.37 -12.07 0.18
N ILE A 846 -24.86 -11.65 -0.98
CA ILE A 846 -24.24 -12.00 -2.25
C ILE A 846 -24.13 -10.73 -3.09
N SER A 847 -22.97 -10.51 -3.69
CA SER A 847 -22.75 -9.34 -4.52
C SER A 847 -23.41 -9.50 -5.88
N LEU A 848 -23.86 -8.37 -6.45
CA LEU A 848 -24.53 -8.41 -7.73
C LEU A 848 -23.60 -8.86 -8.85
N GLU A 849 -22.30 -8.57 -8.73
CA GLU A 849 -21.36 -8.89 -9.81
C GLU A 849 -21.23 -10.39 -10.02
N GLU A 850 -21.04 -11.15 -8.94
CA GLU A 850 -20.98 -12.61 -9.09
C GLU A 850 -22.32 -13.17 -9.51
N ILE A 851 -23.42 -12.50 -9.16
CA ILE A 851 -24.73 -12.90 -9.67
C ILE A 851 -24.75 -12.79 -11.19
N ARG A 852 -24.27 -11.66 -11.72
CA ARG A 852 -24.19 -11.50 -13.17
C ARG A 852 -23.24 -12.50 -13.79
N ILE A 853 -22.16 -12.85 -13.09
CA ILE A 853 -21.24 -13.87 -13.59
C ILE A 853 -21.96 -15.20 -13.73
N ARG A 854 -22.72 -15.59 -12.72
CA ARG A 854 -23.49 -16.83 -12.79
C ARG A 854 -24.54 -16.75 -13.89
N VAL A 855 -25.15 -15.58 -14.07
CA VAL A 855 -26.11 -15.39 -15.17
C VAL A 855 -25.43 -15.63 -16.51
N VAL A 856 -24.23 -15.09 -16.69
CA VAL A 856 -23.48 -15.30 -17.93
C VAL A 856 -23.17 -16.77 -18.12
N GLN A 857 -22.76 -17.45 -17.04
CA GLN A 857 -22.47 -18.88 -17.13
C GLN A 857 -23.70 -19.66 -17.55
N MET A 858 -24.86 -19.33 -17.00
CA MET A 858 -26.07 -20.07 -17.34
C MET A 858 -26.53 -19.75 -18.76
N LEU A 859 -26.38 -18.50 -19.20
CA LEU A 859 -26.70 -18.16 -20.58
C LEU A 859 -25.82 -18.94 -21.55
N GLY A 860 -24.53 -19.03 -21.26
CA GLY A 860 -23.65 -19.85 -22.06
C GLY A 860 -23.98 -21.33 -21.97
N SER A 861 -24.52 -21.77 -20.83
CA SER A 861 -24.91 -23.16 -20.68
C SER A 861 -25.98 -23.55 -21.69
N LEU A 862 -26.97 -22.68 -21.89
CA LEU A 862 -27.96 -22.90 -22.93
C LEU A 862 -27.32 -22.81 -24.30
N GLY A 863 -27.90 -23.52 -25.26
CA GLY A 863 -27.40 -23.46 -26.62
C GLY A 863 -27.54 -22.07 -27.21
N GLY A 864 -26.69 -21.79 -28.20
CA GLY A 864 -26.70 -20.47 -28.83
C GLY A 864 -28.06 -20.12 -29.40
N GLN A 865 -28.70 -21.08 -30.08
CA GLN A 865 -30.07 -20.87 -30.55
C GLN A 865 -31.01 -20.63 -29.38
N ILE A 866 -30.89 -21.44 -28.32
CA ILE A 866 -31.70 -21.24 -27.13
C ILE A 866 -31.36 -19.92 -26.46
N ASN A 867 -30.07 -19.61 -26.34
CA ASN A 867 -29.64 -18.37 -25.72
C ASN A 867 -30.10 -17.13 -26.48
N LYS A 868 -30.37 -17.27 -27.78
CA LYS A 868 -30.81 -16.13 -28.59
C LYS A 868 -32.19 -15.64 -28.18
N ASN A 869 -32.92 -16.40 -27.37
CA ASN A 869 -34.23 -15.96 -26.88
C ASN A 869 -34.13 -14.85 -25.84
N LEU A 870 -32.92 -14.35 -25.57
CA LEU A 870 -32.74 -13.33 -24.53
C LEU A 870 -33.45 -12.03 -24.91
N LEU A 871 -33.22 -11.55 -26.13
CA LEU A 871 -33.78 -10.28 -26.58
C LEU A 871 -34.96 -10.45 -27.52
N THR A 872 -35.53 -11.66 -27.62
CA THR A 872 -36.68 -11.90 -28.49
C THR A 872 -37.94 -11.36 -27.82
N VAL A 873 -37.98 -10.04 -27.68
CA VAL A 873 -39.11 -9.36 -27.05
C VAL A 873 -39.34 -8.03 -27.76
N THR A 874 -40.58 -7.82 -28.22
CA THR A 874 -40.99 -6.55 -28.81
C THR A 874 -42.39 -6.15 -28.37
N SER A 875 -42.94 -6.83 -27.35
CA SER A 875 -44.31 -6.55 -26.92
C SER A 875 -44.44 -5.12 -26.38
N SER A 876 -43.44 -4.66 -25.64
CA SER A 876 -43.44 -3.32 -25.06
C SER A 876 -42.61 -2.35 -25.91
N ASP A 877 -42.68 -2.49 -27.23
CA ASP A 877 -41.92 -1.61 -28.13
C ASP A 877 -42.20 -0.15 -27.83
N GLU A 878 -43.48 0.18 -27.58
CA GLU A 878 -43.85 1.54 -27.23
C GLU A 878 -43.08 2.03 -26.02
N MET A 879 -42.93 1.18 -25.00
CA MET A 879 -42.28 1.58 -23.76
C MET A 879 -40.77 1.37 -23.77
N MET A 880 -40.29 0.30 -24.41
CA MET A 880 -38.84 0.15 -24.52
C MET A 880 -38.24 1.25 -25.37
N LYS A 881 -38.99 1.76 -26.35
CA LYS A 881 -38.57 2.99 -27.02
C LYS A 881 -38.88 4.20 -26.15
N SER A 882 -40.16 4.42 -25.85
CA SER A 882 -40.65 5.56 -25.08
C SER A 882 -40.27 6.90 -25.68
N TYR A 883 -39.73 6.91 -26.89
CA TYR A 883 -39.37 8.14 -27.58
C TYR A 883 -40.47 8.65 -28.49
N VAL A 884 -41.64 8.00 -28.49
CA VAL A 884 -42.77 8.50 -29.27
C VAL A 884 -43.13 9.89 -28.77
N ALA A 885 -43.43 10.79 -29.70
CA ALA A 885 -43.71 12.18 -29.34
C ALA A 885 -44.98 12.27 -28.51
N TRP A 886 -44.89 12.93 -27.36
CA TRP A 886 -46.06 13.26 -26.58
C TRP A 886 -46.79 14.50 -27.12
N ASP A 887 -46.21 15.15 -28.13
CA ASP A 887 -46.83 16.29 -28.78
C ASP A 887 -46.20 16.47 -30.15
N ARG A 888 -47.02 16.86 -31.13
CA ARG A 888 -46.48 17.17 -32.45
C ARG A 888 -45.70 18.48 -32.47
N GLU A 889 -45.81 19.28 -31.42
CA GLU A 889 -45.05 20.52 -31.31
C GLU A 889 -44.87 20.83 -29.83
N LYS A 890 -43.70 21.39 -29.49
CA LYS A 890 -43.39 21.69 -28.10
C LYS A 890 -44.23 22.85 -27.61
N ARG A 891 -44.69 22.76 -26.36
CA ARG A 891 -45.45 23.83 -25.74
C ARG A 891 -44.92 24.28 -24.39
N LEU A 892 -43.92 23.61 -23.84
CA LEU A 892 -43.34 24.04 -22.57
C LEU A 892 -42.23 25.04 -22.83
N SER A 893 -42.54 26.09 -23.58
CA SER A 893 -41.55 27.11 -23.95
C SER A 893 -41.37 28.06 -22.78
N PHE A 894 -40.27 27.88 -22.05
CA PHE A 894 -39.92 28.74 -20.92
C PHE A 894 -38.74 29.61 -21.32
N ALA A 895 -38.86 30.91 -21.10
CA ALA A 895 -37.81 31.86 -21.43
C ALA A 895 -36.84 31.96 -20.26
N VAL A 896 -35.58 31.57 -20.50
CA VAL A 896 -34.56 31.61 -19.45
C VAL A 896 -34.20 33.05 -19.18
N PRO A 897 -34.35 33.53 -17.95
CA PRO A 897 -34.03 34.94 -17.67
C PRO A 897 -32.53 35.18 -17.61
N PHE A 898 -32.06 36.10 -18.44
CA PHE A 898 -30.68 36.57 -18.40
C PHE A 898 -30.69 38.09 -18.33
N ARG A 899 -29.54 38.65 -17.96
CA ARG A 899 -29.44 40.10 -17.82
C ARG A 899 -29.61 40.83 -19.14
N GLU A 900 -29.35 40.18 -20.28
CA GLU A 900 -29.41 40.88 -21.56
C GLU A 900 -30.14 40.11 -22.66
N MET A 901 -30.41 38.82 -22.53
CA MET A 901 -31.27 38.12 -23.48
C MET A 901 -32.20 37.20 -22.70
N LYS A 902 -33.16 36.60 -23.42
CA LYS A 902 -34.12 35.66 -22.85
C LYS A 902 -34.23 34.44 -23.75
N PRO A 903 -33.27 33.52 -23.67
CA PRO A 903 -33.37 32.29 -24.44
C PRO A 903 -34.55 31.44 -23.98
N VAL A 904 -35.12 30.69 -24.92
CA VAL A 904 -36.33 29.90 -24.68
C VAL A 904 -35.98 28.43 -24.84
N ILE A 905 -36.40 27.61 -23.87
CA ILE A 905 -36.19 26.18 -23.89
C ILE A 905 -37.53 25.48 -23.68
N PHE A 906 -37.59 24.23 -24.12
CA PHE A 906 -38.80 23.42 -24.02
C PHE A 906 -38.59 22.33 -22.99
N LEU A 907 -39.46 22.28 -21.98
CA LEU A 907 -39.40 21.25 -20.96
C LEU A 907 -40.05 19.95 -21.40
N ASP A 908 -40.69 19.92 -22.56
CA ASP A 908 -41.30 18.70 -23.06
C ASP A 908 -40.26 17.60 -23.26
N VAL A 909 -39.03 17.98 -23.63
CA VAL A 909 -37.98 17.00 -23.84
C VAL A 909 -37.66 16.27 -22.54
N PHE A 910 -37.56 17.01 -21.44
CA PHE A 910 -37.19 16.40 -20.17
C PHE A 910 -38.31 15.55 -19.59
N LEU A 911 -39.56 15.85 -19.94
CA LEU A 911 -40.71 15.30 -19.23
C LEU A 911 -40.70 13.78 -19.10
N PRO A 912 -40.47 13.00 -20.17
CA PRO A 912 -40.43 11.54 -19.97
C PRO A 912 -39.30 11.08 -19.07
N ARG A 913 -38.09 11.59 -19.28
CA ARG A 913 -36.96 11.15 -18.47
C ARG A 913 -37.10 11.59 -17.02
N VAL A 914 -37.59 12.81 -16.80
CA VAL A 914 -37.76 13.26 -15.41
C VAL A 914 -38.87 12.49 -14.73
N THR A 915 -39.94 12.14 -15.46
CA THR A 915 -40.97 11.29 -14.87
C THR A 915 -40.40 9.93 -14.49
N GLU A 916 -39.57 9.36 -15.36
CA GLU A 916 -38.92 8.08 -15.04
C GLU A 916 -38.05 8.21 -13.81
N LEU A 917 -37.28 9.31 -13.71
CA LEU A 917 -36.41 9.50 -12.56
C LEU A 917 -37.21 9.66 -11.28
N ALA A 918 -38.29 10.44 -11.32
CA ALA A 918 -39.12 10.63 -10.13
C ALA A 918 -39.77 9.32 -9.72
N LEU A 919 -40.24 8.53 -10.69
CA LEU A 919 -40.84 7.23 -10.37
C LEU A 919 -39.78 6.25 -9.85
N THR A 920 -38.60 6.24 -10.47
CA THR A 920 -37.54 5.29 -10.11
C THR A 920 -36.24 6.05 -9.95
N ALA A 921 -35.73 6.08 -8.71
CA ALA A 921 -34.43 6.67 -8.42
C ALA A 921 -33.87 6.01 -7.17
N SER A 922 -32.69 5.40 -7.30
CA SER A 922 -32.10 4.68 -6.17
C SER A 922 -31.80 5.63 -5.01
N ASP A 923 -31.21 6.78 -5.30
CA ASP A 923 -30.89 7.73 -4.24
C ASP A 923 -32.14 8.50 -3.84
N ARG A 924 -32.31 8.65 -2.52
CA ARG A 924 -33.45 9.41 -2.00
C ARG A 924 -33.40 10.87 -2.43
N GLN A 925 -32.20 11.47 -2.40
CA GLN A 925 -32.07 12.87 -2.79
C GLN A 925 -32.44 13.07 -4.25
N THR A 926 -31.97 12.19 -5.13
CA THR A 926 -32.35 12.28 -6.54
C THR A 926 -33.86 12.13 -6.70
N LYS A 927 -34.45 11.19 -5.97
CA LYS A 927 -35.89 10.97 -6.05
C LYS A 927 -36.66 12.22 -5.66
N VAL A 928 -36.32 12.83 -4.52
CA VAL A 928 -37.07 13.97 -4.04
C VAL A 928 -36.84 15.19 -4.94
N ALA A 929 -35.61 15.37 -5.43
CA ALA A 929 -35.35 16.48 -6.34
C ALA A 929 -36.13 16.32 -7.63
N ALA A 930 -36.17 15.10 -8.18
CA ALA A 930 -36.94 14.86 -9.39
C ALA A 930 -38.42 15.09 -9.16
N CYS A 931 -38.94 14.65 -8.00
CA CYS A 931 -40.34 14.88 -7.69
C CYS A 931 -40.66 16.36 -7.59
N GLU A 932 -39.80 17.13 -6.92
CA GLU A 932 -40.05 18.56 -6.80
C GLU A 932 -39.98 19.26 -8.15
N LEU A 933 -39.01 18.88 -8.98
CA LEU A 933 -38.92 19.49 -10.31
C LEU A 933 -40.12 19.12 -11.17
N LEU A 934 -40.58 17.87 -11.07
CA LEU A 934 -41.77 17.47 -11.81
C LEU A 934 -43.00 18.25 -11.35
N HIS A 935 -43.15 18.42 -10.04
CA HIS A 935 -44.20 19.28 -9.51
C HIS A 935 -44.13 20.67 -10.14
N SER A 936 -42.94 21.27 -10.11
CA SER A 936 -42.80 22.62 -10.64
C SER A 936 -43.15 22.68 -12.12
N MET A 937 -42.69 21.69 -12.90
CA MET A 937 -42.89 21.77 -14.35
C MET A 937 -44.35 21.51 -14.72
N VAL A 938 -45.01 20.57 -14.04
CA VAL A 938 -46.42 20.33 -14.35
C VAL A 938 -47.26 21.52 -13.93
N MET A 939 -46.89 22.17 -12.83
CA MET A 939 -47.65 23.32 -12.38
C MET A 939 -47.43 24.53 -13.30
N PHE A 940 -46.21 24.69 -13.80
CA PHE A 940 -45.95 25.68 -14.83
C PHE A 940 -46.70 25.36 -16.12
N MET A 941 -46.81 24.08 -16.46
CA MET A 941 -47.58 23.68 -17.63
C MET A 941 -49.05 24.03 -17.47
N LEU A 942 -49.60 23.82 -16.28
CA LEU A 942 -50.97 24.25 -16.01
C LEU A 942 -51.10 25.76 -16.16
N GLY A 943 -50.15 26.52 -15.62
CA GLY A 943 -50.18 27.95 -15.77
C GLY A 943 -50.12 28.40 -17.22
N LYS A 944 -49.27 27.73 -18.02
CA LYS A 944 -49.18 28.05 -19.45
C LYS A 944 -50.48 27.72 -20.17
N ALA A 945 -51.09 26.58 -19.83
CA ALA A 945 -52.37 26.23 -20.43
C ALA A 945 -53.45 27.23 -20.05
N THR A 946 -53.32 27.85 -18.88
CA THR A 946 -54.25 28.90 -18.47
C THR A 946 -54.15 30.11 -19.40
N PRO A 957 -54.37 23.03 -25.52
CA PRO A 957 -54.37 21.68 -26.08
C PRO A 957 -53.34 20.76 -25.42
N MET A 958 -53.42 20.62 -24.11
CA MET A 958 -52.50 19.79 -23.34
C MET A 958 -53.01 18.36 -23.16
N TYR A 959 -53.88 17.89 -24.06
CA TYR A 959 -54.55 16.62 -23.88
C TYR A 959 -53.56 15.47 -23.72
N GLN A 960 -52.62 15.36 -24.66
CA GLN A 960 -51.67 14.25 -24.63
C GLN A 960 -50.72 14.37 -23.43
N LEU A 961 -50.29 15.59 -23.12
CA LEU A 961 -49.40 15.77 -21.97
C LEU A 961 -50.10 15.40 -20.67
N TYR A 962 -51.36 15.79 -20.51
CA TYR A 962 -52.13 15.35 -19.35
C TYR A 962 -52.24 13.82 -19.31
N LYS A 963 -52.54 13.21 -20.46
CA LYS A 963 -52.70 11.77 -20.51
C LYS A 963 -51.44 11.06 -20.06
N ARG A 964 -50.28 11.56 -20.50
CA ARG A 964 -49.02 10.92 -20.11
C ARG A 964 -48.68 11.19 -18.65
N THR A 965 -48.86 12.43 -18.18
CA THR A 965 -48.36 12.79 -16.85
C THR A 965 -49.25 12.28 -15.73
N PHE A 966 -50.56 12.13 -15.96
CA PHE A 966 -51.47 11.81 -14.86
C PHE A 966 -51.16 10.48 -14.18
N PRO A 967 -50.92 9.37 -14.88
CA PRO A 967 -50.54 8.15 -14.16
C PRO A 967 -49.29 8.31 -13.32
N VAL A 968 -48.30 9.04 -13.81
CA VAL A 968 -47.08 9.27 -13.03
C VAL A 968 -47.40 10.08 -11.78
N LEU A 969 -48.25 11.10 -11.92
CA LEU A 969 -48.64 11.89 -10.76
C LEU A 969 -49.36 11.04 -9.72
N LEU A 970 -50.27 10.17 -10.17
CA LEU A 970 -50.96 9.29 -9.24
C LEU A 970 -50.00 8.34 -8.55
N ARG A 971 -49.05 7.78 -9.31
CA ARG A 971 -48.06 6.88 -8.72
C ARG A 971 -47.23 7.60 -7.67
N LEU A 972 -46.78 8.82 -7.97
CA LEU A 972 -45.98 9.57 -7.01
C LEU A 972 -46.80 9.93 -5.77
N ALA A 973 -48.06 10.29 -5.96
CA ALA A 973 -48.91 10.59 -4.82
C ALA A 973 -49.23 9.35 -4.00
N CYS A 974 -49.12 8.16 -4.60
CA CYS A 974 -49.28 6.90 -3.89
C CYS A 974 -47.93 6.26 -3.55
N ASP A 975 -46.83 6.99 -3.71
CA ASP A 975 -45.51 6.42 -3.47
C ASP A 975 -45.33 6.08 -1.99
N VAL A 976 -44.49 5.07 -1.74
CA VAL A 976 -44.26 4.62 -0.37
C VAL A 976 -43.56 5.71 0.45
N ASP A 977 -42.67 6.48 -0.16
CA ASP A 977 -41.97 7.53 0.57
C ASP A 977 -42.95 8.56 1.08
N GLN A 978 -42.85 8.86 2.38
CA GLN A 978 -43.84 9.72 3.02
C GLN A 978 -43.78 11.15 2.49
N VAL A 979 -42.57 11.66 2.21
CA VAL A 979 -42.45 13.03 1.74
C VAL A 979 -43.03 13.17 0.34
N THR A 980 -42.85 12.15 -0.50
CA THR A 980 -43.37 12.21 -1.87
C THR A 980 -44.88 12.31 -1.88
N ARG A 981 -45.55 11.42 -1.14
CA ARG A 981 -47.01 11.47 -1.07
C ARG A 981 -47.48 12.74 -0.37
N GLN A 982 -46.79 13.14 0.69
CA GLN A 982 -47.17 14.36 1.41
C GLN A 982 -47.07 15.59 0.51
N LEU A 983 -46.18 15.55 -0.48
CA LEU A 983 -46.07 16.65 -1.43
C LEU A 983 -47.12 16.54 -2.55
N TYR A 984 -47.35 15.32 -3.05
CA TYR A 984 -48.13 15.19 -4.27
C TYR A 984 -49.63 15.03 -4.04
N GLU A 985 -50.05 14.44 -2.92
CA GLU A 985 -51.47 14.33 -2.65
C GLU A 985 -52.15 15.69 -2.57
N PRO A 986 -51.66 16.67 -1.81
CA PRO A 986 -52.28 18.01 -1.88
C PRO A 986 -52.29 18.57 -3.28
N LEU A 987 -51.25 18.29 -4.07
CA LEU A 987 -51.29 18.64 -5.49
C LEU A 987 -52.44 17.93 -6.19
N VAL A 988 -52.69 16.67 -5.85
CA VAL A 988 -53.78 15.93 -6.47
C VAL A 988 -55.11 16.59 -6.17
N MET A 989 -55.36 16.91 -4.90
CA MET A 989 -56.61 17.57 -4.55
C MET A 989 -56.71 18.94 -5.21
N GLN A 990 -55.61 19.70 -5.25
CA GLN A 990 -55.65 21.01 -5.88
C GLN A 990 -55.99 20.90 -7.37
N LEU A 991 -55.41 19.91 -8.05
CA LEU A 991 -55.75 19.69 -9.45
C LEU A 991 -57.22 19.30 -9.61
N ILE A 992 -57.72 18.45 -8.71
CA ILE A 992 -59.13 18.06 -8.77
C ILE A 992 -60.02 19.29 -8.61
N HIS A 993 -59.73 20.13 -7.62
CA HIS A 993 -60.55 21.33 -7.40
C HIS A 993 -60.46 22.28 -8.59
N TRP A 994 -59.27 22.45 -9.16
CA TRP A 994 -59.13 23.30 -10.33
C TRP A 994 -59.94 22.76 -11.50
N PHE A 995 -59.92 21.44 -11.70
CA PHE A 995 -60.73 20.83 -12.74
C PHE A 995 -62.18 20.66 -12.33
N THR A 996 -62.48 20.75 -11.03
CA THR A 996 -63.88 20.73 -10.60
C THR A 996 -64.59 22.04 -10.90
N ASN A 997 -63.84 23.09 -11.23
CA ASN A 997 -64.46 24.36 -11.59
C ASN A 997 -65.18 24.24 -12.93
N ASN A 998 -66.28 24.99 -13.06
CA ASN A 998 -67.03 24.99 -14.31
C ASN A 998 -66.17 25.45 -15.48
N LYS A 999 -65.19 26.31 -15.23
CA LYS A 999 -64.29 26.76 -16.29
C LYS A 999 -63.40 25.64 -16.82
N LYS A 1000 -63.32 24.52 -16.12
CA LYS A 1000 -62.49 23.39 -16.52
C LYS A 1000 -63.35 22.15 -16.76
N PHE A 1001 -64.48 22.33 -17.45
CA PHE A 1001 -65.41 21.24 -17.74
C PHE A 1001 -65.41 20.88 -19.22
N GLU A 1002 -64.25 21.01 -19.89
CA GLU A 1002 -64.16 20.88 -21.35
C GLU A 1002 -63.01 19.92 -21.69
N SER A 1003 -63.32 18.63 -21.76
CA SER A 1003 -62.47 17.61 -22.37
C SER A 1003 -61.12 17.45 -21.67
N GLN A 1004 -60.90 18.14 -20.56
CA GLN A 1004 -59.69 17.99 -19.76
C GLN A 1004 -59.96 17.38 -18.41
N ASP A 1005 -60.99 17.87 -17.70
CA ASP A 1005 -61.52 17.10 -16.59
C ASP A 1005 -61.90 15.70 -17.02
N THR A 1006 -62.34 15.55 -18.27
CA THR A 1006 -62.57 14.22 -18.82
C THR A 1006 -61.29 13.40 -18.78
N VAL A 1007 -60.17 14.00 -19.19
CA VAL A 1007 -58.89 13.28 -19.15
C VAL A 1007 -58.56 12.88 -17.73
N ALA A 1008 -58.61 13.83 -16.80
CA ALA A 1008 -58.23 13.55 -15.42
C ALA A 1008 -59.11 12.46 -14.81
N LEU A 1009 -60.42 12.64 -14.89
CA LEU A 1009 -61.37 11.67 -14.36
C LEU A 1009 -61.15 10.32 -15.00
N LEU A 1010 -61.36 10.22 -16.32
CA LEU A 1010 -61.28 8.93 -17.01
C LEU A 1010 -59.98 8.21 -16.69
N GLU A 1011 -58.85 8.91 -16.77
CA GLU A 1011 -57.57 8.28 -16.45
C GLU A 1011 -57.57 7.74 -15.04
N ALA A 1012 -57.91 8.57 -14.05
CA ALA A 1012 -57.85 8.12 -12.67
C ALA A 1012 -58.76 6.91 -12.44
N ILE A 1013 -60.03 7.04 -12.81
CA ILE A 1013 -61.00 6.01 -12.49
C ILE A 1013 -60.69 4.72 -13.23
N LEU A 1014 -60.46 4.79 -14.54
CA LEU A 1014 -60.14 3.59 -15.28
C LEU A 1014 -58.82 2.98 -14.84
N ASP A 1015 -57.70 3.68 -15.10
CA ASP A 1015 -56.40 3.05 -14.90
C ASP A 1015 -56.09 2.82 -13.43
N GLY A 1016 -56.29 3.84 -12.60
CA GLY A 1016 -55.81 3.75 -11.23
C GLY A 1016 -56.62 2.86 -10.32
N ILE A 1017 -57.73 2.31 -10.79
CA ILE A 1017 -58.58 1.46 -9.96
C ILE A 1017 -58.70 0.05 -10.50
N VAL A 1018 -58.44 -0.21 -11.78
CA VAL A 1018 -58.47 -1.57 -12.31
C VAL A 1018 -57.09 -2.22 -12.28
N ASP A 1019 -56.11 -1.56 -11.68
CA ASP A 1019 -54.72 -2.01 -11.62
C ASP A 1019 -54.63 -3.47 -11.20
N PRO A 1020 -54.17 -4.36 -12.10
CA PRO A 1020 -54.01 -5.76 -11.71
C PRO A 1020 -53.04 -5.96 -10.56
N VAL A 1021 -52.03 -5.09 -10.44
CA VAL A 1021 -51.08 -5.11 -9.35
C VAL A 1021 -51.11 -3.76 -8.66
N ASP A 1022 -50.56 -3.72 -7.45
CA ASP A 1022 -50.49 -2.51 -6.64
C ASP A 1022 -51.88 -1.95 -6.36
N SER A 1023 -52.66 -2.73 -5.60
CA SER A 1023 -54.00 -2.31 -5.20
C SER A 1023 -53.97 -1.14 -4.21
N THR A 1024 -52.80 -0.80 -3.66
CA THR A 1024 -52.68 0.43 -2.89
C THR A 1024 -53.00 1.64 -3.77
N LEU A 1025 -52.54 1.61 -5.02
CA LEU A 1025 -52.94 2.64 -5.98
C LEU A 1025 -54.44 2.63 -6.18
N ARG A 1026 -55.06 1.44 -6.18
CA ARG A 1026 -56.51 1.36 -6.30
C ARG A 1026 -57.20 2.05 -5.13
N ASP A 1027 -56.71 1.83 -3.90
CA ASP A 1027 -57.29 2.50 -2.75
C ASP A 1027 -57.10 4.01 -2.83
N PHE A 1028 -55.92 4.46 -3.22
CA PHE A 1028 -55.67 5.89 -3.32
C PHE A 1028 -56.56 6.53 -4.37
N CYS A 1029 -56.74 5.86 -5.52
CA CYS A 1029 -57.61 6.39 -6.55
C CYS A 1029 -59.08 6.32 -6.15
N GLY A 1030 -59.44 5.38 -5.28
CA GLY A 1030 -60.76 5.41 -4.68
C GLY A 1030 -60.96 6.65 -3.82
N ARG A 1031 -59.96 6.99 -3.01
CA ARG A 1031 -60.01 8.25 -2.28
C ARG A 1031 -60.15 9.42 -3.24
N CYS A 1032 -59.38 9.40 -4.34
CA CYS A 1032 -59.41 10.50 -5.29
C CYS A 1032 -60.79 10.65 -5.93
N ILE A 1033 -61.39 9.53 -6.35
CA ILE A 1033 -62.71 9.62 -6.98
C ILE A 1033 -63.76 10.05 -5.96
N ARG A 1034 -63.62 9.60 -4.72
CA ARG A 1034 -64.56 10.03 -3.68
C ARG A 1034 -64.50 11.55 -3.50
N GLU A 1035 -63.30 12.09 -3.32
CA GLU A 1035 -63.18 13.53 -3.12
C GLU A 1035 -63.57 14.31 -4.38
N PHE A 1036 -63.26 13.76 -5.55
CA PHE A 1036 -63.65 14.43 -6.79
C PHE A 1036 -65.15 14.49 -6.93
N LEU A 1037 -65.85 13.40 -6.62
CA LEU A 1037 -67.31 13.41 -6.68
C LEU A 1037 -67.89 14.38 -5.68
N LYS A 1038 -67.34 14.42 -4.46
CA LYS A 1038 -67.81 15.37 -3.46
C LYS A 1038 -67.67 16.80 -3.96
N TRP A 1039 -66.50 17.14 -4.50
CA TRP A 1039 -66.28 18.50 -4.98
C TRP A 1039 -67.19 18.81 -6.18
N SER A 1040 -67.29 17.87 -7.12
CA SER A 1040 -68.08 18.11 -8.33
C SER A 1040 -69.54 18.34 -7.99
N ILE A 1041 -70.10 17.55 -7.08
CA ILE A 1041 -71.49 17.79 -6.67
C ILE A 1041 -71.58 19.08 -5.88
N LYS A 1042 -70.52 19.46 -5.15
CA LYS A 1042 -70.56 20.70 -4.40
C LYS A 1042 -70.05 21.90 -5.19
N GLN A 1043 -69.40 21.69 -6.33
CA GLN A 1043 -68.96 22.83 -7.14
C GLN A 1043 -70.08 23.34 -8.04
N ILE A 1044 -70.57 22.50 -8.94
CA ILE A 1044 -71.54 22.90 -9.95
C ILE A 1044 -72.71 21.92 -9.93
N THR A 1045 -73.92 22.45 -9.88
CA THR A 1045 -75.10 21.61 -9.95
C THR A 1045 -75.31 21.12 -11.39
N PRO A 1046 -75.78 19.89 -11.58
CA PRO A 1046 -75.95 19.39 -12.96
C PRO A 1046 -76.99 20.15 -13.77
N GLN A 1047 -77.92 20.85 -13.12
CA GLN A 1047 -78.96 21.55 -13.87
C GLN A 1047 -78.40 22.77 -14.59
N GLN A 1048 -77.58 23.56 -13.91
CA GLN A 1048 -77.05 24.78 -14.51
C GLN A 1048 -75.99 24.51 -15.57
N GLN A 1049 -75.41 23.31 -15.58
CA GLN A 1049 -74.35 22.98 -16.52
C GLN A 1049 -74.53 21.53 -16.95
N GLU A 1050 -74.82 21.31 -18.23
CA GLU A 1050 -75.18 19.99 -18.71
C GLU A 1050 -73.99 19.08 -18.97
N LYS A 1051 -72.76 19.58 -18.84
CA LYS A 1051 -71.62 18.68 -18.83
C LYS A 1051 -71.44 17.98 -17.49
N SER A 1052 -72.08 18.49 -16.42
CA SER A 1052 -72.06 17.76 -15.16
C SER A 1052 -72.83 16.44 -15.24
N PRO A 1053 -74.04 16.37 -15.81
CA PRO A 1053 -74.68 15.05 -15.94
C PRO A 1053 -73.87 14.05 -16.74
N VAL A 1054 -73.09 14.50 -17.72
CA VAL A 1054 -72.27 13.59 -18.51
C VAL A 1054 -70.95 13.38 -17.78
N ASN A 1055 -70.85 13.90 -16.55
CA ASN A 1055 -69.76 13.52 -15.68
C ASN A 1055 -70.23 13.22 -14.26
N THR A 1056 -71.54 13.20 -14.01
CA THR A 1056 -72.12 12.75 -12.75
C THR A 1056 -72.92 11.47 -12.91
N LYS A 1057 -73.88 11.45 -13.83
CA LYS A 1057 -74.58 10.20 -14.14
C LYS A 1057 -73.72 9.28 -15.01
N SER A 1058 -72.86 9.87 -15.86
CA SER A 1058 -72.02 9.06 -16.72
C SER A 1058 -71.02 8.23 -15.93
N LEU A 1059 -70.50 8.76 -14.83
CA LEU A 1059 -69.60 7.96 -14.01
C LEU A 1059 -70.32 6.74 -13.45
N PHE A 1060 -71.57 6.91 -13.03
CA PHE A 1060 -72.36 5.77 -12.59
C PHE A 1060 -72.60 4.78 -13.73
N LYS A 1061 -72.89 5.29 -14.93
CA LYS A 1061 -73.12 4.40 -16.06
C LYS A 1061 -71.87 3.57 -16.39
N ARG A 1062 -70.70 4.22 -16.42
CA ARG A 1062 -69.48 3.49 -16.71
C ARG A 1062 -69.06 2.59 -15.56
N LEU A 1063 -69.43 2.96 -14.32
CA LEU A 1063 -69.21 2.06 -13.20
C LEU A 1063 -70.06 0.80 -13.35
N TYR A 1064 -71.31 0.96 -13.78
CA TYR A 1064 -72.15 -0.21 -14.06
C TYR A 1064 -71.55 -1.04 -15.18
N SER A 1065 -71.02 -0.40 -16.22
CA SER A 1065 -70.38 -1.11 -17.31
C SER A 1065 -69.18 -1.92 -16.81
N LEU A 1066 -68.35 -1.29 -15.96
CA LEU A 1066 -67.20 -1.99 -15.40
C LEU A 1066 -67.61 -3.16 -14.53
N ALA A 1067 -68.63 -2.98 -13.70
CA ALA A 1067 -69.12 -4.06 -12.86
C ALA A 1067 -69.66 -5.21 -13.70
N LEU A 1068 -70.38 -4.88 -14.78
CA LEU A 1068 -70.89 -5.89 -15.69
C LEU A 1068 -69.81 -6.45 -16.61
N HIS A 1069 -68.65 -5.80 -16.68
CA HIS A 1069 -67.57 -6.31 -17.50
C HIS A 1069 -67.08 -7.65 -16.95
N PRO A 1070 -66.81 -8.63 -17.83
CA PRO A 1070 -66.37 -9.94 -17.34
C PRO A 1070 -65.06 -9.92 -16.58
N ASN A 1071 -64.24 -8.90 -16.78
CA ASN A 1071 -62.97 -8.81 -16.04
C ASN A 1071 -63.25 -8.68 -14.55
N ALA A 1072 -62.63 -9.55 -13.77
CA ALA A 1072 -62.80 -9.50 -12.32
C ALA A 1072 -62.24 -8.21 -11.75
N PHE A 1073 -61.12 -7.74 -12.30
CA PHE A 1073 -60.49 -6.53 -11.78
C PHE A 1073 -61.38 -5.30 -11.98
N LYS A 1074 -62.08 -5.22 -13.11
CA LYS A 1074 -62.97 -4.09 -13.34
C LYS A 1074 -64.11 -4.07 -12.33
N ARG A 1075 -64.74 -5.23 -12.08
CA ARG A 1075 -65.80 -5.29 -11.08
C ARG A 1075 -65.26 -4.97 -9.70
N LEU A 1076 -64.07 -5.47 -9.37
CA LEU A 1076 -63.43 -5.16 -8.10
C LEU A 1076 -63.25 -3.65 -7.93
N GLY A 1077 -62.70 -3.01 -8.96
CA GLY A 1077 -62.48 -1.58 -8.89
C GLY A 1077 -63.77 -0.79 -8.77
N ALA A 1078 -64.80 -1.19 -9.52
CA ALA A 1078 -66.08 -0.49 -9.44
C ALA A 1078 -66.69 -0.62 -8.05
N SER A 1079 -66.67 -1.84 -7.49
CA SER A 1079 -67.21 -2.05 -6.15
C SER A 1079 -66.43 -1.27 -5.10
N LEU A 1080 -65.10 -1.26 -5.21
CA LEU A 1080 -64.29 -0.52 -4.26
C LEU A 1080 -64.56 0.98 -4.36
N ALA A 1081 -64.69 1.50 -5.58
CA ALA A 1081 -64.99 2.93 -5.75
C ALA A 1081 -66.35 3.28 -5.16
N PHE A 1082 -67.34 2.42 -5.38
CA PHE A 1082 -68.65 2.68 -4.79
C PHE A 1082 -68.59 2.64 -3.27
N ASN A 1083 -67.81 1.70 -2.72
CA ASN A 1083 -67.63 1.65 -1.27
C ASN A 1083 -66.99 2.94 -0.75
N ASN A 1084 -66.01 3.46 -1.49
CA ASN A 1084 -65.39 4.72 -1.08
C ASN A 1084 -66.39 5.87 -1.11
N ILE A 1085 -67.17 5.97 -2.19
CA ILE A 1085 -68.07 7.11 -2.37
C ILE A 1085 -69.35 7.00 -1.55
N TYR A 1086 -69.66 5.82 -1.00
CA TYR A 1086 -70.87 5.59 -0.23
C TYR A 1086 -71.21 6.73 0.73
N ARG A 1087 -70.22 7.23 1.47
CA ARG A 1087 -70.51 8.18 2.54
C ARG A 1087 -71.15 9.46 2.02
N GLU A 1088 -70.64 10.01 0.92
CA GLU A 1088 -71.25 11.21 0.37
C GLU A 1088 -72.40 10.90 -0.58
N PHE A 1089 -72.39 9.72 -1.22
CA PHE A 1089 -73.51 9.34 -2.07
C PHE A 1089 -74.78 9.14 -1.25
N ARG A 1090 -74.64 8.80 0.03
CA ARG A 1090 -75.79 8.59 0.89
C ARG A 1090 -76.65 9.85 1.02
N GLU A 1091 -76.06 11.03 0.82
CA GLU A 1091 -76.68 12.29 1.17
C GLU A 1091 -77.33 13.00 -0.02
N GLU A 1092 -77.45 12.33 -1.17
CA GLU A 1092 -78.08 12.92 -2.35
C GLU A 1092 -79.28 12.04 -2.72
N GLU A 1093 -80.42 12.30 -2.06
CA GLU A 1093 -81.58 11.43 -2.23
C GLU A 1093 -82.13 11.50 -3.65
N SER A 1094 -82.02 12.66 -4.31
CA SER A 1094 -82.58 12.82 -5.65
C SER A 1094 -81.98 11.84 -6.65
N LEU A 1095 -80.77 11.36 -6.41
CA LEU A 1095 -80.17 10.31 -7.22
C LEU A 1095 -80.13 8.96 -6.51
N VAL A 1096 -80.14 8.96 -5.18
CA VAL A 1096 -80.25 7.72 -4.42
C VAL A 1096 -81.52 6.97 -4.81
N GLU A 1097 -82.62 7.70 -5.02
CA GLU A 1097 -83.89 7.05 -5.32
C GLU A 1097 -83.80 6.12 -6.53
N GLN A 1098 -82.97 6.48 -7.53
CA GLN A 1098 -82.76 5.60 -8.67
C GLN A 1098 -81.60 4.64 -8.46
N PHE A 1099 -80.56 5.08 -7.74
CA PHE A 1099 -79.36 4.28 -7.66
C PHE A 1099 -79.51 3.08 -6.73
N VAL A 1100 -80.31 3.19 -5.67
CA VAL A 1100 -80.55 2.06 -4.79
C VAL A 1100 -81.17 0.88 -5.51
N PHE A 1101 -81.71 1.09 -6.71
CA PHE A 1101 -82.18 0.01 -7.56
C PHE A 1101 -81.18 -0.31 -8.66
N GLU A 1102 -80.73 0.71 -9.39
CA GLU A 1102 -79.80 0.49 -10.50
C GLU A 1102 -78.52 -0.19 -10.03
N ALA A 1103 -77.78 0.46 -9.13
CA ALA A 1103 -76.52 -0.08 -8.67
C ALA A 1103 -76.71 -1.39 -7.91
N LEU A 1104 -77.84 -1.55 -7.23
CA LEU A 1104 -78.11 -2.81 -6.55
C LEU A 1104 -78.18 -3.97 -7.54
N VAL A 1105 -78.98 -3.80 -8.60
CA VAL A 1105 -79.07 -4.84 -9.62
C VAL A 1105 -77.72 -5.06 -10.29
N ILE A 1106 -77.01 -3.97 -10.59
CA ILE A 1106 -75.72 -4.10 -11.25
C ILE A 1106 -74.73 -4.88 -10.40
N TYR A 1107 -74.69 -4.60 -9.10
CA TYR A 1107 -73.74 -5.28 -8.24
C TYR A 1107 -74.15 -6.72 -7.94
N MET A 1108 -75.46 -7.00 -7.90
CA MET A 1108 -75.89 -8.39 -7.83
C MET A 1108 -75.43 -9.18 -9.05
N GLU A 1109 -75.56 -8.58 -10.24
CA GLU A 1109 -75.07 -9.24 -11.44
C GLU A 1109 -73.55 -9.36 -11.44
N SER A 1110 -72.85 -8.36 -10.91
CA SER A 1110 -71.39 -8.43 -10.81
C SER A 1110 -70.96 -9.59 -9.91
N LEU A 1111 -71.62 -9.74 -8.77
CA LEU A 1111 -71.34 -10.88 -7.90
C LEU A 1111 -71.72 -12.19 -8.58
N ALA A 1112 -72.78 -12.20 -9.38
CA ALA A 1112 -73.11 -13.40 -10.15
C ALA A 1112 -71.98 -13.77 -11.10
N LEU A 1113 -71.40 -12.77 -11.77
CA LEU A 1113 -70.24 -13.02 -12.61
C LEU A 1113 -69.06 -13.54 -11.78
N ALA A 1114 -68.82 -12.93 -10.62
CA ALA A 1114 -67.71 -13.34 -9.78
C ALA A 1114 -67.91 -14.73 -9.19
N HIS A 1115 -69.15 -15.21 -9.15
CA HIS A 1115 -69.41 -16.55 -8.61
C HIS A 1115 -68.63 -17.62 -9.35
N ALA A 1116 -68.40 -17.44 -10.65
CA ALA A 1116 -67.58 -18.36 -11.43
C ALA A 1116 -66.09 -18.05 -11.32
N ASP A 1117 -65.73 -16.94 -10.68
CA ASP A 1117 -64.33 -16.56 -10.52
C ASP A 1117 -63.75 -17.19 -9.26
N GLU A 1118 -62.42 -17.14 -9.16
CA GLU A 1118 -61.72 -17.69 -8.01
C GLU A 1118 -61.91 -16.81 -6.80
N LYS A 1119 -62.03 -17.45 -5.62
CA LYS A 1119 -62.34 -16.75 -4.38
C LYS A 1119 -61.07 -16.55 -3.56
N SER A 1120 -60.26 -15.58 -3.99
CA SER A 1120 -59.15 -15.10 -3.17
C SER A 1120 -59.00 -13.59 -3.15
N LEU A 1121 -59.51 -12.87 -4.15
CA LEU A 1121 -59.37 -11.43 -4.22
C LEU A 1121 -60.46 -10.74 -3.41
N GLY A 1122 -60.34 -9.41 -3.30
CA GLY A 1122 -61.30 -8.61 -2.57
C GLY A 1122 -62.59 -8.34 -3.28
N THR A 1123 -62.76 -8.85 -4.51
CA THR A 1123 -64.01 -8.66 -5.25
C THR A 1123 -65.20 -9.11 -4.41
N ILE A 1124 -65.08 -10.27 -3.76
CA ILE A 1124 -66.13 -10.74 -2.86
C ILE A 1124 -66.36 -9.72 -1.75
N GLN A 1125 -65.29 -9.27 -1.11
CA GLN A 1125 -65.43 -8.36 0.02
C GLN A 1125 -66.00 -7.02 -0.42
N GLN A 1126 -65.49 -6.47 -1.53
CA GLN A 1126 -65.99 -5.19 -1.99
C GLN A 1126 -67.46 -5.27 -2.40
N CYS A 1127 -67.84 -6.34 -3.10
CA CYS A 1127 -69.23 -6.47 -3.51
C CYS A 1127 -70.16 -6.67 -2.31
N CYS A 1128 -69.75 -7.47 -1.33
CA CYS A 1128 -70.58 -7.67 -0.15
C CYS A 1128 -70.70 -6.39 0.65
N ASP A 1129 -69.61 -5.61 0.75
CA ASP A 1129 -69.69 -4.32 1.43
C ASP A 1129 -70.60 -3.37 0.68
N ALA A 1130 -70.56 -3.39 -0.66
CA ALA A 1130 -71.47 -2.56 -1.43
C ALA A 1130 -72.92 -2.94 -1.17
N ILE A 1131 -73.21 -4.24 -1.15
CA ILE A 1131 -74.57 -4.69 -0.87
C ILE A 1131 -74.99 -4.27 0.54
N ASP A 1132 -74.05 -4.34 1.49
CA ASP A 1132 -74.36 -3.92 2.85
C ASP A 1132 -74.67 -2.43 2.93
N HIS A 1133 -73.88 -1.61 2.22
CA HIS A 1133 -74.18 -0.18 2.18
C HIS A 1133 -75.53 0.09 1.55
N LEU A 1134 -75.86 -0.63 0.48
CA LEU A 1134 -77.14 -0.46 -0.19
C LEU A 1134 -78.29 -0.84 0.74
N CYS A 1135 -78.17 -1.95 1.45
CA CYS A 1135 -79.25 -2.34 2.36
C CYS A 1135 -79.34 -1.38 3.54
N ARG A 1136 -78.21 -0.83 3.99
CA ARG A 1136 -78.25 0.15 5.07
C ARG A 1136 -79.01 1.41 4.65
N ILE A 1137 -78.68 1.95 3.47
CA ILE A 1137 -79.40 3.14 3.03
C ILE A 1137 -80.86 2.81 2.72
N ILE A 1138 -81.15 1.58 2.29
CA ILE A 1138 -82.54 1.17 2.10
C ILE A 1138 -83.28 1.17 3.43
N GLU A 1139 -82.66 0.62 4.48
CA GLU A 1139 -83.28 0.67 5.80
C GLU A 1139 -83.47 2.10 6.26
N LYS A 1140 -82.53 2.99 5.90
CA LYS A 1140 -82.66 4.39 6.30
C LYS A 1140 -83.85 5.08 5.62
N LYS A 1141 -83.99 4.91 4.30
CA LYS A 1141 -84.95 5.68 3.53
C LYS A 1141 -86.03 4.81 2.88
N HIS A 1142 -86.40 3.70 3.54
CA HIS A 1142 -87.48 2.86 3.03
C HIS A 1142 -88.78 3.61 2.89
N VAL A 1143 -89.02 4.61 3.75
CA VAL A 1143 -90.27 5.37 3.67
C VAL A 1143 -90.39 6.05 2.32
N SER A 1144 -89.31 6.69 1.87
CA SER A 1144 -89.32 7.34 0.57
C SER A 1144 -89.26 6.33 -0.57
N LEU A 1145 -88.39 5.32 -0.46
CA LEU A 1145 -88.18 4.39 -1.56
C LEU A 1145 -89.30 3.37 -1.72
N ASN A 1146 -90.25 3.30 -0.78
CA ASN A 1146 -91.27 2.27 -0.83
C ASN A 1146 -92.28 2.55 -1.94
N LYS A 1147 -92.61 3.81 -2.17
CA LYS A 1147 -93.65 4.16 -3.12
C LYS A 1147 -93.17 3.90 -4.56
N ALA A 1148 -94.14 3.86 -5.47
CA ALA A 1148 -93.88 3.57 -6.88
C ALA A 1148 -93.53 4.86 -7.63
N LYS A 1149 -92.46 5.50 -7.18
CA LYS A 1149 -91.97 6.70 -7.84
C LYS A 1149 -91.40 6.35 -9.21
N LYS A 1150 -91.78 7.14 -10.23
CA LYS A 1150 -91.22 6.96 -11.56
C LYS A 1150 -89.74 7.35 -11.53
N ARG A 1151 -88.87 6.35 -11.62
CA ARG A 1151 -87.43 6.57 -11.52
C ARG A 1151 -86.73 5.84 -12.65
N ARG A 1152 -85.41 5.90 -12.68
CA ARG A 1152 -84.64 5.26 -13.72
C ARG A 1152 -84.64 3.75 -13.51
N LEU A 1153 -84.96 3.01 -14.57
CA LEU A 1153 -84.99 1.56 -14.48
C LEU A 1153 -83.57 1.01 -14.36
N PRO A 1154 -83.36 -0.01 -13.53
CA PRO A 1154 -82.05 -0.66 -13.49
C PRO A 1154 -81.71 -1.30 -14.82
N ARG A 1155 -80.42 -1.25 -15.17
CA ARG A 1155 -79.97 -1.78 -16.45
C ARG A 1155 -80.23 -3.27 -16.54
N GLY A 1156 -79.98 -4.01 -15.46
CA GLY A 1156 -80.23 -5.44 -15.44
C GLY A 1156 -81.64 -5.84 -15.13
N PHE A 1157 -82.57 -4.89 -15.03
CA PHE A 1157 -83.96 -5.18 -14.70
C PHE A 1157 -84.82 -5.07 -15.95
N PRO A 1158 -85.28 -6.19 -16.52
CA PRO A 1158 -86.05 -6.13 -17.77
C PRO A 1158 -87.39 -5.41 -17.61
N PRO A 1159 -88.23 -5.78 -16.63
CA PRO A 1159 -89.60 -5.21 -16.64
C PRO A 1159 -89.59 -3.70 -16.51
N SER A 1160 -90.50 -3.06 -17.24
CA SER A 1160 -90.62 -1.61 -17.29
C SER A 1160 -91.95 -1.20 -16.69
N ALA A 1161 -91.91 -0.42 -15.62
CA ALA A 1161 -93.09 0.11 -14.93
C ALA A 1161 -92.61 1.17 -13.95
N SER A 1162 -93.54 1.68 -13.14
CA SER A 1162 -93.15 2.61 -12.09
C SER A 1162 -92.26 1.91 -11.08
N LEU A 1163 -91.16 2.56 -10.71
CA LEU A 1163 -90.17 1.92 -9.85
C LEU A 1163 -90.68 1.88 -8.42
N CYS A 1164 -90.97 0.67 -7.93
CA CYS A 1164 -91.48 0.47 -6.58
C CYS A 1164 -90.64 -0.58 -5.86
N LEU A 1165 -90.61 -0.48 -4.54
CA LEU A 1165 -89.80 -1.39 -3.74
C LEU A 1165 -90.32 -2.83 -3.82
N LEU A 1166 -91.65 -2.99 -3.85
CA LEU A 1166 -92.24 -4.33 -3.83
C LEU A 1166 -91.83 -5.13 -5.06
N ASP A 1167 -91.82 -4.49 -6.23
CA ASP A 1167 -91.36 -5.18 -7.44
C ASP A 1167 -89.90 -5.58 -7.33
N LEU A 1168 -89.08 -4.73 -6.71
CA LEU A 1168 -87.68 -5.07 -6.49
C LEU A 1168 -87.54 -6.28 -5.57
N VAL A 1169 -88.35 -6.33 -4.52
CA VAL A 1169 -88.31 -7.48 -3.61
C VAL A 1169 -88.73 -8.76 -4.34
N LYS A 1170 -89.78 -8.66 -5.16
CA LYS A 1170 -90.20 -9.83 -5.93
C LYS A 1170 -89.12 -10.28 -6.90
N TRP A 1171 -88.46 -9.33 -7.55
CA TRP A 1171 -87.37 -9.67 -8.47
C TRP A 1171 -86.21 -10.33 -7.73
N LEU A 1172 -85.87 -9.82 -6.55
CA LEU A 1172 -84.81 -10.44 -5.75
C LEU A 1172 -85.19 -11.85 -5.32
N LEU A 1173 -86.45 -12.04 -4.91
CA LEU A 1173 -86.90 -13.37 -4.53
C LEU A 1173 -86.83 -14.33 -5.71
N ALA A 1174 -87.23 -13.87 -6.90
CA ALA A 1174 -87.13 -14.72 -8.08
C ALA A 1174 -85.69 -15.05 -8.41
N HIS A 1175 -84.79 -14.07 -8.32
CA HIS A 1175 -83.39 -14.28 -8.64
C HIS A 1175 -82.63 -15.03 -7.55
N CYS A 1176 -83.23 -15.23 -6.38
CA CYS A 1176 -82.60 -16.06 -5.36
C CYS A 1176 -82.36 -17.49 -5.83
N GLY A 1177 -83.07 -17.94 -6.86
CA GLY A 1177 -82.86 -19.25 -7.43
C GLY A 1177 -81.70 -19.36 -8.38
N ARG A 1178 -80.96 -18.28 -8.60
CA ARG A 1178 -79.81 -18.34 -9.48
C ARG A 1178 -78.73 -19.26 -8.90
N PRO A 1179 -77.98 -19.98 -9.75
CA PRO A 1179 -76.91 -20.87 -9.28
C PRO A 1179 -75.64 -20.11 -8.89
N GLN A 1180 -75.79 -19.06 -8.10
CA GLN A 1180 -74.69 -18.24 -7.63
C GLN A 1180 -74.74 -18.28 -6.11
N THR A 1181 -73.92 -19.16 -5.51
CA THR A 1181 -73.99 -19.41 -4.07
C THR A 1181 -73.86 -18.14 -3.25
N GLU A 1182 -72.87 -17.30 -3.59
CA GLU A 1182 -72.69 -16.04 -2.89
C GLU A 1182 -73.91 -15.15 -3.08
N CYS A 1183 -74.33 -14.95 -4.33
CA CYS A 1183 -75.53 -14.17 -4.59
C CYS A 1183 -76.75 -14.82 -3.95
N ARG A 1184 -76.81 -16.14 -3.97
CA ARG A 1184 -77.92 -16.85 -3.34
C ARG A 1184 -78.07 -16.45 -1.88
N HIS A 1185 -77.02 -16.69 -1.09
CA HIS A 1185 -77.11 -16.40 0.34
C HIS A 1185 -77.30 -14.91 0.60
N LYS A 1186 -76.58 -14.07 -0.14
CA LYS A 1186 -76.68 -12.63 0.09
C LYS A 1186 -78.09 -12.13 -0.19
N SER A 1187 -78.65 -12.51 -1.34
CA SER A 1187 -80.00 -12.09 -1.70
C SER A 1187 -81.04 -12.68 -0.77
N ILE A 1188 -80.83 -13.90 -0.29
CA ILE A 1188 -81.77 -14.51 0.64
C ILE A 1188 -81.80 -13.73 1.95
N GLU A 1189 -80.62 -13.40 2.48
CA GLU A 1189 -80.58 -12.61 3.71
C GLU A 1189 -81.15 -11.22 3.49
N LEU A 1190 -80.87 -10.61 2.32
CA LEU A 1190 -81.43 -9.30 2.02
C LEU A 1190 -82.95 -9.36 1.95
N PHE A 1191 -83.50 -10.41 1.34
CA PHE A 1191 -84.94 -10.58 1.27
C PHE A 1191 -85.53 -10.74 2.67
N TYR A 1192 -84.87 -11.54 3.52
CA TYR A 1192 -85.32 -11.67 4.90
C TYR A 1192 -85.32 -10.33 5.61
N LYS A 1193 -84.29 -9.52 5.39
CA LYS A 1193 -84.24 -8.20 6.01
C LYS A 1193 -85.33 -7.29 5.48
N PHE A 1194 -85.64 -7.37 4.19
CA PHE A 1194 -86.53 -6.39 3.56
C PHE A 1194 -88.00 -6.75 3.68
N VAL A 1195 -88.34 -8.03 3.94
CA VAL A 1195 -89.75 -8.38 4.12
C VAL A 1195 -90.43 -7.55 5.21
N PRO A 1196 -89.84 -7.36 6.40
CA PRO A 1196 -90.50 -6.48 7.38
C PRO A 1196 -90.63 -5.04 6.91
N LEU A 1197 -89.76 -4.58 6.02
CA LEU A 1197 -89.80 -3.20 5.57
C LEU A 1197 -90.99 -2.91 4.66
N LEU A 1198 -91.64 -3.95 4.15
CA LEU A 1198 -92.80 -3.76 3.28
C LEU A 1198 -93.99 -3.24 4.10
N PRO A 1199 -94.96 -2.61 3.44
CA PRO A 1199 -96.15 -2.14 4.17
C PRO A 1199 -96.87 -3.29 4.86
N GLY A 1200 -97.39 -3.01 6.04
CA GLY A 1200 -98.04 -4.01 6.86
C GLY A 1200 -97.12 -4.77 7.78
N ASN A 1201 -95.80 -4.71 7.54
CA ASN A 1201 -94.80 -5.36 8.39
C ASN A 1201 -95.08 -6.85 8.56
N ARG A 1202 -95.51 -7.49 7.47
CA ARG A 1202 -95.73 -8.93 7.49
C ARG A 1202 -94.39 -9.65 7.65
N SER A 1203 -94.35 -10.65 8.52
CA SER A 1203 -93.14 -11.42 8.74
C SER A 1203 -92.86 -12.29 7.52
N PRO A 1204 -91.61 -12.75 7.36
CA PRO A 1204 -91.28 -13.60 6.20
C PRO A 1204 -92.26 -14.73 5.97
N ASN A 1205 -92.50 -15.56 6.98
CA ASN A 1205 -93.50 -16.63 6.85
C ASN A 1205 -94.89 -16.04 6.62
N LEU A 1206 -95.23 -14.98 7.35
CA LEU A 1206 -96.54 -14.35 7.19
C LEU A 1206 -96.72 -13.80 5.78
N TRP A 1207 -95.74 -13.05 5.29
CA TRP A 1207 -95.84 -12.48 3.95
C TRP A 1207 -95.88 -13.57 2.89
N LEU A 1208 -95.07 -14.63 3.06
CA LEU A 1208 -95.08 -15.73 2.12
C LEU A 1208 -96.45 -16.41 2.08
N LYS A 1209 -97.06 -16.62 3.25
CA LYS A 1209 -98.40 -17.20 3.29
C LYS A 1209 -99.42 -16.27 2.64
N ASP A 1210 -99.31 -14.96 2.88
CA ASP A 1210 -100.24 -14.02 2.28
C ASP A 1210 -100.14 -14.03 0.76
N VAL A 1211 -98.92 -14.08 0.22
CA VAL A 1211 -98.75 -14.09 -1.23
C VAL A 1211 -98.91 -15.47 -1.84
N LEU A 1212 -98.98 -16.52 -1.02
CA LEU A 1212 -99.12 -17.87 -1.55
C LEU A 1212 -100.45 -18.06 -2.26
N LYS A 1213 -101.52 -17.45 -1.75
CA LYS A 1213 -102.82 -17.56 -2.39
C LYS A 1213 -102.78 -17.00 -3.81
N GLU A 1214 -102.15 -15.85 -3.99
CA GLU A 1214 -102.06 -15.26 -5.32
C GLU A 1214 -101.08 -16.01 -6.20
N GLU A 1215 -99.96 -16.48 -5.62
CA GLU A 1215 -98.90 -17.07 -6.44
C GLU A 1215 -99.00 -18.59 -6.54
N GLY A 1216 -99.46 -19.26 -5.50
CA GLY A 1216 -99.56 -20.71 -5.54
C GLY A 1216 -98.28 -21.44 -5.23
N VAL A 1217 -98.41 -22.63 -4.62
CA VAL A 1217 -97.23 -23.45 -4.34
C VAL A 1217 -96.55 -23.87 -5.64
N SER A 1218 -97.31 -23.94 -6.74
CA SER A 1218 -96.71 -24.26 -8.03
C SER A 1218 -95.66 -23.22 -8.41
N PHE A 1219 -96.03 -21.93 -8.38
CA PHE A 1219 -95.05 -20.89 -8.66
C PHE A 1219 -93.98 -20.82 -7.58
N LEU A 1220 -94.35 -21.12 -6.33
CA LEU A 1220 -93.36 -21.12 -5.26
C LEU A 1220 -92.25 -22.12 -5.54
N ILE A 1221 -92.60 -23.32 -6.02
CA ILE A 1221 -91.56 -24.29 -6.34
C ILE A 1221 -90.90 -23.96 -7.68
N ASN A 1222 -91.63 -23.32 -8.60
CA ASN A 1222 -91.04 -22.96 -9.89
C ASN A 1222 -89.91 -21.95 -9.71
N THR A 1223 -90.11 -20.94 -8.86
CA THR A 1223 -89.07 -19.94 -8.64
C THR A 1223 -87.87 -20.51 -7.89
N PHE A 1224 -87.98 -21.71 -7.33
CA PHE A 1224 -86.84 -22.37 -6.70
C PHE A 1224 -86.27 -23.49 -7.55
N GLU A 1225 -87.04 -24.04 -8.48
CA GLU A 1225 -86.59 -25.16 -9.32
C GLU A 1225 -85.60 -24.64 -10.36
N GLY A 1226 -84.40 -24.31 -9.89
CA GLY A 1226 -83.38 -23.75 -10.76
C GLY A 1226 -83.81 -22.44 -11.39
N GLY A 1227 -84.51 -21.60 -10.64
CA GLY A 1227 -85.00 -20.34 -11.16
C GLY A 1227 -83.92 -19.28 -11.22
N GLY A 1228 -84.34 -18.02 -11.12
CA GLY A 1228 -83.42 -16.92 -11.17
C GLY A 1228 -83.04 -16.53 -12.58
N CYS A 1229 -82.98 -15.22 -12.85
CA CYS A 1229 -82.65 -14.68 -14.17
C CYS A 1229 -83.63 -15.22 -15.22
N GLY A 1230 -84.90 -14.89 -15.03
CA GLY A 1230 -85.94 -15.38 -15.91
C GLY A 1230 -86.31 -16.82 -15.64
N GLN A 1231 -86.46 -17.61 -16.70
CA GLN A 1231 -86.84 -19.02 -16.59
C GLN A 1231 -85.79 -19.85 -17.32
N PRO A 1232 -84.68 -20.15 -16.66
CA PRO A 1232 -83.64 -20.98 -17.28
C PRO A 1232 -83.98 -22.46 -17.12
N SER A 1233 -83.15 -23.31 -17.73
CA SER A 1233 -83.32 -24.75 -17.67
C SER A 1233 -82.87 -25.23 -16.30
N GLY A 1234 -83.74 -25.04 -15.31
CA GLY A 1234 -83.47 -25.40 -13.95
C GLY A 1234 -83.63 -26.88 -13.68
N ILE A 1235 -83.63 -27.22 -12.39
CA ILE A 1235 -83.78 -28.62 -11.99
C ILE A 1235 -85.12 -29.18 -12.44
N LEU A 1236 -86.15 -28.33 -12.56
CA LEU A 1236 -87.41 -28.80 -13.12
C LEU A 1236 -87.24 -29.22 -14.58
N ALA A 1237 -86.48 -28.44 -15.35
CA ALA A 1237 -86.23 -28.79 -16.74
C ALA A 1237 -85.19 -29.89 -16.87
N GLN A 1238 -84.26 -30.00 -15.93
CA GLN A 1238 -83.18 -30.98 -15.96
C GLN A 1238 -83.17 -31.74 -14.65
N PRO A 1239 -84.15 -32.63 -14.43
CA PRO A 1239 -84.22 -33.34 -13.14
C PRO A 1239 -83.01 -34.21 -12.86
N THR A 1240 -82.41 -34.83 -13.88
CA THR A 1240 -81.26 -35.69 -13.69
C THR A 1240 -80.18 -35.31 -14.69
N LEU A 1241 -78.92 -35.58 -14.31
CA LEU A 1241 -77.79 -35.36 -15.21
C LEU A 1241 -77.75 -36.37 -16.35
N LEU A 1242 -78.58 -37.42 -16.30
CA LEU A 1242 -78.61 -38.39 -17.39
C LEU A 1242 -78.97 -37.72 -18.72
N TYR A 1243 -79.80 -36.69 -18.69
CA TYR A 1243 -80.03 -35.86 -19.86
C TYR A 1243 -78.79 -35.02 -20.11
N LEU A 1244 -77.95 -35.46 -21.04
CA LEU A 1244 -76.67 -34.81 -21.31
C LEU A 1244 -76.69 -34.20 -22.70
N ARG A 1245 -76.32 -32.93 -22.79
CA ARG A 1245 -76.19 -32.23 -24.06
C ARG A 1245 -74.78 -32.43 -24.60
N GLY A 1246 -74.69 -32.86 -25.86
CA GLY A 1246 -73.41 -33.14 -26.46
C GLY A 1246 -72.89 -34.52 -26.08
N PRO A 1247 -71.67 -34.84 -26.51
CA PRO A 1247 -71.11 -36.16 -26.22
C PRO A 1247 -70.79 -36.35 -24.74
N PHE A 1248 -70.18 -35.34 -24.12
CA PHE A 1248 -69.86 -35.38 -22.70
C PHE A 1248 -69.51 -33.97 -22.25
N SER A 1249 -69.73 -33.71 -20.96
CA SER A 1249 -69.42 -32.42 -20.39
C SER A 1249 -68.84 -32.59 -19.00
N LEU A 1250 -68.02 -31.61 -18.59
CA LEU A 1250 -67.49 -31.54 -17.24
C LEU A 1250 -67.90 -30.28 -16.50
N GLN A 1251 -68.38 -29.26 -17.21
CA GLN A 1251 -68.80 -28.00 -16.61
C GLN A 1251 -70.30 -27.83 -16.55
N ALA A 1252 -71.03 -28.27 -17.59
CA ALA A 1252 -72.48 -28.31 -17.51
C ALA A 1252 -72.94 -29.20 -16.37
N THR A 1253 -72.20 -30.28 -16.10
CA THR A 1253 -72.45 -31.06 -14.89
C THR A 1253 -72.25 -30.23 -13.64
N LEU A 1254 -71.20 -29.41 -13.61
CA LEU A 1254 -70.99 -28.51 -12.48
C LEU A 1254 -72.12 -27.49 -12.36
N CYS A 1255 -72.60 -26.99 -13.50
CA CYS A 1255 -73.75 -26.09 -13.47
C CYS A 1255 -74.98 -26.78 -12.90
N TRP A 1256 -75.20 -28.04 -13.28
CA TRP A 1256 -76.31 -28.79 -12.71
C TRP A 1256 -76.15 -28.97 -11.22
N LEU A 1257 -74.92 -29.27 -10.76
CA LEU A 1257 -74.67 -29.38 -9.33
C LEU A 1257 -74.95 -28.06 -8.62
N ASP A 1258 -74.59 -26.94 -9.26
CA ASP A 1258 -74.88 -25.64 -8.68
C ASP A 1258 -76.37 -25.39 -8.57
N LEU A 1259 -77.14 -25.81 -9.59
CA LEU A 1259 -78.60 -25.71 -9.51
C LEU A 1259 -79.14 -26.54 -8.35
N LEU A 1260 -78.59 -27.75 -8.17
CA LEU A 1260 -79.02 -28.59 -7.06
C LEU A 1260 -78.74 -27.92 -5.74
N LEU A 1261 -77.54 -27.36 -5.60
CA LEU A 1261 -77.19 -26.64 -4.37
C LEU A 1261 -78.13 -25.46 -4.16
N ALA A 1262 -78.46 -24.75 -5.23
CA ALA A 1262 -79.35 -23.59 -5.12
C ALA A 1262 -80.71 -24.00 -4.60
N ALA A 1263 -81.34 -24.99 -5.23
CA ALA A 1263 -82.65 -25.42 -4.79
C ALA A 1263 -82.61 -25.96 -3.37
N LEU A 1264 -81.57 -26.74 -3.04
CA LEU A 1264 -81.47 -27.33 -1.72
C LEU A 1264 -81.30 -26.25 -0.65
N GLU A 1265 -80.43 -25.27 -0.90
CA GLU A 1265 -80.23 -24.20 0.08
C GLU A 1265 -81.47 -23.34 0.23
N CYS A 1266 -82.18 -23.08 -0.88
CA CYS A 1266 -83.42 -22.33 -0.79
C CYS A 1266 -84.42 -23.06 0.11
N TYR A 1267 -84.62 -24.35 -0.14
CA TYR A 1267 -85.54 -25.13 0.67
C TYR A 1267 -85.10 -25.16 2.13
N ASN A 1268 -83.80 -25.36 2.36
CA ASN A 1268 -83.28 -25.46 3.72
C ASN A 1268 -83.50 -24.16 4.49
N THR A 1269 -83.20 -23.02 3.85
CA THR A 1269 -83.40 -21.74 4.51
C THR A 1269 -84.87 -21.48 4.78
N PHE A 1270 -85.74 -21.76 3.80
CA PHE A 1270 -87.15 -21.44 3.97
C PHE A 1270 -87.82 -22.33 5.00
N ILE A 1271 -87.37 -23.58 5.15
CA ILE A 1271 -87.96 -24.45 6.16
C ILE A 1271 -87.35 -24.18 7.54
N GLY A 1272 -86.03 -24.01 7.61
CA GLY A 1272 -85.37 -23.97 8.91
C GLY A 1272 -85.82 -22.82 9.79
N GLU A 1273 -85.87 -21.61 9.23
CA GLU A 1273 -86.39 -20.46 9.95
C GLU A 1273 -87.91 -20.34 9.88
N ARG A 1274 -88.59 -21.44 9.54
CA ARG A 1274 -90.05 -21.54 9.57
C ARG A 1274 -90.72 -20.57 8.60
N THR A 1275 -90.01 -20.12 7.57
CA THR A 1275 -90.63 -19.28 6.56
C THR A 1275 -91.70 -20.04 5.79
N VAL A 1276 -91.45 -21.31 5.48
CA VAL A 1276 -92.40 -22.14 4.75
C VAL A 1276 -92.57 -23.45 5.52
N GLY A 1277 -93.72 -24.08 5.32
CA GLY A 1277 -93.97 -25.37 5.94
C GLY A 1277 -93.24 -26.49 5.24
N ALA A 1278 -92.94 -27.55 6.00
CA ALA A 1278 -92.27 -28.71 5.43
C ALA A 1278 -93.12 -29.38 4.36
N LEU A 1279 -94.43 -29.52 4.63
CA LEU A 1279 -95.31 -30.13 3.64
C LEU A 1279 -95.55 -29.21 2.45
N GLN A 1280 -95.37 -27.90 2.64
CA GLN A 1280 -95.68 -26.94 1.58
C GLN A 1280 -94.80 -27.13 0.35
N VAL A 1281 -93.61 -27.71 0.52
CA VAL A 1281 -92.70 -27.90 -0.59
C VAL A 1281 -92.81 -29.32 -1.13
N LEU A 1282 -93.04 -30.28 -0.23
CA LEU A 1282 -93.07 -31.70 -0.60
C LEU A 1282 -94.42 -32.35 -0.36
N GLY A 1283 -95.01 -32.15 0.81
CA GLY A 1283 -96.25 -32.81 1.15
C GLY A 1283 -97.51 -32.20 0.59
N THR A 1284 -97.40 -31.11 -0.16
CA THR A 1284 -98.56 -30.43 -0.74
C THR A 1284 -98.70 -30.65 -2.25
N GLU A 1285 -97.63 -30.47 -3.01
CA GLU A 1285 -97.69 -30.58 -4.46
C GLU A 1285 -96.54 -31.45 -4.94
N ALA A 1286 -96.83 -32.29 -5.95
CA ALA A 1286 -95.88 -33.26 -6.48
C ALA A 1286 -95.22 -32.67 -7.72
N GLN A 1287 -94.34 -31.69 -7.51
CA GLN A 1287 -93.50 -31.16 -8.57
C GLN A 1287 -92.02 -31.26 -8.26
N SER A 1288 -91.65 -31.79 -7.08
CA SER A 1288 -90.27 -31.80 -6.63
C SER A 1288 -89.43 -32.81 -7.40
N SER A 1289 -88.62 -32.32 -8.35
CA SER A 1289 -87.58 -33.14 -8.95
C SER A 1289 -86.43 -33.38 -7.98
N LEU A 1290 -86.46 -32.75 -6.80
CA LEU A 1290 -85.39 -32.92 -5.83
C LEU A 1290 -85.27 -34.37 -5.38
N LEU A 1291 -86.39 -35.12 -5.37
CA LEU A 1291 -86.30 -36.54 -5.04
C LEU A 1291 -85.49 -37.30 -6.08
N LYS A 1292 -85.71 -37.01 -7.36
CA LYS A 1292 -84.89 -37.62 -8.41
C LYS A 1292 -83.45 -37.15 -8.30
N ALA A 1293 -83.25 -35.90 -7.89
CA ALA A 1293 -81.88 -35.41 -7.66
C ALA A 1293 -81.19 -36.20 -6.56
N VAL A 1294 -81.90 -36.46 -5.46
CA VAL A 1294 -81.33 -37.23 -4.36
C VAL A 1294 -81.03 -38.65 -4.82
N ALA A 1295 -81.91 -39.24 -5.63
CA ALA A 1295 -81.64 -40.56 -6.18
C ALA A 1295 -80.39 -40.56 -7.05
N PHE A 1296 -80.25 -39.55 -7.92
CA PHE A 1296 -79.08 -39.49 -8.78
C PHE A 1296 -77.82 -39.26 -7.95
N PHE A 1297 -77.94 -38.55 -6.82
CA PHE A 1297 -76.85 -38.54 -5.85
C PHE A 1297 -76.57 -39.94 -5.32
N LEU A 1298 -77.63 -40.70 -5.07
CA LEU A 1298 -77.49 -42.03 -4.48
C LEU A 1298 -76.65 -42.94 -5.38
N GLU A 1299 -76.93 -42.93 -6.68
CA GLU A 1299 -76.06 -43.72 -7.56
C GLU A 1299 -74.76 -43.00 -7.91
N SER A 1300 -74.85 -41.84 -8.55
CA SER A 1300 -73.70 -41.23 -9.21
C SER A 1300 -72.62 -40.75 -8.24
N ILE A 1301 -72.93 -39.74 -7.42
CA ILE A 1301 -71.87 -39.08 -6.66
C ILE A 1301 -71.38 -39.91 -5.48
N ALA A 1302 -72.10 -40.96 -5.09
CA ALA A 1302 -71.67 -41.77 -3.97
C ALA A 1302 -70.34 -42.46 -4.25
N MET A 1303 -70.26 -43.18 -5.36
CA MET A 1303 -69.02 -43.86 -5.75
C MET A 1303 -68.64 -43.70 -7.21
N HIS A 1304 -69.59 -43.40 -8.10
CA HIS A 1304 -69.30 -43.24 -9.52
C HIS A 1304 -68.63 -41.88 -9.72
N ASP A 1305 -67.31 -41.88 -9.60
CA ASP A 1305 -66.53 -40.65 -9.63
C ASP A 1305 -65.83 -40.40 -10.96
N ILE A 1306 -65.36 -41.46 -11.64
CA ILE A 1306 -64.72 -41.28 -12.94
C ILE A 1306 -65.71 -40.71 -13.95
N ILE A 1307 -66.93 -41.25 -13.96
CA ILE A 1307 -68.00 -40.73 -14.81
C ILE A 1307 -69.32 -41.17 -14.19
N ALA A 1308 -70.32 -40.31 -14.27
CA ALA A 1308 -71.62 -40.62 -13.67
C ALA A 1308 -72.57 -41.26 -14.68
N ALA A 1309 -72.06 -42.27 -15.40
CA ALA A 1309 -72.87 -43.13 -16.27
C ALA A 1309 -73.80 -42.33 -17.19
N GLU A 1310 -73.43 -41.10 -17.50
CA GLU A 1310 -74.32 -40.20 -18.22
C GLU A 1310 -73.80 -39.72 -19.56
N LYS A 1311 -72.48 -39.56 -19.71
CA LYS A 1311 -71.87 -39.10 -20.96
C LYS A 1311 -72.47 -37.78 -21.42
N PRO A 1324 -57.87 -35.42 -14.33
CA PRO A 1324 -56.91 -35.17 -13.25
C PRO A 1324 -57.40 -34.09 -12.29
N GLN A 1325 -56.92 -32.85 -12.46
CA GLN A 1325 -57.39 -31.76 -11.61
C GLN A 1325 -58.86 -31.46 -11.83
N GLU A 1326 -59.38 -31.72 -13.03
CA GLU A 1326 -60.82 -31.63 -13.25
C GLU A 1326 -61.57 -32.66 -12.40
N GLY A 1327 -61.01 -33.87 -12.27
CA GLY A 1327 -61.58 -34.83 -11.34
C GLY A 1327 -61.56 -34.33 -9.92
N GLU A 1328 -60.52 -33.61 -9.53
CA GLU A 1328 -60.46 -33.02 -8.19
C GLU A 1328 -61.54 -31.97 -8.01
N ARG A 1329 -61.77 -31.14 -9.04
CA ARG A 1329 -62.85 -30.16 -8.98
C ARG A 1329 -64.20 -30.85 -8.85
N TYR A 1330 -64.41 -31.93 -9.61
CA TYR A 1330 -65.65 -32.70 -9.49
C TYR A 1330 -65.79 -33.27 -8.08
N ASN A 1331 -64.70 -33.77 -7.51
CA ASN A 1331 -64.75 -34.30 -6.14
C ASN A 1331 -65.12 -33.20 -5.15
N TYR A 1332 -64.55 -32.01 -5.32
CA TYR A 1332 -64.89 -30.90 -4.44
C TYR A 1332 -66.36 -30.54 -4.55
N SER A 1333 -66.89 -30.50 -5.78
CA SER A 1333 -68.32 -30.23 -5.96
C SER A 1333 -69.16 -31.33 -5.31
N LYS A 1334 -68.72 -32.58 -5.42
CA LYS A 1334 -69.43 -33.69 -4.77
C LYS A 1334 -69.41 -33.52 -3.25
N CYS A 1335 -68.29 -33.10 -2.68
CA CYS A 1335 -68.22 -32.84 -1.25
C CYS A 1335 -69.20 -31.75 -0.85
N THR A 1336 -69.26 -30.68 -1.65
CA THR A 1336 -70.21 -29.60 -1.36
C THR A 1336 -71.64 -30.10 -1.40
N VAL A 1337 -71.97 -30.88 -2.42
CA VAL A 1337 -73.32 -31.43 -2.55
C VAL A 1337 -73.64 -32.33 -1.35
N VAL A 1338 -72.68 -33.16 -0.95
CA VAL A 1338 -72.91 -34.08 0.16
C VAL A 1338 -73.14 -33.32 1.45
N VAL A 1339 -72.31 -32.32 1.75
CA VAL A 1339 -72.50 -31.59 3.00
C VAL A 1339 -73.81 -30.82 2.98
N ARG A 1340 -74.18 -30.25 1.82
CA ARG A 1340 -75.45 -29.55 1.74
C ARG A 1340 -76.62 -30.49 1.99
N ILE A 1341 -76.60 -31.68 1.38
CA ILE A 1341 -77.72 -32.60 1.56
C ILE A 1341 -77.77 -33.12 2.99
N MET A 1342 -76.59 -33.32 3.61
CA MET A 1342 -76.58 -33.74 5.01
C MET A 1342 -77.22 -32.69 5.89
N GLU A 1343 -76.86 -31.42 5.70
CA GLU A 1343 -77.45 -30.35 6.49
C GLU A 1343 -78.94 -30.21 6.23
N PHE A 1344 -79.36 -30.35 4.96
CA PHE A 1344 -80.77 -30.23 4.65
C PHE A 1344 -81.57 -31.34 5.32
N THR A 1345 -81.05 -32.57 5.28
CA THR A 1345 -81.72 -33.67 5.97
C THR A 1345 -81.79 -33.41 7.47
N THR A 1346 -80.69 -32.93 8.06
CA THR A 1346 -80.68 -32.62 9.48
C THR A 1346 -81.77 -31.63 9.83
N THR A 1347 -81.82 -30.50 9.12
CA THR A 1347 -82.82 -29.47 9.42
C THR A 1347 -84.22 -29.99 9.16
N LEU A 1348 -84.40 -30.78 8.10
CA LEU A 1348 -85.71 -31.36 7.79
C LEU A 1348 -86.22 -32.22 8.93
N LEU A 1349 -85.37 -33.13 9.43
CA LEU A 1349 -85.80 -33.99 10.53
C LEU A 1349 -86.07 -33.19 11.80
N ASN A 1350 -85.25 -32.17 12.06
CA ASN A 1350 -85.48 -31.33 13.24
C ASN A 1350 -86.83 -30.62 13.16
N THR A 1351 -87.17 -30.09 11.99
CA THR A 1351 -88.43 -29.39 11.80
C THR A 1351 -89.59 -30.33 11.47
N SER A 1352 -89.30 -31.59 11.16
CA SER A 1352 -90.37 -32.53 10.84
C SER A 1352 -91.17 -32.87 12.09
N PRO A 1353 -92.50 -32.92 11.99
CA PRO A 1353 -93.32 -33.43 13.11
C PRO A 1353 -93.23 -34.94 13.28
N GLU A 1354 -92.49 -35.62 12.40
CA GLU A 1354 -92.29 -37.07 12.39
C GLU A 1354 -93.56 -37.80 11.92
N GLY A 1355 -94.65 -37.07 11.74
CA GLY A 1355 -95.77 -37.62 11.00
C GLY A 1355 -95.42 -37.81 9.54
N TRP A 1356 -94.80 -36.80 8.94
CA TRP A 1356 -94.19 -36.92 7.60
C TRP A 1356 -92.72 -37.30 7.72
N LYS A 1357 -92.44 -38.36 8.47
CA LYS A 1357 -91.07 -38.81 8.65
C LYS A 1357 -90.46 -39.27 7.33
N LEU A 1358 -91.24 -39.98 6.51
CA LEU A 1358 -90.78 -40.40 5.20
C LEU A 1358 -91.21 -39.35 4.18
N LEU A 1359 -90.26 -38.94 3.34
CA LEU A 1359 -90.46 -37.92 2.32
C LEU A 1359 -90.05 -38.48 0.96
N LYS A 1360 -90.57 -39.67 0.64
CA LYS A 1360 -89.95 -40.58 -0.31
C LYS A 1360 -88.54 -40.91 0.15
N LYS A 1361 -88.32 -40.86 1.45
CA LYS A 1361 -87.01 -40.96 2.07
C LYS A 1361 -86.56 -42.39 2.31
N ASP A 1362 -87.38 -43.38 1.98
CA ASP A 1362 -86.93 -44.78 2.09
C ASP A 1362 -85.68 -45.00 1.25
N LEU A 1363 -85.71 -44.57 -0.01
CA LEU A 1363 -84.50 -44.59 -0.83
C LEU A 1363 -83.42 -43.73 -0.20
N CYS A 1364 -83.81 -42.60 0.40
CA CYS A 1364 -82.85 -41.81 1.17
C CYS A 1364 -82.39 -42.60 2.39
N ASN A 1365 -83.33 -43.16 3.16
CA ASN A 1365 -82.99 -43.87 4.38
C ASN A 1365 -82.17 -45.13 4.10
N THR A 1366 -81.93 -45.45 2.83
CA THR A 1366 -81.00 -46.49 2.45
C THR A 1366 -79.69 -45.94 1.88
N HIS A 1367 -79.77 -45.06 0.89
CA HIS A 1367 -78.55 -44.59 0.23
C HIS A 1367 -77.80 -43.58 1.10
N LEU A 1368 -78.50 -42.62 1.70
CA LEU A 1368 -77.86 -41.73 2.66
C LEU A 1368 -77.37 -42.51 3.87
N MET A 1369 -78.15 -43.49 4.32
CA MET A 1369 -77.69 -44.50 5.26
C MET A 1369 -76.28 -44.97 4.94
N ARG A 1370 -76.13 -45.60 3.77
CA ARG A 1370 -74.85 -46.21 3.40
C ARG A 1370 -73.75 -45.17 3.26
N VAL A 1371 -74.03 -44.08 2.55
CA VAL A 1371 -73.00 -43.08 2.26
C VAL A 1371 -72.54 -42.39 3.54
N LEU A 1372 -73.49 -42.00 4.39
CA LEU A 1372 -73.15 -41.35 5.64
C LEU A 1372 -72.36 -42.26 6.55
N VAL A 1373 -72.75 -43.54 6.63
CA VAL A 1373 -71.98 -44.48 7.44
C VAL A 1373 -70.57 -44.62 6.90
N GLN A 1374 -70.43 -44.74 5.58
CA GLN A 1374 -69.11 -44.90 4.98
C GLN A 1374 -68.23 -43.69 5.24
N THR A 1375 -68.77 -42.48 5.05
CA THR A 1375 -67.95 -41.30 5.24
C THR A 1375 -67.67 -41.03 6.72
N LEU A 1376 -68.57 -41.48 7.61
CA LEU A 1376 -68.34 -41.30 9.03
C LEU A 1376 -67.25 -42.22 9.53
N CYS A 1377 -67.29 -43.49 9.11
CA CYS A 1377 -66.21 -44.41 9.50
C CYS A 1377 -64.90 -44.01 8.84
N GLU A 1378 -64.91 -43.82 7.52
CA GLU A 1378 -63.74 -43.35 6.79
C GLU A 1378 -64.17 -42.67 5.50
N PRO A 1379 -64.04 -41.35 5.40
CA PRO A 1379 -64.41 -40.65 4.16
C PRO A 1379 -63.49 -41.07 3.02
N ALA A 1380 -64.06 -41.75 2.03
CA ALA A 1380 -63.29 -42.26 0.90
C ALA A 1380 -63.39 -41.39 -0.34
N SER A 1381 -64.37 -40.48 -0.40
CA SER A 1381 -64.52 -39.61 -1.55
C SER A 1381 -64.95 -38.19 -1.20
N ILE A 1382 -65.11 -37.85 0.07
CA ILE A 1382 -65.68 -36.57 0.47
C ILE A 1382 -64.68 -35.87 1.40
N GLY A 1383 -63.90 -34.95 0.83
CA GLY A 1383 -63.11 -34.00 1.59
C GLY A 1383 -62.18 -34.56 2.66
N PHE A 1384 -61.88 -35.85 2.59
CA PHE A 1384 -61.05 -36.47 3.62
C PHE A 1384 -59.65 -35.87 3.63
N ASN A 1385 -59.00 -35.81 2.48
CA ASN A 1385 -57.66 -35.25 2.37
C ASN A 1385 -57.65 -34.16 1.30
N ILE A 1386 -58.50 -34.33 0.28
CA ILE A 1386 -58.69 -33.26 -0.70
C ILE A 1386 -59.29 -32.06 0.01
N GLY A 1387 -58.68 -30.89 -0.19
CA GLY A 1387 -59.05 -29.71 0.56
C GLY A 1387 -58.34 -29.64 1.90
N ASP A 1388 -58.54 -30.65 2.75
CA ASP A 1388 -57.93 -30.71 4.07
C ASP A 1388 -58.19 -29.43 4.85
N VAL A 1389 -59.45 -28.98 4.80
CA VAL A 1389 -59.82 -27.66 5.29
C VAL A 1389 -61.09 -27.79 6.13
N GLN A 1390 -61.67 -26.66 6.54
CA GLN A 1390 -62.83 -26.63 7.42
C GLN A 1390 -63.93 -27.61 7.05
N VAL A 1391 -63.99 -28.05 5.79
CA VAL A 1391 -64.94 -29.10 5.42
C VAL A 1391 -64.67 -30.37 6.23
N MET A 1392 -63.39 -30.68 6.47
CA MET A 1392 -63.02 -31.83 7.26
C MET A 1392 -63.42 -31.70 8.72
N ALA A 1393 -63.72 -30.49 9.19
CA ALA A 1393 -64.26 -30.28 10.52
C ALA A 1393 -65.78 -30.23 10.56
N HIS A 1394 -66.40 -29.72 9.50
CA HIS A 1394 -67.85 -29.70 9.43
C HIS A 1394 -68.43 -31.08 9.16
N LEU A 1395 -67.68 -31.96 8.50
CA LEU A 1395 -68.17 -33.31 8.26
C LEU A 1395 -68.50 -34.06 9.55
N PRO A 1396 -67.62 -34.10 10.56
CA PRO A 1396 -68.06 -34.68 11.84
C PRO A 1396 -69.23 -33.94 12.47
N ASP A 1397 -69.28 -32.61 12.29
CA ASP A 1397 -70.39 -31.84 12.86
C ASP A 1397 -71.72 -32.25 12.24
N VAL A 1398 -71.79 -32.28 10.91
CA VAL A 1398 -73.04 -32.67 10.26
C VAL A 1398 -73.33 -34.14 10.52
N CYS A 1399 -72.29 -34.98 10.66
CA CYS A 1399 -72.50 -36.38 11.00
C CYS A 1399 -73.19 -36.51 12.35
N VAL A 1400 -72.69 -35.77 13.35
CA VAL A 1400 -73.30 -35.80 14.68
C VAL A 1400 -74.71 -35.24 14.65
N ASN A 1401 -74.92 -34.19 13.84
CA ASN A 1401 -76.25 -33.61 13.72
C ASN A 1401 -77.24 -34.64 13.17
N LEU A 1402 -76.84 -35.36 12.12
CA LEU A 1402 -77.72 -36.38 11.57
C LEU A 1402 -77.90 -37.55 12.53
N MET A 1403 -76.87 -37.90 13.30
CA MET A 1403 -77.03 -38.94 14.31
C MET A 1403 -78.07 -38.54 15.35
N LYS A 1404 -78.01 -37.28 15.81
CA LYS A 1404 -79.01 -36.80 16.76
C LYS A 1404 -80.39 -36.79 16.13
N ALA A 1405 -80.49 -36.37 14.87
CA ALA A 1405 -81.79 -36.35 14.19
C ALA A 1405 -82.36 -37.75 14.05
N LEU A 1406 -81.51 -38.73 13.75
CA LEU A 1406 -81.98 -40.10 13.60
C LEU A 1406 -82.31 -40.73 14.94
N LYS A 1407 -81.66 -40.27 16.02
CA LYS A 1407 -81.95 -40.82 17.34
C LYS A 1407 -83.41 -40.63 17.72
N MET A 1408 -83.94 -39.43 17.50
CA MET A 1408 -85.35 -39.18 17.80
C MET A 1408 -86.27 -39.81 16.75
N SER A 1409 -85.80 -39.98 15.52
CA SER A 1409 -86.60 -40.59 14.47
C SER A 1409 -86.64 -42.11 14.65
N PRO A 1410 -87.69 -42.76 14.14
CA PRO A 1410 -87.76 -44.23 14.22
C PRO A 1410 -86.64 -44.93 13.47
N TYR A 1411 -85.99 -44.27 12.51
CA TYR A 1411 -84.91 -44.87 11.75
C TYR A 1411 -83.64 -45.06 12.55
N LYS A 1412 -83.66 -44.77 13.86
CA LYS A 1412 -82.51 -45.05 14.71
C LYS A 1412 -82.17 -46.54 14.68
N ASP A 1413 -83.18 -47.41 14.58
CA ASP A 1413 -82.93 -48.84 14.55
C ASP A 1413 -82.10 -49.22 13.32
N ILE A 1414 -82.53 -48.78 12.13
CA ILE A 1414 -81.79 -49.15 10.92
C ILE A 1414 -80.42 -48.49 10.92
N LEU A 1415 -80.32 -47.26 11.43
CA LEU A 1415 -79.01 -46.61 11.54
C LEU A 1415 -78.07 -47.44 12.41
N GLU A 1416 -78.58 -47.93 13.55
CA GLU A 1416 -77.77 -48.75 14.44
C GLU A 1416 -77.37 -50.05 13.77
N THR A 1417 -78.30 -50.66 13.01
CA THR A 1417 -77.96 -51.88 12.29
C THR A 1417 -76.83 -51.65 11.30
N HIS A 1418 -76.90 -50.54 10.56
CA HIS A 1418 -75.85 -50.26 9.58
C HIS A 1418 -74.52 -49.97 10.27
N LEU A 1419 -74.55 -49.25 11.39
CA LEU A 1419 -73.32 -48.99 12.13
C LEU A 1419 -72.71 -50.29 12.63
N ARG A 1420 -73.54 -51.21 13.12
CA ARG A 1420 -73.03 -52.52 13.52
C ARG A 1420 -72.47 -53.28 12.33
N GLU A 1421 -73.10 -53.16 11.16
CA GLU A 1421 -72.58 -53.81 9.97
C GLU A 1421 -71.19 -53.28 9.62
N LYS A 1422 -71.01 -51.96 9.68
CA LYS A 1422 -69.70 -51.38 9.39
C LYS A 1422 -68.78 -51.47 10.60
N ILE A 1423 -69.20 -50.90 11.72
CA ILE A 1423 -68.41 -50.94 12.95
C ILE A 1423 -68.94 -52.12 13.76
N THR A 1424 -68.35 -53.29 13.54
CA THR A 1424 -68.75 -54.50 14.25
C THR A 1424 -68.18 -54.59 15.65
N ALA A 1425 -67.19 -53.74 15.97
CA ALA A 1425 -66.43 -53.74 17.23
C ALA A 1425 -65.53 -54.95 17.35
N GLN A 1426 -65.56 -55.88 16.39
CA GLN A 1426 -64.66 -57.03 16.38
C GLN A 1426 -63.46 -56.79 15.47
N SER A 1427 -63.67 -56.10 14.36
CA SER A 1427 -62.55 -55.70 13.50
C SER A 1427 -61.58 -54.80 14.26
N ILE A 1428 -62.08 -54.07 15.26
CA ILE A 1428 -61.20 -53.26 16.10
C ILE A 1428 -60.21 -54.14 16.84
N GLU A 1429 -60.66 -55.30 17.30
CA GLU A 1429 -59.78 -56.21 18.02
C GLU A 1429 -58.60 -56.65 17.16
N GLU A 1430 -58.87 -57.14 15.95
CA GLU A 1430 -57.79 -57.54 15.06
C GLU A 1430 -56.94 -56.35 14.66
N LEU A 1431 -57.56 -55.20 14.41
CA LEU A 1431 -56.82 -54.02 13.99
C LEU A 1431 -55.81 -53.58 15.04
N CYS A 1432 -56.21 -53.61 16.31
CA CYS A 1432 -55.27 -53.27 17.37
C CYS A 1432 -54.31 -54.42 17.68
N ALA A 1433 -54.69 -55.66 17.35
CA ALA A 1433 -53.85 -56.80 17.68
C ALA A 1433 -52.72 -57.03 16.66
N VAL A 1434 -52.94 -56.66 15.39
CA VAL A 1434 -51.99 -57.05 14.35
C VAL A 1434 -50.62 -56.43 14.59
N ASN A 1435 -50.57 -55.12 14.84
CA ASN A 1435 -49.30 -54.43 15.00
C ASN A 1435 -49.53 -53.04 15.55
N LEU A 1436 -48.57 -52.55 16.33
CA LEU A 1436 -48.60 -51.21 16.89
C LEU A 1436 -47.24 -50.94 17.52
N TYR A 1437 -47.11 -49.76 18.14
CA TYR A 1437 -45.97 -49.39 18.98
C TYR A 1437 -44.66 -49.52 18.20
N GLY A 1438 -44.53 -48.68 17.20
CA GLY A 1438 -43.47 -48.76 16.23
C GLY A 1438 -44.03 -49.09 14.87
N PRO A 1439 -44.23 -48.06 14.04
CA PRO A 1439 -44.99 -48.23 12.81
C PRO A 1439 -44.25 -49.00 11.73
N ASP A 1440 -44.65 -50.24 11.49
CA ASP A 1440 -44.20 -51.00 10.33
C ASP A 1440 -45.22 -50.93 9.21
N ALA A 1441 -46.49 -51.04 9.55
CA ALA A 1441 -47.59 -50.77 8.63
C ALA A 1441 -48.39 -49.60 9.15
N GLN A 1442 -48.88 -48.75 8.24
CA GLN A 1442 -49.64 -47.57 8.61
C GLN A 1442 -51.09 -47.62 8.17
N VAL A 1443 -51.44 -48.51 7.24
CA VAL A 1443 -52.85 -48.64 6.85
C VAL A 1443 -53.69 -49.11 8.03
N ASP A 1444 -53.16 -50.03 8.83
CA ASP A 1444 -53.85 -50.45 10.05
C ASP A 1444 -53.94 -49.28 11.03
N ARG A 1445 -52.86 -48.52 11.18
CA ARG A 1445 -52.86 -47.40 12.11
C ARG A 1445 -53.87 -46.34 11.68
N SER A 1446 -53.85 -45.98 10.39
CA SER A 1446 -54.80 -44.98 9.89
C SER A 1446 -56.24 -45.47 10.00
N ARG A 1447 -56.47 -46.74 9.68
CA ARG A 1447 -57.82 -47.29 9.78
C ARG A 1447 -58.31 -47.29 11.23
N LEU A 1448 -57.44 -47.65 12.17
CA LEU A 1448 -57.83 -47.62 13.58
C LEU A 1448 -58.09 -46.19 14.05
N ALA A 1449 -57.28 -45.24 13.58
CA ALA A 1449 -57.52 -43.84 13.92
C ALA A 1449 -58.88 -43.37 13.39
N ALA A 1450 -59.20 -43.75 12.15
CA ALA A 1450 -60.51 -43.41 11.60
C ALA A 1450 -61.64 -44.04 12.40
N VAL A 1451 -61.45 -45.30 12.81
CA VAL A 1451 -62.46 -46.00 13.60
C VAL A 1451 -62.67 -45.30 14.94
N VAL A 1452 -61.59 -44.94 15.62
CA VAL A 1452 -61.75 -44.29 16.93
C VAL A 1452 -62.33 -42.89 16.77
N SER A 1453 -62.02 -42.21 15.67
CA SER A 1453 -62.66 -40.92 15.41
C SER A 1453 -64.16 -41.09 15.19
N ALA A 1454 -64.54 -42.12 14.44
CA ALA A 1454 -65.97 -42.39 14.23
C ALA A 1454 -66.65 -42.70 15.56
N CYS A 1455 -65.99 -43.48 16.42
CA CYS A 1455 -66.53 -43.76 17.74
C CYS A 1455 -66.64 -42.49 18.57
N LYS A 1456 -65.70 -41.56 18.42
CA LYS A 1456 -65.79 -40.28 19.11
C LYS A 1456 -67.03 -39.51 18.66
N GLN A 1457 -67.29 -39.47 17.35
CA GLN A 1457 -68.51 -38.82 16.88
C GLN A 1457 -69.76 -39.51 17.40
N LEU A 1458 -69.75 -40.84 17.43
CA LEU A 1458 -70.89 -41.57 17.99
C LEU A 1458 -71.11 -41.23 19.45
N HIS A 1459 -70.03 -41.15 20.23
CA HIS A 1459 -70.14 -40.78 21.63
C HIS A 1459 -70.66 -39.36 21.80
N ARG A 1460 -70.20 -38.44 20.95
CA ARG A 1460 -70.75 -37.08 20.97
C ARG A 1460 -72.24 -37.11 20.69
N ALA A 1461 -72.67 -37.93 19.74
CA ALA A 1461 -74.09 -38.12 19.49
C ALA A 1461 -74.77 -38.96 20.56
N GLY A 1462 -74.01 -39.70 21.36
CA GLY A 1462 -74.57 -40.56 22.37
C GLY A 1462 -75.02 -41.92 21.89
N LEU A 1463 -74.86 -42.22 20.60
CA LEU A 1463 -75.28 -43.51 20.06
C LEU A 1463 -74.19 -44.57 20.15
N LEU A 1464 -73.03 -44.25 20.73
CA LEU A 1464 -71.97 -45.24 20.85
C LEU A 1464 -72.39 -46.41 21.71
N HIS A 1465 -73.09 -46.15 22.82
CA HIS A 1465 -73.48 -47.22 23.73
C HIS A 1465 -74.48 -48.17 23.07
N ASN A 1466 -75.35 -47.64 22.20
CA ASN A 1466 -76.26 -48.51 21.46
C ASN A 1466 -75.49 -49.45 20.54
N ILE A 1467 -74.47 -48.93 19.86
CA ILE A 1467 -73.63 -49.78 19.02
C ILE A 1467 -72.71 -50.65 19.86
N LEU A 1468 -72.47 -50.25 21.11
CA LEU A 1468 -71.60 -51.02 21.99
C LEU A 1468 -72.17 -52.42 22.21
N PRO A 1469 -71.37 -53.47 22.04
CA PRO A 1469 -71.89 -54.84 22.24
C PRO A 1469 -72.11 -55.15 23.70
N SER A 1470 -72.49 -56.41 23.99
CA SER A 1470 -72.78 -56.82 25.36
C SER A 1470 -71.56 -56.66 26.24
N GLN A 1471 -71.76 -56.06 27.42
CA GLN A 1471 -70.71 -55.88 28.42
C GLN A 1471 -71.15 -56.64 29.66
N SER A 1472 -70.62 -57.85 29.84
CA SER A 1472 -71.08 -58.73 30.91
C SER A 1472 -70.75 -58.20 32.31
N THR A 1473 -69.81 -57.27 32.42
CA THR A 1473 -69.40 -56.74 33.72
C THR A 1473 -69.95 -55.33 33.91
N ASP A 1474 -69.76 -54.81 35.13
CA ASP A 1474 -70.19 -53.45 35.42
C ASP A 1474 -69.44 -52.45 34.53
N LEU A 1475 -68.14 -52.62 34.37
CA LEU A 1475 -67.39 -51.86 33.39
C LEU A 1475 -67.56 -52.48 32.02
N HIS A 1476 -67.47 -51.66 30.98
CA HIS A 1476 -67.56 -52.14 29.61
C HIS A 1476 -66.32 -52.97 29.31
N HIS A 1477 -66.52 -54.29 29.15
CA HIS A 1477 -65.39 -55.20 29.00
C HIS A 1477 -64.53 -54.86 27.79
N SER A 1478 -65.15 -54.31 26.75
CA SER A 1478 -64.37 -53.91 25.57
C SER A 1478 -63.31 -52.89 25.92
N VAL A 1479 -63.71 -51.82 26.61
CA VAL A 1479 -62.77 -50.76 26.97
C VAL A 1479 -61.69 -51.29 27.92
N GLY A 1480 -62.10 -52.05 28.93
CA GLY A 1480 -61.13 -52.57 29.88
C GLY A 1480 -60.11 -53.50 29.24
N THR A 1481 -60.60 -54.41 28.40
CA THR A 1481 -59.70 -55.32 27.71
C THR A 1481 -58.76 -54.56 26.78
N GLU A 1482 -59.30 -53.63 26.00
CA GLU A 1482 -58.46 -52.86 25.08
C GLU A 1482 -57.38 -52.10 25.83
N LEU A 1483 -57.76 -51.40 26.90
CA LEU A 1483 -56.80 -50.69 27.72
C LEU A 1483 -55.72 -51.64 28.24
N LEU A 1484 -56.14 -52.63 29.04
CA LEU A 1484 -55.17 -53.49 29.72
C LEU A 1484 -54.24 -54.18 28.74
N SER A 1485 -54.79 -54.75 27.66
CA SER A 1485 -53.95 -55.46 26.70
C SER A 1485 -53.03 -54.50 25.95
N LEU A 1486 -53.51 -53.32 25.58
CA LEU A 1486 -52.75 -52.47 24.67
C LEU A 1486 -51.72 -51.61 25.38
N VAL A 1487 -52.11 -50.87 26.42
CA VAL A 1487 -51.21 -49.88 26.99
C VAL A 1487 -50.02 -50.56 27.66
N TYR A 1488 -50.26 -51.69 28.34
CA TYR A 1488 -49.16 -52.38 28.99
C TYR A 1488 -48.29 -53.14 27.99
N LYS A 1489 -48.87 -53.51 26.83
CA LYS A 1489 -48.07 -54.08 25.76
C LYS A 1489 -47.03 -53.08 25.25
N GLY A 1490 -47.38 -51.79 25.19
CA GLY A 1490 -46.44 -50.80 24.76
C GLY A 1490 -45.26 -50.59 25.69
N ILE A 1491 -45.41 -51.01 26.95
CA ILE A 1491 -44.33 -50.90 27.94
C ILE A 1491 -43.51 -52.17 28.02
N ALA A 1492 -44.15 -53.32 27.92
CA ALA A 1492 -43.44 -54.60 27.93
C ALA A 1492 -42.79 -54.83 26.57
N PRO A 1493 -41.47 -55.01 26.50
CA PRO A 1493 -40.80 -55.25 25.21
C PRO A 1493 -41.16 -56.60 24.63
N PRO A 1501 -41.40 -50.18 24.61
CA PRO A 1501 -40.49 -49.20 24.01
C PRO A 1501 -40.78 -48.95 22.54
N SER A 1502 -39.84 -48.28 21.84
CA SER A 1502 -39.95 -48.02 20.41
C SER A 1502 -41.22 -47.25 20.07
N LEU A 1503 -41.27 -46.01 20.56
CA LEU A 1503 -42.45 -45.16 20.41
C LEU A 1503 -42.14 -43.95 19.56
N ASP A 1504 -43.15 -43.49 18.82
CA ASP A 1504 -43.05 -42.34 17.93
C ASP A 1504 -44.28 -41.47 18.12
N LEU A 1505 -44.28 -40.31 17.46
CA LEU A 1505 -45.38 -39.38 17.63
C LEU A 1505 -46.70 -39.98 17.16
N SER A 1506 -46.67 -40.72 16.05
CA SER A 1506 -47.89 -41.36 15.55
C SER A 1506 -48.41 -42.39 16.54
N CYS A 1507 -47.51 -43.19 17.11
CA CYS A 1507 -47.92 -44.15 18.12
C CYS A 1507 -48.50 -43.47 19.35
N LYS A 1508 -47.91 -42.34 19.75
CA LYS A 1508 -48.45 -41.59 20.88
C LYS A 1508 -49.85 -41.07 20.59
N GLN A 1509 -50.07 -40.55 19.37
CA GLN A 1509 -51.40 -40.08 19.01
C GLN A 1509 -52.41 -41.23 18.98
N LEU A 1510 -52.00 -42.37 18.44
CA LEU A 1510 -52.89 -43.54 18.42
C LEU A 1510 -53.23 -43.99 19.84
N ALA A 1511 -52.24 -44.03 20.72
CA ALA A 1511 -52.49 -44.43 22.10
C ALA A 1511 -53.41 -43.44 22.80
N SER A 1512 -53.21 -42.14 22.56
CA SER A 1512 -54.09 -41.14 23.14
C SER A 1512 -55.52 -41.30 22.65
N GLY A 1513 -55.69 -41.54 21.35
CA GLY A 1513 -57.03 -41.77 20.83
C GLY A 1513 -57.69 -43.01 21.40
N LEU A 1514 -56.92 -44.09 21.53
CA LEU A 1514 -57.46 -45.31 22.11
C LEU A 1514 -57.84 -45.11 23.57
N LEU A 1515 -57.01 -44.40 24.33
CA LEU A 1515 -57.36 -44.08 25.71
C LEU A 1515 -58.61 -43.21 25.78
N GLU A 1516 -58.74 -42.24 24.88
CA GLU A 1516 -59.95 -41.42 24.84
C GLU A 1516 -61.18 -42.27 24.55
N LEU A 1517 -61.07 -43.21 23.62
CA LEU A 1517 -62.17 -44.14 23.34
C LEU A 1517 -62.52 -44.97 24.57
N ALA A 1518 -61.50 -45.49 25.26
CA ALA A 1518 -61.76 -46.29 26.46
C ALA A 1518 -62.44 -45.46 27.54
N PHE A 1519 -61.96 -44.23 27.75
CA PHE A 1519 -62.54 -43.35 28.75
C PHE A 1519 -63.94 -42.88 28.37
N ALA A 1520 -64.26 -42.88 27.07
CA ALA A 1520 -65.64 -42.60 26.66
C ALA A 1520 -66.60 -43.60 27.28
N PHE A 1521 -66.13 -44.83 27.49
CA PHE A 1521 -66.91 -45.82 28.23
C PHE A 1521 -66.70 -45.61 29.72
N GLY A 1522 -67.81 -45.51 30.45
CA GLY A 1522 -67.73 -45.17 31.86
C GLY A 1522 -67.32 -46.34 32.75
N GLY A 1523 -67.01 -46.01 34.00
CA GLY A 1523 -66.64 -47.00 34.98
C GLY A 1523 -65.23 -47.55 34.84
N LEU A 1524 -64.30 -46.75 34.30
CA LEU A 1524 -62.92 -47.18 34.15
C LEU A 1524 -61.95 -46.46 35.06
N CYS A 1525 -62.41 -45.48 35.84
CA CYS A 1525 -61.50 -44.69 36.67
C CYS A 1525 -60.81 -45.57 37.72
N GLU A 1526 -61.59 -46.35 38.47
CA GLU A 1526 -61.01 -47.21 39.48
C GLU A 1526 -60.10 -48.26 38.85
N ARG A 1527 -60.46 -48.76 37.66
CA ARG A 1527 -59.63 -49.76 37.00
C ARG A 1527 -58.27 -49.19 36.66
N LEU A 1528 -58.23 -48.02 36.03
CA LEU A 1528 -56.95 -47.42 35.67
C LEU A 1528 -56.17 -47.01 36.91
N VAL A 1529 -56.86 -46.55 37.96
CA VAL A 1529 -56.18 -46.18 39.20
C VAL A 1529 -55.49 -47.40 39.80
N SER A 1530 -56.21 -48.52 39.88
CA SER A 1530 -55.61 -49.75 40.38
C SER A 1530 -54.45 -50.21 39.50
N LEU A 1531 -54.61 -50.08 38.18
CA LEU A 1531 -53.57 -50.53 37.26
C LEU A 1531 -52.29 -49.72 37.41
N LEU A 1532 -52.40 -48.40 37.55
CA LEU A 1532 -51.20 -47.58 37.62
C LEU A 1532 -50.49 -47.73 38.96
N LEU A 1533 -51.24 -47.93 40.04
CA LEU A 1533 -50.63 -48.02 41.36
C LEU A 1533 -49.75 -49.26 41.49
N ASN A 1534 -50.19 -50.37 40.90
CA ASN A 1534 -49.43 -51.65 40.96
C ASN A 1534 -47.94 -51.39 40.69
N PRO A 1535 -47.03 -51.69 41.65
CA PRO A 1535 -45.59 -51.51 41.45
C PRO A 1535 -44.97 -52.71 40.71
N ALA A 1536 -44.78 -52.59 39.39
CA ALA A 1536 -44.13 -53.66 38.62
C ALA A 1536 -42.61 -53.44 38.59
N VAL A 1537 -41.87 -54.27 37.85
CA VAL A 1537 -40.39 -54.12 37.75
C VAL A 1537 -39.96 -54.35 36.31
N LEU A 1538 -40.28 -53.41 35.41
CA LEU A 1538 -39.92 -53.56 33.97
C LEU A 1538 -38.46 -53.11 33.78
N SER A 1539 -37.56 -54.07 33.55
CA SER A 1539 -36.16 -53.77 33.32
C SER A 1539 -35.90 -53.52 31.85
N THR A 1540 -35.04 -52.53 31.57
CA THR A 1540 -34.68 -52.20 30.20
C THR A 1540 -33.50 -53.04 29.74
N SER A 1549 -29.97 -49.66 30.14
CA SER A 1549 -29.15 -50.64 30.84
C SER A 1549 -29.99 -51.79 31.40
N VAL A 1550 -30.11 -51.84 32.72
CA VAL A 1550 -30.85 -52.90 33.39
C VAL A 1550 -31.81 -52.28 34.40
N ILE A 1551 -31.90 -50.95 34.40
CA ILE A 1551 -32.67 -50.24 35.43
C ILE A 1551 -34.13 -50.69 35.38
N HIS A 1552 -34.73 -50.83 36.55
CA HIS A 1552 -36.10 -51.27 36.71
C HIS A 1552 -37.04 -50.10 36.93
N PHE A 1553 -38.29 -50.26 36.50
CA PHE A 1553 -39.31 -49.25 36.69
C PHE A 1553 -40.67 -49.89 36.42
N SER A 1554 -41.66 -49.48 37.20
CA SER A 1554 -43.01 -50.04 37.06
C SER A 1554 -43.63 -49.62 35.74
N HIS A 1555 -44.45 -50.53 35.18
CA HIS A 1555 -45.20 -50.20 33.98
C HIS A 1555 -46.17 -49.05 34.24
N GLY A 1556 -46.72 -48.98 35.46
CA GLY A 1556 -47.63 -47.90 35.77
C GLY A 1556 -46.99 -46.53 35.72
N GLU A 1557 -45.77 -46.42 36.26
CA GLU A 1557 -45.07 -45.14 36.24
C GLU A 1557 -44.80 -44.67 34.80
N TYR A 1558 -44.31 -45.58 33.95
CA TYR A 1558 -44.05 -45.23 32.57
C TYR A 1558 -45.34 -44.85 31.84
N PHE A 1559 -46.41 -45.63 32.06
CA PHE A 1559 -47.68 -45.35 31.41
C PHE A 1559 -48.21 -43.98 31.82
N TYR A 1560 -48.14 -43.66 33.11
CA TYR A 1560 -48.58 -42.36 33.57
C TYR A 1560 -47.73 -41.23 33.00
N SER A 1561 -46.40 -41.40 33.05
CA SER A 1561 -45.52 -40.39 32.49
C SER A 1561 -45.78 -40.18 30.99
N LEU A 1562 -46.29 -41.21 30.32
CA LEU A 1562 -46.56 -41.10 28.89
C LEU A 1562 -47.91 -40.44 28.62
N PHE A 1563 -48.95 -40.76 29.39
CA PHE A 1563 -50.31 -40.36 29.02
C PHE A 1563 -51.03 -39.64 30.15
N SER A 1564 -50.31 -38.91 31.00
CA SER A 1564 -50.96 -38.10 32.01
C SER A 1564 -51.87 -37.05 31.38
N GLU A 1565 -51.50 -36.53 30.21
CA GLU A 1565 -52.29 -35.49 29.56
C GLU A 1565 -53.71 -35.95 29.27
N THR A 1566 -53.92 -37.26 29.12
CA THR A 1566 -55.25 -37.81 28.97
C THR A 1566 -55.80 -38.39 30.27
N ILE A 1567 -54.93 -38.92 31.13
CA ILE A 1567 -55.38 -39.48 32.40
C ILE A 1567 -56.05 -38.39 33.24
N ASN A 1568 -55.43 -37.22 33.33
CA ASN A 1568 -56.02 -36.13 34.10
C ASN A 1568 -57.34 -35.66 33.48
N THR A 1569 -57.37 -35.59 32.15
CA THR A 1569 -58.60 -35.17 31.48
C THR A 1569 -59.75 -36.13 31.81
N GLU A 1570 -59.47 -37.43 31.81
CA GLU A 1570 -60.52 -38.39 32.17
C GLU A 1570 -60.89 -38.28 33.64
N LEU A 1571 -59.90 -38.26 34.53
CA LEU A 1571 -60.18 -38.23 35.96
C LEU A 1571 -60.92 -36.97 36.39
N LEU A 1572 -60.80 -35.88 35.63
CA LEU A 1572 -61.57 -34.68 35.96
C LEU A 1572 -63.06 -34.95 35.90
N LYS A 1573 -63.49 -35.86 35.01
CA LYS A 1573 -64.91 -36.20 34.94
C LYS A 1573 -65.39 -36.88 36.22
N ASN A 1574 -64.60 -37.81 36.76
CA ASN A 1574 -64.93 -38.52 37.99
C ASN A 1574 -63.79 -38.31 38.98
N LEU A 1575 -63.86 -37.23 39.75
CA LEU A 1575 -62.80 -36.92 40.70
C LEU A 1575 -62.98 -37.67 42.01
N ASP A 1576 -64.18 -37.59 42.60
CA ASP A 1576 -64.38 -37.97 43.99
C ASP A 1576 -63.93 -39.41 44.25
N LEU A 1577 -64.41 -40.36 43.44
CA LEU A 1577 -64.01 -41.75 43.63
C LEU A 1577 -62.52 -41.93 43.44
N ALA A 1578 -61.98 -41.40 42.34
CA ALA A 1578 -60.57 -41.58 42.04
C ALA A 1578 -59.69 -40.91 43.10
N VAL A 1579 -60.01 -39.67 43.47
CA VAL A 1579 -59.17 -38.97 44.43
C VAL A 1579 -59.28 -39.61 45.80
N LEU A 1580 -60.46 -40.11 46.18
CA LEU A 1580 -60.60 -40.83 47.44
C LEU A 1580 -59.76 -42.10 47.44
N GLU A 1581 -59.78 -42.85 46.34
CA GLU A 1581 -58.98 -44.06 46.26
C GLU A 1581 -57.49 -43.74 46.34
N LEU A 1582 -57.06 -42.65 45.68
CA LEU A 1582 -55.67 -42.22 45.80
C LEU A 1582 -55.33 -41.86 47.24
N MET A 1583 -56.22 -41.16 47.92
CA MET A 1583 -55.96 -40.75 49.29
C MET A 1583 -55.84 -41.94 50.23
N GLN A 1584 -56.73 -42.93 50.09
CA GLN A 1584 -56.68 -44.07 50.99
C GLN A 1584 -55.51 -44.99 50.65
N SER A 1585 -55.10 -45.04 49.38
CA SER A 1585 -53.97 -45.85 48.97
C SER A 1585 -52.65 -45.09 49.01
N SER A 1586 -52.66 -43.83 49.44
CA SER A 1586 -51.42 -43.05 49.49
C SER A 1586 -50.42 -43.64 50.47
N VAL A 1587 -50.91 -44.29 51.54
CA VAL A 1587 -50.01 -44.87 52.53
C VAL A 1587 -49.19 -46.01 51.91
N ASP A 1588 -49.79 -46.78 51.01
CA ASP A 1588 -49.07 -47.88 50.37
C ASP A 1588 -47.91 -47.35 49.54
N ASN A 1589 -48.21 -46.55 48.51
CA ASN A 1589 -47.19 -45.93 47.68
C ASN A 1589 -47.45 -44.43 47.64
N THR A 1590 -46.38 -43.65 47.77
CA THR A 1590 -46.47 -42.20 47.68
C THR A 1590 -46.03 -41.67 46.33
N LYS A 1591 -45.02 -42.29 45.71
CA LYS A 1591 -44.48 -41.79 44.45
C LYS A 1591 -45.56 -41.68 43.38
N MET A 1592 -46.29 -42.77 43.15
CA MET A 1592 -47.37 -42.74 42.16
C MET A 1592 -48.48 -41.79 42.58
N VAL A 1593 -48.87 -41.82 43.86
CA VAL A 1593 -49.95 -40.97 44.34
C VAL A 1593 -49.55 -39.50 44.26
N SER A 1594 -48.33 -39.18 44.69
CA SER A 1594 -47.86 -37.81 44.60
C SER A 1594 -47.79 -37.36 43.14
N ALA A 1595 -47.30 -38.23 42.25
CA ALA A 1595 -47.20 -37.86 40.85
C ALA A 1595 -48.57 -37.58 40.24
N VAL A 1596 -49.55 -38.45 40.52
CA VAL A 1596 -50.88 -38.23 39.94
C VAL A 1596 -51.53 -37.00 40.56
N LEU A 1597 -51.29 -36.73 41.84
CA LEU A 1597 -51.84 -35.51 42.44
C LEU A 1597 -51.23 -34.26 41.81
N ASN A 1598 -49.91 -34.27 41.59
CA ASN A 1598 -49.28 -33.14 40.91
C ASN A 1598 -49.82 -32.99 39.49
N GLY A 1599 -50.06 -34.10 38.80
CA GLY A 1599 -50.69 -34.03 37.50
C GLY A 1599 -52.07 -33.41 37.56
N MET A 1600 -52.88 -33.81 38.55
CA MET A 1600 -54.20 -33.21 38.73
C MET A 1600 -54.09 -31.71 38.91
N LEU A 1601 -53.22 -31.28 39.83
CA LEU A 1601 -53.09 -29.87 40.14
C LEU A 1601 -52.57 -29.07 38.95
N ASP A 1602 -51.61 -29.62 38.21
CA ASP A 1602 -51.09 -28.92 37.05
C ASP A 1602 -52.13 -28.82 35.94
N GLN A 1603 -52.91 -29.88 35.71
CA GLN A 1603 -53.97 -29.81 34.72
C GLN A 1603 -55.00 -28.77 35.10
N SER A 1604 -55.37 -28.70 36.38
CA SER A 1604 -56.30 -27.67 36.84
C SER A 1604 -55.71 -26.28 36.67
N PHE A 1605 -54.43 -26.13 36.98
CA PHE A 1605 -53.79 -24.82 36.91
C PHE A 1605 -53.63 -24.35 35.47
N ARG A 1606 -53.57 -25.29 34.52
CA ARG A 1606 -53.53 -24.90 33.12
C ARG A 1606 -54.91 -24.69 32.52
N GLU A 1607 -55.92 -25.40 33.01
CA GLU A 1607 -57.28 -25.28 32.48
C GLU A 1607 -58.13 -24.26 33.23
N ARG A 1608 -57.58 -23.61 34.26
CA ARG A 1608 -58.37 -22.63 35.00
C ARG A 1608 -58.76 -21.44 34.14
N ALA A 1609 -58.13 -21.26 32.97
CA ALA A 1609 -58.56 -20.21 32.05
C ALA A 1609 -59.98 -20.44 31.55
N ASN A 1610 -60.48 -21.67 31.60
CA ASN A 1610 -61.84 -21.97 31.17
C ASN A 1610 -62.57 -22.79 32.22
N GLN A 1611 -61.82 -23.54 33.03
CA GLN A 1611 -62.38 -24.41 34.06
C GLN A 1611 -61.96 -23.87 35.42
N LYS A 1612 -62.77 -22.98 36.00
CA LYS A 1612 -62.45 -22.35 37.27
C LYS A 1612 -62.82 -23.26 38.45
N HIS A 1613 -64.08 -23.65 38.53
CA HIS A 1613 -64.58 -24.39 39.69
C HIS A 1613 -64.04 -25.82 39.76
N GLN A 1614 -63.51 -26.35 38.66
CA GLN A 1614 -63.00 -27.72 38.67
C GLN A 1614 -61.82 -27.87 39.62
N GLY A 1615 -60.82 -26.98 39.48
CA GLY A 1615 -59.71 -27.00 40.42
C GLY A 1615 -60.15 -26.70 41.84
N LEU A 1616 -61.15 -25.84 41.99
CA LEU A 1616 -61.67 -25.52 43.32
C LEU A 1616 -62.23 -26.77 44.00
N LYS A 1617 -63.11 -27.49 43.30
CA LYS A 1617 -63.69 -28.69 43.91
C LYS A 1617 -62.66 -29.80 44.09
N LEU A 1618 -61.67 -29.88 43.19
CA LEU A 1618 -60.59 -30.83 43.40
C LEU A 1618 -59.84 -30.52 44.69
N ALA A 1619 -59.54 -29.24 44.92
CA ALA A 1619 -58.87 -28.84 46.16
C ALA A 1619 -59.75 -29.11 47.37
N THR A 1620 -61.06 -28.88 47.25
CA THR A 1620 -61.97 -29.15 48.37
C THR A 1620 -61.97 -30.63 48.72
N THR A 1621 -62.00 -31.50 47.70
CA THR A 1621 -61.93 -32.93 47.96
C THR A 1621 -60.59 -33.31 48.59
N ILE A 1622 -59.50 -32.72 48.11
CA ILE A 1622 -58.18 -32.97 48.69
C ILE A 1622 -58.20 -32.64 50.17
N LEU A 1623 -58.77 -31.48 50.52
CA LEU A 1623 -58.85 -31.10 51.93
C LEU A 1623 -59.83 -32.00 52.70
N GLN A 1624 -60.87 -32.49 52.04
CA GLN A 1624 -61.83 -33.37 52.69
C GLN A 1624 -61.16 -34.66 53.17
N HIS A 1625 -60.33 -35.26 52.31
CA HIS A 1625 -59.62 -36.46 52.74
C HIS A 1625 -58.17 -36.17 53.14
N TRP A 1626 -57.86 -34.90 53.45
CA TRP A 1626 -56.57 -34.55 54.00
C TRP A 1626 -56.31 -35.19 55.36
N LYS A 1627 -57.32 -35.73 56.03
CA LYS A 1627 -57.07 -36.46 57.27
C LYS A 1627 -56.11 -37.60 57.04
N LYS A 1628 -56.17 -38.24 55.87
CA LYS A 1628 -55.21 -39.27 55.52
C LYS A 1628 -53.94 -38.70 54.90
N CYS A 1629 -53.92 -37.41 54.56
CA CYS A 1629 -52.73 -36.83 53.94
C CYS A 1629 -51.56 -36.83 54.91
N ASP A 1630 -51.76 -36.35 56.13
CA ASP A 1630 -50.68 -36.33 57.10
C ASP A 1630 -50.33 -37.74 57.59
N SER A 1631 -51.25 -38.70 57.41
CA SER A 1631 -51.07 -40.03 57.99
C SER A 1631 -49.80 -40.70 57.48
N TRP A 1632 -49.55 -40.63 56.17
CA TRP A 1632 -48.46 -41.40 55.59
C TRP A 1632 -47.09 -40.79 55.85
N TRP A 1633 -47.01 -39.59 56.42
CA TRP A 1633 -45.70 -38.98 56.63
C TRP A 1633 -45.57 -38.29 57.99
N ALA A 1634 -46.47 -38.57 58.92
CA ALA A 1634 -46.80 -37.67 60.03
C ALA A 1634 -45.61 -36.95 60.64
N LYS A 1635 -44.65 -37.70 61.21
CA LYS A 1635 -43.53 -37.05 61.85
C LYS A 1635 -42.18 -37.64 61.43
N ASP A 1636 -42.13 -38.95 61.24
CA ASP A 1636 -40.87 -39.66 61.06
C ASP A 1636 -40.60 -40.04 59.61
N SER A 1637 -41.30 -39.39 58.66
CA SER A 1637 -41.03 -39.63 57.26
C SER A 1637 -39.72 -39.01 56.84
N PRO A 1638 -39.15 -39.44 55.72
CA PRO A 1638 -37.95 -38.77 55.19
C PRO A 1638 -38.24 -37.30 54.90
N LEU A 1639 -37.19 -36.49 55.04
CA LEU A 1639 -37.36 -35.04 54.89
C LEU A 1639 -37.87 -34.66 53.51
N GLU A 1640 -37.42 -35.37 52.47
CA GLU A 1640 -37.90 -35.09 51.13
C GLU A 1640 -39.40 -35.37 51.00
N THR A 1641 -39.91 -36.35 51.75
CA THR A 1641 -41.35 -36.59 51.75
C THR A 1641 -42.11 -35.39 52.32
N LYS A 1642 -41.60 -34.82 53.42
CA LYS A 1642 -42.21 -33.62 53.97
C LYS A 1642 -42.12 -32.46 52.99
N MET A 1643 -41.00 -32.32 52.30
CA MET A 1643 -40.87 -31.27 51.28
C MET A 1643 -41.89 -31.46 50.17
N ALA A 1644 -42.09 -32.71 49.73
CA ALA A 1644 -43.05 -32.98 48.67
C ALA A 1644 -44.47 -32.67 49.11
N VAL A 1645 -44.85 -33.09 50.31
CA VAL A 1645 -46.20 -32.80 50.77
C VAL A 1645 -46.39 -31.30 50.99
N LEU A 1646 -45.33 -30.60 51.43
CA LEU A 1646 -45.41 -29.14 51.53
C LEU A 1646 -45.63 -28.50 50.18
N ALA A 1647 -44.92 -28.98 49.15
CA ALA A 1647 -45.11 -28.44 47.81
C ALA A 1647 -46.52 -28.72 47.30
N LEU A 1648 -47.04 -29.91 47.57
CA LEU A 1648 -48.40 -30.25 47.16
C LEU A 1648 -49.42 -29.34 47.84
N LEU A 1649 -49.25 -29.09 49.14
CA LEU A 1649 -50.15 -28.19 49.85
C LEU A 1649 -50.03 -26.77 49.30
N ALA A 1650 -48.81 -26.35 48.96
CA ALA A 1650 -48.62 -25.03 48.37
C ALA A 1650 -49.34 -24.91 47.04
N LYS A 1651 -49.28 -25.95 46.20
CA LYS A 1651 -50.02 -25.94 44.95
C LYS A 1651 -51.52 -25.86 45.20
N ILE A 1652 -52.02 -26.61 46.19
CA ILE A 1652 -53.43 -26.56 46.53
C ILE A 1652 -53.83 -25.14 46.93
N LEU A 1653 -53.01 -24.48 47.76
CA LEU A 1653 -53.30 -23.11 48.15
C LEU A 1653 -53.25 -22.16 46.96
N GLN A 1654 -52.32 -22.40 46.04
CA GLN A 1654 -52.23 -21.54 44.85
C GLN A 1654 -53.49 -21.66 43.99
N ILE A 1655 -54.01 -22.87 43.82
CA ILE A 1655 -55.18 -23.05 42.97
C ILE A 1655 -56.40 -22.39 43.58
N ASP A 1656 -56.67 -22.63 44.85
CA ASP A 1656 -57.89 -22.17 45.50
C ASP A 1656 -57.68 -20.83 46.19
N SER A 1657 -58.74 -20.04 46.24
CA SER A 1657 -58.71 -18.80 47.01
C SER A 1657 -58.57 -19.13 48.50
N SER A 1658 -57.83 -18.27 49.21
CA SER A 1658 -57.52 -18.53 50.61
C SER A 1658 -58.79 -18.61 51.46
N VAL A 1659 -59.70 -17.65 51.27
CA VAL A 1659 -60.88 -17.57 52.13
C VAL A 1659 -61.80 -18.77 51.96
N SER A 1660 -61.70 -19.48 50.83
CA SER A 1660 -62.57 -20.62 50.59
C SER A 1660 -62.35 -21.75 51.60
N PHE A 1661 -61.20 -21.77 52.28
CA PHE A 1661 -60.91 -22.78 53.27
C PHE A 1661 -60.31 -22.23 54.57
N ASN A 1662 -59.88 -20.97 54.58
CA ASN A 1662 -59.11 -20.46 55.72
C ASN A 1662 -59.96 -20.22 56.94
N THR A 1663 -61.15 -19.63 56.77
CA THR A 1663 -61.90 -19.12 57.91
C THR A 1663 -62.31 -20.22 58.89
N SER A 1664 -63.22 -21.10 58.46
CA SER A 1664 -63.63 -22.22 59.30
C SER A 1664 -63.92 -23.48 58.50
N HIS A 1665 -63.64 -23.49 57.20
CA HIS A 1665 -64.14 -24.53 56.32
C HIS A 1665 -63.43 -25.86 56.57
N GLY A 1666 -64.22 -26.91 56.76
CA GLY A 1666 -63.69 -28.27 56.72
C GLY A 1666 -62.55 -28.53 57.68
N SER A 1667 -61.47 -29.09 57.14
CA SER A 1667 -60.30 -29.50 57.91
C SER A 1667 -59.24 -28.40 58.00
N PHE A 1668 -59.66 -27.14 58.00
CA PHE A 1668 -58.74 -26.03 58.19
C PHE A 1668 -57.92 -26.13 59.48
N PRO A 1669 -58.49 -26.48 60.64
CA PRO A 1669 -57.63 -26.63 61.83
C PRO A 1669 -56.57 -27.69 61.67
N GLU A 1670 -56.92 -28.84 61.06
CA GLU A 1670 -55.92 -29.88 60.85
C GLU A 1670 -54.84 -29.42 59.89
N VAL A 1671 -55.22 -28.69 58.83
CA VAL A 1671 -54.24 -28.17 57.88
C VAL A 1671 -53.30 -27.21 58.57
N PHE A 1672 -53.84 -26.31 59.40
CA PHE A 1672 -53.00 -25.36 60.12
C PHE A 1672 -52.06 -26.07 61.08
N THR A 1673 -52.55 -27.07 61.80
CA THR A 1673 -51.69 -27.82 62.71
C THR A 1673 -50.60 -28.57 61.95
N THR A 1674 -50.94 -29.08 60.76
CA THR A 1674 -49.94 -29.73 59.92
C THR A 1674 -48.85 -28.76 59.51
N TYR A 1675 -49.24 -27.54 59.11
CA TYR A 1675 -48.22 -26.55 58.76
C TYR A 1675 -47.40 -26.14 59.97
N ILE A 1676 -48.03 -26.05 61.16
CA ILE A 1676 -47.29 -25.72 62.37
C ILE A 1676 -46.26 -26.80 62.66
N SER A 1677 -46.65 -28.07 62.52
CA SER A 1677 -45.71 -29.16 62.71
C SER A 1677 -44.58 -29.10 61.69
N LEU A 1678 -44.90 -28.75 60.44
CA LEU A 1678 -43.86 -28.57 59.43
C LEU A 1678 -42.88 -27.49 59.82
N LEU A 1679 -43.39 -26.38 60.35
CA LEU A 1679 -42.50 -25.32 60.85
C LEU A 1679 -41.65 -25.81 62.01
N ALA A 1680 -42.23 -26.60 62.89
CA ALA A 1680 -41.56 -27.11 64.08
C ALA A 1680 -40.52 -28.18 63.77
N ASP A 1681 -40.21 -28.40 62.49
CA ASP A 1681 -39.18 -29.37 62.13
C ASP A 1681 -37.85 -28.98 62.75
N THR A 1682 -37.22 -29.94 63.43
CA THR A 1682 -35.88 -29.71 63.96
C THR A 1682 -34.88 -29.48 62.84
N LYS A 1683 -34.98 -30.27 61.77
CA LYS A 1683 -34.15 -30.09 60.59
C LYS A 1683 -34.81 -29.16 59.59
N LEU A 1684 -35.19 -27.96 60.05
CA LEU A 1684 -35.84 -26.98 59.20
C LEU A 1684 -34.78 -26.39 58.28
N ASP A 1685 -34.66 -26.99 57.09
CA ASP A 1685 -33.71 -26.51 56.11
C ASP A 1685 -34.03 -25.06 55.74
N LEU A 1686 -32.97 -24.25 55.59
CA LEU A 1686 -33.17 -22.83 55.34
C LEU A 1686 -33.94 -22.59 54.05
N HIS A 1687 -33.59 -23.32 52.98
CA HIS A 1687 -34.34 -23.21 51.74
C HIS A 1687 -35.76 -23.72 51.92
N LEU A 1688 -35.93 -24.86 52.58
CA LEU A 1688 -37.26 -25.42 52.80
C LEU A 1688 -38.10 -24.52 53.70
N LYS A 1689 -37.50 -24.03 54.78
CA LYS A 1689 -38.22 -23.12 55.67
C LYS A 1689 -38.59 -21.83 54.95
N GLY A 1690 -37.70 -21.32 54.10
CA GLY A 1690 -38.03 -20.15 53.31
C GLY A 1690 -39.18 -20.39 52.35
N GLN A 1691 -39.19 -21.56 51.71
CA GLN A 1691 -40.31 -21.92 50.84
C GLN A 1691 -41.62 -21.94 51.63
N ALA A 1692 -41.61 -22.58 52.79
CA ALA A 1692 -42.82 -22.66 53.60
C ALA A 1692 -43.29 -21.27 54.02
N VAL A 1693 -42.36 -20.43 54.49
CA VAL A 1693 -42.72 -19.12 55.01
C VAL A 1693 -42.99 -18.10 53.92
N THR A 1694 -42.67 -18.41 52.67
CA THR A 1694 -43.05 -17.54 51.57
C THR A 1694 -44.31 -18.00 50.86
N LEU A 1695 -44.69 -19.27 51.03
CA LEU A 1695 -45.91 -19.74 50.37
C LEU A 1695 -47.12 -19.74 51.29
N LEU A 1696 -46.95 -20.20 52.54
CA LEU A 1696 -48.10 -20.30 53.44
C LEU A 1696 -48.76 -18.97 53.81
N PRO A 1697 -48.03 -17.85 54.07
CA PRO A 1697 -48.71 -16.63 54.53
C PRO A 1697 -49.93 -16.21 53.71
N PHE A 1698 -50.04 -16.73 52.48
CA PHE A 1698 -51.32 -16.62 51.77
C PHE A 1698 -52.43 -17.29 52.57
N PHE A 1699 -52.16 -18.48 53.10
CA PHE A 1699 -53.09 -19.16 53.99
C PHE A 1699 -53.10 -18.56 55.39
N THR A 1700 -51.92 -18.16 55.88
CA THR A 1700 -51.79 -17.71 57.26
C THR A 1700 -52.52 -16.40 57.52
N SER A 1701 -52.85 -15.64 56.48
CA SER A 1701 -53.60 -14.41 56.68
C SER A 1701 -55.00 -14.73 57.18
N LEU A 1702 -55.57 -13.77 57.91
CA LEU A 1702 -56.92 -13.81 58.47
C LEU A 1702 -57.05 -14.81 59.61
N THR A 1703 -55.98 -15.55 59.94
CA THR A 1703 -56.01 -16.54 61.00
C THR A 1703 -55.85 -15.86 62.37
N GLY A 1704 -56.85 -15.04 62.70
CA GLY A 1704 -56.79 -14.27 63.93
C GLY A 1704 -56.71 -15.11 65.19
N GLY A 1705 -57.38 -16.26 65.20
CA GLY A 1705 -57.35 -17.12 66.37
C GLY A 1705 -56.06 -17.88 66.57
N SER A 1706 -55.14 -17.82 65.60
CA SER A 1706 -53.87 -18.52 65.69
C SER A 1706 -52.69 -17.60 65.42
N LEU A 1707 -52.91 -16.29 65.39
CA LEU A 1707 -51.80 -15.35 65.19
C LEU A 1707 -50.77 -15.45 66.30
N GLU A 1708 -51.20 -15.75 67.53
CA GLU A 1708 -50.25 -15.90 68.63
C GLU A 1708 -49.34 -17.10 68.40
N GLU A 1709 -49.90 -18.23 67.95
CA GLU A 1709 -49.07 -19.39 67.64
C GLU A 1709 -48.12 -19.09 66.49
N LEU A 1710 -48.61 -18.40 65.46
CA LEU A 1710 -47.75 -18.02 64.35
C LEU A 1710 -46.61 -17.13 64.85
N ARG A 1711 -46.94 -16.16 65.71
CA ARG A 1711 -45.93 -15.28 66.28
C ARG A 1711 -44.85 -16.06 67.00
N ARG A 1712 -45.25 -16.95 67.91
CA ARG A 1712 -44.25 -17.66 68.71
C ARG A 1712 -43.41 -18.58 67.86
N VAL A 1713 -44.03 -19.28 66.89
CA VAL A 1713 -43.24 -20.21 66.09
C VAL A 1713 -42.27 -19.45 65.19
N LEU A 1714 -42.71 -18.36 64.56
CA LEU A 1714 -41.80 -17.57 63.74
C LEU A 1714 -40.69 -16.98 64.57
N GLU A 1715 -41.00 -16.50 65.78
CA GLU A 1715 -39.98 -15.91 66.64
C GLU A 1715 -38.93 -16.93 67.03
N GLN A 1716 -39.36 -18.10 67.48
CA GLN A 1716 -38.38 -19.11 67.87
C GLN A 1716 -37.57 -19.58 66.67
N LEU A 1717 -38.21 -19.73 65.51
CA LEU A 1717 -37.49 -20.15 64.32
C LEU A 1717 -36.41 -19.13 63.94
N ILE A 1718 -36.75 -17.84 63.94
CA ILE A 1718 -35.79 -16.84 63.51
C ILE A 1718 -34.67 -16.69 64.54
N VAL A 1719 -35.00 -16.75 65.83
CA VAL A 1719 -33.93 -16.64 66.82
C VAL A 1719 -33.03 -17.86 66.80
N ALA A 1720 -33.58 -19.02 66.42
CA ALA A 1720 -32.74 -20.21 66.27
C ALA A 1720 -31.85 -20.11 65.04
N HIS A 1721 -32.36 -19.53 63.95
CA HIS A 1721 -31.60 -19.46 62.72
C HIS A 1721 -30.83 -18.15 62.56
N PHE A 1722 -31.44 -17.02 62.95
CA PHE A 1722 -30.87 -15.71 62.68
C PHE A 1722 -30.34 -15.09 63.96
N PRO A 1723 -29.05 -14.85 64.07
CA PRO A 1723 -28.52 -14.15 65.26
C PRO A 1723 -28.89 -12.68 65.21
N MET A 1724 -28.66 -12.01 66.35
CA MET A 1724 -28.98 -10.59 66.44
C MET A 1724 -28.17 -9.78 65.44
N GLN A 1725 -26.89 -10.12 65.27
CA GLN A 1725 -26.06 -9.51 64.24
C GLN A 1725 -26.26 -10.23 62.92
N SER A 1726 -26.15 -9.47 61.82
CA SER A 1726 -26.19 -10.05 60.48
C SER A 1726 -24.88 -9.88 59.72
N ARG A 1727 -23.95 -9.07 60.22
CA ARG A 1727 -22.68 -8.85 59.54
C ARG A 1727 -21.68 -9.96 59.75
N GLU A 1728 -21.97 -10.93 60.64
CA GLU A 1728 -21.03 -12.03 60.85
C GLU A 1728 -20.86 -12.89 59.61
N PHE A 1729 -21.84 -12.85 58.70
CA PHE A 1729 -21.72 -13.55 57.43
C PHE A 1729 -21.24 -12.56 56.38
N PRO A 1730 -20.02 -12.70 55.86
CA PRO A 1730 -19.54 -11.76 54.85
C PRO A 1730 -20.34 -11.90 53.56
N PRO A 1731 -20.48 -10.82 52.80
CA PRO A 1731 -21.22 -10.93 51.52
C PRO A 1731 -20.50 -11.85 50.56
N GLY A 1732 -21.17 -12.95 50.22
CA GLY A 1732 -20.61 -13.92 49.30
C GLY A 1732 -20.37 -15.28 49.93
N THR A 1733 -21.17 -15.63 50.94
CA THR A 1733 -21.10 -16.91 51.60
C THR A 1733 -22.48 -17.53 51.66
N PRO A 1734 -22.57 -18.87 51.67
CA PRO A 1734 -23.90 -19.51 51.70
C PRO A 1734 -24.75 -19.09 52.89
N ARG A 1735 -24.14 -18.85 54.05
CA ARG A 1735 -24.91 -18.34 55.19
C ARG A 1735 -25.56 -17.01 54.85
N PHE A 1736 -24.79 -16.09 54.27
CA PHE A 1736 -25.32 -14.79 53.88
C PHE A 1736 -26.40 -14.94 52.81
N ASN A 1737 -26.19 -15.83 51.85
CA ASN A 1737 -27.18 -16.01 50.78
C ASN A 1737 -28.49 -16.53 51.34
N ASN A 1738 -28.42 -17.53 52.23
CA ASN A 1738 -29.63 -18.05 52.86
C ASN A 1738 -30.31 -16.97 53.71
N TYR A 1739 -29.52 -16.19 54.44
CA TYR A 1739 -30.09 -15.14 55.28
C TYR A 1739 -30.85 -14.12 54.43
N VAL A 1740 -30.22 -13.63 53.36
CA VAL A 1740 -30.88 -12.63 52.53
C VAL A 1740 -32.07 -13.22 51.78
N ASP A 1741 -31.98 -14.50 51.38
CA ASP A 1741 -33.12 -15.14 50.74
C ASP A 1741 -34.31 -15.23 51.70
N CYS A 1742 -34.05 -15.63 52.95
CA CYS A 1742 -35.12 -15.67 53.94
C CYS A 1742 -35.68 -14.27 54.20
N MET A 1743 -34.82 -13.26 54.18
CA MET A 1743 -35.30 -11.89 54.32
C MET A 1743 -36.25 -11.53 53.18
N LYS A 1744 -35.91 -11.91 51.95
CA LYS A 1744 -36.78 -11.67 50.82
C LYS A 1744 -38.11 -12.40 50.97
N LYS A 1745 -38.05 -13.65 51.45
CA LYS A 1745 -39.28 -14.40 51.67
C LYS A 1745 -40.17 -13.71 52.70
N PHE A 1746 -39.58 -13.27 53.81
CA PHE A 1746 -40.36 -12.54 54.81
C PHE A 1746 -40.95 -11.27 54.21
N LEU A 1747 -40.17 -10.53 53.42
CA LEU A 1747 -40.65 -9.27 52.86
C LEU A 1747 -41.83 -9.50 51.93
N ASP A 1748 -41.69 -10.40 50.96
CA ASP A 1748 -42.76 -10.55 49.98
C ASP A 1748 -43.98 -11.21 50.61
N ALA A 1749 -43.78 -12.14 51.55
CA ALA A 1749 -44.90 -12.73 52.26
C ALA A 1749 -45.64 -11.68 53.08
N LEU A 1750 -44.92 -10.79 53.76
CA LEU A 1750 -45.56 -9.76 54.56
C LEU A 1750 -46.33 -8.77 53.69
N GLU A 1751 -45.74 -8.34 52.57
CA GLU A 1751 -46.44 -7.38 51.72
C GLU A 1751 -47.65 -8.02 51.05
N LEU A 1752 -47.58 -9.31 50.71
CA LEU A 1752 -48.75 -9.99 50.18
C LEU A 1752 -49.83 -10.14 51.25
N SER A 1753 -49.42 -10.39 52.50
CA SER A 1753 -50.38 -10.59 53.57
C SER A 1753 -50.98 -9.27 54.03
N GLN A 1754 -50.18 -8.20 54.03
CA GLN A 1754 -50.59 -6.90 54.57
C GLN A 1754 -51.01 -6.99 56.03
N SER A 1755 -50.39 -7.92 56.77
CA SER A 1755 -50.74 -8.15 58.16
C SER A 1755 -49.74 -7.46 59.09
N PRO A 1756 -50.22 -6.84 60.17
CA PRO A 1756 -49.29 -6.24 61.14
C PRO A 1756 -48.39 -7.25 61.80
N MET A 1757 -48.82 -8.51 61.91
CA MET A 1757 -48.03 -9.54 62.57
C MET A 1757 -46.64 -9.68 61.95
N LEU A 1758 -46.59 -10.05 60.67
CA LEU A 1758 -45.31 -10.21 60.00
C LEU A 1758 -44.53 -8.91 59.96
N LEU A 1759 -45.24 -7.78 59.78
CA LEU A 1759 -44.57 -6.49 59.73
C LEU A 1759 -43.80 -6.20 61.00
N GLU A 1760 -44.46 -6.33 62.15
CA GLU A 1760 -43.79 -6.03 63.41
C GLU A 1760 -42.73 -7.07 63.75
N LEU A 1761 -42.98 -8.35 63.42
CA LEU A 1761 -41.95 -9.35 63.69
C LEU A 1761 -40.69 -9.09 62.87
N MET A 1762 -40.85 -8.68 61.61
CA MET A 1762 -39.69 -8.30 60.81
C MET A 1762 -39.05 -7.03 61.35
N THR A 1763 -39.86 -6.09 61.86
CA THR A 1763 -39.31 -4.88 62.45
C THR A 1763 -38.45 -5.19 63.67
N GLU A 1764 -38.81 -6.24 64.42
CA GLU A 1764 -38.01 -6.64 65.57
C GLU A 1764 -36.55 -6.87 65.19
N VAL A 1765 -36.31 -7.63 64.12
CA VAL A 1765 -34.94 -7.86 63.66
C VAL A 1765 -34.41 -6.69 62.86
N LEU A 1766 -35.29 -5.84 62.32
CA LEU A 1766 -34.84 -4.67 61.58
C LEU A 1766 -34.17 -3.65 62.51
N CYS A 1767 -34.82 -3.33 63.62
CA CYS A 1767 -34.44 -2.17 64.42
C CYS A 1767 -33.35 -2.46 65.45
N ARG A 1768 -32.84 -3.69 65.53
CA ARG A 1768 -31.79 -3.98 66.51
C ARG A 1768 -30.47 -3.34 66.11
N GLU A 1769 -30.15 -3.31 64.82
CA GLU A 1769 -28.98 -2.61 64.31
C GLU A 1769 -29.36 -1.89 63.04
N GLN A 1770 -28.51 -0.95 62.63
CA GLN A 1770 -28.81 -0.06 61.51
C GLN A 1770 -28.05 -0.48 60.26
N GLN A 1771 -28.78 -0.55 59.15
CA GLN A 1771 -28.21 -0.79 57.82
C GLN A 1771 -27.38 -2.07 57.79
N HIS A 1772 -28.01 -3.17 58.21
CA HIS A 1772 -27.38 -4.49 58.16
C HIS A 1772 -28.28 -5.57 57.58
N VAL A 1773 -29.58 -5.36 57.55
CA VAL A 1773 -30.51 -6.29 56.91
C VAL A 1773 -31.09 -5.71 55.62
N MET A 1774 -30.36 -4.81 54.97
CA MET A 1774 -30.76 -4.20 53.69
C MET A 1774 -32.09 -3.45 53.85
N GLU A 1775 -32.01 -2.37 54.64
CA GLU A 1775 -33.21 -1.62 55.00
C GLU A 1775 -33.90 -1.02 53.79
N GLU A 1776 -33.17 -0.76 52.70
CA GLU A 1776 -33.79 -0.18 51.52
C GLU A 1776 -34.85 -1.10 50.93
N LEU A 1777 -34.62 -2.41 51.01
CA LEU A 1777 -35.66 -3.36 50.61
C LEU A 1777 -36.89 -3.21 51.49
N PHE A 1778 -36.69 -2.98 52.79
CA PHE A 1778 -37.82 -2.75 53.68
C PHE A 1778 -38.57 -1.48 53.30
N GLN A 1779 -37.84 -0.42 52.93
CA GLN A 1779 -38.49 0.81 52.52
C GLN A 1779 -39.32 0.60 51.27
N SER A 1780 -38.78 -0.14 50.29
CA SER A 1780 -39.55 -0.45 49.09
C SER A 1780 -40.78 -1.27 49.42
N SER A 1781 -40.63 -2.25 50.33
CA SER A 1781 -41.78 -3.06 50.74
C SER A 1781 -42.86 -2.21 51.40
N PHE A 1782 -42.46 -1.29 52.27
CA PHE A 1782 -43.44 -0.42 52.91
C PHE A 1782 -44.10 0.51 51.90
N ARG A 1783 -43.34 0.97 50.91
CA ARG A 1783 -43.93 1.79 49.85
C ARG A 1783 -44.99 0.98 49.10
N ARG A 1784 -44.69 -0.27 48.77
CA ARG A 1784 -45.67 -1.10 48.08
C ARG A 1784 -46.90 -1.36 48.95
N ILE A 1785 -46.68 -1.59 50.25
CA ILE A 1785 -47.79 -1.86 51.16
C ILE A 1785 -48.72 -0.65 51.24
N ALA A 1786 -48.13 0.54 51.43
CA ALA A 1786 -48.94 1.75 51.47
C ALA A 1786 -49.62 2.03 50.13
N ARG A 1787 -48.96 1.65 49.03
CA ARG A 1787 -49.57 1.79 47.72
C ARG A 1787 -50.81 0.91 47.58
N ARG A 1788 -50.74 -0.32 48.08
CA ARG A 1788 -51.80 -1.30 47.88
C ARG A 1788 -52.75 -1.43 49.05
N GLY A 1789 -52.26 -1.29 50.28
CA GLY A 1789 -53.05 -1.56 51.47
C GLY A 1789 -54.35 -0.79 51.58
N SER A 1790 -55.39 -1.46 52.07
CA SER A 1790 -56.69 -0.84 52.27
C SER A 1790 -56.61 0.20 53.39
N CYS A 1791 -57.54 1.17 53.34
CA CYS A 1791 -57.54 2.25 54.32
C CYS A 1791 -57.59 1.71 55.74
N VAL A 1792 -58.54 0.82 56.02
CA VAL A 1792 -58.61 0.21 57.34
C VAL A 1792 -57.37 -0.63 57.61
N THR A 1793 -56.84 -1.30 56.58
CA THR A 1793 -55.63 -2.09 56.75
C THR A 1793 -54.45 -1.19 57.13
N GLN A 1794 -54.28 -0.06 56.43
CA GLN A 1794 -53.21 0.85 56.77
C GLN A 1794 -53.40 1.43 58.17
N VAL A 1795 -54.66 1.72 58.54
CA VAL A 1795 -54.92 2.17 59.91
C VAL A 1795 -54.48 1.14 60.92
N GLY A 1796 -54.79 -0.14 60.66
CA GLY A 1796 -54.36 -1.20 61.57
C GLY A 1796 -52.86 -1.32 61.66
N LEU A 1797 -52.17 -1.20 60.52
CA LEU A 1797 -50.71 -1.25 60.54
C LEU A 1797 -50.14 -0.08 61.35
N LEU A 1798 -50.69 1.12 61.16
CA LEU A 1798 -50.24 2.27 61.93
C LEU A 1798 -50.48 2.06 63.42
N GLU A 1799 -51.64 1.51 63.78
CA GLU A 1799 -51.93 1.21 65.18
C GLU A 1799 -50.91 0.24 65.74
N SER A 1800 -50.60 -0.82 64.99
CA SER A 1800 -49.65 -1.83 65.48
C SER A 1800 -48.27 -1.23 65.68
N VAL A 1801 -47.79 -0.45 64.71
CA VAL A 1801 -46.44 0.09 64.82
C VAL A 1801 -46.38 1.12 65.94
N TYR A 1802 -47.43 1.95 66.08
CA TYR A 1802 -47.45 2.93 67.16
C TYR A 1802 -47.46 2.23 68.51
N GLU A 1803 -48.26 1.17 68.65
CA GLU A 1803 -48.31 0.43 69.91
C GLU A 1803 -46.95 -0.17 70.25
N MET A 1804 -46.32 -0.85 69.29
CA MET A 1804 -45.01 -1.44 69.57
C MET A 1804 -43.95 -0.36 69.80
N PHE A 1805 -44.18 0.86 69.34
CA PHE A 1805 -43.24 1.95 69.62
C PHE A 1805 -43.41 2.46 71.04
N ARG A 1806 -44.59 2.95 71.38
CA ARG A 1806 -44.79 3.67 72.64
C ARG A 1806 -45.06 2.78 73.83
N LYS A 1807 -45.15 1.46 73.65
CA LYS A 1807 -45.45 0.57 74.75
C LYS A 1807 -44.31 0.60 75.78
N ASP A 1808 -44.68 0.46 77.05
CA ASP A 1808 -43.70 0.43 78.14
C ASP A 1808 -42.94 -0.88 78.07
N ASP A 1809 -41.71 -0.82 77.55
CA ASP A 1809 -40.91 -2.02 77.35
C ASP A 1809 -39.43 -1.65 77.41
N PRO A 1810 -38.68 -2.22 78.36
CA PRO A 1810 -37.25 -1.90 78.43
C PRO A 1810 -36.52 -2.31 77.16
N ARG A 1811 -35.71 -1.39 76.65
CA ARG A 1811 -34.90 -1.61 75.45
C ARG A 1811 -33.98 -0.41 75.29
N LEU A 1812 -33.07 -0.53 74.32
CA LEU A 1812 -32.23 0.61 73.98
C LEU A 1812 -33.08 1.74 73.43
N SER A 1813 -32.79 2.97 73.89
CA SER A 1813 -33.56 4.12 73.44
C SER A 1813 -33.44 4.32 71.93
N PHE A 1814 -32.25 4.08 71.38
CA PHE A 1814 -32.08 4.17 69.93
C PHE A 1814 -32.93 3.14 69.21
N THR A 1815 -33.12 1.96 69.79
CA THR A 1815 -34.02 0.98 69.19
C THR A 1815 -35.45 1.49 69.14
N ARG A 1816 -35.91 2.12 70.23
CA ARG A 1816 -37.26 2.69 70.24
C ARG A 1816 -37.39 3.80 69.21
N GLN A 1817 -36.34 4.61 69.05
CA GLN A 1817 -36.35 5.64 68.02
C GLN A 1817 -36.45 5.02 66.63
N SER A 1818 -35.61 4.02 66.35
CA SER A 1818 -35.60 3.38 65.04
C SER A 1818 -36.92 2.69 64.75
N PHE A 1819 -37.65 2.28 65.80
CA PHE A 1819 -38.97 1.67 65.61
C PHE A 1819 -39.85 2.52 64.71
N VAL A 1820 -39.90 3.82 64.94
CA VAL A 1820 -40.66 4.71 64.08
C VAL A 1820 -39.82 5.27 62.94
N ASP A 1821 -38.50 5.40 63.13
CA ASP A 1821 -37.65 5.91 62.07
C ASP A 1821 -37.72 5.03 60.83
N ARG A 1822 -37.29 3.78 60.95
CA ARG A 1822 -37.17 2.92 59.78
C ARG A 1822 -38.52 2.43 59.27
N SER A 1823 -39.51 2.28 60.15
CA SER A 1823 -40.81 1.74 59.76
C SER A 1823 -41.93 2.77 59.89
N LEU A 1824 -42.07 3.38 61.06
CA LEU A 1824 -43.20 4.29 61.28
C LEU A 1824 -43.12 5.51 60.36
N LEU A 1825 -41.94 6.13 60.28
CA LEU A 1825 -41.81 7.36 59.49
C LEU A 1825 -42.10 7.11 58.02
N THR A 1826 -41.56 6.03 57.45
CA THR A 1826 -41.81 5.74 56.04
C THR A 1826 -43.27 5.44 55.77
N LEU A 1827 -43.90 4.66 56.66
CA LEU A 1827 -45.31 4.36 56.49
C LEU A 1827 -46.15 5.63 56.56
N LEU A 1828 -45.82 6.53 57.47
CA LEU A 1828 -46.46 7.85 57.50
C LEU A 1828 -46.23 8.59 56.20
N TRP A 1829 -45.01 8.53 55.67
CA TRP A 1829 -44.64 9.26 54.46
C TRP A 1829 -45.33 8.72 53.21
N HIS A 1830 -45.76 7.47 53.22
CA HIS A 1830 -46.30 6.86 52.01
C HIS A 1830 -47.75 6.40 52.11
N CYS A 1831 -48.37 6.45 53.29
CA CYS A 1831 -49.72 5.95 53.44
C CYS A 1831 -50.71 6.87 52.72
N SER A 1832 -51.97 6.44 52.70
CA SER A 1832 -53.03 7.23 52.09
C SER A 1832 -53.46 8.36 53.02
N LEU A 1833 -53.76 9.51 52.41
CA LEU A 1833 -53.98 10.73 53.19
C LEU A 1833 -55.15 10.59 54.16
N ASP A 1834 -56.25 10.00 53.71
CA ASP A 1834 -57.41 9.84 54.60
C ASP A 1834 -57.07 8.94 55.79
N ALA A 1835 -56.39 7.82 55.53
CA ALA A 1835 -56.00 6.93 56.62
C ALA A 1835 -55.02 7.62 57.56
N LEU A 1836 -54.11 8.42 57.01
CA LEU A 1836 -53.16 9.16 57.84
C LEU A 1836 -53.90 10.13 58.75
N ARG A 1837 -54.89 10.85 58.21
CA ARG A 1837 -55.65 11.78 59.03
C ARG A 1837 -56.46 11.03 60.09
N GLU A 1838 -56.99 9.86 59.76
CA GLU A 1838 -57.71 9.06 60.75
C GLU A 1838 -56.78 8.63 61.87
N PHE A 1839 -55.57 8.16 61.52
CA PHE A 1839 -54.61 7.75 62.55
C PHE A 1839 -54.20 8.93 63.41
N PHE A 1840 -54.03 10.10 62.79
CA PHE A 1840 -53.76 11.33 63.53
C PHE A 1840 -54.87 11.53 64.55
N SER A 1841 -56.09 11.75 64.07
CA SER A 1841 -57.23 12.00 64.97
C SER A 1841 -57.35 10.93 66.05
N THR A 1842 -56.87 9.71 65.77
CA THR A 1842 -56.89 8.66 66.78
C THR A 1842 -55.86 8.91 67.87
N ILE A 1843 -54.63 9.27 67.50
CA ILE A 1843 -53.53 9.33 68.46
C ILE A 1843 -53.22 10.76 68.89
N VAL A 1844 -54.02 11.74 68.47
CA VAL A 1844 -53.68 13.15 68.68
C VAL A 1844 -53.68 13.48 70.17
N VAL A 1845 -54.70 13.05 70.91
CA VAL A 1845 -54.79 13.41 72.32
C VAL A 1845 -53.67 12.76 73.11
N ASP A 1846 -53.34 11.50 72.80
CA ASP A 1846 -52.24 10.83 73.48
C ASP A 1846 -50.93 11.53 73.19
N ALA A 1847 -50.70 11.91 71.94
CA ALA A 1847 -49.48 12.64 71.58
C ALA A 1847 -49.40 13.96 72.34
N ILE A 1848 -50.51 14.69 72.41
CA ILE A 1848 -50.50 15.99 73.09
C ILE A 1848 -50.19 15.81 74.57
N ASP A 1849 -50.88 14.87 75.23
CA ASP A 1849 -50.67 14.73 76.67
C ASP A 1849 -49.27 14.21 76.98
N VAL A 1850 -48.70 13.36 76.11
CA VAL A 1850 -47.32 12.97 76.30
C VAL A 1850 -46.39 14.17 76.15
N LEU A 1851 -46.63 15.00 75.13
CA LEU A 1851 -45.79 16.16 74.89
C LEU A 1851 -45.93 17.23 75.96
N LYS A 1852 -47.02 17.22 76.73
CA LYS A 1852 -47.22 18.21 77.77
C LYS A 1852 -46.09 18.19 78.78
N SER A 1853 -45.98 17.09 79.54
CA SER A 1853 -44.90 16.95 80.52
C SER A 1853 -44.54 15.47 80.60
N ARG A 1854 -43.55 15.07 79.80
CA ARG A 1854 -42.93 13.77 79.91
C ARG A 1854 -41.54 13.85 80.52
N PHE A 1855 -41.09 15.04 80.88
CA PHE A 1855 -39.76 15.26 81.42
C PHE A 1855 -39.85 15.40 82.93
N THR A 1856 -39.12 14.53 83.64
CA THR A 1856 -39.05 14.54 85.10
C THR A 1856 -37.63 14.76 85.60
N LYS A 1857 -36.68 14.05 85.02
CA LYS A 1857 -35.31 13.99 85.53
C LYS A 1857 -34.26 13.97 84.42
N GLU A 1860 -31.09 9.49 83.85
CA GLU A 1860 -30.52 8.30 83.21
C GLU A 1860 -31.37 7.80 82.04
N SER A 1861 -31.36 6.48 81.85
CA SER A 1861 -31.94 5.88 80.66
C SER A 1861 -33.42 6.19 80.51
N THR A 1862 -34.14 6.32 81.62
CA THR A 1862 -35.57 6.60 81.54
C THR A 1862 -35.84 7.95 80.89
N PHE A 1863 -35.11 8.99 81.32
CA PHE A 1863 -35.27 10.30 80.70
C PHE A 1863 -35.00 10.23 79.21
N ASP A 1864 -33.97 9.48 78.82
CA ASP A 1864 -33.73 9.26 77.39
C ASP A 1864 -34.91 8.56 76.73
N THR A 1865 -35.60 7.69 77.48
CA THR A 1865 -36.75 7.01 76.92
C THR A 1865 -37.88 7.99 76.61
N GLN A 1866 -38.23 8.86 77.57
CA GLN A 1866 -39.26 9.84 77.25
C GLN A 1866 -38.80 10.81 76.18
N ILE A 1867 -37.50 11.13 76.14
CA ILE A 1867 -36.98 12.00 75.07
C ILE A 1867 -37.15 11.34 73.71
N THR A 1868 -36.87 10.03 73.63
CA THR A 1868 -37.07 9.29 72.39
C THR A 1868 -38.54 9.31 71.98
N LYS A 1869 -39.44 9.09 72.94
CA LYS A 1869 -40.87 9.13 72.63
C LYS A 1869 -41.28 10.50 72.12
N LYS A 1870 -40.80 11.56 72.76
CA LYS A 1870 -41.15 12.90 72.33
C LYS A 1870 -40.61 13.20 70.94
N MET A 1871 -39.39 12.74 70.64
CA MET A 1871 -38.86 12.92 69.29
C MET A 1871 -39.71 12.18 68.27
N GLY A 1872 -40.14 10.96 68.60
CA GLY A 1872 -41.00 10.23 67.69
C GLY A 1872 -42.31 10.95 67.43
N TYR A 1873 -42.92 11.50 68.49
CA TYR A 1873 -44.15 12.26 68.31
C TYR A 1873 -43.91 13.52 67.47
N TYR A 1874 -42.79 14.21 67.69
CA TYR A 1874 -42.45 15.36 66.87
C TYR A 1874 -42.31 14.96 65.41
N LYS A 1875 -41.64 13.85 65.13
CA LYS A 1875 -41.43 13.43 63.75
C LYS A 1875 -42.74 13.04 63.07
N ILE A 1876 -43.62 12.33 63.79
CA ILE A 1876 -44.89 11.94 63.17
C ILE A 1876 -45.76 13.17 62.93
N LEU A 1877 -45.76 14.13 63.87
CA LEU A 1877 -46.48 15.37 63.64
C LEU A 1877 -45.90 16.12 62.45
N ASP A 1878 -44.56 16.12 62.31
CA ASP A 1878 -43.93 16.77 61.17
C ASP A 1878 -44.38 16.14 59.86
N VAL A 1879 -44.31 14.81 59.77
CA VAL A 1879 -44.63 14.15 58.51
C VAL A 1879 -46.10 14.30 58.17
N MET A 1880 -46.99 14.33 59.16
CA MET A 1880 -48.40 14.56 58.84
C MET A 1880 -48.67 16.02 58.49
N TYR A 1881 -47.97 16.96 59.11
CA TYR A 1881 -48.16 18.38 58.77
C TYR A 1881 -47.66 18.67 57.37
N SER A 1882 -46.59 17.98 56.93
CA SER A 1882 -46.11 18.17 55.57
C SER A 1882 -47.17 17.81 54.54
N ARG A 1883 -48.14 16.98 54.93
CA ARG A 1883 -49.20 16.56 54.04
C ARG A 1883 -50.57 16.93 54.61
N ASP A 1887 -53.89 22.20 56.53
CA ASP A 1887 -54.82 23.33 56.53
C ASP A 1887 -56.07 23.03 57.35
N ASP A 1888 -56.21 21.76 57.76
CA ASP A 1888 -57.35 21.31 58.53
C ASP A 1888 -57.09 21.35 60.03
N VAL A 1889 -55.98 21.93 60.46
CA VAL A 1889 -55.61 21.94 61.87
C VAL A 1889 -55.56 23.33 62.48
N HIS A 1890 -55.41 24.39 61.67
CA HIS A 1890 -55.33 25.75 62.19
C HIS A 1890 -56.56 26.53 61.73
N ALA A 1891 -57.65 26.38 62.50
CA ALA A 1891 -58.90 27.08 62.29
C ALA A 1891 -59.84 26.72 63.43
N LYS A 1892 -60.70 27.67 63.82
CA LYS A 1892 -61.69 27.37 64.84
C LYS A 1892 -62.61 26.25 64.38
N GLU A 1893 -63.03 26.28 63.13
CA GLU A 1893 -63.69 25.14 62.49
C GLU A 1893 -62.58 24.30 61.86
N SER A 1894 -62.19 23.23 62.55
CA SER A 1894 -61.13 22.35 62.10
C SER A 1894 -61.65 20.93 62.03
N LYS A 1895 -61.19 20.19 61.02
CA LYS A 1895 -61.61 18.80 60.88
C LYS A 1895 -61.20 17.97 62.09
N ILE A 1896 -59.99 18.19 62.59
CA ILE A 1896 -59.55 17.55 63.85
C ILE A 1896 -59.92 18.53 64.96
N ASN A 1897 -61.18 18.44 65.38
CA ASN A 1897 -61.65 19.16 66.56
C ASN A 1897 -61.54 18.33 67.83
N GLN A 1898 -61.14 17.07 67.71
CA GLN A 1898 -60.91 16.22 68.86
C GLN A 1898 -59.65 16.59 69.63
N VAL A 1899 -58.95 17.65 69.21
CA VAL A 1899 -57.79 18.12 69.97
C VAL A 1899 -58.21 18.55 71.37
N PHE A 1900 -59.40 19.13 71.50
CA PHE A 1900 -59.94 19.50 72.81
C PHE A 1900 -61.06 18.55 73.21
N ASN A 1909 -57.11 24.71 64.98
CA ASN A 1909 -57.59 25.37 66.20
C ASN A 1909 -56.45 26.06 66.92
N GLU A 1910 -56.78 26.66 68.08
CA GLU A 1910 -55.76 27.27 68.91
C GLU A 1910 -54.78 26.23 69.47
N LEU A 1911 -55.21 24.98 69.59
CA LEU A 1911 -54.31 23.93 70.06
C LEU A 1911 -53.17 23.70 69.07
N THR A 1912 -53.41 23.94 67.78
CA THR A 1912 -52.31 23.95 66.82
C THR A 1912 -51.29 25.01 67.19
N LYS A 1913 -51.77 26.22 67.49
CA LYS A 1913 -50.88 27.28 67.97
C LYS A 1913 -50.29 26.94 69.33
N THR A 1914 -51.06 26.25 70.18
CA THR A 1914 -50.54 25.84 71.48
C THR A 1914 -49.35 24.91 71.33
N LEU A 1915 -49.45 23.93 70.43
CA LEU A 1915 -48.33 23.01 70.21
C LEU A 1915 -47.19 23.68 69.46
N ILE A 1916 -47.50 24.65 68.60
CA ILE A 1916 -46.43 25.43 67.97
C ILE A 1916 -45.62 26.15 69.04
N LYS A 1917 -46.31 26.79 69.99
CA LYS A 1917 -45.62 27.46 71.09
C LYS A 1917 -44.87 26.47 71.97
N LEU A 1918 -45.47 25.30 72.22
CA LEU A 1918 -44.81 24.29 73.03
C LEU A 1918 -43.50 23.84 72.39
N CYS A 1919 -43.53 23.54 71.09
CA CYS A 1919 -42.31 23.18 70.38
C CYS A 1919 -41.31 24.34 70.38
N TYR A 1920 -41.82 25.56 70.22
CA TYR A 1920 -40.95 26.73 70.18
C TYR A 1920 -40.17 26.89 71.48
N ASP A 1921 -40.88 26.81 72.61
CA ASP A 1921 -40.19 26.86 73.89
C ASP A 1921 -39.37 25.61 74.17
N ALA A 1922 -39.69 24.48 73.53
CA ALA A 1922 -38.94 23.26 73.73
C ALA A 1922 -37.56 23.34 73.08
N PHE A 1923 -37.51 23.65 71.78
CA PHE A 1923 -36.22 23.63 71.11
C PHE A 1923 -35.36 24.83 71.51
N THR A 1924 -35.98 25.98 71.77
CA THR A 1924 -35.23 27.13 72.24
C THR A 1924 -34.71 26.95 73.66
N GLU A 1925 -35.29 26.02 74.42
CA GLU A 1925 -34.84 25.80 75.78
C GLU A 1925 -33.40 25.30 75.79
N ASN A 1926 -32.58 25.87 76.67
CA ASN A 1926 -31.17 25.55 76.75
C ASN A 1926 -30.79 25.26 78.20
N MET A 1927 -29.88 24.30 78.38
CA MET A 1927 -29.41 23.93 79.71
C MET A 1927 -28.38 24.93 80.22
N LEU A 1933 -26.60 11.69 76.64
CA LEU A 1933 -27.94 12.24 76.41
C LEU A 1933 -27.86 13.65 75.83
N LEU A 1934 -26.68 14.28 75.94
CA LEU A 1934 -26.51 15.63 75.41
C LEU A 1934 -26.68 15.65 73.90
N GLU A 1935 -26.07 14.68 73.20
CA GLU A 1935 -26.31 14.55 71.76
C GLU A 1935 -27.77 14.19 71.51
N ARG A 1936 -28.34 13.33 72.34
CA ARG A 1936 -29.78 13.04 72.23
C ARG A 1936 -30.61 14.27 72.55
N ARG A 1937 -30.16 15.10 73.49
CA ARG A 1937 -30.89 16.35 73.77
C ARG A 1937 -30.86 17.28 72.56
N ARG A 1938 -29.71 17.39 71.90
CA ARG A 1938 -29.63 18.20 70.70
C ARG A 1938 -30.51 17.65 69.58
N LEU A 1939 -30.54 16.32 69.44
CA LEU A 1939 -31.43 15.71 68.47
C LEU A 1939 -32.89 15.99 68.80
N TYR A 1940 -33.23 15.96 70.10
CA TYR A 1940 -34.57 16.29 70.54
C TYR A 1940 -34.93 17.73 70.15
N HIS A 1941 -34.00 18.64 70.39
CA HIS A 1941 -34.24 20.04 70.04
C HIS A 1941 -34.43 20.21 68.54
N CYS A 1942 -33.60 19.54 67.74
CA CYS A 1942 -33.72 19.68 66.29
C CYS A 1942 -35.01 19.06 65.78
N ALA A 1943 -35.43 17.94 66.38
CA ALA A 1943 -36.71 17.35 66.01
C ALA A 1943 -37.87 18.27 66.35
N ALA A 1944 -37.83 18.91 67.52
CA ALA A 1944 -38.86 19.87 67.87
C ALA A 1944 -38.87 21.05 66.91
N TYR A 1945 -37.68 21.51 66.50
CA TYR A 1945 -37.60 22.62 65.55
C TYR A 1945 -38.18 22.21 64.20
N ASN A 1946 -37.91 20.98 63.76
CA ASN A 1946 -38.51 20.48 62.53
C ASN A 1946 -40.02 20.40 62.64
N CYS A 1947 -40.52 19.98 63.80
CA CYS A 1947 -41.96 19.96 64.02
C CYS A 1947 -42.55 21.36 63.92
N ALA A 1948 -41.86 22.35 64.49
CA ALA A 1948 -42.31 23.73 64.36
C ALA A 1948 -42.28 24.19 62.91
N ILE A 1949 -41.26 23.78 62.17
CA ILE A 1949 -41.17 24.12 60.74
C ILE A 1949 -42.37 23.55 59.99
N SER A 1950 -42.69 22.28 60.25
CA SER A 1950 -43.86 21.68 59.61
C SER A 1950 -45.14 22.39 60.02
N VAL A 1951 -45.21 22.87 61.27
CA VAL A 1951 -46.33 23.70 61.67
C VAL A 1951 -46.41 24.94 60.81
N ILE A 1952 -45.26 25.55 60.53
CA ILE A 1952 -45.23 26.71 59.63
C ILE A 1952 -45.70 26.31 58.24
N CYS A 1953 -45.42 25.08 57.82
CA CYS A 1953 -45.87 24.62 56.51
C CYS A 1953 -47.40 24.59 56.40
N CYS A 1954 -48.11 24.57 57.52
CA CYS A 1954 -49.56 24.62 57.50
C CYS A 1954 -50.07 26.05 57.52
N VAL A 1955 -49.65 26.81 58.54
CA VAL A 1955 -50.04 28.25 58.63
C VAL A 1955 -48.89 29.06 57.99
N PHE A 1956 -48.82 29.07 56.67
CA PHE A 1956 -47.72 29.79 55.96
C PHE A 1956 -48.10 31.27 55.82
N ASN A 1957 -48.10 32.02 56.92
CA ASN A 1957 -48.47 33.46 56.89
C ASN A 1957 -47.72 34.20 57.99
N GLU A 1958 -48.08 35.47 58.27
CA GLU A 1958 -47.45 36.30 59.34
C GLU A 1958 -46.02 36.73 58.98
N LEU A 1959 -45.39 36.12 57.96
CA LEU A 1959 -44.01 36.45 57.55
C LEU A 1959 -43.08 36.52 58.77
N LYS A 1960 -43.19 35.56 59.69
CA LYS A 1960 -42.36 35.57 60.93
C LYS A 1960 -42.31 34.15 61.50
N PHE A 1961 -41.23 33.41 61.19
CA PHE A 1961 -41.07 32.05 61.79
C PHE A 1961 -40.61 32.21 63.24
N TYR A 1962 -40.85 33.39 63.84
CA TYR A 1962 -40.48 33.65 65.23
C TYR A 1962 -38.99 33.41 65.46
N GLN A 1963 -38.18 34.16 64.72
CA GLN A 1963 -36.72 34.02 64.83
C GLN A 1963 -36.18 34.71 66.08
N GLY A 1964 -36.79 35.80 66.52
CA GLY A 1964 -36.25 36.55 67.63
C GLY A 1964 -36.31 35.76 68.93
N PHE A 1965 -35.27 35.91 69.74
CA PHE A 1965 -35.17 35.22 71.02
C PHE A 1965 -34.00 35.84 71.79
N LEU A 1966 -33.89 35.46 73.06
CA LEU A 1966 -32.77 35.85 73.90
C LEU A 1966 -31.96 34.65 74.37
N PHE A 1967 -32.61 33.67 74.98
CA PHE A 1967 -31.91 32.49 75.49
C PHE A 1967 -32.40 31.22 74.79
N PRO A 1971 -30.91 29.83 68.64
CA PRO A 1971 -31.18 28.48 69.16
C PRO A 1971 -30.24 27.43 68.56
N GLU A 1972 -29.32 27.88 67.71
CA GLU A 1972 -28.41 26.96 67.04
C GLU A 1972 -27.50 26.24 68.03
N LYS A 1973 -27.30 26.81 69.21
CA LYS A 1973 -26.47 26.14 70.22
C LYS A 1973 -27.09 24.81 70.62
N ASN A 1974 -28.40 24.77 70.85
CA ASN A 1974 -29.09 23.53 71.17
C ASN A 1974 -29.31 22.65 69.94
N LEU A 1975 -29.24 23.22 68.74
CA LEU A 1975 -29.55 22.48 67.52
C LEU A 1975 -28.35 21.69 66.99
N LEU A 1976 -27.15 22.25 67.11
CA LEU A 1976 -25.97 21.67 66.48
C LEU A 1976 -24.91 21.35 67.53
N ILE A 1977 -24.27 20.20 67.35
CA ILE A 1977 -23.15 19.81 68.20
C ILE A 1977 -21.85 20.31 67.56
N PHE A 1978 -20.87 20.60 68.40
CA PHE A 1978 -19.57 21.05 67.93
C PHE A 1978 -18.65 19.84 67.73
N GLU A 1979 -17.36 20.12 67.51
CA GLU A 1979 -16.30 19.13 67.36
C GLU A 1979 -16.47 18.22 66.14
N ASN A 1980 -17.45 18.49 65.29
CA ASN A 1980 -17.65 17.69 64.09
C ASN A 1980 -16.61 18.10 63.04
N LEU A 1981 -15.71 17.18 62.71
CA LEU A 1981 -14.64 17.47 61.77
C LEU A 1981 -15.19 17.43 60.35
N ILE A 1982 -15.32 18.60 59.73
CA ILE A 1982 -15.87 18.70 58.37
C ILE A 1982 -14.78 18.85 57.33
N ASP A 1983 -13.52 19.04 57.72
CA ASP A 1983 -12.43 19.13 56.77
C ASP A 1983 -12.31 17.83 55.99
N LEU A 1984 -12.68 17.88 54.71
CA LEU A 1984 -12.74 16.69 53.87
C LEU A 1984 -13.01 17.12 52.44
N LYS A 1985 -12.48 16.36 51.50
CA LYS A 1985 -12.69 16.60 50.08
C LYS A 1985 -13.37 15.40 49.45
N ARG A 1986 -14.11 15.64 48.37
CA ARG A 1986 -14.83 14.59 47.67
C ARG A 1986 -13.86 13.56 47.10
N MET A 2085 -26.66 14.16 52.13
CA MET A 2085 -25.66 13.61 51.22
C MET A 2085 -24.39 13.24 51.97
N ASP A 2086 -23.36 14.08 51.83
CA ASP A 2086 -22.09 13.86 52.52
C ASP A 2086 -21.91 14.80 53.70
N GLU A 2087 -22.00 16.11 53.47
CA GLU A 2087 -22.03 17.09 54.54
C GLU A 2087 -23.43 17.61 54.83
N LEU A 2088 -24.41 17.29 53.97
CA LEU A 2088 -25.78 17.68 54.17
C LEU A 2088 -26.45 16.95 55.32
N ASN A 2089 -26.03 15.72 55.61
CA ASN A 2089 -26.68 14.86 56.59
C ASN A 2089 -26.01 14.85 57.95
N ARG A 2090 -25.05 15.74 58.19
CA ARG A 2090 -24.41 15.79 59.51
C ARG A 2090 -25.43 16.11 60.60
N HIS A 2091 -26.32 17.06 60.34
CA HIS A 2091 -27.47 17.32 61.21
C HIS A 2091 -28.72 17.31 60.35
N GLU A 2092 -29.74 16.57 60.81
CA GLU A 2092 -30.91 16.32 59.98
C GLU A 2092 -31.67 17.61 59.69
N CYS A 2093 -31.82 18.48 60.69
CA CYS A 2093 -32.76 19.59 60.61
C CYS A 2093 -32.43 20.58 59.49
N MET A 2094 -31.18 20.61 59.02
CA MET A 2094 -30.79 21.65 58.08
C MET A 2094 -31.48 21.50 56.73
N ALA A 2095 -31.72 20.27 56.28
CA ALA A 2095 -32.49 20.09 55.04
C ALA A 2095 -33.93 20.56 55.19
N PRO A 2096 -34.66 20.26 56.26
CA PRO A 2096 -35.95 20.94 56.46
C PRO A 2096 -35.83 22.45 56.52
N LEU A 2097 -34.76 22.98 57.11
CA LEU A 2097 -34.57 24.43 57.13
C LEU A 2097 -34.46 24.99 55.72
N THR A 2098 -33.66 24.33 54.87
CA THR A 2098 -33.51 24.76 53.49
C THR A 2098 -34.84 24.68 52.74
N ALA A 2099 -35.58 23.58 52.95
CA ALA A 2099 -36.88 23.44 52.30
C ALA A 2099 -37.82 24.56 52.73
N LEU A 2100 -37.85 24.86 54.02
CA LEU A 2100 -38.72 25.92 54.53
C LEU A 2100 -38.34 27.27 53.93
N VAL A 2101 -37.04 27.58 53.89
CA VAL A 2101 -36.64 28.90 53.43
C VAL A 2101 -36.90 29.04 51.93
N LYS A 2102 -36.63 28.00 51.15
CA LYS A 2102 -36.94 28.11 49.72
C LYS A 2102 -38.43 28.21 49.48
N HIS A 2103 -39.24 27.45 50.24
CA HIS A 2103 -40.68 27.52 50.06
C HIS A 2103 -41.22 28.90 50.41
N MET A 2104 -40.72 29.50 51.50
CA MET A 2104 -41.19 30.83 51.85
C MET A 2104 -40.67 31.89 50.88
N HIS A 2105 -39.51 31.64 50.26
CA HIS A 2105 -39.07 32.51 49.18
C HIS A 2105 -40.03 32.42 47.99
N ARG A 2106 -40.50 31.22 47.68
CA ARG A 2106 -41.53 31.09 46.64
C ARG A 2106 -42.80 31.83 47.03
N SER A 2107 -43.21 31.71 48.29
CA SER A 2107 -44.46 32.33 48.73
C SER A 2107 -44.24 33.81 49.06
N LEU A 2108 -43.39 34.11 50.04
CA LEU A 2108 -43.18 35.48 50.47
C LEU A 2108 -42.11 36.16 49.63
N LEU A 2122 -35.21 43.43 51.66
CA LEU A 2122 -34.28 43.05 52.71
C LEU A 2122 -35.03 42.56 53.95
N PRO A 2123 -35.39 41.28 53.96
CA PRO A 2123 -36.17 40.73 55.08
C PRO A 2123 -35.43 40.81 56.40
N SER A 2124 -36.20 40.67 57.49
CA SER A 2124 -35.61 40.72 58.82
C SER A 2124 -34.87 39.42 59.16
N TRP A 2125 -35.39 38.28 58.72
CA TRP A 2125 -34.76 37.01 59.06
C TRP A 2125 -33.38 36.89 58.41
N MET A 2126 -33.23 37.37 57.18
CA MET A 2126 -31.90 37.36 56.57
C MET A 2126 -30.96 38.33 57.27
N LYS A 2127 -31.49 39.42 57.84
CA LYS A 2127 -30.66 40.27 58.69
C LYS A 2127 -30.23 39.54 59.95
N PHE A 2128 -31.12 38.72 60.52
CA PHE A 2128 -30.74 37.88 61.65
C PHE A 2128 -29.63 36.92 61.27
N LEU A 2129 -29.73 36.34 60.07
CA LEU A 2129 -28.67 35.46 59.58
C LEU A 2129 -27.36 36.21 59.40
N HIS A 2130 -27.41 37.44 58.88
CA HIS A 2130 -26.22 38.28 58.85
C HIS A 2130 -25.63 38.47 60.24
N GLY A 2131 -26.49 38.77 61.23
CA GLY A 2131 -26.00 38.96 62.58
C GLY A 2131 -25.32 37.71 63.14
N LYS A 2132 -25.89 36.55 62.85
CA LYS A 2132 -25.32 35.29 63.35
C LYS A 2132 -24.12 34.82 62.54
N LEU A 2133 -23.94 35.30 61.31
CA LEU A 2133 -22.86 34.82 60.44
C LEU A 2133 -21.66 35.73 60.40
N GLY A 2134 -21.88 37.04 60.20
CA GLY A 2134 -20.76 37.96 60.10
C GLY A 2134 -19.89 37.99 61.34
N ASN A 2135 -20.44 37.64 62.48
CA ASN A 2135 -19.65 37.53 63.70
C ASN A 2135 -18.74 36.31 63.60
N PRO A 2136 -17.42 36.47 63.68
CA PRO A 2136 -16.53 35.30 63.61
C PRO A 2136 -16.40 34.54 64.92
N ILE A 2137 -16.87 35.12 66.03
CA ILE A 2137 -16.75 34.45 67.33
C ILE A 2137 -17.66 33.23 67.42
N VAL A 2138 -18.63 33.09 66.51
CA VAL A 2138 -19.53 31.95 66.50
C VAL A 2138 -18.71 30.69 66.24
N PRO A 2139 -19.12 29.53 66.75
CA PRO A 2139 -18.34 28.31 66.53
C PRO A 2139 -18.18 28.01 65.04
N LEU A 2140 -17.01 27.49 64.67
CA LEU A 2140 -16.73 27.19 63.28
C LEU A 2140 -17.70 26.18 62.70
N ASN A 2141 -18.19 25.25 63.53
CA ASN A 2141 -19.21 24.32 63.07
C ASN A 2141 -20.48 25.07 62.65
N ILE A 2142 -20.91 26.02 63.46
CA ILE A 2142 -22.08 26.83 63.12
C ILE A 2142 -21.80 27.64 61.86
N ARG A 2143 -20.58 28.17 61.73
CA ARG A 2143 -20.22 28.97 60.57
C ARG A 2143 -20.32 28.15 59.29
N LEU A 2144 -19.76 26.95 59.30
CA LEU A 2144 -19.82 26.10 58.10
C LEU A 2144 -21.23 25.57 57.87
N PHE A 2145 -22.03 25.42 58.92
CA PHE A 2145 -23.43 25.05 58.75
C PHE A 2145 -24.17 26.14 57.99
N LEU A 2146 -24.01 27.39 58.41
CA LEU A 2146 -24.59 28.49 57.66
C LEU A 2146 -24.00 28.59 56.25
N ALA A 2147 -22.73 28.22 56.10
CA ALA A 2147 -22.09 28.23 54.79
C ALA A 2147 -22.77 27.25 53.85
N LYS A 2148 -23.02 26.02 54.31
CA LYS A 2148 -23.70 25.07 53.45
C LYS A 2148 -25.16 25.47 53.20
N LEU A 2149 -25.80 26.09 54.20
CA LEU A 2149 -27.14 26.63 53.97
C LEU A 2149 -27.15 27.64 52.83
N VAL A 2150 -26.25 28.63 52.89
CA VAL A 2150 -26.23 29.65 51.84
C VAL A 2150 -25.78 29.05 50.52
N ILE A 2151 -24.93 28.01 50.56
CA ILE A 2151 -24.56 27.32 49.33
C ILE A 2151 -25.79 26.72 48.67
N ASN A 2152 -26.64 26.07 49.47
CA ASN A 2152 -27.87 25.49 48.91
C ASN A 2152 -28.84 26.58 48.46
N THR A 2153 -28.91 27.70 49.17
CA THR A 2153 -29.94 28.71 48.95
C THR A 2153 -29.43 29.95 48.24
N GLU A 2154 -28.30 29.85 47.54
CA GLU A 2154 -27.77 30.98 46.78
C GLU A 2154 -28.82 31.60 45.86
N GLU A 2155 -29.66 30.77 45.25
CA GLU A 2155 -30.69 31.30 44.35
C GLU A 2155 -31.63 32.26 45.06
N VAL A 2156 -31.79 32.09 46.37
CA VAL A 2156 -32.69 32.97 47.12
C VAL A 2156 -32.11 34.38 47.23
N PHE A 2157 -30.82 34.48 47.53
CA PHE A 2157 -30.18 35.77 47.78
C PHE A 2157 -29.69 36.46 46.51
N ARG A 2158 -30.31 36.17 45.37
CA ARG A 2158 -29.96 36.88 44.14
C ARG A 2158 -30.09 38.39 44.27
N PRO A 2159 -31.18 38.94 44.81
CA PRO A 2159 -31.22 40.41 45.01
C PRO A 2159 -30.49 40.88 46.25
N TYR A 2160 -30.10 39.97 47.15
CA TYR A 2160 -29.42 40.34 48.38
C TYR A 2160 -27.98 39.84 48.42
N ALA A 2161 -27.44 39.38 47.29
CA ALA A 2161 -26.06 38.96 47.24
C ALA A 2161 -25.12 40.11 47.56
N LYS A 2162 -25.53 41.35 47.27
CA LYS A 2162 -24.70 42.51 47.59
C LYS A 2162 -24.38 42.55 49.08
N HIS A 2163 -25.40 42.39 49.92
CA HIS A 2163 -25.17 42.37 51.37
C HIS A 2163 -24.57 41.04 51.82
N TRP A 2164 -24.96 39.94 51.17
CA TRP A 2164 -24.52 38.62 51.63
C TRP A 2164 -23.08 38.31 51.27
N LEU A 2165 -22.47 39.06 50.34
CA LEU A 2165 -21.10 38.76 49.95
C LEU A 2165 -20.13 38.99 51.10
N SER A 2166 -20.30 40.08 51.85
CA SER A 2166 -19.33 40.41 52.90
C SER A 2166 -19.22 39.34 53.99
N PRO A 2167 -20.30 38.84 54.59
CA PRO A 2167 -20.12 37.70 55.51
C PRO A 2167 -19.66 36.46 54.78
N LEU A 2168 -20.04 36.30 53.51
CA LEU A 2168 -19.62 35.13 52.74
C LEU A 2168 -18.11 35.13 52.53
N LEU A 2169 -17.55 36.28 52.11
CA LEU A 2169 -16.10 36.36 51.95
C LEU A 2169 -15.38 36.33 53.29
N GLN A 2170 -15.96 36.93 54.33
CA GLN A 2170 -15.37 36.82 55.66
C GLN A 2170 -15.31 35.37 56.11
N LEU A 2171 -16.36 34.61 55.83
CA LEU A 2171 -16.32 33.18 56.07
C LEU A 2171 -15.32 32.50 55.16
N ALA A 2172 -14.60 31.51 55.70
CA ALA A 2172 -13.60 30.73 54.97
C ALA A 2172 -12.48 31.60 54.41
N ALA A 2173 -12.32 32.82 54.92
CA ALA A 2173 -11.23 33.68 54.48
C ALA A 2173 -9.89 33.10 54.92
N SER A 2174 -9.69 32.99 56.24
CA SER A 2174 -8.46 32.41 56.77
C SER A 2174 -8.69 31.49 57.96
N GLU A 2175 -9.94 31.31 58.40
CA GLU A 2175 -10.21 30.47 59.55
C GLU A 2175 -10.05 29.00 59.18
N ASN A 2176 -10.05 28.15 60.22
CA ASN A 2176 -9.92 26.72 60.01
C ASN A 2176 -11.14 26.18 59.26
N ASN A 2177 -10.87 25.33 58.27
CA ASN A 2177 -11.94 24.73 57.48
C ASN A 2177 -11.73 23.22 57.35
N ILE A 2182 -10.94 20.86 54.19
CA ILE A 2182 -10.37 22.19 54.28
C ILE A 2182 -10.71 23.00 53.04
N HIS A 2183 -10.55 22.38 51.87
CA HIS A 2183 -10.80 23.09 50.62
C HIS A 2183 -12.26 23.01 50.20
N TYR A 2184 -12.80 21.79 50.13
CA TYR A 2184 -14.07 21.49 49.46
C TYR A 2184 -15.16 22.54 49.70
N MET A 2185 -15.49 22.78 50.98
CA MET A 2185 -16.55 23.73 51.29
C MET A 2185 -16.18 25.13 50.82
N VAL A 2186 -14.90 25.51 50.95
CA VAL A 2186 -14.45 26.80 50.43
C VAL A 2186 -14.57 26.81 48.91
N VAL A 2187 -14.45 25.65 48.27
CA VAL A 2187 -14.61 25.57 46.82
C VAL A 2187 -16.05 25.89 46.43
N GLU A 2188 -17.03 25.32 47.13
CA GLU A 2188 -18.40 25.74 46.83
C GLU A 2188 -18.63 27.20 47.21
N ILE A 2189 -17.99 27.70 48.27
CA ILE A 2189 -18.13 29.11 48.63
C ILE A 2189 -17.66 30.01 47.50
N VAL A 2190 -16.46 29.74 46.98
CA VAL A 2190 -15.92 30.55 45.90
C VAL A 2190 -16.70 30.34 44.62
N ALA A 2191 -17.29 29.14 44.43
CA ALA A 2191 -18.16 28.93 43.30
C ALA A 2191 -19.38 29.83 43.38
N THR A 2192 -19.97 29.97 44.56
CA THR A 2192 -21.09 30.91 44.74
C THR A 2192 -20.63 32.34 44.49
N ILE A 2193 -19.45 32.71 45.00
CA ILE A 2193 -18.94 34.06 44.80
C ILE A 2193 -18.78 34.35 43.31
N LEU A 2194 -18.23 33.41 42.56
CA LEU A 2194 -18.03 33.61 41.13
C LEU A 2194 -19.36 33.61 40.38
N SER A 2195 -20.31 32.76 40.80
CA SER A 2195 -21.65 32.81 40.23
C SER A 2195 -22.28 34.17 40.44
N TRP A 2196 -21.91 34.85 41.53
CA TRP A 2196 -22.26 36.25 41.67
C TRP A 2196 -21.38 37.05 40.72
N THR A 2197 -21.79 37.11 39.45
CA THR A 2197 -20.95 37.59 38.35
C THR A 2197 -20.43 39.00 38.60
N GLY A 2198 -21.33 39.97 38.63
CA GLY A 2198 -20.96 41.35 38.84
C GLY A 2198 -21.92 42.07 39.75
N LEU A 2199 -22.92 41.33 40.23
CA LEU A 2199 -23.90 41.92 41.15
C LEU A 2199 -23.22 42.37 42.44
N ALA A 2200 -22.31 41.55 42.96
CA ALA A 2200 -21.57 41.87 44.16
C ALA A 2200 -20.09 41.64 43.91
N THR A 2201 -19.25 42.48 44.52
CA THR A 2201 -17.80 42.41 44.34
C THR A 2201 -17.12 43.12 45.49
N PRO A 2202 -15.93 42.66 45.93
CA PRO A 2202 -15.20 43.30 47.03
C PRO A 2202 -14.47 44.57 46.62
N THR A 2203 -15.15 45.44 45.90
CA THR A 2203 -14.62 46.74 45.50
C THR A 2203 -15.26 47.83 46.34
N GLY A 2204 -14.63 49.01 46.35
CA GLY A 2204 -15.07 50.13 47.15
C GLY A 2204 -14.80 49.99 48.63
N VAL A 2205 -14.41 48.81 49.10
CA VAL A 2205 -14.09 48.58 50.51
C VAL A 2205 -12.69 47.96 50.56
N PRO A 2206 -11.84 48.35 51.51
CA PRO A 2206 -10.51 47.73 51.60
C PRO A 2206 -10.52 46.36 52.26
N LYS A 2207 -11.34 46.18 53.30
CA LYS A 2207 -11.22 44.98 54.12
C LYS A 2207 -11.63 43.73 53.36
N ASP A 2208 -12.68 43.80 52.55
CA ASP A 2208 -13.07 42.64 51.75
C ASP A 2208 -12.04 42.35 50.68
N GLU A 2209 -11.48 43.38 50.06
CA GLU A 2209 -10.41 43.18 49.09
C GLU A 2209 -9.19 42.57 49.74
N VAL A 2210 -8.84 43.03 50.94
CA VAL A 2210 -7.70 42.45 51.67
C VAL A 2210 -7.97 41.00 52.00
N LEU A 2211 -9.19 40.67 52.41
CA LEU A 2211 -9.54 39.29 52.71
C LEU A 2211 -9.44 38.42 51.47
N ALA A 2212 -9.90 38.93 50.32
CA ALA A 2212 -9.80 38.18 49.08
C ALA A 2212 -8.34 37.95 48.69
N ASN A 2213 -7.50 38.97 48.86
CA ASN A 2213 -6.08 38.82 48.55
C ASN A 2213 -5.41 37.81 49.48
N ARG A 2214 -5.76 37.85 50.77
CA ARG A 2214 -5.21 36.87 51.70
C ARG A 2214 -5.65 35.45 51.35
N LEU A 2215 -6.90 35.30 50.93
CA LEU A 2215 -7.38 33.99 50.50
C LEU A 2215 -6.62 33.51 49.27
N LEU A 2216 -6.37 34.40 48.32
CA LEU A 2216 -5.59 34.04 47.14
C LEU A 2216 -4.17 33.64 47.53
N ASN A 2217 -3.55 34.37 48.45
CA ASN A 2217 -2.21 34.03 48.90
C ASN A 2217 -2.21 32.66 49.57
N PHE A 2218 -3.23 32.37 50.39
CA PHE A 2218 -3.34 31.06 51.01
C PHE A 2218 -3.49 29.97 49.96
N LEU A 2219 -4.27 30.23 48.91
CA LEU A 2219 -4.38 29.28 47.82
C LEU A 2219 -3.03 29.02 47.17
N MET A 2220 -2.28 30.09 46.88
CA MET A 2220 -1.02 29.94 46.16
C MET A 2220 -0.05 29.06 46.92
N LYS A 2221 0.05 29.23 48.25
CA LYS A 2221 0.90 28.37 49.05
C LYS A 2221 0.30 27.00 49.29
N HIS A 2222 -0.95 26.77 48.89
CA HIS A 2222 -1.63 25.52 49.17
C HIS A 2222 -2.26 24.86 47.95
N VAL A 2223 -2.18 25.47 46.76
CA VAL A 2223 -2.78 24.88 45.57
C VAL A 2223 -1.85 23.83 44.96
N PHE A 2224 -2.03 22.58 45.38
CA PHE A 2224 -1.30 21.45 44.82
C PHE A 2224 -1.92 20.16 45.34
N HIS A 2225 -2.01 19.15 44.46
CA HIS A 2225 -2.53 17.85 44.84
C HIS A 2225 -2.15 16.85 43.76
N PRO A 2226 -1.97 15.58 44.12
CA PRO A 2226 -1.87 14.54 43.08
C PRO A 2226 -3.16 14.43 42.29
N LYS A 2227 -3.20 13.56 41.28
CA LYS A 2227 -4.34 13.44 40.38
C LYS A 2227 -4.61 14.78 39.69
N ARG A 2228 -3.68 15.10 38.79
CA ARG A 2228 -3.52 16.42 38.17
C ARG A 2228 -4.83 17.08 37.77
N ALA A 2229 -5.87 16.30 37.48
CA ALA A 2229 -7.15 16.87 37.05
C ALA A 2229 -7.70 17.84 38.08
N VAL A 2230 -7.74 17.44 39.35
CA VAL A 2230 -8.28 18.33 40.38
C VAL A 2230 -7.39 19.55 40.57
N PHE A 2231 -6.06 19.36 40.44
CA PHE A 2231 -5.16 20.50 40.54
C PHE A 2231 -5.44 21.52 39.44
N ARG A 2232 -5.64 21.04 38.20
CA ARG A 2232 -5.96 21.94 37.12
C ARG A 2232 -7.33 22.57 37.30
N HIS A 2233 -8.26 21.86 37.95
CA HIS A 2233 -9.53 22.47 38.31
C HIS A 2233 -9.33 23.64 39.27
N ASN A 2234 -8.46 23.46 40.26
CA ASN A 2234 -8.13 24.56 41.17
C ASN A 2234 -7.47 25.71 40.44
N LEU A 2235 -6.59 25.39 39.48
CA LEU A 2235 -5.96 26.44 38.68
C LEU A 2235 -7.00 27.20 37.88
N GLU A 2236 -7.98 26.51 37.32
CA GLU A 2236 -9.08 27.18 36.62
C GLU A 2236 -9.91 28.03 37.57
N ILE A 2237 -10.09 27.58 38.80
CA ILE A 2237 -10.79 28.39 39.81
C ILE A 2237 -10.02 29.68 40.07
N ILE A 2238 -8.69 29.57 40.20
CA ILE A 2238 -7.87 30.77 40.39
C ILE A 2238 -7.94 31.67 39.16
N LYS A 2239 -7.99 31.07 37.97
CA LYS A 2239 -8.14 31.84 36.74
C LYS A 2239 -9.45 32.62 36.74
N THR A 2240 -10.54 31.98 37.16
CA THR A 2240 -11.82 32.66 37.26
C THR A 2240 -11.77 33.77 38.31
N LEU A 2241 -11.05 33.54 39.41
CA LEU A 2241 -10.83 34.59 40.40
C LEU A 2241 -10.14 35.80 39.79
N VAL A 2242 -9.12 35.55 38.97
CA VAL A 2242 -8.44 36.65 38.28
C VAL A 2242 -9.40 37.36 37.34
N GLU A 2243 -10.18 36.59 36.57
CA GLU A 2243 -11.05 37.18 35.55
C GLU A 2243 -12.13 38.04 36.18
N CYS A 2244 -12.75 37.58 37.27
CA CYS A 2244 -13.98 38.22 37.76
C CYS A 2244 -13.73 39.65 38.22
N TRP A 2245 -12.63 39.89 38.93
CA TRP A 2245 -12.36 41.21 39.48
C TRP A 2245 -11.15 41.87 38.83
N LYS A 2246 -9.97 41.25 38.91
CA LYS A 2246 -8.74 41.71 38.27
C LYS A 2246 -8.30 43.10 38.71
N ASP A 2247 -8.97 43.68 39.71
CA ASP A 2247 -8.62 45.02 40.19
C ASP A 2247 -8.14 45.01 41.64
N CYS A 2248 -8.91 44.42 42.54
CA CYS A 2248 -8.50 44.33 43.94
C CYS A 2248 -7.42 43.30 44.17
N LEU A 2249 -7.25 42.35 43.25
CA LEU A 2249 -6.22 41.34 43.39
C LEU A 2249 -4.85 41.93 43.07
N SER A 2250 -3.82 41.37 43.71
CA SER A 2250 -2.44 41.78 43.48
C SER A 2250 -1.56 40.53 43.45
N ILE A 2251 -0.88 40.32 42.34
CA ILE A 2251 -0.01 39.15 42.21
C ILE A 2251 1.14 39.27 43.22
N PRO A 2252 1.38 38.25 44.04
CA PRO A 2252 2.46 38.37 45.04
C PRO A 2252 3.82 38.63 44.43
N TYR A 2253 4.12 38.02 43.28
CA TYR A 2253 5.34 38.25 42.52
C TYR A 2253 6.56 37.73 43.26
N ARG A 2254 6.36 37.24 44.49
CA ARG A 2254 7.40 36.63 45.29
C ARG A 2254 7.08 35.20 45.68
N LEU A 2255 5.86 34.94 46.17
CA LEU A 2255 5.47 33.58 46.50
C LEU A 2255 5.52 32.68 45.27
N ILE A 2256 4.97 33.17 44.16
CA ILE A 2256 5.12 32.45 42.89
C ILE A 2256 6.58 32.34 42.50
N PHE A 2257 7.34 33.42 42.72
CA PHE A 2257 8.77 33.39 42.41
C PHE A 2257 9.51 32.40 43.29
N GLU A 2258 9.29 32.47 44.60
CA GLU A 2258 9.97 31.55 45.51
C GLU A 2258 9.47 30.12 45.36
N LYS A 2259 8.34 29.91 44.66
CA LYS A 2259 7.86 28.56 44.42
C LYS A 2259 8.78 27.79 43.48
N PHE A 2260 9.62 28.48 42.72
CA PHE A 2260 10.64 27.81 41.91
C PHE A 2260 12.02 28.37 42.25
N ASP A 2269 7.64 18.97 41.10
CA ASP A 2269 8.09 20.01 42.02
C ASP A 2269 7.53 21.39 41.66
N ASN A 2270 8.40 22.32 41.25
CA ASN A 2270 8.02 23.70 40.98
C ASN A 2270 7.19 23.87 39.72
N SER A 2271 6.88 22.77 39.02
CA SER A 2271 5.99 22.85 37.87
C SER A 2271 4.63 23.43 38.25
N VAL A 2272 4.20 23.23 39.49
CA VAL A 2272 2.94 23.83 39.95
C VAL A 2272 3.04 25.34 39.93
N GLY A 2273 4.14 25.89 40.44
CA GLY A 2273 4.33 27.33 40.39
C GLY A 2273 4.50 27.84 38.98
N ILE A 2274 5.16 27.06 38.13
CA ILE A 2274 5.35 27.44 36.73
C ILE A 2274 4.00 27.59 36.04
N GLN A 2275 3.14 26.57 36.18
CA GLN A 2275 1.80 26.65 35.63
C GLN A 2275 1.00 27.77 36.28
N LEU A 2276 1.26 28.06 37.56
CA LEU A 2276 0.54 29.14 38.22
C LEU A 2276 0.84 30.49 37.57
N LEU A 2277 2.13 30.82 37.39
CA LEU A 2277 2.39 32.13 36.79
C LEU A 2277 2.03 32.11 35.30
N GLY A 2278 2.10 30.96 34.65
CA GLY A 2278 1.61 30.88 33.28
C GLY A 2278 0.13 31.20 33.18
N ILE A 2279 -0.67 30.66 34.11
CA ILE A 2279 -2.10 30.93 34.10
C ILE A 2279 -2.38 32.40 34.40
N VAL A 2280 -1.69 32.96 35.40
CA VAL A 2280 -1.93 34.37 35.71
C VAL A 2280 -1.45 35.28 34.59
N MET A 2281 -0.45 34.84 33.82
CA MET A 2281 -0.03 35.60 32.65
C MET A 2281 -0.96 35.41 31.46
N ALA A 2282 -1.73 34.32 31.43
CA ALA A 2282 -2.75 34.17 30.38
C ALA A 2282 -3.74 35.32 30.44
N ASN A 2283 -4.20 35.67 31.64
CA ASN A 2283 -4.89 36.93 31.83
C ASN A 2283 -3.89 38.07 31.69
N ASP A 2284 -4.32 39.15 31.05
CA ASP A 2284 -3.43 40.28 30.77
C ASP A 2284 -3.00 40.92 32.08
N LEU A 2285 -1.76 40.68 32.48
CA LEU A 2285 -1.22 41.14 33.74
C LEU A 2285 0.23 41.52 33.56
N PRO A 2286 0.75 42.42 34.40
CA PRO A 2286 2.18 42.75 34.33
C PRO A 2286 3.02 41.54 34.71
N PRO A 2287 4.24 41.44 34.20
CA PRO A 2287 5.06 40.25 34.47
C PRO A 2287 5.58 40.19 35.91
N TYR A 2288 6.07 41.30 36.43
CA TYR A 2288 6.62 41.29 37.78
C TYR A 2288 6.74 42.72 38.30
N ASP A 2289 6.83 42.84 39.62
CA ASP A 2289 7.03 44.10 40.32
C ASP A 2289 7.59 43.78 41.69
N PRO A 2290 8.51 44.61 42.21
CA PRO A 2290 9.11 44.35 43.53
C PRO A 2290 8.12 44.53 44.68
N SER A 2297 15.22 41.65 39.28
CA SER A 2297 15.35 41.08 37.94
C SER A 2297 15.75 39.61 38.02
N GLU A 2298 16.25 39.19 39.19
CA GLU A 2298 16.61 37.79 39.38
C GLU A 2298 15.40 36.86 39.33
N TYR A 2299 14.19 37.41 39.44
CA TYR A 2299 12.98 36.62 39.23
C TYR A 2299 12.94 36.03 37.84
N PHE A 2300 13.15 36.86 36.82
CA PHE A 2300 13.24 36.36 35.45
C PHE A 2300 14.45 35.45 35.27
N GLN A 2301 15.52 35.69 36.03
CA GLN A 2301 16.69 34.82 35.95
C GLN A 2301 16.36 33.41 36.41
N ALA A 2302 15.65 33.28 37.53
CA ALA A 2302 15.23 31.97 37.99
C ALA A 2302 14.20 31.35 37.05
N LEU A 2303 13.32 32.17 36.48
CA LEU A 2303 12.37 31.67 35.50
C LEU A 2303 13.08 31.07 34.30
N VAL A 2304 14.15 31.71 33.85
CA VAL A 2304 14.98 31.16 32.77
C VAL A 2304 15.71 29.91 33.24
N ASN A 2305 16.26 29.94 34.45
CA ASN A 2305 16.96 28.77 34.98
C ASN A 2305 16.04 27.56 35.08
N ASN A 2306 14.73 27.79 35.13
CA ASN A 2306 13.79 26.68 35.23
C ASN A 2306 13.92 25.69 34.08
N MET A 2307 14.43 26.12 32.92
CA MET A 2307 14.63 25.16 31.84
C MET A 2307 15.77 24.18 32.11
N SER A 2308 16.57 24.40 33.17
CA SER A 2308 17.67 23.49 33.44
C SER A 2308 17.17 22.07 33.72
N PHE A 2309 16.19 21.94 34.62
CA PHE A 2309 15.64 20.63 34.93
C PHE A 2309 14.80 20.13 33.75
N VAL A 2310 15.00 18.86 33.39
CA VAL A 2310 14.27 18.25 32.29
C VAL A 2310 13.69 16.92 32.74
N ARG A 2311 13.65 16.70 34.06
CA ARG A 2311 13.18 15.42 34.58
C ARG A 2311 11.70 15.19 34.24
N TYR A 2312 10.87 16.21 34.36
CA TYR A 2312 9.44 16.09 34.10
C TYR A 2312 9.07 16.38 32.65
N LYS A 2313 10.05 16.68 31.80
CA LYS A 2313 9.91 16.77 30.34
C LYS A 2313 8.83 17.75 29.90
N GLU A 2314 8.32 18.59 30.81
CA GLU A 2314 7.35 19.62 30.44
C GLU A 2314 7.63 20.98 31.04
N VAL A 2315 8.43 21.07 32.11
CA VAL A 2315 8.65 22.35 32.79
C VAL A 2315 9.34 23.34 31.86
N TYR A 2316 10.35 22.88 31.10
CA TYR A 2316 11.05 23.79 30.21
C TYR A 2316 10.14 24.29 29.10
N ALA A 2317 9.29 23.41 28.58
CA ALA A 2317 8.34 23.83 27.54
C ALA A 2317 7.37 24.87 28.06
N ALA A 2318 6.81 24.63 29.25
CA ALA A 2318 5.88 25.58 29.83
C ALA A 2318 6.55 26.92 30.12
N ALA A 2319 7.78 26.88 30.63
CA ALA A 2319 8.51 28.11 30.92
C ALA A 2319 8.84 28.87 29.64
N ALA A 2320 9.21 28.16 28.58
CA ALA A 2320 9.46 28.82 27.30
C ALA A 2320 8.18 29.46 26.77
N GLU A 2321 7.05 28.76 26.89
CA GLU A 2321 5.79 29.32 26.42
C GLU A 2321 5.45 30.60 27.17
N VAL A 2322 5.55 30.58 28.50
CA VAL A 2322 5.21 31.76 29.28
C VAL A 2322 6.23 32.88 29.02
N LEU A 2323 7.49 32.52 28.77
CA LEU A 2323 8.49 33.53 28.42
C LEU A 2323 8.14 34.21 27.11
N GLY A 2324 7.69 33.44 26.12
CA GLY A 2324 7.22 34.04 24.88
C GLY A 2324 6.03 34.95 25.10
N LEU A 2325 5.09 34.51 25.94
CA LEU A 2325 3.94 35.36 26.28
C LEU A 2325 4.40 36.69 26.88
N ILE A 2326 5.34 36.63 27.82
CA ILE A 2326 5.85 37.85 28.44
C ILE A 2326 6.55 38.72 27.40
N LEU A 2327 7.38 38.12 26.55
CA LEU A 2327 8.10 38.86 25.53
C LEU A 2327 7.15 39.52 24.53
N ARG A 2328 5.94 38.98 24.36
CA ARG A 2328 4.97 39.64 23.48
C ARG A 2328 4.61 41.03 23.96
N TYR A 2329 4.82 41.34 25.24
CA TYR A 2329 4.59 42.69 25.73
C TYR A 2329 5.56 43.66 25.08
N VAL A 2330 5.09 44.89 24.86
CA VAL A 2330 5.91 45.93 24.28
C VAL A 2330 5.35 47.31 24.63
N LEU A 2337 10.92 49.05 26.77
CA LEU A 2337 10.44 48.38 27.96
C LEU A 2337 11.52 47.49 28.57
N GLU A 2338 11.80 46.36 27.90
CA GLU A 2338 12.82 45.43 28.36
C GLU A 2338 13.19 44.46 27.26
N GLU A 2339 14.50 44.21 27.08
CA GLU A 2339 14.95 43.28 26.05
C GLU A 2339 16.04 42.32 26.51
N SER A 2340 16.62 42.48 27.71
CA SER A 2340 17.67 41.57 28.15
C SER A 2340 17.18 40.15 28.35
N LEU A 2341 15.88 39.97 28.61
CA LEU A 2341 15.34 38.63 28.79
C LEU A 2341 15.47 37.80 27.52
N CYS A 2342 15.21 38.40 26.36
CA CYS A 2342 15.38 37.66 25.11
C CYS A 2342 16.84 37.27 24.90
N GLU A 2343 17.77 38.15 25.24
CA GLU A 2343 19.19 37.81 25.13
C GLU A 2343 19.55 36.66 26.06
N LEU A 2344 19.04 36.67 27.29
CA LEU A 2344 19.30 35.57 28.21
C LEU A 2344 18.69 34.27 27.70
N VAL A 2345 17.50 34.35 27.12
CA VAL A 2345 16.85 33.17 26.55
C VAL A 2345 17.70 32.61 25.41
N ALA A 2346 18.21 33.49 24.54
CA ALA A 2346 19.07 33.03 23.45
C ALA A 2346 20.35 32.40 23.99
N LYS A 2347 20.91 32.98 25.05
CA LYS A 2347 22.12 32.43 25.66
C LYS A 2347 21.87 31.02 26.18
N GLN A 2348 20.81 30.83 26.98
CA GLN A 2348 20.54 29.51 27.52
C GLN A 2348 20.15 28.53 26.42
N LEU A 2349 19.53 29.02 25.34
CA LEU A 2349 19.22 28.15 24.20
C LEU A 2349 20.51 27.65 23.56
N LYS A 2350 21.46 28.55 23.33
CA LYS A 2350 22.76 28.16 22.79
C LYS A 2350 23.49 27.23 23.75
N GLN A 2351 23.23 27.35 25.05
CA GLN A 2351 23.93 26.53 26.04
C GLN A 2351 23.70 25.05 25.82
N HIS A 2352 22.52 24.66 25.31
CA HIS A 2352 22.20 23.25 25.14
C HIS A 2352 21.76 22.88 23.73
N GLN A 2353 21.77 23.81 22.77
CA GLN A 2353 21.34 23.46 21.42
C GLN A 2353 22.26 22.41 20.79
N ASN A 2354 23.54 22.43 21.13
CA ASN A 2354 24.48 21.43 20.64
C ASN A 2354 24.52 20.17 21.49
N THR A 2355 23.88 20.18 22.65
CA THR A 2355 23.85 19.02 23.54
C THR A 2355 22.45 18.43 23.67
N MET A 2356 21.48 19.24 24.10
CA MET A 2356 20.09 18.82 24.18
C MET A 2356 19.31 19.32 22.95
N GLU A 2357 19.72 18.82 21.78
CA GLU A 2357 19.16 19.35 20.53
C GLU A 2357 17.66 19.08 20.42
N ASP A 2358 17.21 17.91 20.87
CA ASP A 2358 15.78 17.61 20.83
C ASP A 2358 15.01 18.52 21.77
N LYS A 2359 15.46 18.63 23.02
CA LYS A 2359 14.83 19.56 23.94
C LYS A 2359 14.96 21.00 23.45
N PHE A 2360 16.10 21.32 22.82
CA PHE A 2360 16.28 22.65 22.25
C PHE A 2360 15.20 22.96 21.22
N ILE A 2361 14.99 22.06 20.25
CA ILE A 2361 14.02 22.35 19.20
C ILE A 2361 12.61 22.36 19.77
N VAL A 2362 12.33 21.48 20.75
CA VAL A 2362 11.00 21.45 21.35
C VAL A 2362 10.69 22.78 22.03
N CYS A 2363 11.60 23.25 22.88
CA CYS A 2363 11.35 24.51 23.58
C CYS A 2363 11.40 25.69 22.62
N LEU A 2364 12.24 25.62 21.59
CA LEU A 2364 12.31 26.69 20.61
C LEU A 2364 11.00 26.84 19.85
N ASN A 2365 10.40 25.72 19.44
CA ASN A 2365 9.08 25.79 18.82
C ASN A 2365 8.04 26.30 19.81
N LYS A 2366 8.09 25.80 21.05
CA LYS A 2366 7.12 26.21 22.06
C LYS A 2366 7.18 27.72 22.33
N VAL A 2367 8.36 28.31 22.22
CA VAL A 2367 8.49 29.74 22.48
C VAL A 2367 8.29 30.58 21.22
N THR A 2368 8.64 30.06 20.05
CA THR A 2368 8.47 30.84 18.83
C THR A 2368 7.02 30.89 18.39
N LYS A 2369 6.23 29.85 18.71
CA LYS A 2369 4.79 29.96 18.48
C LYS A 2369 4.16 31.04 19.37
N SER A 2370 4.85 31.43 20.45
CA SER A 2370 4.44 32.55 21.27
C SER A 2370 5.25 33.81 21.03
N PHE A 2371 6.47 33.68 20.51
CA PHE A 2371 7.33 34.84 20.21
C PHE A 2371 8.20 34.51 19.01
N PRO A 2372 7.75 34.88 17.80
CA PRO A 2372 8.55 34.62 16.60
C PRO A 2372 9.94 35.25 16.64
N PRO A 2373 10.11 36.47 17.14
CA PRO A 2373 11.43 37.13 17.00
C PRO A 2373 12.59 36.38 17.65
N LEU A 2374 12.33 35.52 18.63
CA LEU A 2374 13.43 34.76 19.23
C LEU A 2374 14.07 33.80 18.23
N ALA A 2375 13.31 33.39 17.20
CA ALA A 2375 13.86 32.52 16.18
C ALA A 2375 14.89 33.21 15.31
N ASP A 2376 14.99 34.54 15.38
CA ASP A 2376 15.85 35.29 14.47
C ASP A 2376 17.34 35.09 14.74
N ARG A 2377 17.70 34.18 15.65
CA ARG A 2377 19.10 33.90 15.93
C ARG A 2377 19.49 32.47 15.62
N PHE A 2378 18.58 31.66 15.08
CA PHE A 2378 18.84 30.22 14.94
C PHE A 2378 18.38 29.66 13.62
N MET A 2379 18.40 30.46 12.54
CA MET A 2379 18.08 29.91 11.23
C MET A 2379 19.07 28.80 10.87
N ASN A 2380 20.37 29.08 11.00
CA ASN A 2380 21.39 28.11 10.62
C ASN A 2380 21.28 26.85 11.47
N ALA A 2381 21.02 27.01 12.77
CA ALA A 2381 20.93 25.86 13.66
C ALA A 2381 19.80 24.92 13.25
N VAL A 2382 18.60 25.48 13.03
CA VAL A 2382 17.46 24.64 12.68
C VAL A 2382 17.64 24.04 11.30
N PHE A 2383 18.22 24.80 10.36
CA PHE A 2383 18.47 24.25 9.03
C PHE A 2383 19.46 23.09 9.10
N PHE A 2384 20.51 23.23 9.92
CA PHE A 2384 21.48 22.17 10.07
C PHE A 2384 20.88 20.93 10.73
N LEU A 2385 20.01 21.15 11.73
CA LEU A 2385 19.45 20.03 12.48
C LEU A 2385 18.24 19.38 11.82
N LEU A 2386 17.65 20.03 10.81
CA LEU A 2386 16.47 19.47 10.16
C LEU A 2386 16.71 18.09 9.55
N PRO A 2387 17.75 17.86 8.73
CA PRO A 2387 17.91 16.52 8.16
C PRO A 2387 18.13 15.43 9.19
N LYS A 2388 18.79 15.75 10.31
CA LYS A 2388 19.04 14.74 11.33
C LYS A 2388 17.75 14.23 11.95
N PHE A 2389 16.81 15.13 12.24
CA PHE A 2389 15.55 14.74 12.83
C PHE A 2389 14.65 14.07 11.80
N HIS A 2390 13.86 13.11 12.26
CA HIS A 2390 12.92 12.40 11.39
C HIS A 2390 11.51 12.30 11.96
N GLY A 2391 11.33 12.40 13.27
CA GLY A 2391 10.01 12.30 13.88
C GLY A 2391 9.30 13.63 13.92
N VAL A 2392 8.55 13.85 15.01
CA VAL A 2392 7.83 15.10 15.18
C VAL A 2392 8.78 16.27 15.33
N LEU A 2393 10.05 16.02 15.63
CA LEU A 2393 11.03 17.09 15.70
C LEU A 2393 11.18 17.79 14.36
N LYS A 2394 11.15 17.03 13.26
CA LYS A 2394 11.18 17.63 11.93
C LYS A 2394 9.96 18.52 11.73
N THR A 2395 8.79 18.07 12.19
CA THR A 2395 7.58 18.89 12.09
C THR A 2395 7.73 20.19 12.87
N LEU A 2396 8.32 20.11 14.07
CA LEU A 2396 8.53 21.32 14.86
C LEU A 2396 9.52 22.25 14.17
N CYS A 2397 10.56 21.70 13.55
CA CYS A 2397 11.48 22.52 12.78
C CYS A 2397 10.77 23.23 11.64
N LEU A 2398 9.90 22.50 10.93
CA LEU A 2398 9.14 23.12 9.84
C LEU A 2398 8.24 24.23 10.36
N GLU A 2399 7.60 24.01 11.51
CA GLU A 2399 6.77 25.05 12.11
C GLU A 2399 7.60 26.28 12.48
N VAL A 2400 8.80 26.06 13.02
CA VAL A 2400 9.68 27.17 13.35
C VAL A 2400 10.06 27.94 12.09
N VAL A 2401 10.36 27.23 11.01
CA VAL A 2401 10.67 27.89 9.74
C VAL A 2401 9.47 28.72 9.26
N LEU A 2402 8.27 28.13 9.36
CA LEU A 2402 7.06 28.85 8.96
C LEU A 2402 6.82 30.07 9.83
N CYS A 2403 7.29 30.04 11.08
CA CYS A 2403 7.05 31.17 11.98
C CYS A 2403 7.71 32.44 11.47
N ARG A 2404 8.93 32.33 10.95
CA ARG A 2404 9.68 33.47 10.44
C ARG A 2404 9.97 33.35 8.95
N VAL A 2405 9.11 32.65 8.20
CA VAL A 2405 9.38 32.38 6.79
C VAL A 2405 9.50 33.68 6.00
N GLU A 2406 8.68 34.68 6.32
CA GLU A 2406 8.78 35.97 5.64
C GLU A 2406 10.10 36.66 5.98
N GLY A 2407 10.70 36.35 7.12
CA GLY A 2407 11.93 37.00 7.52
C GLY A 2407 13.10 36.69 6.60
N MET A 2408 13.27 35.41 6.25
CA MET A 2408 14.39 35.01 5.41
C MET A 2408 14.19 35.52 3.99
N THR A 2409 15.21 36.21 3.46
CA THR A 2409 15.15 36.68 2.08
C THR A 2409 15.17 35.51 1.11
N GLU A 2410 16.09 34.57 1.30
CA GLU A 2410 16.21 33.40 0.45
C GLU A 2410 16.09 32.15 1.32
N LEU A 2411 15.16 31.27 0.94
CA LEU A 2411 15.04 29.98 1.61
C LEU A 2411 14.83 28.84 0.62
N TYR A 2412 14.79 29.13 -0.68
CA TYR A 2412 14.70 28.07 -1.67
C TYR A 2412 15.93 27.18 -1.63
N PHE A 2413 17.11 27.78 -1.50
CA PHE A 2413 18.33 26.99 -1.33
C PHE A 2413 18.27 26.15 -0.06
N GLN A 2414 17.58 26.63 0.97
CA GLN A 2414 17.35 25.80 2.15
C GLN A 2414 16.55 24.56 1.79
N LEU A 2415 15.52 24.73 0.95
CA LEU A 2415 14.73 23.60 0.51
C LEU A 2415 15.57 22.61 -0.29
N LYS A 2416 16.41 23.11 -1.20
CA LYS A 2416 17.24 22.22 -2.00
C LYS A 2416 18.30 21.52 -1.14
N SER A 2417 18.79 22.17 -0.10
CA SER A 2417 19.85 21.60 0.71
C SER A 2417 19.38 20.34 1.44
N LYS A 2418 18.17 20.39 1.99
CA LYS A 2418 17.63 19.28 2.76
C LYS A 2418 16.67 18.40 1.95
N ASP A 2419 16.60 18.63 0.65
CA ASP A 2419 15.67 17.92 -0.24
C ASP A 2419 14.24 18.04 0.30
N PHE A 2420 13.83 19.30 0.50
CA PHE A 2420 12.48 19.60 0.96
C PHE A 2420 11.42 19.03 0.03
N VAL A 2421 11.77 18.85 -1.25
CA VAL A 2421 10.81 18.31 -2.21
C VAL A 2421 10.35 16.93 -1.79
N GLN A 2422 11.30 16.03 -1.48
CA GLN A 2422 10.91 14.67 -1.12
C GLN A 2422 10.31 14.61 0.27
N VAL A 2423 10.71 15.52 1.16
CA VAL A 2423 10.03 15.62 2.46
C VAL A 2423 8.56 15.95 2.27
N MET A 2424 8.28 16.88 1.36
CA MET A 2424 6.91 17.19 1.00
C MET A 2424 6.23 15.98 0.36
N ARG A 2425 6.97 15.24 -0.47
CA ARG A 2425 6.44 14.02 -1.07
C ARG A 2425 6.09 12.98 0.00
N HIS A 2426 6.86 12.94 1.08
CA HIS A 2426 6.61 11.97 2.14
C HIS A 2426 5.24 12.18 2.74
N ARG A 2427 4.51 11.08 2.95
CA ARG A 2427 3.13 11.15 3.44
C ARG A 2427 3.13 11.44 4.93
N ASP A 2428 2.71 12.65 5.30
CA ASP A 2428 2.52 13.01 6.70
C ASP A 2428 1.60 14.22 6.73
N ASP A 2429 0.40 14.05 7.27
CA ASP A 2429 -0.64 15.07 7.14
C ASP A 2429 -0.18 16.41 7.68
N GLU A 2430 0.30 16.44 8.92
CA GLU A 2430 0.75 17.70 9.50
C GLU A 2430 1.98 18.24 8.77
N ARG A 2431 2.92 17.35 8.44
CA ARG A 2431 4.11 17.78 7.70
C ARG A 2431 3.73 18.37 6.35
N GLN A 2432 2.86 17.68 5.61
CA GLN A 2432 2.46 18.18 4.30
C GLN A 2432 1.71 19.49 4.42
N LYS A 2433 0.84 19.62 5.43
CA LYS A 2433 0.09 20.86 5.61
C LYS A 2433 1.03 22.03 5.90
N VAL A 2434 1.98 21.82 6.81
CA VAL A 2434 2.88 22.93 7.15
C VAL A 2434 3.81 23.23 5.98
N CYS A 2435 4.20 22.22 5.19
CA CYS A 2435 5.02 22.48 4.01
C CYS A 2435 4.27 23.32 2.99
N LEU A 2436 2.99 22.98 2.76
CA LEU A 2436 2.17 23.75 1.83
C LEU A 2436 1.98 25.17 2.33
N ASP A 2437 1.76 25.35 3.64
CA ASP A 2437 1.64 26.69 4.18
C ASP A 2437 2.94 27.47 4.01
N ILE A 2438 4.08 26.81 4.21
CA ILE A 2438 5.37 27.46 4.02
C ILE A 2438 5.51 27.93 2.57
N ILE A 2439 5.17 27.05 1.62
CA ILE A 2439 5.29 27.39 0.21
C ILE A 2439 4.36 28.55 -0.13
N TYR A 2440 3.13 28.53 0.39
CA TYR A 2440 2.20 29.63 0.15
C TYR A 2440 2.76 30.94 0.68
N LYS A 2441 3.38 30.91 1.86
CA LYS A 2441 3.95 32.12 2.43
C LYS A 2441 5.14 32.62 1.62
N MET A 2442 6.00 31.72 1.14
CA MET A 2442 7.28 32.14 0.57
C MET A 2442 7.24 32.32 -0.94
N MET A 2443 6.19 31.87 -1.63
CA MET A 2443 6.14 31.99 -3.07
C MET A 2443 5.98 33.42 -3.61
N PRO A 2444 5.35 34.37 -2.88
CA PRO A 2444 5.30 35.73 -3.43
C PRO A 2444 6.67 36.33 -3.69
N LYS A 2445 7.65 36.01 -2.88
CA LYS A 2445 9.02 36.47 -3.09
C LYS A 2445 9.85 35.50 -3.92
N LEU A 2446 9.25 34.40 -4.39
CA LEU A 2446 9.98 33.38 -5.11
C LEU A 2446 10.05 33.69 -6.61
N LYS A 2447 11.16 33.27 -7.21
CA LYS A 2447 11.38 33.39 -8.64
C LYS A 2447 10.43 32.46 -9.39
N PRO A 2448 9.91 32.88 -10.55
CA PRO A 2448 8.97 32.01 -11.28
C PRO A 2448 9.52 30.63 -11.61
N VAL A 2449 10.80 30.54 -11.98
CA VAL A 2449 11.35 29.24 -12.34
C VAL A 2449 11.36 28.32 -11.12
N GLU A 2450 11.89 28.80 -10.00
CA GLU A 2450 11.90 28.01 -8.78
C GLU A 2450 10.49 27.68 -8.33
N LEU A 2451 9.57 28.62 -8.51
CA LEU A 2451 8.16 28.33 -8.28
C LEU A 2451 7.71 27.15 -9.12
N ARG A 2452 8.18 27.05 -10.36
CA ARG A 2452 7.77 25.94 -11.22
C ARG A 2452 8.33 24.61 -10.72
N GLU A 2453 9.63 24.57 -10.40
CA GLU A 2453 10.16 23.29 -9.92
C GLU A 2453 9.57 22.90 -8.57
N LEU A 2454 9.14 23.89 -7.77
CA LEU A 2454 8.44 23.55 -6.53
C LEU A 2454 7.02 23.07 -6.79
N LEU A 2455 6.34 23.67 -7.77
CA LEU A 2455 4.96 23.31 -8.06
C LEU A 2455 4.84 21.95 -8.73
N ASN A 2456 5.86 21.54 -9.49
CA ASN A 2456 5.81 20.26 -10.18
C ASN A 2456 5.47 19.09 -9.27
N PRO A 2457 6.06 18.95 -8.07
CA PRO A 2457 5.59 17.89 -7.16
C PRO A 2457 4.40 18.29 -6.30
N VAL A 2458 4.00 19.56 -6.28
CA VAL A 2458 2.86 19.97 -5.49
C VAL A 2458 1.57 19.41 -6.08
N VAL A 2459 1.44 19.43 -7.40
CA VAL A 2459 0.18 19.09 -8.06
C VAL A 2459 -0.24 17.65 -7.80
N GLU A 2460 0.64 16.81 -7.26
CA GLU A 2460 0.24 15.46 -6.88
C GLU A 2460 -0.64 15.43 -5.63
N PHE A 2461 -0.76 16.56 -4.93
CA PHE A 2461 -1.55 16.58 -3.70
C PHE A 2461 -3.06 16.62 -3.92
N VAL A 2462 -3.53 16.36 -5.13
CA VAL A 2462 -4.95 16.07 -5.28
C VAL A 2462 -5.28 14.76 -4.57
N SER A 2463 -6.53 14.63 -4.15
CA SER A 2463 -7.06 13.40 -3.58
C SER A 2463 -6.31 12.98 -2.31
N HIS A 2464 -6.08 13.94 -1.42
CA HIS A 2464 -5.67 13.40 -0.12
C HIS A 2464 -6.83 13.41 0.85
N PRO A 2465 -6.85 12.43 1.77
CA PRO A 2465 -7.95 12.38 2.76
C PRO A 2465 -8.05 13.61 3.64
N SER A 2466 -6.94 14.33 3.83
CA SER A 2466 -6.97 15.52 4.69
C SER A 2466 -7.96 16.55 4.17
N THR A 2467 -7.85 16.90 2.88
CA THR A 2467 -8.72 17.83 2.18
C THR A 2467 -8.54 19.27 2.70
N THR A 2468 -7.70 19.44 3.72
CA THR A 2468 -7.28 20.77 4.14
C THR A 2468 -6.01 21.21 3.42
N CYS A 2469 -5.06 20.29 3.26
CA CYS A 2469 -3.96 20.52 2.34
C CYS A 2469 -4.48 20.80 0.93
N ARG A 2470 -5.61 20.20 0.57
CA ARG A 2470 -6.25 20.52 -0.69
C ARG A 2470 -6.67 21.99 -0.73
N GLU A 2471 -7.25 22.48 0.36
CA GLU A 2471 -7.64 23.89 0.42
C GLU A 2471 -6.41 24.80 0.33
N GLN A 2472 -5.33 24.44 1.03
CA GLN A 2472 -4.12 25.25 0.99
C GLN A 2472 -3.54 25.29 -0.42
N MET A 2473 -3.41 24.14 -1.06
CA MET A 2473 -2.85 24.11 -2.40
C MET A 2473 -3.77 24.82 -3.39
N TYR A 2474 -5.08 24.77 -3.19
CA TYR A 2474 -5.97 25.49 -4.08
C TYR A 2474 -5.88 27.00 -3.89
N ASN A 2475 -5.65 27.47 -2.67
CA ASN A 2475 -5.33 28.87 -2.48
C ASN A 2475 -4.04 29.24 -3.20
N ILE A 2476 -3.03 28.38 -3.09
CA ILE A 2476 -1.78 28.58 -3.82
C ILE A 2476 -2.05 28.72 -5.32
N LEU A 2477 -2.88 27.81 -5.85
CA LEU A 2477 -3.08 27.76 -7.29
C LEU A 2477 -3.95 28.92 -7.79
N MET A 2478 -4.93 29.34 -6.99
CA MET A 2478 -5.73 30.50 -7.39
C MET A 2478 -4.89 31.77 -7.35
N TRP A 2479 -3.98 31.89 -6.38
CA TRP A 2479 -3.06 33.02 -6.37
C TRP A 2479 -2.12 32.98 -7.57
N ILE A 2480 -1.65 31.78 -7.92
CA ILE A 2480 -0.76 31.63 -9.08
C ILE A 2480 -1.48 32.02 -10.36
N HIS A 2481 -2.74 31.60 -10.49
CA HIS A 2481 -3.53 32.00 -11.65
C HIS A 2481 -3.78 33.50 -11.66
N ASP A 2482 -4.03 34.09 -10.49
CA ASP A 2482 -4.30 35.51 -10.42
C ASP A 2482 -3.10 36.35 -10.85
N ASN A 2483 -1.90 35.99 -10.38
CA ASN A 2483 -0.71 36.75 -10.71
C ASN A 2483 0.02 36.21 -11.93
N TYR A 2484 -0.54 35.20 -12.60
CA TYR A 2484 0.08 34.64 -13.79
C TYR A 2484 -0.84 34.57 -15.00
N ARG A 2485 -2.10 34.98 -14.87
CA ARG A 2485 -2.99 35.02 -16.02
C ARG A 2485 -2.57 36.07 -17.03
N ASP A 2486 -1.72 37.01 -16.64
CA ASP A 2486 -1.28 38.05 -17.55
C ASP A 2486 -0.45 37.45 -18.69
N PRO A 2487 -0.67 37.88 -19.94
CA PRO A 2487 0.11 37.35 -21.05
C PRO A 2487 1.52 37.89 -21.13
N GLU A 2488 1.80 39.07 -20.57
CA GLU A 2488 3.15 39.60 -20.61
C GLU A 2488 4.12 38.73 -19.83
N SER A 2489 3.67 38.19 -18.68
CA SER A 2489 4.48 37.21 -17.97
C SER A 2489 4.65 35.93 -18.79
N GLU A 2490 3.64 35.59 -19.60
CA GLU A 2490 3.67 34.39 -20.41
C GLU A 2490 4.60 34.57 -21.61
N THR A 2491 5.90 34.68 -21.36
CA THR A 2491 6.86 34.84 -22.44
C THR A 2491 7.99 33.83 -22.43
N ASP A 2492 8.09 32.99 -21.39
CA ASP A 2492 9.10 31.95 -21.32
C ASP A 2492 8.41 30.65 -20.93
N ASN A 2493 8.95 29.52 -21.41
CA ASN A 2493 8.29 28.23 -21.25
C ASN A 2493 7.98 27.94 -19.79
N ASP A 2494 8.77 28.50 -18.88
CA ASP A 2494 8.42 28.45 -17.46
C ASP A 2494 7.03 29.00 -17.22
N SER A 2495 6.73 30.16 -17.80
CA SER A 2495 5.45 30.81 -17.55
C SER A 2495 4.29 30.00 -18.11
N GLN A 2496 4.39 29.53 -19.35
CA GLN A 2496 3.30 28.72 -19.90
C GLN A 2496 3.14 27.41 -19.13
N GLU A 2497 4.25 26.78 -18.72
CA GLU A 2497 4.14 25.55 -17.95
C GLU A 2497 3.41 25.80 -16.64
N ILE A 2498 3.79 26.86 -15.92
CA ILE A 2498 3.14 27.18 -14.66
C ILE A 2498 1.65 27.43 -14.88
N PHE A 2499 1.32 28.26 -15.87
CA PHE A 2499 -0.06 28.66 -16.05
C PHE A 2499 -0.93 27.50 -16.52
N LYS A 2500 -0.39 26.65 -17.40
CA LYS A 2500 -1.12 25.48 -17.87
C LYS A 2500 -1.37 24.50 -16.74
N LEU A 2501 -0.34 24.22 -15.93
CA LEU A 2501 -0.54 23.34 -14.79
C LEU A 2501 -1.57 23.92 -13.84
N ALA A 2502 -1.53 25.24 -13.62
CA ALA A 2502 -2.47 25.88 -12.72
C ALA A 2502 -3.90 25.75 -13.22
N LYS A 2503 -4.13 26.02 -14.51
CA LYS A 2503 -5.49 25.91 -15.01
C LYS A 2503 -5.96 24.47 -14.94
N ASP A 2504 -5.08 23.51 -15.23
CA ASP A 2504 -5.49 22.12 -15.21
C ASP A 2504 -5.91 21.69 -13.80
N VAL A 2505 -5.09 22.00 -12.80
CA VAL A 2505 -5.40 21.56 -11.44
C VAL A 2505 -6.63 22.29 -10.91
N LEU A 2506 -6.76 23.59 -11.22
CA LEU A 2506 -7.92 24.33 -10.77
C LEU A 2506 -9.20 23.78 -11.40
N ILE A 2507 -9.15 23.43 -12.68
CA ILE A 2507 -10.30 22.82 -13.35
C ILE A 2507 -10.63 21.47 -12.72
N GLN A 2508 -9.60 20.66 -12.45
CA GLN A 2508 -9.84 19.37 -11.81
C GLN A 2508 -10.45 19.55 -10.42
N GLY A 2509 -10.17 20.68 -9.77
CA GLY A 2509 -10.72 20.92 -8.45
C GLY A 2509 -12.23 21.03 -8.41
N LEU A 2510 -12.88 21.21 -9.57
CA LEU A 2510 -14.33 21.35 -9.61
C LEU A 2510 -15.07 20.09 -9.20
N ILE A 2511 -14.44 18.92 -9.31
CA ILE A 2511 -15.11 17.66 -9.08
C ILE A 2511 -14.46 16.91 -7.93
N ASP A 2512 -13.97 17.64 -6.95
CA ASP A 2512 -13.28 17.03 -5.81
C ASP A 2512 -14.30 16.47 -4.82
N GLU A 2513 -13.81 15.99 -3.68
CA GLU A 2513 -14.66 15.29 -2.73
C GLU A 2513 -15.42 16.26 -1.83
N ASN A 2514 -14.71 17.20 -1.20
CA ASN A 2514 -15.31 18.13 -0.25
C ASN A 2514 -16.31 19.03 -0.97
N PRO A 2515 -17.60 18.93 -0.65
CA PRO A 2515 -18.59 19.79 -1.32
C PRO A 2515 -18.35 21.27 -1.08
N GLY A 2516 -17.93 21.65 0.13
CA GLY A 2516 -17.65 23.05 0.39
C GLY A 2516 -16.46 23.57 -0.38
N LEU A 2517 -15.40 22.77 -0.46
CA LEU A 2517 -14.21 23.19 -1.20
C LEU A 2517 -14.50 23.36 -2.68
N GLN A 2518 -15.20 22.40 -3.29
CA GLN A 2518 -15.54 22.54 -4.69
C GLN A 2518 -16.56 23.66 -4.91
N LEU A 2519 -17.42 23.92 -3.93
CA LEU A 2519 -18.30 25.08 -4.01
C LEU A 2519 -17.49 26.38 -4.03
N ILE A 2520 -16.46 26.47 -3.19
CA ILE A 2520 -15.59 27.64 -3.18
C ILE A 2520 -14.87 27.78 -4.50
N ILE A 2521 -14.41 26.66 -5.06
CA ILE A 2521 -13.77 26.69 -6.37
C ILE A 2521 -14.74 27.17 -7.45
N ARG A 2522 -16.00 26.72 -7.37
CA ARG A 2522 -17.00 27.18 -8.33
C ARG A 2522 -17.24 28.68 -8.20
N ASN A 2523 -17.29 29.18 -6.97
CA ASN A 2523 -17.43 30.62 -6.76
C ASN A 2523 -16.24 31.38 -7.33
N PHE A 2524 -15.02 30.84 -7.13
CA PHE A 2524 -13.83 31.47 -7.66
C PHE A 2524 -13.87 31.53 -9.18
N TRP A 2525 -14.25 30.43 -9.83
CA TRP A 2525 -14.28 30.38 -11.28
C TRP A 2525 -15.38 31.27 -11.85
N SER A 2526 -16.57 31.22 -11.25
CA SER A 2526 -17.72 31.96 -11.76
C SER A 2526 -17.53 33.48 -11.67
N HIS A 2527 -16.53 33.94 -10.93
CA HIS A 2527 -16.25 35.37 -10.87
C HIS A 2527 -15.93 35.91 -12.26
N GLU A 2528 -16.37 37.13 -12.53
CA GLU A 2528 -16.35 37.65 -13.89
C GLU A 2528 -14.94 37.77 -14.44
N THR A 2529 -13.94 37.98 -13.57
CA THR A 2529 -12.57 38.10 -14.06
C THR A 2529 -12.07 36.79 -14.63
N ARG A 2530 -12.26 35.69 -13.90
CA ARG A 2530 -11.83 34.38 -14.39
C ARG A 2530 -12.78 33.81 -15.43
N LEU A 2531 -14.00 34.31 -15.51
CA LEU A 2531 -15.01 33.76 -16.41
C LEU A 2531 -15.98 34.87 -16.77
N PRO A 2532 -15.97 35.35 -18.02
CA PRO A 2532 -16.67 36.59 -18.35
C PRO A 2532 -18.18 36.50 -18.09
N SER A 2533 -18.76 37.63 -17.71
CA SER A 2533 -20.13 37.70 -17.22
C SER A 2533 -21.17 37.93 -18.32
N ASN A 2534 -20.74 38.01 -19.58
CA ASN A 2534 -21.68 38.03 -20.70
C ASN A 2534 -21.99 36.58 -21.07
N THR A 2535 -23.27 36.30 -21.35
CA THR A 2535 -23.68 34.91 -21.55
C THR A 2535 -22.96 34.27 -22.74
N LEU A 2536 -22.84 35.00 -23.84
CA LEU A 2536 -22.21 34.44 -25.04
C LEU A 2536 -20.74 34.09 -24.78
N ASP A 2537 -19.97 35.06 -24.28
CA ASP A 2537 -18.58 34.76 -23.97
C ASP A 2537 -18.44 33.92 -22.72
N ARG A 2538 -19.46 33.87 -21.87
CA ARG A 2538 -19.48 32.86 -20.81
C ARG A 2538 -19.46 31.47 -21.39
N LEU A 2539 -20.35 31.19 -22.35
CA LEU A 2539 -20.36 29.89 -23.01
C LEU A 2539 -19.05 29.65 -23.74
N LEU A 2540 -18.52 30.68 -24.40
CA LEU A 2540 -17.22 30.57 -25.06
C LEU A 2540 -16.14 30.12 -24.08
N ALA A 2541 -16.04 30.80 -22.93
CA ALA A 2541 -15.02 30.46 -21.95
C ALA A 2541 -15.23 29.08 -21.35
N LEU A 2542 -16.50 28.71 -21.11
CA LEU A 2542 -16.79 27.37 -20.62
C LEU A 2542 -16.34 26.31 -21.61
N ASN A 2543 -16.52 26.58 -22.90
CA ASN A 2543 -15.93 25.70 -23.91
C ASN A 2543 -14.42 25.67 -23.78
N SER A 2544 -13.80 26.84 -23.57
CA SER A 2544 -12.36 26.89 -23.34
C SER A 2544 -11.98 26.29 -21.99
N LEU A 2545 -12.94 26.12 -21.08
CA LEU A 2545 -12.67 25.58 -19.75
C LEU A 2545 -12.65 24.06 -19.71
N TYR A 2546 -12.90 23.40 -20.83
CA TYR A 2546 -13.00 21.94 -20.86
C TYR A 2546 -11.66 21.29 -20.53
N SER A 2547 -11.74 20.13 -19.88
CA SER A 2547 -10.60 19.26 -19.64
C SER A 2547 -10.98 17.83 -20.03
N PRO A 2548 -10.06 17.07 -20.61
CA PRO A 2548 -10.38 15.69 -21.02
C PRO A 2548 -10.73 14.77 -19.87
N LYS A 2549 -10.34 15.09 -18.64
CA LYS A 2549 -10.57 14.25 -17.48
C LYS A 2549 -11.74 14.70 -16.62
N ILE A 2550 -12.52 15.68 -17.08
CA ILE A 2550 -13.66 16.20 -16.33
C ILE A 2550 -14.97 16.04 -17.08
N GLU A 2551 -14.97 15.29 -18.18
CA GLU A 2551 -16.16 15.17 -19.01
C GLU A 2551 -17.33 14.50 -18.30
N VAL A 2552 -17.10 13.83 -17.17
CA VAL A 2552 -18.20 13.17 -16.46
C VAL A 2552 -19.21 14.20 -15.96
N HIS A 2553 -18.73 15.30 -15.39
CA HIS A 2553 -19.61 16.33 -14.84
C HIS A 2553 -19.47 17.66 -15.54
N PHE A 2554 -18.85 17.70 -16.73
CA PHE A 2554 -18.60 18.96 -17.40
C PHE A 2554 -19.91 19.68 -17.75
N LEU A 2555 -20.87 18.93 -18.29
CA LEU A 2555 -22.16 19.53 -18.66
C LEU A 2555 -22.88 20.05 -17.42
N SER A 2556 -22.84 19.29 -16.32
CA SER A 2556 -23.48 19.73 -15.10
C SER A 2556 -22.85 21.02 -14.59
N LEU A 2557 -21.53 21.11 -14.61
CA LEU A 2557 -20.86 22.33 -14.16
C LEU A 2557 -21.20 23.52 -15.06
N ALA A 2558 -21.23 23.30 -16.38
CA ALA A 2558 -21.56 24.39 -17.28
C ALA A 2558 -22.99 24.89 -17.03
N THR A 2559 -23.94 23.96 -16.86
CA THR A 2559 -25.31 24.35 -16.55
C THR A 2559 -25.37 25.09 -15.23
N ASN A 2560 -24.60 24.64 -14.23
CA ASN A 2560 -24.58 25.32 -12.95
C ASN A 2560 -24.09 26.75 -13.09
N PHE A 2561 -23.03 26.96 -13.87
CA PHE A 2561 -22.53 28.31 -14.10
C PHE A 2561 -23.59 29.18 -14.77
N LEU A 2562 -24.23 28.65 -15.82
CA LEU A 2562 -25.23 29.44 -16.53
C LEU A 2562 -26.41 29.79 -15.63
N LEU A 2563 -26.86 28.84 -14.82
CA LEU A 2563 -28.03 29.09 -13.98
C LEU A 2563 -27.69 30.03 -12.82
N GLU A 2564 -26.49 29.92 -12.25
CA GLU A 2564 -26.10 30.87 -11.23
C GLU A 2564 -25.87 32.27 -11.81
N MET A 2565 -25.60 32.38 -13.11
CA MET A 2565 -25.64 33.68 -13.75
C MET A 2565 -27.08 34.18 -13.92
N THR A 2566 -27.99 33.28 -14.30
CA THR A 2566 -29.40 33.65 -14.34
C THR A 2566 -29.89 34.12 -12.98
N SER A 2567 -29.25 33.66 -11.91
CA SER A 2567 -29.65 34.04 -10.57
C SER A 2567 -29.61 35.56 -10.36
N MET A 2568 -28.62 36.23 -10.94
CA MET A 2568 -28.49 37.68 -10.75
C MET A 2568 -29.37 38.49 -11.69
N SER A 2569 -30.03 37.85 -12.65
CA SER A 2569 -30.92 38.55 -13.56
C SER A 2569 -32.12 39.10 -12.79
N PRO A 2570 -32.67 40.25 -13.22
CA PRO A 2570 -33.78 40.85 -12.47
C PRO A 2570 -35.13 40.25 -12.82
N ASP A 2571 -35.17 38.93 -13.00
CA ASP A 2571 -36.42 38.18 -13.02
C ASP A 2571 -36.30 36.84 -12.31
N TYR A 2572 -35.10 36.47 -11.85
CA TYR A 2572 -34.91 35.17 -11.22
C TYR A 2572 -35.70 35.01 -9.92
N PRO A 2573 -35.72 35.97 -9.00
CA PRO A 2573 -36.60 35.84 -7.82
C PRO A 2573 -38.03 36.30 -8.06
N ASN A 2574 -38.43 36.51 -9.30
CA ASN A 2574 -39.76 37.01 -9.63
C ASN A 2574 -40.60 35.92 -10.29
N PRO A 2575 -41.92 35.95 -10.12
CA PRO A 2575 -42.76 34.89 -10.69
C PRO A 2575 -42.86 34.99 -12.20
N MET A 2576 -43.11 33.84 -12.83
CA MET A 2576 -43.40 33.80 -14.25
C MET A 2576 -44.88 33.94 -14.56
N PHE A 2577 -45.74 33.71 -13.57
CA PHE A 2577 -47.18 33.90 -13.70
C PHE A 2577 -47.69 34.70 -12.52
N GLU A 2578 -48.71 35.52 -12.75
CA GLU A 2578 -49.22 36.43 -11.73
C GLU A 2578 -50.69 36.27 -11.42
N HIS A 2579 -51.43 35.50 -12.21
CA HIS A 2579 -52.87 35.32 -11.99
C HIS A 2579 -53.19 33.84 -11.78
N PRO A 2580 -53.55 33.43 -10.57
CA PRO A 2580 -53.91 32.03 -10.35
C PRO A 2580 -55.22 31.68 -11.03
N LEU A 2581 -55.54 30.38 -11.01
CA LEU A 2581 -56.80 29.92 -11.59
C LEU A 2581 -57.99 30.55 -10.89
N SER A 2582 -57.96 30.58 -9.56
CA SER A 2582 -58.97 31.29 -8.79
C SER A 2582 -58.36 31.66 -7.43
N GLU A 2583 -58.99 32.61 -6.76
CA GLU A 2583 -58.45 33.14 -5.51
C GLU A 2583 -58.78 32.18 -4.37
N CYS A 2584 -57.75 31.73 -3.66
CA CYS A 2584 -57.92 30.94 -2.45
C CYS A 2584 -56.68 31.13 -1.58
N GLU A 2585 -56.86 30.86 -0.29
CA GLU A 2585 -55.78 31.09 0.68
C GLU A 2585 -54.57 30.22 0.35
N PHE A 2586 -53.39 30.82 0.36
CA PHE A 2586 -52.14 30.15 0.01
C PHE A 2586 -51.17 30.28 1.18
N GLN A 2587 -50.68 29.15 1.68
CA GLN A 2587 -49.70 29.15 2.75
C GLN A 2587 -48.70 28.03 2.51
N GLU A 2588 -47.48 28.23 3.00
CA GLU A 2588 -46.42 27.26 2.78
C GLU A 2588 -46.76 25.92 3.42
N TYR A 2589 -46.51 24.85 2.67
CA TYR A 2589 -46.76 23.48 3.13
C TYR A 2589 -45.44 22.92 3.63
N THR A 2590 -45.22 22.99 4.94
CA THR A 2590 -43.98 22.50 5.52
C THR A 2590 -43.89 20.97 5.41
N ILE A 2591 -42.69 20.50 5.09
CA ILE A 2591 -42.43 19.07 4.91
C ILE A 2591 -41.28 18.68 5.83
N ASP A 2592 -41.48 17.62 6.61
CA ASP A 2592 -40.42 17.13 7.47
C ASP A 2592 -39.34 16.43 6.65
N SER A 2593 -38.13 16.39 7.19
CA SER A 2593 -36.99 15.75 6.56
C SER A 2593 -36.46 14.61 7.42
N ASP A 2594 -37.37 13.83 7.99
CA ASP A 2594 -37.01 12.73 8.87
C ASP A 2594 -36.78 11.45 8.07
N TRP A 2595 -35.67 10.78 8.35
CA TRP A 2595 -35.38 9.51 7.70
C TRP A 2595 -36.39 8.45 8.09
N ARG A 2596 -36.82 7.65 7.11
CA ARG A 2596 -37.77 6.58 7.36
C ARG A 2596 -37.31 5.29 6.70
N ALA A 2767 -29.40 11.85 3.19
CA ALA A 2767 -30.83 11.53 3.06
C ALA A 2767 -31.68 12.78 3.26
N GLN A 2768 -31.07 13.82 3.81
CA GLN A 2768 -31.80 15.06 4.03
C GLN A 2768 -32.18 15.72 2.71
N VAL A 2769 -33.41 16.21 2.64
CA VAL A 2769 -33.94 16.77 1.41
C VAL A 2769 -33.50 18.22 1.26
N VAL A 2770 -32.96 18.56 0.09
CA VAL A 2770 -32.55 19.93 -0.21
C VAL A 2770 -33.74 20.58 -0.92
N LEU A 2771 -34.63 21.17 -0.14
CA LEU A 2771 -35.83 21.77 -0.69
C LEU A 2771 -35.50 23.06 -1.44
N TYR A 2772 -36.33 23.37 -2.44
CA TYR A 2772 -36.18 24.60 -3.22
C TYR A 2772 -37.45 25.42 -3.36
N ARG A 2773 -38.63 24.82 -3.26
CA ARG A 2773 -39.90 25.53 -3.37
C ARG A 2773 -40.59 25.58 -2.02
N SER A 2774 -40.98 26.78 -1.60
CA SER A 2774 -41.61 26.98 -0.30
C SER A 2774 -42.94 26.25 -0.16
N TYR A 2775 -43.55 25.80 -1.27
CA TYR A 2775 -44.76 24.98 -1.25
C TYR A 2775 -45.95 25.75 -0.68
N ARG A 2776 -46.16 26.97 -1.19
CA ARG A 2776 -47.35 27.71 -0.85
C ARG A 2776 -48.58 26.96 -1.35
N HIS A 2777 -49.36 26.41 -0.43
CA HIS A 2777 -50.43 25.48 -0.78
C HIS A 2777 -51.79 26.02 -0.34
N GLY A 2778 -52.83 25.46 -0.92
CA GLY A 2778 -54.19 25.82 -0.61
C GLY A 2778 -55.19 24.91 -1.29
N ASP A 2779 -56.34 25.46 -1.69
CA ASP A 2779 -57.32 24.68 -2.42
C ASP A 2779 -56.91 24.49 -3.88
N LEU A 2780 -56.09 25.39 -4.40
CA LEU A 2780 -55.66 25.38 -5.79
C LEU A 2780 -54.15 25.56 -5.84
N PRO A 2781 -53.51 25.19 -6.96
CA PRO A 2781 -52.08 25.45 -7.09
C PRO A 2781 -51.82 26.93 -7.34
N ASP A 2782 -50.98 27.52 -6.50
CA ASP A 2782 -50.62 28.93 -6.62
C ASP A 2782 -49.50 29.07 -7.64
N ILE A 2783 -49.86 29.41 -8.88
CA ILE A 2783 -48.93 29.38 -9.99
C ILE A 2783 -48.03 30.61 -10.01
N GLN A 2784 -48.07 31.43 -8.95
CA GLN A 2784 -47.25 32.61 -8.83
C GLN A 2784 -45.85 32.30 -8.31
N ILE A 2785 -45.39 31.06 -8.47
CA ILE A 2785 -44.06 30.68 -8.00
C ILE A 2785 -43.00 31.45 -8.79
N LYS A 2786 -41.83 31.62 -8.17
CA LYS A 2786 -40.76 32.37 -8.80
C LYS A 2786 -39.99 31.48 -9.77
N HIS A 2787 -39.22 32.13 -10.64
CA HIS A 2787 -38.36 31.38 -11.56
C HIS A 2787 -37.32 30.56 -10.81
N SER A 2788 -36.88 31.06 -9.66
CA SER A 2788 -35.84 30.36 -8.89
C SER A 2788 -36.30 28.98 -8.47
N SER A 2789 -37.55 28.87 -8.00
CA SER A 2789 -38.10 27.61 -7.54
C SER A 2789 -38.20 26.56 -8.65
N LEU A 2790 -38.11 26.98 -9.91
CA LEU A 2790 -38.07 26.05 -11.03
C LEU A 2790 -36.65 25.80 -11.53
N ILE A 2791 -35.80 26.84 -11.53
CA ILE A 2791 -34.44 26.69 -12.02
C ILE A 2791 -33.61 25.81 -11.07
N THR A 2792 -33.68 26.08 -9.77
CA THR A 2792 -32.82 25.39 -8.82
C THR A 2792 -33.00 23.86 -8.82
N PRO A 2793 -34.23 23.31 -8.74
CA PRO A 2793 -34.34 21.85 -8.80
C PRO A 2793 -33.88 21.28 -10.12
N LEU A 2794 -34.04 22.03 -11.22
CA LEU A 2794 -33.54 21.58 -12.51
C LEU A 2794 -32.03 21.44 -12.48
N GLN A 2795 -31.34 22.43 -11.91
CA GLN A 2795 -29.89 22.32 -11.78
C GLN A 2795 -29.50 21.17 -10.88
N ALA A 2796 -30.25 20.95 -9.80
CA ALA A 2796 -29.95 19.86 -8.89
C ALA A 2796 -30.05 18.51 -9.61
N VAL A 2797 -31.14 18.29 -10.34
CA VAL A 2797 -31.30 17.01 -11.02
C VAL A 2797 -30.32 16.87 -12.18
N ALA A 2798 -29.96 17.98 -12.83
CA ALA A 2798 -28.92 17.91 -13.84
C ALA A 2798 -27.59 17.47 -13.24
N GLN A 2799 -27.25 18.02 -12.07
CA GLN A 2799 -26.07 17.55 -11.34
C GLN A 2799 -26.19 16.09 -10.97
N ARG A 2800 -27.41 15.62 -10.67
CA ARG A 2800 -27.60 14.23 -10.31
C ARG A 2800 -27.57 13.31 -11.54
N ASP A 2801 -28.50 13.51 -12.46
CA ASP A 2801 -28.62 12.63 -13.62
C ASP A 2801 -27.83 13.21 -14.79
N PRO A 2802 -26.79 12.53 -15.29
CA PRO A 2802 -26.01 13.10 -16.40
C PRO A 2802 -26.80 13.37 -17.66
N ILE A 2803 -27.77 12.51 -18.01
CA ILE A 2803 -28.49 12.72 -19.26
C ILE A 2803 -29.43 13.91 -19.17
N ILE A 2804 -30.00 14.17 -18.00
CA ILE A 2804 -30.79 15.38 -17.80
C ILE A 2804 -29.91 16.60 -18.02
N ALA A 2805 -28.68 16.56 -17.50
CA ALA A 2805 -27.73 17.66 -17.72
C ALA A 2805 -27.42 17.81 -19.20
N LYS A 2806 -27.26 16.69 -19.91
CA LYS A 2806 -26.96 16.74 -21.33
C LYS A 2806 -28.11 17.40 -22.11
N GLN A 2807 -29.35 16.97 -21.83
CA GLN A 2807 -30.50 17.56 -22.50
C GLN A 2807 -30.63 19.05 -22.18
N LEU A 2808 -30.46 19.41 -20.90
CA LEU A 2808 -30.56 20.81 -20.52
C LEU A 2808 -29.48 21.65 -21.19
N PHE A 2809 -28.24 21.13 -21.23
CA PHE A 2809 -27.15 21.87 -21.86
C PHE A 2809 -27.39 22.04 -23.35
N SER A 2810 -27.89 21.00 -24.01
CA SER A 2810 -28.20 21.12 -25.44
C SER A 2810 -29.29 22.16 -25.68
N SER A 2811 -30.35 22.14 -24.86
CA SER A 2811 -31.42 23.11 -25.03
C SER A 2811 -30.92 24.53 -24.80
N LEU A 2812 -30.12 24.73 -23.76
CA LEU A 2812 -29.55 26.05 -23.49
C LEU A 2812 -28.63 26.48 -24.62
N PHE A 2813 -27.85 25.55 -25.17
CA PHE A 2813 -26.98 25.87 -26.29
C PHE A 2813 -27.79 26.35 -27.49
N SER A 2814 -28.87 25.64 -27.81
CA SER A 2814 -29.73 26.05 -28.92
C SER A 2814 -30.33 27.42 -28.66
N GLY A 2815 -30.84 27.65 -27.45
CA GLY A 2815 -31.43 28.93 -27.14
C GLY A 2815 -30.45 30.08 -27.21
N ILE A 2816 -29.23 29.85 -26.70
CA ILE A 2816 -28.21 30.88 -26.74
C ILE A 2816 -27.79 31.17 -28.18
N LEU A 2817 -27.72 30.13 -29.02
CA LEU A 2817 -27.41 30.36 -30.42
C LEU A 2817 -28.51 31.16 -31.10
N LYS A 2818 -29.77 30.88 -30.79
CA LYS A 2818 -30.86 31.69 -31.34
C LYS A 2818 -30.76 33.14 -30.88
N GLU A 2819 -30.47 33.36 -29.61
CA GLU A 2819 -30.31 34.72 -29.11
C GLU A 2819 -29.14 35.43 -29.79
N MET A 2820 -28.06 34.69 -30.05
CA MET A 2820 -26.94 35.25 -30.79
C MET A 2820 -27.37 35.64 -32.20
N ASP A 2821 -28.12 34.76 -32.89
CA ASP A 2821 -28.64 35.10 -34.20
C ASP A 2821 -29.58 36.29 -34.16
N LYS A 2822 -30.17 36.57 -33.00
CA LYS A 2822 -31.12 37.68 -32.91
C LYS A 2822 -30.44 39.02 -33.17
N PHE A 2823 -29.28 39.27 -32.58
CA PHE A 2823 -28.73 40.62 -32.60
C PHE A 2823 -27.21 40.65 -32.80
N LYS A 2824 -26.65 39.70 -33.53
CA LYS A 2824 -25.21 39.67 -33.80
C LYS A 2824 -24.95 39.76 -35.30
N THR A 2825 -23.80 40.32 -35.65
CA THR A 2825 -23.41 40.48 -37.04
C THR A 2825 -23.01 39.14 -37.66
N LEU A 2826 -23.12 39.06 -38.99
CA LEU A 2826 -22.85 37.81 -39.70
C LEU A 2826 -21.40 37.37 -39.52
N SER A 2827 -20.46 38.32 -39.58
CA SER A 2827 -19.06 37.98 -39.37
C SER A 2827 -18.83 37.44 -37.97
N GLU A 2828 -19.49 38.03 -36.98
CA GLU A 2828 -19.42 37.50 -35.61
C GLU A 2828 -19.98 36.09 -35.55
N LYS A 2829 -21.07 35.83 -36.28
CA LYS A 2829 -21.61 34.48 -36.35
C LYS A 2829 -20.60 33.51 -36.93
N ASN A 2830 -19.92 33.92 -38.00
CA ASN A 2830 -18.92 33.04 -38.62
C ASN A 2830 -17.77 32.76 -37.67
N ASN A 2831 -17.29 33.79 -36.96
CA ASN A 2831 -16.21 33.58 -36.00
C ASN A 2831 -16.64 32.66 -34.88
N ILE A 2832 -17.85 32.85 -34.37
CA ILE A 2832 -18.36 31.99 -33.29
C ILE A 2832 -18.47 30.55 -33.77
N THR A 2833 -19.00 30.34 -34.97
CA THR A 2833 -19.13 28.99 -35.50
C THR A 2833 -17.76 28.34 -35.69
N GLN A 2834 -16.78 29.10 -36.19
CA GLN A 2834 -15.45 28.55 -36.41
C GLN A 2834 -14.80 28.17 -35.08
N LYS A 2835 -14.89 29.05 -34.08
CA LYS A 2835 -14.27 28.74 -32.79
C LYS A 2835 -14.98 27.58 -32.10
N LEU A 2836 -16.30 27.49 -32.23
CA LEU A 2836 -17.01 26.33 -31.69
C LEU A 2836 -16.61 25.03 -32.40
N LEU A 2837 -16.43 25.09 -33.71
CA LEU A 2837 -15.98 23.92 -34.45
C LEU A 2837 -14.60 23.48 -33.99
N GLN A 2838 -13.69 24.43 -33.81
CA GLN A 2838 -12.36 24.10 -33.33
C GLN A 2838 -12.42 23.51 -31.92
N ASP A 2839 -13.27 24.08 -31.07
CA ASP A 2839 -13.41 23.57 -29.71
C ASP A 2839 -13.92 22.13 -29.71
N PHE A 2840 -14.96 21.85 -30.51
CA PHE A 2840 -15.48 20.49 -30.55
C PHE A 2840 -14.47 19.52 -31.14
N ASN A 2841 -13.71 19.96 -32.15
CA ASN A 2841 -12.67 19.10 -32.71
C ASN A 2841 -11.64 18.74 -31.65
N ARG A 2842 -11.16 19.73 -30.89
CA ARG A 2842 -10.18 19.42 -29.86
C ARG A 2842 -10.79 18.61 -28.72
N PHE A 2843 -12.10 18.76 -28.48
CA PHE A 2843 -12.76 17.92 -27.49
C PHE A 2843 -12.72 16.46 -27.92
N LEU A 2844 -13.06 16.20 -29.18
CA LEU A 2844 -13.01 14.83 -29.69
C LEU A 2844 -11.60 14.29 -29.73
N ASN A 2845 -10.61 15.15 -29.97
CA ASN A 2845 -9.23 14.69 -30.01
C ASN A 2845 -8.73 14.34 -28.60
N THR A 2846 -8.97 15.22 -27.63
CA THR A 2846 -8.34 15.06 -26.32
C THR A 2846 -9.04 14.04 -25.44
N THR A 2847 -10.30 13.71 -25.72
CA THR A 2847 -11.03 12.81 -24.84
C THR A 2847 -10.39 11.42 -24.84
N PHE A 2848 -10.34 10.81 -23.66
CA PHE A 2848 -9.74 9.49 -23.51
C PHE A 2848 -10.71 8.55 -22.81
N SER A 2849 -11.55 9.09 -21.93
CA SER A 2849 -12.60 8.31 -21.30
C SER A 2849 -13.77 8.04 -22.24
N PHE A 2850 -14.01 8.95 -23.19
CA PHE A 2850 -15.09 8.81 -24.17
C PHE A 2850 -16.44 8.66 -23.47
N PHE A 2851 -16.78 9.67 -22.66
CA PHE A 2851 -18.03 9.70 -21.92
C PHE A 2851 -19.20 9.69 -22.90
N PRO A 2852 -19.99 8.63 -22.90
CA PRO A 2852 -21.08 8.51 -23.89
C PRO A 2852 -22.03 9.69 -23.86
N PRO A 2853 -22.50 10.14 -22.67
CA PRO A 2853 -23.40 11.31 -22.69
C PRO A 2853 -22.74 12.55 -23.26
N PHE A 2854 -21.48 12.79 -22.96
CA PHE A 2854 -20.80 14.00 -23.42
C PHE A 2854 -20.61 13.98 -24.94
N VAL A 2855 -20.11 12.86 -25.46
CA VAL A 2855 -19.90 12.75 -26.91
C VAL A 2855 -21.23 12.84 -27.63
N SER A 2856 -22.26 12.16 -27.11
CA SER A 2856 -23.57 12.22 -27.73
C SER A 2856 -24.12 13.64 -27.71
N CYS A 2857 -23.92 14.37 -26.62
CA CYS A 2857 -24.37 15.76 -26.54
C CYS A 2857 -23.66 16.61 -27.59
N ILE A 2858 -22.35 16.43 -27.73
CA ILE A 2858 -21.60 17.21 -28.72
C ILE A 2858 -22.13 16.92 -30.12
N GLN A 2859 -22.32 15.63 -30.43
CA GLN A 2859 -22.78 15.26 -31.77
C GLN A 2859 -24.18 15.80 -32.06
N ASP A 2860 -25.10 15.64 -31.11
CA ASP A 2860 -26.47 16.11 -31.37
C ASP A 2860 -26.53 17.62 -31.46
N ILE A 2861 -25.76 18.34 -30.64
CA ILE A 2861 -25.69 19.79 -30.75
C ILE A 2861 -25.16 20.18 -32.12
N SER A 2862 -24.14 19.48 -32.60
CA SER A 2862 -23.64 19.75 -33.94
C SER A 2862 -24.69 19.43 -35.00
N CYS A 2863 -25.59 18.49 -34.72
CA CYS A 2863 -26.56 18.06 -35.72
C CYS A 2863 -27.50 19.16 -36.19
N GLN A 2864 -27.82 20.13 -35.33
CA GLN A 2864 -28.86 21.10 -35.64
C GLN A 2864 -28.36 22.37 -36.31
N HIS A 2865 -27.07 22.44 -36.64
CA HIS A 2865 -26.51 23.65 -37.24
C HIS A 2865 -25.61 23.28 -38.40
N ALA A 2866 -25.81 23.94 -39.54
CA ALA A 2866 -25.07 23.61 -40.76
C ALA A 2866 -23.58 23.84 -40.58
N ALA A 2867 -23.20 24.94 -39.93
CA ALA A 2867 -21.78 25.22 -39.71
C ALA A 2867 -21.14 24.14 -38.85
N LEU A 2868 -21.85 23.67 -37.82
CA LEU A 2868 -21.31 22.63 -36.95
C LEU A 2868 -21.16 21.28 -37.64
N LEU A 2869 -21.74 21.11 -38.82
CA LEU A 2869 -21.60 19.85 -39.57
C LEU A 2869 -20.20 19.66 -40.13
N SER A 2870 -19.33 20.67 -40.04
CA SER A 2870 -17.97 20.60 -40.57
C SER A 2870 -17.01 19.93 -39.61
N LEU A 2871 -17.50 19.13 -38.67
CA LEU A 2871 -16.62 18.46 -37.72
C LEU A 2871 -15.79 17.38 -38.43
N ASP A 2872 -14.73 16.96 -37.76
CA ASP A 2872 -13.83 15.96 -38.32
C ASP A 2872 -14.54 14.61 -38.39
N PRO A 2873 -14.72 14.03 -39.58
CA PRO A 2873 -15.36 12.70 -39.64
C PRO A 2873 -14.58 11.63 -38.90
N ALA A 2874 -13.25 11.66 -38.97
CA ALA A 2874 -12.45 10.65 -38.29
C ALA A 2874 -12.61 10.75 -36.77
N ALA A 2875 -12.59 11.98 -36.24
CA ALA A 2875 -12.70 12.16 -34.80
C ALA A 2875 -14.06 11.70 -34.29
N VAL A 2876 -15.12 12.08 -34.98
CA VAL A 2876 -16.45 11.69 -34.52
C VAL A 2876 -16.65 10.18 -34.67
N SER A 2877 -16.12 9.59 -35.73
CA SER A 2877 -16.21 8.14 -35.89
C SER A 2877 -15.47 7.42 -34.77
N ALA A 2878 -14.26 7.89 -34.43
CA ALA A 2878 -13.51 7.27 -33.36
C ALA A 2878 -14.22 7.42 -32.02
N GLY A 2879 -14.79 8.59 -31.77
CA GLY A 2879 -15.54 8.78 -30.54
C GLY A 2879 -16.76 7.88 -30.45
N CYS A 2880 -17.50 7.75 -31.55
CA CYS A 2880 -18.65 6.86 -31.56
C CYS A 2880 -18.22 5.41 -31.32
N LEU A 2881 -17.15 4.98 -31.98
CA LEU A 2881 -16.68 3.62 -31.79
C LEU A 2881 -16.24 3.36 -30.35
N ALA A 2882 -15.53 4.30 -29.76
CA ALA A 2882 -15.05 4.14 -28.39
C ALA A 2882 -16.14 4.35 -27.35
N SER A 2883 -17.28 4.93 -27.73
CA SER A 2883 -18.37 5.18 -26.78
C SER A 2883 -19.64 4.44 -27.14
N LEU A 2884 -19.62 3.60 -28.18
CA LEU A 2884 -20.79 2.86 -28.65
C LEU A 2884 -21.96 3.78 -29.01
N GLN A 2885 -21.66 5.03 -29.35
CA GLN A 2885 -22.65 5.99 -29.80
C GLN A 2885 -22.74 6.08 -31.32
N GLN A 2886 -22.50 4.96 -32.01
CA GLN A 2886 -22.46 4.94 -33.48
C GLN A 2886 -23.67 5.60 -34.15
N PRO A 2887 -24.92 5.31 -33.78
CA PRO A 2887 -26.04 5.91 -34.53
C PRO A 2887 -26.14 7.42 -34.43
N VAL A 2888 -25.70 8.01 -33.33
CA VAL A 2888 -25.68 9.47 -33.24
C VAL A 2888 -24.73 10.04 -34.29
N GLY A 2889 -23.54 9.46 -34.41
CA GLY A 2889 -22.65 9.83 -35.48
C GLY A 2889 -23.22 9.54 -36.85
N ILE A 2890 -24.03 8.48 -36.96
CA ILE A 2890 -24.70 8.19 -38.22
C ILE A 2890 -25.60 9.35 -38.62
N ARG A 2891 -26.42 9.83 -37.68
CA ARG A 2891 -27.31 10.95 -37.97
C ARG A 2891 -26.51 12.21 -38.30
N LEU A 2892 -25.46 12.49 -37.50
CA LEU A 2892 -24.66 13.70 -37.74
C LEU A 2892 -23.99 13.65 -39.12
N LEU A 2893 -23.42 12.51 -39.47
CA LEU A 2893 -22.73 12.39 -40.75
C LEU A 2893 -23.74 12.37 -41.91
N GLU A 2894 -24.95 11.87 -41.68
CA GLU A 2894 -26.00 11.99 -42.68
C GLU A 2894 -26.33 13.46 -42.94
N GLU A 2895 -26.45 14.25 -41.87
CA GLU A 2895 -26.64 15.69 -42.05
C GLU A 2895 -25.48 16.31 -42.82
N ALA A 2896 -24.25 15.85 -42.53
CA ALA A 2896 -23.09 16.35 -43.27
C ALA A 2896 -23.19 15.99 -44.75
N LEU A 2897 -23.60 14.76 -45.07
CA LEU A 2897 -23.65 14.32 -46.46
C LEU A 2897 -24.75 15.03 -47.24
N LEU A 2898 -25.92 15.25 -46.62
CA LEU A 2898 -27.00 15.89 -47.35
C LEU A 2898 -26.71 17.34 -47.69
N ARG A 2899 -25.65 17.92 -47.12
CA ARG A 2899 -25.23 19.27 -47.46
C ARG A 2899 -24.91 19.39 -48.95
N PRO A 2918 -12.41 14.07 -47.99
CA PRO A 2918 -13.56 14.98 -48.06
C PRO A 2918 -14.88 14.23 -47.99
N ASP A 2919 -15.70 14.35 -49.05
CA ASP A 2919 -16.96 13.62 -49.09
C ASP A 2919 -16.72 12.12 -49.07
N VAL A 2920 -15.70 11.64 -49.78
CA VAL A 2920 -15.37 10.22 -49.75
C VAL A 2920 -14.89 9.81 -48.38
N LEU A 2921 -14.17 10.68 -47.67
CA LEU A 2921 -13.79 10.38 -46.29
C LEU A 2921 -15.02 10.23 -45.40
N ARG A 2922 -16.00 11.10 -45.58
CA ARG A 2922 -17.25 10.96 -44.82
C ARG A 2922 -17.97 9.67 -45.19
N TRP A 2923 -17.95 9.30 -46.47
CA TRP A 2923 -18.58 8.06 -46.89
C TRP A 2923 -17.92 6.86 -46.23
N VAL A 2924 -16.59 6.83 -46.18
CA VAL A 2924 -15.92 5.70 -45.56
C VAL A 2924 -16.09 5.70 -44.05
N GLU A 2925 -16.21 6.87 -43.43
CA GLU A 2925 -16.52 6.90 -42.01
C GLU A 2925 -17.92 6.34 -41.74
N LEU A 2926 -18.89 6.70 -42.59
CA LEU A 2926 -20.23 6.13 -42.46
C LEU A 2926 -20.20 4.62 -42.66
N ALA A 2927 -19.39 4.16 -43.62
CA ALA A 2927 -19.24 2.72 -43.84
C ALA A 2927 -18.65 2.03 -42.62
N LYS A 2928 -17.64 2.64 -41.99
CA LYS A 2928 -17.07 2.08 -40.78
C LYS A 2928 -18.10 1.99 -39.67
N LEU A 2929 -18.90 3.04 -39.49
CA LEU A 2929 -19.93 3.02 -38.46
C LEU A 2929 -20.97 1.95 -38.73
N TYR A 2930 -21.43 1.85 -39.98
CA TYR A 2930 -22.42 0.82 -40.30
C TYR A 2930 -21.84 -0.58 -40.12
N ARG A 2931 -20.59 -0.78 -40.50
CA ARG A 2931 -19.93 -2.06 -40.27
C ARG A 2931 -19.87 -2.38 -38.79
N SER A 2932 -19.58 -1.38 -37.96
CA SER A 2932 -19.60 -1.59 -36.52
C SER A 2932 -20.99 -1.99 -36.04
N ILE A 2933 -22.03 -1.32 -36.53
CA ILE A 2933 -23.38 -1.70 -36.15
C ILE A 2933 -23.77 -3.04 -36.79
N GLY A 2934 -23.40 -3.27 -38.05
CA GLY A 2934 -23.57 -4.56 -38.68
C GLY A 2934 -24.49 -4.62 -39.88
N GLU A 2935 -25.06 -3.48 -40.31
CA GLU A 2935 -25.93 -3.48 -41.50
C GLU A 2935 -25.05 -3.57 -42.74
N TYR A 2936 -24.66 -4.81 -43.07
CA TYR A 2936 -23.84 -5.04 -44.25
C TYR A 2936 -24.54 -4.68 -45.54
N ASP A 2937 -25.88 -4.68 -45.55
CA ASP A 2937 -26.62 -4.30 -46.75
C ASP A 2937 -26.36 -2.84 -47.10
N VAL A 2938 -26.49 -1.96 -46.11
CA VAL A 2938 -26.17 -0.55 -46.32
C VAL A 2938 -24.71 -0.38 -46.69
N LEU A 2939 -23.84 -1.20 -46.09
CA LEU A 2939 -22.42 -1.15 -46.43
C LEU A 2939 -22.19 -1.41 -47.91
N ARG A 2940 -22.75 -2.50 -48.43
CA ARG A 2940 -22.59 -2.84 -49.83
C ARG A 2940 -23.23 -1.79 -50.73
N GLY A 2941 -24.41 -1.30 -50.36
CA GLY A 2941 -25.05 -0.27 -51.16
C GLY A 2941 -24.22 0.99 -51.25
N ILE A 2942 -23.66 1.45 -50.13
CA ILE A 2942 -22.82 2.64 -50.13
C ILE A 2942 -21.58 2.41 -50.98
N PHE A 2943 -20.94 1.26 -50.79
CA PHE A 2943 -19.68 1.00 -51.50
C PHE A 2943 -19.91 0.87 -53.00
N THR A 2944 -21.03 0.28 -53.42
CA THR A 2944 -21.33 0.18 -54.84
C THR A 2944 -21.94 1.45 -55.42
N SER A 2945 -22.38 2.39 -54.57
CA SER A 2945 -23.03 3.60 -55.07
C SER A 2945 -22.21 4.87 -54.89
N GLU A 2946 -21.28 4.91 -53.93
CA GLU A 2946 -20.53 6.12 -53.63
C GLU A 2946 -19.11 6.09 -54.17
N ILE A 2947 -18.32 5.08 -53.81
CA ILE A 2947 -16.96 4.95 -54.31
C ILE A 2947 -16.83 3.81 -55.32
N GLY A 2948 -17.96 3.27 -55.79
CA GLY A 2948 -17.91 2.21 -56.77
C GLY A 2948 -17.61 2.74 -58.16
N THR A 2949 -16.40 2.49 -58.64
CA THR A 2949 -15.95 2.94 -59.95
C THR A 2949 -15.55 1.80 -60.86
N LYS A 2950 -14.88 0.78 -60.34
CA LYS A 2950 -14.42 -0.34 -61.14
C LYS A 2950 -15.47 -1.45 -61.10
N GLN A 2951 -15.81 -1.97 -62.28
CA GLN A 2951 -16.84 -3.00 -62.37
C GLN A 2951 -16.46 -4.25 -61.59
N ILE A 2952 -15.17 -4.50 -61.42
CA ILE A 2952 -14.73 -5.64 -60.62
C ILE A 2952 -15.20 -5.51 -59.18
N THR A 2953 -15.23 -4.29 -58.65
CA THR A 2953 -15.75 -4.08 -57.30
C THR A 2953 -17.22 -4.46 -57.21
N GLN A 2954 -18.02 -4.05 -58.20
CA GLN A 2954 -19.43 -4.42 -58.19
C GLN A 2954 -19.61 -5.93 -58.30
N SER A 2955 -18.83 -6.58 -59.17
CA SER A 2955 -18.94 -8.03 -59.31
C SER A 2955 -18.57 -8.74 -58.00
N ALA A 2956 -17.51 -8.27 -57.34
CA ALA A 2956 -17.12 -8.88 -56.07
C ALA A 2956 -18.14 -8.61 -54.97
N LEU A 2957 -18.78 -7.44 -54.97
CA LEU A 2957 -19.84 -7.18 -54.02
C LEU A 2957 -21.04 -8.10 -54.27
N LEU A 2958 -21.38 -8.32 -55.54
CA LEU A 2958 -22.44 -9.27 -55.86
C LEU A 2958 -22.07 -10.68 -55.39
N ALA A 2959 -20.82 -11.07 -55.56
CA ALA A 2959 -20.37 -12.37 -55.08
C ALA A 2959 -20.49 -12.46 -53.56
N GLU A 2960 -20.08 -11.40 -52.85
CA GLU A 2960 -20.20 -11.40 -51.39
C GLU A 2960 -21.67 -11.50 -50.97
N ALA A 2961 -22.56 -10.83 -51.70
CA ALA A 2961 -23.98 -10.98 -51.44
C ALA A 2961 -24.43 -12.42 -51.68
N ARG A 2962 -23.91 -13.06 -52.72
CA ARG A 2962 -24.23 -14.46 -53.01
C ARG A 2962 -23.53 -15.42 -52.05
N SER A 2963 -22.67 -14.91 -51.17
CA SER A 2963 -22.00 -15.65 -50.10
C SER A 2963 -20.93 -16.60 -50.60
N ASP A 2964 -20.61 -16.61 -51.89
CA ASP A 2964 -19.44 -17.33 -52.38
C ASP A 2964 -18.24 -16.38 -52.28
N TYR A 2965 -17.75 -16.24 -51.05
CA TYR A 2965 -16.71 -15.25 -50.76
C TYR A 2965 -15.39 -15.57 -51.43
N SER A 2966 -15.19 -16.80 -51.90
CA SER A 2966 -13.95 -17.12 -52.61
C SER A 2966 -13.80 -16.30 -53.87
N GLU A 2967 -14.87 -16.15 -54.64
CA GLU A 2967 -14.82 -15.35 -55.86
C GLU A 2967 -14.55 -13.89 -55.55
N ALA A 2968 -15.21 -13.36 -54.52
CA ALA A 2968 -14.98 -11.97 -54.13
C ALA A 2968 -13.54 -11.74 -53.70
N ALA A 2969 -13.00 -12.67 -52.91
CA ALA A 2969 -11.60 -12.56 -52.50
C ALA A 2969 -10.66 -12.62 -53.69
N LYS A 2970 -10.94 -13.52 -54.63
CA LYS A 2970 -10.11 -13.63 -55.83
C LYS A 2970 -10.13 -12.33 -56.63
N GLN A 2971 -11.32 -11.79 -56.85
CA GLN A 2971 -11.43 -10.54 -57.61
C GLN A 2971 -10.74 -9.39 -56.90
N TYR A 2972 -10.90 -9.30 -55.58
CA TYR A 2972 -10.28 -8.20 -54.84
C TYR A 2972 -8.76 -8.32 -54.84
N ASP A 2973 -8.23 -9.53 -54.67
CA ASP A 2973 -6.79 -9.71 -54.76
C ASP A 2973 -6.26 -9.39 -56.14
N GLU A 2974 -7.00 -9.79 -57.19
CA GLU A 2974 -6.60 -9.46 -58.55
C GLU A 2974 -6.57 -7.95 -58.76
N ALA A 2975 -7.61 -7.26 -58.29
CA ALA A 2975 -7.67 -5.80 -58.44
C ALA A 2975 -6.54 -5.12 -57.67
N LEU A 2976 -6.26 -5.59 -56.45
CA LEU A 2976 -5.16 -5.02 -55.68
C LEU A 2976 -3.82 -5.23 -56.39
N ASN A 2977 -3.60 -6.42 -56.93
CA ASN A 2977 -2.40 -6.68 -57.71
C ASN A 2977 -2.45 -6.09 -59.11
N LYS A 2978 -3.65 -5.72 -59.58
CA LYS A 2978 -3.78 -5.08 -60.88
C LYS A 2978 -3.20 -3.68 -60.82
N GLN A 2979 -2.03 -3.48 -61.41
CA GLN A 2979 -1.33 -2.21 -61.33
C GLN A 2979 -1.67 -1.26 -62.47
N ASP A 2980 -2.61 -1.64 -63.34
CA ASP A 2980 -3.01 -0.79 -64.46
C ASP A 2980 -4.52 -0.77 -64.60
N TRP A 2981 -5.05 0.39 -64.98
CA TRP A 2981 -6.48 0.56 -65.20
C TRP A 2981 -6.68 1.56 -66.32
N VAL A 2982 -7.86 1.48 -66.96
CA VAL A 2982 -8.24 2.51 -67.91
C VAL A 2982 -8.51 3.82 -67.18
N ASP A 2983 -9.00 3.75 -65.94
CA ASP A 2983 -9.20 4.91 -65.09
C ASP A 2983 -8.02 5.16 -64.17
N GLY A 2984 -6.96 4.36 -64.27
CA GLY A 2984 -5.84 4.47 -63.36
C GLY A 2984 -6.18 3.91 -61.99
N GLU A 2985 -5.24 4.05 -61.08
CA GLU A 2985 -5.45 3.58 -59.71
C GLU A 2985 -6.54 4.40 -59.05
N PRO A 2986 -7.57 3.77 -58.48
CA PRO A 2986 -8.63 4.53 -57.83
C PRO A 2986 -8.17 5.10 -56.49
N THR A 2987 -9.10 5.71 -55.75
CA THR A 2987 -8.75 6.30 -54.46
C THR A 2987 -8.27 5.22 -53.50
N GLU A 2988 -7.36 5.63 -52.61
CA GLU A 2988 -6.84 4.69 -51.62
C GLU A 2988 -7.95 4.12 -50.74
N ALA A 2989 -9.05 4.87 -50.59
CA ALA A 2989 -10.20 4.34 -49.85
C ALA A 2989 -10.74 3.08 -50.51
N GLU A 2990 -10.88 3.09 -51.84
CA GLU A 2990 -11.34 1.91 -52.54
C GLU A 2990 -10.34 0.76 -52.41
N LYS A 2991 -9.04 1.08 -52.43
CA LYS A 2991 -8.02 0.05 -52.28
C LYS A 2991 -8.11 -0.63 -50.92
N ASP A 2992 -8.22 0.17 -49.84
CA ASP A 2992 -8.32 -0.44 -48.52
C ASP A 2992 -9.66 -1.13 -48.33
N PHE A 2993 -10.72 -0.66 -49.00
CA PHE A 2993 -11.96 -1.43 -49.01
C PHE A 2993 -11.77 -2.79 -49.65
N TRP A 2994 -11.07 -2.85 -50.78
CA TRP A 2994 -10.80 -4.14 -51.41
C TRP A 2994 -10.01 -5.04 -50.48
N GLU A 2995 -9.00 -4.48 -49.82
CA GLU A 2995 -8.20 -5.25 -48.88
C GLU A 2995 -9.06 -5.79 -47.73
N LEU A 2996 -9.87 -4.92 -47.13
CA LEU A 2996 -10.69 -5.33 -45.99
C LEU A 2996 -11.73 -6.36 -46.39
N ALA A 2997 -12.32 -6.20 -47.58
CA ALA A 2997 -13.29 -7.18 -48.06
C ALA A 2997 -12.63 -8.52 -48.33
N SER A 2998 -11.41 -8.51 -48.87
CA SER A 2998 -10.67 -9.77 -49.03
C SER A 2998 -10.39 -10.39 -47.67
N LEU A 2999 -10.05 -9.58 -46.68
CA LEU A 2999 -9.85 -10.09 -45.32
C LEU A 2999 -11.12 -10.73 -44.78
N ASP A 3000 -12.26 -10.08 -45.00
CA ASP A 3000 -13.54 -10.63 -44.55
C ASP A 3000 -13.85 -11.95 -45.25
N CYS A 3001 -13.60 -12.01 -46.55
CA CYS A 3001 -13.84 -13.26 -47.29
C CYS A 3001 -12.94 -14.38 -46.78
N TYR A 3002 -11.67 -14.07 -46.50
CA TYR A 3002 -10.77 -15.08 -45.95
C TYR A 3002 -11.23 -15.53 -44.57
N ASN A 3003 -11.70 -14.59 -43.74
CA ASN A 3003 -12.24 -14.95 -42.44
C ASN A 3003 -13.47 -15.83 -42.59
N HIS A 3004 -14.24 -15.63 -43.65
CA HIS A 3004 -15.39 -16.51 -43.92
C HIS A 3004 -14.93 -17.94 -44.19
N LEU A 3005 -13.85 -18.11 -44.93
CA LEU A 3005 -13.32 -19.42 -45.23
C LEU A 3005 -12.32 -19.85 -44.16
N ALA A 3006 -11.70 -21.01 -44.37
CA ALA A 3006 -10.71 -21.56 -43.44
C ALA A 3006 -9.28 -21.32 -43.89
N GLU A 3007 -9.07 -20.48 -44.91
CA GLU A 3007 -7.73 -20.20 -45.42
C GLU A 3007 -7.03 -19.14 -44.55
N TRP A 3008 -6.78 -19.54 -43.30
CA TRP A 3008 -6.06 -18.66 -42.38
C TRP A 3008 -4.62 -18.42 -42.83
N LYS A 3009 -4.01 -19.41 -43.49
CA LYS A 3009 -2.70 -19.18 -44.08
C LYS A 3009 -2.75 -18.11 -45.15
N SER A 3010 -3.81 -18.12 -45.98
CA SER A 3010 -4.01 -17.05 -46.94
C SER A 3010 -4.28 -15.73 -46.23
N LEU A 3011 -4.98 -15.76 -45.10
CA LEU A 3011 -5.21 -14.55 -44.33
C LEU A 3011 -3.88 -13.94 -43.88
N GLU A 3012 -2.97 -14.78 -43.36
CA GLU A 3012 -1.64 -14.28 -43.00
C GLU A 3012 -0.91 -13.74 -44.21
N TYR A 3013 -0.95 -14.48 -45.32
CA TYR A 3013 -0.21 -14.08 -46.51
C TYR A 3013 -0.68 -12.73 -47.03
N CYS A 3014 -1.98 -12.49 -47.02
CA CYS A 3014 -2.52 -11.23 -47.53
C CYS A 3014 -2.33 -10.09 -46.53
N SER A 3015 -2.78 -10.29 -45.29
CA SER A 3015 -2.76 -9.22 -44.30
C SER A 3015 -1.36 -8.88 -43.82
N THR A 3016 -0.36 -9.72 -44.08
CA THR A 3016 1.00 -9.45 -43.63
C THR A 3016 1.96 -9.17 -44.78
N ALA A 3017 1.83 -9.85 -45.90
CA ALA A 3017 2.74 -9.71 -47.03
C ALA A 3017 2.11 -8.97 -48.20
N SER A 3018 0.91 -9.36 -48.63
CA SER A 3018 0.27 -8.73 -49.77
C SER A 3018 -0.20 -7.31 -49.49
N ILE A 3019 -0.16 -6.87 -48.23
CA ILE A 3019 -0.52 -5.50 -47.87
C ILE A 3019 0.49 -4.54 -48.47
N ASP A 3020 0.17 -3.24 -48.43
CA ASP A 3020 1.08 -2.23 -48.92
C ASP A 3020 2.42 -2.32 -48.20
N SER A 3021 3.50 -2.08 -48.94
CA SER A 3021 4.85 -2.28 -48.43
C SER A 3021 5.27 -1.14 -47.49
N GLU A 3022 4.44 -0.91 -46.48
CA GLU A 3022 4.74 0.01 -45.40
C GLU A 3022 5.43 -0.68 -44.23
N ASN A 3023 5.53 -2.00 -44.26
CA ASN A 3023 6.07 -2.78 -43.15
C ASN A 3023 6.69 -4.05 -43.71
N PRO A 3024 7.72 -4.58 -43.04
CA PRO A 3024 8.35 -5.82 -43.53
C PRO A 3024 7.44 -7.01 -43.34
N PRO A 3025 7.70 -8.12 -44.05
CA PRO A 3025 6.82 -9.29 -43.92
C PRO A 3025 6.70 -9.82 -42.50
N ASP A 3026 7.80 -9.80 -41.74
CA ASP A 3026 7.76 -10.31 -40.37
C ASP A 3026 7.09 -9.28 -39.46
N LEU A 3027 6.31 -9.77 -38.50
CA LEU A 3027 5.58 -8.89 -37.61
C LEU A 3027 6.51 -8.17 -36.65
N ASN A 3028 6.22 -6.91 -36.37
CA ASN A 3028 6.97 -6.10 -35.42
C ASN A 3028 5.99 -5.15 -34.72
N LYS A 3029 6.54 -4.24 -33.92
CA LYS A 3029 5.73 -3.22 -33.26
C LYS A 3029 5.22 -2.17 -34.23
N ILE A 3030 5.70 -2.17 -35.48
CA ILE A 3030 5.27 -1.18 -36.46
C ILE A 3030 3.79 -1.31 -36.79
N TRP A 3031 3.16 -2.42 -36.41
CA TRP A 3031 1.75 -2.62 -36.67
C TRP A 3031 0.85 -1.88 -35.68
N SER A 3032 1.42 -1.41 -34.57
CA SER A 3032 0.61 -0.81 -33.51
C SER A 3032 0.18 0.61 -33.86
N GLU A 3033 1.03 1.36 -34.58
CA GLU A 3033 0.77 2.77 -34.80
C GLU A 3033 -0.32 3.03 -35.84
N PRO A 3034 -0.27 2.46 -37.04
CA PRO A 3034 -1.29 2.78 -38.04
C PRO A 3034 -2.65 2.26 -37.61
N PHE A 3035 -3.65 3.14 -37.63
CA PHE A 3035 -4.99 2.78 -37.18
C PHE A 3035 -5.61 1.71 -38.08
N TYR A 3036 -5.39 1.80 -39.40
CA TYR A 3036 -5.84 0.74 -40.28
C TYR A 3036 -5.14 -0.58 -39.94
N GLN A 3037 -3.85 -0.51 -39.62
CA GLN A 3037 -3.16 -1.71 -39.15
C GLN A 3037 -3.71 -2.17 -37.81
N GLU A 3038 -4.15 -1.25 -36.95
CA GLU A 3038 -4.80 -1.65 -35.70
C GLU A 3038 -6.07 -2.44 -35.98
N THR A 3039 -6.88 -1.98 -36.93
CA THR A 3039 -8.07 -2.73 -37.31
C THR A 3039 -7.72 -4.05 -37.98
N TYR A 3040 -6.56 -4.11 -38.65
CA TYR A 3040 -6.11 -5.37 -39.23
C TYR A 3040 -5.67 -6.36 -38.16
N LEU A 3041 -5.15 -5.87 -37.03
CA LEU A 3041 -4.57 -6.72 -36.00
C LEU A 3041 -5.45 -7.89 -35.58
N PRO A 3042 -6.76 -7.72 -35.32
CA PRO A 3042 -7.58 -8.89 -34.98
C PRO A 3042 -7.58 -9.96 -36.06
N TYR A 3043 -7.48 -9.58 -37.33
CA TYR A 3043 -7.40 -10.57 -38.39
C TYR A 3043 -6.15 -11.42 -38.25
N MET A 3044 -4.99 -10.80 -38.05
CA MET A 3044 -3.77 -11.57 -37.89
C MET A 3044 -3.84 -12.45 -36.64
N ILE A 3045 -4.34 -11.91 -35.53
CA ILE A 3045 -4.39 -12.71 -34.31
C ILE A 3045 -5.33 -13.91 -34.48
N ARG A 3046 -6.49 -13.69 -35.10
CA ARG A 3046 -7.43 -14.77 -35.32
C ARG A 3046 -6.84 -15.84 -36.22
N SER A 3047 -6.22 -15.43 -37.32
CA SER A 3047 -5.63 -16.41 -38.23
C SER A 3047 -4.50 -17.18 -37.57
N LYS A 3048 -3.66 -16.49 -36.81
CA LYS A 3048 -2.55 -17.16 -36.13
C LYS A 3048 -3.07 -18.16 -35.11
N LEU A 3049 -4.09 -17.78 -34.33
CA LEU A 3049 -4.65 -18.71 -33.35
C LEU A 3049 -5.30 -19.90 -34.03
N LYS A 3050 -5.99 -19.67 -35.16
CA LYS A 3050 -6.58 -20.78 -35.90
C LYS A 3050 -5.51 -21.75 -36.37
N LEU A 3051 -4.42 -21.23 -36.93
CA LEU A 3051 -3.35 -22.11 -37.39
C LEU A 3051 -2.70 -22.85 -36.23
N LEU A 3052 -2.49 -22.17 -35.11
CA LEU A 3052 -1.86 -22.81 -33.96
C LEU A 3052 -2.72 -23.93 -33.40
N LEU A 3053 -4.03 -23.70 -33.29
CA LEU A 3053 -4.91 -24.72 -32.72
C LEU A 3053 -5.36 -25.75 -33.74
N GLN A 3054 -5.00 -25.60 -35.01
CA GLN A 3054 -5.36 -26.58 -36.03
C GLN A 3054 -4.24 -27.62 -36.18
N GLN A 3059 5.91 -20.36 -34.29
CA GLN A 3059 5.37 -19.48 -33.25
C GLN A 3059 5.95 -18.07 -33.38
N SER A 3060 5.08 -17.12 -33.73
CA SER A 3060 5.48 -15.72 -33.85
C SER A 3060 4.52 -14.81 -33.08
N LEU A 3061 3.29 -15.27 -32.90
CA LEU A 3061 2.28 -14.44 -32.24
C LEU A 3061 2.66 -14.15 -30.79
N LEU A 3062 3.11 -15.17 -30.05
CA LEU A 3062 3.41 -15.00 -28.64
C LEU A 3062 4.48 -13.94 -28.41
N THR A 3063 5.40 -13.78 -29.36
CA THR A 3063 6.41 -12.74 -29.23
C THR A 3063 5.78 -11.36 -29.17
N PHE A 3064 4.90 -11.05 -30.14
CA PHE A 3064 4.21 -9.76 -30.11
C PHE A 3064 3.25 -9.67 -28.93
N ILE A 3065 2.74 -10.80 -28.46
CA ILE A 3065 1.84 -10.77 -27.30
C ILE A 3065 2.60 -10.33 -26.06
N ASP A 3066 3.76 -10.93 -25.80
CA ASP A 3066 4.55 -10.53 -24.64
C ASP A 3066 5.12 -9.13 -24.82
N LYS A 3067 5.45 -8.75 -26.06
CA LYS A 3067 5.87 -7.38 -26.32
C LYS A 3067 4.76 -6.38 -26.01
N ALA A 3068 3.52 -6.76 -26.31
CA ALA A 3068 2.38 -5.90 -25.98
C ALA A 3068 2.14 -5.83 -24.47
N MET A 3069 2.50 -6.89 -23.74
CA MET A 3069 2.40 -6.85 -22.30
C MET A 3069 3.31 -5.80 -21.68
N HIS A 3070 4.41 -5.45 -22.36
CA HIS A 3070 5.28 -4.38 -21.94
C HIS A 3070 4.85 -3.10 -22.65
N GLY A 3071 4.48 -2.09 -21.87
CA GLY A 3071 3.84 -0.91 -22.43
C GLY A 3071 2.33 -1.01 -22.26
N GLU A 3072 1.79 -0.21 -21.34
CA GLU A 3072 0.40 -0.39 -20.92
C GLU A 3072 -0.59 -0.07 -22.02
N LEU A 3073 -0.20 0.72 -23.03
CA LEU A 3073 -1.11 1.00 -24.14
C LEU A 3073 -1.45 -0.28 -24.90
N GLN A 3074 -0.42 -1.02 -25.32
CA GLN A 3074 -0.64 -2.26 -26.06
C GLN A 3074 -1.36 -3.30 -25.21
N LYS A 3075 -0.96 -3.44 -23.94
CA LYS A 3075 -1.61 -4.40 -23.07
C LYS A 3075 -3.08 -4.06 -22.86
N ALA A 3076 -3.38 -2.77 -22.66
CA ALA A 3076 -4.76 -2.35 -22.50
C ALA A 3076 -5.58 -2.62 -23.76
N ILE A 3077 -5.01 -2.32 -24.93
CA ILE A 3077 -5.72 -2.57 -26.17
C ILE A 3077 -6.02 -4.06 -26.33
N LEU A 3078 -5.02 -4.90 -26.06
CA LEU A 3078 -5.19 -6.34 -26.21
C LEU A 3078 -6.23 -6.88 -25.23
N GLU A 3079 -6.16 -6.47 -23.96
CA GLU A 3079 -7.11 -6.96 -22.98
C GLU A 3079 -8.52 -6.43 -23.24
N LEU A 3080 -8.63 -5.26 -23.86
CA LEU A 3080 -9.95 -4.73 -24.19
C LEU A 3080 -10.55 -5.39 -25.41
N HIS A 3081 -9.73 -5.79 -26.39
CA HIS A 3081 -10.25 -6.32 -27.64
C HIS A 3081 -9.90 -7.77 -27.90
N TYR A 3082 -9.06 -8.40 -27.08
CA TYR A 3082 -8.62 -9.76 -27.36
C TYR A 3082 -8.49 -10.59 -26.09
N SER A 3083 -9.26 -10.26 -25.05
CA SER A 3083 -9.09 -10.92 -23.75
C SER A 3083 -9.31 -12.43 -23.86
N GLN A 3084 -10.36 -12.84 -24.57
CA GLN A 3084 -10.59 -14.27 -24.77
C GLN A 3084 -9.51 -14.88 -25.67
N GLU A 3085 -8.97 -14.10 -26.60
CA GLU A 3085 -7.86 -14.57 -27.41
C GLU A 3085 -6.60 -14.76 -26.56
N LEU A 3086 -6.36 -13.85 -25.61
CA LEU A 3086 -5.29 -14.06 -24.65
C LEU A 3086 -5.53 -15.32 -23.83
N SER A 3087 -6.78 -15.54 -23.42
CA SER A 3087 -7.11 -16.75 -22.66
C SER A 3087 -6.77 -17.99 -23.45
N LEU A 3088 -7.16 -18.03 -24.72
CA LEU A 3088 -6.87 -19.19 -25.57
C LEU A 3088 -5.38 -19.38 -25.77
N LEU A 3089 -4.66 -18.29 -26.03
CA LEU A 3089 -3.22 -18.39 -26.25
C LEU A 3089 -2.50 -18.91 -25.00
N TYR A 3090 -2.88 -18.39 -23.83
CA TYR A 3090 -2.22 -18.83 -22.60
C TYR A 3090 -2.63 -20.24 -22.21
N LEU A 3091 -3.86 -20.64 -22.55
CA LEU A 3091 -4.24 -22.04 -22.40
C LEU A 3091 -3.37 -22.93 -23.29
N LEU A 3092 -3.07 -22.47 -24.50
CA LEU A 3092 -2.08 -23.16 -25.33
C LEU A 3092 -0.71 -23.17 -24.65
N GLN A 3093 -0.38 -22.11 -23.91
CA GLN A 3093 0.85 -22.07 -23.13
C GLN A 3093 0.73 -22.81 -21.80
N ASP A 3094 -0.47 -23.24 -21.43
CA ASP A 3094 -0.79 -24.11 -20.29
C ASP A 3094 -0.74 -23.41 -18.94
N ASP A 3095 -0.37 -22.14 -18.85
CA ASP A 3095 -0.43 -21.41 -17.58
C ASP A 3095 -1.88 -21.01 -17.34
N VAL A 3096 -2.64 -21.97 -16.79
CA VAL A 3096 -4.09 -21.83 -16.69
C VAL A 3096 -4.52 -20.69 -15.78
N ASP A 3097 -3.68 -20.28 -14.82
CA ASP A 3097 -4.05 -19.17 -13.96
C ASP A 3097 -4.17 -17.87 -14.76
N ARG A 3098 -3.20 -17.61 -15.63
CA ARG A 3098 -3.26 -16.43 -16.49
C ARG A 3098 -4.45 -16.50 -17.44
N ALA A 3099 -4.72 -17.70 -17.97
CA ALA A 3099 -5.88 -17.86 -18.85
C ALA A 3099 -7.18 -17.58 -18.11
N LYS A 3100 -7.28 -18.05 -16.86
CA LYS A 3100 -8.47 -17.75 -16.05
C LYS A 3100 -8.60 -16.26 -15.79
N TYR A 3101 -7.49 -15.60 -15.49
CA TYR A 3101 -7.53 -14.16 -15.29
C TYR A 3101 -8.00 -13.44 -16.55
N TYR A 3102 -7.47 -13.83 -17.71
CA TYR A 3102 -7.87 -13.18 -18.95
C TYR A 3102 -9.32 -13.46 -19.30
N ILE A 3103 -9.80 -14.69 -19.03
CA ILE A 3103 -11.18 -15.00 -19.37
C ILE A 3103 -12.15 -14.28 -18.44
N GLN A 3104 -11.79 -14.11 -17.17
CA GLN A 3104 -12.66 -13.35 -16.28
C GLN A 3104 -12.65 -11.87 -16.65
N ASN A 3105 -11.49 -11.34 -17.09
CA ASN A 3105 -11.45 -9.98 -17.61
C ASN A 3105 -12.34 -9.84 -18.84
N GLY A 3106 -12.30 -10.84 -19.73
CA GLY A 3106 -13.15 -10.79 -20.90
C GLY A 3106 -14.62 -10.86 -20.56
N ILE A 3107 -14.98 -11.66 -19.56
CA ILE A 3107 -16.37 -11.72 -19.10
C ILE A 3107 -16.82 -10.36 -18.58
N GLN A 3108 -15.98 -9.73 -17.75
CA GLN A 3108 -16.31 -8.42 -17.21
C GLN A 3108 -16.44 -7.38 -18.33
N SER A 3109 -15.51 -7.40 -19.29
CA SER A 3109 -15.56 -6.44 -20.39
C SER A 3109 -16.81 -6.65 -21.25
N PHE A 3110 -17.14 -7.91 -21.54
CA PHE A 3110 -18.32 -8.20 -22.33
C PHE A 3110 -19.59 -7.75 -21.60
N MET A 3111 -19.66 -8.00 -20.30
CA MET A 3111 -20.82 -7.53 -19.53
C MET A 3111 -20.93 -6.02 -19.56
N GLN A 3112 -19.81 -5.31 -19.38
CA GLN A 3112 -19.85 -3.85 -19.39
C GLN A 3112 -20.27 -3.33 -20.75
N ASN A 3113 -19.71 -3.90 -21.82
CA ASN A 3113 -20.07 -3.45 -23.17
C ASN A 3113 -21.53 -3.71 -23.46
N TYR A 3114 -22.02 -4.91 -23.13
CA TYR A 3114 -23.42 -5.24 -23.38
C TYR A 3114 -24.35 -4.33 -22.59
N SER A 3115 -23.97 -3.99 -21.36
CA SER A 3115 -24.74 -3.02 -20.59
C SER A 3115 -24.74 -1.66 -21.28
N SER A 3116 -23.60 -1.26 -21.83
CA SER A 3116 -23.53 0.01 -22.55
C SER A 3116 -24.27 -0.02 -23.88
N ILE A 3117 -24.46 -1.20 -24.47
CA ILE A 3117 -25.19 -1.30 -25.74
C ILE A 3117 -26.65 -0.95 -25.52
N ASP A 3118 -27.18 -0.07 -26.38
CA ASP A 3118 -28.59 0.28 -26.30
C ASP A 3118 -29.46 -0.91 -26.73
N VAL A 3119 -30.66 -0.97 -26.15
CA VAL A 3119 -31.54 -2.10 -26.40
C VAL A 3119 -32.02 -2.13 -27.86
N LEU A 3120 -32.25 -0.96 -28.45
CA LEU A 3120 -32.75 -0.92 -29.82
C LEU A 3120 -31.70 -1.29 -30.86
N LEU A 3121 -30.42 -1.38 -30.46
CA LEU A 3121 -29.38 -1.90 -31.35
C LEU A 3121 -29.46 -3.43 -31.35
N HIS A 3122 -30.54 -3.92 -31.96
CA HIS A 3122 -30.85 -5.35 -31.92
C HIS A 3122 -29.75 -6.17 -32.57
N GLN A 3123 -29.28 -5.74 -33.75
CA GLN A 3123 -28.26 -6.51 -34.46
C GLN A 3123 -26.95 -6.57 -33.68
N SER A 3124 -26.52 -5.44 -33.11
CA SER A 3124 -25.25 -5.41 -32.39
C SER A 3124 -25.29 -6.32 -31.17
N ARG A 3125 -26.36 -6.21 -30.38
CA ARG A 3125 -26.49 -7.06 -29.20
C ARG A 3125 -26.60 -8.53 -29.59
N LEU A 3126 -27.35 -8.82 -30.65
CA LEU A 3126 -27.48 -10.21 -31.11
C LEU A 3126 -26.12 -10.79 -31.50
N THR A 3127 -25.32 -10.02 -32.25
CA THR A 3127 -23.99 -10.48 -32.59
C THR A 3127 -23.11 -10.66 -31.35
N LYS A 3128 -23.20 -9.71 -30.41
CA LYS A 3128 -22.34 -9.76 -29.24
C LYS A 3128 -22.65 -10.96 -28.36
N LEU A 3129 -23.94 -11.30 -28.21
CA LEU A 3129 -24.31 -12.36 -27.27
C LEU A 3129 -23.93 -13.75 -27.76
N GLN A 3130 -23.50 -13.91 -29.01
CA GLN A 3130 -23.18 -15.24 -29.50
C GLN A 3130 -21.86 -15.77 -28.93
N SER A 3131 -20.95 -14.87 -28.56
CA SER A 3131 -19.62 -15.30 -28.12
C SER A 3131 -19.64 -15.96 -26.75
N VAL A 3132 -20.70 -15.78 -25.96
CA VAL A 3132 -20.73 -16.33 -24.61
C VAL A 3132 -20.72 -17.85 -24.66
N GLN A 3133 -21.22 -18.44 -25.74
CA GLN A 3133 -21.13 -19.89 -25.91
C GLN A 3133 -19.68 -20.36 -25.89
N ALA A 3134 -18.84 -19.73 -26.72
CA ALA A 3134 -17.42 -20.07 -26.74
C ALA A 3134 -16.75 -19.76 -25.40
N LEU A 3135 -17.10 -18.62 -24.80
CA LEU A 3135 -16.49 -18.25 -23.52
C LEU A 3135 -16.81 -19.28 -22.45
N THR A 3136 -18.07 -19.71 -22.36
CA THR A 3136 -18.45 -20.70 -21.36
C THR A 3136 -17.88 -22.07 -21.66
N GLU A 3137 -17.75 -22.43 -22.94
CA GLU A 3137 -17.09 -23.69 -23.27
C GLU A 3137 -15.63 -23.67 -22.85
N ILE A 3138 -14.96 -22.53 -23.04
CA ILE A 3138 -13.58 -22.37 -22.57
C ILE A 3138 -13.52 -22.49 -21.06
N GLN A 3139 -14.47 -21.86 -20.36
CA GLN A 3139 -14.51 -21.95 -18.91
C GLN A 3139 -14.72 -23.39 -18.44
N GLU A 3140 -15.60 -24.13 -19.11
CA GLU A 3140 -15.83 -25.53 -18.75
C GLU A 3140 -14.59 -26.37 -19.00
N PHE A 3141 -13.87 -26.11 -20.10
CA PHE A 3141 -12.62 -26.82 -20.34
C PHE A 3141 -11.60 -26.52 -19.26
N ILE A 3142 -11.51 -25.26 -18.85
CA ILE A 3142 -10.59 -24.89 -17.77
C ILE A 3142 -10.96 -25.61 -16.48
N SER A 3143 -12.25 -25.66 -16.15
CA SER A 3143 -12.69 -26.36 -14.96
C SER A 3143 -12.36 -27.84 -15.03
N PHE A 3144 -12.58 -28.46 -16.19
CA PHE A 3144 -12.32 -29.90 -16.33
C PHE A 3144 -10.84 -30.20 -16.24
N ILE A 3145 -9.99 -29.41 -16.91
CA ILE A 3145 -8.56 -29.67 -16.83
C ILE A 3145 -8.03 -29.39 -15.43
N SER A 3146 -8.59 -28.39 -14.74
CA SER A 3146 -8.22 -28.13 -13.36
C SER A 3146 -8.79 -29.16 -12.39
N LYS A 3147 -9.81 -29.91 -12.81
CA LYS A 3147 -10.39 -30.93 -11.95
C LYS A 3147 -9.40 -32.06 -11.73
N GLN A 3148 -9.38 -32.59 -10.50
CA GLN A 3148 -8.46 -33.66 -10.13
C GLN A 3148 -9.06 -35.03 -10.38
N GLY A 3149 -10.20 -35.32 -9.75
CA GLY A 3149 -10.83 -36.62 -9.95
C GLY A 3149 -11.34 -36.81 -11.36
N ASN A 3150 -11.95 -35.78 -11.94
CA ASN A 3150 -12.43 -35.85 -13.31
C ASN A 3150 -11.30 -36.00 -14.32
N LEU A 3151 -10.08 -35.60 -13.96
CA LEU A 3151 -8.94 -35.77 -14.85
C LEU A 3151 -8.60 -37.24 -15.06
N SER A 3152 -8.94 -38.10 -14.11
CA SER A 3152 -8.68 -39.53 -14.21
C SER A 3152 -9.93 -40.33 -14.57
N SER A 3153 -11.05 -40.04 -13.93
CA SER A 3153 -12.30 -40.70 -14.26
C SER A 3153 -12.76 -40.32 -15.66
N GLN A 3154 -13.31 -41.29 -16.39
CA GLN A 3154 -13.65 -41.09 -17.79
C GLN A 3154 -15.10 -40.70 -18.02
N VAL A 3155 -16.01 -41.10 -17.12
CA VAL A 3155 -17.42 -40.77 -17.30
C VAL A 3155 -17.68 -39.27 -17.17
N PRO A 3156 -16.92 -38.49 -16.39
CA PRO A 3156 -17.07 -37.02 -16.52
C PRO A 3156 -16.73 -36.52 -17.91
N LEU A 3157 -15.70 -37.09 -18.54
CA LEU A 3157 -15.36 -36.71 -19.90
C LEU A 3157 -16.48 -37.09 -20.86
N LYS A 3158 -17.06 -38.28 -20.67
CA LYS A 3158 -18.16 -38.70 -21.54
C LYS A 3158 -19.37 -37.79 -21.38
N ARG A 3159 -19.70 -37.42 -20.13
CA ARG A 3159 -20.86 -36.56 -19.93
C ARG A 3159 -20.60 -35.16 -20.47
N LEU A 3160 -19.37 -34.65 -20.34
CA LEU A 3160 -19.03 -33.38 -20.94
C LEU A 3160 -19.14 -33.44 -22.47
N LEU A 3161 -18.68 -34.56 -23.05
CA LEU A 3161 -18.76 -34.72 -24.50
C LEU A 3161 -20.20 -34.71 -24.99
N ASN A 3162 -21.07 -35.50 -24.35
CA ASN A 3162 -22.45 -35.52 -24.80
C ASN A 3162 -23.15 -34.20 -24.52
N THR A 3163 -22.80 -33.52 -23.43
CA THR A 3163 -23.34 -32.19 -23.18
C THR A 3163 -22.96 -31.23 -24.29
N TRP A 3164 -21.70 -31.27 -24.73
CA TRP A 3164 -21.28 -30.43 -25.84
C TRP A 3164 -22.03 -30.80 -27.12
N THR A 3165 -22.27 -32.09 -27.33
CA THR A 3165 -23.14 -32.49 -28.44
C THR A 3165 -24.56 -31.97 -28.27
N ASN A 3166 -24.95 -31.61 -27.05
CA ASN A 3166 -26.21 -30.91 -26.83
C ASN A 3166 -26.05 -29.40 -26.89
N ARG A 3167 -24.85 -28.90 -27.20
CA ARG A 3167 -24.57 -27.47 -27.29
C ARG A 3167 -24.22 -27.11 -28.72
N TYR A 3168 -25.18 -26.52 -29.43
CA TYR A 3168 -24.96 -25.98 -30.77
C TYR A 3168 -25.91 -24.82 -30.97
N PRO A 3169 -25.50 -23.79 -31.71
CA PRO A 3169 -26.45 -22.74 -32.10
C PRO A 3169 -27.35 -23.23 -33.23
N ASP A 3170 -28.15 -22.34 -33.82
CA ASP A 3170 -28.94 -22.70 -34.99
C ASP A 3170 -28.15 -22.41 -36.25
N ALA A 3171 -28.20 -23.36 -37.19
CA ALA A 3171 -27.54 -23.16 -38.47
C ALA A 3171 -28.13 -22.01 -39.26
N LYS A 3172 -29.38 -21.63 -38.98
CA LYS A 3172 -30.03 -20.53 -39.67
C LYS A 3172 -29.95 -19.21 -38.93
N MET A 3173 -29.76 -19.22 -37.62
CA MET A 3173 -29.75 -18.01 -36.81
C MET A 3173 -28.34 -17.57 -36.40
N ASP A 3174 -27.30 -18.26 -36.83
CA ASP A 3174 -25.95 -17.93 -36.38
C ASP A 3174 -25.02 -17.82 -37.57
N PRO A 3175 -24.13 -16.82 -37.59
CA PRO A 3175 -23.15 -16.72 -38.68
C PRO A 3175 -22.14 -17.85 -38.62
N MET A 3176 -21.52 -18.14 -39.77
CA MET A 3176 -20.58 -19.24 -39.87
C MET A 3176 -19.33 -19.02 -39.02
N ASN A 3177 -18.93 -17.77 -38.79
CA ASN A 3177 -17.70 -17.51 -38.04
C ASN A 3177 -17.81 -18.00 -36.61
N ILE A 3178 -18.96 -17.76 -35.97
CA ILE A 3178 -19.15 -18.21 -34.59
C ILE A 3178 -19.13 -19.73 -34.52
N TRP A 3179 -19.81 -20.39 -35.45
CA TRP A 3179 -19.74 -21.84 -35.55
C TRP A 3179 -18.29 -22.31 -35.65
N ASP A 3180 -17.53 -21.71 -36.56
CA ASP A 3180 -16.16 -22.16 -36.78
C ASP A 3180 -15.30 -21.95 -35.53
N ASP A 3181 -15.47 -20.80 -34.86
CA ASP A 3181 -14.66 -20.52 -33.68
C ASP A 3181 -14.98 -21.50 -32.55
N ILE A 3182 -16.27 -21.72 -32.29
CA ILE A 3182 -16.62 -22.64 -31.19
C ILE A 3182 -16.20 -24.06 -31.53
N ILE A 3183 -16.27 -24.45 -32.80
CA ILE A 3183 -15.87 -25.79 -33.20
C ILE A 3183 -14.36 -25.97 -33.10
N THR A 3184 -13.59 -24.97 -33.49
CA THR A 3184 -12.15 -25.04 -33.31
C THR A 3184 -11.79 -25.16 -31.83
N ASN A 3185 -12.44 -24.36 -30.99
CA ASN A 3185 -12.19 -24.45 -29.55
C ASN A 3185 -12.55 -25.84 -29.03
N ARG A 3186 -13.69 -26.37 -29.45
CA ARG A 3186 -14.15 -27.68 -28.97
C ARG A 3186 -13.21 -28.79 -29.40
N CYS A 3187 -12.77 -28.78 -30.66
CA CYS A 3187 -11.88 -29.83 -31.13
C CYS A 3187 -10.51 -29.73 -30.46
N PHE A 3188 -10.02 -28.50 -30.23
CA PHE A 3188 -8.78 -28.35 -29.50
C PHE A 3188 -8.92 -28.85 -28.07
N PHE A 3189 -10.07 -28.60 -27.44
CA PHE A 3189 -10.32 -29.12 -26.10
C PHE A 3189 -10.30 -30.64 -26.10
N LEU A 3190 -10.96 -31.26 -27.07
CA LEU A 3190 -10.96 -32.73 -27.13
C LEU A 3190 -9.56 -33.27 -27.35
N SER A 3191 -8.77 -32.62 -28.21
CA SER A 3191 -7.39 -33.06 -28.44
C SER A 3191 -6.57 -32.94 -27.17
N LYS A 3192 -6.72 -31.84 -26.44
CA LYS A 3192 -5.94 -31.65 -25.21
C LYS A 3192 -6.43 -32.51 -24.06
N ILE A 3193 -7.68 -32.99 -24.12
CA ILE A 3193 -8.24 -33.76 -23.03
C ILE A 3193 -8.16 -35.27 -23.25
N GLU A 3194 -8.00 -35.72 -24.50
CA GLU A 3194 -7.82 -37.15 -24.74
C GLU A 3194 -6.49 -37.64 -24.18
N GLU A 3195 -5.51 -36.76 -24.08
CA GLU A 3195 -4.25 -37.07 -23.43
C GLU A 3195 -4.38 -36.87 -21.92
N LYS A 3196 -3.27 -37.10 -21.21
CA LYS A 3196 -3.18 -36.99 -19.75
C LYS A 3196 -4.43 -37.53 -19.06
N LEU A 3197 -4.85 -38.71 -19.47
CA LEU A 3197 -6.05 -39.34 -18.93
C LEU A 3197 -5.72 -40.67 -18.29
N ASP A 3226 -13.14 -47.28 -24.57
CA ASP A 3226 -12.34 -46.60 -25.58
C ASP A 3226 -12.33 -45.09 -25.36
N ILE A 3227 -11.20 -44.46 -25.67
CA ILE A 3227 -11.07 -43.02 -25.50
C ILE A 3227 -10.72 -42.36 -26.83
N SER A 3228 -9.60 -42.75 -27.41
CA SER A 3228 -9.15 -42.14 -28.67
C SER A 3228 -10.16 -42.38 -29.78
N SER A 3229 -10.63 -43.61 -29.91
CA SER A 3229 -11.64 -43.91 -30.93
C SER A 3229 -12.95 -43.18 -30.62
N LEU A 3230 -13.35 -43.14 -29.35
CA LEU A 3230 -14.55 -42.41 -28.97
C LEU A 3230 -14.39 -40.91 -29.26
N ILE A 3231 -13.22 -40.36 -28.94
CA ILE A 3231 -12.97 -38.94 -29.21
C ILE A 3231 -13.05 -38.66 -30.70
N ARG A 3232 -12.45 -39.54 -31.52
CA ARG A 3232 -12.48 -39.31 -32.96
C ARG A 3232 -13.88 -39.48 -33.52
N SER A 3233 -14.67 -40.40 -32.97
CA SER A 3233 -16.06 -40.53 -33.40
C SER A 3233 -16.85 -39.28 -33.08
N CYS A 3234 -16.68 -38.74 -31.87
CA CYS A 3234 -17.35 -37.48 -31.53
C CYS A 3234 -16.89 -36.35 -32.44
N LYS A 3235 -15.60 -36.30 -32.73
CA LYS A 3235 -15.07 -35.26 -33.61
C LYS A 3235 -15.65 -35.37 -35.01
N PHE A 3236 -15.76 -36.59 -35.54
CA PHE A 3236 -16.34 -36.75 -36.87
C PHE A 3236 -17.81 -36.35 -36.87
N SER A 3237 -18.55 -36.71 -35.81
CA SER A 3237 -19.96 -36.33 -35.73
C SER A 3237 -20.11 -34.81 -35.69
N MET A 3238 -19.28 -34.14 -34.91
CA MET A 3238 -19.40 -32.68 -34.80
C MET A 3238 -18.90 -31.97 -36.06
N LYS A 3239 -17.93 -32.56 -36.78
CA LYS A 3239 -17.57 -32.03 -38.09
C LYS A 3239 -18.69 -32.26 -39.10
N MET A 3240 -19.42 -33.37 -38.98
CA MET A 3240 -20.62 -33.58 -39.78
C MET A 3240 -21.65 -32.49 -39.49
N LYS A 3241 -21.81 -32.16 -38.22
CA LYS A 3241 -22.72 -31.07 -37.86
C LYS A 3241 -22.25 -29.75 -38.48
N MET A 3242 -20.93 -29.52 -38.49
CA MET A 3242 -20.39 -28.35 -39.18
C MET A 3242 -20.70 -28.35 -40.67
N ILE A 3243 -20.54 -29.49 -41.33
CA ILE A 3243 -20.80 -29.54 -42.78
C ILE A 3243 -22.27 -29.27 -43.05
N ASP A 3244 -23.16 -29.87 -42.25
CA ASP A 3244 -24.59 -29.65 -42.43
C ASP A 3244 -24.95 -28.18 -42.17
N SER A 3245 -24.38 -27.58 -41.13
CA SER A 3245 -24.66 -26.19 -40.83
C SER A 3245 -24.16 -25.27 -41.94
N ALA A 3246 -22.97 -25.54 -42.48
CA ALA A 3246 -22.45 -24.74 -43.57
C ALA A 3246 -23.30 -24.87 -44.81
N ARG A 3247 -23.79 -26.09 -45.09
CA ARG A 3247 -24.70 -26.28 -46.22
C ARG A 3247 -26.00 -25.51 -46.01
N LYS A 3248 -26.51 -25.50 -44.78
CA LYS A 3248 -27.69 -24.68 -44.47
C LYS A 3248 -27.40 -23.20 -44.73
N GLN A 3249 -26.24 -22.72 -44.30
CA GLN A 3249 -25.82 -21.35 -44.57
C GLN A 3249 -25.44 -21.13 -46.02
N ASN A 3250 -25.36 -22.19 -46.82
CA ASN A 3250 -25.05 -22.14 -48.25
C ASN A 3250 -23.65 -21.65 -48.54
N ASN A 3251 -22.76 -21.67 -47.55
CA ASN A 3251 -21.34 -21.39 -47.77
C ASN A 3251 -20.71 -22.63 -48.38
N PHE A 3252 -20.97 -22.82 -49.69
CA PHE A 3252 -20.59 -24.05 -50.35
C PHE A 3252 -19.07 -24.24 -50.35
N SER A 3253 -18.32 -23.17 -50.63
CA SER A 3253 -16.87 -23.29 -50.76
C SER A 3253 -16.26 -23.89 -49.50
N LEU A 3254 -16.57 -23.29 -48.34
CA LEU A 3254 -16.09 -23.84 -47.08
C LEU A 3254 -16.66 -25.24 -46.85
N ALA A 3255 -17.87 -25.50 -47.34
CA ALA A 3255 -18.48 -26.80 -47.12
C ALA A 3255 -17.66 -27.92 -47.76
N MET A 3256 -17.35 -27.80 -49.05
CA MET A 3256 -16.56 -28.89 -49.61
C MET A 3256 -15.08 -28.76 -49.25
N LYS A 3257 -14.64 -27.60 -48.77
CA LYS A 3257 -13.30 -27.54 -48.18
C LYS A 3257 -13.19 -28.47 -46.98
N LEU A 3258 -14.12 -28.34 -46.03
CA LEU A 3258 -14.13 -29.25 -44.88
C LEU A 3258 -14.43 -30.68 -45.32
N LEU A 3259 -15.25 -30.86 -46.35
CA LEU A 3259 -15.54 -32.19 -46.86
C LEU A 3259 -14.27 -32.87 -47.34
N LYS A 3260 -13.47 -32.16 -48.15
CA LYS A 3260 -12.21 -32.72 -48.64
C LYS A 3260 -11.20 -32.91 -47.51
N GLU A 3261 -11.23 -32.04 -46.50
CA GLU A 3261 -10.38 -32.26 -45.34
C GLU A 3261 -10.69 -33.57 -44.64
N LEU A 3262 -11.94 -34.03 -44.74
CA LEU A 3262 -12.38 -35.25 -44.08
C LEU A 3262 -12.52 -36.44 -45.03
N HIS A 3263 -11.91 -36.37 -46.22
CA HIS A 3263 -12.02 -37.48 -47.16
C HIS A 3263 -11.41 -38.75 -46.58
N LYS A 3264 -10.16 -38.67 -46.12
CA LYS A 3264 -9.51 -39.83 -45.54
C LYS A 3264 -9.98 -40.11 -44.12
N GLU A 3265 -10.26 -39.08 -43.34
CA GLU A 3265 -10.82 -39.28 -42.02
C GLU A 3265 -12.12 -40.06 -42.10
N SER A 3266 -12.97 -39.73 -43.08
CA SER A 3266 -14.16 -40.53 -43.33
C SER A 3266 -13.80 -41.89 -43.90
N LYS A 3267 -12.73 -41.97 -44.71
CA LYS A 3267 -12.32 -43.26 -45.24
C LYS A 3267 -11.86 -44.22 -44.15
N THR A 3268 -11.55 -43.72 -42.95
CA THR A 3268 -11.14 -44.61 -41.87
C THR A 3268 -12.27 -45.57 -41.47
N ARG A 3269 -13.51 -45.07 -41.40
CA ARG A 3269 -14.64 -45.88 -40.96
C ARG A 3269 -15.76 -45.90 -41.98
N ASP A 3270 -16.46 -47.03 -42.06
CA ASP A 3270 -17.50 -47.23 -43.07
C ASP A 3270 -18.62 -46.23 -42.94
N ASP A 3271 -19.18 -46.09 -41.72
CA ASP A 3271 -20.26 -45.14 -41.51
C ASP A 3271 -19.78 -43.72 -41.78
N TRP A 3272 -18.53 -43.43 -41.44
CA TRP A 3272 -17.96 -42.14 -41.79
C TRP A 3272 -17.87 -41.98 -43.31
N LEU A 3273 -17.57 -43.07 -44.02
CA LEU A 3273 -17.54 -43.04 -45.48
C LEU A 3273 -18.91 -42.68 -46.05
N VAL A 3274 -19.97 -43.36 -45.61
CA VAL A 3274 -21.29 -42.99 -46.13
C VAL A 3274 -21.63 -41.56 -45.73
N SER A 3275 -21.46 -41.20 -44.45
CA SER A 3275 -21.77 -39.84 -44.03
C SER A 3275 -21.11 -38.82 -44.94
N TRP A 3276 -19.84 -39.05 -45.29
CA TRP A 3276 -19.17 -38.21 -46.27
C TRP A 3276 -19.88 -38.24 -47.62
N VAL A 3277 -20.32 -39.42 -48.05
CA VAL A 3277 -20.93 -39.56 -49.38
C VAL A 3277 -22.25 -38.79 -49.45
N GLN A 3278 -23.15 -38.99 -48.49
CA GLN A 3278 -24.39 -38.24 -48.51
C GLN A 3278 -24.16 -36.75 -48.28
N SER A 3279 -23.17 -36.36 -47.47
CA SER A 3279 -22.90 -34.94 -47.32
C SER A 3279 -22.49 -34.32 -48.65
N TYR A 3280 -21.59 -34.98 -49.37
CA TYR A 3280 -21.19 -34.48 -50.69
C TYR A 3280 -22.37 -34.45 -51.64
N CYS A 3281 -23.20 -35.50 -51.63
CA CYS A 3281 -24.35 -35.55 -52.52
C CYS A 3281 -25.30 -34.38 -52.26
N ARG A 3282 -25.67 -34.17 -51.00
CA ARG A 3282 -26.60 -33.11 -50.64
C ARG A 3282 -26.01 -31.72 -50.87
N LEU A 3283 -24.73 -31.54 -50.55
CA LEU A 3283 -24.08 -30.25 -50.79
C LEU A 3283 -24.06 -29.92 -52.27
N SER A 3284 -23.72 -30.89 -53.13
CA SER A 3284 -23.74 -30.62 -54.55
C SER A 3284 -25.17 -30.44 -55.07
N HIS A 3285 -26.14 -31.16 -54.48
CA HIS A 3285 -27.53 -30.99 -54.87
C HIS A 3285 -27.98 -29.55 -54.64
N CYS A 3286 -27.65 -29.00 -53.47
CA CYS A 3286 -28.06 -27.62 -53.20
C CYS A 3286 -27.20 -26.60 -53.95
N ARG A 3287 -25.94 -26.94 -54.25
CA ARG A 3287 -25.07 -26.01 -54.97
C ARG A 3287 -25.28 -26.06 -56.48
N SER A 3288 -26.02 -27.04 -56.99
CA SER A 3288 -26.24 -27.21 -58.42
C SER A 3288 -27.30 -26.26 -58.98
N ARG A 3289 -27.63 -25.18 -58.27
CA ARG A 3289 -28.61 -24.22 -58.79
C ARG A 3289 -28.15 -23.64 -60.12
N SER A 3290 -26.85 -23.52 -60.31
CA SER A 3290 -26.33 -23.09 -61.61
C SER A 3290 -26.53 -24.18 -62.65
N GLN A 3291 -27.11 -23.80 -63.78
CA GLN A 3291 -27.39 -24.77 -64.85
C GLN A 3291 -26.11 -25.27 -65.50
N GLY A 3292 -25.09 -24.41 -65.60
CA GLY A 3292 -23.89 -24.76 -66.31
C GLY A 3292 -23.12 -25.93 -65.70
N CYS A 3293 -23.09 -26.02 -64.37
CA CYS A 3293 -22.32 -27.03 -63.68
C CYS A 3293 -23.18 -28.08 -62.97
N SER A 3294 -24.50 -27.97 -63.05
CA SER A 3294 -25.38 -28.89 -62.31
C SER A 3294 -25.16 -30.32 -62.77
N GLU A 3295 -25.25 -30.56 -64.08
CA GLU A 3295 -25.08 -31.92 -64.58
C GLU A 3295 -23.68 -32.45 -64.34
N GLN A 3296 -22.67 -31.58 -64.41
CA GLN A 3296 -21.30 -32.02 -64.15
C GLN A 3296 -21.14 -32.48 -62.71
N VAL A 3297 -21.63 -31.69 -61.75
CA VAL A 3297 -21.50 -32.11 -60.36
C VAL A 3297 -22.36 -33.33 -60.08
N LEU A 3298 -23.50 -33.47 -60.78
CA LEU A 3298 -24.30 -34.67 -60.63
C LEU A 3298 -23.57 -35.92 -61.12
N THR A 3299 -22.86 -35.81 -62.25
CA THR A 3299 -22.05 -36.91 -62.73
C THR A 3299 -20.93 -37.24 -61.76
N VAL A 3300 -20.29 -36.21 -61.20
CA VAL A 3300 -19.25 -36.46 -60.19
C VAL A 3300 -19.83 -37.19 -58.99
N LEU A 3301 -21.05 -36.80 -58.58
CA LEU A 3301 -21.73 -37.51 -57.49
C LEU A 3301 -22.01 -38.96 -57.84
N LYS A 3302 -22.44 -39.20 -59.08
CA LYS A 3302 -22.68 -40.57 -59.52
C LYS A 3302 -21.39 -41.40 -59.44
N THR A 3303 -20.27 -40.80 -59.85
CA THR A 3303 -18.99 -41.51 -59.81
C THR A 3303 -18.58 -41.81 -58.37
N VAL A 3304 -18.65 -40.79 -57.50
CA VAL A 3304 -18.19 -40.97 -56.12
C VAL A 3304 -19.15 -41.80 -55.28
N SER A 3305 -20.38 -42.01 -55.76
CA SER A 3305 -21.34 -42.82 -55.02
C SER A 3305 -20.94 -44.28 -54.96
N LEU A 3306 -20.07 -44.73 -55.87
CA LEU A 3306 -19.63 -46.12 -55.88
C LEU A 3306 -18.70 -46.41 -54.71
N VAL A 3312 -18.63 -50.97 -53.38
CA VAL A 3312 -18.75 -51.38 -51.99
C VAL A 3312 -20.19 -51.28 -51.52
N SER A 3313 -20.70 -52.36 -50.90
CA SER A 3313 -22.08 -52.37 -50.44
C SER A 3313 -22.25 -53.08 -49.10
N SER A 3314 -21.18 -53.19 -48.30
CA SER A 3314 -21.34 -53.67 -46.93
C SER A 3314 -22.19 -52.75 -46.08
N TYR A 3315 -22.51 -51.56 -46.60
CA TYR A 3315 -23.10 -50.53 -45.76
C TYR A 3315 -24.55 -50.90 -45.43
N LEU A 3316 -25.22 -51.56 -46.38
CA LEU A 3316 -26.56 -52.08 -46.13
C LEU A 3316 -26.52 -53.11 -45.00
N SER A 3317 -25.48 -53.95 -44.99
CA SER A 3317 -25.28 -54.86 -43.86
C SER A 3317 -25.06 -54.08 -42.57
N LYS A 3318 -24.33 -52.97 -42.64
CA LYS A 3318 -24.12 -52.15 -41.45
C LYS A 3318 -25.43 -51.59 -40.92
N ASN A 3319 -26.27 -51.05 -41.81
CA ASN A 3319 -27.58 -50.53 -41.44
C ASN A 3319 -28.38 -50.28 -42.71
N ILE A 3320 -29.70 -50.26 -42.56
CA ILE A 3320 -30.58 -49.97 -43.69
C ILE A 3320 -30.95 -48.49 -43.76
N LEU A 3321 -30.75 -47.74 -42.67
CA LEU A 3321 -30.98 -46.30 -42.71
C LEU A 3321 -30.03 -45.62 -43.68
N ALA A 3322 -28.74 -45.94 -43.60
CA ALA A 3322 -27.79 -45.41 -44.56
C ALA A 3322 -28.09 -45.90 -45.97
N PHE A 3323 -28.65 -47.11 -46.09
CA PHE A 3323 -29.02 -47.63 -47.40
C PHE A 3323 -30.12 -46.78 -48.03
N ARG A 3324 -31.17 -46.47 -47.25
CA ARG A 3324 -32.23 -45.63 -47.80
C ARG A 3324 -31.74 -44.20 -48.01
N ASP A 3325 -30.77 -43.75 -47.22
CA ASP A 3325 -30.15 -42.45 -47.51
C ASP A 3325 -29.44 -42.45 -48.86
N GLN A 3326 -28.70 -43.54 -49.14
CA GLN A 3326 -28.06 -43.66 -50.45
C GLN A 3326 -29.10 -43.68 -51.57
N ASN A 3327 -30.19 -44.41 -51.37
CA ASN A 3327 -31.24 -44.46 -52.39
C ASN A 3327 -31.86 -43.09 -52.60
N ILE A 3328 -32.10 -42.35 -51.51
CA ILE A 3328 -32.67 -41.01 -51.61
C ILE A 3328 -31.71 -40.10 -52.38
N LEU A 3329 -30.42 -40.16 -52.05
CA LEU A 3329 -29.45 -39.31 -52.73
C LEU A 3329 -29.36 -39.64 -54.22
N LEU A 3330 -29.35 -40.94 -54.55
CA LEU A 3330 -29.28 -41.34 -55.95
C LEU A 3330 -30.53 -40.92 -56.71
N GLY A 3331 -31.70 -41.10 -56.10
CA GLY A 3331 -32.93 -40.64 -56.73
C GLY A 3331 -32.95 -39.14 -56.93
N THR A 3332 -32.43 -38.40 -55.95
CA THR A 3332 -32.33 -36.95 -56.09
C THR A 3332 -31.41 -36.57 -57.23
N THR A 3333 -30.27 -37.25 -57.35
CA THR A 3333 -29.35 -36.99 -58.45
C THR A 3333 -30.02 -37.25 -59.80
N TYR A 3334 -30.69 -38.39 -59.93
CA TYR A 3334 -31.39 -38.72 -61.17
C TYR A 3334 -32.49 -37.70 -61.47
N ARG A 3335 -33.25 -37.31 -60.45
CA ARG A 3335 -34.33 -36.36 -60.66
C ARG A 3335 -33.80 -35.00 -61.10
N ILE A 3336 -32.73 -34.53 -60.46
CA ILE A 3336 -32.18 -33.22 -60.82
C ILE A 3336 -31.59 -33.24 -62.23
N ILE A 3337 -30.88 -34.32 -62.59
CA ILE A 3337 -30.34 -34.37 -63.94
C ILE A 3337 -31.45 -34.50 -64.97
N ALA A 3338 -32.53 -35.22 -64.65
CA ALA A 3338 -33.66 -35.29 -65.56
C ALA A 3338 -34.32 -33.93 -65.74
N ASN A 3339 -34.47 -33.18 -64.65
CA ASN A 3339 -35.02 -31.83 -64.75
C ASN A 3339 -34.12 -30.92 -65.58
N ALA A 3340 -32.80 -31.04 -65.39
CA ALA A 3340 -31.87 -30.22 -66.16
C ALA A 3340 -31.96 -30.54 -67.65
N LEU A 3341 -32.00 -31.82 -67.99
CA LEU A 3341 -32.06 -32.21 -69.39
C LEU A 3341 -33.44 -31.97 -70.01
N SER A 3342 -34.50 -31.89 -69.21
CA SER A 3342 -35.79 -31.51 -69.75
C SER A 3342 -35.88 -30.01 -69.97
N SER A 3343 -35.34 -29.22 -69.03
CA SER A 3343 -35.31 -27.77 -69.22
C SER A 3343 -34.46 -27.39 -70.43
N GLU A 3344 -33.32 -28.04 -70.59
CA GLU A 3344 -32.50 -27.83 -71.79
C GLU A 3344 -33.16 -28.53 -72.97
N PRO A 3345 -33.52 -27.82 -74.03
CA PRO A 3345 -34.13 -28.49 -75.20
C PRO A 3345 -33.21 -29.54 -75.79
N ALA A 3346 -32.02 -29.12 -76.21
CA ALA A 3346 -31.01 -30.04 -76.72
C ALA A 3346 -29.61 -29.75 -76.22
N CYS A 3347 -29.36 -28.62 -75.55
CA CYS A 3347 -28.04 -28.22 -75.13
C CYS A 3347 -27.62 -28.94 -73.85
N LEU A 3348 -26.34 -28.85 -73.54
CA LEU A 3348 -25.71 -29.39 -72.33
C LEU A 3348 -25.76 -30.91 -72.25
N ALA A 3349 -26.30 -31.57 -73.27
CA ALA A 3349 -26.22 -33.02 -73.39
C ALA A 3349 -25.09 -33.46 -74.32
N GLU A 3350 -24.43 -32.51 -74.98
CA GLU A 3350 -23.33 -32.81 -75.89
C GLU A 3350 -22.10 -31.93 -75.70
N ILE A 3351 -22.24 -30.76 -75.11
CA ILE A 3351 -21.11 -29.85 -74.88
C ILE A 3351 -20.48 -30.26 -73.56
N GLU A 3352 -19.63 -31.28 -73.61
CA GLU A 3352 -18.97 -31.84 -72.44
C GLU A 3352 -17.94 -32.85 -72.93
N GLU A 3353 -17.18 -33.39 -71.99
CA GLU A 3353 -16.25 -34.46 -72.32
C GLU A 3353 -17.03 -35.73 -72.67
N ASP A 3354 -16.41 -36.58 -73.49
CA ASP A 3354 -17.06 -37.81 -73.91
C ASP A 3354 -17.36 -38.73 -72.72
N LYS A 3355 -16.60 -38.61 -71.63
CA LYS A 3355 -16.92 -39.37 -70.42
C LYS A 3355 -18.30 -39.00 -69.89
N ALA A 3356 -18.62 -37.70 -69.85
CA ALA A 3356 -19.95 -37.30 -69.44
C ALA A 3356 -21.00 -37.73 -70.45
N ARG A 3357 -20.70 -37.58 -71.74
CA ARG A 3357 -21.65 -37.96 -72.79
C ARG A 3357 -21.93 -39.46 -72.79
N ARG A 3358 -21.05 -40.27 -72.21
CA ARG A 3358 -21.29 -41.69 -72.07
C ARG A 3358 -21.90 -42.07 -70.73
N ILE A 3359 -21.51 -41.41 -69.65
CA ILE A 3359 -22.18 -41.59 -68.38
C ILE A 3359 -23.65 -41.20 -68.47
N LEU A 3360 -23.98 -40.32 -69.42
CA LEU A 3360 -25.38 -39.97 -69.67
C LEU A 3360 -26.24 -41.22 -69.86
N GLU A 3361 -25.73 -42.20 -70.60
CA GLU A 3361 -26.46 -43.46 -70.78
C GLU A 3361 -26.03 -44.53 -69.80
N LEU A 3362 -24.82 -44.43 -69.26
CA LEU A 3362 -24.37 -45.38 -68.24
C LEU A 3362 -25.24 -45.29 -66.98
N SER A 3363 -25.24 -44.13 -66.34
CA SER A 3363 -26.03 -43.95 -65.12
C SER A 3363 -27.52 -44.07 -65.41
N GLY A 3364 -27.97 -43.49 -66.51
CA GLY A 3364 -29.35 -43.59 -66.93
C GLY A 3364 -29.60 -44.77 -67.85
N SER A 3365 -30.57 -44.62 -68.73
CA SER A 3365 -30.86 -45.65 -69.72
C SER A 3365 -29.80 -45.65 -70.80
N SER A 3366 -29.27 -46.83 -71.12
CA SER A 3366 -28.29 -46.98 -72.18
C SER A 3366 -29.03 -46.97 -73.52
N SER A 3367 -29.16 -45.78 -74.10
CA SER A 3367 -29.94 -45.60 -75.32
C SER A 3367 -29.18 -44.64 -76.24
N GLU A 3368 -29.88 -44.15 -77.27
CA GLU A 3368 -29.27 -43.32 -78.30
C GLU A 3368 -29.78 -41.89 -78.34
N ASP A 3369 -30.98 -41.61 -77.86
CA ASP A 3369 -31.55 -40.27 -77.90
C ASP A 3369 -31.98 -39.84 -76.50
N SER A 3370 -32.08 -38.52 -76.32
CA SER A 3370 -32.36 -37.96 -75.00
C SER A 3370 -33.71 -38.43 -74.46
N GLU A 3371 -34.69 -38.61 -75.35
CA GLU A 3371 -36.03 -39.01 -74.91
C GLU A 3371 -35.98 -40.33 -74.14
N LYS A 3372 -35.31 -41.33 -74.69
CA LYS A 3372 -35.12 -42.56 -73.94
C LYS A 3372 -34.16 -42.35 -72.77
N VAL A 3373 -33.17 -41.46 -72.92
CA VAL A 3373 -32.27 -41.16 -71.82
C VAL A 3373 -33.04 -40.54 -70.65
N ILE A 3374 -33.89 -39.55 -70.93
CA ILE A 3374 -34.65 -38.93 -69.85
C ILE A 3374 -35.68 -39.89 -69.29
N ALA A 3375 -36.27 -40.74 -70.14
CA ALA A 3375 -37.21 -41.74 -69.63
C ALA A 3375 -36.53 -42.70 -68.66
N GLY A 3376 -35.34 -43.18 -69.03
CA GLY A 3376 -34.59 -44.04 -68.12
C GLY A 3376 -34.13 -43.33 -66.87
N LEU A 3377 -33.78 -42.05 -66.99
CA LEU A 3377 -33.43 -41.27 -65.80
C LEU A 3377 -34.60 -41.17 -64.84
N TYR A 3378 -35.80 -40.89 -65.38
CA TYR A 3378 -36.99 -40.85 -64.55
C TYR A 3378 -37.27 -42.21 -63.91
N GLN A 3379 -37.11 -43.29 -64.69
CA GLN A 3379 -37.31 -44.63 -64.14
C GLN A 3379 -36.34 -44.92 -63.00
N ARG A 3380 -35.07 -44.58 -63.20
CA ARG A 3380 -34.07 -44.82 -62.16
C ARG A 3380 -34.36 -44.01 -60.91
N ALA A 3381 -34.72 -42.73 -61.08
CA ALA A 3381 -35.07 -41.90 -59.93
C ALA A 3381 -36.26 -42.49 -59.18
N PHE A 3382 -37.32 -42.85 -59.90
CA PHE A 3382 -38.51 -43.38 -59.26
C PHE A 3382 -38.21 -44.68 -58.54
N GLN A 3383 -37.42 -45.56 -59.17
CA GLN A 3383 -37.10 -46.84 -58.55
C GLN A 3383 -36.23 -46.67 -57.31
N HIS A 3384 -35.25 -45.77 -57.35
CA HIS A 3384 -34.38 -45.59 -56.20
C HIS A 3384 -35.12 -44.93 -55.04
N LEU A 3385 -35.99 -43.96 -55.35
CA LEU A 3385 -36.87 -43.42 -54.32
C LEU A 3385 -37.78 -44.49 -53.75
N SER A 3386 -38.30 -45.38 -54.61
CA SER A 3386 -39.10 -46.49 -54.12
C SER A 3386 -38.31 -47.38 -53.17
N GLU A 3387 -37.09 -47.75 -53.56
CA GLU A 3387 -36.25 -48.60 -52.73
C GLU A 3387 -35.99 -47.95 -51.38
N ALA A 3388 -35.72 -46.65 -51.38
CA ALA A 3388 -35.61 -45.92 -50.12
C ALA A 3388 -36.90 -46.04 -49.32
N VAL A 3389 -38.05 -46.06 -50.01
CA VAL A 3389 -39.33 -46.18 -49.32
C VAL A 3389 -39.47 -47.53 -48.63
N GLN A 3390 -39.23 -48.63 -49.37
CA GLN A 3390 -39.34 -49.95 -48.72
C GLN A 3390 -38.29 -50.13 -47.63
N ALA A 3391 -37.13 -49.50 -47.79
CA ALA A 3391 -36.17 -49.50 -46.68
C ALA A 3391 -36.75 -48.76 -45.48
N ALA A 3392 -37.48 -47.68 -45.73
CA ALA A 3392 -38.15 -46.95 -44.67
C ALA A 3392 -39.47 -47.59 -44.24
N GLU A 3393 -40.08 -48.43 -45.09
CA GLU A 3393 -41.32 -49.09 -44.69
C GLU A 3393 -41.12 -50.02 -43.51
N GLU A 3394 -39.91 -50.52 -43.32
CA GLU A 3394 -39.59 -51.36 -42.17
C GLU A 3394 -39.35 -50.46 -40.97
N GLU A 3395 -40.26 -50.52 -39.99
CA GLU A 3395 -40.16 -49.68 -38.80
C GLU A 3395 -39.10 -50.28 -37.88
N ALA A 3396 -37.85 -50.01 -38.21
CA ALA A 3396 -36.71 -50.53 -37.45
C ALA A 3396 -36.61 -49.85 -36.09
N ALA A 3406 -35.71 -40.81 -37.88
CA ALA A 3406 -37.09 -40.68 -37.42
C ALA A 3406 -37.93 -39.90 -38.43
N ALA A 3407 -37.29 -39.00 -39.16
CA ALA A 3407 -37.97 -38.16 -40.14
C ALA A 3407 -37.60 -38.49 -41.58
N GLY A 3408 -36.54 -39.28 -41.80
CA GLY A 3408 -36.14 -39.60 -43.17
C GLY A 3408 -37.22 -40.32 -43.94
N VAL A 3409 -38.07 -41.08 -43.26
CA VAL A 3409 -39.16 -41.79 -43.93
C VAL A 3409 -40.12 -40.79 -44.58
N ILE A 3410 -40.50 -39.74 -43.84
CA ILE A 3410 -41.39 -38.75 -44.41
C ILE A 3410 -40.67 -37.94 -45.48
N ASP A 3411 -39.35 -37.78 -45.35
CA ASP A 3411 -38.59 -37.09 -46.40
C ASP A 3411 -38.67 -37.87 -47.71
N ALA A 3412 -38.44 -39.18 -47.67
CA ALA A 3412 -38.55 -39.99 -48.87
C ALA A 3412 -39.97 -39.99 -49.41
N TYR A 3413 -40.96 -40.08 -48.51
CA TYR A 3413 -42.35 -40.05 -48.93
C TYR A 3413 -42.66 -38.77 -49.68
N MET A 3414 -42.29 -37.62 -49.11
CA MET A 3414 -42.53 -36.34 -49.74
C MET A 3414 -41.78 -36.21 -51.06
N THR A 3415 -40.53 -36.67 -51.10
CA THR A 3415 -39.75 -36.58 -52.33
C THR A 3415 -40.42 -37.36 -53.46
N LEU A 3416 -40.82 -38.60 -53.19
CA LEU A 3416 -41.46 -39.41 -54.23
C LEU A 3416 -42.82 -38.84 -54.62
N ALA A 3417 -43.60 -38.38 -53.64
CA ALA A 3417 -44.92 -37.83 -53.95
C ALA A 3417 -44.80 -36.56 -54.79
N ASP A 3418 -43.85 -35.68 -54.45
CA ASP A 3418 -43.65 -34.47 -55.23
C ASP A 3418 -43.11 -34.78 -56.61
N PHE A 3419 -42.25 -35.80 -56.73
CA PHE A 3419 -41.77 -36.21 -58.05
C PHE A 3419 -42.93 -36.67 -58.92
N CYS A 3420 -43.83 -37.50 -58.36
CA CYS A 3420 -44.99 -37.92 -59.12
C CYS A 3420 -45.90 -36.75 -59.48
N ASP A 3421 -46.06 -35.81 -58.54
CA ASP A 3421 -46.92 -34.65 -58.78
C ASP A 3421 -46.36 -33.79 -59.91
N GLN A 3422 -45.04 -33.54 -59.90
CA GLN A 3422 -44.46 -32.72 -60.95
C GLN A 3422 -44.45 -33.46 -62.28
N GLN A 3423 -44.31 -34.78 -62.27
CA GLN A 3423 -44.45 -35.54 -63.52
C GLN A 3423 -45.86 -35.41 -64.06
N LEU A 3424 -46.87 -35.48 -63.20
CA LEU A 3424 -48.25 -35.28 -63.64
C LEU A 3424 -48.46 -33.88 -64.19
N ARG A 3425 -47.90 -32.87 -63.52
CA ARG A 3425 -48.05 -31.49 -63.98
C ARG A 3425 -47.39 -31.30 -65.34
N LYS A 3426 -46.21 -31.90 -65.54
CA LYS A 3426 -45.58 -31.83 -66.86
C LYS A 3426 -46.43 -32.55 -67.91
N GLU A 3427 -47.02 -33.69 -67.53
CA GLU A 3427 -47.84 -34.44 -68.48
C GLU A 3427 -49.09 -33.66 -68.87
N GLU A 3428 -49.72 -32.94 -67.94
CA GLU A 3428 -50.90 -32.15 -68.26
C GLU A 3428 -50.50 -30.82 -68.88
N GLU A 3429 -49.66 -30.88 -69.91
CA GLU A 3429 -49.17 -29.68 -70.58
C GLU A 3429 -50.25 -29.05 -71.45
N LEU A 3439 -46.25 -44.15 -64.58
CA LEU A 3439 -47.13 -43.25 -65.30
C LEU A 3439 -48.48 -43.12 -64.59
N GLN A 3440 -49.45 -43.92 -65.03
CA GLN A 3440 -50.78 -43.85 -64.46
C GLN A 3440 -50.84 -44.30 -63.01
N ALA A 3441 -49.88 -45.13 -62.57
CA ALA A 3441 -49.83 -45.55 -61.18
C ALA A 3441 -49.22 -44.48 -60.27
N TYR A 3442 -48.50 -43.52 -60.85
CA TYR A 3442 -47.87 -42.48 -60.04
C TYR A 3442 -48.86 -41.64 -59.22
N PRO A 3443 -50.00 -41.19 -59.76
CA PRO A 3443 -50.91 -40.39 -58.92
C PRO A 3443 -51.39 -41.12 -57.67
N ALA A 3444 -51.90 -42.35 -57.82
CA ALA A 3444 -52.38 -43.09 -56.65
C ALA A 3444 -51.25 -43.35 -55.66
N LEU A 3445 -50.09 -43.76 -56.16
CA LEU A 3445 -48.94 -44.00 -55.29
C LEU A 3445 -48.60 -42.76 -54.48
N VAL A 3446 -48.50 -41.61 -55.16
CA VAL A 3446 -48.24 -40.35 -54.46
C VAL A 3446 -49.35 -40.05 -53.47
N VAL A 3447 -50.58 -40.49 -53.76
CA VAL A 3447 -51.67 -40.30 -52.81
C VAL A 3447 -51.37 -41.03 -51.51
N GLU A 3448 -50.99 -42.32 -51.60
CA GLU A 3448 -50.68 -43.03 -50.35
C GLU A 3448 -49.46 -42.41 -49.67
N LYS A 3449 -48.45 -41.98 -50.46
CA LYS A 3449 -47.27 -41.39 -49.84
C LYS A 3449 -47.63 -40.12 -49.07
N MET A 3450 -48.46 -39.26 -49.66
CA MET A 3450 -48.84 -38.02 -49.00
C MET A 3450 -49.70 -38.29 -47.77
N LEU A 3451 -50.59 -39.29 -47.85
CA LEU A 3451 -51.38 -39.63 -46.67
C LEU A 3451 -50.50 -40.15 -45.54
N LYS A 3452 -49.52 -41.00 -45.86
CA LYS A 3452 -48.58 -41.46 -44.84
C LYS A 3452 -47.78 -40.32 -44.26
N ALA A 3453 -47.36 -39.37 -45.10
CA ALA A 3453 -46.66 -38.19 -44.59
C ALA A 3453 -47.55 -37.40 -43.65
N LEU A 3454 -48.84 -37.30 -43.96
CA LEU A 3454 -49.78 -36.68 -43.04
C LEU A 3454 -49.82 -37.43 -41.71
N LYS A 3455 -49.80 -38.76 -41.77
CA LYS A 3455 -49.86 -39.56 -40.54
C LYS A 3455 -48.66 -39.34 -39.63
N LEU A 3456 -47.55 -38.82 -40.14
CA LEU A 3456 -46.32 -38.70 -39.37
C LEU A 3456 -45.93 -37.23 -39.17
N ASN A 3457 -46.92 -36.38 -38.92
CA ASN A 3457 -46.71 -34.99 -38.52
C ASN A 3457 -45.90 -34.23 -39.56
N SER A 3458 -46.48 -34.07 -40.74
CA SER A 3458 -45.89 -33.30 -41.83
C SER A 3458 -46.90 -32.25 -42.28
N ASN A 3459 -46.78 -31.03 -41.74
CA ASN A 3459 -47.65 -29.95 -42.18
C ASN A 3459 -47.41 -29.59 -43.65
N GLU A 3460 -46.20 -29.85 -44.15
CA GLU A 3460 -45.93 -29.65 -45.58
C GLU A 3460 -46.80 -30.58 -46.42
N ALA A 3461 -47.04 -31.80 -45.93
CA ALA A 3461 -47.99 -32.69 -46.59
C ALA A 3461 -49.38 -32.08 -46.59
N ARG A 3462 -49.76 -31.42 -45.50
CA ARG A 3462 -51.06 -30.74 -45.47
C ARG A 3462 -51.11 -29.64 -46.52
N LEU A 3463 -50.03 -28.88 -46.67
CA LEU A 3463 -49.99 -27.83 -47.70
C LEU A 3463 -50.12 -28.43 -49.10
N LYS A 3464 -49.42 -29.54 -49.35
CA LYS A 3464 -49.48 -30.17 -50.67
C LYS A 3464 -50.80 -30.91 -50.89
N PHE A 3465 -51.56 -31.16 -49.83
CA PHE A 3465 -52.77 -31.98 -49.91
C PHE A 3465 -53.79 -31.52 -50.94
N PRO A 3466 -54.16 -30.24 -51.04
CA PRO A 3466 -55.20 -29.87 -52.02
C PRO A 3466 -54.86 -30.22 -53.46
N ARG A 3467 -53.59 -30.20 -53.83
CA ARG A 3467 -53.21 -30.65 -55.17
C ARG A 3467 -53.57 -32.12 -55.36
N LEU A 3468 -53.30 -32.96 -54.37
CA LEU A 3468 -53.68 -34.36 -54.49
C LEU A 3468 -55.20 -34.54 -54.43
N LEU A 3469 -55.89 -33.65 -53.70
CA LEU A 3469 -57.35 -33.69 -53.69
C LEU A 3469 -57.90 -33.46 -55.09
N GLN A 3470 -57.45 -32.39 -55.76
CA GLN A 3470 -57.92 -32.14 -57.11
C GLN A 3470 -57.46 -33.23 -58.08
N ILE A 3471 -56.29 -33.81 -57.84
CA ILE A 3471 -55.82 -34.90 -58.69
C ILE A 3471 -56.76 -36.10 -58.58
N ILE A 3472 -57.06 -36.53 -57.35
CA ILE A 3472 -57.89 -37.70 -57.15
C ILE A 3472 -59.32 -37.44 -57.60
N GLU A 3473 -59.81 -36.20 -57.44
CA GLU A 3473 -61.16 -35.88 -57.90
C GLU A 3473 -61.25 -35.76 -59.41
N ARG A 3474 -60.17 -35.38 -60.08
CA ARG A 3474 -60.16 -35.34 -61.54
C ARG A 3474 -59.75 -36.66 -62.18
N TYR A 3475 -59.26 -37.61 -61.40
CA TYR A 3475 -58.84 -38.92 -61.90
C TYR A 3475 -59.57 -40.01 -61.14
N PRO A 3476 -60.72 -40.46 -61.64
CA PRO A 3476 -61.42 -41.59 -61.00
C PRO A 3476 -60.62 -42.87 -61.03
N GLU A 3477 -59.63 -42.99 -61.91
CA GLU A 3477 -58.74 -44.15 -61.88
C GLU A 3477 -58.07 -44.28 -60.53
N GLU A 3478 -57.59 -43.17 -59.97
CA GLU A 3478 -57.25 -43.13 -58.56
C GLU A 3478 -58.54 -43.10 -57.77
N THR A 3479 -59.01 -44.26 -57.33
CA THR A 3479 -60.35 -44.38 -56.80
C THR A 3479 -60.50 -43.61 -55.49
N LEU A 3480 -61.75 -43.27 -55.17
CA LEU A 3480 -62.04 -42.57 -53.93
C LEU A 3480 -61.60 -43.38 -52.72
N SER A 3481 -61.77 -44.70 -52.77
CA SER A 3481 -61.41 -45.56 -51.65
C SER A 3481 -59.93 -45.41 -51.28
N LEU A 3482 -59.08 -45.13 -52.26
CA LEU A 3482 -57.64 -45.03 -52.00
C LEU A 3482 -57.36 -43.99 -50.92
N MET A 3483 -57.94 -42.79 -51.06
CA MET A 3483 -57.69 -41.77 -50.05
C MET A 3483 -58.50 -42.01 -48.79
N THR A 3484 -59.73 -42.53 -48.92
CA THR A 3484 -60.56 -42.78 -47.75
C THR A 3484 -59.93 -43.79 -46.80
N LYS A 3485 -59.11 -44.70 -47.33
CA LYS A 3485 -58.52 -45.74 -46.48
C LYS A 3485 -57.72 -45.13 -45.34
N GLU A 3486 -56.94 -44.09 -45.62
CA GLU A 3486 -56.20 -43.41 -44.56
C GLU A 3486 -56.95 -42.20 -44.00
N ILE A 3487 -57.76 -41.52 -44.81
CA ILE A 3487 -58.54 -40.38 -44.35
C ILE A 3487 -59.57 -40.80 -43.31
N SER A 3488 -60.06 -42.04 -43.38
CA SER A 3488 -61.00 -42.51 -42.37
C SER A 3488 -60.43 -42.42 -40.96
N SER A 3489 -59.11 -42.46 -40.83
CA SER A 3489 -58.42 -42.23 -39.57
C SER A 3489 -57.64 -40.92 -39.70
N VAL A 3490 -58.20 -39.85 -39.16
CA VAL A 3490 -57.51 -38.55 -39.26
C VAL A 3490 -56.21 -38.62 -38.47
N PRO A 3491 -55.09 -38.14 -39.01
CA PRO A 3491 -53.82 -38.21 -38.28
C PRO A 3491 -53.85 -37.48 -36.96
N CYS A 3492 -54.14 -36.17 -37.00
CA CYS A 3492 -54.23 -35.34 -35.80
C CYS A 3492 -55.38 -34.37 -35.89
N TRP A 3493 -56.44 -34.73 -36.62
CA TRP A 3493 -57.51 -33.80 -36.99
C TRP A 3493 -56.92 -32.59 -37.71
N GLN A 3494 -56.14 -32.88 -38.74
CA GLN A 3494 -55.50 -31.87 -39.58
C GLN A 3494 -56.49 -31.31 -40.58
N PHE A 3495 -55.98 -30.62 -41.61
CA PHE A 3495 -56.77 -30.04 -42.69
C PHE A 3495 -57.53 -28.79 -42.26
N ILE A 3496 -57.12 -28.18 -41.16
CA ILE A 3496 -57.88 -27.06 -40.59
C ILE A 3496 -57.93 -25.89 -41.56
N SER A 3497 -56.79 -25.54 -42.17
CA SER A 3497 -56.73 -24.40 -43.07
C SER A 3497 -57.27 -24.71 -44.46
N TRP A 3498 -57.97 -25.83 -44.64
CA TRP A 3498 -58.64 -26.12 -45.90
C TRP A 3498 -60.05 -26.66 -45.68
N ILE A 3499 -60.58 -26.54 -44.46
CA ILE A 3499 -61.92 -27.05 -44.18
C ILE A 3499 -62.93 -26.43 -45.13
N SER A 3500 -62.69 -25.18 -45.53
CA SER A 3500 -63.52 -24.57 -46.57
C SER A 3500 -63.41 -25.34 -47.87
N HIS A 3501 -62.20 -25.77 -48.24
CA HIS A 3501 -62.01 -26.54 -49.47
C HIS A 3501 -62.77 -27.86 -49.41
N MET A 3502 -62.65 -28.58 -48.29
CA MET A 3502 -63.35 -29.86 -48.20
C MET A 3502 -64.86 -29.69 -48.14
N VAL A 3503 -65.35 -28.63 -47.49
CA VAL A 3503 -66.79 -28.41 -47.46
C VAL A 3503 -67.30 -28.04 -48.84
N ALA A 3504 -66.52 -27.25 -49.60
CA ALA A 3504 -66.87 -26.96 -50.98
C ALA A 3504 -66.89 -28.21 -51.83
N LEU A 3505 -65.92 -29.11 -51.61
CA LEU A 3505 -65.94 -30.40 -52.31
C LEU A 3505 -67.16 -31.22 -51.91
N LEU A 3506 -67.58 -31.10 -50.65
CA LEU A 3506 -68.83 -31.71 -50.22
C LEU A 3506 -70.01 -31.15 -51.01
N ASP A 3507 -69.99 -29.85 -51.27
CA ASP A 3507 -70.95 -29.27 -52.21
C ASP A 3507 -70.79 -29.88 -53.59
N LYS A 3508 -69.54 -30.14 -53.99
CA LYS A 3508 -69.28 -30.79 -55.27
C LYS A 3508 -69.64 -32.27 -55.20
N ASP A 3509 -69.40 -32.98 -56.29
CA ASP A 3509 -69.71 -34.40 -56.35
C ASP A 3509 -68.60 -35.22 -55.70
N GLN A 3510 -68.87 -36.52 -55.54
CA GLN A 3510 -67.93 -37.46 -54.91
C GLN A 3510 -67.58 -37.02 -53.49
N ALA A 3511 -68.58 -36.46 -52.79
CA ALA A 3511 -68.37 -36.02 -51.42
C ALA A 3511 -68.18 -37.17 -50.44
N VAL A 3512 -68.51 -38.40 -50.83
CA VAL A 3512 -68.35 -39.54 -49.93
C VAL A 3512 -66.90 -39.75 -49.56
N ALA A 3513 -65.97 -39.31 -50.42
CA ALA A 3513 -64.56 -39.44 -50.11
C ALA A 3513 -64.17 -38.57 -48.91
N VAL A 3514 -64.94 -37.54 -48.62
CA VAL A 3514 -64.61 -36.59 -47.56
C VAL A 3514 -65.75 -36.39 -46.57
N GLN A 3515 -66.95 -36.93 -46.84
CA GLN A 3515 -68.08 -36.72 -45.95
C GLN A 3515 -67.82 -37.28 -44.56
N HIS A 3516 -67.24 -38.48 -44.48
CA HIS A 3516 -66.95 -39.09 -43.19
C HIS A 3516 -65.97 -38.25 -42.39
N SER A 3517 -64.91 -37.76 -43.04
CA SER A 3517 -63.93 -36.95 -42.34
C SER A 3517 -64.53 -35.62 -41.89
N VAL A 3518 -65.40 -35.04 -42.72
CA VAL A 3518 -66.08 -33.80 -42.35
C VAL A 3518 -66.93 -34.02 -41.11
N GLU A 3519 -67.69 -35.13 -41.09
CA GLU A 3519 -68.50 -35.44 -39.92
C GLU A 3519 -67.63 -35.66 -38.70
N GLU A 3520 -66.51 -36.36 -38.86
CA GLU A 3520 -65.61 -36.61 -37.73
C GLU A 3520 -65.08 -35.31 -37.15
N ILE A 3521 -64.56 -34.43 -38.00
CA ILE A 3521 -63.99 -33.17 -37.52
C ILE A 3521 -65.07 -32.30 -36.90
N THR A 3522 -66.25 -32.21 -37.54
CA THR A 3522 -67.32 -31.38 -37.02
C THR A 3522 -67.75 -31.85 -35.63
N ASP A 3523 -67.96 -33.16 -35.48
CA ASP A 3523 -68.38 -33.68 -34.18
C ASP A 3523 -67.31 -33.46 -33.12
N ASN A 3524 -66.05 -33.72 -33.46
CA ASN A 3524 -64.97 -33.50 -32.51
C ASN A 3524 -64.77 -32.02 -32.25
N TYR A 3525 -64.80 -31.19 -33.30
CA TYR A 3525 -64.50 -29.76 -33.21
C TYR A 3525 -65.63 -28.96 -33.83
N PRO A 3526 -66.73 -28.75 -33.09
CA PRO A 3526 -67.78 -27.85 -33.59
C PRO A 3526 -67.35 -26.41 -33.53
N GLN A 3527 -68.19 -25.50 -34.03
CA GLN A 3527 -67.89 -24.08 -34.15
C GLN A 3527 -66.68 -23.80 -35.02
N ALA A 3528 -66.17 -24.80 -35.74
CA ALA A 3528 -65.08 -24.62 -36.68
C ALA A 3528 -65.59 -24.53 -38.12
N ILE A 3529 -66.35 -25.55 -38.56
CA ILE A 3529 -66.94 -25.53 -39.89
C ILE A 3529 -68.19 -24.67 -39.97
N VAL A 3530 -68.61 -24.05 -38.86
CA VAL A 3530 -69.87 -23.31 -38.88
C VAL A 3530 -69.81 -22.19 -39.92
N TYR A 3531 -68.75 -21.37 -39.88
CA TYR A 3531 -68.67 -20.24 -40.81
C TYR A 3531 -68.47 -20.72 -42.25
N PRO A 3532 -67.45 -21.51 -42.57
CA PRO A 3532 -67.34 -22.02 -43.94
C PRO A 3532 -68.52 -22.89 -44.34
N PHE A 3533 -69.09 -23.63 -43.39
CA PHE A 3533 -70.25 -24.46 -43.70
C PHE A 3533 -71.43 -23.61 -44.16
N ILE A 3534 -71.70 -22.51 -43.45
CA ILE A 3534 -72.80 -21.63 -43.82
C ILE A 3534 -72.49 -20.92 -45.13
N ILE A 3535 -71.24 -20.49 -45.32
CA ILE A 3535 -70.87 -19.81 -46.56
C ILE A 3535 -71.10 -20.73 -47.75
N SER A 3536 -70.70 -22.00 -47.62
CA SER A 3536 -70.94 -22.96 -48.69
C SER A 3536 -72.43 -23.25 -48.87
N SER A 3537 -73.15 -23.46 -47.77
CA SER A 3537 -74.57 -23.76 -47.84
C SER A 3537 -75.36 -22.62 -48.45
N GLU A 3538 -74.81 -21.41 -48.45
CA GLU A 3538 -75.43 -20.32 -49.19
C GLU A 3538 -75.53 -20.61 -50.68
N SER A 3539 -74.73 -21.57 -51.18
CA SER A 3539 -74.75 -21.91 -52.60
C SER A 3539 -74.69 -23.42 -52.82
N TYR A 3540 -75.26 -24.22 -51.92
CA TYR A 3540 -75.34 -25.66 -52.16
C TYR A 3540 -76.25 -25.95 -53.34
N SER A 3541 -75.78 -26.80 -54.24
CA SER A 3541 -76.60 -27.25 -55.37
C SER A 3541 -76.02 -28.58 -55.87
N PHE A 3542 -76.67 -29.68 -55.48
CA PHE A 3542 -76.22 -31.00 -55.89
C PHE A 3542 -76.94 -31.47 -57.15
N LYS A 3543 -78.27 -31.62 -57.06
CA LYS A 3543 -79.15 -31.80 -58.22
C LYS A 3543 -78.69 -32.94 -59.13
N ASP A 3544 -78.26 -34.04 -58.52
CA ASP A 3544 -77.87 -35.22 -59.29
C ASP A 3544 -78.76 -36.43 -59.04
N THR A 3545 -79.47 -36.49 -57.92
CA THR A 3545 -80.45 -37.53 -57.61
C THR A 3545 -79.83 -38.92 -57.52
N SER A 3546 -78.50 -39.01 -57.59
CA SER A 3546 -77.79 -40.28 -57.40
C SER A 3546 -77.00 -40.27 -56.11
N THR A 3547 -76.12 -39.28 -55.93
CA THR A 3547 -75.48 -39.02 -54.65
C THR A 3547 -75.98 -37.72 -54.02
N GLY A 3548 -76.89 -37.01 -54.69
CA GLY A 3548 -77.40 -35.77 -54.13
C GLY A 3548 -78.19 -35.99 -52.86
N HIS A 3549 -78.96 -37.10 -52.80
CA HIS A 3549 -79.67 -37.42 -51.58
C HIS A 3549 -78.71 -37.69 -50.43
N LYS A 3550 -77.62 -38.41 -50.72
CA LYS A 3550 -76.61 -38.66 -49.69
C LYS A 3550 -75.96 -37.35 -49.24
N ASN A 3551 -75.71 -36.44 -50.18
CA ASN A 3551 -75.14 -35.14 -49.81
C ASN A 3551 -76.11 -34.33 -48.96
N LYS A 3552 -77.40 -34.38 -49.28
CA LYS A 3552 -78.41 -33.71 -48.44
C LYS A 3552 -78.44 -34.32 -47.05
N GLU A 3553 -78.33 -35.64 -46.95
CA GLU A 3553 -78.27 -36.28 -45.63
C GLU A 3553 -77.03 -35.85 -44.87
N PHE A 3554 -75.89 -35.74 -45.57
CA PHE A 3554 -74.67 -35.26 -44.92
C PHE A 3554 -74.84 -33.84 -44.41
N VAL A 3555 -75.47 -32.98 -45.21
CA VAL A 3555 -75.69 -31.60 -44.79
C VAL A 3555 -76.61 -31.54 -43.58
N ALA A 3556 -77.66 -32.37 -43.58
CA ALA A 3556 -78.57 -32.41 -42.44
C ALA A 3556 -77.85 -32.89 -41.18
N ARG A 3557 -77.03 -33.94 -41.32
CA ARG A 3557 -76.28 -34.43 -40.15
C ARG A 3557 -75.31 -33.37 -39.64
N ILE A 3558 -74.65 -32.66 -40.56
CA ILE A 3558 -73.70 -31.63 -40.14
C ILE A 3558 -74.42 -30.51 -39.39
N LYS A 3559 -75.52 -30.01 -39.97
CA LYS A 3559 -76.27 -28.93 -39.30
C LYS A 3559 -76.86 -29.41 -37.98
N SER A 3560 -77.17 -30.70 -37.87
CA SER A 3560 -77.53 -31.27 -36.57
C SER A 3560 -76.36 -31.18 -35.60
N LYS A 3561 -75.17 -31.46 -36.12
CA LYS A 3561 -73.95 -31.34 -35.28
C LYS A 3561 -73.65 -29.85 -35.09
N LEU A 3562 -74.24 -28.99 -35.93
CA LEU A 3562 -74.07 -27.53 -35.76
C LEU A 3562 -75.23 -27.07 -34.88
N ASP A 3563 -76.26 -26.47 -35.50
CA ASP A 3563 -77.46 -26.00 -34.75
C ASP A 3563 -77.03 -25.04 -33.65
N GLN A 3564 -76.68 -25.57 -32.47
CA GLN A 3564 -76.16 -24.74 -31.35
C GLN A 3564 -77.21 -23.69 -30.97
N GLY A 3565 -78.46 -24.11 -30.76
CA GLY A 3565 -79.54 -23.19 -30.40
C GLY A 3565 -79.62 -22.03 -31.38
N GLY A 3566 -79.22 -22.25 -32.63
CA GLY A 3566 -79.19 -21.17 -33.64
C GLY A 3566 -78.49 -19.93 -33.11
N VAL A 3567 -77.50 -20.10 -32.24
CA VAL A 3567 -76.88 -18.90 -31.62
C VAL A 3567 -75.89 -18.33 -32.62
N ILE A 3568 -75.17 -19.19 -33.34
CA ILE A 3568 -74.29 -18.62 -34.40
C ILE A 3568 -75.19 -17.90 -35.41
N GLN A 3569 -76.36 -18.45 -35.73
CA GLN A 3569 -77.26 -17.76 -36.65
C GLN A 3569 -77.74 -16.44 -36.04
N ASP A 3570 -78.11 -16.47 -34.76
CA ASP A 3570 -78.54 -15.24 -34.09
C ASP A 3570 -77.38 -14.25 -33.97
N PHE A 3571 -76.17 -14.73 -33.71
CA PHE A 3571 -75.01 -13.86 -33.66
C PHE A 3571 -74.76 -13.19 -35.01
N ILE A 3572 -74.88 -13.96 -36.09
CA ILE A 3572 -74.74 -13.39 -37.43
C ILE A 3572 -75.83 -12.35 -37.69
N ASN A 3573 -77.06 -12.66 -37.26
CA ASN A 3573 -78.14 -11.70 -37.42
C ASN A 3573 -77.85 -10.40 -36.66
N ALA A 3574 -77.33 -10.51 -35.44
CA ALA A 3574 -76.97 -9.31 -34.68
C ALA A 3574 -75.88 -8.51 -35.37
N LEU A 3575 -74.86 -9.19 -35.89
CA LEU A 3575 -73.80 -8.50 -36.62
C LEU A 3575 -74.36 -7.78 -37.84
N ASP A 3576 -75.29 -8.42 -38.55
CA ASP A 3576 -75.95 -7.76 -39.68
C ASP A 3576 -76.75 -6.55 -39.20
N GLN A 3577 -77.42 -6.68 -38.06
CA GLN A 3577 -78.14 -5.54 -37.48
C GLN A 3577 -77.20 -4.38 -37.20
N LEU A 3578 -75.94 -4.69 -36.85
CA LEU A 3578 -74.95 -3.63 -36.69
C LEU A 3578 -74.69 -2.92 -38.00
N SER A 3579 -74.62 -3.66 -39.11
CA SER A 3579 -74.19 -3.10 -40.38
C SER A 3579 -75.19 -2.04 -40.88
N ASN A 3580 -74.68 -1.10 -41.66
CA ASN A 3580 -75.50 -0.02 -42.20
C ASN A 3580 -76.42 -0.56 -43.29
N PRO A 3581 -77.74 -0.41 -43.16
CA PRO A 3581 -78.64 -0.96 -44.17
C PRO A 3581 -78.59 -0.24 -45.50
N GLU A 3582 -78.21 1.04 -45.52
CA GLU A 3582 -78.20 1.79 -46.78
C GLU A 3582 -77.23 1.18 -47.78
N LEU A 3583 -76.02 0.83 -47.32
CA LEU A 3583 -75.06 0.20 -48.22
C LEU A 3583 -75.55 -1.14 -48.73
N LEU A 3584 -76.17 -1.93 -47.86
CA LEU A 3584 -76.72 -3.21 -48.27
C LEU A 3584 -77.78 -3.03 -49.34
N PHE A 3585 -78.68 -2.06 -49.15
CA PHE A 3585 -79.72 -1.81 -50.14
C PHE A 3585 -79.12 -1.31 -51.45
N LYS A 3586 -78.10 -0.46 -51.39
CA LYS A 3586 -77.46 0.01 -52.60
C LYS A 3586 -76.80 -1.12 -53.37
N ASP A 3587 -76.11 -2.02 -52.66
CA ASP A 3587 -75.50 -3.16 -53.32
C ASP A 3587 -76.56 -4.08 -53.93
N TRP A 3588 -77.66 -4.29 -53.22
CA TRP A 3588 -78.76 -5.09 -53.76
C TRP A 3588 -79.33 -4.44 -55.01
N SER A 3589 -79.46 -3.12 -55.00
CA SER A 3589 -79.98 -2.40 -56.16
C SER A 3589 -79.05 -2.54 -57.35
N ASN A 3590 -77.74 -2.44 -57.12
CA ASN A 3590 -76.78 -2.63 -58.21
C ASN A 3590 -76.87 -4.05 -58.77
N ASP A 3591 -77.00 -5.05 -57.89
CA ASP A 3591 -77.15 -6.42 -58.35
C ASP A 3591 -78.43 -6.58 -59.17
N VAL A 3592 -79.53 -5.96 -58.71
CA VAL A 3592 -80.79 -6.03 -59.46
C VAL A 3592 -80.63 -5.42 -60.83
N ARG A 3593 -80.00 -4.24 -60.91
CA ARG A 3593 -79.83 -3.57 -62.18
C ARG A 3593 -78.98 -4.40 -63.13
N ALA A 3594 -77.88 -4.97 -62.63
CA ALA A 3594 -77.03 -5.80 -63.47
C ALA A 3594 -77.77 -7.04 -63.96
N GLU A 3595 -78.55 -7.68 -63.07
CA GLU A 3595 -79.24 -8.90 -63.45
C GLU A 3595 -80.34 -8.62 -64.47
N LEU A 3596 -81.09 -7.53 -64.29
CA LEU A 3596 -82.12 -7.20 -65.27
C LEU A 3596 -81.51 -6.76 -66.60
N ALA A 3597 -80.34 -6.12 -66.56
CA ALA A 3597 -79.63 -5.84 -67.80
C ALA A 3597 -79.23 -7.13 -68.50
N LYS A 3598 -78.77 -8.11 -67.73
CA LYS A 3598 -78.39 -9.41 -68.29
C LYS A 3598 -79.63 -10.20 -68.70
N LYS A 3603 -87.82 -13.31 -63.84
CA LYS A 3603 -87.05 -14.47 -63.44
C LYS A 3603 -87.29 -14.84 -61.99
N LYS A 3604 -86.98 -16.08 -61.63
CA LYS A 3604 -87.14 -16.51 -60.23
C LYS A 3604 -86.01 -15.96 -59.36
N ASN A 3605 -84.79 -15.88 -59.91
CA ASN A 3605 -83.65 -15.42 -59.12
C ASN A 3605 -83.83 -13.99 -58.65
N ILE A 3606 -84.26 -13.10 -59.54
CA ILE A 3606 -84.46 -11.71 -59.17
C ILE A 3606 -85.52 -11.59 -58.08
N GLU A 3607 -86.63 -12.31 -58.23
CA GLU A 3607 -87.70 -12.24 -57.24
C GLU A 3607 -87.23 -12.77 -55.89
N LYS A 3608 -86.50 -13.88 -55.87
CA LYS A 3608 -86.07 -14.44 -54.59
C LYS A 3608 -85.04 -13.57 -53.91
N MET A 3609 -84.13 -12.95 -54.68
CA MET A 3609 -83.12 -12.10 -54.06
C MET A 3609 -83.75 -10.79 -53.57
N TYR A 3610 -84.72 -10.27 -54.31
CA TYR A 3610 -85.48 -9.11 -53.81
C TYR A 3610 -86.24 -9.47 -52.55
N GLU A 3611 -86.82 -10.68 -52.50
CA GLU A 3611 -87.56 -11.10 -51.31
C GLU A 3611 -86.64 -11.23 -50.10
N ARG A 3612 -85.45 -11.79 -50.28
CA ARG A 3612 -84.54 -11.89 -49.14
C ARG A 3612 -84.00 -10.52 -48.73
N MET A 3613 -83.85 -9.60 -49.69
CA MET A 3613 -83.52 -8.22 -49.32
C MET A 3613 -84.62 -7.62 -48.46
N TYR A 3614 -85.89 -7.82 -48.86
CA TYR A 3614 -87.01 -7.29 -48.10
C TYR A 3614 -87.05 -7.91 -46.72
N ALA A 3615 -86.78 -9.21 -46.62
CA ALA A 3615 -86.69 -9.86 -45.31
C ALA A 3615 -85.58 -9.23 -44.48
N ALA A 3616 -84.46 -8.90 -45.11
CA ALA A 3616 -83.35 -8.28 -44.37
C ALA A 3616 -83.73 -6.88 -43.87
N LEU A 3617 -84.25 -6.04 -44.76
CA LEU A 3617 -84.54 -4.65 -44.38
C LEU A 3617 -85.89 -4.11 -44.84
N GLY A 3618 -86.59 -4.78 -45.76
CA GLY A 3618 -87.87 -4.26 -46.20
C GLY A 3618 -88.94 -4.31 -45.11
N ASP A 3619 -88.95 -5.38 -44.31
CA ASP A 3619 -89.98 -5.51 -43.29
C ASP A 3619 -89.42 -5.24 -41.91
N PRO A 3620 -90.25 -4.76 -40.98
CA PRO A 3620 -89.79 -4.52 -39.60
C PRO A 3620 -89.96 -5.71 -38.65
N LYS A 3621 -90.28 -6.90 -39.16
CA LYS A 3621 -90.49 -8.08 -38.32
C LYS A 3621 -89.29 -9.01 -38.31
N ALA A 3622 -88.08 -8.45 -38.47
CA ALA A 3622 -86.88 -9.29 -38.46
C ALA A 3622 -86.59 -9.77 -37.04
N PRO A 3623 -86.02 -10.96 -36.88
CA PRO A 3623 -85.63 -11.42 -35.54
C PRO A 3623 -84.45 -10.64 -35.00
N GLY A 3624 -84.70 -9.75 -34.06
CA GLY A 3624 -83.69 -8.81 -33.60
C GLY A 3624 -83.62 -7.64 -34.56
N LEU A 3625 -83.67 -6.42 -34.04
CA LEU A 3625 -83.76 -5.25 -34.91
C LEU A 3625 -83.36 -4.02 -34.11
N GLY A 3626 -82.29 -3.35 -34.53
CA GLY A 3626 -81.86 -2.14 -33.86
C GLY A 3626 -82.76 -0.96 -34.17
N ALA A 3627 -82.81 -0.02 -33.23
CA ALA A 3627 -83.62 1.18 -33.42
C ALA A 3627 -83.13 2.00 -34.60
N PHE A 3628 -81.82 1.96 -34.88
CA PHE A 3628 -81.30 2.57 -36.10
C PHE A 3628 -81.94 1.93 -37.33
N ARG A 3629 -81.88 0.59 -37.40
CA ARG A 3629 -82.51 -0.11 -38.50
C ARG A 3629 -84.04 0.02 -38.43
N ARG A 3630 -84.61 0.16 -37.25
CA ARG A 3630 -86.05 0.41 -37.14
C ARG A 3630 -86.43 1.72 -37.82
N LYS A 3631 -85.67 2.79 -37.52
CA LYS A 3631 -85.94 4.07 -38.17
C LYS A 3631 -85.71 3.99 -39.68
N PHE A 3632 -84.66 3.27 -40.09
CA PHE A 3632 -84.42 3.09 -41.52
C PHE A 3632 -85.60 2.40 -42.18
N ILE A 3633 -86.13 1.34 -41.55
CA ILE A 3633 -87.26 0.60 -42.12
C ILE A 3633 -88.50 1.49 -42.18
N GLN A 3634 -88.74 2.26 -41.13
CA GLN A 3634 -89.91 3.15 -41.14
C GLN A 3634 -89.81 4.20 -42.23
N THR A 3635 -88.61 4.76 -42.42
CA THR A 3635 -88.44 5.75 -43.48
C THR A 3635 -88.54 5.12 -44.87
N PHE A 3636 -88.06 3.88 -45.03
CA PHE A 3636 -88.01 3.23 -46.33
C PHE A 3636 -89.31 2.50 -46.68
N GLY A 3637 -90.22 2.34 -45.72
CA GLY A 3637 -91.43 1.56 -45.97
C GLY A 3637 -92.31 2.11 -47.08
N LYS A 3638 -92.36 3.43 -47.24
CA LYS A 3638 -93.16 4.01 -48.32
C LYS A 3638 -92.66 3.51 -49.67
N GLU A 3639 -91.35 3.55 -49.89
CA GLU A 3639 -90.78 3.03 -51.12
C GLU A 3639 -90.92 1.50 -51.20
N PHE A 3640 -90.77 0.82 -50.07
CA PHE A 3640 -90.95 -0.63 -50.00
C PHE A 3640 -92.37 -1.03 -50.39
N ASP A 3641 -93.32 -0.11 -50.28
CA ASP A 3641 -94.69 -0.39 -50.70
C ASP A 3641 -94.95 0.02 -52.15
N LYS A 3642 -94.56 1.25 -52.52
CA LYS A 3642 -94.94 1.75 -53.83
C LYS A 3642 -94.15 1.09 -54.96
N HIS A 3643 -92.84 0.95 -54.78
CA HIS A 3643 -91.96 0.48 -55.84
C HIS A 3643 -91.50 -0.96 -55.66
N PHE A 3644 -91.92 -1.63 -54.59
CA PHE A 3644 -91.57 -3.03 -54.38
C PHE A 3644 -92.79 -3.95 -54.46
N GLY A 3645 -93.95 -3.42 -54.86
CA GLY A 3645 -95.06 -4.30 -55.16
C GLY A 3645 -94.73 -5.29 -56.25
N LYS A 3646 -93.99 -4.85 -57.26
CA LYS A 3646 -93.38 -5.72 -58.26
C LYS A 3646 -91.86 -5.65 -58.29
N GLY A 3647 -91.27 -4.51 -57.94
CA GLY A 3647 -89.82 -4.40 -57.98
C GLY A 3647 -89.31 -4.53 -59.40
N GLY A 3648 -88.48 -5.54 -59.63
CA GLY A 3648 -87.93 -5.79 -60.94
C GLY A 3648 -88.90 -6.51 -61.87
N SER A 3657 -84.46 -2.81 -68.27
CA SER A 3657 -84.10 -1.42 -68.05
C SER A 3657 -85.34 -0.57 -67.76
N ASP A 3658 -86.48 -1.24 -67.59
CA ASP A 3658 -87.71 -0.52 -67.27
C ASP A 3658 -87.70 0.01 -65.85
N PHE A 3659 -87.23 -0.80 -64.90
CA PHE A 3659 -87.23 -0.43 -63.50
C PHE A 3659 -85.91 0.16 -63.02
N ASN A 3660 -84.92 0.31 -63.92
CA ASN A 3660 -83.64 0.86 -63.49
C ASN A 3660 -83.76 2.32 -63.08
N ASP A 3661 -84.62 3.09 -63.76
CA ASP A 3661 -84.85 4.47 -63.37
C ASP A 3661 -85.49 4.55 -61.99
N ILE A 3662 -86.46 3.67 -61.71
CA ILE A 3662 -87.08 3.63 -60.39
C ILE A 3662 -86.04 3.25 -59.35
N THR A 3663 -85.14 2.32 -59.68
CA THR A 3663 -84.08 1.94 -58.76
C THR A 3663 -83.16 3.11 -58.46
N ASN A 3664 -82.80 3.88 -59.48
CA ASN A 3664 -81.98 5.08 -59.27
C ASN A 3664 -82.70 6.09 -58.39
N MET A 3665 -84.01 6.25 -58.61
CA MET A 3665 -84.79 7.14 -57.75
C MET A 3665 -84.77 6.66 -56.30
N LEU A 3666 -84.88 5.35 -56.09
CA LEU A 3666 -84.83 4.79 -54.74
C LEU A 3666 -83.48 5.06 -54.09
N LEU A 3667 -82.39 4.88 -54.85
CA LEU A 3667 -81.07 5.15 -54.31
C LEU A 3667 -80.89 6.63 -53.99
N LEU A 3668 -81.41 7.52 -54.82
CA LEU A 3668 -81.35 8.94 -54.52
C LEU A 3668 -82.14 9.27 -53.26
N LYS A 3669 -83.29 8.63 -53.07
CA LYS A 3669 -84.03 8.82 -51.83
C LYS A 3669 -83.24 8.34 -50.63
N MET A 3670 -82.55 7.20 -50.77
CA MET A 3670 -81.69 6.71 -49.69
C MET A 3670 -80.59 7.71 -49.36
N ASN A 3671 -79.97 8.29 -50.39
CA ASN A 3671 -78.97 9.33 -50.16
C ASN A 3671 -79.59 10.54 -49.48
N LYS A 3672 -80.82 10.90 -49.85
CA LYS A 3672 -81.51 12.01 -49.20
C LYS A 3672 -81.73 11.74 -47.72
N ASP A 3673 -82.05 10.49 -47.37
CA ASP A 3673 -82.24 10.15 -45.96
C ASP A 3673 -80.99 10.45 -45.15
N SER A 3674 -79.84 9.92 -45.58
CA SER A 3674 -78.54 10.20 -44.97
C SER A 3674 -78.58 10.04 -43.46
N LYS A 3675 -79.15 8.92 -43.02
CA LYS A 3675 -79.33 8.68 -41.60
C LYS A 3675 -77.98 8.59 -40.89
N PRO A 3676 -77.78 9.29 -39.79
CA PRO A 3676 -76.52 9.18 -39.05
C PRO A 3676 -76.34 7.77 -38.50
N PRO A 3677 -75.09 7.29 -38.43
CA PRO A 3677 -74.87 5.91 -37.95
C PRO A 3677 -75.30 5.75 -36.50
N GLY A 3678 -75.86 4.57 -36.20
CA GLY A 3678 -76.21 4.26 -34.83
C GLY A 3678 -74.97 4.06 -33.99
N ASN A 3679 -74.94 4.72 -32.83
CA ASN A 3679 -73.77 4.68 -31.95
C ASN A 3679 -74.11 4.21 -30.54
N LEU A 3680 -75.38 4.05 -30.21
CA LEU A 3680 -75.80 3.60 -28.90
C LEU A 3680 -76.29 2.16 -28.97
N LYS A 3681 -76.68 1.62 -27.80
CA LYS A 3681 -77.19 0.26 -27.74
C LYS A 3681 -78.42 0.06 -28.61
N GLU A 3682 -79.14 1.13 -28.90
CA GLU A 3682 -80.31 1.04 -29.78
C GLU A 3682 -79.93 0.67 -31.20
N CYS A 3683 -78.67 0.83 -31.60
CA CYS A 3683 -78.25 0.43 -32.93
C CYS A 3683 -78.35 -1.08 -33.14
N SER A 3684 -78.06 -1.86 -32.11
CA SER A 3684 -78.20 -3.30 -32.16
C SER A 3684 -78.54 -3.83 -30.77
N PRO A 3685 -79.73 -4.40 -30.59
CA PRO A 3685 -80.16 -4.81 -29.24
C PRO A 3685 -79.35 -5.99 -28.70
N TRP A 3686 -79.20 -7.03 -29.52
CA TRP A 3686 -78.67 -8.29 -29.02
C TRP A 3686 -77.27 -8.14 -28.43
N MET A 3687 -76.38 -7.40 -29.10
CA MET A 3687 -75.03 -7.23 -28.59
C MET A 3687 -75.03 -6.57 -27.22
N SER A 3688 -75.93 -5.60 -27.02
CA SER A 3688 -76.05 -4.94 -25.72
C SER A 3688 -76.60 -5.90 -24.67
N ASP A 3689 -77.70 -6.58 -24.99
CA ASP A 3689 -78.36 -7.43 -23.99
C ASP A 3689 -77.67 -8.77 -23.80
N PHE A 3690 -76.74 -9.14 -24.66
CA PHE A 3690 -76.06 -10.42 -24.52
C PHE A 3690 -75.24 -10.44 -23.25
N LYS A 3691 -75.39 -11.51 -22.46
CA LYS A 3691 -74.63 -11.72 -21.24
C LYS A 3691 -74.17 -13.16 -21.17
N VAL A 3692 -73.10 -13.39 -20.42
CA VAL A 3692 -72.59 -14.74 -20.26
C VAL A 3692 -73.62 -15.59 -19.52
N GLU A 3693 -73.87 -16.79 -20.04
CA GLU A 3693 -74.85 -17.69 -19.45
C GLU A 3693 -74.27 -19.08 -19.30
N PHE A 3694 -75.11 -20.05 -18.92
CA PHE A 3694 -74.66 -21.41 -18.72
C PHE A 3694 -75.73 -22.38 -19.23
N LEU A 3695 -75.34 -23.64 -19.35
CA LEU A 3695 -76.22 -24.70 -19.87
C LEU A 3695 -76.74 -24.33 -21.26
N ARG A 3696 -75.85 -23.79 -22.09
CA ARG A 3696 -76.17 -23.45 -23.47
C ARG A 3696 -74.92 -23.68 -24.32
N ASN A 3697 -75.09 -23.57 -25.63
CA ASN A 3697 -73.97 -23.78 -26.55
C ASN A 3697 -72.87 -22.76 -26.30
N GLU A 3698 -71.63 -23.23 -26.24
CA GLU A 3698 -70.49 -22.36 -25.97
C GLU A 3698 -70.14 -21.55 -27.21
N LEU A 3699 -69.83 -20.28 -27.02
CA LEU A 3699 -69.45 -19.38 -28.09
C LEU A 3699 -68.07 -18.80 -27.81
N GLU A 3700 -67.24 -18.72 -28.85
CA GLU A 3700 -65.87 -18.25 -28.70
C GLU A 3700 -65.52 -17.32 -29.85
N ILE A 3701 -64.40 -16.62 -29.70
CA ILE A 3701 -63.96 -15.69 -30.75
C ILE A 3701 -63.68 -16.46 -32.02
N PRO A 3702 -64.24 -16.07 -33.16
CA PRO A 3702 -63.96 -16.80 -34.41
C PRO A 3702 -62.50 -16.66 -34.80
N GLY A 3703 -61.98 -17.69 -35.47
CA GLY A 3703 -60.59 -17.74 -35.87
C GLY A 3703 -59.69 -18.52 -34.94
N GLN A 3704 -60.17 -18.92 -33.77
CA GLN A 3704 -59.35 -19.73 -32.87
C GLN A 3704 -59.08 -21.11 -33.44
N TYR A 3705 -59.89 -21.59 -34.37
CA TYR A 3705 -59.66 -22.87 -35.03
C TYR A 3705 -58.71 -22.67 -36.21
N ASP A 3706 -57.43 -22.48 -35.86
CA ASP A 3706 -56.39 -22.25 -36.86
C ASP A 3706 -55.12 -23.02 -36.52
N GLY A 3707 -55.25 -24.19 -35.92
CA GLY A 3707 -54.09 -24.95 -35.51
C GLY A 3707 -53.30 -25.49 -36.68
N ARG A 3708 -52.05 -25.87 -36.38
CA ARG A 3708 -51.17 -26.44 -37.39
C ARG A 3708 -51.41 -27.93 -37.57
N GLY A 3709 -52.67 -28.31 -37.80
CA GLY A 3709 -53.03 -29.70 -37.99
C GLY A 3709 -53.21 -30.50 -36.72
N LYS A 3710 -52.53 -30.13 -35.64
CA LYS A 3710 -52.64 -30.84 -34.37
C LYS A 3710 -54.02 -30.62 -33.75
N PRO A 3711 -54.47 -31.53 -32.89
CA PRO A 3711 -55.78 -31.36 -32.26
C PRO A 3711 -55.79 -30.14 -31.35
N LEU A 3712 -56.72 -29.23 -31.63
CA LEU A 3712 -56.80 -27.99 -30.87
C LEU A 3712 -57.32 -28.26 -29.46
N PRO A 3713 -56.84 -27.50 -28.48
CA PRO A 3713 -57.36 -27.67 -27.10
C PRO A 3713 -58.64 -26.88 -26.89
N GLU A 3714 -59.13 -26.86 -25.65
CA GLU A 3714 -60.32 -26.11 -25.28
C GLU A 3714 -59.99 -24.72 -24.77
N TYR A 3715 -58.89 -24.14 -25.26
CA TYR A 3715 -58.45 -22.81 -24.83
C TYR A 3715 -58.90 -21.71 -25.79
N HIS A 3716 -59.83 -22.00 -26.68
CA HIS A 3716 -60.40 -20.96 -27.53
C HIS A 3716 -61.04 -19.89 -26.66
N VAL A 3717 -60.76 -18.63 -27.00
CA VAL A 3717 -61.22 -17.51 -26.16
C VAL A 3717 -62.73 -17.39 -26.31
N ARG A 3718 -63.46 -17.81 -25.28
CA ARG A 3718 -64.91 -17.71 -25.29
C ARG A 3718 -65.34 -16.25 -25.25
N ILE A 3719 -66.36 -15.93 -26.04
CA ILE A 3719 -66.89 -14.57 -26.10
C ILE A 3719 -67.68 -14.30 -24.81
N ALA A 3720 -67.34 -13.23 -24.12
CA ALA A 3720 -67.99 -12.86 -22.87
C ALA A 3720 -68.95 -11.69 -23.04
N GLY A 3721 -68.57 -10.68 -23.79
CA GLY A 3721 -69.44 -9.55 -24.00
C GLY A 3721 -68.87 -8.60 -25.03
N PHE A 3722 -69.49 -7.42 -25.14
CA PHE A 3722 -69.05 -6.39 -26.06
C PHE A 3722 -69.01 -5.06 -25.33
N ASP A 3723 -68.59 -4.02 -26.04
CA ASP A 3723 -68.57 -2.67 -25.53
C ASP A 3723 -69.26 -1.74 -26.53
N GLU A 3724 -69.98 -0.75 -26.00
CA GLU A 3724 -70.85 0.07 -26.84
C GLU A 3724 -70.09 1.13 -27.63
N ARG A 3725 -68.83 1.39 -27.31
CA ARG A 3725 -68.08 2.40 -28.04
C ARG A 3725 -67.87 1.98 -29.49
N VAL A 3726 -68.63 2.59 -30.41
CA VAL A 3726 -68.53 2.30 -31.83
C VAL A 3726 -67.54 3.26 -32.46
N THR A 3727 -66.63 2.71 -33.26
CA THR A 3727 -65.62 3.50 -33.97
C THR A 3727 -65.93 3.42 -35.46
N VAL A 3728 -66.64 4.42 -35.97
CA VAL A 3728 -67.05 4.45 -37.38
C VAL A 3728 -65.95 5.18 -38.14
N MET A 3729 -64.91 4.45 -38.53
CA MET A 3729 -63.81 5.04 -39.26
C MET A 3729 -64.25 5.47 -40.65
N ALA A 3730 -63.65 6.55 -41.13
CA ALA A 3730 -64.04 7.14 -42.41
C ALA A 3730 -63.49 6.33 -43.57
N SER A 3731 -64.38 5.93 -44.48
CA SER A 3731 -64.00 5.20 -45.70
C SER A 3731 -65.18 5.26 -46.66
N LEU A 3732 -65.12 4.44 -47.70
CA LEU A 3732 -66.27 4.31 -48.60
C LEU A 3732 -67.44 3.64 -47.88
N ARG A 3733 -67.16 2.61 -47.08
CA ARG A 3733 -68.20 1.86 -46.39
C ARG A 3733 -68.40 2.28 -44.94
N ARG A 3734 -67.42 2.95 -44.35
CA ARG A 3734 -67.43 3.28 -42.92
C ARG A 3734 -67.67 2.04 -42.05
N PRO A 3735 -66.81 1.03 -42.11
CA PRO A 3735 -66.95 -0.10 -41.19
C PRO A 3735 -66.81 0.37 -39.74
N LYS A 3736 -67.56 -0.26 -38.86
CA LYS A 3736 -67.66 0.16 -37.47
C LYS A 3736 -66.84 -0.79 -36.60
N ARG A 3737 -65.76 -0.26 -36.02
CA ARG A 3737 -64.95 -1.06 -35.11
C ARG A 3737 -65.69 -1.31 -33.81
N ILE A 3738 -65.60 -2.55 -33.32
CA ILE A 3738 -66.21 -2.94 -32.06
C ILE A 3738 -65.16 -3.61 -31.20
N ILE A 3739 -65.41 -3.61 -29.89
CA ILE A 3739 -64.52 -4.23 -28.91
C ILE A 3739 -65.24 -5.44 -28.33
N ILE A 3740 -64.59 -6.60 -28.41
CA ILE A 3740 -65.15 -7.85 -27.91
C ILE A 3740 -64.29 -8.32 -26.76
N ARG A 3741 -64.92 -8.53 -25.61
CA ARG A 3741 -64.23 -9.01 -24.41
C ARG A 3741 -64.51 -10.50 -24.22
N GLY A 3742 -63.46 -11.24 -23.89
CA GLY A 3742 -63.55 -12.68 -23.72
C GLY A 3742 -63.44 -13.10 -22.27
N HIS A 3743 -63.62 -14.41 -22.06
CA HIS A 3743 -63.49 -14.98 -20.72
C HIS A 3743 -62.07 -14.84 -20.19
N ASP A 3744 -61.09 -14.61 -21.06
CA ASP A 3744 -59.73 -14.33 -20.65
C ASP A 3744 -59.55 -12.92 -20.09
N GLU A 3745 -60.64 -12.15 -20.01
CA GLU A 3745 -60.63 -10.77 -19.53
C GLU A 3745 -59.80 -9.85 -20.42
N ARG A 3746 -59.59 -10.23 -21.67
CA ARG A 3746 -58.88 -9.42 -22.64
C ARG A 3746 -59.85 -8.84 -23.65
N GLU A 3747 -59.60 -7.61 -24.06
CA GLU A 3747 -60.45 -6.91 -25.02
C GLU A 3747 -59.83 -7.05 -26.41
N HIS A 3748 -60.59 -7.62 -27.34
CA HIS A 3748 -60.13 -7.82 -28.71
C HIS A 3748 -60.94 -6.95 -29.65
N PRO A 3749 -60.39 -5.83 -30.12
CA PRO A 3749 -61.11 -5.01 -31.09
C PRO A 3749 -61.25 -5.73 -32.43
N PHE A 3750 -62.32 -5.41 -33.14
CA PHE A 3750 -62.64 -6.10 -34.39
C PHE A 3750 -63.33 -5.13 -35.34
N LEU A 3751 -63.39 -5.54 -36.61
CA LEU A 3751 -64.02 -4.76 -37.66
C LEU A 3751 -65.03 -5.62 -38.39
N VAL A 3752 -66.09 -4.98 -38.88
CA VAL A 3752 -67.17 -5.67 -39.57
C VAL A 3752 -67.37 -5.02 -40.94
N LYS A 3753 -67.56 -5.85 -41.96
CA LYS A 3753 -67.71 -5.40 -43.34
C LYS A 3753 -69.00 -6.01 -43.90
N GLY A 3754 -70.06 -5.21 -43.94
CA GLY A 3754 -71.32 -5.69 -44.47
C GLY A 3754 -71.33 -5.75 -45.99
N GLY A 3755 -72.01 -6.75 -46.53
CA GLY A 3755 -72.17 -6.89 -47.96
C GLY A 3755 -70.88 -7.06 -48.72
N GLU A 3756 -69.89 -7.73 -48.13
CA GLU A 3756 -68.61 -7.97 -48.79
C GLU A 3756 -68.15 -9.38 -48.48
N ASP A 3757 -67.39 -9.96 -49.42
CA ASP A 3757 -66.80 -11.28 -49.25
C ASP A 3757 -65.31 -11.11 -48.99
N LEU A 3758 -64.81 -11.82 -47.97
CA LEU A 3758 -63.42 -11.70 -47.55
C LEU A 3758 -62.68 -13.04 -47.64
N ARG A 3759 -63.24 -14.00 -48.38
CA ARG A 3759 -62.55 -15.28 -48.57
C ARG A 3759 -61.21 -15.09 -49.29
N GLN A 3760 -61.19 -14.21 -50.30
CA GLN A 3760 -59.94 -13.90 -50.98
C GLN A 3760 -58.91 -13.34 -50.01
N ASP A 3761 -59.35 -12.50 -49.08
CA ASP A 3761 -58.44 -11.98 -48.05
C ASP A 3761 -57.92 -13.12 -47.16
N GLN A 3762 -58.79 -14.08 -46.83
CA GLN A 3762 -58.34 -15.22 -46.04
C GLN A 3762 -57.26 -16.00 -46.77
N ARG A 3763 -57.47 -16.28 -48.06
CA ARG A 3763 -56.47 -17.01 -48.82
C ARG A 3763 -55.18 -16.19 -48.96
N VAL A 3764 -55.31 -14.87 -49.09
CA VAL A 3764 -54.13 -14.01 -49.16
C VAL A 3764 -53.33 -14.11 -47.86
N GLU A 3765 -54.02 -14.12 -46.72
CA GLU A 3765 -53.33 -14.28 -45.45
C GLU A 3765 -52.68 -15.65 -45.33
N GLN A 3766 -53.35 -16.68 -45.87
CA GLN A 3766 -52.75 -18.01 -45.90
C GLN A 3766 -51.44 -17.99 -46.70
N LEU A 3767 -51.45 -17.36 -47.86
CA LEU A 3767 -50.24 -17.23 -48.66
C LEU A 3767 -49.18 -16.42 -47.92
N PHE A 3768 -49.62 -15.39 -47.19
CA PHE A 3768 -48.69 -14.55 -46.44
C PHE A 3768 -47.98 -15.35 -45.36
N GLN A 3769 -48.72 -16.18 -44.62
CA GLN A 3769 -48.08 -16.98 -43.58
C GLN A 3769 -47.24 -18.10 -44.19
N VAL A 3770 -47.61 -18.60 -45.38
CA VAL A 3770 -46.75 -19.53 -46.09
C VAL A 3770 -45.43 -18.87 -46.44
N MET A 3771 -45.48 -17.63 -46.92
CA MET A 3771 -44.27 -16.87 -47.19
C MET A 3771 -43.45 -16.64 -45.93
N ASN A 3772 -44.12 -16.35 -44.82
CA ASN A 3772 -43.42 -16.17 -43.55
C ASN A 3772 -42.68 -17.45 -43.16
N GLY A 3773 -43.35 -18.60 -43.30
CA GLY A 3773 -42.69 -19.86 -42.99
C GLY A 3773 -41.52 -20.16 -43.90
N ILE A 3774 -41.66 -19.87 -45.20
CA ILE A 3774 -40.57 -20.12 -46.14
C ILE A 3774 -39.38 -19.22 -45.80
N LEU A 3775 -39.64 -17.95 -45.49
CA LEU A 3775 -38.56 -17.05 -45.09
C LEU A 3775 -37.89 -17.53 -43.81
N ALA A 3776 -38.69 -18.00 -42.85
CA ALA A 3776 -38.12 -18.56 -41.63
C ALA A 3776 -37.24 -19.77 -41.93
N GLN A 3777 -37.62 -20.55 -42.94
CA GLN A 3777 -36.82 -21.71 -43.33
C GLN A 3777 -35.43 -21.29 -43.82
N ASP A 3778 -35.37 -20.20 -44.59
CA ASP A 3778 -34.09 -19.72 -45.09
C ASP A 3778 -33.21 -19.24 -43.93
N SER A 3779 -31.90 -19.32 -44.14
CA SER A 3779 -30.94 -18.89 -43.14
C SER A 3779 -30.61 -17.40 -43.26
N ALA A 3780 -30.36 -16.92 -44.47
CA ALA A 3780 -29.89 -15.55 -44.65
C ALA A 3780 -30.97 -14.53 -44.29
N CYS A 3781 -32.11 -14.58 -44.99
CA CYS A 3781 -33.14 -13.57 -44.79
C CYS A 3781 -33.70 -13.62 -43.37
N SER A 3782 -33.91 -14.83 -42.84
CA SER A 3782 -34.46 -14.94 -41.49
C SER A 3782 -33.50 -14.39 -40.44
N GLN A 3783 -32.20 -14.35 -40.73
CA GLN A 3783 -31.26 -13.73 -39.81
C GLN A 3783 -31.55 -12.24 -39.66
N ARG A 3784 -32.14 -11.62 -40.68
CA ARG A 3784 -32.53 -10.22 -40.62
C ARG A 3784 -33.94 -10.03 -40.10
N ALA A 3785 -34.59 -11.11 -39.62
CA ALA A 3785 -35.94 -11.06 -39.09
C ALA A 3785 -36.95 -10.55 -40.12
N LEU A 3786 -36.72 -10.88 -41.39
CA LEU A 3786 -37.63 -10.48 -42.47
C LEU A 3786 -38.87 -11.38 -42.41
N GLN A 3787 -39.81 -11.00 -41.55
CA GLN A 3787 -41.07 -11.71 -41.39
C GLN A 3787 -42.21 -10.83 -41.85
N LEU A 3788 -43.03 -11.34 -42.77
CA LEU A 3788 -44.15 -10.58 -43.29
C LEU A 3788 -45.26 -10.51 -42.24
N ARG A 3789 -45.77 -9.29 -42.02
CA ARG A 3789 -46.86 -9.12 -41.07
C ARG A 3789 -48.13 -9.76 -41.60
N THR A 3790 -48.86 -10.44 -40.72
CA THR A 3790 -50.10 -11.11 -41.06
C THR A 3790 -51.18 -10.68 -40.08
N TYR A 3791 -52.38 -10.41 -40.60
CA TYR A 3791 -53.53 -10.07 -39.79
C TYR A 3791 -54.66 -11.03 -40.08
N SER A 3792 -55.37 -11.45 -39.04
CA SER A 3792 -56.38 -12.49 -39.17
C SER A 3792 -57.57 -12.00 -39.98
N VAL A 3793 -58.07 -12.87 -40.85
CA VAL A 3793 -59.26 -12.61 -41.66
C VAL A 3793 -60.20 -13.80 -41.47
N VAL A 3794 -61.31 -13.57 -40.78
CA VAL A 3794 -62.27 -14.61 -40.47
C VAL A 3794 -63.63 -14.19 -41.01
N PRO A 3795 -63.97 -14.60 -42.23
CA PRO A 3795 -65.28 -14.23 -42.79
C PRO A 3795 -66.41 -15.01 -42.13
N MET A 3796 -67.56 -14.34 -42.00
CA MET A 3796 -68.74 -14.96 -41.43
C MET A 3796 -69.64 -15.54 -42.53
N THR A 3797 -70.10 -14.71 -43.44
CA THR A 3797 -70.95 -15.11 -44.55
C THR A 3797 -70.39 -14.51 -45.84
N SER A 3798 -71.14 -14.71 -46.93
CA SER A 3798 -70.76 -14.07 -48.19
C SER A 3798 -70.89 -12.56 -48.11
N ARG A 3799 -71.87 -12.06 -47.37
CA ARG A 3799 -72.11 -10.63 -47.23
C ARG A 3799 -71.60 -10.07 -45.90
N LEU A 3800 -70.87 -10.85 -45.11
CA LEU A 3800 -70.47 -10.38 -43.80
C LEU A 3800 -69.25 -11.16 -43.32
N GLY A 3801 -68.31 -10.45 -42.71
CA GLY A 3801 -67.14 -11.07 -42.13
C GLY A 3801 -66.55 -10.20 -41.04
N LEU A 3802 -65.83 -10.85 -40.12
CA LEU A 3802 -65.22 -10.18 -38.99
C LEU A 3802 -63.71 -10.08 -39.22
N ILE A 3803 -63.17 -8.89 -39.03
CA ILE A 3803 -61.75 -8.61 -39.23
C ILE A 3803 -61.19 -8.01 -37.94
N GLU A 3804 -60.07 -8.54 -37.48
CA GLU A 3804 -59.43 -7.99 -36.30
C GLU A 3804 -58.94 -6.57 -36.58
N TRP A 3805 -58.94 -5.75 -35.54
CA TRP A 3805 -58.60 -4.34 -35.70
C TRP A 3805 -57.13 -4.20 -36.09
N LEU A 3806 -56.83 -3.11 -36.80
CA LEU A 3806 -55.51 -2.79 -37.32
C LEU A 3806 -54.47 -2.57 -36.22
N GLU A 3807 -54.85 -2.67 -34.94
CA GLU A 3807 -53.94 -2.69 -33.80
C GLU A 3807 -53.11 -1.38 -33.72
N ASN A 3808 -53.84 -0.29 -33.48
CA ASN A 3808 -53.24 0.99 -33.11
C ASN A 3808 -52.31 1.53 -34.19
N THR A 3809 -52.88 1.87 -35.34
CA THR A 3809 -52.12 2.40 -36.45
C THR A 3809 -52.95 3.41 -37.22
N VAL A 3810 -52.28 4.17 -38.10
CA VAL A 3810 -52.91 5.17 -38.93
C VAL A 3810 -52.52 4.93 -40.37
N THR A 3811 -53.38 5.38 -41.28
CA THR A 3811 -53.10 5.24 -42.71
C THR A 3811 -51.86 6.04 -43.09
N LEU A 3812 -51.05 5.48 -43.99
CA LEU A 3812 -49.87 6.19 -44.47
C LEU A 3812 -50.26 7.52 -45.11
N LYS A 3813 -51.35 7.52 -45.89
CA LYS A 3813 -51.86 8.78 -46.43
C LYS A 3813 -52.22 9.74 -45.31
N ASP A 3814 -52.91 9.24 -44.28
CA ASP A 3814 -53.27 10.08 -43.15
C ASP A 3814 -52.03 10.57 -42.41
N LEU A 3815 -51.01 9.72 -42.28
CA LEU A 3815 -49.78 10.15 -41.64
C LEU A 3815 -49.11 11.28 -42.42
N LEU A 3816 -49.08 11.16 -43.75
CA LEU A 3816 -48.50 12.21 -44.58
C LEU A 3816 -49.31 13.51 -44.45
N LEU A 3817 -50.64 13.39 -44.42
CA LEU A 3817 -51.47 14.58 -44.25
C LEU A 3817 -51.21 15.24 -42.90
N ASN A 3818 -51.06 14.44 -41.85
CA ASN A 3818 -50.74 14.99 -40.53
C ASN A 3818 -49.40 15.69 -40.54
N THR A 3819 -48.41 15.10 -41.22
CA THR A 3819 -47.10 15.73 -41.31
C THR A 3819 -47.16 17.00 -42.15
N MET A 3820 -47.79 16.92 -43.32
CA MET A 3820 -47.85 18.06 -44.23
C MET A 3820 -48.74 19.16 -43.66
N SER A 3821 -48.25 20.39 -43.71
CA SER A 3821 -48.90 21.47 -42.99
C SER A 3821 -50.19 21.91 -43.68
N GLN A 3822 -51.04 22.61 -42.93
CA GLN A 3822 -52.38 22.95 -43.43
C GLN A 3822 -52.32 23.87 -44.63
N GLU A 3823 -51.41 24.85 -44.65
CA GLU A 3823 -51.29 25.71 -45.82
C GLU A 3823 -50.79 24.92 -47.03
N GLU A 3824 -49.98 23.88 -46.79
CA GLU A 3824 -49.61 22.99 -47.89
C GLU A 3824 -50.82 22.24 -48.43
N LYS A 3825 -51.72 21.79 -47.55
CA LYS A 3825 -52.97 21.18 -48.02
C LYS A 3825 -53.79 22.16 -48.84
N ALA A 3826 -53.83 23.43 -48.40
CA ALA A 3826 -54.49 24.46 -49.18
C ALA A 3826 -53.79 24.69 -50.52
N ALA A 3827 -52.48 24.41 -50.59
CA ALA A 3827 -51.78 24.55 -51.86
C ALA A 3827 -52.30 23.57 -52.90
N TYR A 3828 -52.83 22.42 -52.46
CA TYR A 3828 -53.44 21.48 -53.38
C TYR A 3828 -54.63 22.10 -54.11
N ALA A 3834 -51.69 23.86 -57.28
CA ALA A 3834 -52.65 22.76 -57.15
C ALA A 3834 -52.18 21.52 -57.89
N PRO A 3835 -51.25 20.78 -57.27
CA PRO A 3835 -50.66 19.60 -57.93
C PRO A 3835 -51.69 18.59 -58.40
N PRO A 3836 -52.75 18.30 -57.61
CA PRO A 3836 -53.80 17.43 -58.16
C PRO A 3836 -54.49 18.02 -59.36
N CYS A 3837 -54.91 19.29 -59.26
CA CYS A 3837 -55.47 19.97 -60.43
C CYS A 3837 -54.43 20.10 -61.53
N GLU A 3838 -53.17 20.36 -61.15
CA GLU A 3838 -52.09 20.41 -62.13
C GLU A 3838 -52.02 19.11 -62.92
N TYR A 3839 -52.02 17.97 -62.22
CA TYR A 3839 -52.06 16.69 -62.91
C TYR A 3839 -53.38 16.51 -63.65
N LYS A 3840 -54.49 16.90 -63.03
CA LYS A 3840 -55.79 16.81 -63.70
C LYS A 3840 -55.83 17.70 -64.94
N ASP A 3841 -55.37 18.94 -64.81
CA ASP A 3841 -55.34 19.84 -65.96
C ASP A 3841 -54.39 19.31 -67.04
N TRP A 3842 -53.23 18.82 -66.64
CA TRP A 3842 -52.30 18.22 -67.59
C TRP A 3842 -52.86 16.96 -68.22
N LEU A 3843 -53.88 16.36 -67.62
CA LEU A 3843 -54.59 15.23 -68.24
C LEU A 3843 -55.81 15.71 -69.03
N THR A 3844 -56.66 16.52 -68.41
CA THR A 3844 -57.86 17.00 -69.06
C THR A 3844 -57.58 17.92 -70.25
N LYS A 3845 -56.36 18.43 -70.38
CA LYS A 3845 -56.02 19.21 -71.57
C LYS A 3845 -56.15 18.39 -72.85
N MET A 3846 -55.94 17.08 -72.76
CA MET A 3846 -56.30 16.16 -73.84
C MET A 3846 -57.66 15.52 -73.56
N ASP A 3851 -62.64 14.07 -67.98
CA ASP A 3851 -62.88 13.02 -68.97
C ASP A 3851 -61.84 11.91 -68.85
N VAL A 3852 -62.33 10.68 -68.68
CA VAL A 3852 -61.43 9.54 -68.52
C VAL A 3852 -60.71 9.22 -69.83
N GLY A 3853 -61.37 9.47 -70.97
CA GLY A 3853 -60.73 9.24 -72.26
C GLY A 3853 -59.49 10.08 -72.49
N ALA A 3854 -59.32 11.04 -71.60
CA ALA A 3854 -58.06 11.80 -71.69
C ALA A 3854 -56.95 10.79 -71.46
N TYR A 3855 -57.22 9.76 -70.66
CA TYR A 3855 -56.11 8.84 -70.37
C TYR A 3855 -55.74 8.17 -71.69
N MET A 3856 -56.77 7.75 -72.40
CA MET A 3856 -56.50 7.05 -73.67
C MET A 3856 -55.80 8.06 -74.55
N LEU A 3857 -56.29 9.30 -74.53
CA LEU A 3857 -55.74 10.32 -75.43
C LEU A 3857 -54.36 10.76 -74.95
N MET A 3858 -54.05 10.58 -73.67
CA MET A 3858 -52.75 11.11 -73.22
C MET A 3858 -51.74 10.04 -73.55
N TYR A 3859 -52.20 8.80 -73.52
CA TYR A 3859 -51.28 7.74 -73.98
C TYR A 3859 -51.22 7.94 -75.48
N LYS A 3860 -52.37 8.23 -76.06
CA LYS A 3860 -52.36 8.53 -77.50
C LYS A 3860 -51.39 9.69 -77.69
N GLY A 3861 -51.40 10.69 -76.80
CA GLY A 3861 -50.40 11.77 -76.88
C GLY A 3861 -49.05 11.25 -76.39
N ALA A 3862 -48.58 10.12 -76.93
CA ALA A 3862 -47.32 9.49 -76.47
C ALA A 3862 -46.12 10.43 -76.65
N ASN A 3863 -45.60 10.97 -75.55
CA ASN A 3863 -44.39 11.81 -75.60
C ASN A 3863 -43.68 11.70 -74.24
N ARG A 3864 -42.75 10.74 -74.12
CA ARG A 3864 -42.08 10.49 -72.83
C ARG A 3864 -41.48 11.81 -72.29
N THR A 3865 -41.01 12.70 -73.16
CA THR A 3865 -40.33 13.90 -72.70
C THR A 3865 -41.27 14.83 -71.97
N GLU A 3866 -42.42 15.14 -72.56
CA GLU A 3866 -43.39 16.02 -71.92
C GLU A 3866 -43.91 15.40 -70.63
N THR A 3867 -44.13 14.09 -70.63
CA THR A 3867 -44.56 13.41 -69.41
C THR A 3867 -43.50 13.52 -68.33
N VAL A 3868 -42.23 13.34 -68.69
CA VAL A 3868 -41.14 13.45 -67.72
C VAL A 3868 -41.07 14.87 -67.15
N THR A 3869 -41.19 15.87 -68.02
CA THR A 3869 -41.13 17.26 -67.55
C THR A 3869 -42.29 17.57 -66.61
N SER A 3870 -43.50 17.13 -66.97
CA SER A 3870 -44.65 17.38 -66.11
C SER A 3870 -44.53 16.64 -64.79
N PHE A 3871 -43.96 15.43 -64.81
CA PHE A 3871 -43.74 14.69 -63.58
C PHE A 3871 -42.73 15.41 -62.69
N ARG A 3872 -41.68 15.96 -63.29
CA ARG A 3872 -40.71 16.74 -62.51
C ARG A 3872 -41.38 17.98 -61.92
N LYS A 3873 -42.27 18.62 -62.69
CA LYS A 3873 -42.99 19.77 -62.17
C LYS A 3873 -43.85 19.39 -60.98
N ARG A 3874 -44.55 18.27 -61.07
CA ARG A 3874 -45.36 17.79 -59.95
C ARG A 3874 -44.48 17.46 -58.75
N GLU A 3875 -43.32 16.86 -59.00
CA GLU A 3875 -42.38 16.55 -57.92
C GLU A 3875 -41.93 17.81 -57.22
N SER A 3876 -41.62 18.86 -57.98
CA SER A 3876 -41.24 20.14 -57.39
C SER A 3876 -42.39 20.73 -56.58
N LYS A 3877 -43.62 20.63 -57.11
CA LYS A 3877 -44.77 21.20 -56.41
C LYS A 3877 -44.98 20.54 -55.06
N VAL A 3878 -44.91 19.22 -55.01
CA VAL A 3878 -45.11 18.51 -53.74
C VAL A 3878 -43.87 18.67 -52.87
N PRO A 3879 -44.02 18.97 -51.58
CA PRO A 3879 -42.84 19.06 -50.71
C PRO A 3879 -42.20 17.69 -50.49
N ALA A 3880 -40.89 17.74 -50.21
CA ALA A 3880 -40.10 16.54 -49.99
C ALA A 3880 -39.86 16.34 -48.50
N ASP A 3881 -39.23 15.21 -48.17
CA ASP A 3881 -38.85 14.85 -46.81
C ASP A 3881 -40.04 14.79 -45.86
N LEU A 3882 -41.24 14.52 -46.39
CA LEU A 3882 -42.40 14.39 -45.53
C LEU A 3882 -42.23 13.23 -44.55
N LEU A 3883 -41.91 12.04 -45.07
CA LEU A 3883 -41.67 10.89 -44.21
C LEU A 3883 -40.47 11.12 -43.30
N LYS A 3884 -39.45 11.81 -43.82
CA LYS A 3884 -38.23 12.11 -43.08
C LYS A 3884 -38.55 12.86 -41.79
N ARG A 3885 -39.09 14.08 -41.91
CA ARG A 3885 -39.41 14.85 -40.72
C ARG A 3885 -40.57 14.25 -39.93
N ALA A 3886 -41.45 13.49 -40.60
CA ALA A 3886 -42.50 12.79 -39.86
C ALA A 3886 -41.89 11.83 -38.84
N PHE A 3887 -40.99 10.96 -39.30
CA PHE A 3887 -40.32 10.05 -38.38
C PHE A 3887 -39.44 10.81 -37.39
N VAL A 3888 -38.83 11.91 -37.84
CA VAL A 3888 -38.00 12.71 -36.93
C VAL A 3888 -38.81 13.19 -35.74
N ARG A 3889 -40.01 13.73 -35.99
CA ARG A 3889 -40.80 14.24 -34.89
C ARG A 3889 -41.49 13.12 -34.12
N MET A 3890 -41.78 11.98 -34.77
CA MET A 3890 -42.31 10.83 -34.04
C MET A 3890 -41.29 10.32 -33.02
N SER A 3891 -40.02 10.25 -33.40
CA SER A 3891 -38.96 9.77 -32.53
C SER A 3891 -38.10 10.96 -32.14
N THR A 3892 -38.42 11.56 -30.98
CA THR A 3892 -37.67 12.74 -30.54
C THR A 3892 -36.22 12.38 -30.22
N SER A 3893 -35.99 11.20 -29.65
CA SER A 3893 -34.64 10.78 -29.29
C SER A 3893 -33.86 10.30 -30.51
N PRO A 3894 -32.54 10.44 -30.49
CA PRO A 3894 -31.72 9.88 -31.57
C PRO A 3894 -31.79 8.36 -31.60
N GLU A 3895 -31.49 7.83 -32.79
CA GLU A 3895 -31.30 6.43 -33.18
C GLU A 3895 -32.61 5.65 -33.15
N ALA A 3896 -33.64 6.21 -32.52
CA ALA A 3896 -34.98 5.68 -32.71
C ALA A 3896 -35.44 5.97 -34.13
N PHE A 3897 -35.09 7.15 -34.64
CA PHE A 3897 -35.36 7.50 -36.02
C PHE A 3897 -34.67 6.53 -36.98
N LEU A 3898 -33.41 6.19 -36.70
CA LEU A 3898 -32.67 5.27 -37.56
C LEU A 3898 -33.28 3.86 -37.51
N ALA A 3899 -33.62 3.37 -36.31
CA ALA A 3899 -34.25 2.06 -36.21
C ALA A 3899 -35.58 2.03 -36.95
N LEU A 3900 -36.37 3.10 -36.82
CA LEU A 3900 -37.63 3.18 -37.55
C LEU A 3900 -37.40 3.19 -39.05
N ARG A 3901 -36.41 3.94 -39.52
CA ARG A 3901 -36.06 3.93 -40.94
C ARG A 3901 -35.78 2.52 -41.41
N SER A 3902 -34.88 1.81 -40.72
CA SER A 3902 -34.49 0.48 -41.15
C SER A 3902 -35.69 -0.47 -41.17
N HIS A 3903 -36.44 -0.51 -40.07
CA HIS A 3903 -37.55 -1.46 -39.98
C HIS A 3903 -38.63 -1.14 -41.01
N PHE A 3904 -38.98 0.14 -41.17
CA PHE A 3904 -39.99 0.52 -42.13
C PHE A 3904 -39.55 0.20 -43.55
N ALA A 3905 -38.28 0.48 -43.88
CA ALA A 3905 -37.80 0.17 -45.22
C ALA A 3905 -37.88 -1.32 -45.49
N SER A 3906 -37.45 -2.15 -44.52
CA SER A 3906 -37.52 -3.60 -44.72
C SER A 3906 -38.95 -4.06 -44.90
N SER A 3907 -39.87 -3.58 -44.04
CA SER A 3907 -41.25 -4.00 -44.12
C SER A 3907 -41.89 -3.59 -45.44
N HIS A 3908 -41.67 -2.34 -45.86
CA HIS A 3908 -42.25 -1.86 -47.11
C HIS A 3908 -41.68 -2.62 -48.30
N ALA A 3909 -40.38 -2.91 -48.29
CA ALA A 3909 -39.79 -3.67 -49.38
C ALA A 3909 -40.39 -5.07 -49.46
N LEU A 3910 -40.51 -5.74 -48.31
CA LEU A 3910 -41.10 -7.08 -48.31
C LEU A 3910 -42.55 -7.04 -48.78
N ILE A 3911 -43.30 -6.04 -48.34
CA ILE A 3911 -44.68 -5.87 -48.82
C ILE A 3911 -44.71 -5.71 -50.33
N CYS A 3912 -43.82 -4.87 -50.86
CA CYS A 3912 -43.81 -4.61 -52.30
C CYS A 3912 -43.50 -5.88 -53.08
N ILE A 3913 -42.49 -6.62 -52.66
CA ILE A 3913 -42.10 -7.81 -53.44
C ILE A 3913 -43.17 -8.89 -53.33
N SER A 3914 -43.75 -9.08 -52.14
CA SER A 3914 -44.82 -10.06 -51.99
C SER A 3914 -46.02 -9.68 -52.85
N HIS A 3915 -46.36 -8.39 -52.87
CA HIS A 3915 -47.48 -7.94 -53.69
C HIS A 3915 -47.23 -8.16 -55.17
N TRP A 3916 -46.01 -7.88 -55.63
CA TRP A 3916 -45.71 -8.10 -57.04
C TRP A 3916 -45.77 -9.57 -57.40
N ILE A 3917 -45.24 -10.44 -56.54
CA ILE A 3917 -45.28 -11.87 -56.82
C ILE A 3917 -46.72 -12.36 -56.94
N LEU A 3918 -47.60 -11.87 -56.06
CA LEU A 3918 -49.01 -12.18 -56.14
C LEU A 3918 -49.79 -11.19 -57.00
N GLY A 3919 -49.11 -10.25 -57.64
CA GLY A 3919 -49.76 -9.32 -58.55
C GLY A 3919 -50.83 -8.47 -57.90
N ILE A 3920 -50.51 -7.88 -56.76
CA ILE A 3920 -51.48 -7.07 -56.01
C ILE A 3920 -51.42 -5.65 -56.54
N GLY A 3921 -52.52 -5.19 -57.13
CA GLY A 3921 -52.65 -3.83 -57.62
C GLY A 3921 -53.43 -2.95 -56.66
N ASP A 3922 -53.92 -1.83 -57.19
CA ASP A 3922 -54.70 -0.86 -56.41
C ASP A 3922 -53.94 -0.41 -55.17
N ARG A 3923 -52.66 -0.10 -55.34
CA ARG A 3923 -51.78 0.26 -54.23
C ARG A 3923 -51.79 1.76 -53.97
N HIS A 3924 -52.99 2.29 -53.74
CA HIS A 3924 -53.10 3.68 -53.33
C HIS A 3924 -52.64 3.83 -51.88
N LEU A 3925 -52.37 5.08 -51.49
CA LEU A 3925 -51.83 5.34 -50.16
C LEU A 3925 -52.77 4.88 -49.04
N ASN A 3926 -54.07 4.85 -49.30
CA ASN A 3926 -55.01 4.34 -48.30
C ASN A 3926 -55.01 2.83 -48.21
N ASN A 3927 -54.35 2.14 -49.15
CA ASN A 3927 -54.22 0.69 -49.12
C ASN A 3927 -52.97 0.24 -48.37
N PHE A 3928 -52.19 1.17 -47.85
CA PHE A 3928 -51.02 0.87 -47.03
C PHE A 3928 -51.28 1.39 -45.62
N MET A 3929 -51.08 0.53 -44.63
CA MET A 3929 -51.42 0.82 -43.24
C MET A 3929 -50.15 0.67 -42.42
N VAL A 3930 -49.50 1.78 -42.13
CA VAL A 3930 -48.20 1.79 -41.46
C VAL A 3930 -48.39 2.03 -39.97
N ALA A 3931 -47.70 1.25 -39.15
CA ALA A 3931 -47.74 1.39 -37.71
C ALA A 3931 -46.63 2.32 -37.25
N MET A 3932 -46.99 3.29 -36.41
CA MET A 3932 -46.03 4.28 -35.93
C MET A 3932 -45.28 3.83 -34.68
N GLU A 3933 -45.65 2.69 -34.09
CA GLU A 3933 -44.98 2.19 -32.90
C GLU A 3933 -43.63 1.56 -33.19
N THR A 3934 -43.50 0.84 -34.31
CA THR A 3934 -42.24 0.21 -34.68
C THR A 3934 -41.93 0.37 -36.16
N GLY A 3935 -42.61 1.25 -36.87
CA GLY A 3935 -42.37 1.41 -38.29
C GLY A 3935 -42.92 0.29 -39.15
N GLY A 3936 -43.84 -0.51 -38.60
CA GLY A 3936 -44.39 -1.61 -39.36
C GLY A 3936 -45.20 -1.13 -40.54
N VAL A 3937 -44.83 -1.57 -41.74
CA VAL A 3937 -45.58 -1.25 -42.96
C VAL A 3937 -46.45 -2.47 -43.27
N ILE A 3938 -47.74 -2.36 -42.96
CA ILE A 3938 -48.67 -3.47 -43.06
C ILE A 3938 -49.61 -3.20 -44.23
N GLY A 3939 -49.67 -4.13 -45.17
CA GLY A 3939 -50.57 -3.98 -46.29
C GLY A 3939 -52.02 -4.21 -45.89
N ILE A 3940 -52.92 -3.61 -46.67
CA ILE A 3940 -54.36 -3.73 -46.47
C ILE A 3940 -55.04 -3.59 -47.82
N ASP A 3941 -56.34 -3.93 -47.85
CA ASP A 3941 -57.16 -3.80 -49.06
C ASP A 3941 -56.59 -4.61 -50.22
N PHE A 3942 -56.59 -5.93 -50.03
CA PHE A 3942 -56.10 -6.86 -51.05
C PHE A 3942 -57.26 -7.26 -51.97
N GLY A 3943 -57.80 -6.25 -52.64
CA GLY A 3943 -58.87 -6.45 -53.58
C GLY A 3943 -58.45 -6.83 -54.98
N HIS A 3944 -57.16 -6.94 -55.23
CA HIS A 3944 -56.66 -7.32 -56.55
C HIS A 3944 -55.49 -8.26 -56.39
N ALA A 3945 -55.52 -9.38 -57.12
CA ALA A 3945 -54.47 -10.38 -57.09
C ALA A 3945 -54.10 -10.75 -58.52
N PHE A 3946 -52.82 -11.09 -58.70
CA PHE A 3946 -52.28 -11.50 -60.00
C PHE A 3946 -52.50 -10.42 -61.05
N GLY A 3947 -52.41 -9.15 -60.64
CA GLY A 3947 -52.63 -8.05 -61.55
C GLY A 3947 -54.02 -7.96 -62.10
N SER A 3948 -55.02 -8.48 -61.37
CA SER A 3948 -56.39 -8.53 -61.89
C SER A 3948 -56.88 -7.15 -62.31
N ALA A 3949 -56.43 -6.10 -61.62
CA ALA A 3949 -56.82 -4.75 -62.00
C ALA A 3949 -56.28 -4.38 -63.38
N THR A 3950 -55.03 -4.75 -63.66
CA THR A 3950 -54.34 -4.21 -64.83
C THR A 3950 -55.02 -4.59 -66.13
N GLN A 3951 -55.47 -5.84 -66.26
CA GLN A 3951 -56.12 -6.27 -67.50
C GLN A 3951 -57.61 -6.01 -67.50
N PHE A 3952 -58.17 -5.45 -66.43
CA PHE A 3952 -59.61 -5.20 -66.40
C PHE A 3952 -59.94 -3.74 -66.12
N LEU A 3953 -59.10 -3.05 -65.35
CA LEU A 3953 -59.32 -1.62 -65.15
C LEU A 3953 -59.12 -0.88 -66.47
N PRO A 3954 -59.99 0.08 -66.80
CA PRO A 3954 -59.80 0.84 -68.04
C PRO A 3954 -58.46 1.56 -68.10
N VAL A 3955 -57.97 2.07 -66.98
CA VAL A 3955 -56.64 2.66 -66.91
C VAL A 3955 -55.65 1.57 -66.50
N PRO A 3956 -54.60 1.34 -67.28
CA PRO A 3956 -53.63 0.29 -66.92
C PRO A 3956 -52.81 0.69 -65.70
N GLU A 3957 -52.32 -0.33 -65.01
CA GLU A 3957 -51.48 -0.16 -63.82
C GLU A 3957 -50.18 -0.91 -64.08
N LEU A 3958 -49.22 -0.21 -64.70
CA LEU A 3958 -47.97 -0.83 -65.09
C LEU A 3958 -46.96 -0.91 -63.96
N MET A 3959 -47.21 -0.24 -62.83
CA MET A 3959 -46.28 -0.29 -61.72
C MET A 3959 -46.30 -1.69 -61.09
N PRO A 3960 -45.16 -2.13 -60.55
CA PRO A 3960 -45.16 -3.40 -59.81
C PRO A 3960 -45.57 -3.21 -58.36
N PHE A 3961 -45.28 -2.05 -57.78
CA PHE A 3961 -45.56 -1.77 -56.38
C PHE A 3961 -45.38 -0.26 -56.15
N ARG A 3962 -45.44 0.14 -54.89
CA ARG A 3962 -45.31 1.55 -54.50
C ARG A 3962 -43.85 1.87 -54.22
N LEU A 3963 -43.30 2.84 -54.96
CA LEU A 3963 -41.99 3.40 -54.65
C LEU A 3963 -41.96 4.81 -55.26
N THR A 3964 -42.12 5.82 -54.40
CA THR A 3964 -42.27 7.19 -54.88
C THR A 3964 -41.25 8.13 -54.25
N ARG A 3965 -41.47 9.43 -54.44
CA ARG A 3965 -40.50 10.45 -54.03
C ARG A 3965 -40.20 10.37 -52.55
N GLN A 3966 -41.23 10.35 -51.71
CA GLN A 3966 -41.01 10.35 -50.26
C GLN A 3966 -40.32 9.08 -49.80
N PHE A 3967 -40.62 7.95 -50.44
CA PHE A 3967 -39.96 6.70 -50.07
C PHE A 3967 -38.45 6.80 -50.25
N ILE A 3968 -38.00 7.36 -51.38
CA ILE A 3968 -36.59 7.57 -51.61
C ILE A 3968 -36.04 8.62 -50.65
N ASN A 3969 -36.78 9.71 -50.45
CA ASN A 3969 -36.33 10.78 -49.56
C ASN A 3969 -36.15 10.30 -48.13
N LEU A 3970 -36.81 9.21 -47.74
CA LEU A 3970 -36.57 8.64 -46.42
C LEU A 3970 -35.09 8.34 -46.22
N MET A 3971 -34.54 7.44 -47.02
CA MET A 3971 -33.09 7.23 -47.08
C MET A 3971 -32.45 8.06 -48.19
N LEU A 3972 -32.74 9.37 -48.17
CA LEU A 3972 -32.20 10.27 -49.18
C LEU A 3972 -30.68 10.26 -49.25
N PRO A 3973 -29.93 10.30 -48.14
CA PRO A 3973 -28.47 10.12 -48.27
C PRO A 3973 -28.09 8.78 -48.87
N MET A 3974 -28.92 7.76 -48.69
CA MET A 3974 -28.69 6.46 -49.31
C MET A 3974 -29.25 6.46 -50.73
N LYS A 3975 -29.14 5.31 -51.40
CA LYS A 3975 -29.65 5.17 -52.76
C LYS A 3975 -30.45 3.88 -52.91
N GLU A 3976 -30.88 3.59 -54.14
CA GLU A 3976 -31.66 2.38 -54.40
C GLU A 3976 -30.82 1.11 -54.34
N THR A 3977 -29.50 1.23 -54.27
CA THR A 3977 -28.62 0.08 -54.10
C THR A 3977 -28.49 -0.35 -52.64
N GLY A 3978 -29.12 0.37 -51.72
CA GLY A 3978 -28.97 0.10 -50.30
C GLY A 3978 -29.81 -1.05 -49.78
N LEU A 3979 -30.51 -0.82 -48.69
CA LEU A 3979 -31.27 -1.86 -48.01
C LEU A 3979 -32.27 -2.56 -48.93
N MET A 3980 -33.07 -1.77 -49.66
CA MET A 3980 -34.17 -2.34 -50.43
C MET A 3980 -33.68 -3.30 -51.51
N TYR A 3981 -32.57 -2.96 -52.18
CA TYR A 3981 -32.05 -3.83 -53.24
C TYR A 3981 -31.61 -5.17 -52.67
N SER A 3982 -30.87 -5.14 -51.56
CA SER A 3982 -30.43 -6.38 -50.92
C SER A 3982 -31.62 -7.19 -50.41
N ILE A 3983 -32.63 -6.53 -49.85
CA ILE A 3983 -33.80 -7.24 -49.37
C ILE A 3983 -34.53 -7.90 -50.53
N MET A 3984 -34.63 -7.22 -51.67
CA MET A 3984 -35.21 -7.84 -52.86
C MET A 3984 -34.42 -9.06 -53.28
N VAL A 3985 -33.09 -8.94 -53.29
CA VAL A 3985 -32.26 -10.08 -53.69
C VAL A 3985 -32.49 -11.27 -52.77
N HIS A 3986 -32.46 -11.04 -51.46
CA HIS A 3986 -32.64 -12.11 -50.50
C HIS A 3986 -34.02 -12.74 -50.61
N ALA A 3987 -35.05 -11.90 -50.73
CA ALA A 3987 -36.43 -12.41 -50.81
C ALA A 3987 -36.62 -13.24 -52.06
N LEU A 3988 -36.18 -12.74 -53.22
CA LEU A 3988 -36.33 -13.48 -54.46
C LEU A 3988 -35.52 -14.77 -54.42
N ARG A 3989 -34.34 -14.75 -53.79
CA ARG A 3989 -33.57 -15.98 -53.63
C ARG A 3989 -34.32 -17.00 -52.80
N ALA A 3990 -34.94 -16.55 -51.70
CA ALA A 3990 -35.70 -17.46 -50.86
C ALA A 3990 -36.90 -18.03 -51.60
N PHE A 3991 -37.61 -17.19 -52.35
CA PHE A 3991 -38.82 -17.65 -53.03
C PHE A 3991 -38.48 -18.54 -54.23
N ARG A 3992 -37.48 -18.13 -55.02
CA ARG A 3992 -37.09 -18.92 -56.18
C ARG A 3992 -36.39 -20.22 -55.80
N SER A 3993 -35.99 -20.39 -54.54
CA SER A 3993 -35.33 -21.60 -54.11
C SER A 3993 -36.24 -22.81 -54.28
N ASP A 3994 -37.37 -22.83 -53.58
CA ASP A 3994 -38.35 -23.92 -53.67
C ASP A 3994 -39.73 -23.30 -53.83
N PRO A 3995 -40.05 -22.80 -55.03
CA PRO A 3995 -41.38 -22.23 -55.27
C PRO A 3995 -42.46 -23.25 -55.56
N GLY A 3996 -42.13 -24.54 -55.59
CA GLY A 3996 -43.14 -25.55 -55.88
C GLY A 3996 -44.29 -25.54 -54.88
N LEU A 3997 -43.97 -25.37 -53.59
CA LEU A 3997 -45.01 -25.23 -52.59
C LEU A 3997 -45.87 -24.00 -52.87
N LEU A 3998 -45.23 -22.88 -53.18
CA LEU A 3998 -45.97 -21.69 -53.59
C LEU A 3998 -46.78 -21.95 -54.85
N THR A 3999 -46.20 -22.68 -55.81
CA THR A 3999 -46.92 -22.99 -57.04
C THR A 3999 -48.22 -23.72 -56.74
N ASN A 4000 -48.14 -24.80 -55.95
CA ASN A 4000 -49.33 -25.57 -55.63
C ASN A 4000 -50.31 -24.75 -54.79
N THR A 4001 -49.80 -23.93 -53.88
CA THR A 4001 -50.67 -23.13 -53.01
C THR A 4001 -51.49 -22.14 -53.83
N MET A 4002 -50.82 -21.34 -54.67
CA MET A 4002 -51.58 -20.39 -55.47
C MET A 4002 -52.38 -21.06 -56.58
N ASP A 4003 -52.00 -22.28 -56.98
CA ASP A 4003 -52.81 -23.03 -57.92
C ASP A 4003 -54.14 -23.42 -57.28
N VAL A 4004 -54.11 -24.03 -56.08
CA VAL A 4004 -55.36 -24.35 -55.41
C VAL A 4004 -56.09 -23.09 -54.98
N PHE A 4005 -55.38 -21.97 -54.87
CA PHE A 4005 -56.04 -20.68 -54.78
C PHE A 4005 -56.91 -20.40 -56.01
N VAL A 4006 -56.27 -20.33 -57.17
CA VAL A 4006 -56.98 -19.87 -58.37
C VAL A 4006 -58.06 -20.85 -58.80
N LYS A 4007 -57.93 -22.13 -58.48
CA LYS A 4007 -58.95 -23.10 -58.88
C LYS A 4007 -60.24 -22.96 -58.09
N GLU A 4008 -60.20 -22.32 -56.93
CA GLU A 4008 -61.41 -22.14 -56.14
C GLU A 4008 -62.38 -21.21 -56.86
N PRO A 4009 -63.68 -21.52 -56.85
CA PRO A 4009 -64.66 -20.61 -57.45
C PRO A 4009 -64.97 -19.43 -56.56
N SER A 4010 -64.28 -19.33 -55.43
CA SER A 4010 -64.48 -18.19 -54.54
C SER A 4010 -64.09 -16.89 -55.23
N PHE A 4011 -62.96 -16.89 -55.93
CA PHE A 4011 -62.52 -15.74 -56.71
C PHE A 4011 -62.95 -15.88 -58.17
N ASP A 4012 -64.26 -16.05 -58.36
CA ASP A 4012 -64.81 -16.16 -59.70
C ASP A 4012 -64.90 -14.78 -60.35
N TRP A 4013 -65.10 -14.78 -61.67
CA TRP A 4013 -65.24 -13.53 -62.40
C TRP A 4013 -66.46 -12.75 -61.92
N LYS A 4014 -67.58 -13.45 -61.67
CA LYS A 4014 -68.76 -12.78 -61.11
C LYS A 4014 -68.46 -12.23 -59.72
N ASN A 4015 -67.79 -13.01 -58.88
CA ASN A 4015 -67.40 -12.52 -57.56
C ASN A 4015 -66.45 -11.33 -57.67
N PHE A 4016 -65.53 -11.39 -58.64
CA PHE A 4016 -64.63 -10.25 -58.85
C PHE A 4016 -65.41 -9.01 -59.26
N GLU A 4017 -66.43 -9.17 -60.12
CA GLU A 4017 -67.26 -8.04 -60.50
C GLU A 4017 -67.98 -7.47 -59.29
N GLN A 4018 -68.56 -8.34 -58.45
CA GLN A 4018 -69.26 -7.86 -57.26
C GLN A 4018 -68.32 -7.11 -56.33
N LYS A 4019 -67.10 -7.63 -56.16
CA LYS A 4019 -66.12 -6.94 -55.32
C LYS A 4019 -65.75 -5.59 -55.90
N MET A 4020 -65.55 -5.52 -57.23
CA MET A 4020 -65.22 -4.25 -57.88
C MET A 4020 -66.37 -3.25 -57.80
N LEU A 4021 -67.61 -3.73 -57.67
CA LEU A 4021 -68.74 -2.80 -57.58
C LEU A 4021 -68.61 -1.86 -56.40
N LYS A 4022 -67.87 -2.25 -55.37
CA LYS A 4022 -67.65 -1.40 -54.20
C LYS A 4022 -66.19 -1.01 -53.99
N LYS A 4023 -65.24 -1.82 -54.47
CA LYS A 4023 -63.82 -1.55 -54.27
C LYS A 4023 -63.21 -0.72 -55.39
N GLY A 4024 -64.01 -0.29 -56.36
CA GLY A 4024 -63.48 0.36 -57.54
C GLY A 4024 -63.46 1.88 -57.50
N GLY A 4025 -64.00 2.50 -58.55
CA GLY A 4025 -63.92 3.92 -58.75
C GLY A 4025 -63.67 4.22 -60.22
N SER A 4026 -63.01 3.26 -60.89
CA SER A 4026 -62.89 3.27 -62.33
C SER A 4026 -63.54 2.05 -62.96
N TRP A 4027 -64.04 1.12 -62.16
CA TRP A 4027 -64.71 -0.07 -62.65
C TRP A 4027 -66.12 -0.24 -62.09
N ILE A 4028 -66.53 0.58 -61.12
CA ILE A 4028 -67.88 0.51 -60.58
C ILE A 4028 -68.90 0.86 -61.67
N GLN A 4029 -68.60 1.91 -62.44
CA GLN A 4029 -69.50 2.33 -63.51
C GLN A 4029 -69.65 1.28 -64.60
N GLU A 4030 -68.71 0.34 -64.69
CA GLU A 4030 -68.76 -0.71 -65.71
C GLU A 4030 -69.84 -1.71 -65.33
N ILE A 4031 -71.00 -1.60 -65.99
CA ILE A 4031 -72.10 -2.54 -65.76
C ILE A 4031 -72.18 -3.62 -66.82
N ASN A 4032 -71.48 -3.47 -67.94
CA ASN A 4032 -71.46 -4.47 -68.99
C ASN A 4032 -70.32 -5.46 -68.78
N VAL A 4033 -70.53 -6.68 -69.25
CA VAL A 4033 -69.57 -7.76 -69.06
C VAL A 4033 -68.37 -7.55 -69.97
N ALA A 4034 -67.18 -7.89 -69.46
CA ALA A 4034 -65.96 -7.76 -70.24
C ALA A 4034 -65.04 -8.98 -70.05
N GLU A 4035 -65.58 -10.11 -69.63
CA GLU A 4035 -64.77 -11.30 -69.35
C GLU A 4035 -64.30 -11.90 -70.68
N LYS A 4036 -63.03 -11.70 -71.00
CA LYS A 4036 -62.40 -12.33 -72.15
C LYS A 4036 -61.24 -13.24 -71.77
N ASN A 4037 -60.48 -12.88 -70.74
CA ASN A 4037 -59.35 -13.69 -70.27
C ASN A 4037 -59.44 -13.79 -68.75
N TRP A 4038 -60.14 -14.81 -68.27
CA TRP A 4038 -60.18 -15.18 -66.86
C TRP A 4038 -59.49 -16.52 -66.65
N TYR A 4039 -58.39 -16.74 -67.35
CA TYR A 4039 -57.80 -18.06 -67.50
C TYR A 4039 -56.86 -18.35 -66.34
N PRO A 4040 -57.16 -19.35 -65.50
CA PRO A 4040 -56.22 -19.70 -64.43
C PRO A 4040 -54.86 -20.17 -64.93
N ARG A 4041 -54.82 -20.84 -66.09
CA ARG A 4041 -53.53 -21.25 -66.63
C ARG A 4041 -52.67 -20.05 -67.03
N GLN A 4042 -53.30 -18.96 -67.46
CA GLN A 4042 -52.54 -17.73 -67.68
C GLN A 4042 -51.88 -17.26 -66.38
N LYS A 4043 -52.63 -17.29 -65.28
CA LYS A 4043 -52.07 -16.86 -64.00
C LYS A 4043 -50.93 -17.77 -63.56
N ILE A 4044 -51.10 -19.09 -63.70
CA ILE A 4044 -50.06 -20.00 -63.23
C ILE A 4044 -48.82 -19.87 -64.10
N CYS A 4045 -48.96 -19.73 -65.41
CA CYS A 4045 -47.78 -19.58 -66.26
C CYS A 4045 -47.08 -18.25 -65.99
N TYR A 4046 -47.84 -17.18 -65.78
CA TYR A 4046 -47.23 -15.90 -65.42
C TYR A 4046 -46.45 -16.00 -64.11
N ALA A 4047 -47.05 -16.64 -63.10
CA ALA A 4047 -46.37 -16.79 -61.82
C ALA A 4047 -45.11 -17.63 -61.96
N LYS A 4048 -45.19 -18.72 -62.74
CA LYS A 4048 -44.02 -19.57 -62.93
C LYS A 4048 -42.90 -18.81 -63.64
N ARG A 4049 -43.23 -18.04 -64.67
CA ARG A 4049 -42.21 -17.26 -65.34
C ARG A 4049 -41.62 -16.19 -64.44
N LYS A 4050 -42.45 -15.58 -63.59
CA LYS A 4050 -41.94 -14.60 -62.64
C LYS A 4050 -40.97 -15.23 -61.65
N LEU A 4051 -41.32 -16.42 -61.14
CA LEU A 4051 -40.45 -17.07 -60.16
C LEU A 4051 -39.16 -17.57 -60.80
N ALA A 4052 -39.26 -18.15 -62.00
CA ALA A 4052 -38.08 -18.73 -62.64
C ALA A 4052 -37.06 -17.68 -63.06
N GLY A 4053 -37.48 -16.43 -63.22
CA GLY A 4053 -36.58 -15.38 -63.63
C GLY A 4053 -36.87 -14.87 -65.02
N ALA A 4054 -37.54 -13.72 -65.10
CA ALA A 4054 -37.91 -13.14 -66.38
C ALA A 4054 -38.13 -11.64 -66.19
N ASN A 4055 -38.20 -10.93 -67.31
CA ASN A 4055 -38.42 -9.50 -67.30
C ASN A 4055 -39.83 -9.19 -66.84
N PRO A 4056 -40.02 -8.40 -65.79
CA PRO A 4056 -41.39 -7.97 -65.45
C PRO A 4056 -42.05 -7.17 -66.55
N ALA A 4057 -41.27 -6.50 -67.40
CA ALA A 4057 -41.86 -5.72 -68.49
C ALA A 4057 -42.59 -6.62 -69.49
N VAL A 4058 -42.00 -7.76 -69.84
CA VAL A 4058 -42.67 -8.65 -70.79
C VAL A 4058 -43.91 -9.27 -70.14
N ILE A 4059 -43.88 -9.50 -68.83
CA ILE A 4059 -45.08 -9.97 -68.13
C ILE A 4059 -46.17 -8.91 -68.20
N THR A 4060 -45.79 -7.65 -68.00
CA THR A 4060 -46.76 -6.56 -68.13
C THR A 4060 -47.30 -6.47 -69.55
N CYS A 4061 -46.44 -6.72 -70.55
CA CYS A 4061 -46.89 -6.72 -71.94
C CYS A 4061 -47.90 -7.83 -72.20
N ASP A 4062 -47.65 -9.02 -71.66
CA ASP A 4062 -48.61 -10.11 -71.79
C ASP A 4062 -49.93 -9.76 -71.08
N GLU A 4063 -49.82 -9.09 -69.93
CA GLU A 4063 -51.01 -8.64 -69.22
C GLU A 4063 -51.81 -7.65 -70.07
N LEU A 4064 -51.11 -6.73 -70.74
CA LEU A 4064 -51.77 -5.79 -71.63
C LEU A 4064 -52.43 -6.51 -72.80
N LEU A 4065 -51.75 -7.53 -73.35
CA LEU A 4065 -52.35 -8.34 -74.40
C LEU A 4065 -53.65 -8.99 -73.93
N LEU A 4066 -53.64 -9.50 -72.70
CA LEU A 4066 -54.87 -10.09 -72.15
C LEU A 4066 -55.96 -9.04 -71.98
N GLY A 4067 -55.59 -7.85 -71.51
CA GLY A 4067 -56.60 -6.88 -71.10
C GLY A 4067 -57.09 -5.89 -72.13
N HIS A 4068 -56.18 -5.13 -72.73
CA HIS A 4068 -56.54 -4.02 -73.61
C HIS A 4068 -55.79 -4.10 -74.93
N GLU A 4069 -55.59 -5.32 -75.44
CA GLU A 4069 -54.96 -5.47 -76.74
C GLU A 4069 -55.78 -4.84 -77.85
N LYS A 4070 -57.10 -5.06 -77.83
CA LYS A 4070 -57.98 -4.48 -78.83
C LYS A 4070 -58.27 -3.01 -78.58
N ALA A 4071 -58.08 -2.54 -77.36
CA ALA A 4071 -58.38 -1.15 -77.02
C ALA A 4071 -57.39 -0.21 -77.68
N PRO A 4072 -57.77 1.04 -77.93
CA PRO A 4072 -56.83 2.02 -78.46
C PRO A 4072 -55.72 2.31 -77.45
N ALA A 4073 -54.67 2.95 -77.94
CA ALA A 4073 -53.45 3.25 -77.20
C ALA A 4073 -52.73 1.99 -76.73
N PHE A 4074 -53.10 0.82 -77.25
CA PHE A 4074 -52.42 -0.41 -76.87
C PHE A 4074 -50.95 -0.38 -77.27
N ARG A 4075 -50.66 0.16 -78.46
CA ARG A 4075 -49.27 0.37 -78.85
C ARG A 4075 -48.58 1.33 -77.91
N ASP A 4076 -49.28 2.39 -77.48
CA ASP A 4076 -48.72 3.31 -76.50
C ASP A 4076 -48.42 2.60 -75.18
N TYR A 4077 -49.35 1.76 -74.72
CA TYR A 4077 -49.11 1.01 -73.49
C TYR A 4077 -47.90 0.09 -73.63
N VAL A 4078 -47.78 -0.60 -74.78
CA VAL A 4078 -46.65 -1.49 -74.99
C VAL A 4078 -45.34 -0.70 -74.98
N ALA A 4079 -45.31 0.43 -75.67
CA ALA A 4079 -44.10 1.24 -75.73
C ALA A 4079 -43.72 1.76 -74.34
N VAL A 4080 -44.71 2.22 -73.57
CA VAL A 4080 -44.44 2.73 -72.23
C VAL A 4080 -43.95 1.60 -71.33
N ALA A 4081 -44.48 0.40 -71.50
CA ALA A 4081 -44.00 -0.74 -70.74
C ALA A 4081 -42.53 -1.01 -70.99
N ARG A 4082 -42.02 -0.59 -72.15
CA ARG A 4082 -40.60 -0.71 -72.46
C ARG A 4082 -39.93 0.65 -72.35
N ASP A 4086 -32.76 2.10 -75.48
CA ASP A 4086 -33.29 3.32 -74.88
C ASP A 4086 -32.60 3.62 -73.56
N HIS A 4087 -33.38 4.14 -72.60
CA HIS A 4087 -32.87 4.42 -71.27
C HIS A 4087 -33.35 3.43 -70.22
N ASN A 4088 -34.46 2.73 -70.47
CA ASN A 4088 -34.96 1.75 -69.52
C ASN A 4088 -34.11 0.49 -69.58
N ILE A 4089 -33.37 0.21 -68.50
CA ILE A 4089 -32.55 -1.00 -68.45
C ILE A 4089 -33.42 -2.24 -68.52
N ARG A 4090 -34.67 -2.14 -68.05
CA ARG A 4090 -35.60 -3.25 -68.22
C ARG A 4090 -35.87 -3.53 -69.69
N ALA A 4091 -36.00 -2.48 -70.50
CA ALA A 4091 -36.14 -2.64 -71.94
C ALA A 4091 -34.82 -3.04 -72.60
N GLN A 4092 -33.70 -2.82 -71.94
CA GLN A 4092 -32.39 -3.19 -72.46
C GLN A 4092 -31.86 -4.46 -71.78
N GLU A 4093 -32.76 -5.38 -71.45
CA GLU A 4093 -32.44 -6.61 -70.75
C GLU A 4093 -33.15 -7.77 -71.42
N PRO A 4094 -32.59 -8.98 -71.36
CA PRO A 4094 -33.30 -10.14 -71.88
C PRO A 4094 -34.64 -10.33 -71.19
N GLU A 4095 -35.62 -10.80 -71.97
CA GLU A 4095 -36.98 -10.91 -71.45
C GLU A 4095 -37.13 -12.09 -70.50
N SER A 4096 -36.35 -13.15 -70.68
CA SER A 4096 -36.42 -14.34 -69.85
C SER A 4096 -35.02 -14.72 -69.37
N GLY A 4097 -34.97 -15.73 -68.51
CA GLY A 4097 -33.71 -16.19 -67.97
C GLY A 4097 -33.01 -15.21 -67.06
N LEU A 4098 -33.74 -14.25 -66.50
CA LEU A 4098 -33.13 -13.25 -65.63
C LEU A 4098 -32.68 -13.87 -64.33
N SER A 4099 -31.51 -13.44 -63.86
CA SER A 4099 -31.08 -13.79 -62.52
C SER A 4099 -31.85 -12.99 -61.49
N GLU A 4100 -31.65 -13.33 -60.21
CA GLU A 4100 -32.34 -12.64 -59.14
C GLU A 4100 -32.00 -11.16 -59.12
N GLU A 4101 -30.71 -10.84 -59.23
CA GLU A 4101 -30.30 -9.44 -59.24
C GLU A 4101 -30.84 -8.70 -60.46
N THR A 4102 -30.78 -9.34 -61.64
CA THR A 4102 -31.30 -8.71 -62.85
C THR A 4102 -32.81 -8.51 -62.76
N GLN A 4103 -33.52 -9.50 -62.22
CA GLN A 4103 -34.96 -9.35 -62.02
C GLN A 4103 -35.26 -8.19 -61.08
N VAL A 4104 -34.47 -8.06 -60.01
CA VAL A 4104 -34.65 -6.96 -59.08
C VAL A 4104 -34.42 -5.62 -59.76
N LYS A 4105 -33.36 -5.53 -60.58
CA LYS A 4105 -33.09 -4.28 -61.28
C LYS A 4105 -34.21 -3.93 -62.25
N CYS A 4106 -34.74 -4.93 -62.97
CA CYS A 4106 -35.83 -4.66 -63.90
C CYS A 4106 -37.09 -4.22 -63.15
N LEU A 4107 -37.37 -4.84 -62.01
CA LEU A 4107 -38.50 -4.41 -61.19
C LEU A 4107 -38.30 -2.97 -60.71
N MET A 4108 -37.07 -2.64 -60.31
CA MET A 4108 -36.77 -1.27 -59.90
C MET A 4108 -37.03 -0.30 -61.05
N ASP A 4109 -36.57 -0.64 -62.25
CA ASP A 4109 -36.76 0.22 -63.41
C ASP A 4109 -38.24 0.43 -63.71
N GLN A 4110 -39.02 -0.66 -63.69
CA GLN A 4110 -40.45 -0.52 -63.91
C GLN A 4110 -41.13 0.26 -62.79
N ALA A 4111 -40.54 0.27 -61.60
CA ALA A 4111 -41.15 0.91 -60.45
C ALA A 4111 -40.79 2.39 -60.30
N THR A 4112 -39.86 2.90 -61.11
CA THR A 4112 -39.44 4.29 -60.93
C THR A 4112 -39.30 5.05 -62.24
N ASP A 4113 -39.82 4.53 -63.34
CA ASP A 4113 -39.72 5.23 -64.62
C ASP A 4113 -40.57 6.49 -64.57
N PRO A 4114 -39.99 7.68 -64.76
CA PRO A 4114 -40.80 8.90 -64.71
C PRO A 4114 -41.90 8.93 -65.74
N ASN A 4115 -41.68 8.35 -66.93
CA ASN A 4115 -42.75 8.28 -67.93
C ASN A 4115 -43.92 7.48 -67.41
N ILE A 4116 -43.66 6.33 -66.79
CA ILE A 4116 -44.73 5.51 -66.23
C ILE A 4116 -45.41 6.24 -65.08
N LEU A 4117 -44.60 6.84 -64.19
CA LEU A 4117 -45.16 7.54 -63.04
C LEU A 4117 -45.98 8.76 -63.44
N GLY A 4118 -45.76 9.30 -64.63
CA GLY A 4118 -46.51 10.46 -65.06
C GLY A 4118 -47.86 10.13 -65.65
N ARG A 4119 -47.90 9.16 -66.58
CA ARG A 4119 -49.11 8.84 -67.31
C ARG A 4119 -49.94 7.75 -66.64
N THR A 4120 -49.77 7.54 -65.34
CA THR A 4120 -50.50 6.49 -64.64
C THR A 4120 -51.77 7.08 -64.02
N TRP A 4121 -52.45 6.26 -63.22
CA TRP A 4121 -53.77 6.62 -62.69
C TRP A 4121 -53.67 7.78 -61.72
N GLU A 4122 -54.70 8.63 -61.73
CA GLU A 4122 -54.76 9.80 -60.88
C GLU A 4122 -55.06 9.46 -59.42
N GLY A 4123 -55.88 8.44 -59.18
CA GLY A 4123 -56.19 8.02 -57.83
C GLY A 4123 -55.11 7.21 -57.16
N TRP A 4124 -54.03 6.92 -57.87
CA TRP A 4124 -52.88 6.21 -57.32
C TRP A 4124 -51.88 7.14 -56.66
N GLU A 4125 -52.05 8.46 -56.82
CA GLU A 4125 -51.17 9.47 -56.25
C GLU A 4125 -49.70 9.23 -56.59
N PRO A 4126 -49.34 9.21 -57.88
CA PRO A 4126 -47.93 9.03 -58.22
C PRO A 4126 -47.07 10.23 -57.91
N TRP A 4127 -47.62 11.45 -57.98
CA TRP A 4127 -46.80 12.64 -57.79
C TRP A 4127 -46.23 12.70 -56.38
N MET A 4128 -47.02 12.32 -55.38
CA MET A 4128 -46.52 12.30 -54.01
C MET A 4128 -45.79 11.00 -53.72
N UNK A 4129 -19.67 32.93 37.12
CA UNK A 4129 -20.89 32.95 36.31
C UNK A 4129 -21.71 31.69 36.52
N UNK A 4130 -22.59 31.39 35.56
CA UNK A 4130 -23.39 30.18 35.65
C UNK A 4130 -22.51 28.94 35.62
N UNK A 4131 -21.49 28.93 34.76
CA UNK A 4131 -20.56 27.81 34.71
C UNK A 4131 -19.71 27.69 35.96
N UNK A 4132 -19.56 28.78 36.71
CA UNK A 4132 -18.84 28.71 37.97
C UNK A 4132 -19.55 27.80 38.97
N UNK A 4133 -20.89 27.87 39.00
CA UNK A 4133 -21.65 26.96 39.85
C UNK A 4133 -21.39 25.50 39.45
N UNK A 4134 -21.21 25.24 38.16
CA UNK A 4134 -20.85 23.89 37.73
C UNK A 4134 -19.50 23.47 38.27
N UNK A 4135 -18.59 24.42 38.50
CA UNK A 4135 -17.30 24.10 39.08
C UNK A 4135 -17.45 23.82 40.57
N UNK A 4136 -17.63 22.55 40.92
CA UNK A 4136 -17.83 22.14 42.31
C UNK A 4136 -17.58 20.65 42.47
N UNK A 4137 -51.70 -11.28 28.23
CA UNK A 4137 -51.01 -12.48 28.69
C UNK A 4137 -50.53 -13.32 27.51
N UNK A 4138 -49.23 -13.28 27.25
CA UNK A 4138 -48.66 -14.02 26.14
C UNK A 4138 -48.78 -15.52 26.37
N UNK A 4139 -48.97 -16.26 25.27
CA UNK A 4139 -49.05 -17.72 25.36
C UNK A 4139 -47.74 -18.30 25.87
N UNK A 4140 -46.60 -17.79 25.39
CA UNK A 4140 -45.31 -18.24 25.89
C UNK A 4140 -45.16 -17.90 27.38
N UNK A 4141 -45.60 -16.71 27.78
CA UNK A 4141 -45.55 -16.35 29.19
C UNK A 4141 -46.44 -17.27 30.03
N UNK A 4142 -47.62 -17.60 29.52
CA UNK A 4142 -48.50 -18.52 30.23
C UNK A 4142 -47.87 -19.90 30.37
N UNK A 4143 -47.24 -20.39 29.30
CA UNK A 4143 -46.56 -21.69 29.38
C UNK A 4143 -45.41 -21.66 30.38
N UNK A 4144 -44.64 -20.58 30.39
CA UNK A 4144 -43.54 -20.47 31.34
C UNK A 4144 -44.07 -20.43 32.77
N UNK A 4145 -45.16 -19.70 33.00
CA UNK A 4145 -45.75 -19.65 34.34
C UNK A 4145 -46.26 -21.03 34.76
N UNK A 4146 -46.90 -21.75 33.84
CA UNK A 4146 -47.38 -23.10 34.16
C UNK A 4146 -46.21 -24.03 34.50
N UNK A 4147 -45.12 -23.94 33.73
CA UNK A 4147 -43.95 -24.77 34.01
C UNK A 4147 -43.34 -24.42 35.36
N UNK A 4148 -43.27 -23.13 35.67
CA UNK A 4148 -42.74 -22.70 36.96
C UNK A 4148 -43.61 -23.22 38.11
N UNK A 4149 -44.94 -23.15 37.95
CA UNK A 4149 -45.84 -23.70 38.96
C UNK A 4149 -45.66 -25.20 39.12
N UNK A 4150 -45.46 -25.90 38.00
CA UNK A 4150 -45.21 -27.34 38.06
C UNK A 4150 -43.92 -27.64 38.82
N UNK A 4151 -42.87 -26.88 38.55
CA UNK A 4151 -41.59 -27.08 39.21
C UNK A 4151 -41.52 -26.43 40.59
N UNK A 4152 -42.51 -25.59 40.94
CA UNK A 4152 -42.54 -24.88 42.21
C UNK A 4152 -41.27 -24.07 42.42
N UNK A 4153 -40.78 -23.45 41.35
CA UNK A 4153 -39.59 -22.64 41.38
C UNK A 4153 -39.83 -21.36 40.59
N UNK A 4154 -39.21 -20.28 41.05
CA UNK A 4154 -39.35 -18.96 40.44
C UNK A 4154 -38.06 -18.59 39.72
N UNK A 4155 -38.19 -18.18 38.46
CA UNK A 4155 -37.04 -17.76 37.66
C UNK A 4155 -36.65 -16.34 38.04
N UNK A 4156 -35.73 -15.75 37.30
CA UNK A 4156 -35.25 -14.39 37.56
C UNK A 4156 -36.36 -13.36 37.35
N TYR B 32 32.10 4.75 22.78
CA TYR B 32 31.41 6.00 23.06
C TYR B 32 30.90 6.63 21.77
N SER B 33 29.64 7.06 21.80
CA SER B 33 29.02 7.63 20.61
C SER B 33 29.65 8.97 20.25
N GLY B 34 29.66 9.27 18.97
CA GLY B 34 30.25 10.50 18.48
C GLY B 34 31.72 10.39 18.15
N ARG B 35 32.13 10.96 17.01
CA ARG B 35 33.51 10.95 16.56
C ARG B 35 33.86 12.35 16.06
N ASP B 36 35.12 12.53 15.66
CA ASP B 36 35.60 13.80 15.13
C ASP B 36 35.55 13.77 13.60
N SER B 37 34.90 14.76 13.02
CA SER B 37 34.71 14.84 11.57
C SER B 37 35.65 15.89 11.00
N LEU B 38 36.51 15.46 10.09
CA LEU B 38 37.43 16.34 9.38
C LEU B 38 37.17 16.20 7.89
N ILE B 39 37.00 17.34 7.21
CA ILE B 39 36.78 17.37 5.77
C ILE B 39 37.90 18.16 5.14
N PHE B 40 38.37 17.69 3.99
CA PHE B 40 39.48 18.30 3.28
C PHE B 40 38.92 19.15 2.14
N LEU B 41 39.20 20.45 2.19
CA LEU B 41 38.85 21.38 1.14
C LEU B 41 40.14 21.98 0.58
N VAL B 42 40.29 21.94 -0.74
CA VAL B 42 41.49 22.45 -1.40
C VAL B 42 41.07 23.33 -2.56
N ASP B 43 41.64 24.52 -2.63
CA ASP B 43 41.33 25.44 -3.71
C ASP B 43 41.90 24.93 -5.03
N ALA B 44 41.20 25.22 -6.11
CA ALA B 44 41.69 25.00 -7.47
C ALA B 44 41.67 26.35 -8.19
N SER B 45 42.75 27.11 -8.03
CA SER B 45 42.82 28.47 -8.56
C SER B 45 44.10 28.66 -9.38
N LYS B 46 44.61 27.58 -9.97
CA LYS B 46 45.81 27.54 -10.79
C LYS B 46 46.95 28.36 -10.19
N ALA B 47 47.02 28.41 -8.86
CA ALA B 47 48.15 28.98 -8.14
C ALA B 47 48.92 27.94 -7.36
N MET B 48 48.24 26.91 -6.85
CA MET B 48 48.87 25.75 -6.25
C MET B 48 49.28 24.71 -7.28
N PHE B 49 49.01 24.96 -8.56
CA PHE B 49 49.46 24.09 -9.64
C PHE B 49 50.93 24.27 -9.97
N GLU B 50 51.60 25.25 -9.37
CA GLU B 50 52.99 25.56 -9.72
C GLU B 50 53.88 25.56 -8.48
N LEU B 57 58.17 22.08 -5.27
CA LEU B 57 57.02 21.24 -5.59
C LEU B 57 55.72 22.04 -5.48
N THR B 58 54.76 21.71 -6.34
CA THR B 58 53.51 22.47 -6.37
C THR B 58 52.73 22.25 -5.08
N PRO B 59 52.08 23.29 -4.54
CA PRO B 59 51.30 23.10 -3.31
C PRO B 59 50.22 22.04 -3.42
N PHE B 60 49.58 21.93 -4.59
CA PHE B 60 48.58 20.90 -4.80
C PHE B 60 49.15 19.51 -4.58
N ASP B 61 50.42 19.31 -4.97
CA ASP B 61 51.02 17.98 -4.92
C ASP B 61 51.14 17.47 -3.49
N MET B 62 51.87 18.19 -2.63
CA MET B 62 51.98 17.70 -1.27
C MET B 62 50.70 17.90 -0.46
N SER B 63 49.80 18.79 -0.90
CA SER B 63 48.48 18.83 -0.27
C SER B 63 47.75 17.50 -0.49
N ILE B 64 47.74 17.01 -1.73
CA ILE B 64 47.14 15.72 -2.02
C ILE B 64 47.87 14.61 -1.26
N GLN B 65 49.20 14.70 -1.21
CA GLN B 65 49.98 13.69 -0.50
C GLN B 65 49.63 13.65 0.98
N CYS B 66 49.50 14.82 1.61
CA CYS B 66 49.15 14.88 3.02
C CYS B 66 47.73 14.38 3.26
N ILE B 67 46.80 14.71 2.35
CA ILE B 67 45.44 14.19 2.48
C ILE B 67 45.45 12.68 2.42
N GLN B 68 46.21 12.11 1.48
CA GLN B 68 46.31 10.66 1.36
C GLN B 68 46.92 10.05 2.62
N SER B 69 47.97 10.68 3.15
CA SER B 69 48.60 10.16 4.35
C SER B 69 47.64 10.19 5.54
N VAL B 70 46.87 11.27 5.66
CA VAL B 70 45.90 11.37 6.74
C VAL B 70 44.82 10.31 6.58
N TYR B 71 44.35 10.10 5.35
CA TYR B 71 43.34 9.07 5.13
C TYR B 71 43.88 7.68 5.47
N ILE B 72 45.14 7.41 5.12
CA ILE B 72 45.74 6.12 5.44
C ILE B 72 45.87 5.95 6.95
N SER B 73 46.34 7.00 7.64
CA SER B 73 46.44 6.94 9.09
C SER B 73 45.08 6.74 9.74
N LYS B 74 44.03 7.34 9.17
CA LYS B 74 42.69 7.17 9.72
C LYS B 74 42.18 5.74 9.51
N ILE B 75 42.31 5.22 8.28
CA ILE B 75 41.82 3.86 8.01
C ILE B 75 42.60 2.84 8.83
N ILE B 76 43.87 3.13 9.12
CA ILE B 76 44.63 2.24 10.00
C ILE B 76 44.37 2.50 11.47
N SER B 77 43.77 3.64 11.82
CA SER B 77 43.58 4.04 13.20
C SER B 77 42.15 3.80 13.68
N SER B 78 41.16 4.40 13.01
CA SER B 78 39.78 4.31 13.43
C SER B 78 38.87 4.40 12.22
N ASP B 79 37.87 3.52 12.17
CA ASP B 79 36.94 3.48 11.05
C ASP B 79 35.63 4.20 11.36
N ARG B 80 35.33 4.47 12.64
CA ARG B 80 34.11 5.18 13.00
C ARG B 80 34.16 6.65 12.56
N ASP B 81 35.34 7.18 12.26
CA ASP B 81 35.44 8.54 11.78
C ASP B 81 35.02 8.63 10.31
N LEU B 82 34.83 9.86 9.85
CA LEU B 82 34.38 10.11 8.47
C LEU B 82 35.32 11.09 7.80
N LEU B 83 35.49 10.92 6.49
CA LEU B 83 36.33 11.78 5.68
C LEU B 83 35.54 12.26 4.48
N ALA B 84 35.87 13.47 4.01
CA ALA B 84 35.21 14.04 2.84
C ALA B 84 36.22 14.86 2.05
N VAL B 85 36.15 14.76 0.73
CA VAL B 85 37.03 15.48 -0.17
C VAL B 85 36.18 16.32 -1.10
N VAL B 86 36.35 17.64 -1.04
CA VAL B 86 35.61 18.58 -1.87
C VAL B 86 36.58 19.63 -2.38
N PHE B 87 36.45 20.00 -3.65
CA PHE B 87 37.32 20.98 -4.27
C PHE B 87 36.48 22.14 -4.80
N TYR B 88 37.11 23.31 -4.91
CA TYR B 88 36.43 24.50 -5.39
C TYR B 88 37.38 25.32 -6.25
N GLY B 89 36.80 26.14 -7.12
CA GLY B 89 37.55 26.94 -8.06
C GLY B 89 37.69 26.32 -9.45
N THR B 90 37.17 25.13 -9.66
CA THR B 90 37.33 24.42 -10.94
C THR B 90 36.39 25.03 -11.98
N GLU B 91 36.35 24.43 -13.16
CA GLU B 91 35.40 24.79 -14.20
C GLU B 91 34.15 23.92 -14.16
N LYS B 92 34.07 22.98 -13.22
CA LYS B 92 32.92 22.11 -13.07
C LYS B 92 32.24 22.39 -11.73
N ASP B 93 30.93 22.14 -11.69
CA ASP B 93 30.12 22.53 -10.54
C ASP B 93 29.44 21.33 -9.88
N LYS B 94 30.20 20.26 -9.66
CA LYS B 94 29.66 19.04 -9.07
C LYS B 94 29.42 19.25 -7.58
N ASN B 95 28.18 19.58 -7.22
CA ASN B 95 27.78 19.66 -5.83
C ASN B 95 26.27 19.56 -5.76
N SER B 96 25.76 19.33 -4.54
CA SER B 96 24.34 19.05 -4.37
C SER B 96 23.48 20.22 -4.81
N VAL B 97 23.84 21.44 -4.39
CA VAL B 97 23.04 22.61 -4.72
C VAL B 97 23.50 23.27 -6.02
N ASN B 98 24.49 22.68 -6.71
CA ASN B 98 24.95 23.15 -8.01
C ASN B 98 25.45 24.60 -7.94
N PHE B 99 26.51 24.80 -7.16
CA PHE B 99 27.17 26.09 -7.05
C PHE B 99 28.42 26.11 -7.93
N LYS B 100 28.75 27.30 -8.41
CA LYS B 100 29.80 27.44 -9.41
C LYS B 100 31.15 27.02 -8.86
N ASN B 101 31.93 26.34 -9.71
CA ASN B 101 33.32 25.99 -9.47
C ASN B 101 33.53 25.03 -8.31
N ILE B 102 32.46 24.56 -7.67
CA ILE B 102 32.54 23.70 -6.50
C ILE B 102 32.37 22.26 -6.96
N TYR B 103 33.39 21.42 -6.74
CA TYR B 103 33.35 20.02 -7.11
C TYR B 103 33.51 19.16 -5.86
N VAL B 104 32.62 18.17 -5.72
CA VAL B 104 32.69 17.21 -4.63
C VAL B 104 33.18 15.88 -5.21
N LEU B 105 34.12 15.26 -4.51
CA LEU B 105 34.70 13.99 -4.93
C LEU B 105 34.35 12.85 -4.00
N GLN B 106 34.64 13.00 -2.70
CA GLN B 106 34.26 12.04 -1.69
C GLN B 106 33.44 12.74 -0.63
N GLU B 107 32.23 12.25 -0.38
CA GLU B 107 31.39 12.80 0.67
C GLU B 107 31.78 12.19 2.01
N LEU B 108 31.13 12.64 3.08
CA LEU B 108 31.45 12.17 4.43
C LEU B 108 31.10 10.70 4.57
N ASP B 109 32.13 9.86 4.69
CA ASP B 109 31.93 8.42 4.81
C ASP B 109 33.16 7.83 5.49
N ASN B 110 33.02 6.57 5.92
CA ASN B 110 34.15 5.86 6.51
C ASN B 110 35.26 5.72 5.45
N PRO B 111 36.52 5.78 5.88
CA PRO B 111 37.62 5.70 4.91
C PRO B 111 37.60 4.37 4.14
N GLY B 112 37.94 4.46 2.86
CA GLY B 112 37.92 3.29 2.00
C GLY B 112 39.05 3.32 0.99
N ALA B 113 39.43 2.13 0.54
CA ALA B 113 40.53 2.02 -0.41
C ALA B 113 40.19 2.69 -1.74
N LYS B 114 38.91 2.65 -2.14
CA LYS B 114 38.51 3.28 -3.39
C LYS B 114 38.75 4.79 -3.34
N ARG B 115 38.51 5.42 -2.20
CA ARG B 115 38.83 6.83 -2.04
C ARG B 115 40.33 7.05 -2.17
N ILE B 116 41.14 6.13 -1.64
CA ILE B 116 42.59 6.26 -1.75
C ILE B 116 43.02 6.19 -3.21
N LEU B 117 42.44 5.27 -3.99
CA LEU B 117 42.76 5.19 -5.41
C LEU B 117 42.30 6.43 -6.15
N GLU B 118 41.13 6.97 -5.79
CA GLU B 118 40.65 8.20 -6.41
C GLU B 118 41.61 9.35 -6.15
N LEU B 119 42.12 9.44 -4.93
CA LEU B 119 43.13 10.46 -4.62
C LEU B 119 44.42 10.21 -5.40
N ASP B 120 44.84 8.95 -5.48
CA ASP B 120 46.14 8.62 -6.09
C ASP B 120 46.14 8.84 -7.59
N GLN B 121 44.99 8.71 -8.24
CA GLN B 121 44.93 8.91 -9.69
C GLN B 121 45.26 10.34 -10.07
N PHE B 122 45.23 11.28 -9.13
CA PHE B 122 45.60 12.67 -9.37
C PHE B 122 46.90 13.06 -8.66
N LYS B 123 47.56 12.13 -7.96
CA LYS B 123 48.74 12.49 -7.19
C LYS B 123 49.89 12.94 -8.08
N GLY B 124 50.12 12.25 -9.20
CA GLY B 124 51.24 12.57 -10.05
C GLY B 124 51.04 13.86 -10.83
N GLN B 125 52.13 14.30 -11.48
CA GLN B 125 52.03 15.46 -12.34
C GLN B 125 51.09 15.20 -13.51
N GLN B 126 51.19 14.02 -14.12
CA GLN B 126 50.17 13.61 -15.09
C GLN B 126 48.81 13.49 -14.41
N GLY B 127 48.81 13.01 -13.17
CA GLY B 127 47.58 13.04 -12.39
C GLY B 127 47.07 14.45 -12.17
N GLN B 128 47.99 15.39 -11.92
CA GLN B 128 47.58 16.78 -11.74
C GLN B 128 46.94 17.34 -13.01
N LYS B 129 47.55 17.08 -14.16
CA LYS B 129 47.00 17.64 -15.39
C LYS B 129 45.67 16.98 -15.77
N ARG B 130 45.56 15.65 -15.60
CA ARG B 130 44.27 15.03 -15.88
C ARG B 130 43.20 15.53 -14.92
N PHE B 131 43.56 15.70 -13.64
CA PHE B 131 42.66 16.30 -12.66
C PHE B 131 42.16 17.66 -13.16
N GLN B 132 43.10 18.52 -13.56
CA GLN B 132 42.71 19.83 -14.09
C GLN B 132 41.88 19.71 -15.35
N ASP B 133 42.01 18.60 -16.10
CA ASP B 133 41.21 18.40 -17.30
C ASP B 133 39.76 18.07 -16.96
N MET B 134 39.53 16.95 -16.27
CA MET B 134 38.15 16.60 -15.95
C MET B 134 37.51 17.52 -14.90
N MET B 135 38.30 18.24 -14.13
CA MET B 135 37.73 19.13 -13.12
C MET B 135 37.63 20.57 -13.61
N GLY B 136 38.68 21.10 -14.21
CA GLY B 136 38.72 22.49 -14.65
C GLY B 136 39.72 23.28 -13.83
N HIS B 137 40.37 24.25 -14.47
CA HIS B 137 41.38 25.07 -13.82
C HIS B 137 40.70 26.16 -12.99
N GLY B 138 41.50 27.11 -12.52
CA GLY B 138 40.97 28.16 -11.66
C GLY B 138 39.87 28.96 -12.35
N SER B 139 38.82 29.26 -11.58
CA SER B 139 37.69 30.03 -12.07
C SER B 139 37.11 30.83 -10.92
N ASP B 140 36.07 31.60 -11.21
CA ASP B 140 35.43 32.40 -10.17
C ASP B 140 34.67 31.50 -9.20
N TYR B 141 34.54 31.99 -7.97
CA TYR B 141 33.88 31.24 -6.89
C TYR B 141 33.50 32.23 -5.80
N SER B 142 33.05 31.71 -4.67
CA SER B 142 32.74 32.51 -3.49
C SER B 142 32.91 31.64 -2.26
N LEU B 143 33.69 32.13 -1.28
CA LEU B 143 33.92 31.36 -0.07
C LEU B 143 32.63 31.10 0.69
N SER B 144 31.66 32.02 0.59
CA SER B 144 30.36 31.77 1.20
C SER B 144 29.73 30.49 0.65
N GLU B 145 29.84 30.29 -0.66
CA GLU B 145 29.26 29.10 -1.28
C GLU B 145 29.94 27.83 -0.79
N VAL B 146 31.28 27.84 -0.69
CA VAL B 146 31.98 26.62 -0.28
C VAL B 146 31.69 26.32 1.19
N LEU B 147 31.62 27.36 2.03
CA LEU B 147 31.24 27.14 3.42
C LEU B 147 29.82 26.61 3.53
N TRP B 148 28.91 27.11 2.70
CA TRP B 148 27.55 26.61 2.67
C TRP B 148 27.51 25.14 2.30
N VAL B 149 28.29 24.75 1.29
CA VAL B 149 28.34 23.35 0.86
C VAL B 149 28.91 22.49 1.98
N CYS B 150 29.95 22.97 2.67
CA CYS B 150 30.52 22.22 3.79
C CYS B 150 29.50 22.03 4.90
N ALA B 151 28.73 23.08 5.20
CA ALA B 151 27.70 22.97 6.23
C ALA B 151 26.63 21.95 5.83
N ASN B 152 26.22 21.99 4.56
CA ASN B 152 25.24 21.01 4.09
C ASN B 152 25.77 19.58 4.21
N LEU B 153 27.04 19.38 3.83
CA LEU B 153 27.64 18.06 3.94
C LEU B 153 27.71 17.60 5.39
N PHE B 154 28.06 18.51 6.30
CA PHE B 154 28.07 18.16 7.71
C PHE B 154 26.69 17.77 8.20
N SER B 155 25.66 18.50 7.77
CA SER B 155 24.29 18.16 8.15
C SER B 155 23.82 16.87 7.48
N ASP B 156 24.47 16.44 6.40
CA ASP B 156 24.02 15.23 5.69
C ASP B 156 24.15 13.98 6.55
N VAL B 157 25.10 13.95 7.48
CA VAL B 157 25.32 12.74 8.26
C VAL B 157 24.12 12.47 9.17
N GLN B 158 23.88 11.20 9.45
CA GLN B 158 22.76 10.78 10.28
C GLN B 158 23.24 10.13 11.58
N PHE B 159 24.35 10.61 12.13
CA PHE B 159 24.91 10.08 13.36
C PHE B 159 25.27 11.21 14.29
N LYS B 160 25.25 10.93 15.59
CA LYS B 160 25.87 11.85 16.54
C LYS B 160 27.36 11.90 16.25
N MET B 161 27.88 13.11 16.06
CA MET B 161 29.24 13.27 15.54
C MET B 161 29.93 14.20 16.55
N SER B 162 30.92 13.67 17.28
CA SER B 162 31.40 14.37 18.47
C SER B 162 32.00 15.74 18.15
N HIS B 163 32.84 15.81 17.13
CA HIS B 163 33.51 17.07 16.83
C HIS B 163 33.51 17.29 15.31
N LYS B 164 33.50 18.57 14.92
CA LYS B 164 33.41 18.96 13.52
C LYS B 164 34.56 19.91 13.22
N ARG B 165 35.50 19.47 12.39
CA ARG B 165 36.64 20.27 11.98
C ARG B 165 36.74 20.30 10.47
N ILE B 166 37.29 21.38 9.94
CA ILE B 166 37.47 21.56 8.50
C ILE B 166 38.92 21.95 8.24
N MET B 167 39.56 21.27 7.29
CA MET B 167 40.91 21.59 6.86
C MET B 167 40.86 22.21 5.48
N LEU B 168 41.51 23.36 5.32
CA LEU B 168 41.54 24.10 4.07
C LEU B 168 42.98 24.37 3.66
N PHE B 169 43.21 24.40 2.35
CA PHE B 169 44.55 24.57 1.79
C PHE B 169 44.54 25.63 0.71
N THR B 170 45.44 26.60 0.84
CA THR B 170 45.66 27.60 -0.21
C THR B 170 47.02 28.25 0.04
N ASN B 171 47.63 28.71 -1.06
CA ASN B 171 48.95 29.33 -0.96
C ASN B 171 48.87 30.73 -0.37
N GLU B 172 47.96 31.55 -0.89
CA GLU B 172 47.81 32.92 -0.43
C GLU B 172 46.33 33.26 -0.32
N ASP B 173 46.02 34.23 0.54
CA ASP B 173 44.63 34.61 0.75
C ASP B 173 44.13 35.42 -0.45
N ASN B 174 42.98 35.02 -0.98
CA ASN B 174 42.43 35.61 -2.19
C ASN B 174 41.78 36.97 -1.92
N PRO B 175 40.82 37.08 -0.99
CA PRO B 175 40.19 38.40 -0.86
C PRO B 175 41.08 39.42 -0.14
N ALA B 181 31.39 42.92 0.09
CA ALA B 181 31.51 42.15 -1.14
C ALA B 181 31.64 40.66 -0.84
N LYS B 182 32.49 39.98 -1.62
CA LYS B 182 32.74 38.56 -1.39
C LYS B 182 33.35 38.32 -0.02
N ALA B 183 34.33 39.15 0.36
CA ALA B 183 35.03 38.94 1.62
C ALA B 183 34.08 39.11 2.82
N SER B 184 33.22 40.13 2.78
CA SER B 184 32.31 40.38 3.89
C SER B 184 31.36 39.21 4.10
N ARG B 185 30.69 38.78 3.03
CA ARG B 185 29.76 37.66 3.15
C ARG B 185 30.50 36.39 3.55
N ALA B 186 31.70 36.18 3.02
CA ALA B 186 32.48 34.99 3.38
C ALA B 186 32.79 34.98 4.87
N ARG B 187 33.26 36.11 5.41
CA ARG B 187 33.57 36.17 6.83
C ARG B 187 32.32 36.00 7.68
N THR B 188 31.20 36.60 7.27
CA THR B 188 29.96 36.46 8.02
C THR B 188 29.51 35.00 8.06
N LYS B 189 29.52 34.33 6.90
CA LYS B 189 29.11 32.93 6.86
C LYS B 189 30.06 32.04 7.66
N ALA B 190 31.36 32.34 7.60
CA ALA B 190 32.33 31.58 8.40
C ALA B 190 32.06 31.75 9.88
N GLY B 191 31.77 32.97 10.32
CA GLY B 191 31.42 33.19 11.71
C GLY B 191 30.16 32.45 12.12
N ASP B 192 29.16 32.46 11.24
CA ASP B 192 27.93 31.72 11.53
C ASP B 192 28.20 30.22 11.69
N LEU B 193 28.99 29.66 10.77
CA LEU B 193 29.32 28.23 10.88
C LEU B 193 30.13 27.94 12.13
N ARG B 194 31.08 28.81 12.48
CA ARG B 194 31.84 28.64 13.71
C ARG B 194 30.91 28.66 14.92
N ASP B 195 29.89 29.52 14.88
CA ASP B 195 28.90 29.53 15.95
C ASP B 195 28.09 28.24 15.99
N THR B 196 27.81 27.66 14.83
CA THR B 196 27.05 26.41 14.79
C THR B 196 27.83 25.23 15.37
N GLY B 197 29.12 25.38 15.63
CA GLY B 197 29.92 24.29 16.16
C GLY B 197 30.80 23.64 15.13
N ILE B 198 31.45 24.47 14.31
CA ILE B 198 32.33 24.00 13.23
C ILE B 198 33.72 24.56 13.47
N PHE B 199 34.72 23.69 13.45
CA PHE B 199 36.11 24.09 13.63
C PHE B 199 36.81 24.20 12.29
N LEU B 200 37.79 25.10 12.21
CA LEU B 200 38.52 25.37 10.99
C LEU B 200 40.01 25.19 11.21
N ASP B 201 40.72 24.85 10.14
CA ASP B 201 42.16 24.65 10.19
C ASP B 201 42.75 24.93 8.83
N LEU B 202 43.91 25.60 8.81
CA LEU B 202 44.55 26.02 7.58
C LEU B 202 45.96 26.50 7.89
N MET B 203 46.87 26.23 6.95
CA MET B 203 48.15 26.93 6.89
C MET B 203 48.41 27.32 5.44
N HIS B 204 48.93 28.53 5.25
CA HIS B 204 49.35 28.93 3.91
C HIS B 204 50.49 28.05 3.43
N LEU B 205 50.52 27.79 2.14
CA LEU B 205 51.41 26.81 1.55
C LEU B 205 52.70 27.43 1.00
N LYS B 206 52.94 28.71 1.26
CA LYS B 206 54.19 29.33 0.85
C LYS B 206 55.38 28.69 1.55
N LYS B 207 55.23 28.41 2.84
CA LYS B 207 56.31 27.80 3.62
C LYS B 207 55.78 26.67 4.49
N GLY B 210 57.09 32.12 5.47
CA GLY B 210 56.77 31.72 6.83
C GLY B 210 55.46 32.30 7.32
N PHE B 211 55.53 33.03 8.44
CA PHE B 211 54.35 33.68 9.03
C PHE B 211 54.10 34.99 8.29
N ASP B 212 53.60 34.85 7.07
CA ASP B 212 53.44 36.04 6.23
C ASP B 212 52.04 36.23 5.68
N ILE B 213 51.38 35.17 5.24
CA ILE B 213 50.14 35.28 4.47
C ILE B 213 49.03 34.59 5.25
N SER B 214 48.35 35.34 6.12
CA SER B 214 47.04 34.93 6.64
C SER B 214 46.12 36.13 6.79
N LEU B 215 46.30 37.17 5.97
CA LEU B 215 45.66 38.46 6.23
C LEU B 215 44.15 38.39 6.09
N PHE B 216 43.66 37.83 4.97
CA PHE B 216 42.22 37.76 4.76
C PHE B 216 41.54 36.73 5.64
N TYR B 217 42.31 35.86 6.31
CA TYR B 217 41.75 34.84 7.19
C TYR B 217 42.26 34.97 8.62
N ARG B 218 42.61 36.19 9.05
CA ARG B 218 43.05 36.40 10.42
C ARG B 218 41.95 36.03 11.40
N ASP B 219 40.71 36.45 11.12
CA ASP B 219 39.58 36.21 12.00
C ASP B 219 38.79 34.96 11.65
N ILE B 220 38.90 34.47 10.41
CA ILE B 220 38.09 33.34 9.98
C ILE B 220 38.43 32.09 10.80
N ILE B 221 39.72 31.83 10.97
CA ILE B 221 40.14 30.64 11.71
C ILE B 221 40.05 30.91 13.20
N SER B 222 40.00 29.83 13.99
CA SER B 222 39.93 29.94 15.44
C SER B 222 41.25 30.44 16.01
N LYS B 238 52.17 23.23 9.42
CA LYS B 238 51.56 22.49 10.52
C LYS B 238 51.15 21.10 10.08
N LEU B 239 51.03 20.90 8.76
CA LEU B 239 50.66 19.60 8.22
C LEU B 239 51.82 18.62 8.14
N GLU B 240 53.04 19.06 8.49
CA GLU B 240 54.20 18.18 8.38
C GLU B 240 54.06 16.96 9.27
N ASP B 241 53.55 17.13 10.49
CA ASP B 241 53.34 15.99 11.37
C ASP B 241 52.24 15.06 10.86
N LEU B 242 51.31 15.57 10.05
CA LEU B 242 50.27 14.74 9.47
C LEU B 242 50.75 13.89 8.31
N LEU B 243 51.99 14.08 7.86
CA LEU B 243 52.53 13.34 6.72
C LEU B 243 52.91 11.93 7.15
N ARG B 244 51.87 11.17 7.54
CA ARG B 244 51.99 9.77 7.92
C ARG B 244 53.00 9.53 9.04
N LYS B 245 53.29 10.56 9.83
CA LYS B 245 54.22 10.39 10.95
C LYS B 245 53.67 9.44 12.01
N VAL B 246 52.36 9.28 12.08
CA VAL B 246 51.71 8.32 12.97
C VAL B 246 51.12 7.21 12.10
N ARG B 247 51.30 5.96 12.54
CA ARG B 247 50.87 4.81 11.76
C ARG B 247 50.35 3.73 12.70
N ALA B 248 49.31 3.03 12.25
CA ALA B 248 48.72 1.90 12.99
C ALA B 248 48.30 2.31 14.39
N LYS B 249 47.72 3.50 14.52
CA LYS B 249 47.20 3.95 15.80
C LYS B 249 45.99 3.12 16.21
N GLU B 250 45.80 2.99 17.52
CA GLU B 250 44.64 2.30 18.07
C GLU B 250 43.88 3.24 18.99
N THR B 251 42.56 3.26 18.85
CA THR B 251 41.71 4.15 19.63
C THR B 251 40.59 3.34 20.29
N ARG B 252 40.40 3.55 21.59
CA ARG B 252 39.34 2.90 22.33
C ARG B 252 38.68 3.91 23.25
N LYS B 253 37.38 3.73 23.49
CA LYS B 253 36.61 4.67 24.28
C LYS B 253 35.86 4.05 25.45
N ARG B 254 35.71 2.73 25.50
CA ARG B 254 34.92 2.08 26.55
C ARG B 254 35.73 2.01 27.84
N ALA B 255 35.19 1.33 28.84
CA ALA B 255 35.85 1.14 30.11
C ALA B 255 35.63 -0.28 30.59
N LEU B 256 36.46 -0.71 31.54
CA LEU B 256 36.34 -2.05 32.09
C LEU B 256 35.09 -2.15 32.98
N SER B 257 34.85 -3.33 33.51
CA SER B 257 33.64 -3.60 34.27
C SER B 257 33.74 -2.94 35.64
N ARG B 258 32.80 -2.04 35.93
CA ARG B 258 32.76 -1.40 37.25
C ARG B 258 32.34 -2.42 38.30
N LEU B 259 33.04 -2.41 39.44
CA LEU B 259 32.77 -3.37 40.49
C LEU B 259 32.53 -2.67 41.83
N LYS B 260 32.45 -3.45 42.90
CA LYS B 260 32.25 -2.93 44.24
C LYS B 260 33.48 -3.26 45.09
N LEU B 261 33.97 -2.26 45.81
CA LEU B 261 35.15 -2.41 46.65
C LEU B 261 34.69 -2.94 48.01
N LYS B 262 34.82 -4.25 48.21
CA LYS B 262 34.44 -4.89 49.47
C LYS B 262 35.50 -4.59 50.53
N LEU B 263 35.51 -3.34 50.99
CA LEU B 263 36.46 -2.93 52.00
C LEU B 263 36.16 -3.56 53.35
N ASN B 264 34.90 -3.85 53.63
CA ASN B 264 34.51 -4.50 54.88
C ASN B 264 33.27 -5.35 54.59
N LYS B 265 32.57 -5.76 55.65
CA LYS B 265 31.46 -6.70 55.51
C LYS B 265 30.13 -6.04 55.16
N ASP B 266 30.02 -4.71 55.23
CA ASP B 266 28.72 -4.07 55.01
C ASP B 266 28.73 -3.00 53.93
N ILE B 267 29.77 -2.17 53.84
CA ILE B 267 29.78 -1.06 52.90
C ILE B 267 30.80 -1.33 51.81
N VAL B 268 30.44 -0.92 50.59
CA VAL B 268 31.25 -1.15 49.40
C VAL B 268 31.33 0.14 48.60
N ILE B 269 32.30 0.18 47.68
CA ILE B 269 32.57 1.35 46.87
C ILE B 269 32.49 0.97 45.39
N SER B 270 31.68 1.69 44.64
CA SER B 270 31.60 1.50 43.19
C SER B 270 32.91 1.98 42.55
N VAL B 271 33.74 1.03 42.12
CA VAL B 271 35.07 1.33 41.61
C VAL B 271 35.04 1.20 40.09
N GLY B 272 35.57 2.22 39.41
CA GLY B 272 35.72 2.16 37.97
C GLY B 272 37.07 1.62 37.58
N ILE B 273 37.09 0.44 36.96
CA ILE B 273 38.32 -0.22 36.55
C ILE B 273 38.71 0.28 35.17
N TYR B 274 39.99 0.55 34.98
CA TYR B 274 40.49 1.09 33.72
C TYR B 274 41.82 0.46 33.38
N ASN B 275 41.90 -0.16 32.20
CA ASN B 275 43.17 -0.61 31.66
C ASN B 275 43.83 0.54 30.91
N LEU B 276 45.15 0.64 31.05
CA LEU B 276 45.89 1.73 30.44
C LEU B 276 47.03 1.28 29.54
N VAL B 277 47.55 0.08 29.71
CA VAL B 277 48.74 -0.34 28.97
C VAL B 277 48.54 -1.76 28.42
N GLN B 278 47.28 -2.18 28.32
CA GLN B 278 46.97 -3.55 27.90
C GLN B 278 47.65 -3.87 26.57
N LYS B 279 48.06 -5.13 26.45
CA LYS B 279 48.86 -5.56 25.31
C LYS B 279 48.10 -5.41 23.99
N ALA B 280 48.76 -4.86 22.99
CA ALA B 280 48.19 -4.75 21.66
C ALA B 280 48.53 -5.98 20.82
N LEU B 281 47.72 -6.21 19.79
CA LEU B 281 47.91 -7.37 18.93
C LEU B 281 47.30 -7.08 17.57
N LYS B 282 47.73 -7.84 16.58
CA LYS B 282 47.20 -7.70 15.24
C LYS B 282 45.75 -8.14 15.20
N PRO B 283 44.94 -7.57 14.31
CA PRO B 283 43.54 -7.97 14.21
C PRO B 283 43.44 -9.42 13.78
N PRO B 284 42.42 -10.13 14.24
CA PRO B 284 42.28 -11.55 13.89
C PRO B 284 42.03 -11.74 12.42
N PRO B 285 42.57 -12.79 11.82
CA PRO B 285 42.31 -13.06 10.40
C PRO B 285 40.90 -13.59 10.18
N ILE B 286 40.43 -13.46 8.94
CA ILE B 286 39.13 -13.96 8.52
C ILE B 286 39.35 -15.09 7.54
N LYS B 287 38.42 -16.05 7.53
CA LYS B 287 38.55 -17.25 6.69
C LYS B 287 37.75 -17.06 5.40
N LEU B 288 38.24 -16.12 4.58
CA LEU B 288 37.60 -15.84 3.30
C LEU B 288 37.82 -17.00 2.33
N TYR B 289 36.87 -17.16 1.40
CA TYR B 289 36.96 -18.22 0.41
C TYR B 289 38.10 -17.93 -0.57
N ARG B 290 38.55 -18.98 -1.26
CA ARG B 290 39.67 -18.83 -2.18
C ARG B 290 39.28 -18.01 -3.40
N GLU B 291 38.14 -18.32 -4.02
CA GLU B 291 37.74 -17.66 -5.26
C GLU B 291 36.85 -16.44 -4.99
N THR B 292 35.71 -16.66 -4.34
CA THR B 292 34.79 -15.57 -4.04
C THR B 292 35.35 -14.59 -3.02
N ASN B 293 36.41 -14.97 -2.30
CA ASN B 293 37.09 -14.09 -1.34
C ASN B 293 36.14 -13.58 -0.26
N GLU B 294 35.23 -14.44 0.19
CA GLU B 294 34.31 -14.08 1.26
C GLU B 294 34.26 -15.19 2.30
N PRO B 295 34.05 -14.85 3.57
CA PRO B 295 34.18 -15.85 4.64
C PRO B 295 33.08 -16.90 4.59
N VAL B 296 33.39 -18.04 5.19
CA VAL B 296 32.45 -19.15 5.28
C VAL B 296 31.73 -19.06 6.61
N LYS B 297 30.59 -19.76 6.70
CA LYS B 297 29.81 -19.76 7.94
C LYS B 297 30.55 -20.42 9.09
N THR B 298 31.56 -21.25 8.80
CA THR B 298 32.42 -21.86 9.80
C THR B 298 31.59 -22.65 10.82
N LYS B 299 30.95 -23.70 10.30
CA LYS B 299 30.19 -24.61 11.16
C LYS B 299 31.13 -25.65 11.74
N THR B 300 31.13 -25.78 13.06
CA THR B 300 32.08 -26.67 13.72
C THR B 300 31.57 -27.05 15.11
N ARG B 301 31.30 -28.34 15.31
CA ARG B 301 31.05 -28.88 16.64
C ARG B 301 31.16 -30.39 16.56
N THR B 302 31.61 -30.99 17.66
CA THR B 302 31.84 -32.43 17.70
C THR B 302 30.53 -33.19 17.55
N PHE B 303 30.54 -34.22 16.71
CA PHE B 303 29.45 -35.17 16.59
C PHE B 303 29.99 -36.59 16.74
N ASN B 304 29.11 -37.57 16.62
CA ASN B 304 29.49 -38.97 16.77
C ASN B 304 30.15 -39.46 15.49
N THR B 305 31.40 -39.92 15.61
CA THR B 305 32.16 -40.45 14.48
C THR B 305 32.40 -41.94 14.58
N SER B 306 32.86 -42.43 15.73
CA SER B 306 33.07 -43.86 15.89
C SER B 306 31.77 -44.64 15.76
N THR B 307 30.70 -44.13 16.36
CA THR B 307 29.39 -44.75 16.29
C THR B 307 28.47 -44.11 15.26
N GLY B 308 28.80 -42.93 14.76
CA GLY B 308 27.95 -42.24 13.82
C GLY B 308 26.82 -41.50 14.51
N GLY B 309 26.50 -40.31 14.03
CA GLY B 309 25.46 -39.51 14.64
C GLY B 309 25.92 -38.14 15.10
N LEU B 310 25.17 -37.53 16.02
CA LEU B 310 25.47 -36.20 16.52
C LEU B 310 25.68 -36.25 18.03
N LEU B 311 26.73 -35.59 18.49
CA LEU B 311 27.00 -35.47 19.92
C LEU B 311 26.25 -34.28 20.50
N LEU B 312 26.10 -34.30 21.82
CA LEU B 312 25.34 -33.27 22.53
C LEU B 312 26.19 -32.69 23.66
N PRO B 313 25.93 -31.43 24.04
CA PRO B 313 26.65 -30.86 25.18
C PRO B 313 26.44 -31.63 26.46
N SER B 314 25.26 -32.21 26.67
CA SER B 314 25.01 -33.03 27.85
C SER B 314 25.87 -34.29 27.84
N ASP B 315 26.34 -34.70 26.67
CA ASP B 315 27.17 -35.90 26.54
C ASP B 315 28.63 -35.66 26.85
N THR B 316 29.03 -34.41 27.11
CA THR B 316 30.43 -34.08 27.35
C THR B 316 30.79 -34.43 28.78
N LYS B 317 31.73 -35.36 28.94
CA LYS B 317 32.25 -35.74 30.24
C LYS B 317 33.73 -35.40 30.30
N ARG B 318 34.16 -34.77 31.38
CA ARG B 318 35.54 -34.37 31.56
C ARG B 318 36.22 -35.24 32.61
N SER B 319 37.50 -35.53 32.38
CA SER B 319 38.25 -36.39 33.29
C SER B 319 39.73 -36.06 33.17
N GLN B 320 40.47 -36.50 34.18
CA GLN B 320 41.93 -36.40 34.21
C GLN B 320 42.47 -37.75 34.67
N ILE B 321 43.15 -38.45 33.76
CA ILE B 321 43.74 -39.74 34.11
C ILE B 321 44.89 -39.52 35.09
N TYR B 322 44.64 -39.80 36.37
CA TYR B 322 45.63 -39.61 37.42
C TYR B 322 45.85 -40.95 38.12
N GLY B 323 47.11 -41.35 38.23
CA GLY B 323 47.45 -42.59 38.91
C GLY B 323 46.81 -43.82 38.32
N SER B 324 45.85 -44.40 39.04
CA SER B 324 45.24 -45.67 38.67
C SER B 324 44.00 -45.52 37.80
N ARG B 325 43.16 -44.52 38.06
CA ARG B 325 41.87 -44.40 37.39
C ARG B 325 41.65 -42.98 36.90
N GLN B 326 40.80 -42.86 35.89
CA GLN B 326 40.40 -41.56 35.35
C GLN B 326 39.15 -41.08 36.07
N ILE B 327 39.26 -39.95 36.76
CA ILE B 327 38.15 -39.39 37.54
C ILE B 327 37.21 -38.70 36.55
N ILE B 328 36.16 -39.40 36.14
CA ILE B 328 35.23 -38.87 35.14
C ILE B 328 34.23 -37.95 35.82
N LEU B 329 34.08 -36.75 35.27
CA LEU B 329 33.10 -35.77 35.76
C LEU B 329 32.46 -35.09 34.56
N GLU B 330 31.65 -34.07 34.84
CA GLU B 330 31.05 -33.23 33.82
C GLU B 330 31.57 -31.81 33.98
N LYS B 331 31.17 -30.94 33.05
CA LYS B 331 31.63 -29.55 33.08
C LYS B 331 31.17 -28.84 34.34
N GLU B 332 29.91 -29.07 34.75
CA GLU B 332 29.31 -28.30 35.83
C GLU B 332 30.22 -28.28 37.05
N GLU B 333 30.79 -29.42 37.41
CA GLU B 333 31.79 -29.47 38.47
C GLU B 333 33.01 -28.62 38.13
N THR B 334 33.40 -28.57 36.85
CA THR B 334 34.57 -27.77 36.46
C THR B 334 34.33 -26.28 36.68
N GLU B 335 33.20 -25.74 36.19
CA GLU B 335 32.94 -24.32 36.45
C GLU B 335 32.70 -24.05 37.94
N GLU B 336 31.96 -24.92 38.64
CA GLU B 336 31.72 -24.66 40.06
C GLU B 336 32.99 -24.79 40.88
N LEU B 337 33.99 -25.54 40.40
CA LEU B 337 35.29 -25.57 41.04
C LEU B 337 35.97 -24.21 40.99
N LYS B 338 35.82 -23.51 39.86
CA LYS B 338 36.43 -22.19 39.71
C LYS B 338 35.74 -21.15 40.59
N ARG B 339 34.55 -21.45 41.11
CA ARG B 339 33.80 -20.49 41.90
C ARG B 339 34.28 -20.52 43.35
N PHE B 340 34.65 -19.36 43.87
CA PHE B 340 35.04 -19.22 45.27
C PHE B 340 34.28 -18.13 46.00
N ASP B 341 33.97 -17.03 45.33
CA ASP B 341 33.24 -15.94 45.94
C ASP B 341 32.60 -15.09 44.85
N ASP B 342 32.00 -13.97 45.24
CA ASP B 342 31.37 -13.03 44.33
C ASP B 342 32.41 -12.09 43.73
N PRO B 343 32.10 -11.47 42.58
CA PRO B 343 33.03 -10.49 42.01
C PRO B 343 33.21 -9.29 42.94
N GLY B 344 34.40 -8.70 42.88
CA GLY B 344 34.73 -7.55 43.68
C GLY B 344 36.13 -7.65 44.24
N LEU B 345 36.45 -6.70 45.12
CA LEU B 345 37.76 -6.59 45.75
C LEU B 345 37.56 -6.64 47.27
N MET B 346 37.75 -7.82 47.85
CA MET B 346 37.62 -7.98 49.29
C MET B 346 38.90 -7.51 49.96
N LEU B 347 38.83 -6.37 50.64
CA LEU B 347 40.01 -5.76 51.23
C LEU B 347 40.50 -6.55 52.44
N MET B 348 41.81 -6.79 52.49
CA MET B 348 42.45 -7.46 53.61
C MET B 348 43.06 -6.47 54.60
N GLY B 349 43.66 -5.40 54.09
CA GLY B 349 44.28 -4.40 54.96
C GLY B 349 45.32 -3.61 54.20
N PHE B 350 46.26 -3.04 54.95
CA PHE B 350 47.34 -2.24 54.38
C PHE B 350 48.69 -2.87 54.69
N LYS B 351 49.62 -2.74 53.73
CA LYS B 351 50.94 -3.31 53.83
C LYS B 351 51.91 -2.31 53.20
N PRO B 352 53.05 -2.04 53.84
CA PRO B 352 53.96 -1.00 53.34
C PRO B 352 54.44 -1.30 51.92
N LEU B 353 54.57 -0.23 51.12
CA LEU B 353 55.12 -0.37 49.78
C LEU B 353 56.57 -0.85 49.82
N VAL B 354 57.30 -0.51 50.88
CA VAL B 354 58.66 -1.01 51.04
C VAL B 354 58.67 -2.52 51.20
N LEU B 355 57.56 -3.11 51.63
CA LEU B 355 57.45 -4.56 51.76
C LEU B 355 56.95 -5.18 50.46
N LEU B 356 57.75 -4.97 49.41
CA LEU B 356 57.49 -5.55 48.10
C LEU B 356 58.78 -6.14 47.56
N LYS B 357 58.66 -7.26 46.85
CA LYS B 357 59.84 -7.93 46.30
C LYS B 357 60.43 -7.18 45.11
N LYS B 358 59.73 -6.17 44.59
CA LYS B 358 60.19 -5.24 43.56
C LYS B 358 60.46 -5.94 42.23
N HIS B 359 60.24 -7.25 42.16
CA HIS B 359 60.45 -8.00 40.93
C HIS B 359 59.39 -9.08 40.74
N HIS B 360 58.17 -8.85 41.23
CA HIS B 360 57.11 -9.85 41.20
C HIS B 360 55.93 -9.37 40.36
N TYR B 361 56.21 -8.81 39.19
CA TYR B 361 55.17 -8.47 38.24
C TYR B 361 54.78 -9.71 37.43
N LEU B 362 53.49 -9.94 37.27
CA LEU B 362 53.01 -11.09 36.50
C LEU B 362 51.90 -10.76 35.51
N ARG B 363 51.12 -9.70 35.73
CA ARG B 363 50.01 -9.35 34.85
C ARG B 363 49.91 -7.83 34.84
N PRO B 364 49.67 -7.20 33.69
CA PRO B 364 49.73 -5.74 33.61
C PRO B 364 48.78 -5.08 34.59
N SER B 365 49.25 -3.98 35.18
CA SER B 365 48.48 -3.27 36.19
C SER B 365 47.25 -2.61 35.58
N LEU B 366 46.20 -2.49 36.39
CA LEU B 366 44.95 -1.88 35.97
C LEU B 366 44.61 -0.72 36.90
N PHE B 367 44.29 0.42 36.31
CA PHE B 367 43.94 1.61 37.09
C PHE B 367 42.59 1.43 37.76
N VAL B 368 42.47 1.98 38.97
CA VAL B 368 41.23 1.96 39.72
C VAL B 368 40.79 3.40 39.95
N TYR B 369 39.53 3.69 39.61
CA TYR B 369 38.97 5.03 39.68
C TYR B 369 37.62 4.99 40.36
N PRO B 370 37.25 6.07 41.07
CA PRO B 370 35.88 6.15 41.60
C PRO B 370 34.86 6.28 40.48
N GLU B 371 33.67 5.76 40.75
CA GLU B 371 32.54 5.86 39.82
C GLU B 371 31.31 6.22 40.64
N GLU B 372 31.00 7.52 40.70
CA GLU B 372 29.86 8.02 41.47
C GLU B 372 28.54 7.72 40.74
N SER B 373 28.23 6.43 40.63
CA SER B 373 27.02 5.99 39.97
C SER B 373 26.23 4.96 40.77
N LEU B 374 26.85 4.26 41.72
CA LEU B 374 26.15 3.29 42.55
C LEU B 374 26.25 3.56 44.03
N VAL B 375 27.33 4.19 44.50
CA VAL B 375 27.41 4.76 45.84
C VAL B 375 28.06 6.13 45.74
N ILE B 376 27.78 6.98 46.72
CA ILE B 376 28.24 8.36 46.71
C ILE B 376 29.56 8.45 47.46
N GLY B 377 29.81 7.50 48.36
CA GLY B 377 31.02 7.52 49.15
C GLY B 377 32.29 7.22 48.39
N SER B 378 32.19 6.82 47.12
CA SER B 378 33.38 6.48 46.34
C SER B 378 34.33 7.68 46.24
N SER B 379 33.81 8.81 45.76
CA SER B 379 34.65 9.98 45.53
C SER B 379 35.22 10.51 46.85
N THR B 380 34.37 10.64 47.87
CA THR B 380 34.82 11.21 49.13
C THR B 380 35.88 10.33 49.80
N LEU B 381 35.60 9.03 49.91
CA LEU B 381 36.53 8.15 50.60
C LEU B 381 37.81 7.98 49.79
N PHE B 382 37.72 7.93 48.46
CA PHE B 382 38.93 7.82 47.66
C PHE B 382 39.78 9.09 47.76
N SER B 383 39.14 10.26 47.77
CA SER B 383 39.90 11.50 47.98
C SER B 383 40.58 11.49 49.33
N ALA B 384 39.87 11.03 50.37
CA ALA B 384 40.47 10.94 51.69
C ALA B 384 41.68 10.01 51.70
N LEU B 385 41.52 8.82 51.09
CA LEU B 385 42.62 7.85 51.07
C LEU B 385 43.82 8.39 50.30
N LEU B 386 43.57 9.03 49.15
CA LEU B 386 44.66 9.62 48.38
C LEU B 386 45.36 10.72 49.17
N ILE B 387 44.60 11.51 49.91
CA ILE B 387 45.21 12.46 50.85
C ILE B 387 46.02 11.69 51.89
N LYS B 388 45.48 10.59 52.40
CA LYS B 388 46.25 9.75 53.32
C LYS B 388 47.41 9.07 52.62
N CYS B 389 47.28 8.80 51.32
CA CYS B 389 48.40 8.22 50.58
C CYS B 389 49.63 9.11 50.59
N LEU B 390 49.46 10.41 50.87
CA LEU B 390 50.62 11.27 51.09
C LEU B 390 51.38 10.84 52.33
N GLU B 391 50.68 10.70 53.46
CA GLU B 391 51.35 10.33 54.71
C GLU B 391 51.65 8.84 54.77
N LYS B 392 50.78 8.00 54.22
CA LYS B 392 50.94 6.56 54.31
C LYS B 392 51.58 6.02 53.04
N GLU B 393 52.58 5.17 53.20
CA GLU B 393 53.14 4.39 52.10
C GLU B 393 52.68 2.94 52.12
N VAL B 394 51.73 2.60 53.00
CA VAL B 394 51.16 1.27 53.01
C VAL B 394 50.20 1.11 51.84
N ALA B 395 50.11 -0.10 51.31
CA ALA B 395 49.29 -0.40 50.15
C ALA B 395 48.16 -1.35 50.52
N ALA B 396 47.01 -1.15 49.87
CA ALA B 396 45.84 -1.96 50.18
C ALA B 396 46.01 -3.38 49.66
N LEU B 397 45.59 -4.36 50.46
CA LEU B 397 45.60 -5.76 50.10
C LEU B 397 44.16 -6.21 49.88
N CYS B 398 43.86 -6.66 48.66
CA CYS B 398 42.49 -7.00 48.28
C CYS B 398 42.45 -8.34 47.57
N ARG B 399 41.45 -9.15 47.88
CA ARG B 399 41.15 -10.34 47.11
C ARG B 399 40.22 -9.95 45.96
N TYR B 400 40.70 -10.09 44.73
CA TYR B 400 40.04 -9.53 43.56
C TYR B 400 39.57 -10.65 42.63
N THR B 401 38.34 -10.50 42.13
CA THR B 401 37.78 -11.41 41.15
C THR B 401 37.06 -10.59 40.08
N PRO B 402 37.52 -10.64 38.84
CA PRO B 402 36.85 -9.85 37.79
C PRO B 402 35.38 -10.19 37.61
N ARG B 403 35.03 -11.46 37.75
CA ARG B 403 33.65 -11.90 37.56
C ARG B 403 33.47 -13.25 38.24
N ARG B 404 32.33 -13.89 37.99
CA ARG B 404 32.02 -15.15 38.65
C ARG B 404 32.97 -16.26 38.20
N ASN B 405 33.16 -17.24 39.09
CA ASN B 405 33.96 -18.43 38.79
C ASN B 405 35.39 -18.08 38.42
N ILE B 406 35.98 -17.17 39.19
CA ILE B 406 37.38 -16.78 39.00
C ILE B 406 38.14 -16.99 40.30
N PRO B 407 39.28 -17.68 40.28
CA PRO B 407 40.09 -17.81 41.49
C PRO B 407 40.55 -16.45 41.98
N PRO B 408 40.55 -16.23 43.30
CA PRO B 408 40.96 -14.92 43.82
C PRO B 408 42.45 -14.68 43.67
N TYR B 409 42.81 -13.41 43.48
CA TYR B 409 44.19 -12.97 43.45
C TYR B 409 44.39 -11.88 44.50
N PHE B 410 45.52 -11.94 45.21
CA PHE B 410 45.87 -10.89 46.14
C PHE B 410 46.38 -9.66 45.37
N VAL B 411 45.91 -8.49 45.78
CA VAL B 411 46.07 -7.27 44.99
C VAL B 411 46.65 -6.19 45.89
N ALA B 412 47.66 -5.48 45.38
CA ALA B 412 48.21 -4.31 46.03
C ALA B 412 47.74 -3.05 45.31
N LEU B 413 47.18 -2.11 46.07
CA LEU B 413 46.65 -0.86 45.50
C LEU B 413 47.71 0.22 45.69
N VAL B 414 48.61 0.34 44.73
CA VAL B 414 49.65 1.37 44.78
C VAL B 414 49.01 2.75 44.66
N PRO B 415 49.34 3.69 45.53
CA PRO B 415 48.75 5.04 45.43
C PRO B 415 49.08 5.70 44.10
N GLN B 416 48.03 6.00 43.34
CA GLN B 416 48.16 6.73 42.08
C GLN B 416 47.58 8.12 42.30
N GLU B 417 48.44 9.09 42.59
CA GLU B 417 48.05 10.47 42.82
C GLU B 417 48.28 11.28 41.56
N GLU B 418 47.30 12.10 41.20
CA GLU B 418 47.37 12.87 39.97
C GLU B 418 48.56 13.83 39.99
N GLU B 419 49.27 13.90 38.86
CA GLU B 419 50.41 14.79 38.69
C GLU B 419 50.16 15.60 37.42
N LEU B 420 49.46 16.72 37.56
CA LEU B 420 49.14 17.57 36.41
C LEU B 420 50.34 18.45 36.08
N ASP B 421 50.80 18.37 34.83
CA ASP B 421 51.96 19.13 34.38
C ASP B 421 51.53 20.55 34.02
N ASP B 422 52.41 21.29 33.35
CA ASP B 422 52.07 22.63 32.90
C ASP B 422 50.86 22.61 31.99
N GLN B 423 50.74 21.58 31.14
CA GLN B 423 49.56 21.36 30.33
C GLN B 423 48.53 20.49 31.03
N LYS B 424 48.77 20.15 32.31
CA LYS B 424 47.83 19.39 33.12
C LYS B 424 47.58 17.99 32.55
N ILE B 425 48.67 17.33 32.12
CA ILE B 425 48.57 15.95 31.67
C ILE B 425 48.28 15.05 32.87
N GLN B 426 47.29 14.16 32.72
CA GLN B 426 46.86 13.30 33.83
C GLN B 426 47.86 12.16 34.01
N VAL B 427 49.05 12.52 34.46
CA VAL B 427 50.07 11.53 34.79
C VAL B 427 49.71 10.87 36.11
N THR B 428 49.69 9.53 36.12
CA THR B 428 49.27 8.74 37.28
C THR B 428 47.90 9.23 37.74
N PRO B 429 46.84 8.89 37.02
CA PRO B 429 45.53 9.49 37.31
C PRO B 429 45.12 9.24 38.76
N PRO B 430 44.34 10.15 39.36
CA PRO B 430 44.04 10.03 40.79
C PRO B 430 43.26 8.78 41.13
N GLY B 431 43.87 7.89 41.90
CA GLY B 431 43.24 6.65 42.29
C GLY B 431 44.25 5.61 42.73
N PHE B 432 44.11 4.39 42.21
CA PHE B 432 45.02 3.30 42.54
C PHE B 432 45.19 2.41 41.32
N GLN B 433 46.28 1.66 41.31
CA GLN B 433 46.55 0.66 40.28
C GLN B 433 46.57 -0.72 40.92
N LEU B 434 46.08 -1.71 40.18
CA LEU B 434 46.05 -3.08 40.69
C LEU B 434 47.41 -3.72 40.46
N VAL B 435 48.01 -4.22 41.54
CA VAL B 435 49.32 -4.86 41.49
C VAL B 435 49.14 -6.31 41.90
N PHE B 436 49.28 -7.23 40.93
CA PHE B 436 49.14 -8.64 41.22
C PHE B 436 50.27 -9.12 42.12
N LEU B 437 49.93 -10.01 43.05
CA LEU B 437 50.92 -10.58 43.95
C LEU B 437 51.03 -12.08 43.68
N PRO B 438 52.20 -12.58 43.31
CA PRO B 438 52.33 -13.99 42.93
C PRO B 438 52.09 -14.92 44.10
N PHE B 439 51.58 -16.11 43.79
CA PHE B 439 51.39 -17.15 44.78
C PHE B 439 52.71 -17.90 45.00
N ALA B 440 52.68 -18.87 45.91
CA ALA B 440 53.87 -19.68 46.17
C ALA B 440 54.28 -20.48 44.93
N ASP B 441 53.29 -21.07 44.24
CA ASP B 441 53.60 -21.83 43.03
C ASP B 441 54.08 -20.93 41.91
N ASP B 442 53.67 -19.66 41.90
CA ASP B 442 54.11 -18.74 40.85
C ASP B 442 55.61 -18.49 40.93
N LYS B 443 56.21 -18.64 42.10
CA LYS B 443 57.66 -18.54 42.23
C LYS B 443 58.33 -19.72 41.56
N ARG B 444 59.60 -19.54 41.22
CA ARG B 444 60.39 -20.57 40.57
C ARG B 444 61.73 -20.74 41.28
N LYS B 445 62.24 -21.97 41.26
CA LYS B 445 63.53 -22.25 41.87
C LYS B 445 64.65 -21.65 41.03
N MET B 446 65.79 -21.41 41.68
CA MET B 446 66.94 -20.81 41.02
C MET B 446 68.22 -21.44 41.55
N PRO B 447 69.02 -22.08 40.70
CA PRO B 447 70.29 -22.64 41.16
C PRO B 447 71.19 -21.55 41.74
N PHE B 448 71.89 -21.90 42.81
CA PHE B 448 72.70 -20.94 43.54
C PHE B 448 73.84 -20.41 42.68
N THR B 449 74.16 -19.14 42.88
CA THR B 449 75.25 -18.50 42.15
C THR B 449 75.81 -17.38 43.01
N GLU B 450 76.92 -17.65 43.69
CA GLU B 450 77.65 -16.65 44.47
C GLU B 450 79.14 -16.80 44.24
N LYS B 451 79.52 -16.99 42.97
CA LYS B 451 80.90 -17.35 42.65
C LYS B 451 81.87 -16.23 43.02
N ILE B 452 81.76 -15.08 42.36
CA ILE B 452 82.74 -14.01 42.50
C ILE B 452 82.03 -12.66 42.53
N MET B 453 82.66 -11.70 43.21
CA MET B 453 82.21 -10.32 43.25
C MET B 453 82.95 -9.53 42.18
N ALA B 454 82.80 -8.21 42.21
CA ALA B 454 83.51 -7.31 41.31
C ALA B 454 84.52 -6.47 42.09
N THR B 455 85.39 -5.80 41.35
CA THR B 455 86.41 -4.96 41.96
C THR B 455 86.05 -3.48 41.78
N PRO B 456 86.50 -2.61 42.70
CA PRO B 456 86.19 -1.18 42.53
C PRO B 456 86.71 -0.61 41.22
N GLU B 457 87.86 -1.07 40.75
CA GLU B 457 88.36 -0.65 39.45
C GLU B 457 87.39 -1.03 38.33
N GLN B 458 86.90 -2.28 38.36
CA GLN B 458 85.97 -2.73 37.33
C GLN B 458 84.65 -1.97 37.38
N VAL B 459 84.11 -1.74 38.58
CA VAL B 459 82.84 -1.04 38.67
C VAL B 459 83.00 0.42 38.24
N GLY B 460 84.15 1.04 38.56
CA GLY B 460 84.39 2.39 38.10
C GLY B 460 84.54 2.47 36.59
N LYS B 461 85.26 1.52 35.99
CA LYS B 461 85.40 1.49 34.54
C LYS B 461 84.06 1.28 33.87
N MET B 462 83.24 0.38 34.41
CA MET B 462 81.91 0.15 33.85
C MET B 462 81.04 1.40 33.99
N LYS B 463 81.13 2.08 35.13
CA LYS B 463 80.40 3.34 35.29
C LYS B 463 80.80 4.34 34.23
N ALA B 464 82.11 4.52 34.03
CA ALA B 464 82.59 5.45 33.02
C ALA B 464 82.11 5.05 31.62
N ILE B 465 82.06 3.75 31.35
CA ILE B 465 81.59 3.28 30.05
C ILE B 465 80.11 3.57 29.86
N VAL B 466 79.30 3.33 30.90
CA VAL B 466 77.86 3.35 30.72
C VAL B 466 77.29 4.76 30.83
N GLU B 467 77.68 5.53 31.85
CA GLU B 467 77.09 6.86 32.03
C GLU B 467 77.49 7.82 30.92
N LYS B 468 78.49 7.47 30.12
CA LYS B 468 78.79 8.25 28.91
C LYS B 468 77.60 8.25 27.96
N LEU B 469 76.86 7.14 27.90
CA LEU B 469 75.67 7.01 27.06
C LEU B 469 74.44 6.99 27.96
N ARG B 470 73.62 8.03 27.86
CA ARG B 470 72.40 8.13 28.64
C ARG B 470 71.25 8.56 27.73
N PHE B 471 70.05 8.11 28.08
CA PHE B 471 68.85 8.41 27.30
C PHE B 471 67.74 8.88 28.23
N THR B 472 66.88 9.75 27.70
CA THR B 472 65.74 10.24 28.48
C THR B 472 64.64 9.19 28.61
N TYR B 473 64.62 8.18 27.74
CA TYR B 473 63.61 7.12 27.74
C TYR B 473 62.20 7.70 27.60
N ARG B 474 61.96 8.26 26.42
CA ARG B 474 60.59 8.63 26.05
C ARG B 474 59.77 7.36 25.93
N SER B 475 58.64 7.30 26.64
CA SER B 475 57.89 6.06 26.76
C SER B 475 57.37 5.59 25.40
N ASP B 476 56.80 6.51 24.62
CA ASP B 476 56.20 6.16 23.34
C ASP B 476 57.21 6.15 22.19
N SER B 477 58.50 6.15 22.48
CA SER B 477 59.51 6.21 21.43
C SER B 477 59.64 4.92 20.64
N PHE B 478 59.03 3.83 21.09
CA PHE B 478 59.16 2.54 20.42
C PHE B 478 57.78 1.97 20.12
N GLU B 479 57.63 1.36 18.94
CA GLU B 479 56.46 0.60 18.57
C GLU B 479 56.89 -0.79 18.11
N ASN B 480 55.90 -1.66 17.90
CA ASN B 480 56.20 -3.04 17.54
C ASN B 480 56.57 -3.12 16.06
N PRO B 481 57.77 -3.58 15.71
CA PRO B 481 58.10 -3.75 14.29
C PRO B 481 57.20 -4.75 13.58
N VAL B 482 56.76 -5.80 14.28
CA VAL B 482 55.91 -6.80 13.65
C VAL B 482 54.57 -6.20 13.24
N LEU B 483 53.93 -5.49 14.17
CA LEU B 483 52.65 -4.87 13.86
C LEU B 483 52.78 -3.79 12.79
N GLN B 484 53.86 -3.00 12.87
CA GLN B 484 54.08 -1.96 11.87
C GLN B 484 54.25 -2.57 10.48
N GLN B 485 55.07 -3.62 10.37
CA GLN B 485 55.27 -4.28 9.08
C GLN B 485 53.98 -4.93 8.59
N HIS B 486 53.21 -5.51 9.49
CA HIS B 486 51.93 -6.12 9.11
C HIS B 486 50.99 -5.06 8.54
N PHE B 487 50.88 -3.92 9.22
CA PHE B 487 50.03 -2.84 8.73
C PHE B 487 50.52 -2.33 7.39
N ARG B 488 51.83 -2.19 7.22
CA ARG B 488 52.38 -1.71 5.96
C ARG B 488 52.10 -2.71 4.83
N ASN B 489 52.22 -4.01 5.12
CA ASN B 489 51.92 -5.01 4.10
C ASN B 489 50.44 -4.96 3.70
N LEU B 490 49.55 -4.82 4.68
CA LEU B 490 48.13 -4.69 4.37
C LEU B 490 47.86 -3.43 3.55
N GLU B 491 48.53 -2.32 3.88
CA GLU B 491 48.39 -1.10 3.11
C GLU B 491 48.83 -1.29 1.67
N ALA B 492 49.99 -1.94 1.47
CA ALA B 492 50.49 -2.15 0.13
C ALA B 492 49.56 -3.05 -0.68
N LEU B 493 49.06 -4.12 -0.05
CA LEU B 493 48.15 -5.02 -0.76
C LEU B 493 46.83 -4.34 -1.09
N ALA B 494 46.32 -3.49 -0.19
CA ALA B 494 45.07 -2.80 -0.43
C ALA B 494 45.19 -1.76 -1.54
N LEU B 495 46.39 -1.32 -1.87
CA LEU B 495 46.60 -0.29 -2.89
C LEU B 495 47.32 -0.81 -4.12
N ASP B 496 47.59 -2.12 -4.21
CA ASP B 496 48.18 -2.74 -5.39
C ASP B 496 49.54 -2.12 -5.72
N LEU B 497 50.45 -2.22 -4.75
CA LEU B 497 51.78 -1.64 -4.89
C LEU B 497 52.87 -2.63 -4.55
N MET B 498 54.11 -2.16 -4.46
CA MET B 498 55.25 -2.98 -4.10
C MET B 498 55.43 -2.96 -2.58
N GLU B 499 56.56 -3.46 -2.10
CA GLU B 499 56.86 -3.42 -0.68
C GLU B 499 56.96 -1.97 -0.23
N PRO B 500 56.14 -1.52 0.73
CA PRO B 500 56.11 -0.09 1.08
C PRO B 500 57.43 0.44 1.59
N GLU B 501 57.91 -0.10 2.72
CA GLU B 501 59.18 0.30 3.32
C GLU B 501 59.40 -0.55 4.56
N GLN B 502 60.65 -0.56 5.02
CA GLN B 502 61.04 -1.16 6.28
C GLN B 502 61.66 -0.08 7.17
N ALA B 503 61.17 0.02 8.40
CA ALA B 503 61.65 1.04 9.33
C ALA B 503 61.78 0.39 10.70
N VAL B 504 63.03 0.16 11.13
CA VAL B 504 63.26 -0.46 12.44
C VAL B 504 62.85 0.53 13.53
N ASP B 505 62.17 0.02 14.55
CA ASP B 505 61.73 0.83 15.68
C ASP B 505 62.79 0.82 16.78
N LEU B 506 64.02 1.14 16.38
CA LEU B 506 65.21 1.12 17.23
C LEU B 506 65.50 -0.26 17.79
N THR B 507 64.89 -1.32 17.25
CA THR B 507 65.17 -2.67 17.73
C THR B 507 66.64 -3.01 17.58
N LEU B 508 67.21 -2.70 16.42
CA LEU B 508 68.65 -2.75 16.27
C LEU B 508 69.25 -1.58 17.04
N PRO B 509 70.11 -1.81 18.03
CA PRO B 509 70.66 -0.71 18.82
C PRO B 509 71.45 0.26 17.95
N LYS B 510 71.25 1.55 18.21
CA LYS B 510 72.06 2.56 17.53
C LYS B 510 73.49 2.60 18.05
N VAL B 511 73.78 1.90 19.15
CA VAL B 511 75.12 1.85 19.70
C VAL B 511 76.08 1.12 18.76
N GLU B 512 75.57 0.33 17.82
CA GLU B 512 76.45 -0.41 16.90
C GLU B 512 77.32 0.53 16.08
N ALA B 513 76.91 1.78 15.90
CA ALA B 513 77.70 2.75 15.16
C ALA B 513 78.33 3.82 16.05
N MET B 514 77.71 4.15 17.18
CA MET B 514 78.21 5.19 18.07
C MET B 514 78.97 4.63 19.26
N ASN B 515 79.31 3.33 19.24
CA ASN B 515 80.18 2.78 20.27
C ASN B 515 81.56 3.43 20.22
N LYS B 516 82.07 3.66 19.01
CA LYS B 516 83.28 4.46 18.87
C LYS B 516 83.06 5.89 19.33
N ARG B 517 81.84 6.40 19.19
CA ARG B 517 81.54 7.76 19.64
C ARG B 517 81.58 7.87 21.16
N LEU B 518 81.17 6.82 21.87
CA LEU B 518 81.18 6.83 23.32
C LEU B 518 82.52 6.41 23.91
N GLY B 519 83.50 6.09 23.07
CA GLY B 519 84.80 5.71 23.57
C GLY B 519 84.83 4.37 24.26
N SER B 520 84.61 3.31 23.51
CA SER B 520 84.58 1.96 24.09
C SER B 520 85.89 1.66 24.81
N LEU B 521 85.77 1.18 26.05
CA LEU B 521 86.92 0.88 26.87
C LEU B 521 86.92 -0.54 27.42
N VAL B 522 85.81 -1.26 27.32
CA VAL B 522 85.79 -2.65 27.74
C VAL B 522 86.65 -3.51 26.82
N ASP B 523 86.76 -3.14 25.55
CA ASP B 523 87.68 -3.81 24.65
C ASP B 523 89.13 -3.67 25.15
N GLU B 524 89.47 -2.48 25.66
CA GLU B 524 90.76 -2.31 26.33
C GLU B 524 90.88 -3.21 27.54
N PHE B 525 89.81 -3.34 28.31
CA PHE B 525 89.82 -4.03 29.60
C PHE B 525 89.28 -5.45 29.40
N LYS B 526 90.14 -6.34 28.87
CA LYS B 526 89.83 -7.76 28.78
C LYS B 526 90.41 -8.43 30.02
N GLU B 527 89.56 -8.69 31.00
CA GLU B 527 90.03 -9.18 32.29
C GLU B 527 90.65 -10.57 32.20
N LEU B 528 90.29 -11.35 31.19
CA LEU B 528 90.83 -12.70 31.02
C LEU B 528 91.76 -12.72 29.82
N VAL B 529 92.92 -13.38 30.00
CA VAL B 529 93.88 -13.49 28.91
C VAL B 529 93.26 -14.24 27.72
N TYR B 530 92.57 -15.33 28.00
CA TYR B 530 91.73 -15.95 26.99
C TYR B 530 90.53 -15.05 26.73
N PRO B 531 90.18 -14.77 25.49
CA PRO B 531 89.09 -13.82 25.20
C PRO B 531 87.79 -14.28 25.81
N PRO B 532 87.24 -13.52 26.76
CA PRO B 532 85.92 -13.89 27.32
C PRO B 532 84.83 -13.90 26.27
N ASP B 533 84.90 -13.00 25.31
CA ASP B 533 83.95 -12.96 24.20
C ASP B 533 84.53 -13.68 22.99
N TYR B 534 84.64 -15.00 23.15
CA TYR B 534 85.21 -15.85 22.11
C TYR B 534 84.35 -15.86 20.85
N ASN C 6 63.67 -35.35 40.10
CA ASN C 6 64.58 -36.23 40.83
C ASN C 6 63.94 -37.57 41.13
N LYS C 7 64.36 -38.19 42.23
CA LYS C 7 63.84 -39.48 42.66
C LYS C 7 64.04 -39.60 44.16
N ALA C 8 63.03 -40.11 44.85
CA ALA C 8 63.06 -40.26 46.29
C ALA C 8 62.73 -41.68 46.69
N ALA C 9 63.40 -42.17 47.73
CA ALA C 9 63.15 -43.49 48.31
C ALA C 9 62.68 -43.27 49.75
N VAL C 10 61.41 -43.56 50.00
CA VAL C 10 60.78 -43.29 51.29
C VAL C 10 60.18 -44.59 51.81
N VAL C 11 60.42 -44.89 53.08
CA VAL C 11 59.83 -46.04 53.75
C VAL C 11 58.86 -45.54 54.80
N LEU C 12 57.80 -46.32 55.05
CA LEU C 12 56.73 -45.95 55.96
C LEU C 12 56.61 -46.99 57.06
N CYS C 13 56.46 -46.53 58.30
CA CYS C 13 56.26 -47.41 59.44
C CYS C 13 55.34 -46.75 60.44
N MET C 14 54.37 -47.50 60.94
CA MET C 14 53.42 -47.02 61.94
C MET C 14 53.56 -47.81 63.24
N ASP C 15 53.24 -47.14 64.34
CA ASP C 15 53.43 -47.67 65.69
C ASP C 15 52.99 -49.12 65.87
N THR C 19 47.74 -51.09 73.37
CA THR C 19 47.79 -51.66 72.04
C THR C 19 48.49 -50.72 71.05
N MET C 20 48.02 -50.71 69.81
CA MET C 20 48.60 -49.88 68.77
C MET C 20 47.88 -48.56 68.57
N SER C 21 46.60 -48.49 68.95
CA SER C 21 45.81 -47.27 68.84
C SER C 21 45.83 -46.45 70.12
N ASN C 22 46.69 -46.81 71.08
CA ASN C 22 46.78 -46.09 72.34
C ASN C 22 48.16 -46.25 72.97
N GLU C 28 45.26 -38.53 72.41
CA GLU C 28 44.20 -39.37 71.86
C GLU C 28 44.77 -40.68 71.31
N SER C 29 44.23 -41.12 70.18
CA SER C 29 44.66 -42.37 69.56
C SER C 29 45.79 -42.08 68.58
N PRO C 30 47.00 -42.59 68.80
CA PRO C 30 48.07 -42.40 67.80
C PRO C 30 47.73 -43.01 66.46
N PHE C 31 46.94 -44.09 66.43
CA PHE C 31 46.62 -44.75 65.17
C PHE C 31 45.83 -43.83 64.25
N GLU C 32 44.84 -43.11 64.78
CA GLU C 32 44.02 -42.26 63.93
C GLU C 32 44.83 -41.12 63.33
N GLN C 33 45.69 -40.49 64.14
CA GLN C 33 46.53 -39.42 63.62
C GLN C 33 47.55 -39.95 62.60
N ALA C 34 48.13 -41.12 62.87
CA ALA C 34 49.07 -41.70 61.92
C ALA C 34 48.39 -42.03 60.60
N LYS C 35 47.19 -42.62 60.66
CA LYS C 35 46.46 -42.91 59.43
C LYS C 35 46.11 -41.65 58.69
N LYS C 36 45.65 -40.61 59.40
CA LYS C 36 45.33 -39.35 58.77
C LYS C 36 46.54 -38.77 58.04
N VAL C 37 47.69 -38.74 58.72
CA VAL C 37 48.86 -38.11 58.13
C VAL C 37 49.40 -38.94 56.97
N ILE C 38 49.36 -40.28 57.06
CA ILE C 38 49.88 -41.08 55.94
C ILE C 38 48.95 -40.98 54.74
N THR C 39 47.63 -40.97 54.96
CA THR C 39 46.70 -40.78 53.86
C THR C 39 46.89 -39.42 53.21
N MET C 40 47.08 -38.38 54.04
CA MET C 40 47.34 -37.05 53.51
C MET C 40 48.65 -37.02 52.72
N PHE C 41 49.70 -37.65 53.22
CA PHE C 41 50.97 -37.67 52.50
C PHE C 41 50.83 -38.37 51.16
N VAL C 42 50.17 -39.53 51.13
CA VAL C 42 50.07 -40.29 49.88
C VAL C 42 49.17 -39.56 48.89
N GLN C 43 48.10 -38.91 49.36
CA GLN C 43 47.27 -38.16 48.42
C GLN C 43 48.03 -36.97 47.86
N ARG C 44 48.86 -36.31 48.69
CA ARG C 44 49.68 -35.22 48.18
C ARG C 44 50.67 -35.72 47.14
N GLN C 45 51.26 -36.89 47.37
CA GLN C 45 52.17 -37.48 46.39
C GLN C 45 51.46 -37.77 45.08
N VAL C 46 50.28 -38.41 45.14
CA VAL C 46 49.59 -38.79 43.92
C VAL C 46 49.05 -37.57 43.17
N PHE C 47 48.67 -36.51 43.88
CA PHE C 47 48.23 -35.29 43.21
C PHE C 47 49.39 -34.52 42.60
N ALA C 48 50.51 -34.39 43.32
CA ALA C 48 51.70 -33.79 42.74
C ALA C 48 52.30 -34.65 41.64
N GLU C 49 51.97 -35.94 41.62
CA GLU C 49 52.48 -36.88 40.62
C GLU C 49 54.01 -36.90 40.60
N ASN C 50 54.61 -36.81 41.77
CA ASN C 50 56.06 -36.88 41.88
C ASN C 50 56.54 -38.27 41.50
N LYS C 51 57.69 -38.33 40.84
CA LYS C 51 58.25 -39.60 40.36
C LYS C 51 59.13 -40.19 41.46
N ASP C 52 58.48 -40.82 42.42
CA ASP C 52 59.19 -41.45 43.54
C ASP C 52 58.31 -42.54 44.14
N GLU C 53 58.91 -43.68 44.44
CA GLU C 53 58.20 -44.80 45.02
C GLU C 53 58.37 -44.82 46.53
N ILE C 54 57.35 -45.30 47.23
CA ILE C 54 57.36 -45.37 48.69
C ILE C 54 57.02 -46.78 49.12
N ALA C 55 57.56 -47.18 50.27
CA ALA C 55 57.34 -48.50 50.85
C ALA C 55 56.63 -48.36 52.19
N LEU C 56 55.80 -49.34 52.50
CA LEU C 56 55.00 -49.33 53.73
C LEU C 56 55.30 -50.57 54.55
N VAL C 57 55.66 -50.36 55.82
CA VAL C 57 55.92 -51.44 56.76
C VAL C 57 55.05 -51.20 57.99
N LEU C 58 54.41 -52.26 58.47
CA LEU C 58 53.47 -52.18 59.59
C LEU C 58 54.02 -53.01 60.73
N PHE C 59 54.60 -52.34 61.74
CA PHE C 59 55.10 -53.04 62.92
C PHE C 59 54.13 -52.85 64.08
N GLY C 60 53.86 -53.94 64.79
CA GLY C 60 52.89 -53.95 65.86
C GLY C 60 51.53 -54.47 65.47
N THR C 61 51.24 -54.57 64.18
CA THR C 61 49.98 -55.17 63.73
C THR C 61 49.96 -56.65 64.06
N ASP C 62 48.80 -57.13 64.49
CA ASP C 62 48.67 -58.51 64.94
C ASP C 62 49.05 -59.49 63.84
N GLY C 63 49.82 -60.52 64.21
CA GLY C 63 50.26 -61.53 63.26
C GLY C 63 51.69 -61.34 62.80
N THR C 64 52.47 -62.42 62.77
CA THR C 64 53.85 -62.39 62.32
C THR C 64 53.90 -62.84 60.86
N ASP C 65 53.59 -61.91 59.98
CA ASP C 65 53.57 -62.14 58.53
C ASP C 65 54.77 -61.50 57.84
N ASN C 66 55.95 -61.61 58.46
CA ASN C 66 57.13 -60.89 57.99
C ASN C 66 57.49 -61.33 56.57
N PRO C 67 58.03 -60.43 55.75
CA PRO C 67 58.52 -60.86 54.42
C PRO C 67 59.70 -61.81 54.51
N LEU C 68 60.73 -61.43 55.26
CA LEU C 68 61.89 -62.28 55.52
C LEU C 68 61.93 -62.55 57.01
N SER C 69 61.91 -63.83 57.38
CA SER C 69 61.86 -64.25 58.78
C SER C 69 63.27 -64.68 59.20
N GLY C 70 64.02 -63.74 59.76
CA GLY C 70 65.34 -64.05 60.27
C GLY C 70 65.29 -64.69 61.64
N GLY C 71 64.86 -65.95 61.68
CA GLY C 71 64.67 -66.63 62.94
C GLY C 71 63.41 -66.27 63.69
N ASP C 72 62.44 -65.65 63.02
CA ASP C 72 61.17 -65.23 63.63
C ASP C 72 61.37 -64.19 64.73
N GLN C 73 62.56 -63.58 64.80
CA GLN C 73 62.81 -62.53 65.77
C GLN C 73 62.01 -61.27 65.46
N TYR C 74 61.56 -61.10 64.22
CA TYR C 74 60.78 -59.93 63.81
C TYR C 74 59.31 -60.22 64.09
N GLN C 75 58.82 -59.74 65.22
CA GLN C 75 57.43 -59.95 65.58
C GLN C 75 56.55 -58.84 65.03
N ASN C 76 55.37 -59.23 64.53
CA ASN C 76 54.32 -58.30 64.11
C ASN C 76 54.77 -57.37 62.98
N ILE C 77 55.81 -57.75 62.24
CA ILE C 77 56.27 -56.94 61.12
C ILE C 77 55.43 -57.28 59.90
N THR C 78 54.80 -56.27 59.31
CA THR C 78 53.92 -56.44 58.16
C THR C 78 54.32 -55.45 57.08
N VAL C 79 54.91 -55.96 55.99
CA VAL C 79 55.19 -55.11 54.84
C VAL C 79 53.93 -55.04 53.98
N HIS C 80 53.07 -54.06 54.27
CA HIS C 80 51.83 -53.93 53.52
C HIS C 80 52.12 -53.62 52.06
N ARG C 81 53.01 -52.66 51.81
CA ARG C 81 53.40 -52.27 50.46
C ARG C 81 54.91 -52.16 50.37
N HIS C 82 55.46 -52.66 49.27
CA HIS C 82 56.89 -52.49 48.99
C HIS C 82 57.09 -51.11 48.38
N LEU C 83 58.32 -50.83 47.95
CA LEU C 83 58.61 -49.53 47.34
C LEU C 83 57.99 -49.47 45.95
N MET C 84 56.81 -48.87 45.84
CA MET C 84 56.07 -48.84 44.59
C MET C 84 55.39 -47.49 44.44
N LEU C 85 55.09 -47.13 43.19
CA LEU C 85 54.50 -45.84 42.90
C LEU C 85 53.06 -45.79 43.41
N PRO C 86 52.70 -44.81 44.23
CA PRO C 86 51.34 -44.76 44.78
C PRO C 86 50.33 -44.38 43.72
N ASP C 87 49.06 -44.70 44.02
CA ASP C 87 47.93 -44.34 43.18
C ASP C 87 46.70 -44.21 44.07
N PHE C 88 45.55 -43.97 43.45
CA PHE C 88 44.30 -43.89 44.22
C PHE C 88 43.99 -45.22 44.88
N ASP C 89 44.30 -46.32 44.20
CA ASP C 89 44.12 -47.65 44.79
C ASP C 89 44.96 -47.80 46.05
N LEU C 90 46.21 -47.34 46.01
CA LEU C 90 47.05 -47.39 47.20
C LEU C 90 46.47 -46.55 48.33
N LEU C 91 45.96 -45.36 47.99
CA LEU C 91 45.38 -44.50 49.03
C LEU C 91 44.17 -45.15 49.68
N GLU C 92 43.28 -45.74 48.89
CA GLU C 92 42.12 -46.39 49.48
C GLU C 92 42.51 -47.65 50.26
N ASP C 93 43.54 -48.36 49.80
CA ASP C 93 44.04 -49.50 50.58
C ASP C 93 44.60 -49.04 51.92
N ILE C 94 45.32 -47.92 51.94
CA ILE C 94 45.81 -47.38 53.20
C ILE C 94 44.64 -46.99 54.10
N GLU C 95 43.61 -46.37 53.51
CA GLU C 95 42.46 -45.97 54.30
C GLU C 95 41.73 -47.16 54.92
N SER C 96 41.58 -48.24 54.17
CA SER C 96 40.73 -49.35 54.58
C SER C 96 41.47 -50.48 55.27
N LYS C 97 42.49 -51.05 54.63
CA LYS C 97 43.05 -52.32 55.10
C LYS C 97 43.75 -52.18 56.45
N ILE C 98 44.58 -51.16 56.60
CA ILE C 98 45.43 -51.06 57.79
C ILE C 98 44.57 -50.73 59.01
N GLN C 99 44.63 -51.60 60.01
CA GLN C 99 43.93 -51.46 61.27
C GLN C 99 44.91 -51.68 62.42
N PRO C 100 44.63 -51.13 63.59
CA PRO C 100 45.58 -51.25 64.70
C PRO C 100 45.73 -52.70 65.16
N GLY C 101 46.93 -53.01 65.65
CA GLY C 101 47.23 -54.28 66.27
C GLY C 101 46.98 -54.26 67.76
N SER C 102 47.46 -55.29 68.43
CA SER C 102 47.26 -55.41 69.87
C SER C 102 48.57 -55.60 70.64
N GLN C 103 49.53 -56.33 70.09
CA GLN C 103 50.78 -56.64 70.78
C GLN C 103 51.89 -55.70 70.32
N GLN C 104 52.70 -55.26 71.27
CA GLN C 104 53.78 -54.33 70.99
C GLN C 104 54.88 -55.00 70.17
N ALA C 105 55.50 -54.22 69.28
CA ALA C 105 56.61 -54.68 68.47
C ALA C 105 57.88 -53.92 68.87
N ASP C 106 58.98 -54.27 68.22
CA ASP C 106 60.29 -53.68 68.50
C ASP C 106 60.75 -52.83 67.33
N PHE C 107 61.38 -51.70 67.67
CA PHE C 107 61.84 -50.77 66.63
C PHE C 107 62.95 -51.36 65.78
N LEU C 108 63.79 -52.21 66.37
CA LEU C 108 64.88 -52.82 65.61
C LEU C 108 64.35 -53.65 64.46
N ASP C 109 63.28 -54.42 64.70
CA ASP C 109 62.69 -55.20 63.62
C ASP C 109 62.19 -54.31 62.50
N ALA C 110 61.51 -53.22 62.85
CA ALA C 110 60.99 -52.30 61.84
C ALA C 110 62.13 -51.71 61.01
N LEU C 111 63.20 -51.26 61.68
CA LEU C 111 64.33 -50.68 60.97
C LEU C 111 64.99 -51.70 60.06
N ILE C 112 65.23 -52.91 60.57
CA ILE C 112 65.92 -53.92 59.78
C ILE C 112 65.09 -54.27 58.55
N VAL C 113 63.78 -54.47 58.73
CA VAL C 113 62.93 -54.80 57.59
C VAL C 113 62.87 -53.64 56.61
N SER C 114 62.85 -52.40 57.12
CA SER C 114 62.80 -51.24 56.24
C SER C 114 64.04 -51.16 55.35
N MET C 115 65.22 -51.24 55.96
CA MET C 115 66.43 -51.19 55.14
C MET C 115 66.60 -52.44 54.29
N ASP C 116 66.07 -53.59 54.71
CA ASP C 116 66.09 -54.76 53.84
C ASP C 116 65.26 -54.52 52.59
N VAL C 117 64.07 -53.95 52.76
CA VAL C 117 63.22 -53.61 51.61
C VAL C 117 63.93 -52.60 50.73
N ILE C 118 64.58 -51.60 51.34
CA ILE C 118 65.30 -50.60 50.56
C ILE C 118 66.40 -51.26 49.73
N GLN C 119 67.22 -52.09 50.36
CA GLN C 119 68.32 -52.76 49.65
C GLN C 119 67.79 -53.65 48.54
N HIS C 120 66.67 -54.33 48.78
CA HIS C 120 66.06 -55.14 47.73
C HIS C 120 65.61 -54.26 46.57
N GLU C 121 65.07 -53.08 46.86
CA GLU C 121 64.53 -52.20 45.83
C GLU C 121 65.58 -51.28 45.22
N THR C 122 66.75 -51.13 45.84
CA THR C 122 67.81 -50.32 45.24
C THR C 122 68.42 -50.98 44.01
N ILE C 123 68.12 -52.25 43.76
CA ILE C 123 68.65 -52.95 42.59
C ILE C 123 67.60 -52.89 41.49
N GLY C 124 67.80 -51.97 40.55
CA GLY C 124 66.90 -51.85 39.42
C GLY C 124 66.38 -50.45 39.17
N LYS C 125 66.25 -49.65 40.22
CA LYS C 125 65.72 -48.31 40.12
C LYS C 125 66.74 -47.29 40.61
N LYS C 126 67.03 -46.30 39.77
CA LYS C 126 67.88 -45.20 40.19
C LYS C 126 67.16 -44.34 41.21
N PHE C 127 67.89 -43.84 42.20
CA PHE C 127 67.35 -42.98 43.24
C PHE C 127 68.24 -41.77 43.42
N GLU C 128 67.63 -40.58 43.42
CA GLU C 128 68.34 -39.34 43.66
C GLU C 128 68.18 -38.82 45.07
N LYS C 129 67.32 -39.45 45.87
CA LYS C 129 67.15 -39.07 47.27
C LYS C 129 66.62 -40.28 48.04
N ARG C 130 66.94 -40.32 49.33
CA ARG C 130 66.47 -41.39 50.21
C ARG C 130 65.89 -40.78 51.47
N HIS C 131 64.78 -41.35 51.94
CA HIS C 131 64.12 -40.86 53.14
C HIS C 131 63.54 -42.02 53.92
N ILE C 132 63.30 -41.78 55.21
CA ILE C 132 62.64 -42.76 56.08
C ILE C 132 61.55 -42.03 56.84
N GLU C 133 60.34 -42.59 56.84
CA GLU C 133 59.21 -42.01 57.54
C GLU C 133 58.68 -43.04 58.54
N ILE C 134 59.08 -42.90 59.80
CA ILE C 134 58.68 -43.81 60.87
C ILE C 134 57.75 -43.05 61.80
N PHE C 135 56.66 -43.70 62.19
CA PHE C 135 55.69 -43.13 63.12
C PHE C 135 55.46 -44.12 64.24
N THR C 136 55.64 -43.67 65.48
CA THR C 136 55.48 -44.56 66.63
C THR C 136 55.10 -43.74 67.85
N ASP C 137 54.17 -44.28 68.64
CA ASP C 137 53.80 -43.67 69.92
C ASP C 137 54.83 -43.95 71.01
N LEU C 138 55.79 -44.83 70.75
CA LEU C 138 56.82 -45.26 71.69
C LEU C 138 56.25 -45.93 72.94
N SER C 139 54.95 -46.24 72.95
CA SER C 139 54.40 -47.06 74.02
C SER C 139 54.72 -48.52 73.82
N SER C 140 55.10 -48.93 72.62
CA SER C 140 55.50 -50.30 72.36
C SER C 140 56.81 -50.61 73.07
N ARG C 141 56.91 -51.84 73.61
CA ARG C 141 58.13 -52.26 74.29
C ARG C 141 59.29 -52.27 73.31
N PHE C 142 60.42 -51.73 73.75
CA PHE C 142 61.62 -51.61 72.92
C PHE C 142 62.84 -52.13 73.66
N SER C 143 63.75 -52.73 72.90
CA SER C 143 65.04 -53.19 73.40
C SER C 143 66.14 -52.61 72.53
N LYS C 144 67.16 -52.03 73.16
CA LYS C 144 68.28 -51.43 72.46
C LYS C 144 69.46 -52.41 72.51
N SER C 145 69.60 -53.20 71.44
CA SER C 145 70.66 -54.20 71.37
C SER C 145 71.43 -54.22 70.06
N GLN C 146 70.88 -53.67 68.97
CA GLN C 146 71.48 -53.77 67.64
C GLN C 146 71.79 -52.41 67.06
N LEU C 147 72.41 -51.53 67.85
CA LEU C 147 72.68 -50.17 67.39
C LEU C 147 73.64 -50.14 66.21
N ASP C 148 74.67 -50.97 66.24
CA ASP C 148 75.73 -50.87 65.24
C ASP C 148 75.22 -51.20 63.84
N ILE C 149 74.49 -52.31 63.69
CA ILE C 149 74.04 -52.72 62.37
C ILE C 149 73.02 -51.73 61.82
N ILE C 150 72.10 -51.26 62.67
CA ILE C 150 71.08 -50.34 62.19
C ILE C 150 71.70 -49.00 61.82
N ILE C 151 72.69 -48.53 62.58
CA ILE C 151 73.33 -47.26 62.24
C ILE C 151 74.15 -47.40 60.96
N HIS C 152 74.79 -48.57 60.76
CA HIS C 152 75.52 -48.81 59.52
C HIS C 152 74.57 -48.79 58.32
N SER C 153 73.43 -49.48 58.45
CA SER C 153 72.44 -49.47 57.38
C SER C 153 71.90 -48.06 57.13
N LEU C 154 71.71 -47.28 58.20
CA LEU C 154 71.23 -45.92 58.05
C LEU C 154 72.21 -45.05 57.29
N LYS C 155 73.50 -45.14 57.62
CA LYS C 155 74.48 -44.32 56.92
C LYS C 155 74.82 -44.87 55.54
N LYS C 156 74.46 -46.12 55.25
CA LYS C 156 74.69 -46.65 53.90
C LYS C 156 73.54 -46.29 52.97
N CYS C 157 72.30 -46.65 53.36
CA CYS C 157 71.15 -46.35 52.50
C CYS C 157 70.83 -44.86 52.45
N ASP C 158 71.34 -44.08 53.41
CA ASP C 158 71.16 -42.63 53.44
C ASP C 158 69.69 -42.22 53.48
N ILE C 159 68.85 -43.06 54.08
CA ILE C 159 67.43 -42.74 54.20
C ILE C 159 67.28 -41.67 55.28
N SER C 160 67.05 -40.42 54.86
CA SER C 160 66.88 -39.31 55.78
C SER C 160 65.61 -39.53 56.59
N LEU C 161 65.77 -39.88 57.87
CA LEU C 161 64.62 -40.22 58.69
C LEU C 161 63.77 -38.99 58.97
N GLN C 162 62.51 -39.04 58.54
CA GLN C 162 61.49 -38.08 58.94
C GLN C 162 60.59 -38.79 59.95
N PHE C 163 61.06 -38.85 61.20
CA PHE C 163 60.32 -39.53 62.27
C PHE C 163 59.36 -38.55 62.93
N PHE C 164 58.25 -39.09 63.42
CA PHE C 164 57.23 -38.28 64.08
C PHE C 164 56.76 -38.98 65.35
N LEU C 165 56.34 -38.18 66.31
CA LEU C 165 55.88 -38.62 67.63
C LEU C 165 54.48 -38.07 67.88
N PRO C 166 53.70 -38.68 68.77
CA PRO C 166 52.43 -38.07 69.15
C PRO C 166 52.58 -36.66 69.71
N PHE C 167 53.71 -36.35 70.33
CA PHE C 167 53.96 -35.00 70.83
C PHE C 167 55.29 -34.46 70.33
N LYS C 195 57.54 -32.86 78.30
CA LYS C 195 56.51 -33.58 77.56
C LYS C 195 55.74 -34.52 78.48
N GLY C 196 56.39 -34.98 79.54
CA GLY C 196 55.76 -35.89 80.49
C GLY C 196 55.38 -37.24 79.90
N ILE C 197 56.23 -37.81 79.06
CA ILE C 197 55.93 -39.09 78.44
C ILE C 197 56.25 -40.23 79.40
N THR C 198 55.70 -41.40 79.11
CA THR C 198 55.88 -42.55 79.98
C THR C 198 57.30 -43.10 79.87
N GLU C 199 57.62 -44.05 80.76
CA GLU C 199 58.97 -44.60 80.81
C GLU C 199 59.32 -45.33 79.51
N GLN C 200 58.37 -46.09 78.95
CA GLN C 200 58.60 -46.70 77.65
C GLN C 200 58.78 -45.64 76.56
N GLN C 201 57.92 -44.61 76.58
CA GLN C 201 58.10 -43.52 75.63
C GLN C 201 59.38 -42.74 75.91
N LYS C 202 59.76 -42.60 77.18
CA LYS C 202 61.02 -41.93 77.50
C LYS C 202 62.22 -42.68 76.93
N GLU C 203 62.24 -44.01 77.09
CA GLU C 203 63.34 -44.79 76.56
C GLU C 203 63.35 -44.77 75.03
N GLY C 204 62.16 -44.81 74.41
CA GLY C 204 62.11 -44.67 72.97
C GLY C 204 62.64 -43.34 72.48
N LEU C 205 62.25 -42.26 73.17
CA LEU C 205 62.73 -40.93 72.81
C LEU C 205 64.24 -40.84 72.96
N GLU C 206 64.79 -41.37 74.04
CA GLU C 206 66.23 -41.24 74.24
C GLU C 206 67.01 -42.09 73.27
N ILE C 207 66.54 -43.31 72.96
CA ILE C 207 67.26 -44.12 71.97
C ILE C 207 67.17 -43.48 70.59
N VAL C 208 66.02 -42.91 70.23
CA VAL C 208 65.90 -42.34 68.89
C VAL C 208 66.73 -41.06 68.78
N LYS C 209 66.77 -40.23 69.82
CA LYS C 209 67.60 -39.04 69.74
C LYS C 209 69.08 -39.40 69.76
N MET C 210 69.46 -40.45 70.50
CA MET C 210 70.84 -40.91 70.49
C MET C 210 71.25 -41.38 69.09
N VAL C 211 70.39 -42.19 68.46
CA VAL C 211 70.75 -42.69 67.14
C VAL C 211 70.76 -41.57 66.11
N MET C 212 69.89 -40.57 66.25
CA MET C 212 69.92 -39.43 65.33
C MET C 212 71.17 -38.57 65.53
N ILE C 213 71.55 -38.28 66.77
CA ILE C 213 72.76 -37.48 66.98
C ILE C 213 73.99 -38.25 66.55
N SER C 214 73.97 -39.59 66.68
CA SER C 214 75.06 -40.39 66.15
C SER C 214 75.11 -40.34 64.63
N LEU C 215 73.94 -40.33 63.99
CA LEU C 215 73.86 -40.34 62.52
C LEU C 215 73.87 -38.93 61.95
N GLU C 216 72.88 -38.12 62.31
CA GLU C 216 72.69 -36.80 61.71
C GLU C 216 73.11 -35.67 62.65
N GLY C 217 72.59 -35.65 63.87
CA GLY C 217 72.92 -34.60 64.81
C GLY C 217 71.73 -33.78 65.25
N GLU C 218 71.87 -32.45 65.19
CA GLU C 218 70.77 -31.56 65.56
C GLU C 218 69.58 -31.74 64.63
N ASP C 219 69.84 -31.89 63.33
CA ASP C 219 68.75 -32.12 62.38
C ASP C 219 67.97 -33.38 62.71
N GLY C 220 68.63 -34.40 63.26
CA GLY C 220 67.91 -35.57 63.71
C GLY C 220 66.92 -35.27 64.81
N LEU C 221 67.28 -34.35 65.72
CA LEU C 221 66.32 -33.89 66.71
C LEU C 221 65.25 -33.01 66.06
N ASP C 222 65.64 -32.25 65.04
CA ASP C 222 64.68 -31.36 64.38
C ASP C 222 63.61 -32.14 63.63
N GLU C 223 64.01 -33.20 62.90
CA GLU C 223 63.06 -33.91 62.07
C GLU C 223 61.96 -34.60 62.88
N ILE C 224 62.20 -34.85 64.16
CA ILE C 224 61.15 -35.42 65.01
C ILE C 224 60.14 -34.33 65.32
N TYR C 225 58.87 -34.60 65.02
CA TYR C 225 57.79 -33.65 65.20
C TYR C 225 56.60 -34.35 65.84
N SER C 226 55.58 -33.56 66.17
CA SER C 226 54.34 -34.09 66.72
C SER C 226 53.47 -34.68 65.61
N PHE C 227 52.70 -35.70 65.97
CA PHE C 227 51.75 -36.29 65.02
C PHE C 227 50.73 -35.25 64.57
N SER C 228 50.22 -34.46 65.51
CA SER C 228 49.37 -33.33 65.18
C SER C 228 50.23 -32.06 65.09
N GLU C 229 49.57 -30.92 64.93
CA GLU C 229 50.25 -29.63 64.89
C GLU C 229 51.29 -29.58 63.78
N SER C 230 52.54 -29.87 64.13
CA SER C 230 53.65 -29.74 63.18
C SER C 230 53.42 -30.60 61.94
N LEU C 231 53.14 -31.89 62.14
CA LEU C 231 52.83 -32.75 60.99
C LEU C 231 51.49 -32.39 60.37
N ARG C 232 50.56 -31.87 61.18
CA ARG C 232 49.28 -31.43 60.63
C ARG C 232 49.47 -30.30 59.62
N LYS C 233 50.28 -29.31 59.96
CA LYS C 233 50.53 -28.19 59.04
C LYS C 233 51.60 -28.52 58.02
N LEU C 234 52.38 -29.58 58.24
CA LEU C 234 53.48 -29.90 57.33
C LEU C 234 52.96 -30.27 55.95
N CYS C 235 51.86 -31.02 55.88
CA CYS C 235 51.41 -31.60 54.61
C CYS C 235 49.93 -31.36 54.37
N VAL C 236 49.31 -30.41 55.09
CA VAL C 236 47.90 -30.12 54.89
C VAL C 236 47.65 -29.50 53.51
N PHE C 237 48.57 -28.69 53.00
CA PHE C 237 48.46 -28.15 51.66
C PHE C 237 49.73 -28.45 50.89
N LYS C 238 49.58 -28.63 49.58
CA LYS C 238 50.69 -28.99 48.72
C LYS C 238 51.12 -27.80 47.87
N LYS C 239 52.06 -28.07 46.97
CA LYS C 239 52.50 -27.09 45.99
C LYS C 239 52.80 -27.83 44.69
N ILE C 240 52.98 -27.05 43.61
CA ILE C 240 53.37 -27.59 42.32
C ILE C 240 54.56 -26.79 41.83
N GLU C 241 55.29 -27.39 40.89
CA GLU C 241 56.50 -26.76 40.37
C GLU C 241 56.74 -27.28 38.96
N ARG C 242 56.71 -26.39 37.98
CA ARG C 242 57.05 -26.72 36.61
C ARG C 242 58.38 -26.06 36.29
N HIS C 243 59.42 -26.88 36.09
CA HIS C 243 60.77 -26.37 35.94
C HIS C 243 60.99 -25.85 34.53
N SER C 244 61.61 -24.67 34.43
CA SER C 244 61.93 -24.07 33.14
C SER C 244 63.34 -24.51 32.73
N ILE C 245 63.86 -23.88 31.67
CA ILE C 245 65.19 -24.19 31.17
C ILE C 245 65.95 -22.88 30.96
N HIS C 246 67.26 -22.98 30.89
CA HIS C 246 68.11 -21.82 30.67
C HIS C 246 67.89 -21.26 29.26
N TRP C 247 68.21 -19.98 29.10
CA TRP C 247 68.19 -19.31 27.81
C TRP C 247 69.62 -18.94 27.46
N PRO C 248 70.41 -19.90 26.97
CA PRO C 248 71.83 -19.63 26.72
C PRO C 248 72.04 -18.75 25.51
N CYS C 249 72.41 -17.49 25.74
CA CYS C 249 72.61 -16.53 24.65
C CYS C 249 73.73 -15.59 25.05
N ARG C 250 73.84 -14.48 24.34
CA ARG C 250 74.93 -13.54 24.53
C ARG C 250 74.36 -12.14 24.76
N LEU C 251 74.84 -11.48 25.81
CA LEU C 251 74.46 -10.09 26.07
C LEU C 251 75.27 -9.18 25.16
N THR C 252 74.61 -8.57 24.19
CA THR C 252 75.33 -7.71 23.20
C THR C 252 75.41 -6.28 23.71
N ILE C 253 76.24 -6.03 24.73
CA ILE C 253 76.44 -4.63 25.20
C ILE C 253 77.40 -3.94 24.23
N GLY C 254 76.93 -2.89 23.53
CA GLY C 254 77.76 -2.24 22.50
C GLY C 254 77.60 -2.93 21.17
N SER C 255 78.40 -2.53 20.16
CA SER C 255 78.36 -3.24 18.84
C SER C 255 78.76 -4.70 19.06
N ASN C 256 80.02 -4.93 19.43
CA ASN C 256 80.48 -6.31 19.73
C ASN C 256 80.51 -6.47 21.25
N LEU C 257 81.70 -6.72 21.83
CA LEU C 257 81.86 -6.87 23.30
C LEU C 257 80.69 -7.68 23.88
N SER C 258 80.40 -8.84 23.27
CA SER C 258 79.25 -9.66 23.72
C SER C 258 79.60 -10.41 25.01
N ILE C 259 78.59 -10.72 25.83
CA ILE C 259 78.81 -11.41 27.10
C ILE C 259 77.87 -12.61 27.15
N ARG C 260 78.46 -13.80 27.35
CA ARG C 260 77.66 -15.01 27.47
C ARG C 260 76.73 -14.92 28.68
N ILE C 261 75.46 -15.29 28.47
CA ILE C 261 74.44 -15.16 29.50
C ILE C 261 73.50 -16.37 29.44
N ALA C 262 72.87 -16.66 30.57
CA ALA C 262 71.81 -17.66 30.66
C ALA C 262 70.67 -17.09 31.47
N ALA C 263 69.45 -17.23 30.98
CA ALA C 263 68.27 -16.67 31.62
C ALA C 263 67.25 -17.76 31.90
N TYR C 264 66.42 -17.53 32.92
CA TYR C 264 65.40 -18.49 33.32
C TYR C 264 64.09 -17.76 33.55
N LYS C 265 62.98 -18.48 33.42
CA LYS C 265 61.68 -17.94 33.75
C LYS C 265 61.57 -17.81 35.26
N SER C 266 61.51 -16.56 35.75
CA SER C 266 61.64 -16.30 37.17
C SER C 266 60.29 -16.31 37.88
N ILE C 267 59.40 -15.42 37.47
CA ILE C 267 58.05 -15.33 38.04
C ILE C 267 57.06 -15.45 36.90
N LEU C 268 56.08 -16.34 37.05
CA LEU C 268 55.12 -16.61 35.99
C LEU C 268 53.78 -16.96 36.61
N GLN C 269 52.70 -16.44 36.01
CA GLN C 269 51.36 -16.82 36.41
C GLN C 269 51.14 -18.28 36.04
N GLU C 270 51.16 -19.16 37.03
CA GLU C 270 51.19 -20.59 36.77
C GLU C 270 49.87 -21.06 36.17
N ARG C 271 49.98 -22.03 35.26
CA ARG C 271 48.84 -22.68 34.63
C ARG C 271 48.72 -24.11 35.15
N VAL C 272 47.55 -24.69 34.93
CA VAL C 272 47.33 -26.08 35.35
C VAL C 272 48.19 -27.00 34.48
N LYS C 273 48.71 -28.07 35.09
CA LYS C 273 49.55 -29.00 34.34
C LYS C 273 48.74 -29.82 33.34
N LYS C 274 47.53 -30.24 33.72
CA LYS C 274 46.72 -31.13 32.89
C LYS C 274 45.40 -30.45 32.55
N THR C 275 45.10 -30.39 31.25
CA THR C 275 43.80 -29.88 30.83
C THR C 275 42.76 -30.99 30.86
N TRP C 276 41.50 -30.59 30.91
CA TRP C 276 40.40 -31.55 31.01
C TRP C 276 40.26 -32.34 29.72
N THR C 277 40.01 -33.63 29.85
CA THR C 277 39.82 -34.52 28.71
C THR C 277 38.32 -34.75 28.50
N VAL C 278 37.78 -34.18 27.43
CA VAL C 278 36.36 -34.39 27.11
C VAL C 278 36.19 -35.80 26.58
N VAL C 279 35.60 -36.67 27.40
CA VAL C 279 35.46 -38.07 27.06
C VAL C 279 34.01 -38.36 26.70
N ASP C 280 33.77 -39.57 26.20
CA ASP C 280 32.44 -39.97 25.75
C ASP C 280 31.46 -40.02 26.93
N ALA C 281 30.17 -39.86 26.61
CA ALA C 281 29.15 -39.86 27.64
C ALA C 281 29.07 -41.20 28.37
N LYS C 282 29.14 -42.29 27.63
CA LYS C 282 29.06 -43.63 28.22
C LYS C 282 30.33 -44.44 28.07
N THR C 283 31.01 -44.35 26.92
CA THR C 283 32.28 -45.05 26.76
C THR C 283 33.36 -44.46 27.65
N LEU C 284 33.27 -43.16 27.93
CA LEU C 284 34.21 -42.42 28.78
C LEU C 284 35.63 -42.41 28.22
N LYS C 285 35.76 -42.65 26.91
CA LYS C 285 37.05 -42.54 26.23
C LYS C 285 36.91 -41.65 25.00
N LYS C 286 37.93 -41.60 24.16
CA LYS C 286 37.91 -40.76 22.97
C LYS C 286 37.60 -41.63 21.76
N GLU C 287 36.30 -41.87 21.52
CA GLU C 287 35.84 -42.54 20.32
C GLU C 287 35.01 -41.62 19.45
N ASP C 288 33.95 -41.01 19.99
CA ASP C 288 33.13 -40.07 19.27
C ASP C 288 33.54 -38.62 19.53
N ILE C 289 34.69 -38.41 20.14
CA ILE C 289 35.19 -37.08 20.48
C ILE C 289 36.22 -36.66 19.45
N GLN C 290 36.01 -35.50 18.83
CA GLN C 290 36.93 -34.96 17.84
C GLN C 290 36.60 -33.50 17.63
N LYS C 291 37.63 -32.73 17.25
CA LYS C 291 37.46 -31.32 16.89
C LYS C 291 37.55 -31.21 15.37
N GLU C 292 36.51 -30.65 14.77
CA GLU C 292 36.40 -30.63 13.31
C GLU C 292 35.52 -29.46 12.91
N THR C 293 35.65 -29.06 11.64
CA THR C 293 34.87 -27.97 11.09
C THR C 293 34.31 -28.37 9.73
N VAL C 294 33.27 -27.64 9.31
CA VAL C 294 32.63 -27.87 8.03
C VAL C 294 32.98 -26.77 7.02
N TYR C 295 33.11 -25.54 7.49
CA TYR C 295 33.40 -24.38 6.65
C TYR C 295 32.37 -24.24 5.53
N CYS C 296 31.10 -24.31 5.92
CA CYS C 296 30.01 -24.14 4.96
C CYS C 296 30.02 -22.72 4.42
N LEU C 297 29.90 -22.60 3.09
CA LEU C 297 29.87 -21.29 2.47
C LEU C 297 28.62 -20.53 2.89
N ASN C 298 28.79 -19.24 3.20
CA ASN C 298 27.67 -18.42 3.60
C ASN C 298 26.79 -18.15 2.40
N ASP C 299 25.69 -18.89 2.29
CA ASP C 299 24.81 -18.80 1.13
C ASP C 299 23.44 -18.25 1.53
N ASP C 301 22.53 -23.82 -1.68
CA ASP C 301 22.44 -22.98 -0.49
C ASP C 301 23.20 -23.62 0.67
N GLU C 302 23.54 -24.90 0.50
CA GLU C 302 24.27 -25.66 1.51
C GLU C 302 25.71 -25.92 1.10
N THR C 303 26.24 -25.15 0.14
CA THR C 303 27.61 -25.35 -0.32
C THR C 303 28.60 -25.09 0.80
N GLU C 304 29.68 -25.85 0.81
CA GLU C 304 30.71 -25.79 1.83
C GLU C 304 32.08 -25.58 1.18
N VAL C 305 33.11 -25.52 2.02
CA VAL C 305 34.49 -25.32 1.57
C VAL C 305 35.42 -26.14 2.46
N LEU C 306 36.63 -26.35 1.98
CA LEU C 306 37.64 -27.13 2.68
C LEU C 306 38.79 -26.23 3.14
N LYS C 307 39.81 -26.86 3.72
CA LYS C 307 40.94 -26.11 4.26
C LYS C 307 41.70 -25.37 3.16
N GLU C 308 41.91 -26.02 2.02
CA GLU C 308 42.60 -25.37 0.91
C GLU C 308 41.77 -24.25 0.30
N ASP C 309 40.47 -24.19 0.59
CA ASP C 309 39.58 -23.21 0.00
C ASP C 309 39.52 -21.90 0.78
N ILE C 310 40.20 -21.81 1.91
CA ILE C 310 40.11 -20.61 2.74
C ILE C 310 41.25 -19.66 2.41
N ILE C 311 41.02 -18.38 2.66
CA ILE C 311 42.02 -17.34 2.49
C ILE C 311 41.99 -16.46 3.74
N GLN C 312 43.16 -16.21 4.32
CA GLN C 312 43.26 -15.49 5.59
C GLN C 312 43.24 -13.99 5.33
N GLY C 313 42.04 -13.48 5.04
CA GLY C 313 41.87 -12.06 4.80
C GLY C 313 41.85 -11.26 6.10
N PHE C 314 41.92 -9.95 5.95
CA PHE C 314 41.91 -9.03 7.07
C PHE C 314 40.96 -7.87 6.78
N ARG C 315 40.24 -7.45 7.82
CA ARG C 315 39.25 -6.38 7.70
C ARG C 315 39.97 -5.04 7.58
N TYR C 316 40.23 -4.62 6.35
CA TYR C 316 40.87 -3.33 6.08
C TYR C 316 39.78 -2.25 6.03
N GLY C 317 39.16 -2.02 7.19
CA GLY C 317 38.12 -1.02 7.29
C GLY C 317 36.84 -1.41 6.59
N SER C 318 36.53 -0.73 5.48
CA SER C 318 35.28 -0.96 4.76
C SER C 318 35.27 -2.26 3.97
N ASP C 319 36.41 -2.92 3.81
CA ASP C 319 36.48 -4.14 3.02
C ASP C 319 37.55 -5.06 3.59
N ILE C 320 37.68 -6.24 2.99
CA ILE C 320 38.64 -7.25 3.42
C ILE C 320 39.59 -7.51 2.27
N VAL C 321 40.88 -7.34 2.52
CA VAL C 321 41.91 -7.63 1.52
C VAL C 321 42.35 -9.09 1.68
N PRO C 322 42.38 -9.86 0.60
CA PRO C 322 42.85 -11.25 0.70
C PRO C 322 44.31 -11.32 1.09
N PHE C 323 44.65 -12.38 1.81
CA PHE C 323 46.01 -12.59 2.29
C PHE C 323 46.16 -14.06 2.68
N SER C 324 47.38 -14.57 2.59
CA SER C 324 47.64 -15.96 2.90
C SER C 324 48.91 -16.08 3.75
N LYS C 325 49.01 -17.20 4.46
CA LYS C 325 50.20 -17.46 5.26
C LYS C 325 51.45 -17.56 4.39
N VAL C 326 51.32 -18.06 3.16
CA VAL C 326 52.46 -18.05 2.25
C VAL C 326 52.89 -16.63 1.94
N ASP C 327 51.92 -15.71 1.84
CA ASP C 327 52.25 -14.30 1.73
C ASP C 327 52.90 -13.79 3.01
N GLU C 328 52.43 -14.29 4.16
CA GLU C 328 53.03 -13.90 5.44
C GLU C 328 54.50 -14.31 5.52
N GLU C 329 54.86 -15.41 4.84
CA GLU C 329 56.22 -15.92 4.93
C GLU C 329 57.25 -14.85 4.56
N GLN C 330 56.99 -14.08 3.50
CA GLN C 330 57.89 -13.00 3.13
C GLN C 330 57.43 -11.65 3.65
N MET C 331 56.13 -11.45 3.86
CA MET C 331 55.61 -10.17 4.35
C MET C 331 55.56 -10.16 5.88
N LYS C 332 56.69 -10.47 6.50
CA LYS C 332 56.81 -10.47 7.94
C LYS C 332 58.18 -9.94 8.33
N TYR C 333 58.27 -9.41 9.55
CA TYR C 333 59.55 -8.99 10.08
C TYR C 333 60.45 -10.20 10.29
N LYS C 334 61.72 -10.04 9.95
CA LYS C 334 62.70 -11.11 10.10
C LYS C 334 63.55 -10.84 11.33
N SER C 335 63.51 -11.75 12.30
CA SER C 335 64.32 -11.62 13.50
C SER C 335 65.72 -12.18 13.25
N GLU C 336 66.62 -11.90 14.19
CA GLU C 336 68.01 -12.34 14.11
C GLU C 336 68.30 -13.22 15.32
N GLY C 337 67.99 -14.51 15.18
CA GLY C 337 68.24 -15.51 16.21
C GLY C 337 67.63 -15.15 17.55
N LYS C 338 68.24 -15.70 18.59
CA LYS C 338 67.84 -15.40 19.97
C LYS C 338 68.71 -14.29 20.56
N CYS C 339 68.59 -13.12 19.94
CA CYS C 339 69.41 -11.98 20.32
C CYS C 339 68.96 -11.39 21.65
N PHE C 340 69.89 -10.73 22.33
CA PHE C 340 69.65 -10.02 23.58
C PHE C 340 70.18 -8.59 23.47
N SER C 341 69.85 -7.94 22.35
CA SER C 341 70.40 -6.62 22.04
C SER C 341 69.88 -5.59 23.04
N VAL C 342 70.80 -4.88 23.69
CA VAL C 342 70.47 -3.76 24.55
C VAL C 342 70.83 -2.48 23.81
N LEU C 343 69.97 -1.47 23.93
CA LEU C 343 70.06 -0.32 23.04
C LEU C 343 70.16 1.00 23.78
N GLY C 344 69.51 1.11 24.93
CA GLY C 344 69.43 2.38 25.63
C GLY C 344 69.71 2.23 27.11
N PHE C 345 70.05 3.36 27.73
CA PHE C 345 70.28 3.44 29.16
C PHE C 345 69.62 4.70 29.69
N CYS C 346 68.88 4.57 30.78
CA CYS C 346 68.23 5.72 31.40
C CYS C 346 68.33 5.65 32.91
N LYS C 347 67.75 6.62 33.60
CA LYS C 347 67.72 6.63 35.06
C LYS C 347 66.49 5.88 35.56
N SER C 348 66.62 5.26 36.74
CA SER C 348 65.53 4.48 37.31
C SER C 348 64.32 5.33 37.64
N SER C 349 64.49 6.65 37.81
CA SER C 349 63.36 7.52 38.12
C SER C 349 62.36 7.57 36.97
N GLN C 350 62.85 7.61 35.73
CA GLN C 350 61.96 7.75 34.58
C GLN C 350 61.03 6.56 34.45
N VAL C 351 61.54 5.35 34.63
CA VAL C 351 60.68 4.17 34.52
C VAL C 351 59.75 4.11 35.73
N GLN C 352 58.70 3.30 35.59
CA GLN C 352 57.66 3.19 36.60
C GLN C 352 57.31 1.73 36.84
N ARG C 353 57.08 1.38 38.09
CA ARG C 353 56.50 0.08 38.41
C ARG C 353 55.12 -0.07 37.75
N ARG C 354 54.42 1.05 37.56
CA ARG C 354 53.17 1.03 36.81
C ARG C 354 53.40 0.51 35.39
N PHE C 355 54.49 0.91 34.77
CA PHE C 355 54.80 0.52 33.39
C PHE C 355 55.70 -0.72 33.37
N PHE C 356 55.20 -1.79 33.99
CA PHE C 356 55.83 -3.11 33.94
C PHE C 356 54.90 -4.06 33.20
N MET C 357 55.31 -4.49 32.02
CA MET C 357 54.47 -5.24 31.10
C MET C 357 55.16 -6.53 30.67
N GLY C 358 54.43 -7.35 29.93
CA GLY C 358 54.82 -8.72 29.65
C GLY C 358 54.00 -9.71 30.45
N ASN C 359 54.43 -10.97 30.40
CA ASN C 359 53.75 -12.00 31.18
C ASN C 359 54.74 -12.97 31.81
N GLN C 360 55.97 -12.53 32.07
CA GLN C 360 56.99 -13.37 32.68
C GLN C 360 58.09 -12.48 33.23
N VAL C 361 58.96 -13.08 34.04
CA VAL C 361 60.10 -12.41 34.64
C VAL C 361 61.35 -13.25 34.38
N LEU C 362 62.45 -12.59 34.07
CA LEU C 362 63.71 -13.26 33.77
C LEU C 362 64.79 -12.78 34.71
N LYS C 363 65.43 -13.71 35.42
CA LYS C 363 66.66 -13.42 36.16
C LYS C 363 67.81 -13.50 35.16
N VAL C 364 68.36 -12.36 34.79
CA VAL C 364 69.39 -12.29 33.75
C VAL C 364 70.71 -12.67 34.43
N PHE C 365 71.05 -13.96 34.35
CA PHE C 365 72.33 -14.46 34.82
C PHE C 365 73.31 -14.60 33.67
N ALA C 366 74.56 -14.82 34.00
CA ALA C 366 75.58 -15.11 33.01
C ALA C 366 75.49 -16.58 32.60
N ALA C 367 76.41 -17.00 31.73
CA ALA C 367 76.44 -18.39 31.31
C ALA C 367 77.04 -19.26 32.41
N ARG C 368 77.15 -20.56 32.11
CA ARG C 368 77.71 -21.50 33.09
C ARG C 368 79.19 -21.25 33.28
N ASP C 369 79.60 -21.12 34.55
CA ASP C 369 81.00 -21.07 35.00
C ASP C 369 81.91 -20.32 34.04
N ASP C 370 81.46 -19.15 33.60
CA ASP C 370 82.27 -18.24 32.79
C ASP C 370 82.68 -17.10 33.72
N GLU C 371 83.81 -17.27 34.39
CA GLU C 371 84.21 -16.36 35.46
C GLU C 371 84.43 -14.95 34.94
N ALA C 372 85.05 -14.81 33.77
CA ALA C 372 85.26 -13.48 33.20
C ALA C 372 83.93 -12.81 32.90
N ALA C 373 83.03 -13.52 32.23
CA ALA C 373 81.70 -12.96 31.95
C ALA C 373 80.94 -12.70 33.24
N ALA C 374 81.07 -13.59 34.22
CA ALA C 374 80.37 -13.39 35.49
C ALA C 374 80.83 -12.13 36.19
N VAL C 375 82.15 -11.92 36.28
CA VAL C 375 82.65 -10.73 36.95
C VAL C 375 82.33 -9.48 36.15
N ALA C 376 82.35 -9.56 34.82
CA ALA C 376 81.96 -8.40 34.01
C ALA C 376 80.51 -8.03 34.25
N LEU C 377 79.62 -9.03 34.29
CA LEU C 377 78.21 -8.77 34.56
C LEU C 377 78.02 -8.20 35.97
N SER C 378 78.76 -8.73 36.94
CA SER C 378 78.68 -8.21 38.30
C SER C 378 79.11 -6.76 38.36
N SER C 379 80.21 -6.42 37.69
CA SER C 379 80.65 -5.03 37.66
C SER C 379 79.61 -4.14 37.00
N LEU C 380 79.04 -4.60 35.89
CA LEU C 380 78.05 -3.79 35.18
C LEU C 380 76.81 -3.55 36.04
N ILE C 381 76.33 -4.59 36.71
CA ILE C 381 75.13 -4.44 37.53
C ILE C 381 75.40 -3.58 38.76
N HIS C 382 76.59 -3.71 39.35
CA HIS C 382 76.96 -2.82 40.45
C HIS C 382 77.01 -1.38 39.99
N ALA C 383 77.57 -1.12 38.82
CA ALA C 383 77.60 0.24 38.28
C ALA C 383 76.19 0.78 38.06
N LEU C 384 75.31 -0.05 37.47
CA LEU C 384 73.95 0.38 37.22
C LEU C 384 73.22 0.68 38.53
N ASP C 385 73.40 -0.17 39.54
CA ASP C 385 72.77 0.07 40.83
C ASP C 385 73.30 1.35 41.47
N ASP C 386 74.62 1.57 41.40
CA ASP C 386 75.21 2.76 42.00
C ASP C 386 74.68 4.03 41.34
N LEU C 387 74.56 4.02 40.01
CA LEU C 387 74.04 5.18 39.31
C LEU C 387 72.53 5.15 39.11
N ASP C 388 71.85 4.10 39.59
CA ASP C 388 70.43 3.90 39.34
C ASP C 388 70.13 3.96 37.84
N MET C 389 71.03 3.41 37.04
CA MET C 389 71.10 3.67 35.61
C MET C 389 70.53 2.44 34.92
N VAL C 390 69.23 2.47 34.62
CA VAL C 390 68.54 1.30 34.07
C VAL C 390 68.88 1.17 32.59
N ALA C 391 68.69 -0.04 32.06
CA ALA C 391 69.04 -0.37 30.69
C ALA C 391 67.79 -0.72 29.89
N ILE C 392 67.86 -0.45 28.59
CA ILE C 392 66.80 -0.79 27.64
C ILE C 392 67.28 -1.96 26.79
N VAL C 393 66.47 -3.02 26.73
CA VAL C 393 66.85 -4.26 26.06
C VAL C 393 65.83 -4.55 24.97
N ARG C 394 66.32 -4.78 23.75
CA ARG C 394 65.49 -5.27 22.65
C ARG C 394 65.67 -6.79 22.64
N TYR C 395 64.66 -7.51 23.15
CA TYR C 395 64.78 -8.94 23.40
C TYR C 395 64.02 -9.74 22.36
N ALA C 396 64.57 -10.92 22.05
CA ALA C 396 63.91 -11.90 21.19
C ALA C 396 64.23 -13.29 21.73
N TYR C 397 63.19 -14.08 21.99
CA TYR C 397 63.39 -15.41 22.57
C TYR C 397 64.18 -16.32 21.63
N ASP C 398 63.86 -16.28 20.34
CA ASP C 398 64.56 -17.10 19.36
C ASP C 398 64.36 -16.46 17.99
N LYS C 399 64.77 -17.19 16.93
CA LYS C 399 64.64 -16.66 15.58
C LYS C 399 63.19 -16.43 15.20
N ARG C 400 62.29 -17.28 15.68
CA ARG C 400 60.88 -17.18 15.35
C ARG C 400 60.09 -16.34 16.35
N ALA C 401 60.74 -15.76 17.35
CA ALA C 401 60.07 -14.97 18.37
C ALA C 401 59.77 -13.57 17.82
N ASN C 402 59.27 -12.70 18.68
CA ASN C 402 58.98 -11.32 18.33
C ASN C 402 59.93 -10.37 19.05
N PRO C 403 60.27 -9.24 18.44
CA PRO C 403 61.10 -8.25 19.12
C PRO C 403 60.39 -7.74 20.38
N GLN C 404 61.18 -7.55 21.45
CA GLN C 404 60.64 -7.19 22.75
C GLN C 404 61.53 -6.13 23.37
N VAL C 405 61.07 -4.89 23.41
CA VAL C 405 61.74 -3.86 24.19
C VAL C 405 61.56 -4.19 25.67
N GLY C 406 62.63 -4.04 26.44
CA GLY C 406 62.60 -4.45 27.83
C GLY C 406 63.48 -3.57 28.70
N VAL C 407 63.09 -3.45 29.96
CA VAL C 407 63.84 -2.67 30.95
C VAL C 407 64.70 -3.64 31.75
N ALA C 408 65.92 -3.20 32.07
CA ALA C 408 66.88 -4.01 32.80
C ALA C 408 67.36 -3.26 34.04
N PHE C 409 67.19 -3.87 35.21
CA PHE C 409 67.69 -3.33 36.46
C PHE C 409 68.09 -4.52 37.32
N PRO C 410 69.18 -4.42 38.07
CA PRO C 410 69.72 -5.59 38.75
C PRO C 410 69.06 -5.88 40.09
N HIS C 411 69.20 -7.13 40.53
CA HIS C 411 68.81 -7.56 41.85
C HIS C 411 70.04 -8.11 42.57
N ILE C 412 70.26 -7.66 43.80
CA ILE C 412 71.46 -8.01 44.56
C ILE C 412 71.04 -8.61 45.89
N LYS C 413 71.55 -9.80 46.18
CA LYS C 413 71.38 -10.47 47.47
C LYS C 413 72.71 -11.09 47.87
N HIS C 414 72.72 -11.72 49.05
CA HIS C 414 73.89 -12.46 49.51
C HIS C 414 73.88 -13.91 49.06
N ASN C 415 72.86 -14.33 48.29
CA ASN C 415 72.77 -15.70 47.84
C ASN C 415 72.65 -15.78 46.33
N TYR C 416 72.02 -14.78 45.72
CA TYR C 416 71.96 -14.70 44.26
C TYR C 416 72.05 -13.25 43.84
N GLU C 417 72.81 -13.01 42.77
CA GLU C 417 73.03 -11.67 42.23
C GLU C 417 72.91 -11.74 40.72
N CYS C 418 71.96 -11.01 40.15
CA CYS C 418 71.74 -11.03 38.71
C CYS C 418 70.99 -9.76 38.31
N LEU C 419 70.48 -9.76 37.08
CA LEU C 419 69.74 -8.64 36.52
C LEU C 419 68.31 -9.05 36.27
N VAL C 420 67.38 -8.13 36.50
CA VAL C 420 65.95 -8.38 36.32
C VAL C 420 65.50 -7.75 35.01
N TYR C 421 64.81 -8.54 34.19
CA TYR C 421 64.33 -8.10 32.88
C TYR C 421 62.81 -8.14 32.84
N VAL C 422 62.20 -7.04 32.42
CA VAL C 422 60.75 -6.93 32.28
C VAL C 422 60.45 -6.29 30.93
N GLN C 423 59.44 -6.83 30.24
CA GLN C 423 59.11 -6.34 28.90
C GLN C 423 58.59 -4.91 28.95
N LEU C 424 59.21 -4.03 28.17
CA LEU C 424 58.79 -2.65 28.01
C LEU C 424 57.69 -2.55 26.97
N PRO C 425 56.91 -1.47 26.96
CA PRO C 425 55.77 -1.38 26.05
C PRO C 425 56.15 -0.87 24.67
N PHE C 426 55.21 -1.05 23.74
CA PHE C 426 55.21 -0.35 22.48
C PHE C 426 54.18 0.77 22.55
N MET C 427 54.40 1.83 21.78
CA MET C 427 53.55 3.02 21.91
C MET C 427 52.08 2.74 21.62
N GLU C 428 51.79 1.64 20.90
CA GLU C 428 50.40 1.25 20.72
C GLU C 428 49.75 0.86 22.04
N ASP C 429 50.51 0.23 22.94
CA ASP C 429 49.98 -0.20 24.23
C ASP C 429 49.58 0.97 25.10
N LEU C 430 50.13 2.16 24.86
CA LEU C 430 49.88 3.30 25.74
C LEU C 430 48.48 3.84 25.55
N ARG C 431 47.49 3.17 26.14
CA ARG C 431 46.11 3.62 26.08
C ARG C 431 45.92 4.79 27.03
N GLN C 432 45.17 5.80 26.57
CA GLN C 432 44.95 7.03 27.32
C GLN C 432 43.46 7.22 27.56
N TYR C 433 43.11 7.61 28.79
CA TYR C 433 41.74 7.93 29.15
C TYR C 433 41.74 9.12 30.10
N MET C 434 41.21 10.24 29.63
CA MET C 434 41.17 11.45 30.47
C MET C 434 40.26 11.23 31.66
N PHE C 435 40.70 11.69 32.83
CA PHE C 435 39.96 11.54 34.06
C PHE C 435 39.88 12.87 34.80
N SER C 436 38.76 13.08 35.47
CA SER C 436 38.55 14.30 36.24
C SER C 436 39.37 14.26 37.53
N SER C 437 39.83 15.43 37.96
CA SER C 437 40.60 15.54 39.18
C SER C 437 39.72 15.27 40.40
N LEU C 438 40.35 14.82 41.48
CA LEU C 438 39.64 14.44 42.69
C LEU C 438 39.99 15.28 43.91
N LYS C 439 41.24 15.72 44.05
CA LYS C 439 41.61 16.52 45.21
C LYS C 439 40.93 17.89 45.22
N ASN C 440 40.50 18.38 44.07
CA ASN C 440 39.79 19.65 43.99
C ASN C 440 38.27 19.48 43.91
N SER C 441 37.77 18.32 44.32
CA SER C 441 36.34 18.05 44.25
C SER C 441 35.60 18.81 45.34
N LYS C 442 35.16 20.03 45.02
CA LYS C 442 34.41 20.82 45.99
C LYS C 442 33.10 20.15 46.38
N LYS C 443 32.52 19.36 45.48
CA LYS C 443 31.29 18.66 45.80
C LYS C 443 31.52 17.48 46.73
N TYR C 444 32.69 16.83 46.65
CA TYR C 444 33.04 15.70 47.50
C TYR C 444 34.38 16.00 48.16
N ALA C 445 34.34 16.70 49.29
CA ALA C 445 35.53 16.99 50.07
C ALA C 445 35.46 16.25 51.40
N PRO C 446 36.35 15.31 51.68
CA PRO C 446 36.26 14.56 52.93
C PRO C 446 36.43 15.47 54.14
N THR C 447 35.61 15.24 55.16
CA THR C 447 35.68 16.02 56.38
C THR C 447 36.88 15.58 57.21
N GLU C 448 37.39 16.50 58.04
CA GLU C 448 38.55 16.19 58.87
C GLU C 448 38.25 15.07 59.87
N ALA C 449 36.99 14.99 60.33
CA ALA C 449 36.61 13.85 61.17
C ALA C 449 36.74 12.54 60.39
N GLN C 450 36.30 12.54 59.13
CA GLN C 450 36.53 11.37 58.28
C GLN C 450 38.02 11.10 58.11
N LEU C 451 38.82 12.16 57.96
CA LEU C 451 40.25 11.99 57.79
C LEU C 451 40.88 11.31 59.00
N ASN C 452 40.52 11.75 60.21
CA ASN C 452 41.07 11.14 61.41
C ASN C 452 40.55 9.72 61.61
N ALA C 453 39.28 9.47 61.26
CA ALA C 453 38.76 8.11 61.33
C ALA C 453 39.52 7.19 60.37
N VAL C 454 39.82 7.68 59.17
CA VAL C 454 40.59 6.90 58.22
C VAL C 454 42.00 6.66 58.75
N ASP C 455 42.60 7.66 59.40
CA ASP C 455 43.92 7.47 60.00
C ASP C 455 43.89 6.36 61.05
N ALA C 456 42.87 6.39 61.92
CA ALA C 456 42.73 5.35 62.93
C ALA C 456 42.56 3.98 62.29
N LEU C 457 41.76 3.92 61.21
CA LEU C 457 41.57 2.66 60.50
C LEU C 457 42.89 2.14 59.93
N ILE C 458 43.67 3.04 59.31
CA ILE C 458 44.95 2.64 58.73
C ILE C 458 45.87 2.11 59.81
N ASP C 459 45.94 2.81 60.93
CA ASP C 459 46.81 2.37 62.03
C ASP C 459 46.36 1.03 62.58
N SER C 460 45.05 0.78 62.63
CA SER C 460 44.55 -0.47 63.19
C SER C 460 44.75 -1.66 62.26
N MET C 461 44.54 -1.49 60.95
CA MET C 461 44.61 -2.62 60.03
C MET C 461 45.96 -2.77 59.35
N SER C 462 47.05 -2.34 59.99
CA SER C 462 48.38 -2.60 59.47
C SER C 462 48.62 -4.11 59.43
N LEU C 463 48.86 -4.66 58.24
CA LEU C 463 49.04 -6.09 58.06
C LEU C 463 50.50 -6.52 58.14
N ALA C 464 51.41 -5.62 58.51
CA ALA C 464 52.82 -5.96 58.58
C ALA C 464 53.38 -5.46 59.90
N LYS C 465 54.27 -6.25 60.51
CA LYS C 465 54.92 -5.84 61.74
C LYS C 465 55.77 -4.61 61.50
N LYS C 466 55.64 -3.62 62.39
CA LYS C 466 56.39 -2.39 62.25
C LYS C 466 57.87 -2.62 62.58
N ASP C 467 58.74 -1.96 61.82
CA ASP C 467 60.18 -2.11 62.00
C ASP C 467 60.59 -1.54 63.34
N GLU C 468 60.85 -2.42 64.32
CA GLU C 468 61.28 -2.01 65.64
C GLU C 468 62.79 -1.82 65.64
N LYS C 469 63.39 -1.72 66.84
CA LYS C 469 64.84 -1.60 66.95
C LYS C 469 65.56 -2.79 66.33
N THR C 470 64.89 -3.93 66.19
CA THR C 470 65.44 -5.08 65.50
C THR C 470 65.10 -5.09 64.01
N ASP C 471 64.59 -3.97 63.49
CA ASP C 471 64.15 -3.87 62.09
C ASP C 471 63.11 -4.95 61.78
N THR C 472 62.10 -5.05 62.65
CA THR C 472 61.08 -6.09 62.55
C THR C 472 59.98 -5.70 61.55
N LEU C 473 60.42 -5.40 60.33
CA LEU C 473 59.51 -5.15 59.22
C LEU C 473 59.08 -6.50 58.65
N GLU C 474 58.21 -7.18 59.39
CA GLU C 474 57.80 -8.53 59.09
C GLU C 474 56.37 -8.54 58.55
N ASP C 475 56.14 -9.33 57.51
CA ASP C 475 54.82 -9.44 56.91
C ASP C 475 53.97 -10.39 57.76
N LEU C 476 53.02 -9.83 58.50
CA LEU C 476 52.12 -10.67 59.29
C LEU C 476 51.22 -11.53 58.40
N PHE C 477 51.00 -11.10 57.16
CA PHE C 477 50.16 -11.83 56.21
C PHE C 477 50.93 -11.97 54.90
N PRO C 478 51.94 -12.85 54.85
CA PRO C 478 52.72 -13.00 53.62
C PRO C 478 51.96 -13.71 52.52
N THR C 479 51.54 -12.97 51.50
CA THR C 479 50.79 -13.56 50.40
C THR C 479 51.68 -14.39 49.48
N THR C 480 52.92 -13.96 49.25
CA THR C 480 53.79 -14.64 48.30
C THR C 480 54.14 -16.06 48.71
N LYS C 481 53.97 -16.42 49.97
CA LYS C 481 54.29 -17.76 50.46
C LYS C 481 53.08 -18.68 50.48
N ILE C 482 51.96 -18.24 49.92
CA ILE C 482 50.71 -19.00 49.89
C ILE C 482 50.44 -19.41 48.45
N PRO C 483 50.23 -20.69 48.16
CA PRO C 483 49.94 -21.11 46.79
C PRO C 483 48.54 -20.70 46.37
N ASN C 484 48.28 -20.84 45.07
CA ASN C 484 46.98 -20.50 44.52
C ASN C 484 45.93 -21.45 45.06
N PRO C 485 44.90 -20.96 45.76
CA PRO C 485 43.88 -21.87 46.32
C PRO C 485 43.12 -22.64 45.27
N ARG C 486 43.12 -22.19 44.01
CA ARG C 486 42.39 -22.89 42.97
C ARG C 486 42.89 -24.32 42.81
N PHE C 487 44.21 -24.52 42.90
CA PHE C 487 44.78 -25.85 42.68
C PHE C 487 44.46 -26.80 43.83
N GLN C 488 44.56 -26.31 45.08
CA GLN C 488 44.17 -27.13 46.22
C GLN C 488 42.68 -27.46 46.17
N ARG C 489 41.85 -26.49 45.77
CA ARG C 489 40.43 -26.79 45.60
C ARG C 489 40.21 -27.84 44.52
N LEU C 490 40.94 -27.74 43.41
CA LEU C 490 40.81 -28.70 42.33
C LEU C 490 41.17 -30.11 42.81
N PHE C 491 42.27 -30.23 43.55
CA PHE C 491 42.68 -31.54 44.04
C PHE C 491 41.74 -32.07 45.11
N GLN C 492 41.19 -31.18 45.94
CA GLN C 492 40.16 -31.60 46.89
C GLN C 492 38.95 -32.17 46.16
N CYS C 493 38.49 -31.49 45.11
CA CYS C 493 37.37 -32.00 44.32
C CYS C 493 37.72 -33.33 43.66
N LEU C 494 38.95 -33.44 43.15
CA LEU C 494 39.38 -34.69 42.51
C LEU C 494 39.33 -35.85 43.48
N LEU C 495 39.87 -35.67 44.69
CA LEU C 495 39.82 -36.74 45.67
C LEU C 495 38.39 -37.02 46.12
N HIS C 496 37.58 -35.96 46.26
CA HIS C 496 36.18 -36.11 46.66
C HIS C 496 35.43 -37.00 45.67
N ARG C 497 35.65 -36.77 44.38
CA ARG C 497 34.96 -37.57 43.38
C ARG C 497 35.59 -38.96 43.23
N ALA C 498 36.91 -39.06 43.42
CA ALA C 498 37.59 -40.33 43.19
C ALA C 498 37.30 -41.32 44.31
N LEU C 499 37.64 -40.96 45.55
CA LEU C 499 37.46 -41.89 46.66
C LEU C 499 35.99 -42.25 46.87
N HIS C 500 35.08 -41.34 46.53
CA HIS C 500 33.65 -41.58 46.67
C HIS C 500 32.96 -41.09 45.40
N PRO C 501 32.75 -41.99 44.43
CA PRO C 501 32.10 -41.57 43.18
C PRO C 501 30.68 -41.06 43.36
N ARG C 502 30.00 -41.42 44.44
CA ARG C 502 28.63 -40.98 44.67
C ARG C 502 28.54 -39.66 45.42
N GLU C 503 29.64 -39.16 45.98
CA GLU C 503 29.65 -37.87 46.66
C GLU C 503 29.40 -36.75 45.65
N PRO C 504 28.24 -36.09 45.72
CA PRO C 504 27.89 -35.11 44.68
C PRO C 504 28.74 -33.84 44.71
N LEU C 505 28.81 -33.18 45.86
CA LEU C 505 29.40 -31.84 45.94
C LEU C 505 30.62 -31.83 46.86
N PRO C 506 31.81 -31.56 46.34
CA PRO C 506 32.97 -31.32 47.19
C PRO C 506 32.88 -29.97 47.87
N PRO C 507 32.95 -29.92 49.19
CA PRO C 507 32.84 -28.64 49.90
C PRO C 507 34.14 -27.87 49.89
N ILE C 508 34.03 -26.56 50.12
CA ILE C 508 35.19 -25.70 50.17
C ILE C 508 35.93 -25.92 51.49
N GLN C 509 37.26 -26.04 51.40
CA GLN C 509 38.08 -26.23 52.58
C GLN C 509 38.10 -24.95 53.41
N GLN C 510 37.72 -25.06 54.69
CA GLN C 510 37.74 -23.90 55.56
C GLN C 510 39.16 -23.43 55.85
N HIS C 511 40.12 -24.36 55.84
CA HIS C 511 41.52 -23.98 56.01
C HIS C 511 41.98 -23.04 54.91
N ILE C 512 41.42 -23.19 53.70
CA ILE C 512 41.70 -22.25 52.62
C ILE C 512 41.22 -20.85 52.98
N TRP C 513 40.01 -20.76 53.54
CA TRP C 513 39.51 -19.47 54.01
C TRP C 513 40.43 -18.90 55.08
N ASN C 514 40.91 -19.74 55.99
CA ASN C 514 41.88 -19.29 56.98
C ASN C 514 43.13 -18.77 56.31
N MET C 515 43.61 -19.47 55.28
CA MET C 515 44.75 -18.98 54.50
C MET C 515 44.38 -17.73 53.72
N LEU C 516 43.12 -17.63 53.29
CA LEU C 516 42.66 -16.51 52.48
C LEU C 516 42.21 -15.31 53.31
N ASN C 517 42.31 -15.39 54.63
CA ASN C 517 41.87 -14.30 55.50
C ASN C 517 42.96 -13.96 56.50
N PRO C 518 43.05 -12.69 56.90
CA PRO C 518 44.12 -12.28 57.81
C PRO C 518 43.78 -12.64 59.25
N PRO C 519 44.74 -12.53 60.17
CA PRO C 519 44.42 -12.78 61.58
C PRO C 519 43.38 -11.80 62.09
N ALA C 520 42.56 -12.28 63.02
CA ALA C 520 41.44 -11.50 63.54
C ALA C 520 41.87 -10.33 64.41
N GLU C 521 43.15 -10.24 64.78
CA GLU C 521 43.60 -9.15 65.65
C GLU C 521 43.42 -7.80 64.96
N VAL C 522 43.91 -7.67 63.73
CA VAL C 522 43.77 -6.41 63.01
C VAL C 522 42.30 -6.11 62.70
N THR C 523 41.52 -7.16 62.41
CA THR C 523 40.10 -6.95 62.14
C THR C 523 39.40 -6.39 63.37
N THR C 524 39.67 -6.96 64.55
CA THR C 524 39.10 -6.44 65.78
C THR C 524 39.57 -5.02 66.06
N LYS C 525 40.86 -4.75 65.79
CA LYS C 525 41.37 -3.41 66.00
C LYS C 525 40.66 -2.39 65.12
N SER C 526 40.39 -2.76 63.87
CA SER C 526 39.75 -1.86 62.91
C SER C 526 38.23 -1.84 63.03
N GLN C 527 37.63 -2.76 63.79
CA GLN C 527 36.18 -2.81 63.92
C GLN C 527 35.62 -1.46 64.34
N ILE C 528 36.15 -0.88 65.42
CA ILE C 528 35.69 0.44 65.86
C ILE C 528 35.97 1.51 64.81
N PRO C 529 37.18 1.60 64.22
CA PRO C 529 37.34 2.51 63.07
C PRO C 529 36.39 2.23 61.94
N LEU C 530 36.03 0.97 61.70
CA LEU C 530 35.01 0.68 60.70
C LEU C 530 33.68 1.31 61.08
N SER C 531 33.33 1.27 62.37
CA SER C 531 32.12 1.94 62.83
C SER C 531 32.20 3.44 62.59
N LYS C 532 33.35 4.04 62.87
CA LYS C 532 33.52 5.47 62.63
C LYS C 532 33.35 5.79 61.16
N ILE C 533 33.94 4.97 60.28
CA ILE C 533 33.84 5.20 58.84
C ILE C 533 32.40 5.08 58.37
N LYS C 534 31.71 4.01 58.79
CA LYS C 534 30.34 3.79 58.33
C LYS C 534 29.40 4.87 58.87
N THR C 535 29.68 5.42 60.05
CA THR C 535 28.90 6.54 60.53
C THR C 535 29.26 7.83 59.80
N LEU C 536 30.49 7.93 59.31
CA LEU C 536 30.99 9.14 58.67
C LEU C 536 30.91 9.08 57.14
N PHE C 537 30.32 8.04 56.58
CA PHE C 537 30.27 7.93 55.12
C PHE C 537 28.93 7.37 54.65
N PRO C 538 28.20 8.12 53.81
CA PRO C 538 26.93 7.61 53.28
C PRO C 538 27.09 6.88 51.96
N LEU C 539 26.00 6.33 51.43
CA LEU C 539 26.02 5.61 50.16
C LEU C 539 24.58 5.48 49.66
N ILE C 540 24.46 4.98 48.43
CA ILE C 540 23.16 4.73 47.82
C ILE C 540 23.13 3.29 47.32
N GLU C 541 21.98 2.90 46.79
CA GLU C 541 21.71 1.51 46.43
C GLU C 541 22.48 1.10 45.17
N ALA C 542 22.62 -0.21 45.00
CA ALA C 542 23.28 -0.81 43.84
C ALA C 542 22.27 -1.71 43.10
N LYS C 543 22.76 -2.45 42.13
CA LYS C 543 21.91 -3.30 41.29
C LYS C 543 22.70 -4.54 40.90
N LYS C 544 22.21 -5.26 39.89
CA LYS C 544 22.82 -6.50 39.40
C LYS C 544 22.90 -7.54 40.52
N LYS C 545 21.71 -7.95 40.96
CA LYS C 545 21.56 -8.96 42.00
C LYS C 545 21.57 -10.33 41.35
N ASP C 546 22.76 -10.88 41.16
CA ASP C 546 22.90 -12.21 40.57
C ASP C 546 22.32 -13.27 41.51
N GLN C 547 21.65 -14.25 40.93
CA GLN C 547 21.02 -15.31 41.70
C GLN C 547 21.47 -16.67 41.20
N VAL C 548 21.09 -17.70 41.95
CA VAL C 548 21.38 -19.07 41.55
C VAL C 548 20.61 -19.41 40.27
N THR C 549 21.01 -20.49 39.61
CA THR C 549 20.45 -20.85 38.31
C THR C 549 18.93 -20.92 38.36
N ALA C 550 18.37 -21.57 39.37
CA ALA C 550 16.92 -21.62 39.56
C ALA C 550 16.64 -21.91 41.02
N GLN C 551 15.37 -21.68 41.41
CA GLN C 551 14.95 -21.86 42.79
C GLN C 551 14.25 -23.20 42.93
N GLU C 552 15.07 -24.25 43.09
CA GLU C 552 14.56 -25.57 43.43
C GLU C 552 14.27 -25.66 44.92
N ILE C 553 14.08 -26.87 45.43
CA ILE C 553 13.94 -27.05 46.86
C ILE C 553 15.20 -26.57 47.55
N PHE C 554 15.04 -25.77 48.60
CA PHE C 554 16.18 -25.28 49.37
C PHE C 554 15.83 -25.25 50.86
N GLU D 2 75.59 84.13 26.03
CA GLU D 2 76.06 82.76 25.84
C GLU D 2 76.19 82.01 27.16
N GLU D 3 75.15 82.07 27.99
CA GLU D 3 75.17 81.37 29.27
C GLU D 3 74.14 80.25 29.33
N LEU D 4 72.85 80.56 29.17
CA LEU D 4 71.83 79.52 29.27
C LEU D 4 71.65 78.78 27.95
N GLU D 5 71.77 79.49 26.83
CA GLU D 5 71.68 78.86 25.52
C GLU D 5 73.00 78.26 25.07
N PRO D 12 59.75 79.00 27.56
CA PRO D 12 59.28 78.57 26.23
C PRO D 12 59.42 79.70 25.22
N TRP D 13 59.03 79.41 23.99
CA TRP D 13 59.11 80.38 22.91
C TRP D 13 58.13 81.53 23.15
N ALA D 14 58.64 82.75 23.07
CA ALA D 14 57.82 83.96 23.16
C ALA D 14 58.17 84.87 22.00
N TRP D 15 57.16 85.49 21.40
CA TRP D 15 57.32 86.23 20.16
C TRP D 15 56.44 87.47 20.15
N LEU D 16 56.90 88.50 19.43
CA LEU D 16 56.17 89.75 19.27
C LEU D 16 56.02 90.05 17.80
N GLN D 17 54.91 90.69 17.43
CA GLN D 17 54.58 90.98 16.04
C GLN D 17 54.99 92.42 15.72
N LEU D 18 56.05 92.58 14.94
CA LEU D 18 56.45 93.89 14.44
C LEU D 18 57.39 93.71 13.27
N ALA D 19 57.03 94.26 12.11
CA ALA D 19 57.85 94.34 10.91
C ALA D 19 58.31 92.98 10.40
N GLU D 20 57.79 91.88 10.95
CA GLU D 20 58.18 90.52 10.57
C GLU D 20 59.70 90.35 10.65
N ASN D 21 60.30 90.94 11.68
CA ASN D 21 61.73 90.84 11.88
C ASN D 21 62.09 89.55 12.60
N SER D 22 63.37 89.33 12.82
CA SER D 22 63.85 88.20 13.61
C SER D 22 63.74 88.44 15.11
N LEU D 23 63.08 89.52 15.52
CA LEU D 23 62.94 89.87 16.92
C LEU D 23 61.88 88.97 17.55
N LEU D 24 62.31 87.88 18.17
CA LEU D 24 61.42 86.93 18.82
C LEU D 24 61.58 87.13 20.32
N ALA D 25 60.61 87.82 20.92
CA ALA D 25 60.77 88.35 22.27
C ALA D 25 60.67 87.28 23.34
N LYS D 26 61.62 86.35 23.37
CA LYS D 26 61.76 85.38 24.45
C LYS D 26 63.11 85.59 25.14
N VAL D 27 63.09 85.69 26.46
CA VAL D 27 64.29 85.96 27.24
C VAL D 27 64.41 84.90 28.34
N PHE D 28 65.61 84.36 28.51
CA PHE D 28 65.87 83.34 29.51
C PHE D 28 66.32 84.02 30.80
N ILE D 29 65.67 83.66 31.91
CA ILE D 29 66.05 84.23 33.20
C ILE D 29 67.45 83.76 33.57
N THR D 30 68.39 84.70 33.58
CA THR D 30 69.78 84.36 33.87
C THR D 30 70.43 85.55 34.58
N LYS D 31 71.49 85.25 35.32
CA LYS D 31 72.23 86.25 36.07
C LYS D 31 73.26 86.98 35.21
N GLN D 32 73.47 86.54 33.97
CA GLN D 32 74.46 87.12 33.08
C GLN D 32 73.85 88.14 32.11
N GLY D 33 72.81 88.84 32.54
CA GLY D 33 72.20 89.87 31.71
C GLY D 33 70.94 89.41 31.02
N TYR D 34 70.89 89.58 29.69
CA TYR D 34 69.75 89.19 28.90
C TYR D 34 70.13 88.07 27.95
N ALA D 35 69.26 87.05 27.90
CA ALA D 35 69.34 86.00 26.89
C ALA D 35 68.21 86.15 25.88
N LEU D 36 67.71 87.37 25.75
CA LEU D 36 66.57 87.65 24.88
C LEU D 36 66.88 87.28 23.44
N LEU D 37 65.97 86.53 22.82
CA LEU D 37 66.11 86.14 21.42
C LEU D 37 65.40 87.10 20.48
N VAL D 38 65.14 88.33 20.93
CA VAL D 38 64.56 89.34 20.07
C VAL D 38 65.72 89.99 19.33
N SER D 39 66.13 89.38 18.23
CA SER D 39 67.35 89.76 17.54
C SER D 39 67.26 89.44 16.06
N GLN D 43 69.77 88.36 12.60
CA GLN D 43 69.72 87.07 13.27
C GLN D 43 69.93 87.23 14.78
N VAL D 44 70.08 86.10 15.47
CA VAL D 44 70.12 86.11 16.93
C VAL D 44 71.50 86.55 17.41
N TRP D 45 71.52 87.58 18.25
CA TRP D 45 72.73 88.02 18.92
C TRP D 45 72.95 87.20 20.20
N HIS D 46 74.19 87.24 20.70
CA HIS D 46 74.54 86.55 21.92
C HIS D 46 75.43 87.46 22.76
N GLU D 47 75.41 87.23 24.07
CA GLU D 47 76.14 88.09 25.00
C GLU D 47 76.52 87.27 26.24
N GLN D 48 77.73 87.52 26.74
CA GLN D 48 78.20 86.93 27.98
C GLN D 48 78.80 88.02 28.85
N VAL D 49 78.15 88.30 29.98
CA VAL D 49 78.58 89.35 30.90
C VAL D 49 78.54 88.81 32.32
N ASP D 50 79.51 89.22 33.13
CA ASP D 50 79.57 88.80 34.53
C ASP D 50 78.33 89.25 35.29
N THR D 51 77.93 88.44 36.27
CA THR D 51 76.73 88.73 37.05
C THR D 51 76.84 90.06 37.77
N SER D 52 77.98 90.31 38.42
CA SER D 52 78.14 91.58 39.12
C SER D 52 78.04 92.74 38.15
N VAL D 53 78.74 92.66 37.02
CA VAL D 53 78.72 93.73 36.02
C VAL D 53 77.30 94.00 35.58
N VAL D 54 76.50 92.94 35.41
CA VAL D 54 75.09 93.13 35.11
C VAL D 54 74.39 93.88 36.24
N SER D 55 74.69 93.54 37.48
CA SER D 55 74.00 94.19 38.61
C SER D 55 74.29 95.69 38.66
N GLN D 56 75.57 96.07 38.65
CA GLN D 56 75.86 97.50 38.68
C GLN D 56 75.51 98.19 37.36
N ARG D 57 75.45 97.44 36.25
CA ARG D 57 75.03 98.05 34.99
C ARG D 57 73.56 98.44 35.05
N ALA D 58 72.71 97.52 35.53
CA ALA D 58 71.30 97.83 35.70
C ALA D 58 71.11 98.93 36.75
N LYS D 59 71.90 98.89 37.82
CA LYS D 59 71.80 99.92 38.86
C LYS D 59 72.17 101.30 38.31
N GLU D 60 73.23 101.37 37.50
CA GLU D 60 73.62 102.63 36.89
C GLU D 60 72.56 103.13 35.92
N LEU D 61 72.00 102.23 35.10
CA LEU D 61 70.98 102.65 34.15
C LEU D 61 69.65 102.96 34.82
N ASN D 62 69.44 102.52 36.05
CA ASN D 62 68.23 102.81 36.81
C ASN D 62 68.52 103.98 37.76
N LYS D 63 67.94 105.15 37.46
CA LYS D 63 68.21 106.36 38.21
C LYS D 63 67.20 106.62 39.31
N ARG D 64 66.34 105.65 39.62
CA ARG D 64 65.30 105.85 40.63
C ARG D 64 65.37 104.79 41.72
N LEU D 65 65.75 103.56 41.37
CA LEU D 65 65.80 102.47 42.33
C LEU D 65 66.86 101.46 41.90
N THR D 66 67.60 100.95 42.88
CA THR D 66 68.59 99.92 42.67
C THR D 66 68.10 98.63 43.31
N ALA D 67 67.97 97.58 42.51
CA ALA D 67 67.43 96.31 42.95
C ALA D 67 68.24 95.17 42.35
N PRO D 68 68.29 94.02 43.03
CA PRO D 68 68.96 92.87 42.45
C PRO D 68 68.30 92.46 41.14
N PRO D 69 69.07 91.89 40.21
CA PRO D 69 68.50 91.54 38.89
C PRO D 69 67.45 90.44 38.94
N ALA D 70 67.37 89.68 40.04
CA ALA D 70 66.39 88.59 40.10
C ALA D 70 64.97 89.13 40.02
N ALA D 71 64.70 90.25 40.70
CA ALA D 71 63.37 90.86 40.63
C ALA D 71 63.05 91.31 39.20
N PHE D 72 64.03 91.90 38.51
CA PHE D 72 63.82 92.30 37.13
C PHE D 72 63.52 91.10 36.25
N LEU D 73 64.28 90.01 36.43
CA LEU D 73 64.06 88.81 35.62
C LEU D 73 62.66 88.24 35.86
N CYS D 74 62.26 88.12 37.13
CA CYS D 74 60.96 87.54 37.43
C CYS D 74 59.82 88.43 36.98
N HIS D 75 59.99 89.76 37.01
CA HIS D 75 58.93 90.65 36.53
C HIS D 75 58.86 90.71 35.01
N LEU D 76 60.00 90.57 34.32
CA LEU D 76 60.04 90.77 32.88
C LEU D 76 60.19 89.48 32.08
N ASP D 77 60.08 88.31 32.71
CA ASP D 77 60.26 87.06 31.99
C ASP D 77 59.22 86.86 30.89
N ASN D 78 57.95 86.70 31.26
CA ASN D 78 56.87 86.47 30.31
C ASN D 78 55.59 87.18 30.73
N LEU D 79 55.71 88.32 31.40
CA LEU D 79 54.57 88.95 32.05
C LEU D 79 53.79 89.90 31.13
N LEU D 80 54.48 90.80 30.44
CA LEU D 80 53.82 91.90 29.73
C LEU D 80 53.92 91.83 28.22
N ARG D 81 55.11 91.56 27.67
CA ARG D 81 55.26 91.62 26.21
C ARG D 81 54.41 90.60 25.47
N PRO D 82 54.41 89.30 25.82
CA PRO D 82 53.73 88.33 24.94
C PRO D 82 52.24 88.55 24.79
N LEU D 83 51.50 88.60 25.90
CA LEU D 83 50.05 88.72 25.85
C LEU D 83 49.62 90.17 26.09
N LEU D 84 48.36 90.44 25.76
CA LEU D 84 47.78 91.77 25.91
C LEU D 84 46.36 91.67 26.45
N ALA D 93 51.90 105.48 22.04
CA ALA D 93 52.58 104.33 22.63
C ALA D 93 53.45 103.61 21.60
N THR D 94 54.64 104.17 21.34
CA THR D 94 55.59 103.61 20.41
C THR D 94 56.78 103.06 21.18
N PHE D 95 57.12 101.81 20.92
CA PHE D 95 58.23 101.17 21.61
C PHE D 95 59.56 101.77 21.13
N SER D 96 60.58 101.66 21.98
CA SER D 96 61.91 102.15 21.64
C SER D 96 62.56 101.21 20.65
N CYS D 97 62.24 101.36 19.36
CA CYS D 97 62.74 100.47 18.32
C CYS D 97 63.79 101.21 17.50
N ASP D 98 65.06 101.01 17.85
CA ASP D 98 66.17 101.50 17.05
C ASP D 98 66.60 100.44 16.03
N CYS D 99 65.64 99.99 15.22
CA CYS D 99 65.81 98.83 14.35
C CYS D 99 66.67 99.21 13.14
N VAL D 100 67.98 99.25 13.38
CA VAL D 100 68.97 99.39 12.32
C VAL D 100 69.71 98.06 12.20
N ALA D 101 69.69 97.48 11.01
CA ALA D 101 70.22 96.13 10.78
C ALA D 101 69.58 95.12 11.73
N ASP D 102 68.26 95.25 11.92
CA ASP D 102 67.48 94.34 12.76
C ASP D 102 68.02 94.30 14.19
N ALA D 103 68.30 95.47 14.76
CA ALA D 103 68.81 95.60 16.12
C ALA D 103 67.73 96.24 16.98
N LEU D 104 67.19 95.48 17.94
CA LEU D 104 66.16 95.97 18.83
C LEU D 104 66.81 96.52 20.10
N ILE D 105 67.03 97.83 20.11
CA ILE D 105 67.60 98.52 21.25
C ILE D 105 66.44 99.20 21.98
N LEU D 106 65.87 98.50 22.97
CA LEU D 106 64.75 99.00 23.75
C LEU D 106 65.20 99.70 25.03
N ARG D 107 66.39 100.29 25.01
CA ARG D 107 66.99 100.90 26.20
C ARG D 107 66.71 102.40 26.18
N VAL D 108 65.65 102.80 26.86
CA VAL D 108 65.39 104.20 27.20
C VAL D 108 65.05 104.25 28.68
N ARG D 109 65.69 105.15 29.42
CA ARG D 109 65.55 105.19 30.87
C ARG D 109 64.25 105.89 31.28
N SER D 110 63.14 105.46 30.68
CA SER D 110 61.82 105.98 31.03
C SER D 110 60.82 104.84 31.12
N GLU D 111 59.54 105.16 31.21
CA GLU D 111 58.48 104.16 31.34
C GLU D 111 57.84 103.93 29.97
N LEU D 112 58.08 102.76 29.39
CA LEU D 112 57.49 102.37 28.12
C LEU D 112 56.62 101.14 28.38
N SER D 113 55.32 101.37 28.54
CA SER D 113 54.35 100.31 28.83
C SER D 113 54.73 99.55 30.10
N GLY D 114 55.26 100.29 31.08
CA GLY D 114 55.61 99.71 32.36
C GLY D 114 56.67 98.63 32.30
N LEU D 115 57.76 98.89 31.57
CA LEU D 115 58.87 97.94 31.42
C LEU D 115 60.13 98.57 32.01
N PRO D 116 60.43 98.31 33.28
CA PRO D 116 61.63 98.89 33.90
C PRO D 116 62.90 98.06 33.63
N PHE D 117 63.14 97.77 32.35
CA PHE D 117 64.32 97.04 31.92
C PHE D 117 65.24 98.00 31.18
N TYR D 118 66.35 98.37 31.81
CA TYR D 118 67.31 99.32 31.25
C TYR D 118 68.61 98.57 31.02
N TRP D 119 68.88 98.20 29.78
CA TRP D 119 70.08 97.46 29.42
C TRP D 119 70.57 97.94 28.07
N ASN D 120 71.80 98.49 28.03
CA ASN D 120 72.38 98.91 26.76
C ASN D 120 72.46 97.71 25.83
N PHE D 121 71.69 97.74 24.74
CA PHE D 121 71.51 96.57 23.87
C PHE D 121 72.49 96.67 22.70
N HIS D 122 73.53 95.84 22.75
CA HIS D 122 74.37 95.60 21.58
C HIS D 122 73.81 94.45 20.74
N ALA D 126 75.77 88.16 11.47
CA ALA D 126 76.45 86.91 11.15
C ALA D 126 77.00 86.26 12.43
N SER D 127 76.07 85.93 13.33
CA SER D 127 76.37 85.30 14.61
C SER D 127 75.53 84.03 14.71
N PRO D 128 75.89 83.00 13.95
CA PRO D 128 74.97 81.87 13.74
C PRO D 128 75.10 80.76 14.76
N SER D 129 75.78 80.99 15.89
CA SER D 129 75.83 79.95 16.93
C SER D 129 74.44 79.66 17.47
N LEU D 130 73.84 80.67 18.12
CA LEU D 130 72.49 80.51 18.64
C LEU D 130 71.44 80.45 17.54
N VAL D 131 71.72 81.04 16.37
CA VAL D 131 70.80 80.91 15.24
C VAL D 131 70.72 79.46 14.78
N SER D 132 71.87 78.80 14.67
CA SER D 132 71.90 77.42 14.20
C SER D 132 71.38 76.47 15.26
N GLN D 133 71.70 76.72 16.53
CA GLN D 133 71.21 75.85 17.59
C GLN D 133 69.78 76.18 18.00
N HIS D 134 69.20 77.28 17.51
CA HIS D 134 67.87 77.68 17.95
C HIS D 134 66.92 78.14 16.85
N LEU D 135 67.41 78.58 15.68
CA LEU D 135 66.53 79.11 14.65
C LEU D 135 66.61 78.36 13.33
N ILE D 136 67.80 77.91 12.93
CA ILE D 136 67.91 77.16 11.69
C ILE D 136 67.28 75.77 11.82
N ARG D 137 67.44 75.15 12.99
CA ARG D 137 66.84 73.83 13.20
C ARG D 137 65.32 73.85 13.06
N PRO D 138 64.56 74.78 13.68
CA PRO D 138 63.13 74.87 13.39
C PRO D 138 62.90 75.66 12.11
N LEU D 139 62.43 74.97 11.07
CA LEU D 139 62.25 75.59 9.77
C LEU D 139 60.81 76.01 9.54
N GLY D 141 65.83 71.46 10.85
CA GLY D 141 66.27 70.23 11.49
C GLY D 141 65.18 69.52 12.26
N MET D 142 64.62 70.21 13.25
CA MET D 142 63.58 69.62 14.07
C MET D 142 62.18 69.93 13.54
N SER D 143 61.94 69.58 12.27
CA SER D 143 60.63 69.72 11.67
C SER D 143 60.14 68.45 10.99
N LEU D 144 61.03 67.46 10.80
CA LEU D 144 60.64 66.20 10.16
C LEU D 144 59.61 65.43 10.99
N ALA D 145 59.84 65.36 12.30
CA ALA D 145 58.97 64.58 13.17
C ALA D 145 57.56 65.15 13.25
N LEU D 146 57.39 66.45 13.02
CA LEU D 146 56.05 67.03 13.05
C LEU D 146 55.24 66.60 11.82
N GLN D 147 55.88 66.57 10.65
CA GLN D 147 55.23 65.99 9.48
C GLN D 147 54.99 64.49 9.67
N CYS D 148 55.92 63.80 10.34
CA CYS D 148 55.71 62.38 10.65
C CYS D 148 54.49 62.19 11.54
N GLN D 149 54.30 63.06 12.53
CA GLN D 149 53.12 62.98 13.39
C GLN D 149 51.86 63.35 12.64
N VAL D 150 51.95 64.27 11.67
CA VAL D 150 50.81 64.57 10.82
C VAL D 150 50.39 63.33 10.05
N ARG D 151 51.36 62.63 9.46
CA ARG D 151 51.06 61.38 8.77
C ARG D 151 50.52 60.33 9.73
N GLU D 152 51.03 60.31 10.97
CA GLU D 152 50.53 59.36 11.97
C GLU D 152 49.07 59.63 12.30
N LEU D 153 48.70 60.90 12.45
CA LEU D 153 47.30 61.25 12.65
C LEU D 153 46.46 60.84 11.45
N ALA D 154 46.97 61.08 10.24
CA ALA D 154 46.24 60.71 9.04
C ALA D 154 45.98 59.20 8.99
N THR D 155 47.00 58.39 9.26
CA THR D 155 46.84 56.95 9.22
C THR D 155 46.05 56.42 10.42
N LEU D 156 46.04 57.14 11.55
CA LEU D 156 45.18 56.77 12.66
C LEU D 156 43.72 57.02 12.32
N LEU D 157 43.44 58.07 11.54
CA LEU D 157 42.08 58.31 11.05
C LEU D 157 41.62 57.23 10.08
N HIS D 158 42.55 56.43 9.54
CA HIS D 158 42.20 55.34 8.63
C HIS D 158 41.74 54.09 9.37
N MET D 159 41.98 53.96 10.68
CA MET D 159 41.21 53.00 11.51
C MET D 159 39.73 53.36 11.50
N LYS D 160 39.40 54.65 11.58
CA LYS D 160 38.01 55.07 11.47
C LYS D 160 37.44 54.71 10.10
N ASP D 161 38.27 54.78 9.06
CA ASP D 161 37.78 54.54 7.71
C ASP D 161 37.24 53.12 7.55
N LEU D 162 38.04 52.13 7.94
CA LEU D 162 37.59 50.73 7.82
C LEU D 162 36.39 50.47 8.72
N GLU D 163 36.37 51.06 9.91
CA GLU D 163 35.26 50.86 10.83
C GLU D 163 33.95 51.38 10.23
N ILE D 164 33.98 52.60 9.69
CA ILE D 164 32.78 53.17 9.11
C ILE D 164 32.39 52.42 7.83
N GLN D 165 33.37 51.96 7.06
CA GLN D 165 33.05 51.17 5.87
C GLN D 165 32.32 49.89 6.23
N ASP D 166 32.80 49.18 7.27
CA ASP D 166 32.14 47.95 7.68
C ASP D 166 30.77 48.24 8.30
N TYR D 167 30.65 49.36 9.01
CA TYR D 167 29.36 49.74 9.57
C TYR D 167 28.34 50.04 8.48
N GLN D 168 28.77 50.73 7.42
CA GLN D 168 27.86 51.12 6.34
C GLN D 168 27.66 50.02 5.30
N GLU D 169 28.50 48.99 5.29
CA GLU D 169 28.36 47.90 4.32
C GLU D 169 27.74 46.65 4.94
N SER D 170 28.33 46.14 6.03
CA SER D 170 27.78 44.98 6.71
C SER D 170 27.13 45.30 8.04
N GLY D 171 27.48 46.42 8.67
CA GLY D 171 26.86 46.78 9.94
C GLY D 171 25.41 47.18 9.81
N ALA D 172 25.01 47.69 8.65
CA ALA D 172 23.64 48.17 8.40
C ALA D 172 23.24 49.20 9.45
N THR D 173 24.17 50.11 9.75
CA THR D 173 24.00 51.10 10.79
C THR D 173 23.41 52.39 10.23
N LEU D 174 23.11 53.32 11.14
CA LEU D 174 22.57 54.63 10.78
C LEU D 174 23.71 55.62 10.61
N ILE D 175 23.77 56.25 9.45
CA ILE D 175 24.88 57.13 9.07
C ILE D 175 24.47 58.57 9.25
N ARG D 176 25.34 59.37 9.88
CA ARG D 176 25.09 60.80 10.02
C ARG D 176 25.07 61.51 8.69
N ASP D 177 25.80 60.99 7.69
CA ASP D 177 25.85 61.52 6.34
C ASP D 177 26.47 62.91 6.27
N ARG D 178 27.33 63.24 7.24
CA ARG D 178 28.09 64.50 7.20
C ARG D 178 29.51 64.27 6.73
N LEU D 179 30.26 63.40 7.40
CA LEU D 179 31.64 63.09 7.06
C LEU D 179 31.80 61.66 6.57
N LYS D 180 30.82 61.18 5.80
CA LYS D 180 30.92 59.88 5.14
C LYS D 180 31.86 60.04 3.95
N THR D 181 33.16 60.10 4.25
CA THR D 181 34.18 60.48 3.30
C THR D 181 35.08 59.30 2.98
N GLU D 182 35.62 59.27 1.76
CA GLU D 182 36.57 58.25 1.38
C GLU D 182 37.83 58.36 2.25
N PRO D 183 38.58 57.26 2.41
CA PRO D 183 39.76 57.30 3.27
C PRO D 183 40.75 58.37 2.85
N PHE D 184 41.38 59.00 3.85
CA PHE D 184 42.28 60.11 3.61
C PHE D 184 43.47 59.66 2.76
N GLU D 185 43.84 60.48 1.79
CA GLU D 185 44.92 60.17 0.87
C GLU D 185 45.78 61.40 0.68
N GLU D 186 46.98 61.18 0.12
CA GLU D 186 47.83 62.31 -0.25
C GLU D 186 47.16 63.18 -1.30
N ASN D 187 46.35 62.58 -2.17
CA ASN D 187 45.52 63.37 -3.08
C ASN D 187 44.55 64.25 -2.28
N SER D 188 43.87 63.66 -1.30
CA SER D 188 43.00 64.45 -0.42
C SER D 188 43.83 65.40 0.44
N PHE D 189 45.05 65.02 0.79
CA PHE D 189 45.93 65.91 1.54
C PHE D 189 46.22 67.19 0.76
N LEU D 190 46.53 67.06 -0.52
CA LEU D 190 46.79 68.23 -1.35
C LEU D 190 45.50 68.96 -1.72
N GLU D 191 44.38 68.24 -1.81
CA GLU D 191 43.10 68.91 -2.05
C GLU D 191 42.73 69.81 -0.89
N GLN D 192 42.88 69.31 0.35
CA GLN D 192 42.60 70.14 1.52
C GLN D 192 43.71 71.16 1.74
N PHE D 193 44.95 70.77 1.55
CA PHE D 193 46.09 71.64 1.83
C PHE D 193 46.80 72.08 0.55
N LYS D 197 43.49 75.14 1.94
CA LYS D 197 44.58 75.60 2.78
C LYS D 197 45.77 76.11 1.96
N LEU D 198 45.61 76.17 0.64
CA LEU D 198 46.69 76.66 -0.22
C LEU D 198 47.16 78.08 0.15
N PRO D 199 46.29 79.04 0.46
CA PRO D 199 46.82 80.34 0.93
C PRO D 199 47.70 80.21 2.17
N GLU D 200 47.41 79.26 3.05
CA GLU D 200 48.29 78.97 4.18
C GLU D 200 49.27 77.85 3.89
N ALA D 201 49.29 77.33 2.65
CA ALA D 201 50.40 76.50 2.20
C ALA D 201 51.65 77.34 1.92
N CYS D 202 51.51 78.65 1.89
CA CYS D 202 52.61 79.60 1.88
C CYS D 202 52.57 80.44 3.16
N SER D 203 52.37 79.78 4.29
CA SER D 203 52.07 80.45 5.55
C SER D 203 53.25 81.30 6.02
N ILE D 204 52.96 82.16 7.00
CA ILE D 204 53.95 83.08 7.54
C ILE D 204 54.80 82.33 8.57
N GLY D 205 56.01 81.95 8.18
CA GLY D 205 56.93 81.38 9.14
C GLY D 205 57.91 82.42 9.66
N ASP D 206 57.60 83.02 10.81
CA ASP D 206 58.47 84.00 11.43
C ASP D 206 58.64 83.83 12.93
N GLY D 207 57.73 83.16 13.62
CA GLY D 207 57.76 83.08 15.07
C GLY D 207 56.37 83.22 15.66
N LYS D 208 55.38 83.44 14.81
CA LYS D 208 54.00 83.58 15.25
C LYS D 208 53.52 82.25 15.82
N PRO D 209 52.46 82.26 16.64
CA PRO D 209 52.04 81.03 17.31
C PRO D 209 51.67 79.92 16.33
N PHE D 210 51.96 78.69 16.73
CA PHE D 210 51.67 77.49 15.95
C PHE D 210 52.43 77.48 14.62
N ASN D 213 53.88 82.62 20.64
CA ASN D 213 54.09 82.22 22.03
C ASN D 213 53.76 80.74 22.22
N LEU D 214 52.60 80.32 21.72
CA LEU D 214 52.21 78.92 21.77
C LEU D 214 52.99 78.05 20.80
N GLN D 215 53.79 78.64 19.92
CA GLN D 215 54.62 77.91 18.96
C GLN D 215 55.87 77.31 19.59
N ASP D 216 55.94 77.26 20.92
CA ASP D 216 57.07 76.62 21.59
C ASP D 216 57.14 75.12 21.31
N LEU D 217 56.03 74.51 20.88
CA LEU D 217 56.00 73.09 20.54
C LEU D 217 56.54 72.87 19.13
N GLU E 2 76.25 89.99 -3.83
CA GLU E 2 75.43 88.92 -3.29
C GLU E 2 74.11 88.87 -4.04
N GLU E 3 73.95 89.78 -5.01
CA GLU E 3 72.73 89.82 -5.80
C GLU E 3 72.53 88.53 -6.59
N LEU E 4 73.61 87.86 -6.97
CA LEU E 4 73.53 86.60 -7.71
C LEU E 4 73.09 85.44 -6.83
N GLU E 5 72.79 85.68 -5.56
CA GLU E 5 72.27 84.65 -4.66
C GLU E 5 70.96 85.05 -4.00
N GLN E 6 70.82 86.31 -3.58
CA GLN E 6 69.58 86.75 -2.96
C GLN E 6 68.44 86.79 -3.96
N GLY E 7 68.68 87.36 -5.14
CA GLY E 7 67.69 87.37 -6.19
C GLY E 7 67.62 86.09 -6.99
N LEU E 8 68.57 85.19 -6.80
CA LEU E 8 68.58 83.90 -7.49
C LEU E 8 67.59 82.91 -6.89
N LEU E 9 67.33 83.01 -5.59
CA LEU E 9 66.45 82.07 -4.90
C LEU E 9 65.00 82.23 -5.38
N PRO E 12 64.77 73.42 -4.91
CA PRO E 12 64.55 72.72 -3.63
C PRO E 12 65.36 71.43 -3.56
N TRP E 13 65.63 71.01 -2.33
CA TRP E 13 66.35 69.77 -2.08
C TRP E 13 65.67 68.57 -2.73
N TRP E 15 69.56 68.37 -0.80
CA TRP E 15 70.14 67.72 0.38
C TRP E 15 71.41 66.98 0.00
N LEU E 16 72.41 67.72 -0.48
CA LEU E 16 73.68 67.12 -0.87
C LEU E 16 74.43 66.60 0.35
N GLN E 17 74.89 65.36 0.28
CA GLN E 17 75.63 64.73 1.37
C GLN E 17 77.11 65.01 1.17
N LEU E 18 77.67 65.87 2.02
CA LEU E 18 79.08 66.23 1.95
C LEU E 18 79.89 65.31 2.84
N ALA E 19 81.15 65.67 3.07
CA ALA E 19 82.06 64.81 3.82
C ALA E 19 81.58 64.58 5.25
N GLU E 20 81.10 65.63 5.91
CA GLU E 20 80.69 65.53 7.31
C GLU E 20 79.28 66.03 7.57
N ASN E 21 78.55 66.49 6.56
CA ASN E 21 77.19 66.99 6.78
C ASN E 21 76.39 66.85 5.50
N SER E 22 75.06 66.83 5.67
CA SER E 22 74.11 66.80 4.57
C SER E 22 73.39 68.14 4.53
N LEU E 23 73.58 68.89 3.44
CA LEU E 23 73.07 70.25 3.34
C LEU E 23 72.25 70.39 2.08
N LEU E 24 71.16 71.17 2.17
CA LEU E 24 70.29 71.39 1.04
C LEU E 24 71.03 72.16 -0.06
N ALA E 25 70.80 71.76 -1.31
CA ALA E 25 71.44 72.38 -2.46
C ALA E 25 70.47 73.36 -3.11
N LYS E 26 70.35 74.53 -2.49
CA LYS E 26 69.48 75.59 -3.01
C LYS E 26 70.28 76.53 -3.91
N VAL E 27 70.73 75.97 -5.03
CA VAL E 27 71.51 76.70 -6.03
C VAL E 27 70.80 76.57 -7.37
N PHE E 28 70.65 77.70 -8.05
CA PHE E 28 70.03 77.76 -9.38
C PHE E 28 71.10 78.27 -10.35
N ILE E 29 71.82 77.34 -10.97
CA ILE E 29 72.94 77.71 -11.83
C ILE E 29 72.41 78.34 -13.11
N THR E 30 72.94 79.52 -13.44
CA THR E 30 72.58 80.21 -14.67
C THR E 30 73.82 80.47 -15.51
N LYS E 31 73.65 81.16 -16.64
CA LYS E 31 74.78 81.48 -17.50
C LYS E 31 75.62 82.63 -16.95
N GLN E 32 75.14 83.36 -15.96
CA GLN E 32 75.87 84.48 -15.39
C GLN E 32 76.62 84.13 -14.12
N GLY E 33 76.49 82.91 -13.61
CA GLY E 33 77.19 82.51 -12.42
C GLY E 33 76.44 81.42 -11.69
N TYR E 34 76.96 81.05 -10.53
CA TYR E 34 76.38 80.00 -9.70
C TYR E 34 76.92 80.13 -8.29
N ALA E 35 76.01 80.16 -7.32
CA ALA E 35 76.38 80.27 -5.91
C ALA E 35 75.61 79.23 -5.12
N LEU E 36 76.33 78.27 -4.54
CA LEU E 36 75.70 77.17 -3.82
C LEU E 36 75.29 77.65 -2.43
N LEU E 37 74.03 77.43 -2.08
CA LEU E 37 73.50 77.83 -0.77
C LEU E 37 73.44 76.59 0.12
N VAL E 38 74.34 76.52 1.10
CA VAL E 38 74.42 75.38 2.02
C VAL E 38 74.17 75.89 3.44
N SER E 39 73.21 75.28 4.13
CA SER E 39 72.92 75.61 5.52
C SER E 39 73.69 74.62 6.40
N ASP E 40 74.95 74.95 6.69
CA ASP E 40 75.83 74.04 7.41
C ASP E 40 75.39 73.80 8.85
N LEU E 41 74.46 74.60 9.37
CA LEU E 41 74.04 74.57 10.77
C LEU E 41 75.15 74.95 11.72
N GLN E 42 76.22 75.57 11.23
CA GLN E 42 77.29 76.06 12.10
C GLN E 42 77.69 77.51 11.83
N GLN E 43 77.69 77.94 10.57
CA GLN E 43 78.25 79.24 10.22
C GLN E 43 77.47 79.87 9.08
N VAL E 44 77.32 81.20 9.15
CA VAL E 44 76.72 82.00 8.08
C VAL E 44 77.83 82.47 7.15
N TRP E 45 77.64 82.26 5.85
CA TRP E 45 78.65 82.60 4.86
C TRP E 45 78.07 83.50 3.77
N HIS E 46 78.83 83.70 2.70
CA HIS E 46 78.38 84.49 1.55
C HIS E 46 78.90 83.84 0.27
N GLU E 47 78.05 83.07 -0.39
CA GLU E 47 78.44 82.40 -1.63
C GLU E 47 78.40 83.41 -2.78
N GLN E 48 79.56 83.69 -3.36
CA GLN E 48 79.69 84.67 -4.42
C GLN E 48 80.36 84.03 -5.63
N VAL E 49 79.95 84.47 -6.82
CA VAL E 49 80.48 83.94 -8.08
C VAL E 49 80.83 85.10 -9.00
N ASP E 50 82.01 85.03 -9.62
CA ASP E 50 82.46 86.00 -10.59
C ASP E 50 83.30 85.27 -11.63
N THR E 51 83.44 85.89 -12.80
CA THR E 51 84.25 85.27 -13.85
C THR E 51 85.70 85.09 -13.42
N SER E 52 86.23 86.05 -12.66
CA SER E 52 87.62 85.96 -12.21
C SER E 52 87.82 84.78 -11.25
N VAL E 53 86.90 84.59 -10.31
CA VAL E 53 87.07 83.51 -9.34
C VAL E 53 86.90 82.16 -10.01
N VAL E 54 85.98 82.04 -10.96
CA VAL E 54 85.84 80.79 -11.70
C VAL E 54 87.11 80.50 -12.49
N SER E 55 87.65 81.53 -13.15
CA SER E 55 88.86 81.35 -13.94
C SER E 55 90.02 80.89 -13.07
N GLN E 56 90.25 81.58 -11.94
CA GLN E 56 91.38 81.23 -11.09
C GLN E 56 91.21 79.86 -10.46
N ARG E 57 90.00 79.53 -10.00
CA ARG E 57 89.78 78.21 -9.41
C ARG E 57 90.04 77.12 -10.44
N ALA E 58 89.48 77.28 -11.64
CA ALA E 58 89.67 76.27 -12.68
C ALA E 58 91.14 76.12 -13.07
N LYS E 59 91.87 77.23 -13.18
CA LYS E 59 93.24 77.16 -13.66
C LYS E 59 94.24 76.68 -12.61
N GLU E 60 94.08 77.04 -11.34
CA GLU E 60 95.12 76.74 -10.36
C GLU E 60 94.66 75.96 -9.13
N LEU E 61 93.42 75.45 -9.11
CA LEU E 61 93.02 74.64 -7.96
C LEU E 61 93.84 73.36 -7.87
N ASN E 62 94.11 72.71 -8.99
CA ASN E 62 94.93 71.52 -9.05
C ASN E 62 95.98 71.68 -10.14
N LYS E 63 97.12 71.01 -9.94
CA LYS E 63 98.22 71.12 -10.89
C LYS E 63 97.83 70.54 -12.25
N ARG E 64 96.96 69.54 -12.27
CA ARG E 64 96.48 68.94 -13.51
C ARG E 64 95.15 69.52 -13.97
N LEU E 65 94.60 70.49 -13.24
CA LEU E 65 93.32 71.09 -13.57
C LEU E 65 93.55 72.52 -14.06
N THR E 66 93.13 72.79 -15.28
CA THR E 66 93.28 74.13 -15.87
C THR E 66 92.17 74.30 -16.89
N ALA E 67 91.29 75.28 -16.67
CA ALA E 67 90.17 75.53 -17.56
C ALA E 67 89.82 77.01 -17.56
N PRO E 68 89.23 77.50 -18.65
CA PRO E 68 88.72 78.87 -18.67
C PRO E 68 87.47 78.99 -17.82
N PRO E 69 87.10 80.21 -17.41
CA PRO E 69 85.87 80.36 -16.60
C PRO E 69 84.61 80.06 -17.39
N ALA E 70 84.57 80.45 -18.66
CA ALA E 70 83.39 80.19 -19.48
C ALA E 70 83.11 78.71 -19.59
N ALA E 71 84.15 77.88 -19.57
CA ALA E 71 83.96 76.43 -19.59
C ALA E 71 83.05 75.97 -18.46
N PHE E 72 83.47 76.23 -17.21
CA PHE E 72 82.67 75.81 -16.06
C PHE E 72 81.31 76.50 -16.05
N LEU E 73 81.28 77.80 -16.35
CA LEU E 73 80.01 78.52 -16.32
C LEU E 73 78.99 77.90 -17.26
N CYS E 74 79.36 77.74 -18.53
CA CYS E 74 78.42 77.22 -19.52
C CYS E 74 78.12 75.75 -19.30
N HIS E 75 79.10 74.95 -18.88
CA HIS E 75 78.85 73.51 -18.83
C HIS E 75 78.14 73.13 -17.53
N LEU E 76 78.15 74.02 -16.52
CA LEU E 76 77.18 73.95 -15.43
C LEU E 76 75.81 74.45 -15.84
N ASP E 77 75.75 75.47 -16.70
CA ASP E 77 74.47 75.92 -17.19
C ASP E 77 73.76 74.80 -17.94
N ASN E 78 74.51 74.01 -18.71
CA ASN E 78 73.96 72.83 -19.36
C ASN E 78 73.72 71.68 -18.38
N LEU E 79 74.29 71.75 -17.18
CA LEU E 79 74.12 70.70 -16.18
C LEU E 79 72.75 70.83 -15.50
N ALA E 93 80.42 60.09 -6.51
CA ALA E 93 79.74 61.36 -6.35
C ALA E 93 79.95 61.93 -4.96
N THR E 94 81.14 61.70 -4.40
CA THR E 94 81.46 62.20 -3.08
C THR E 94 81.63 63.72 -3.11
N PHE E 95 81.51 64.33 -1.93
CA PHE E 95 81.67 65.77 -1.77
C PHE E 95 82.67 66.02 -0.65
N SER E 96 83.71 66.79 -0.95
CA SER E 96 84.77 67.09 0.00
C SER E 96 84.56 68.47 0.62
N CYS E 97 84.84 68.58 1.91
CA CYS E 97 84.67 69.82 2.65
C CYS E 97 86.02 70.43 2.97
N ASP E 98 86.26 71.64 2.48
CA ASP E 98 87.43 72.44 2.79
C ASP E 98 86.93 73.70 3.49
N CYS E 99 86.80 73.63 4.81
CA CYS E 99 86.18 74.69 5.60
C CYS E 99 87.15 75.26 6.61
N VAL E 100 87.07 76.57 6.82
CA VAL E 100 87.82 77.27 7.85
C VAL E 100 86.92 77.86 8.92
N ALA E 101 85.64 77.49 8.91
CA ALA E 101 84.61 77.84 9.90
C ALA E 101 84.16 79.29 9.81
N ASP E 102 84.81 80.13 9.01
CA ASP E 102 84.32 81.48 8.77
C ASP E 102 84.36 81.93 7.32
N ALA E 103 85.20 81.33 6.48
CA ALA E 103 85.35 81.72 5.08
C ALA E 103 85.38 80.46 4.20
N LEU E 104 84.40 79.59 4.40
CA LEU E 104 84.37 78.28 3.74
C LEU E 104 84.65 78.37 2.26
N ILE E 105 85.76 77.74 1.85
CA ILE E 105 86.06 77.57 0.42
C ILE E 105 85.47 76.21 0.05
N LEU E 106 84.17 76.22 -0.26
CA LEU E 106 83.43 74.98 -0.43
C LEU E 106 83.84 74.27 -1.72
N ARG E 107 83.87 72.95 -1.66
CA ARG E 107 84.28 72.09 -2.79
C ARG E 107 83.09 71.20 -3.15
N VAL E 108 82.46 71.50 -4.28
CA VAL E 108 81.35 70.70 -4.79
C VAL E 108 81.92 69.73 -5.83
N ARG E 109 82.30 68.53 -5.37
CA ARG E 109 82.89 67.51 -6.23
C ARG E 109 81.76 66.77 -6.95
N SER E 110 81.31 67.37 -8.06
CA SER E 110 80.24 66.80 -8.88
C SER E 110 80.85 66.22 -10.16
N GLU E 111 80.00 65.59 -10.96
CA GLU E 111 80.42 65.03 -12.25
C GLU E 111 80.33 66.11 -13.32
N LEU E 112 81.37 66.95 -13.35
CA LEU E 112 81.40 68.09 -14.24
C LEU E 112 82.72 68.10 -14.98
N SER E 113 82.69 68.54 -16.23
CA SER E 113 83.90 68.69 -17.05
C SER E 113 84.64 67.37 -17.23
N GLY E 114 83.95 66.25 -17.08
CA GLY E 114 84.54 64.94 -17.27
C GLY E 114 85.34 64.43 -16.10
N LEU E 115 85.42 65.19 -15.02
CA LEU E 115 86.15 64.82 -13.81
C LEU E 115 85.29 65.11 -12.60
N PRO E 116 85.70 64.67 -11.41
CA PRO E 116 85.12 65.24 -10.20
C PRO E 116 85.32 66.74 -10.19
N PHE E 117 84.23 67.48 -10.00
CA PHE E 117 84.25 68.93 -10.18
C PHE E 117 85.09 69.55 -9.06
N TYR E 118 86.32 69.92 -9.40
CA TYR E 118 87.23 70.56 -8.45
C TYR E 118 86.93 72.06 -8.49
N TRP E 119 86.14 72.52 -7.52
CA TRP E 119 85.64 73.89 -7.53
C TRP E 119 85.76 74.51 -6.14
N ASN E 120 85.87 75.84 -6.11
CA ASN E 120 85.98 76.60 -4.87
C ASN E 120 84.81 77.56 -4.77
N PHE E 121 83.85 77.22 -3.91
CA PHE E 121 82.80 78.18 -3.50
C PHE E 121 83.33 78.97 -2.32
N HIS E 122 83.82 80.18 -2.58
CA HIS E 122 84.36 81.02 -1.52
C HIS E 122 83.24 81.59 -0.67
N CYS E 123 82.54 80.72 0.06
CA CYS E 123 81.41 81.11 0.87
C CYS E 123 81.87 81.92 2.09
N LEU E 125 76.79 79.16 2.84
CA LEU E 125 75.57 79.88 3.19
C LEU E 125 75.61 81.27 2.54
N ALA E 126 74.53 82.04 2.72
CA ALA E 126 74.39 83.34 2.09
C ALA E 126 74.04 84.40 3.14
N SER E 127 73.59 85.57 2.68
CA SER E 127 73.32 86.68 3.58
C SER E 127 72.33 86.26 4.66
N PRO E 128 72.48 86.75 5.89
CA PRO E 128 71.70 86.18 7.00
C PRO E 128 70.21 86.49 6.93
N SER E 129 69.83 87.75 6.67
CA SER E 129 68.44 88.16 6.84
C SER E 129 67.53 87.58 5.75
N LEU E 130 67.81 87.92 4.49
CA LEU E 130 66.93 87.50 3.40
C LEU E 130 66.90 85.99 3.26
N VAL E 131 68.07 85.35 3.28
CA VAL E 131 68.10 83.89 3.17
C VAL E 131 67.56 83.21 4.43
N SER E 132 67.68 83.85 5.59
CA SER E 132 67.03 83.32 6.79
C SER E 132 65.52 83.31 6.61
N GLN E 133 64.96 84.40 6.07
CA GLN E 133 63.54 84.42 5.75
C GLN E 133 63.18 83.35 4.73
N HIS E 134 64.03 83.17 3.72
CA HIS E 134 63.74 82.22 2.64
C HIS E 134 63.72 80.78 3.15
N LEU E 135 64.76 80.39 3.89
CA LEU E 135 64.93 79.00 4.31
C LEU E 135 64.86 78.81 5.82
N ILE E 136 65.64 79.58 6.57
CA ILE E 136 65.76 79.36 8.02
C ILE E 136 64.42 79.63 8.71
N ARG E 137 63.80 80.76 8.40
CA ARG E 137 62.56 81.15 9.04
C ARG E 137 61.35 80.77 8.20
N SER E 143 56.16 75.76 8.39
CA SER E 143 55.99 76.36 9.71
C SER E 143 54.54 76.22 10.19
N LEU E 144 53.71 77.23 9.90
CA LEU E 144 52.30 77.15 10.28
C LEU E 144 51.58 76.04 9.52
N ALA E 145 52.11 75.61 8.37
CA ALA E 145 51.41 74.64 7.54
C ALA E 145 51.26 73.29 8.24
N LEU E 146 52.24 72.89 9.06
CA LEU E 146 52.11 71.65 9.81
C LEU E 146 50.94 71.71 10.79
N GLN E 147 50.81 72.83 11.50
CA GLN E 147 49.64 73.04 12.33
C GLN E 147 48.37 73.18 11.50
N CYS E 148 48.48 73.62 10.24
CA CYS E 148 47.32 73.63 9.36
C CYS E 148 46.84 72.22 9.07
N GLN E 149 47.77 71.30 8.80
CA GLN E 149 47.37 69.90 8.69
C GLN E 149 46.88 69.36 10.02
N VAL E 150 47.36 69.93 11.13
CA VAL E 150 46.84 69.52 12.44
C VAL E 150 45.35 69.83 12.55
N ARG E 151 44.95 71.07 12.22
CA ARG E 151 43.52 71.35 12.18
C ARG E 151 42.79 70.56 11.09
N GLU E 152 43.44 70.26 9.96
CA GLU E 152 42.76 69.47 8.95
C GLU E 152 42.42 68.08 9.48
N LEU E 153 43.37 67.44 10.16
CA LEU E 153 43.12 66.16 10.79
C LEU E 153 42.09 66.27 11.90
N ALA E 154 42.13 67.36 12.67
CA ALA E 154 41.13 67.57 13.72
C ALA E 154 39.72 67.68 13.14
N THR E 155 39.57 68.42 12.05
CA THR E 155 38.27 68.56 11.40
C THR E 155 37.81 67.24 10.82
N LEU E 156 38.72 66.49 10.19
CA LEU E 156 38.38 65.15 9.72
C LEU E 156 38.09 64.19 10.87
N LEU E 157 38.52 64.53 12.09
CA LEU E 157 38.25 63.72 13.28
C LEU E 157 37.07 64.24 14.09
N HIS E 158 36.74 65.56 14.03
CA HIS E 158 35.97 66.23 15.10
C HIS E 158 34.58 65.64 15.30
N MET E 159 33.71 65.76 14.30
CA MET E 159 32.39 65.17 14.35
C MET E 159 32.37 63.75 13.78
N LYS E 160 33.50 63.27 13.24
CA LYS E 160 33.61 61.86 12.93
C LYS E 160 33.35 61.01 14.15
N ASP E 161 33.78 61.47 15.32
CA ASP E 161 33.43 60.79 16.57
C ASP E 161 31.92 60.81 16.79
N LEU E 162 31.26 61.91 16.44
CA LEU E 162 29.80 61.96 16.55
C LEU E 162 29.16 60.92 15.64
N GLU E 163 29.70 60.75 14.43
CA GLU E 163 29.20 59.70 13.54
C GLU E 163 29.46 58.31 14.14
N ILE E 164 30.58 58.16 14.86
CA ILE E 164 30.86 56.90 15.54
C ILE E 164 29.82 56.62 16.61
N GLN E 165 29.46 57.63 17.40
CA GLN E 165 28.39 57.44 18.38
C GLN E 165 27.05 57.15 17.70
N ASP E 166 26.79 57.76 16.55
CA ASP E 166 25.58 57.44 15.81
C ASP E 166 25.58 55.96 15.41
N TYR E 167 26.72 55.47 14.91
CA TYR E 167 26.83 54.06 14.57
C TYR E 167 26.61 53.18 15.80
N GLN E 168 27.22 53.56 16.93
CA GLN E 168 27.09 52.76 18.14
C GLN E 168 25.63 52.71 18.61
N GLU E 169 24.92 53.84 18.55
CA GLU E 169 23.51 53.85 18.90
C GLU E 169 22.70 52.97 17.96
N SER E 170 23.01 53.02 16.66
CA SER E 170 22.29 52.17 15.71
C SER E 170 22.62 50.70 15.93
N GLY E 171 23.88 50.37 16.17
CA GLY E 171 24.26 48.98 16.36
C GLY E 171 25.70 48.88 16.82
N ALA E 172 26.15 47.62 16.97
CA ALA E 172 27.51 47.38 17.44
C ALA E 172 28.19 46.21 16.72
N THR E 173 27.56 45.63 15.70
CA THR E 173 28.16 44.50 15.02
C THR E 173 29.41 44.92 14.25
N LEU E 174 30.41 44.04 14.24
CA LEU E 174 31.68 44.32 13.57
C LEU E 174 32.38 42.99 13.35
N ILE E 175 32.59 42.64 12.07
CA ILE E 175 33.21 41.36 11.76
C ILE E 175 34.62 41.29 12.30
N ARG E 176 35.40 42.35 12.07
CA ARG E 176 36.76 42.45 12.63
C ARG E 176 36.72 43.21 13.95
N ASP E 177 35.95 42.67 14.89
CA ASP E 177 35.86 43.27 16.22
C ASP E 177 37.18 43.21 16.98
N ARG E 178 38.10 42.35 16.54
CA ARG E 178 39.44 42.35 17.12
C ARG E 178 40.12 43.71 16.94
N LEU E 179 39.89 44.36 15.81
CA LEU E 179 40.43 45.68 15.52
C LEU E 179 39.31 46.69 15.80
N LYS E 180 39.17 47.07 17.07
CA LYS E 180 38.11 47.97 17.49
C LYS E 180 38.55 48.69 18.76
N THR E 181 38.38 50.01 18.78
CA THR E 181 38.64 50.81 19.96
C THR E 181 37.76 52.05 19.93
N GLU E 182 37.58 52.67 21.09
CA GLU E 182 36.69 53.82 21.22
C GLU E 182 37.26 55.03 20.48
N PRO E 183 36.40 55.92 20.01
CA PRO E 183 36.89 57.15 19.37
C PRO E 183 37.71 58.00 20.33
N PHE E 184 38.79 58.57 19.81
CA PHE E 184 39.72 59.38 20.58
C PHE E 184 39.81 60.78 19.98
N GLU E 185 40.74 61.57 20.51
CA GLU E 185 41.03 62.90 20.02
C GLU E 185 42.53 63.03 19.77
N GLU E 186 42.92 64.00 18.95
CA GLU E 186 44.33 64.25 18.71
C GLU E 186 45.05 64.76 19.94
N ASN E 187 44.32 65.14 21.00
CA ASN E 187 44.96 65.60 22.22
C ASN E 187 45.87 64.55 22.83
N SER E 188 45.56 63.27 22.62
CA SER E 188 46.45 62.22 23.11
C SER E 188 47.83 62.34 22.49
N PHE E 189 47.89 62.55 21.18
CA PHE E 189 49.17 62.74 20.51
C PHE E 189 49.77 64.11 20.81
N LEU E 190 48.94 65.10 21.10
CA LEU E 190 49.46 66.40 21.52
C LEU E 190 50.10 66.33 22.89
N GLU E 191 49.67 65.37 23.72
CA GLU E 191 50.20 65.18 25.06
C GLU E 191 51.40 64.25 25.11
N GLN E 192 51.27 63.01 24.64
CA GLN E 192 52.32 62.01 24.79
C GLN E 192 53.01 61.66 23.48
N PHE E 193 52.71 62.39 22.40
CA PHE E 193 53.41 62.18 21.15
C PHE E 193 54.09 63.47 20.69
N MET E 194 53.74 64.60 21.30
CA MET E 194 54.56 65.79 21.15
C MET E 194 55.67 65.75 22.19
N ILE E 195 56.33 64.60 22.27
CA ILE E 195 57.44 64.33 23.17
C ILE E 195 58.01 62.98 22.77
N GLU E 196 59.33 62.82 22.90
CA GLU E 196 60.02 61.58 22.55
C GLU E 196 59.90 61.26 21.06
N LYS E 197 59.29 62.17 20.29
CA LYS E 197 59.13 62.01 18.85
C LYS E 197 59.87 63.08 18.06
N LEU E 198 59.69 64.35 18.41
CA LEU E 198 60.48 65.42 17.83
C LEU E 198 61.97 65.25 18.15
N PRO E 199 62.36 64.79 19.35
CA PRO E 199 63.78 64.50 19.60
C PRO E 199 64.38 63.44 18.67
N GLU E 200 63.58 62.74 17.86
CA GLU E 200 64.15 61.82 16.89
C GLU E 200 65.05 62.56 15.90
N ALA E 201 64.61 63.72 15.45
CA ALA E 201 65.40 64.60 14.59
C ALA E 201 65.43 65.97 15.27
N CYS E 202 66.40 66.16 16.17
CA CYS E 202 66.50 67.40 16.92
C CYS E 202 67.88 67.99 17.02
N SER E 203 68.94 67.24 16.70
CA SER E 203 70.30 67.73 16.82
C SER E 203 70.83 68.21 15.46
N ILE E 204 71.73 69.19 15.52
CA ILE E 204 72.31 69.73 14.29
C ILE E 204 73.78 69.31 14.20
N GLY E 205 74.03 68.17 13.59
CA GLY E 205 75.38 67.70 13.30
C GLY E 205 75.57 67.51 11.82
N ASP E 206 75.63 66.24 11.39
CA ASP E 206 75.56 65.93 9.97
C ASP E 206 74.24 66.41 9.38
N GLY E 207 73.14 66.22 10.11
CA GLY E 207 71.84 66.66 9.66
C GLY E 207 70.88 65.52 9.40
N LYS E 208 69.74 65.52 10.09
CA LYS E 208 68.69 64.55 9.84
C LYS E 208 68.21 64.74 8.41
N PRO E 209 67.74 63.66 7.74
CA PRO E 209 67.36 63.79 6.33
C PRO E 209 66.40 64.93 6.06
N PHE E 210 66.88 65.94 5.32
CA PHE E 210 66.11 67.12 4.99
C PHE E 210 65.51 67.05 3.60
N VAL E 211 65.65 65.90 2.92
CA VAL E 211 65.07 65.72 1.60
C VAL E 211 63.55 65.74 1.64
N MET E 212 62.95 65.46 2.79
CA MET E 212 61.52 65.54 2.99
C MET E 212 61.16 66.95 3.46
N ASN E 213 59.94 67.12 3.98
CA ASN E 213 59.43 68.40 4.47
C ASN E 213 59.26 69.40 3.33
N LEU E 214 58.80 68.91 2.17
CA LEU E 214 58.48 69.79 1.06
C LEU E 214 57.31 70.69 1.37
N GLN E 215 56.34 70.23 2.17
CA GLN E 215 55.18 71.03 2.52
C GLN E 215 54.92 70.98 4.03
N ALA E 220 59.18 72.97 3.03
CA ALA E 220 59.61 74.04 2.14
C ALA E 220 58.52 75.08 1.96
N VAL E 221 57.61 75.16 2.94
CA VAL E 221 56.50 76.10 2.86
C VAL E 221 57.02 77.54 2.86
N THR E 222 57.99 77.83 3.72
CA THR E 222 58.58 79.15 3.76
C THR E 222 59.27 79.48 2.44
N THR E 223 59.85 78.48 1.78
CA THR E 223 60.45 78.70 0.46
C THR E 223 59.40 79.12 -0.57
N GLN E 224 58.24 78.45 -0.56
CA GLN E 224 57.18 78.83 -1.48
C GLN E 224 56.63 80.22 -1.16
N MET F 1 108.74 52.75 -28.67
CA MET F 1 109.84 53.38 -29.38
C MET F 1 109.60 53.29 -30.89
N GLU F 2 108.68 52.41 -31.28
CA GLU F 2 108.34 52.26 -32.68
C GLU F 2 107.57 53.46 -33.18
N ARG F 3 107.53 53.60 -34.51
CA ARG F 3 106.83 54.69 -35.18
C ARG F 3 105.55 54.15 -35.78
N LYS F 4 104.41 54.73 -35.38
CA LYS F 4 103.10 54.30 -35.85
C LYS F 4 102.55 55.35 -36.81
N ILE F 5 102.00 54.89 -37.92
CA ILE F 5 101.66 55.75 -39.04
C ILE F 5 100.26 56.33 -38.82
N SER F 6 100.18 57.63 -38.59
CA SER F 6 98.91 58.33 -38.41
C SER F 6 98.94 59.60 -39.25
N ARG F 7 98.36 59.55 -40.44
CA ARG F 7 98.31 60.69 -41.35
C ARG F 7 97.08 61.53 -40.98
N ILE F 8 97.29 62.47 -40.06
CA ILE F 8 96.21 63.36 -39.67
C ILE F 8 95.89 64.31 -40.82
N HIS F 9 94.61 64.41 -41.14
CA HIS F 9 94.17 65.18 -42.31
C HIS F 9 94.08 66.65 -41.92
N LEU F 10 95.02 67.45 -42.43
CA LEU F 10 95.07 68.87 -42.09
C LEU F 10 94.04 69.62 -42.94
N VAL F 11 92.97 70.09 -42.28
CA VAL F 11 92.01 70.95 -42.98
C VAL F 11 92.65 72.29 -43.31
N SER F 12 93.52 72.80 -42.44
CA SER F 12 94.17 74.08 -42.67
C SER F 12 95.27 73.99 -43.72
N GLU F 13 95.92 72.83 -43.85
CA GLU F 13 97.02 72.63 -44.78
C GLU F 13 96.76 71.39 -45.63
N PRO F 14 95.85 71.48 -46.60
CA PRO F 14 95.62 70.33 -47.49
C PRO F 14 96.82 69.98 -48.35
N SER F 15 97.72 70.93 -48.61
CA SER F 15 98.89 70.67 -49.43
C SER F 15 100.03 70.05 -48.62
N ILE F 16 100.41 70.69 -47.52
CA ILE F 16 101.47 70.18 -46.64
C ILE F 16 100.79 69.28 -45.61
N THR F 17 100.93 67.96 -45.80
CA THR F 17 100.36 67.01 -44.87
C THR F 17 101.15 66.98 -43.57
N HIS F 18 100.69 66.16 -42.63
CA HIS F 18 101.38 65.97 -41.36
C HIS F 18 101.07 64.56 -40.86
N PHE F 19 102.12 63.79 -40.59
CA PHE F 19 101.97 62.46 -40.01
C PHE F 19 102.45 62.50 -38.57
N LEU F 20 101.56 62.16 -37.63
CA LEU F 20 101.92 62.06 -36.22
C LEU F 20 102.51 60.67 -35.98
N GLN F 21 103.70 60.46 -36.54
CA GLN F 21 104.40 59.17 -36.43
C GLN F 21 104.95 59.06 -35.01
N VAL F 22 104.06 58.73 -34.08
CA VAL F 22 104.40 58.73 -32.67
C VAL F 22 105.48 57.69 -32.40
N SER F 23 106.50 58.10 -31.66
CA SER F 23 107.53 57.21 -31.15
C SER F 23 107.36 57.19 -29.64
N TRP F 24 106.45 56.34 -29.16
CA TRP F 24 106.01 56.38 -27.78
C TRP F 24 106.91 55.51 -26.90
N GLU F 25 107.04 55.93 -25.64
CA GLU F 25 107.75 55.17 -24.63
C GLU F 25 106.82 54.10 -24.06
N LYS F 26 107.26 53.43 -22.99
CA LYS F 26 106.45 52.39 -22.35
C LYS F 26 105.48 53.01 -21.34
N THR F 27 104.71 53.98 -21.83
CA THR F 27 103.71 54.66 -21.02
C THR F 27 102.64 55.25 -21.93
N LEU F 28 101.40 55.25 -21.44
CA LEU F 28 100.28 55.83 -22.17
C LEU F 28 99.54 56.90 -21.39
N GLU F 29 99.31 56.69 -20.09
CA GLU F 29 98.59 57.67 -19.29
C GLU F 29 99.45 58.87 -18.95
N SER F 30 100.78 58.70 -18.90
CA SER F 30 101.69 59.80 -18.62
C SER F 30 102.13 60.43 -19.94
N GLY F 31 103.11 61.32 -19.87
CA GLY F 31 103.66 61.94 -21.06
C GLY F 31 104.27 60.92 -22.01
N PHE F 32 103.81 60.92 -23.26
CA PHE F 32 104.30 59.99 -24.27
C PHE F 32 104.92 60.78 -25.41
N VAL F 33 106.09 60.34 -25.87
CA VAL F 33 106.82 61.05 -26.91
C VAL F 33 106.05 60.90 -28.22
N ILE F 34 105.62 62.02 -28.79
CA ILE F 34 104.88 62.05 -30.05
C ILE F 34 105.74 62.76 -31.08
N THR F 35 105.94 62.12 -32.23
CA THR F 35 106.78 62.66 -33.29
C THR F 35 105.91 62.94 -34.52
N LEU F 36 106.22 64.04 -35.21
CA LEU F 36 105.43 64.52 -36.33
C LEU F 36 106.34 64.79 -37.52
N THR F 37 105.78 64.74 -38.72
CA THR F 37 106.51 65.06 -39.94
C THR F 37 105.53 65.58 -40.98
N ASP F 38 106.04 66.35 -41.94
CA ASP F 38 105.20 66.96 -42.96
C ASP F 38 105.54 66.57 -44.39
N GLY F 39 106.77 66.11 -44.64
CA GLY F 39 107.21 65.85 -46.00
C GLY F 39 108.57 66.45 -46.26
N HIS F 40 108.84 67.60 -45.66
CA HIS F 40 110.13 68.26 -45.76
C HIS F 40 110.66 68.72 -44.41
N SER F 41 109.94 68.47 -43.31
CA SER F 41 110.38 68.87 -41.98
C SER F 41 109.60 68.09 -40.95
N ALA F 42 110.31 67.36 -40.09
CA ALA F 42 109.69 66.56 -39.05
C ALA F 42 109.64 67.33 -37.73
N TRP F 43 108.64 67.01 -36.91
CA TRP F 43 108.43 67.66 -35.62
C TRP F 43 108.47 66.60 -34.53
N THR F 44 109.62 66.48 -33.87
CA THR F 44 109.77 65.57 -32.75
C THR F 44 109.74 66.34 -31.43
N GLY F 45 109.55 65.60 -30.33
CA GLY F 45 109.50 66.22 -29.02
C GLY F 45 109.07 65.28 -27.92
N THR F 46 109.47 65.57 -26.68
CA THR F 46 109.14 64.75 -25.52
C THR F 46 108.04 65.43 -24.71
N VAL F 47 106.95 64.71 -24.49
CA VAL F 47 105.81 65.24 -23.76
C VAL F 47 105.99 64.94 -22.27
N SER F 48 105.86 65.96 -21.43
CA SER F 48 106.04 65.82 -20.00
C SER F 48 104.76 65.29 -19.35
N GLU F 49 104.84 65.00 -18.06
CA GLU F 49 103.71 64.53 -17.28
C GLU F 49 103.11 65.67 -16.47
N SER F 50 101.82 65.52 -16.14
CA SER F 50 101.00 66.47 -15.40
C SER F 50 100.74 67.75 -16.18
N GLU F 51 101.27 67.89 -17.39
CA GLU F 51 101.00 69.03 -18.25
C GLU F 51 100.09 68.70 -19.42
N ILE F 52 100.13 67.47 -19.92
CA ILE F 52 99.24 67.07 -21.00
C ILE F 52 97.80 66.99 -20.53
N SER F 53 97.57 66.80 -19.23
CA SER F 53 96.22 66.74 -18.69
C SER F 53 95.65 68.11 -18.31
N GLN F 54 96.50 69.13 -18.22
CA GLN F 54 95.99 70.48 -18.00
C GLN F 54 95.12 70.93 -19.18
N GLU F 55 95.57 70.64 -20.40
CA GLU F 55 94.74 70.92 -21.56
C GLU F 55 93.55 69.95 -21.64
N ALA F 56 93.69 68.75 -21.08
CA ALA F 56 92.55 67.85 -20.98
C ALA F 56 91.45 68.46 -20.12
N ASP F 57 91.81 69.11 -19.00
CA ASP F 57 90.85 69.90 -18.25
C ASP F 57 90.39 71.12 -19.02
N ASP F 58 91.28 71.73 -19.82
CA ASP F 58 90.83 72.77 -20.74
C ASP F 58 89.80 72.24 -21.71
N MET F 59 90.02 71.01 -22.22
CA MET F 59 89.02 70.33 -23.03
C MET F 59 87.74 70.05 -22.24
N ALA F 60 87.84 69.92 -20.92
CA ALA F 60 86.69 69.69 -20.03
C ALA F 60 85.93 68.42 -20.42
N MET F 61 86.67 67.35 -20.70
CA MET F 61 86.07 66.05 -21.00
C MET F 61 86.59 65.00 -20.02
N GLU F 62 86.20 63.75 -20.27
CA GLU F 62 86.52 62.64 -19.39
C GLU F 62 87.99 62.29 -19.43
N LYS F 63 88.50 61.83 -18.29
CA LYS F 63 89.82 61.22 -18.21
C LYS F 63 89.68 59.72 -18.47
N GLY F 64 90.81 59.10 -18.81
CA GLY F 64 90.77 57.71 -19.25
C GLY F 64 90.39 57.60 -20.71
N LYS F 65 89.28 58.22 -21.11
CA LYS F 65 89.04 58.45 -22.53
C LYS F 65 90.13 59.31 -23.13
N TYR F 66 90.77 60.15 -22.32
CA TYR F 66 91.88 60.97 -22.79
C TYR F 66 93.06 60.11 -23.25
N VAL F 67 93.41 59.09 -22.44
CA VAL F 67 94.54 58.23 -22.79
C VAL F 67 94.23 57.42 -24.04
N GLY F 68 93.04 56.84 -24.10
CA GLY F 68 92.65 56.06 -25.27
C GLY F 68 92.59 56.91 -26.53
N GLU F 69 92.10 58.14 -26.41
CA GLU F 69 92.00 59.02 -27.56
C GLU F 69 93.39 59.48 -28.02
N LEU F 70 94.29 59.73 -27.07
CA LEU F 70 95.67 60.03 -27.42
C LEU F 70 96.30 58.86 -28.17
N ARG F 71 96.04 57.64 -27.71
CA ARG F 71 96.54 56.46 -28.43
C ARG F 71 95.94 56.36 -29.82
N LYS F 72 94.63 56.60 -29.96
CA LYS F 72 93.99 56.51 -31.27
C LYS F 72 94.57 57.53 -32.24
N ALA F 73 94.69 58.79 -31.80
CA ALA F 73 95.21 59.83 -32.67
C ALA F 73 96.68 59.61 -33.00
N LEU F 74 97.48 59.21 -32.00
CA LEU F 74 98.90 58.99 -32.22
C LEU F 74 99.14 57.77 -33.10
N LEU F 75 98.49 56.65 -32.78
CA LEU F 75 98.64 55.45 -33.58
C LEU F 75 97.77 55.55 -34.83
N SER F 76 97.78 54.47 -35.63
CA SER F 76 97.07 54.48 -36.90
C SER F 76 95.56 54.54 -36.68
N GLY F 77 94.91 55.42 -37.43
CA GLY F 77 93.46 55.51 -37.41
C GLY F 77 92.93 56.58 -36.48
N ALA F 78 92.44 57.68 -37.06
CA ALA F 78 91.81 58.73 -36.27
C ALA F 78 90.46 58.24 -35.75
N GLY F 79 90.24 58.36 -34.45
CA GLY F 79 89.06 57.83 -33.80
C GLY F 79 87.80 58.61 -34.10
N PRO F 80 86.79 57.92 -34.65
CA PRO F 80 85.49 58.59 -34.88
C PRO F 80 84.86 59.12 -33.61
N ALA F 81 85.14 58.52 -32.45
CA ALA F 81 84.42 58.87 -31.22
C ALA F 81 84.62 60.34 -30.85
N ASP F 82 85.86 60.81 -30.91
CA ASP F 82 86.19 62.21 -30.59
C ASP F 82 87.04 62.74 -31.73
N VAL F 83 86.38 63.28 -32.75
CA VAL F 83 87.07 63.79 -33.94
C VAL F 83 87.65 65.16 -33.63
N TYR F 84 88.95 65.33 -33.89
CA TYR F 84 89.63 66.59 -33.69
C TYR F 84 90.02 67.18 -35.04
N THR F 85 89.80 68.49 -35.20
CA THR F 85 90.29 69.18 -36.38
C THR F 85 91.82 69.19 -36.37
N PHE F 86 92.42 68.46 -37.31
CA PHE F 86 93.87 68.24 -37.32
C PHE F 86 94.55 69.52 -37.81
N ASN F 87 94.70 70.47 -36.88
CA ASN F 87 95.37 71.73 -37.18
C ASN F 87 96.82 71.66 -36.70
N PHE F 88 97.62 70.85 -37.40
CA PHE F 88 99.02 70.72 -37.08
C PHE F 88 99.76 71.98 -37.53
N SER F 89 99.88 72.94 -36.62
CA SER F 89 100.33 74.28 -36.98
C SER F 89 101.84 74.28 -37.23
N LYS F 90 102.24 74.57 -38.46
CA LYS F 90 103.63 74.85 -38.77
C LYS F 90 104.06 76.23 -38.31
N GLU F 91 103.11 77.17 -38.16
CA GLU F 91 103.41 78.52 -37.71
C GLU F 91 103.79 78.58 -36.24
N SER F 92 103.56 77.52 -35.48
CA SER F 92 103.92 77.51 -34.07
C SER F 92 104.65 76.25 -33.64
N CYS F 93 104.91 75.30 -34.54
CA CYS F 93 105.52 74.02 -34.20
C CYS F 93 104.75 73.31 -33.09
N TYR F 94 103.43 73.42 -33.15
CA TYR F 94 102.54 72.88 -32.12
C TYR F 94 101.36 72.22 -32.82
N PHE F 95 101.44 70.90 -33.00
CA PHE F 95 100.38 70.18 -33.68
C PHE F 95 99.17 70.02 -32.78
N PHE F 96 98.29 71.03 -32.77
CA PHE F 96 97.09 71.02 -31.95
C PHE F 96 95.93 70.50 -32.79
N PHE F 97 95.37 69.36 -32.38
CA PHE F 97 94.14 68.83 -32.95
C PHE F 97 93.10 68.78 -31.84
N GLU F 98 92.05 69.57 -31.98
CA GLU F 98 91.18 69.94 -30.87
C GLU F 98 89.73 69.77 -31.25
N LYS F 99 88.91 69.38 -30.28
CA LYS F 99 87.45 69.36 -30.44
C LYS F 99 86.91 70.59 -29.72
N ASN F 100 86.72 71.67 -30.47
CA ASN F 100 86.28 72.95 -29.90
C ASN F 100 84.79 72.88 -29.64
N LEU F 101 84.42 72.22 -28.55
CA LEU F 101 83.03 72.16 -28.14
C LEU F 101 82.57 73.53 -27.64
N LYS F 102 81.24 73.71 -27.63
CA LYS F 102 80.54 74.95 -27.29
C LYS F 102 81.21 76.19 -27.90
N ASP F 103 81.81 76.02 -29.08
CA ASP F 103 82.38 77.12 -29.86
C ASP F 103 83.33 77.98 -29.03
N VAL F 104 84.42 77.33 -28.60
CA VAL F 104 85.45 78.00 -27.82
C VAL F 104 86.78 77.28 -28.04
N SER F 105 87.87 78.04 -27.99
CA SER F 105 89.19 77.51 -28.25
C SER F 105 89.69 76.67 -27.07
N PHE F 106 89.56 75.35 -27.18
CA PHE F 106 90.00 74.42 -26.14
C PHE F 106 91.13 73.55 -26.68
N ARG F 107 92.28 73.59 -26.02
CA ARG F 107 93.46 72.86 -26.44
C ARG F 107 93.48 71.47 -25.79
N LEU F 108 94.12 70.53 -26.49
CA LEU F 108 94.06 69.11 -26.12
C LEU F 108 95.33 68.64 -25.42
N GLY F 109 96.49 68.83 -26.04
CA GLY F 109 97.73 68.32 -25.48
C GLY F 109 98.93 69.22 -25.70
N SER F 110 99.75 69.39 -24.67
CA SER F 110 100.95 70.21 -24.76
C SER F 110 102.05 69.41 -25.42
N PHE F 111 102.24 69.62 -26.73
CA PHE F 111 103.24 68.92 -27.51
C PHE F 111 104.32 69.91 -27.93
N ASN F 112 105.52 69.73 -27.38
CA ASN F 112 106.65 70.61 -27.68
C ASN F 112 107.43 70.03 -28.86
N LEU F 113 107.06 70.45 -30.06
CA LEU F 113 107.64 69.94 -31.29
C LEU F 113 108.64 70.94 -31.87
N GLU F 114 109.64 70.40 -32.57
CA GLU F 114 110.69 71.21 -33.17
C GLU F 114 110.86 70.85 -34.63
N LYS F 115 111.06 71.86 -35.47
CA LYS F 115 111.20 71.66 -36.90
C LYS F 115 112.62 71.21 -37.25
N VAL F 116 112.72 70.20 -38.11
CA VAL F 116 114.02 69.68 -38.54
C VAL F 116 114.12 69.80 -40.06
N GLU F 117 115.23 69.32 -40.62
CA GLU F 117 115.52 69.56 -42.03
C GLU F 117 115.14 68.40 -42.93
N ASN F 118 115.53 67.17 -42.58
CA ASN F 118 115.47 66.04 -43.50
C ASN F 118 114.70 64.86 -42.90
N PRO F 119 113.37 64.86 -42.99
CA PRO F 119 112.58 63.67 -42.64
C PRO F 119 112.37 62.70 -43.79
N ALA F 120 113.14 62.82 -44.88
CA ALA F 120 112.89 62.01 -46.07
C ALA F 120 113.03 60.53 -45.78
N GLU F 121 114.13 60.13 -45.13
CA GLU F 121 114.33 58.72 -44.82
C GLU F 121 113.30 58.21 -43.83
N VAL F 122 112.89 59.05 -42.87
CA VAL F 122 111.90 58.62 -41.89
C VAL F 122 110.56 58.35 -42.56
N ILE F 123 110.13 59.25 -43.46
CA ILE F 123 108.88 59.04 -44.17
C ILE F 123 109.00 57.84 -45.13
N ARG F 124 110.18 57.66 -45.73
CA ARG F 124 110.42 56.47 -46.54
C ARG F 124 110.19 55.20 -45.71
N GLU F 125 110.78 55.14 -44.53
CA GLU F 125 110.59 53.98 -43.66
C GLU F 125 109.14 53.83 -43.23
N LEU F 126 108.46 54.95 -42.99
CA LEU F 126 107.05 54.92 -42.59
C LEU F 126 106.18 54.26 -43.67
N ILE F 127 106.25 54.76 -44.89
CA ILE F 127 105.41 54.19 -45.95
C ILE F 127 105.92 52.82 -46.36
N CYS F 128 107.22 52.55 -46.21
CA CYS F 128 107.75 51.22 -46.47
C CYS F 128 107.18 50.20 -45.49
N TYR F 129 107.09 50.57 -44.21
CA TYR F 129 106.48 49.69 -43.23
C TYR F 129 105.00 49.49 -43.52
N CYS F 130 104.32 50.57 -43.93
CA CYS F 130 102.92 50.45 -44.33
C CYS F 130 102.76 49.40 -45.43
N LEU F 131 103.53 49.53 -46.50
CA LEU F 131 103.34 48.61 -47.63
C LEU F 131 103.94 47.24 -47.38
N ASP F 132 104.89 47.11 -46.46
CA ASP F 132 105.33 45.77 -46.04
C ASP F 132 104.24 45.07 -45.26
N THR F 133 103.54 45.80 -44.39
CA THR F 133 102.37 45.23 -43.73
C THR F 133 101.31 44.86 -44.75
N ILE F 134 101.12 45.70 -45.77
CA ILE F 134 100.17 45.37 -46.84
C ILE F 134 100.58 44.09 -47.56
N ALA F 135 101.86 43.94 -47.88
CA ALA F 135 102.32 42.76 -48.62
C ALA F 135 102.19 41.49 -47.77
N GLU F 136 102.56 41.58 -46.49
CA GLU F 136 102.42 40.40 -45.63
C GLU F 136 100.95 40.06 -45.40
N ASN F 137 100.08 41.07 -45.33
CA ASN F 137 98.65 40.79 -45.24
C ASN F 137 98.14 40.13 -46.51
N GLN F 138 98.64 40.55 -47.67
CA GLN F 138 98.25 39.91 -48.93
C GLN F 138 98.71 38.46 -48.98
N ALA F 139 99.93 38.18 -48.55
CA ALA F 139 100.42 36.80 -48.50
C ALA F 139 99.60 35.99 -47.50
N LYS F 140 99.24 36.60 -46.37
CA LYS F 140 98.37 35.94 -45.40
C LYS F 140 97.01 35.62 -46.03
N ASN F 141 96.46 36.55 -46.81
CA ASN F 141 95.22 36.28 -47.51
C ASN F 141 95.36 35.12 -48.48
N GLU F 142 96.49 35.06 -49.18
CA GLU F 142 96.71 33.98 -50.13
C GLU F 142 96.72 32.62 -49.44
N HIS F 143 97.53 32.48 -48.38
CA HIS F 143 97.58 31.15 -47.75
C HIS F 143 96.31 30.87 -46.96
N LEU F 144 95.62 31.92 -46.50
CA LEU F 144 94.34 31.75 -45.81
C LEU F 144 93.27 31.22 -46.75
N GLN F 145 93.20 31.75 -47.97
CA GLN F 145 92.23 31.23 -48.92
C GLN F 145 92.64 29.85 -49.42
N LYS F 146 93.94 29.56 -49.49
CA LYS F 146 94.37 28.21 -49.80
C LYS F 146 93.88 27.22 -48.73
N GLU F 147 94.09 27.57 -47.46
CA GLU F 147 93.60 26.73 -46.37
C GLU F 147 92.08 26.67 -46.36
N ASN F 148 91.42 27.77 -46.76
CA ASN F 148 89.97 27.80 -46.85
C ASN F 148 89.48 26.76 -47.86
N GLU F 149 90.08 26.75 -49.05
CA GLU F 149 89.69 25.80 -50.08
C GLU F 149 90.00 24.36 -49.64
N ARG F 150 91.18 24.16 -49.04
CA ARG F 150 91.55 22.81 -48.60
C ARG F 150 90.59 22.29 -47.53
N LEU F 151 90.26 23.13 -46.54
CA LEU F 151 89.35 22.73 -45.48
C LEU F 151 87.94 22.52 -46.04
N LEU F 152 87.51 23.34 -47.00
CA LEU F 152 86.21 23.13 -47.60
C LEU F 152 86.14 21.80 -48.34
N ARG F 153 87.18 21.46 -49.09
CA ARG F 153 87.21 20.20 -49.81
C ARG F 153 87.21 19.02 -48.85
N ASP F 154 88.03 19.08 -47.80
CA ASP F 154 88.07 18.01 -46.81
C ASP F 154 86.75 17.90 -46.07
N TRP F 155 86.13 19.04 -45.75
CA TRP F 155 84.83 19.03 -45.08
C TRP F 155 83.78 18.37 -45.95
N ASN F 156 83.77 18.70 -47.25
CA ASN F 156 82.82 18.07 -48.16
C ASN F 156 83.05 16.56 -48.26
N ASP F 157 84.31 16.14 -48.34
CA ASP F 157 84.61 14.72 -48.44
C ASP F 157 84.17 13.97 -47.19
N VAL F 158 84.50 14.51 -46.01
CA VAL F 158 84.12 13.86 -44.76
C VAL F 158 82.60 13.86 -44.59
N GLN F 159 81.93 14.94 -45.01
CA GLN F 159 80.48 14.99 -44.93
C GLN F 159 79.86 13.93 -45.84
N GLY F 160 80.36 13.78 -47.05
CA GLY F 160 79.84 12.75 -47.94
C GLY F 160 80.04 11.36 -47.38
N ARG F 161 81.24 11.08 -46.87
CA ARG F 161 81.51 9.76 -46.28
C ARG F 161 80.59 9.51 -45.08
N PHE F 162 80.44 10.52 -44.21
CA PHE F 162 79.61 10.36 -43.02
C PHE F 162 78.14 10.15 -43.39
N GLU F 163 77.64 10.91 -44.37
CA GLU F 163 76.26 10.74 -44.80
C GLU F 163 76.03 9.36 -45.40
N LYS F 164 76.94 8.90 -46.26
CA LYS F 164 76.79 7.57 -46.83
C LYS F 164 76.82 6.51 -45.74
N CYS F 165 77.73 6.64 -44.79
CA CYS F 165 77.84 5.64 -43.73
C CYS F 165 76.60 5.61 -42.85
N VAL F 166 76.09 6.78 -42.45
CA VAL F 166 74.90 6.79 -41.59
C VAL F 166 73.68 6.31 -42.35
N SER F 167 73.61 6.60 -43.66
CA SER F 167 72.46 6.15 -44.44
C SER F 167 72.47 4.65 -44.65
N ALA F 168 73.64 4.06 -44.86
CA ALA F 168 73.73 2.66 -45.24
C ALA F 168 74.10 1.73 -44.08
N LYS F 169 74.42 2.26 -42.89
CA LYS F 169 74.77 1.39 -41.79
C LYS F 169 73.56 0.63 -41.26
N GLU F 170 72.39 1.28 -41.25
CA GLU F 170 71.17 0.58 -40.85
C GLU F 170 70.83 -0.52 -41.84
N ALA F 171 71.00 -0.24 -43.15
CA ALA F 171 70.79 -1.27 -44.15
C ALA F 171 71.76 -2.42 -43.99
N LEU F 172 73.04 -2.12 -43.69
CA LEU F 172 74.01 -3.17 -43.47
C LEU F 172 73.65 -4.02 -42.25
N GLU F 173 73.21 -3.36 -41.17
CA GLU F 173 72.81 -4.09 -39.97
C GLU F 173 71.59 -4.96 -40.25
N THR F 174 70.64 -4.47 -41.04
CA THR F 174 69.51 -5.31 -41.44
C THR F 174 69.96 -6.47 -42.30
N ASP F 175 70.98 -6.27 -43.15
CA ASP F 175 71.54 -7.37 -43.93
C ASP F 175 72.16 -8.42 -43.01
N LEU F 176 72.87 -7.98 -41.97
CA LEU F 176 73.40 -8.92 -40.98
C LEU F 176 72.26 -9.66 -40.29
N TYR F 177 71.18 -8.96 -39.97
CA TYR F 177 70.02 -9.60 -39.36
C TYR F 177 69.47 -10.68 -40.27
N LYS F 178 69.35 -10.38 -41.57
CA LYS F 178 68.86 -11.39 -42.52
C LYS F 178 69.83 -12.55 -42.66
N ARG F 179 71.14 -12.28 -42.59
CA ARG F 179 72.12 -13.36 -42.61
C ARG F 179 71.93 -14.29 -41.42
N PHE F 180 71.76 -13.73 -40.23
CA PHE F 180 71.46 -14.55 -39.06
C PHE F 180 70.15 -15.30 -39.25
N ILE F 181 69.17 -14.65 -39.87
CA ILE F 181 67.88 -15.28 -40.11
C ILE F 181 68.05 -16.53 -40.96
N LEU F 182 68.79 -16.40 -42.07
CA LEU F 182 69.00 -17.55 -42.96
C LEU F 182 69.79 -18.65 -42.25
N VAL F 183 70.83 -18.29 -41.50
CA VAL F 183 71.63 -19.29 -40.81
C VAL F 183 70.79 -20.05 -39.80
N LEU F 184 70.00 -19.32 -39.02
CA LEU F 184 69.15 -19.97 -38.03
C LEU F 184 68.04 -20.78 -38.67
N ASN F 185 67.52 -20.33 -39.82
CA ASN F 185 66.50 -21.11 -40.52
C ASN F 185 67.06 -22.43 -41.01
N GLU F 186 68.27 -22.42 -41.59
CA GLU F 186 68.86 -23.68 -42.03
C GLU F 186 69.22 -24.56 -40.84
N LYS F 187 69.67 -23.97 -39.73
CA LYS F 187 69.95 -24.76 -38.54
C LYS F 187 68.67 -25.41 -38.01
N LYS F 188 67.56 -24.66 -38.01
CA LYS F 188 66.30 -25.22 -37.54
C LYS F 188 65.77 -26.28 -38.50
N THR F 189 66.01 -26.12 -39.81
CA THR F 189 65.65 -27.17 -40.75
C THR F 189 66.43 -28.45 -40.48
N LYS F 190 67.74 -28.32 -40.22
CA LYS F 190 68.53 -29.49 -39.87
C LYS F 190 68.04 -30.11 -38.56
N ILE F 191 67.69 -29.27 -37.58
CA ILE F 191 67.19 -29.77 -36.30
C ILE F 191 65.89 -30.53 -36.49
N ARG F 192 64.98 -30.01 -37.31
CA ARG F 192 63.73 -30.70 -37.58
C ARG F 192 63.97 -32.02 -38.31
N SER F 193 64.91 -32.02 -39.26
CA SER F 193 65.24 -33.27 -39.96
C SER F 193 65.78 -34.31 -39.00
N LEU F 194 66.68 -33.91 -38.11
CA LEU F 194 67.23 -34.86 -37.13
C LEU F 194 66.16 -35.33 -36.16
N HIS F 195 65.24 -34.44 -35.76
CA HIS F 195 64.15 -34.84 -34.89
C HIS F 195 63.25 -35.86 -35.56
N ASN F 196 62.93 -35.65 -36.84
CA ASN F 196 62.12 -36.61 -37.58
C ASN F 196 62.85 -37.94 -37.72
N LYS F 197 64.16 -37.90 -37.98
CA LYS F 197 64.94 -39.13 -38.07
C LYS F 197 64.95 -39.88 -36.74
N LEU F 198 65.09 -39.15 -35.63
CA LEU F 198 65.03 -39.77 -34.31
C LEU F 198 63.65 -40.35 -34.03
N LEU F 199 62.60 -39.74 -34.56
CA LEU F 199 61.26 -40.28 -34.42
C LEU F 199 61.15 -41.66 -35.04
N ASN F 200 61.93 -41.94 -36.08
CA ASN F 200 61.95 -43.23 -36.76
C ASN F 200 63.20 -44.03 -36.39
N ALA F 201 63.77 -43.74 -35.23
CA ALA F 201 64.97 -44.43 -34.76
C ALA F 201 64.73 -45.10 -33.42
N MET G 1 93.54 55.71 -57.89
CA MET G 1 94.28 54.66 -58.59
C MET G 1 94.87 53.65 -57.60
N GLU G 2 95.35 52.53 -58.13
CA GLU G 2 95.97 51.49 -57.30
C GLU G 2 97.45 51.81 -57.08
N ARG G 3 97.70 52.97 -56.49
CA ARG G 3 99.03 53.58 -56.44
C ARG G 3 99.90 52.86 -55.41
N LYS G 4 100.34 51.66 -55.77
CA LYS G 4 101.21 50.84 -54.92
C LYS G 4 102.64 51.32 -55.05
N ILE G 5 103.20 51.83 -53.95
CA ILE G 5 104.57 52.37 -53.95
C ILE G 5 105.55 51.21 -53.86
N SER G 6 106.30 50.98 -54.92
CA SER G 6 107.29 49.90 -54.97
C SER G 6 108.70 50.48 -54.90
N ARG G 7 109.53 49.88 -54.06
CA ARG G 7 110.85 50.42 -53.79
C ARG G 7 111.77 50.29 -55.00
N ILE G 8 112.47 51.38 -55.32
CA ILE G 8 113.48 51.42 -56.37
C ILE G 8 114.70 52.14 -55.84
N HIS G 9 115.85 51.87 -56.45
CA HIS G 9 117.11 52.44 -56.00
C HIS G 9 117.52 53.60 -56.92
N LEU G 10 118.31 54.52 -56.36
CA LEU G 10 118.84 55.63 -57.14
C LEU G 10 120.09 55.22 -57.90
N VAL G 11 120.42 56.03 -58.91
CA VAL G 11 121.65 55.79 -59.66
C VAL G 11 122.87 56.10 -58.80
N SER G 12 122.85 57.24 -58.11
CA SER G 12 124.00 57.64 -57.30
C SER G 12 123.83 57.27 -55.83
N GLU G 13 122.60 56.94 -55.41
CA GLU G 13 122.31 56.64 -54.01
C GLU G 13 121.58 55.30 -53.94
N PRO G 14 122.30 54.18 -54.12
CA PRO G 14 121.64 52.87 -54.04
C PRO G 14 121.05 52.58 -52.67
N SER G 15 121.67 53.07 -51.59
CA SER G 15 121.17 52.82 -50.25
C SER G 15 119.87 53.55 -49.94
N ILE G 16 119.67 54.73 -50.52
CA ILE G 16 118.45 55.50 -50.33
C ILE G 16 117.47 55.10 -51.42
N THR G 17 116.30 54.61 -51.02
CA THR G 17 115.38 53.93 -51.92
C THR G 17 114.20 54.83 -52.25
N HIS G 18 114.07 55.20 -53.52
CA HIS G 18 112.83 55.78 -54.02
C HIS G 18 111.75 54.70 -54.08
N PHE G 19 110.49 55.13 -53.98
CA PHE G 19 109.36 54.21 -54.00
C PHE G 19 108.54 54.49 -55.25
N LEU G 20 108.80 53.70 -56.30
CA LEU G 20 108.07 53.82 -57.56
C LEU G 20 106.62 53.41 -57.31
N GLN G 21 105.73 54.38 -57.33
CA GLN G 21 104.32 54.15 -56.99
C GLN G 21 103.64 53.51 -58.20
N VAL G 22 103.58 52.19 -58.20
CA VAL G 22 102.98 51.42 -59.29
C VAL G 22 101.47 51.53 -59.19
N SER G 23 100.88 52.42 -59.96
CA SER G 23 99.44 52.69 -59.91
C SER G 23 98.70 51.82 -60.92
N TRP G 24 97.44 52.15 -61.17
CA TRP G 24 96.65 51.48 -62.19
C TRP G 24 95.71 52.48 -62.82
N GLU G 25 95.39 52.24 -64.10
CA GLU G 25 94.48 53.08 -64.86
C GLU G 25 93.39 52.25 -65.54
N LYS G 26 93.04 51.12 -64.91
CA LYS G 26 92.14 50.09 -65.41
C LYS G 26 92.75 49.30 -66.57
N THR G 27 93.95 49.65 -67.02
CA THR G 27 94.69 48.91 -68.03
C THR G 27 96.12 48.72 -67.55
N LEU G 28 96.74 47.64 -68.01
CA LEU G 28 98.12 47.34 -67.67
C LEU G 28 99.11 47.62 -68.79
N GLU G 29 98.66 47.59 -70.05
CA GLU G 29 99.58 47.85 -71.16
C GLU G 29 100.06 49.30 -71.17
N SER G 30 99.22 50.24 -70.74
CA SER G 30 99.54 51.65 -70.76
C SER G 30 100.39 52.10 -69.58
N GLY G 31 101.03 51.17 -68.88
CA GLY G 31 101.84 51.51 -67.73
C GLY G 31 101.02 51.80 -66.49
N PHE G 32 101.34 52.89 -65.80
CA PHE G 32 100.63 53.27 -64.59
C PHE G 32 100.90 54.74 -64.31
N VAL G 33 100.12 55.29 -63.38
CA VAL G 33 100.33 56.67 -62.95
C VAL G 33 101.58 56.67 -62.08
N ILE G 34 102.71 57.05 -62.67
CA ILE G 34 104.02 56.89 -62.03
C ILE G 34 104.29 58.14 -61.22
N THR G 35 104.01 58.06 -59.92
CA THR G 35 104.31 59.13 -58.98
C THR G 35 105.51 58.73 -58.13
N LEU G 36 106.48 59.63 -58.01
CA LEU G 36 107.71 59.32 -57.30
C LEU G 36 108.03 60.45 -56.33
N THR G 37 108.67 60.09 -55.22
CA THR G 37 109.00 61.03 -54.17
C THR G 37 110.34 60.68 -53.56
N ASP G 38 111.00 61.69 -53.00
CA ASP G 38 112.26 61.51 -52.29
C ASP G 38 112.29 62.18 -50.92
N GLY G 39 111.23 62.87 -50.53
CA GLY G 39 111.24 63.68 -49.33
C GLY G 39 111.72 65.10 -49.55
N HIS G 40 112.17 65.43 -50.77
CA HIS G 40 112.60 66.78 -51.12
C HIS G 40 112.04 67.26 -52.44
N SER G 41 111.49 66.36 -53.26
CA SER G 41 110.94 66.72 -54.56
C SER G 41 109.92 65.67 -54.96
N ALA G 42 109.13 65.98 -55.98
CA ALA G 42 108.07 65.12 -56.44
C ALA G 42 108.22 64.82 -57.93
N TRP G 43 107.79 63.63 -58.34
CA TRP G 43 107.81 63.21 -59.74
C TRP G 43 106.51 62.48 -60.02
N THR G 44 105.49 63.22 -60.45
CA THR G 44 104.16 62.67 -60.72
C THR G 44 103.95 62.63 -62.23
N GLY G 45 104.34 61.54 -62.85
CA GLY G 45 104.26 61.39 -64.30
C GLY G 45 102.97 60.71 -64.71
N THR G 46 102.23 61.37 -65.61
CA THR G 46 100.97 60.84 -66.13
C THR G 46 101.20 60.25 -67.52
N VAL G 47 101.82 59.08 -67.55
CA VAL G 47 102.04 58.38 -68.81
C VAL G 47 100.76 57.63 -69.18
N SER G 48 100.34 57.80 -70.43
CA SER G 48 99.07 57.23 -70.89
C SER G 48 99.26 56.42 -72.16
N GLU G 49 98.14 56.04 -72.80
CA GLU G 49 98.17 55.26 -74.04
C GLU G 49 98.56 56.15 -75.22
N SER G 50 99.78 56.71 -75.13
CA SER G 50 100.36 57.51 -76.19
C SER G 50 101.80 57.15 -76.51
N GLU G 51 102.52 56.53 -75.58
CA GLU G 51 103.89 56.07 -75.78
C GLU G 51 103.98 54.57 -75.57
N ILE G 52 102.92 53.84 -75.94
CA ILE G 52 102.88 52.40 -75.77
C ILE G 52 102.74 51.73 -77.12
N SER G 53 101.68 52.07 -77.86
CA SER G 53 101.43 51.44 -79.14
C SER G 53 102.55 51.73 -80.15
N GLN G 54 103.02 52.98 -80.22
CA GLN G 54 104.08 53.34 -81.14
C GLN G 54 105.47 52.98 -80.60
N GLU G 55 105.67 53.09 -79.29
CA GLU G 55 106.95 52.77 -78.69
C GLU G 55 107.18 51.27 -78.55
N ALA G 56 106.14 50.45 -78.76
CA ALA G 56 106.30 49.00 -78.60
C ALA G 56 107.20 48.42 -79.66
N ASP G 57 107.02 48.84 -80.92
CA ASP G 57 107.75 48.27 -82.05
C ASP G 57 108.67 49.27 -82.73
N ASP G 58 109.02 50.37 -82.06
CA ASP G 58 109.86 51.38 -82.69
C ASP G 58 111.30 50.89 -82.83
N MET G 59 111.77 50.08 -81.87
CA MET G 59 113.15 49.61 -81.86
C MET G 59 113.28 48.23 -82.50
N ALA G 60 112.38 47.91 -83.43
CA ALA G 60 112.42 46.65 -84.18
C ALA G 60 112.29 45.45 -83.25
N MET G 61 111.49 45.58 -82.20
CA MET G 61 111.29 44.52 -81.23
C MET G 61 109.81 44.46 -80.87
N GLU G 62 109.34 43.26 -80.54
CA GLU G 62 107.91 42.99 -80.47
C GLU G 62 107.24 43.76 -79.33
N LYS G 63 105.94 44.02 -79.51
CA LYS G 63 105.14 44.57 -78.42
C LYS G 63 105.07 43.61 -77.25
N GLY G 64 104.95 42.32 -77.53
CA GLY G 64 104.89 41.32 -76.46
C GLY G 64 106.12 41.37 -75.58
N LYS G 65 107.30 41.50 -76.18
CA LYS G 65 108.52 41.67 -75.39
C LYS G 65 108.50 42.98 -74.63
N TYR G 66 108.02 44.06 -75.26
CA TYR G 66 107.95 45.36 -74.60
C TYR G 66 106.98 45.32 -73.42
N VAL G 67 105.78 44.75 -73.63
CA VAL G 67 104.81 44.65 -72.55
C VAL G 67 105.32 43.72 -71.45
N GLY G 68 106.03 42.65 -71.83
CA GLY G 68 106.62 41.79 -70.83
C GLY G 68 107.66 42.51 -69.98
N GLU G 69 108.48 43.34 -70.61
CA GLU G 69 109.44 44.15 -69.87
C GLU G 69 108.72 45.11 -68.93
N LEU G 70 107.65 45.74 -69.41
CA LEU G 70 106.88 46.64 -68.56
C LEU G 70 106.31 45.92 -67.34
N ARG G 71 105.77 44.71 -67.55
CA ARG G 71 105.20 43.97 -66.43
C ARG G 71 106.29 43.49 -65.48
N LYS G 72 107.43 43.06 -66.00
CA LYS G 72 108.48 42.51 -65.15
C LYS G 72 109.28 43.58 -64.41
N ALA G 73 109.26 44.83 -64.88
CA ALA G 73 110.05 45.87 -64.25
C ALA G 73 109.20 46.98 -63.65
N LEU G 74 108.29 47.57 -64.43
CA LEU G 74 107.49 48.68 -63.94
C LEU G 74 106.63 48.27 -62.74
N LEU G 75 106.05 47.07 -62.80
CA LEU G 75 105.27 46.59 -61.66
C LEU G 75 106.13 46.43 -60.41
N TYR G 84 114.34 44.76 -58.05
CA TYR G 84 115.36 44.38 -59.02
C TYR G 84 116.38 45.51 -59.11
N THR G 85 117.26 45.44 -60.10
CA THR G 85 118.32 46.42 -60.29
C THR G 85 117.72 47.71 -60.88
N PHE G 86 117.10 48.48 -59.99
CA PHE G 86 116.42 49.71 -60.38
C PHE G 86 117.34 50.91 -60.24
N ASN G 87 117.11 51.91 -61.10
CA ASN G 87 117.91 53.14 -61.11
C ASN G 87 117.04 54.26 -61.65
N PHE G 88 116.93 55.34 -60.89
CA PHE G 88 116.16 56.52 -61.30
C PHE G 88 117.06 57.72 -61.47
N SER G 89 116.85 58.46 -62.55
CA SER G 89 117.61 59.67 -62.86
C SER G 89 116.80 60.89 -62.45
N LYS G 90 117.28 61.60 -61.42
CA LYS G 90 116.60 62.81 -60.98
C LYS G 90 116.79 63.97 -61.95
N GLU G 91 117.96 64.04 -62.61
CA GLU G 91 118.28 65.20 -63.43
C GLU G 91 117.34 65.32 -64.63
N SER G 92 117.01 64.21 -65.27
CA SER G 92 116.18 64.23 -66.47
C SER G 92 114.71 63.97 -66.22
N CYS G 93 114.34 63.61 -64.98
CA CYS G 93 112.96 63.23 -64.66
C CYS G 93 112.46 62.14 -65.61
N TYR G 94 113.34 61.17 -65.86
CA TYR G 94 113.12 60.14 -66.87
C TYR G 94 113.46 58.79 -66.26
N PHE G 95 112.43 57.99 -65.99
CA PHE G 95 112.61 56.71 -65.29
C PHE G 95 113.20 55.69 -66.25
N PHE G 96 114.52 55.65 -66.30
CA PHE G 96 115.25 54.65 -67.08
C PHE G 96 116.34 54.04 -66.21
N PHE G 97 116.55 52.74 -66.35
CA PHE G 97 117.51 52.01 -65.54
C PHE G 97 118.16 50.92 -66.38
N GLU G 98 119.34 50.49 -65.95
CA GLU G 98 120.07 49.44 -66.65
C GLU G 98 119.45 48.08 -66.32
N LYS G 99 118.78 47.50 -67.31
CA LYS G 99 118.20 46.15 -67.17
C LYS G 99 119.17 45.11 -67.72
N ASN G 100 120.34 45.02 -67.07
CA ASN G 100 121.44 44.19 -67.54
C ASN G 100 121.09 42.72 -67.28
N LEU G 101 120.29 42.17 -68.19
CA LEU G 101 119.86 40.78 -68.13
C LEU G 101 120.10 40.15 -69.51
N LYS G 102 119.57 38.95 -69.70
CA LYS G 102 119.79 38.19 -70.92
C LYS G 102 119.11 38.89 -72.10
N ASP G 103 119.92 39.42 -73.02
CA ASP G 103 119.42 40.03 -74.27
C ASP G 103 118.47 41.20 -74.00
N VAL G 104 118.70 41.93 -72.91
CA VAL G 104 117.91 43.12 -72.58
C VAL G 104 118.87 44.26 -72.30
N SER G 105 118.88 45.26 -73.18
CA SER G 105 119.68 46.46 -72.95
C SER G 105 119.07 47.60 -73.77
N PHE G 106 118.38 48.52 -73.10
CA PHE G 106 117.75 49.65 -73.75
C PHE G 106 117.20 50.58 -72.67
N ARG G 107 116.74 51.75 -73.11
CA ARG G 107 115.99 52.64 -72.24
C ARG G 107 114.55 52.16 -72.18
N LEU G 108 114.14 51.64 -71.03
CA LEU G 108 112.83 50.99 -70.89
C LEU G 108 111.74 52.06 -70.92
N GLY G 109 111.21 52.28 -72.12
CA GLY G 109 110.11 53.22 -72.30
C GLY G 109 110.55 54.66 -72.28
N SER G 110 109.89 55.50 -73.10
CA SER G 110 110.16 56.94 -73.10
C SER G 110 109.36 57.63 -71.99
N PHE G 111 109.61 57.18 -70.77
CA PHE G 111 108.86 57.65 -69.60
C PHE G 111 109.46 58.98 -69.12
N ASN G 112 109.17 60.02 -69.90
CA ASN G 112 109.53 61.39 -69.51
C ASN G 112 108.54 61.84 -68.45
N LEU G 113 108.90 61.61 -67.19
CA LEU G 113 107.98 61.85 -66.09
C LEU G 113 107.72 63.35 -65.92
N GLU G 114 106.60 63.65 -65.25
CA GLU G 114 106.26 65.00 -64.87
C GLU G 114 106.57 65.20 -63.39
N LYS G 115 107.01 66.41 -63.05
CA LYS G 115 107.42 66.73 -61.68
C LYS G 115 106.61 67.92 -61.20
N VAL G 116 105.90 67.75 -60.08
CA VAL G 116 105.20 68.84 -59.44
C VAL G 116 106.10 69.41 -58.34
N GLU G 117 105.91 70.69 -58.03
CA GLU G 117 106.85 71.40 -57.17
C GLU G 117 106.80 70.93 -55.72
N ASN G 118 105.69 70.36 -55.27
CA ASN G 118 105.53 70.05 -53.87
C ASN G 118 105.63 68.55 -53.65
N PRO G 119 106.69 68.05 -53.00
CA PRO G 119 106.71 66.63 -52.62
C PRO G 119 105.64 66.25 -51.62
N ALA G 120 105.08 67.22 -50.90
CA ALA G 120 104.08 66.90 -49.89
C ALA G 120 102.83 66.27 -50.50
N GLU G 121 102.46 66.66 -51.72
CA GLU G 121 101.26 66.10 -52.33
C GLU G 121 101.44 64.64 -52.72
N VAL G 122 102.57 64.30 -53.34
CA VAL G 122 102.81 62.90 -53.68
C VAL G 122 103.02 62.07 -52.41
N ILE G 123 103.60 62.67 -51.36
CA ILE G 123 103.69 61.98 -50.08
C ILE G 123 102.30 61.75 -49.50
N ARG G 124 101.39 62.72 -49.67
CA ARG G 124 100.00 62.55 -49.27
C ARG G 124 99.39 61.34 -49.96
N GLU G 125 99.53 61.27 -51.29
CA GLU G 125 98.95 60.16 -52.04
C GLU G 125 99.54 58.83 -51.59
N LEU G 126 100.87 58.79 -51.42
CA LEU G 126 101.53 57.56 -51.01
C LEU G 126 101.03 57.09 -49.65
N ILE G 127 101.04 57.98 -48.66
CA ILE G 127 100.63 57.60 -47.31
C ILE G 127 99.16 57.21 -47.28
N CYS G 128 98.31 57.95 -48.00
CA CYS G 128 96.89 57.63 -48.02
C CYS G 128 96.64 56.25 -48.59
N TYR G 129 97.23 55.95 -49.76
CA TYR G 129 97.05 54.63 -50.35
C TYR G 129 97.64 53.55 -49.45
N CYS G 130 98.80 53.82 -48.84
CA CYS G 130 99.44 52.83 -47.97
C CYS G 130 98.53 52.46 -46.81
N LEU G 131 98.03 53.46 -46.08
CA LEU G 131 97.19 53.16 -44.93
C LEU G 131 95.84 52.60 -45.32
N ASP G 132 95.26 53.05 -46.44
CA ASP G 132 94.02 52.45 -46.90
C ASP G 132 94.21 50.98 -47.24
N THR G 133 95.31 50.64 -47.90
CA THR G 133 95.58 49.24 -48.20
C THR G 133 95.82 48.43 -46.95
N ILE G 134 96.54 49.00 -45.97
CA ILE G 134 96.74 48.29 -44.70
C ILE G 134 95.41 47.98 -44.03
N ALA G 135 94.52 48.98 -43.96
CA ALA G 135 93.23 48.77 -43.32
C ALA G 135 92.39 47.73 -44.08
N GLU G 136 92.35 47.85 -45.40
CA GLU G 136 91.55 46.93 -46.21
C GLU G 136 92.05 45.50 -46.08
N ASN G 137 93.37 45.30 -46.19
CA ASN G 137 93.93 43.97 -46.10
C ASN G 137 93.88 43.43 -44.67
N GLN G 138 93.90 44.29 -43.66
CA GLN G 138 93.72 43.83 -42.29
C GLN G 138 92.31 43.35 -42.05
N ALA G 139 91.31 44.07 -42.57
CA ALA G 139 89.94 43.58 -42.49
C ALA G 139 89.77 42.28 -43.27
N LYS G 140 90.41 42.20 -44.44
CA LYS G 140 90.39 40.97 -45.22
C LYS G 140 90.96 39.80 -44.41
N ASN G 141 92.11 40.01 -43.79
CA ASN G 141 92.71 38.98 -42.96
C ASN G 141 91.80 38.63 -41.78
N GLU G 142 91.12 39.62 -41.22
CA GLU G 142 90.25 39.35 -40.07
C GLU G 142 89.11 38.43 -40.45
N HIS G 143 88.38 38.76 -41.51
CA HIS G 143 87.29 37.85 -41.87
C HIS G 143 87.83 36.56 -42.46
N LEU G 144 89.08 36.53 -42.91
CA LEU G 144 89.66 35.26 -43.36
C LEU G 144 90.01 34.35 -42.19
N GLN G 145 90.52 34.89 -41.08
CA GLN G 145 90.59 34.09 -39.86
C GLN G 145 89.21 33.62 -39.43
N LYS G 146 88.20 34.49 -39.54
CA LYS G 146 86.85 34.08 -39.16
C LYS G 146 86.38 32.89 -40.00
N GLU G 147 86.51 32.99 -41.32
CA GLU G 147 86.05 31.91 -42.20
C GLU G 147 86.89 30.66 -42.03
N ASN G 148 88.21 30.81 -41.84
CA ASN G 148 89.08 29.67 -41.64
C ASN G 148 88.71 28.94 -40.35
N GLU G 149 88.45 29.68 -39.28
CA GLU G 149 88.02 29.06 -38.04
C GLU G 149 86.67 28.36 -38.21
N ARG G 150 85.75 29.00 -38.93
CA ARG G 150 84.44 28.38 -39.16
C ARG G 150 84.58 27.05 -39.91
N LEU G 151 85.37 27.03 -40.97
CA LEU G 151 85.55 25.80 -41.73
C LEU G 151 86.34 24.76 -40.95
N LEU G 152 87.32 25.19 -40.15
CA LEU G 152 88.05 24.24 -39.31
C LEU G 152 87.13 23.58 -38.29
N ARG G 153 86.26 24.38 -37.65
CA ARG G 153 85.30 23.82 -36.71
C ARG G 153 84.33 22.88 -37.41
N ASP G 154 83.85 23.26 -38.61
CA ASP G 154 82.94 22.39 -39.34
C ASP G 154 83.60 21.07 -39.70
N TRP G 155 84.84 21.12 -40.21
CA TRP G 155 85.54 19.91 -40.59
C TRP G 155 85.81 19.02 -39.38
N ASN G 156 86.22 19.62 -38.26
CA ASN G 156 86.45 18.84 -37.05
C ASN G 156 85.16 18.21 -36.54
N ASP G 157 84.05 18.96 -36.58
CA ASP G 157 82.77 18.42 -36.14
C ASP G 157 82.33 17.25 -37.01
N VAL G 158 82.49 17.37 -38.34
CA VAL G 158 82.10 16.26 -39.20
C VAL G 158 83.04 15.08 -39.05
N GLN G 159 84.33 15.33 -38.83
CA GLN G 159 85.27 14.24 -38.58
C GLN G 159 84.90 13.50 -37.29
N GLY G 160 84.55 14.23 -36.24
CA GLY G 160 84.07 13.59 -35.02
C GLY G 160 82.75 12.87 -35.22
N ARG G 161 81.88 13.41 -36.07
CA ARG G 161 80.64 12.73 -36.41
C ARG G 161 80.92 11.39 -37.07
N PHE G 162 81.87 11.36 -38.01
CA PHE G 162 82.24 10.10 -38.64
C PHE G 162 82.92 9.16 -37.64
N GLU G 163 83.72 9.70 -36.71
CA GLU G 163 84.29 8.88 -35.65
C GLU G 163 83.19 8.18 -34.86
N LYS G 164 82.20 8.96 -34.41
CA LYS G 164 81.11 8.38 -33.62
C LYS G 164 80.29 7.40 -34.44
N CYS G 165 80.05 7.70 -35.71
CA CYS G 165 79.31 6.78 -36.58
C CYS G 165 80.05 5.47 -36.73
N VAL G 166 81.36 5.53 -36.98
CA VAL G 166 82.15 4.32 -37.15
C VAL G 166 82.17 3.51 -35.86
N SER G 167 82.36 4.19 -34.73
CA SER G 167 82.39 3.48 -33.44
C SER G 167 81.06 2.81 -33.15
N ALA G 168 79.95 3.53 -33.37
CA ALA G 168 78.63 2.97 -33.10
C ALA G 168 78.32 1.81 -34.03
N LYS G 169 78.65 1.95 -35.32
CA LYS G 169 78.39 0.86 -36.26
C LYS G 169 79.23 -0.37 -35.92
N GLU G 170 80.50 -0.16 -35.57
CA GLU G 170 81.35 -1.30 -35.20
C GLU G 170 80.83 -1.97 -33.94
N ALA G 171 80.40 -1.18 -32.95
CA ALA G 171 79.87 -1.77 -31.72
C ALA G 171 78.59 -2.56 -31.98
N LEU G 172 77.68 -1.99 -32.79
CA LEU G 172 76.44 -2.69 -33.10
C LEU G 172 76.72 -3.98 -33.87
N GLU G 173 77.62 -3.92 -34.86
CA GLU G 173 77.98 -5.12 -35.61
C GLU G 173 78.60 -6.16 -34.71
N THR G 174 79.50 -5.74 -33.82
CA THR G 174 80.17 -6.65 -32.91
C THR G 174 79.19 -7.33 -31.96
N ASP G 175 78.27 -6.57 -31.37
CA ASP G 175 77.36 -7.17 -30.40
C ASP G 175 76.33 -8.07 -31.10
N LEU G 176 75.87 -7.66 -32.29
CA LEU G 176 74.98 -8.52 -33.05
C LEU G 176 75.68 -9.83 -33.44
N TYR G 177 76.93 -9.74 -33.88
CA TYR G 177 77.68 -10.96 -34.21
C TYR G 177 77.91 -11.82 -32.98
N LYS G 178 78.17 -11.21 -31.82
CA LYS G 178 78.39 -12.00 -30.61
C LYS G 178 77.12 -12.71 -30.17
N ARG G 179 75.98 -12.02 -30.19
CA ARG G 179 74.72 -12.65 -29.85
C ARG G 179 74.38 -13.76 -30.84
N PHE G 180 74.63 -13.50 -32.14
CA PHE G 180 74.41 -14.52 -33.15
C PHE G 180 75.32 -15.72 -32.94
N ILE G 181 76.56 -15.50 -32.50
CA ILE G 181 77.47 -16.62 -32.20
C ILE G 181 76.94 -17.43 -31.04
N LEU G 182 76.45 -16.76 -29.99
CA LEU G 182 75.87 -17.49 -28.87
C LEU G 182 74.70 -18.36 -29.34
N VAL G 183 73.77 -17.76 -30.09
CA VAL G 183 72.60 -18.49 -30.54
C VAL G 183 73.01 -19.64 -31.47
N LEU G 184 73.94 -19.38 -32.38
CA LEU G 184 74.34 -20.38 -33.36
C LEU G 184 75.12 -21.52 -32.72
N ASN G 185 75.96 -21.22 -31.74
CA ASN G 185 76.67 -22.27 -31.02
C ASN G 185 75.71 -23.13 -30.21
N GLU G 186 74.70 -22.51 -29.60
CA GLU G 186 73.68 -23.30 -28.91
C GLU G 186 72.92 -24.18 -29.90
N LYS G 187 72.59 -23.63 -31.07
CA LYS G 187 71.89 -24.41 -32.10
C LYS G 187 72.76 -25.57 -32.59
N LYS G 188 74.06 -25.33 -32.75
CA LYS G 188 74.96 -26.39 -33.18
C LYS G 188 75.12 -27.46 -32.11
N THR G 189 75.10 -27.04 -30.84
CA THR G 189 75.08 -28.01 -29.75
C THR G 189 73.82 -28.86 -29.80
N LYS G 190 72.68 -28.23 -30.09
CA LYS G 190 71.45 -28.99 -30.28
C LYS G 190 71.57 -29.96 -31.46
N ILE G 191 72.19 -29.50 -32.55
CA ILE G 191 72.34 -30.34 -33.74
C ILE G 191 73.21 -31.56 -33.44
N ARG G 192 74.32 -31.36 -32.75
CA ARG G 192 75.19 -32.49 -32.43
C ARG G 192 74.57 -33.40 -31.38
N SER G 193 73.78 -32.84 -30.46
CA SER G 193 73.03 -33.69 -29.54
C SER G 193 72.02 -34.55 -30.28
N LEU G 194 71.34 -33.98 -31.27
CA LEU G 194 70.42 -34.75 -32.10
C LEU G 194 71.16 -35.81 -32.90
N HIS G 195 72.37 -35.48 -33.38
CA HIS G 195 73.20 -36.46 -34.05
C HIS G 195 73.49 -37.65 -33.13
N ASN G 196 73.88 -37.35 -31.89
CA ASN G 196 74.17 -38.41 -30.94
C ASN G 196 72.93 -39.24 -30.62
N LYS G 197 71.79 -38.58 -30.45
CA LYS G 197 70.55 -39.29 -30.14
C LYS G 197 70.14 -40.20 -31.29
N LEU G 198 70.25 -39.71 -32.54
CA LEU G 198 69.95 -40.53 -33.70
C LEU G 198 70.93 -41.70 -33.80
N LEU G 199 72.20 -41.46 -33.48
CA LEU G 199 73.19 -42.52 -33.53
C LEU G 199 72.91 -43.61 -32.51
N ASN G 200 72.49 -43.23 -31.30
CA ASN G 200 72.31 -44.17 -30.20
C ASN G 200 70.85 -44.58 -30.02
N ALA G 201 69.96 -43.60 -29.88
CA ALA G 201 68.54 -43.89 -29.64
C ALA G 201 67.77 -43.97 -30.96
N LYS H 654 32.03 -19.82 -24.53
CA LYS H 654 31.08 -20.19 -25.58
C LYS H 654 31.75 -20.18 -26.96
N ILE H 655 32.33 -19.03 -27.31
CA ILE H 655 32.99 -18.89 -28.61
C ILE H 655 34.25 -19.72 -28.65
N SER H 656 35.25 -19.34 -27.85
CA SER H 656 36.50 -20.09 -27.76
C SER H 656 36.45 -21.02 -26.55
N ASN H 657 35.53 -21.99 -26.63
CA ASN H 657 35.30 -22.93 -25.54
C ASN H 657 36.49 -23.83 -25.25
N ILE H 658 37.58 -23.72 -26.01
CA ILE H 658 38.81 -24.41 -25.64
C ILE H 658 39.35 -23.86 -24.32
N PHE H 659 39.17 -22.56 -24.09
CA PHE H 659 39.54 -21.99 -22.80
C PHE H 659 38.64 -22.50 -21.67
N GLU H 660 37.43 -22.92 -22.02
CA GLU H 660 36.52 -23.48 -21.02
C GLU H 660 37.05 -24.82 -20.51
N ASP H 661 36.51 -25.24 -19.36
CA ASP H 661 36.91 -26.42 -18.61
C ASP H 661 38.32 -26.29 -18.05
N VAL H 662 39.01 -25.17 -18.28
CA VAL H 662 40.35 -24.93 -17.76
C VAL H 662 40.32 -23.60 -17.02
N GLU H 663 40.84 -23.58 -15.80
CA GLU H 663 40.79 -22.40 -14.94
C GLU H 663 42.01 -21.51 -15.18
N PHE H 664 41.77 -20.21 -15.22
CA PHE H 664 42.81 -19.21 -15.42
C PHE H 664 42.71 -18.16 -14.31
N CYS H 665 43.84 -17.79 -13.74
CA CYS H 665 43.89 -16.83 -12.63
C CYS H 665 44.34 -15.48 -13.16
N VAL H 666 43.38 -14.59 -13.40
CA VAL H 666 43.67 -13.19 -13.70
C VAL H 666 43.61 -12.46 -12.35
N MET H 667 44.75 -12.41 -11.66
CA MET H 667 44.82 -11.79 -10.34
C MET H 667 45.25 -10.33 -10.40
N SER H 668 46.38 -10.03 -11.06
CA SER H 668 46.77 -8.64 -11.25
C SER H 668 46.06 -8.03 -12.47
N GLY H 669 46.36 -8.55 -13.66
CA GLY H 669 45.71 -8.17 -14.90
C GLY H 669 45.43 -6.68 -15.11
N THR H 670 46.32 -5.81 -14.65
CA THR H 670 46.13 -4.37 -14.78
C THR H 670 47.35 -3.70 -15.41
N ASP H 671 47.83 -4.24 -16.53
CA ASP H 671 48.84 -3.54 -17.30
C ASP H 671 48.19 -2.41 -18.10
N SER H 672 47.27 -2.77 -18.99
CA SER H 672 46.47 -1.78 -19.71
C SER H 672 45.02 -2.17 -19.87
N GLN H 673 44.65 -3.43 -19.66
CA GLN H 673 43.29 -3.92 -19.83
C GLN H 673 42.60 -4.04 -18.48
N PRO H 674 41.44 -3.42 -18.31
CA PRO H 674 40.71 -3.54 -17.04
C PRO H 674 40.34 -4.99 -16.74
N LYS H 675 40.33 -5.33 -15.45
CA LYS H 675 40.01 -6.69 -15.04
C LYS H 675 38.63 -7.16 -15.50
N PRO H 676 37.54 -6.40 -15.35
CA PRO H 676 36.25 -6.91 -15.83
C PRO H 676 36.25 -7.26 -17.31
N ASP H 677 36.95 -6.47 -18.14
CA ASP H 677 37.06 -6.81 -19.55
C ASP H 677 37.77 -8.15 -19.75
N LEU H 678 38.87 -8.37 -19.01
CA LEU H 678 39.50 -9.68 -19.02
C LEU H 678 38.58 -10.73 -18.42
N GLU H 679 37.88 -10.38 -17.34
CA GLU H 679 36.91 -11.30 -16.76
C GLU H 679 35.76 -11.57 -17.72
N ASN H 680 35.30 -10.54 -18.42
CA ASN H 680 34.24 -10.74 -19.40
C ASN H 680 34.71 -11.61 -20.56
N ARG H 681 35.84 -11.27 -21.16
CA ARG H 681 36.27 -11.96 -22.39
C ARG H 681 36.44 -13.45 -22.16
N ILE H 682 36.96 -13.84 -20.99
CA ILE H 682 37.05 -15.26 -20.65
C ILE H 682 35.69 -15.89 -20.47
N ALA H 683 34.63 -15.10 -20.28
CA ALA H 683 33.29 -15.65 -20.10
C ALA H 683 32.65 -16.06 -21.42
N GLU H 684 32.72 -15.21 -22.45
CA GLU H 684 32.22 -15.63 -23.77
C GLU H 684 33.07 -16.75 -24.36
N PHE H 685 34.27 -16.96 -23.83
CA PHE H 685 35.07 -18.11 -24.22
C PHE H 685 34.91 -19.28 -23.26
N GLY H 686 34.11 -19.12 -22.21
CA GLY H 686 33.84 -20.18 -21.27
C GLY H 686 34.94 -20.46 -20.27
N GLY H 687 36.08 -19.78 -20.38
CA GLY H 687 37.18 -20.04 -19.47
C GLY H 687 36.83 -19.69 -18.03
N TYR H 688 37.31 -20.51 -17.10
CA TYR H 688 37.04 -20.34 -15.69
C TYR H 688 38.00 -19.32 -15.10
N ILE H 689 37.44 -18.37 -14.34
CA ILE H 689 38.22 -17.30 -13.73
C ILE H 689 38.24 -17.52 -12.22
N VAL H 690 39.41 -17.31 -11.62
CA VAL H 690 39.59 -17.45 -10.18
C VAL H 690 40.37 -16.25 -9.67
N GLN H 691 40.21 -15.96 -8.38
CA GLN H 691 40.81 -14.79 -7.76
C GLN H 691 41.92 -15.17 -6.77
N ASN H 692 42.49 -16.36 -6.92
CA ASN H 692 43.57 -16.82 -6.05
C ASN H 692 44.34 -17.91 -6.77
N PRO H 693 45.62 -18.10 -6.46
CA PRO H 693 46.36 -19.19 -7.09
C PRO H 693 45.93 -20.56 -6.61
N GLY H 694 45.25 -21.31 -7.48
CA GLY H 694 44.82 -22.65 -7.16
C GLY H 694 45.43 -23.68 -8.09
N PRO H 695 45.61 -24.90 -7.60
CA PRO H 695 46.26 -25.94 -8.42
C PRO H 695 45.53 -26.25 -9.71
N ASP H 696 44.22 -26.04 -9.76
CA ASP H 696 43.46 -26.25 -10.99
C ASP H 696 43.66 -25.12 -12.01
N THR H 697 44.29 -24.02 -11.62
CA THR H 697 44.56 -22.93 -12.55
C THR H 697 45.69 -23.32 -13.48
N TYR H 698 45.48 -23.13 -14.79
CA TYR H 698 46.52 -23.44 -15.77
C TYR H 698 47.70 -22.47 -15.65
N CYS H 699 47.42 -21.17 -15.60
CA CYS H 699 48.45 -20.16 -15.51
C CYS H 699 47.85 -18.89 -14.95
N VAL H 700 48.72 -18.02 -14.43
CA VAL H 700 48.31 -16.76 -13.81
C VAL H 700 48.39 -15.66 -14.87
N ILE H 701 47.26 -14.99 -15.11
CA ILE H 701 47.20 -13.87 -16.04
C ILE H 701 47.65 -12.63 -15.28
N ALA H 702 48.88 -12.18 -15.55
CA ALA H 702 49.47 -11.10 -14.77
C ALA H 702 49.25 -9.74 -15.44
N GLY H 703 49.24 -8.70 -14.60
CA GLY H 703 49.19 -7.34 -15.07
C GLY H 703 50.36 -6.53 -14.57
N SER H 704 50.09 -5.52 -13.74
CA SER H 704 51.15 -4.71 -13.16
C SER H 704 51.99 -5.54 -12.21
N GLU H 705 53.20 -5.03 -11.92
CA GLU H 705 54.16 -5.75 -11.08
C GLU H 705 54.04 -5.23 -9.65
N ASN H 706 53.07 -5.77 -8.94
CA ASN H 706 52.85 -5.44 -7.53
C ASN H 706 53.69 -6.37 -6.65
N ILE H 707 53.55 -6.23 -5.34
CA ILE H 707 54.31 -7.06 -4.41
C ILE H 707 53.81 -8.51 -4.44
N ARG H 708 52.49 -8.70 -4.41
CA ARG H 708 51.96 -10.06 -4.32
C ARG H 708 52.14 -10.84 -5.62
N VAL H 709 52.04 -10.18 -6.77
CA VAL H 709 52.34 -10.88 -8.02
C VAL H 709 53.83 -11.19 -8.10
N LYS H 710 54.67 -10.33 -7.51
CA LYS H 710 56.07 -10.66 -7.36
C LYS H 710 56.25 -11.87 -6.44
N ASN H 711 55.43 -11.95 -5.38
CA ASN H 711 55.41 -13.15 -4.56
C ASN H 711 55.00 -14.37 -5.37
N ILE H 712 54.00 -14.21 -6.23
CA ILE H 712 53.65 -15.27 -7.17
C ILE H 712 54.85 -15.59 -8.07
N ILE H 713 55.56 -14.56 -8.52
CA ILE H 713 56.82 -14.78 -9.23
C ILE H 713 57.85 -15.39 -8.28
N LEU H 714 57.90 -14.93 -7.03
CA LEU H 714 58.79 -15.53 -6.06
C LEU H 714 58.45 -17.00 -5.83
N SER H 715 57.16 -17.30 -5.72
CA SER H 715 56.71 -18.68 -5.61
C SER H 715 56.82 -19.37 -6.97
N ASN H 716 56.69 -20.70 -6.96
CA ASN H 716 56.69 -21.50 -8.17
C ASN H 716 55.35 -22.19 -8.38
N LYS H 717 54.27 -21.61 -7.84
CA LYS H 717 52.97 -22.26 -7.85
C LYS H 717 52.41 -22.35 -9.27
N HIS H 718 52.52 -21.28 -10.05
CA HIS H 718 51.87 -21.21 -11.35
C HIS H 718 52.80 -20.54 -12.35
N ASP H 719 52.23 -20.16 -13.49
CA ASP H 719 52.95 -19.47 -14.56
C ASP H 719 52.47 -18.03 -14.64
N VAL H 720 53.41 -17.10 -14.67
CA VAL H 720 53.09 -15.67 -14.74
C VAL H 720 53.06 -15.29 -16.22
N VAL H 721 51.92 -14.76 -16.67
CA VAL H 721 51.65 -14.54 -18.08
C VAL H 721 51.28 -13.08 -18.30
N LYS H 722 51.92 -12.45 -19.27
CA LYS H 722 51.51 -11.11 -19.69
C LYS H 722 50.18 -11.18 -20.44
N PRO H 723 49.42 -10.07 -20.47
CA PRO H 723 48.16 -10.06 -21.21
C PRO H 723 48.33 -10.25 -22.71
N ALA H 724 49.54 -10.08 -23.24
CA ALA H 724 49.75 -10.24 -24.68
C ALA H 724 49.41 -11.66 -25.13
N TRP H 725 49.82 -12.67 -24.35
CA TRP H 725 49.45 -14.04 -24.68
C TRP H 725 47.95 -14.22 -24.65
N LEU H 726 47.28 -13.62 -23.66
CA LEU H 726 45.82 -13.69 -23.60
C LEU H 726 45.21 -13.04 -24.84
N LEU H 727 45.68 -11.84 -25.20
CA LEU H 727 45.18 -11.17 -26.39
C LEU H 727 45.45 -12.00 -27.64
N GLU H 728 46.63 -12.61 -27.73
CA GLU H 728 46.89 -13.56 -28.80
C GLU H 728 45.90 -14.70 -28.76
N CYS H 729 45.63 -15.23 -27.57
CA CYS H 729 44.61 -16.26 -27.42
C CYS H 729 43.22 -15.69 -27.67
N PHE H 730 42.98 -14.44 -27.25
CA PHE H 730 41.69 -13.80 -27.47
C PHE H 730 41.42 -13.63 -28.97
N LYS H 731 42.40 -13.13 -29.71
CA LYS H 731 42.20 -12.88 -31.14
C LYS H 731 42.13 -14.19 -31.93
N THR H 732 43.02 -15.13 -31.65
CA THR H 732 43.00 -16.41 -32.34
C THR H 732 41.89 -17.33 -31.86
N LYS H 733 41.24 -16.99 -30.74
CA LYS H 733 40.17 -17.80 -30.16
C LYS H 733 40.63 -19.23 -29.87
N SER H 734 41.92 -19.40 -29.56
CA SER H 734 42.48 -20.71 -29.31
C SER H 734 43.77 -20.55 -28.51
N PHE H 735 44.23 -21.66 -27.95
CA PHE H 735 45.48 -21.67 -27.20
C PHE H 735 46.65 -21.36 -28.12
N VAL H 736 47.58 -20.54 -27.62
CA VAL H 736 48.76 -20.14 -28.34
C VAL H 736 49.98 -20.63 -27.57
N PRO H 737 50.90 -21.36 -28.19
CA PRO H 737 52.12 -21.77 -27.47
C PRO H 737 52.90 -20.56 -26.99
N TRP H 738 53.45 -20.67 -25.79
CA TRP H 738 54.12 -19.55 -25.16
C TRP H 738 55.49 -19.31 -25.77
N GLN H 739 55.87 -18.04 -25.87
CA GLN H 739 57.17 -17.60 -26.36
C GLN H 739 57.71 -16.57 -25.38
N PRO H 740 59.03 -16.41 -25.31
CA PRO H 740 59.60 -15.44 -24.37
C PRO H 740 59.44 -14.00 -24.85
N ARG H 741 58.24 -13.66 -25.30
CA ARG H 741 57.86 -12.29 -25.63
C ARG H 741 56.50 -11.91 -25.07
N PHE H 742 55.64 -12.88 -24.73
CA PHE H 742 54.38 -12.63 -24.05
C PHE H 742 54.25 -13.49 -22.80
N MET H 743 55.37 -13.82 -22.17
CA MET H 743 55.42 -14.77 -21.06
C MET H 743 56.49 -14.30 -20.08
N ILE H 744 56.28 -14.59 -18.79
CA ILE H 744 57.13 -14.06 -17.72
C ILE H 744 57.87 -15.16 -16.96
N HIS H 745 57.13 -16.02 -16.25
CA HIS H 745 57.74 -16.90 -15.27
C HIS H 745 57.43 -18.35 -15.58
N MET H 746 58.39 -19.21 -15.29
CA MET H 746 58.33 -20.62 -15.64
C MET H 746 58.01 -21.48 -14.42
N CYS H 747 56.94 -22.26 -14.51
CA CYS H 747 56.69 -23.34 -13.58
C CYS H 747 57.44 -24.58 -14.03
N PRO H 748 57.67 -25.55 -13.13
CA PRO H 748 58.44 -26.74 -13.53
C PRO H 748 57.87 -27.46 -14.75
N SER H 749 56.54 -27.50 -14.88
CA SER H 749 55.95 -28.04 -16.10
C SER H 749 56.26 -27.15 -17.31
N THR H 750 56.22 -25.83 -17.13
CA THR H 750 56.50 -24.89 -18.21
C THR H 750 57.99 -24.56 -18.32
N LYS H 751 58.80 -24.93 -17.33
CA LYS H 751 60.24 -24.71 -17.44
C LYS H 751 60.82 -25.44 -18.64
N GLU H 752 60.38 -26.68 -18.87
CA GLU H 752 60.79 -27.41 -20.06
C GLU H 752 60.14 -26.86 -21.32
N HIS H 753 59.00 -26.17 -21.19
CA HIS H 753 58.32 -25.64 -22.37
C HIS H 753 59.18 -24.63 -23.10
N PHE H 754 59.84 -23.73 -22.35
CA PHE H 754 60.80 -22.83 -22.96
C PHE H 754 62.14 -23.50 -23.22
N ALA H 755 62.32 -24.74 -22.75
CA ALA H 755 63.53 -25.51 -23.05
C ALA H 755 63.32 -26.54 -24.14
N ARG H 756 62.08 -26.95 -24.41
CA ARG H 756 61.83 -27.96 -25.42
C ARG H 756 62.00 -27.39 -26.82
N GLU H 757 61.17 -26.41 -27.18
CA GLU H 757 61.20 -25.81 -28.52
C GLU H 757 61.96 -24.50 -28.56
N TYR H 758 62.53 -24.06 -27.44
CA TYR H 758 63.43 -22.91 -27.41
C TYR H 758 64.67 -23.29 -26.63
N ASP H 759 65.81 -22.72 -27.03
CA ASP H 759 67.07 -23.13 -26.43
C ASP H 759 67.35 -22.41 -25.11
N CYS H 760 67.56 -21.10 -25.17
CA CYS H 760 67.73 -20.28 -23.97
C CYS H 760 67.07 -18.92 -24.05
N TYR H 761 66.70 -18.46 -25.23
CA TYR H 761 66.01 -17.18 -25.45
C TYR H 761 64.77 -17.45 -26.30
N GLY H 762 64.20 -16.36 -26.84
CA GLY H 762 63.07 -16.49 -27.75
C GLY H 762 63.38 -17.29 -29.00
N ASP H 763 64.65 -17.54 -29.29
CA ASP H 763 65.02 -18.36 -30.44
C ASP H 763 64.42 -19.75 -30.30
N SER H 764 63.82 -20.23 -31.39
CA SER H 764 63.15 -21.53 -31.39
C SER H 764 63.99 -22.57 -32.13
N TYR H 765 63.55 -23.82 -32.04
CA TYR H 765 64.18 -24.92 -32.76
C TYR H 765 63.34 -25.45 -33.91
N PHE H 766 62.09 -25.01 -34.05
CA PHE H 766 61.24 -25.47 -35.14
C PHE H 766 60.47 -24.35 -35.82
N ILE H 767 60.57 -23.12 -35.36
CA ILE H 767 59.92 -21.97 -35.97
C ILE H 767 61.00 -21.02 -36.45
N ASP H 768 61.09 -20.84 -37.77
CA ASP H 768 62.13 -20.00 -38.35
C ASP H 768 61.99 -18.56 -37.86
N THR H 769 63.10 -17.98 -37.44
CA THR H 769 63.10 -16.64 -36.89
C THR H 769 63.20 -15.59 -38.00
N ASP H 770 62.38 -14.56 -37.90
CA ASP H 770 62.41 -13.45 -38.83
C ASP H 770 63.14 -12.26 -38.20
N LEU H 771 63.10 -11.11 -38.87
CA LEU H 771 63.76 -9.92 -38.33
C LEU H 771 63.12 -9.49 -37.01
N ASN H 772 61.79 -9.53 -36.94
CA ASN H 772 61.12 -9.17 -35.69
C ASN H 772 61.50 -10.14 -34.57
N GLN H 773 61.51 -11.44 -34.86
CA GLN H 773 61.94 -12.41 -33.86
C GLN H 773 63.39 -12.19 -33.46
N LEU H 774 64.26 -11.96 -34.44
CA LEU H 774 65.67 -11.74 -34.13
C LEU H 774 65.87 -10.49 -33.29
N LYS H 775 65.18 -9.40 -33.63
CA LYS H 775 65.31 -8.18 -32.83
C LYS H 775 64.81 -8.38 -31.42
N GLU H 776 63.68 -9.07 -31.25
CA GLU H 776 63.19 -9.37 -29.91
C GLU H 776 64.13 -10.32 -29.18
N VAL H 777 64.64 -11.34 -29.87
CA VAL H 777 65.59 -12.27 -29.24
C VAL H 777 66.86 -11.54 -28.84
N PHE H 778 67.41 -10.74 -29.75
CA PHE H 778 68.64 -10.02 -29.45
C PHE H 778 68.41 -8.97 -28.36
N SER H 779 67.24 -8.33 -28.36
CA SER H 779 66.90 -7.42 -27.28
C SER H 779 66.82 -8.14 -25.94
N GLY H 780 66.30 -9.37 -25.94
CA GLY H 780 66.28 -10.15 -24.72
C GLY H 780 67.69 -10.43 -24.19
N ILE H 781 68.64 -10.64 -25.10
CA ILE H 781 70.03 -10.81 -24.73
C ILE H 781 70.60 -9.46 -24.33
N LYS H 782 71.30 -9.43 -23.19
CA LYS H 782 71.92 -8.20 -22.73
C LYS H 782 73.06 -7.80 -23.67
N ASN H 783 73.26 -6.49 -23.82
CA ASN H 783 74.25 -5.95 -24.73
C ASN H 783 75.56 -5.72 -23.96
N SER H 784 76.61 -6.44 -24.35
CA SER H 784 77.91 -6.30 -23.70
C SER H 784 78.97 -6.87 -24.62
N ASN H 785 79.90 -6.02 -25.06
CA ASN H 785 81.02 -6.45 -25.91
C ASN H 785 82.22 -6.71 -25.01
N GLU H 786 82.35 -7.95 -24.55
CA GLU H 786 83.43 -8.36 -23.65
C GLU H 786 84.57 -9.06 -24.41
N GLN H 787 84.83 -8.66 -25.65
CA GLN H 787 85.72 -9.39 -26.53
C GLN H 787 86.74 -8.45 -27.14
N THR H 788 88.02 -8.88 -27.16
CA THR H 788 89.12 -8.06 -27.63
C THR H 788 89.13 -8.00 -29.16
N PRO H 789 89.56 -6.87 -29.74
CA PRO H 789 89.43 -6.69 -31.20
C PRO H 789 90.11 -7.77 -32.02
N GLU H 790 91.16 -8.41 -31.50
CA GLU H 790 91.76 -9.53 -32.24
C GLU H 790 90.75 -10.65 -32.45
N GLU H 791 89.87 -10.88 -31.47
CA GLU H 791 88.94 -11.99 -31.57
C GLU H 791 87.82 -11.72 -32.57
N MET H 792 87.43 -10.46 -32.78
CA MET H 792 86.57 -10.17 -33.93
C MET H 792 87.27 -10.51 -35.24
N ALA H 793 88.56 -10.23 -35.33
CA ALA H 793 89.29 -10.54 -36.56
C ALA H 793 89.46 -12.04 -36.75
N SER H 794 89.56 -12.80 -35.66
CA SER H 794 89.80 -14.23 -35.75
C SER H 794 88.50 -15.01 -35.95
N LEU H 795 87.61 -14.96 -34.97
CA LEU H 795 86.41 -15.80 -34.99
C LEU H 795 85.20 -15.07 -35.59
N ILE H 796 84.93 -13.85 -35.14
CA ILE H 796 83.77 -13.11 -35.63
C ILE H 796 83.93 -12.74 -37.10
N ALA H 797 85.15 -12.43 -37.53
CA ALA H 797 85.36 -12.22 -38.96
C ALA H 797 85.12 -13.50 -39.75
N ASP H 798 85.30 -14.67 -39.12
CA ASP H 798 85.02 -15.93 -39.79
C ASP H 798 83.53 -16.16 -40.02
N LEU H 799 82.66 -15.44 -39.29
CA LEU H 799 81.24 -15.49 -39.60
C LEU H 799 80.98 -14.99 -41.01
N GLU H 800 81.65 -13.90 -41.40
CA GLU H 800 81.57 -13.40 -42.76
C GLU H 800 82.43 -14.20 -43.71
N TYR H 801 83.23 -15.14 -43.21
CA TYR H 801 84.09 -16.00 -44.02
C TYR H 801 83.48 -17.39 -44.21
N ARG H 802 83.18 -18.09 -43.11
CA ARG H 802 82.59 -19.41 -43.20
C ARG H 802 81.23 -19.37 -43.88
N TYR H 803 80.45 -18.32 -43.61
CA TYR H 803 79.12 -18.16 -44.21
C TYR H 803 79.14 -17.15 -45.35
N SER H 804 80.32 -16.70 -45.79
CA SER H 804 80.50 -15.91 -46.99
C SER H 804 79.75 -14.58 -46.92
N TRP H 805 80.14 -13.75 -45.94
CA TRP H 805 79.66 -12.38 -45.86
C TRP H 805 80.80 -11.35 -45.88
N ASP H 806 82.00 -11.75 -46.32
CA ASP H 806 83.13 -10.84 -46.40
C ASP H 806 82.99 -9.81 -47.52
N CYS H 807 81.93 -9.90 -48.33
CA CYS H 807 81.69 -8.97 -49.42
C CYS H 807 80.66 -7.90 -49.07
N SER H 808 80.35 -7.75 -47.78
CA SER H 808 79.39 -6.74 -47.37
C SER H 808 79.93 -5.34 -47.69
N PRO H 809 79.05 -4.43 -48.13
CA PRO H 809 79.52 -3.13 -48.62
C PRO H 809 80.28 -2.31 -47.58
N LEU H 810 79.65 -2.02 -46.45
CA LEU H 810 80.22 -1.11 -45.47
C LEU H 810 81.17 -1.79 -44.50
N SER H 811 81.10 -3.11 -44.36
CA SER H 811 82.00 -3.86 -43.48
C SER H 811 82.64 -4.97 -44.30
N MET H 812 83.72 -4.62 -44.99
CA MET H 812 84.50 -5.58 -45.77
C MET H 812 85.97 -5.55 -45.42
N PHE H 813 86.41 -4.60 -44.59
CA PHE H 813 87.77 -4.56 -44.08
C PHE H 813 87.93 -5.38 -42.81
N ARG H 814 87.05 -6.37 -42.59
CA ARG H 814 87.09 -7.15 -41.37
C ARG H 814 88.44 -7.84 -41.21
N ARG H 815 88.96 -8.42 -42.30
CA ARG H 815 90.26 -9.08 -42.29
C ARG H 815 91.34 -8.25 -42.97
N HIS H 816 91.00 -7.10 -43.54
CA HIS H 816 91.99 -6.22 -44.14
C HIS H 816 92.45 -5.19 -43.12
N THR H 817 93.74 -5.18 -42.85
CA THR H 817 94.34 -4.26 -41.88
C THR H 817 95.17 -3.25 -42.65
N VAL H 818 94.84 -1.97 -42.46
CA VAL H 818 95.40 -0.89 -43.26
C VAL H 818 96.28 -0.02 -42.37
N TYR H 819 96.94 0.95 -43.00
CA TYR H 819 97.76 1.93 -42.31
C TYR H 819 97.00 3.25 -42.27
N LEU H 820 96.78 3.78 -41.06
CA LEU H 820 96.10 5.07 -40.89
C LEU H 820 97.08 6.16 -41.29
N ASP H 821 97.16 6.40 -42.59
CA ASP H 821 98.12 7.36 -43.13
C ASP H 821 97.68 8.78 -42.87
N SER H 822 98.09 9.33 -41.73
CA SER H 822 97.72 10.69 -41.33
C SER H 822 98.91 11.46 -40.79
N TYR H 823 100.13 11.02 -41.09
CA TYR H 823 101.35 11.63 -40.58
C TYR H 823 102.22 12.10 -41.74
N ALA H 824 102.80 13.29 -41.58
CA ALA H 824 103.72 13.80 -42.60
C ALA H 824 104.94 12.91 -42.73
N VAL H 825 105.46 12.42 -41.60
CA VAL H 825 106.59 11.49 -41.57
C VAL H 825 106.10 10.16 -41.01
N ILE H 826 106.44 9.08 -41.69
CA ILE H 826 106.02 7.75 -41.26
C ILE H 826 106.97 7.25 -40.18
N ASN H 827 106.48 6.30 -39.37
CA ASN H 827 107.12 5.69 -38.21
C ASN H 827 107.09 6.64 -37.02
N ASP H 828 106.55 7.84 -37.15
CA ASP H 828 106.37 8.78 -36.05
C ASP H 828 104.88 9.05 -35.91
N LEU H 829 104.34 8.82 -34.72
CA LEU H 829 102.91 8.94 -34.47
C LEU H 829 102.52 10.25 -33.81
N SER H 830 103.42 11.24 -33.81
CA SER H 830 103.13 12.53 -33.21
C SER H 830 102.89 13.64 -34.23
N THR H 831 103.31 13.46 -35.48
CA THR H 831 103.16 14.48 -36.52
C THR H 831 101.86 14.26 -37.30
N LYS H 832 100.75 14.28 -36.57
CA LYS H 832 99.44 14.14 -37.18
C LYS H 832 99.17 15.31 -38.12
N ASN H 833 98.72 15.01 -39.33
CA ASN H 833 98.42 16.04 -40.32
C ASN H 833 97.07 16.67 -39.99
N GLU H 834 97.07 17.99 -39.80
CA GLU H 834 95.88 18.74 -39.43
C GLU H 834 95.26 19.40 -40.66
N GLY H 835 93.93 19.55 -40.62
CA GLY H 835 93.20 20.18 -41.68
C GLY H 835 92.89 19.29 -42.87
N THR H 836 93.26 18.02 -42.81
CA THR H 836 93.07 17.09 -43.92
C THR H 836 92.10 15.99 -43.52
N ARG H 837 91.62 15.25 -44.52
CA ARG H 837 90.68 14.14 -44.34
C ARG H 837 91.39 12.80 -44.36
N LEU H 838 92.63 12.74 -43.86
CA LEU H 838 93.38 11.49 -43.84
C LEU H 838 92.88 10.53 -42.77
N ALA H 839 92.22 11.04 -41.72
CA ALA H 839 91.69 10.17 -40.67
C ALA H 839 90.49 9.36 -41.14
N ILE H 840 89.94 9.65 -42.31
CA ILE H 840 88.79 8.90 -42.82
C ILE H 840 89.16 7.45 -43.06
N LYS H 841 90.40 7.19 -43.48
CA LYS H 841 90.83 5.81 -43.71
C LYS H 841 90.75 4.98 -42.44
N ALA H 842 91.18 5.55 -41.31
CA ALA H 842 91.13 4.82 -40.04
C ALA H 842 89.69 4.57 -39.61
N LEU H 843 88.83 5.59 -39.72
CA LEU H 843 87.42 5.42 -39.36
C LEU H 843 86.75 4.42 -40.29
N GLU H 844 87.05 4.49 -41.58
CA GLU H 844 86.55 3.47 -42.51
C GLU H 844 87.10 2.10 -42.16
N LEU H 845 88.38 2.04 -41.77
CA LEU H 845 88.92 0.80 -41.21
C LEU H 845 88.21 0.44 -39.91
N ARG H 846 87.98 1.44 -39.05
CA ARG H 846 87.22 1.22 -37.83
C ARG H 846 85.74 0.95 -38.09
N PHE H 847 85.24 1.31 -39.28
CA PHE H 847 83.89 0.95 -39.66
C PHE H 847 83.72 -0.56 -39.82
N HIS H 848 84.83 -1.28 -39.98
CA HIS H 848 84.81 -2.74 -40.06
C HIS H 848 85.75 -3.32 -39.03
N GLY H 849 86.00 -4.63 -39.10
CA GLY H 849 86.86 -5.29 -38.14
C GLY H 849 88.34 -5.11 -38.42
N ALA H 850 88.70 -4.02 -39.09
CA ALA H 850 90.09 -3.75 -39.43
C ALA H 850 90.86 -3.34 -38.16
N LYS H 851 91.95 -4.03 -37.89
CA LYS H 851 92.84 -3.66 -36.80
C LYS H 851 93.59 -2.39 -37.18
N VAL H 852 93.15 -1.25 -36.67
CA VAL H 852 93.73 0.03 -37.06
C VAL H 852 95.02 0.25 -36.29
N VAL H 853 96.14 -0.17 -36.88
CA VAL H 853 97.45 0.04 -36.30
C VAL H 853 98.03 1.32 -36.90
N SER H 854 98.21 2.34 -36.06
CA SER H 854 98.61 3.66 -36.54
C SER H 854 100.05 3.68 -37.05
N CYS H 855 100.90 2.78 -36.58
CA CYS H 855 102.30 2.72 -37.00
C CYS H 855 102.54 1.51 -37.89
N LEU H 856 103.60 1.60 -38.69
CA LEU H 856 103.98 0.49 -39.55
C LEU H 856 104.34 -0.72 -38.72
N ALA H 857 103.54 -1.79 -38.85
CA ALA H 857 103.75 -3.01 -38.09
C ALA H 857 103.42 -4.19 -39.01
N GLU H 858 103.41 -5.39 -38.43
CA GLU H 858 103.02 -6.57 -39.18
C GLU H 858 101.56 -6.47 -39.64
N GLY H 859 100.72 -5.78 -38.86
CA GLY H 859 99.34 -5.60 -39.27
C GLY H 859 99.19 -4.76 -40.52
N VAL H 860 100.06 -3.76 -40.67
CA VAL H 860 99.95 -2.84 -41.81
C VAL H 860 100.19 -3.63 -43.09
N SER H 861 99.16 -3.70 -43.95
CA SER H 861 99.28 -4.35 -45.24
C SER H 861 98.72 -3.52 -46.39
N HIS H 862 97.94 -2.48 -46.12
CA HIS H 862 97.34 -1.64 -47.15
C HIS H 862 97.69 -0.18 -46.83
N VAL H 863 98.81 0.30 -47.35
CA VAL H 863 99.21 1.69 -47.15
C VAL H 863 98.33 2.54 -48.07
N ILE H 864 97.41 3.31 -47.48
CA ILE H 864 96.48 4.13 -48.24
C ILE H 864 97.09 5.52 -48.33
N ILE H 865 97.80 5.77 -49.44
CA ILE H 865 98.45 7.06 -49.63
C ILE H 865 97.39 8.13 -49.88
N GLY H 866 97.44 9.20 -49.08
CA GLY H 866 96.48 10.27 -49.19
C GLY H 866 96.96 11.42 -50.05
N GLU H 867 97.16 12.59 -49.44
CA GLU H 867 97.58 13.79 -50.13
C GLU H 867 99.10 13.94 -50.22
N ASP H 868 99.85 12.97 -49.69
CA ASP H 868 101.30 13.01 -49.74
C ASP H 868 101.82 11.66 -50.17
N HIS H 869 102.55 11.62 -51.28
CA HIS H 869 103.12 10.39 -51.81
C HIS H 869 104.63 10.32 -51.63
N SER H 870 105.27 11.41 -51.20
CA SER H 870 106.71 11.40 -50.97
C SER H 870 107.11 10.58 -49.76
N ARG H 871 106.15 10.12 -48.96
CA ARG H 871 106.40 9.33 -47.76
C ARG H 871 106.69 7.87 -48.06
N VAL H 872 106.73 7.47 -49.34
CA VAL H 872 106.97 6.08 -49.69
C VAL H 872 108.37 5.62 -49.28
N ALA H 873 109.33 6.54 -49.19
CA ALA H 873 110.68 6.16 -48.77
C ALA H 873 110.69 5.62 -47.36
N ASP H 874 109.93 6.24 -46.45
CA ASP H 874 109.84 5.74 -45.09
C ASP H 874 109.14 4.39 -45.04
N PHE H 875 108.20 4.13 -45.95
CA PHE H 875 107.55 2.83 -46.01
C PHE H 875 108.53 1.74 -46.40
N LYS H 876 109.52 2.06 -47.24
CA LYS H 876 110.52 1.07 -47.64
C LYS H 876 111.35 0.58 -46.47
N ALA H 877 111.53 1.39 -45.44
CA ALA H 877 112.34 0.97 -44.29
C ALA H 877 111.68 -0.20 -43.56
N PHE H 878 110.36 -0.14 -43.37
CA PHE H 878 109.64 -1.19 -42.67
C PHE H 878 108.91 -2.15 -43.61
N ARG H 879 109.05 -1.97 -44.92
CA ARG H 879 108.43 -2.91 -45.84
C ARG H 879 109.13 -4.27 -45.84
N ARG H 880 110.35 -4.34 -45.33
CA ARG H 880 111.08 -5.60 -45.23
C ARG H 880 111.16 -6.12 -43.81
N THR H 881 111.01 -5.25 -42.81
CA THR H 881 111.08 -5.69 -41.42
C THR H 881 109.85 -6.47 -40.98
N PHE H 882 108.79 -6.47 -41.79
CA PHE H 882 107.55 -7.18 -41.46
C PHE H 882 107.21 -8.16 -42.58
N LYS H 883 106.56 -9.26 -42.19
CA LYS H 883 106.33 -10.36 -43.13
C LYS H 883 105.34 -9.96 -44.22
N ARG H 884 104.11 -9.63 -43.84
CA ARG H 884 103.08 -9.25 -44.81
C ARG H 884 103.37 -7.83 -45.26
N LYS H 885 104.04 -7.69 -46.40
CA LYS H 885 104.48 -6.39 -46.88
C LYS H 885 103.29 -5.54 -47.27
N PHE H 886 103.30 -4.28 -46.84
CA PHE H 886 102.29 -3.32 -47.25
C PHE H 886 102.65 -2.72 -48.61
N LYS H 887 101.62 -2.32 -49.35
CA LYS H 887 101.79 -1.81 -50.70
C LYS H 887 101.22 -0.40 -50.80
N ILE H 888 101.84 0.42 -51.64
CA ILE H 888 101.41 1.80 -51.83
C ILE H 888 100.06 1.79 -52.56
N LEU H 889 99.02 2.26 -51.87
CA LEU H 889 97.67 2.27 -52.43
C LEU H 889 97.11 3.69 -52.38
N LYS H 890 96.32 4.02 -53.39
CA LYS H 890 95.68 5.33 -53.46
C LYS H 890 94.53 5.41 -52.47
N GLU H 891 93.89 6.59 -52.43
CA GLU H 891 92.73 6.77 -51.55
C GLU H 891 91.52 5.96 -51.99
N SER H 892 91.50 5.49 -53.24
CA SER H 892 90.37 4.70 -53.71
C SER H 892 90.24 3.37 -52.97
N TRP H 893 91.34 2.85 -52.41
CA TRP H 893 91.28 1.58 -51.71
C TRP H 893 90.53 1.69 -50.39
N VAL H 894 90.60 2.85 -49.73
CA VAL H 894 89.94 3.03 -48.44
C VAL H 894 88.99 4.22 -48.48
N THR H 895 89.53 5.41 -48.78
CA THR H 895 88.75 6.63 -48.67
C THR H 895 87.54 6.62 -49.61
N ASP H 896 87.73 6.17 -50.85
CA ASP H 896 86.64 6.10 -51.81
C ASP H 896 85.96 4.73 -51.84
N SER H 897 86.58 3.70 -51.28
CA SER H 897 86.00 2.37 -51.35
C SER H 897 84.74 2.26 -50.51
N ILE H 898 84.80 2.70 -49.25
CA ILE H 898 83.61 2.69 -48.40
C ILE H 898 82.66 3.81 -48.79
N ASP H 899 83.17 4.92 -49.34
CA ASP H 899 82.29 5.90 -49.96
C ASP H 899 81.49 5.25 -51.09
N LYS H 900 82.13 4.37 -51.86
CA LYS H 900 81.44 3.53 -52.82
C LYS H 900 80.89 2.24 -52.19
N CYS H 901 81.14 2.04 -50.90
CA CYS H 901 80.63 0.88 -50.15
C CYS H 901 81.12 -0.43 -50.75
N GLU H 902 82.44 -0.59 -50.75
CA GLU H 902 83.08 -1.80 -51.24
C GLU H 902 84.43 -1.96 -50.56
N LEU H 903 85.19 -2.95 -51.02
CA LEU H 903 86.57 -3.17 -50.59
C LEU H 903 87.41 -3.37 -51.84
N GLN H 904 88.18 -2.34 -52.21
CA GLN H 904 88.99 -2.42 -53.41
C GLN H 904 90.16 -3.37 -53.21
N GLU H 905 90.82 -3.73 -54.31
CA GLU H 905 91.96 -4.63 -54.30
C GLU H 905 93.24 -3.83 -54.50
N GLU H 906 94.34 -4.35 -53.95
CA GLU H 906 95.61 -3.62 -53.96
C GLU H 906 96.11 -3.41 -55.38
N ASN H 907 96.00 -4.43 -56.24
CA ASN H 907 96.55 -4.34 -57.59
C ASN H 907 95.87 -3.23 -58.40
N GLN H 908 94.55 -3.12 -58.29
CA GLN H 908 93.82 -2.10 -59.02
C GLN H 908 93.89 -0.73 -58.36
N TYR H 909 94.42 -0.63 -57.14
CA TYR H 909 94.51 0.63 -56.43
C TYR H 909 95.96 1.01 -56.10
N LEU H 910 96.92 0.41 -56.79
CA LEU H 910 98.34 0.70 -56.51
C LEU H 910 98.66 2.14 -56.87
N ILE H 911 99.13 2.90 -55.88
CA ILE H 911 99.52 4.30 -56.03
C ILE H 911 98.33 5.20 -56.39
#